data_7TIF
#
_entry.id   7TIF
#
_cell.length_a   235.270
_cell.length_b   235.270
_cell.length_c   171.100
_cell.angle_alpha   90.000
_cell.angle_beta   90.000
_cell.angle_gamma   90.000
#
_symmetry.space_group_name_H-M   'P 43'
#
loop_
_entity.id
_entity.type
_entity.pdbx_description
1 polymer 'Arginyl-tRNA--protein transferase 1'
2 non-polymer 'SULFATE ION'
3 non-polymer GLYCEROL
4 water water
#
_entity_poly.entity_id   1
_entity_poly.type   'polypeptide(L)'
_entity_poly.pdbx_seq_one_letter_code
;MSDRFVIWAPSMHNEPAAKCGYCHGNKGGNMDQLFALDSWAHRYMNKMDVVKIENCTIGSFVEHMDVATYDRMCNMGFRR
SGKFLYKVDPLRNCCRLYTIRTAPQELNMTKELKKCISRFATRITSEDYCPAAVASSDFVGKIVNAEMNSKTFYTRFEPA
LYSEEKYHLFVKYQEKVHQDYNNSPKSFKRFLCDTPFGPEAVLGTQESWEQLNNWQRMKPGEKLKHMGPVHECYYYEGKL
IAITVSDILPSGISSVYFIWDPDYSKWSLGKLSALRDLAIIQRTNLQYYYLGYYIEDCPKMNYKANYGAEVLDVCHSKYI
PLKPIQDMISRGKLFVIGEEETKVTKELYLVDSETGRGEGFPTDNVVKYKNIAEEIYGVGGCAFKSANESALELKELYGI
PYEEEDLDTIYHLKEHNGHAPNGIPNVVPGLLPLWELLDIMQSGKITDLEGRLFLFEIETEGIRPLINFYSEPPNVKKRI
CDVIRLFGFETCMKAVILYSEQMENLYFQSLEHHHHHH
;
_entity_poly.pdbx_strand_id   A,B,C,D,E,F,G,H,I,J,K,L
#
loop_
_chem_comp.id
_chem_comp.type
_chem_comp.name
_chem_comp.formula
GOL non-polymer GLYCEROL 'C3 H8 O3'
SO4 non-polymer 'SULFATE ION' 'O4 S -2'
#
# COMPACT_ATOMS: atom_id res chain seq x y z
N MET A 1 25.79 49.63 0.43
CA MET A 1 24.87 50.73 0.70
C MET A 1 24.26 51.32 -0.60
N SER A 2 24.98 52.12 -1.43
CA SER A 2 24.31 52.64 -2.64
C SER A 2 25.00 52.62 -4.02
N ASP A 3 26.33 52.85 -4.16
CA ASP A 3 26.97 53.04 -5.48
C ASP A 3 26.69 51.91 -6.48
N ARG A 4 26.04 50.83 -6.08
CA ARG A 4 25.71 49.73 -6.98
C ARG A 4 24.41 50.01 -7.73
N PHE A 5 24.43 49.77 -9.05
CA PHE A 5 23.30 50.02 -9.97
C PHE A 5 22.52 48.71 -10.13
N VAL A 6 21.48 48.53 -9.33
CA VAL A 6 20.81 47.22 -9.27
C VAL A 6 19.56 47.25 -10.14
N ILE A 7 19.58 46.48 -11.23
CA ILE A 7 18.60 46.62 -12.30
C ILE A 7 18.21 45.27 -12.85
N TRP A 8 16.96 45.19 -13.29
CA TRP A 8 16.48 44.06 -14.06
C TRP A 8 16.94 44.21 -15.51
N ALA A 9 17.33 43.10 -16.14
CA ALA A 9 17.79 43.15 -17.52
C ALA A 9 16.81 43.97 -18.38
N PRO A 10 17.29 44.87 -19.22
CA PRO A 10 16.39 45.77 -19.93
C PRO A 10 15.64 45.04 -21.04
N SER A 11 14.60 45.70 -21.55
CA SER A 11 13.70 45.10 -22.54
C SER A 11 12.79 46.16 -23.17
N MET A 12 12.11 45.74 -24.22
CA MET A 12 11.17 46.59 -24.95
C MET A 12 9.80 46.47 -24.30
N HIS A 13 9.27 47.57 -23.77
CA HIS A 13 8.00 47.52 -23.05
C HIS A 13 6.87 48.06 -23.90
N ASN A 14 5.64 47.70 -23.50
CA ASN A 14 4.50 47.73 -24.41
C ASN A 14 3.99 49.15 -24.67
N GLU A 15 3.61 49.92 -23.62
CA GLU A 15 3.43 51.36 -23.78
C GLU A 15 3.67 52.24 -22.54
N PRO A 16 4.77 52.09 -21.77
CA PRO A 16 4.96 52.99 -20.60
C PRO A 16 5.37 54.43 -20.90
N ASP A 32 3.85 63.55 -42.01
CA ASP A 32 4.96 63.31 -41.10
C ASP A 32 4.40 62.89 -39.74
N GLN A 33 4.79 63.63 -38.69
CA GLN A 33 4.13 63.68 -37.39
C GLN A 33 4.30 62.41 -36.57
N LEU A 34 4.64 61.30 -37.23
CA LEU A 34 4.79 59.99 -36.62
C LEU A 34 6.02 59.30 -37.11
N PHE A 35 6.68 59.85 -38.12
CA PHE A 35 7.95 59.36 -38.60
C PHE A 35 9.08 60.23 -38.06
N ALA A 36 10.19 59.59 -37.71
CA ALA A 36 11.30 60.38 -37.20
C ALA A 36 12.00 61.14 -38.32
N LEU A 37 12.07 60.54 -39.50
CA LEU A 37 12.79 61.11 -40.63
C LEU A 37 11.88 61.14 -41.84
N ASP A 38 11.91 62.26 -42.59
CA ASP A 38 11.11 62.35 -43.80
C ASP A 38 11.40 61.23 -44.77
N SER A 39 12.62 60.67 -44.74
CA SER A 39 12.94 59.47 -45.49
C SER A 39 11.80 58.47 -45.38
N TRP A 40 11.49 58.08 -44.14
CA TRP A 40 10.54 57.00 -43.91
C TRP A 40 9.12 57.42 -44.25
N ALA A 41 8.73 58.62 -43.80
CA ALA A 41 7.39 59.11 -44.09
C ALA A 41 7.11 59.13 -45.59
N HIS A 42 8.08 59.59 -46.39
CA HIS A 42 7.83 59.73 -47.82
C HIS A 42 7.52 58.39 -48.45
N ARG A 43 8.08 57.35 -47.89
CA ARG A 43 7.86 56.08 -48.59
C ARG A 43 6.83 55.24 -47.84
N TYR A 44 6.02 55.82 -46.97
CA TYR A 44 5.06 55.00 -46.26
C TYR A 44 3.67 55.56 -45.94
N MET A 45 3.43 56.82 -46.30
CA MET A 45 2.13 57.45 -46.03
C MET A 45 1.15 57.02 -47.12
N ASN A 46 1.45 57.31 -48.38
CA ASN A 46 0.57 56.88 -49.50
C ASN A 46 0.36 55.36 -49.37
N LYS A 47 1.15 54.73 -48.50
CA LYS A 47 1.05 53.30 -48.27
C LYS A 47 0.71 53.06 -46.79
N MET A 48 -0.08 53.96 -46.20
CA MET A 48 -0.39 53.94 -44.77
C MET A 48 -0.87 52.59 -44.29
N ASP A 49 -1.93 52.08 -44.90
CA ASP A 49 -2.69 50.99 -44.34
C ASP A 49 -1.87 49.72 -44.10
N VAL A 50 -0.76 49.54 -44.83
CA VAL A 50 -0.04 48.28 -44.74
C VAL A 50 0.80 48.21 -43.46
N VAL A 51 1.32 49.34 -42.99
CA VAL A 51 2.17 49.34 -41.83
C VAL A 51 1.37 49.80 -40.62
N LYS A 52 1.87 49.47 -39.42
CA LYS A 52 1.58 50.35 -38.31
C LYS A 52 2.80 50.44 -37.42
N ILE A 53 2.81 51.53 -36.67
CA ILE A 53 3.97 52.03 -35.96
C ILE A 53 3.77 51.74 -34.49
N GLU A 54 4.79 51.16 -33.85
CA GLU A 54 4.72 50.84 -32.44
C GLU A 54 4.55 52.13 -31.63
N ASN A 55 4.03 51.94 -30.42
CA ASN A 55 4.31 52.82 -29.29
C ASN A 55 5.09 51.97 -28.28
N CYS A 56 6.34 52.33 -28.01
CA CYS A 56 7.24 51.39 -27.34
C CYS A 56 8.35 52.12 -26.62
N THR A 57 8.52 51.79 -25.33
CA THR A 57 9.68 52.20 -24.54
C THR A 57 10.74 51.10 -24.54
N ILE A 58 12.00 51.51 -24.41
CA ILE A 58 13.11 50.65 -24.01
C ILE A 58 13.52 51.04 -22.62
N GLY A 59 13.75 50.06 -21.75
CA GLY A 59 14.11 50.43 -20.39
C GLY A 59 14.22 49.24 -19.46
N SER A 60 14.40 49.58 -18.19
CA SER A 60 14.80 48.59 -17.21
C SER A 60 14.13 48.90 -15.88
N PHE A 61 13.55 47.90 -15.25
CA PHE A 61 13.10 48.08 -13.87
C PHE A 61 14.32 48.19 -12.95
N VAL A 62 14.41 49.28 -12.18
CA VAL A 62 15.57 49.51 -11.32
C VAL A 62 15.21 49.23 -9.87
N GLU A 63 15.95 48.32 -9.25
CA GLU A 63 15.65 48.02 -7.86
C GLU A 63 16.34 48.99 -6.92
N HIS A 64 17.58 49.34 -7.19
CA HIS A 64 18.25 50.38 -6.44
C HIS A 64 19.24 51.11 -7.33
N MET A 65 19.35 52.42 -7.13
CA MET A 65 20.30 53.29 -7.80
C MET A 65 20.45 54.53 -6.93
N ASP A 66 21.63 55.16 -6.97
CA ASP A 66 21.76 56.40 -6.24
C ASP A 66 21.40 57.54 -7.17
N VAL A 67 21.30 58.76 -6.61
CA VAL A 67 20.76 59.84 -7.44
C VAL A 67 21.85 60.41 -8.34
N ALA A 68 23.11 60.30 -7.95
CA ALA A 68 24.17 60.65 -8.89
C ALA A 68 24.06 59.82 -10.17
N THR A 69 23.79 58.52 -10.05
CA THR A 69 23.69 57.71 -11.24
C THR A 69 22.49 58.12 -12.07
N TYR A 70 21.35 58.37 -11.41
CA TYR A 70 20.16 58.78 -12.14
C TYR A 70 20.38 60.11 -12.83
N ASP A 71 21.10 61.03 -12.16
CA ASP A 71 21.52 62.28 -12.80
C ASP A 71 22.25 61.99 -14.12
N ARG A 72 23.21 61.07 -14.08
CA ARG A 72 23.84 60.60 -15.31
C ARG A 72 22.82 60.00 -16.29
N MET A 73 21.94 59.12 -15.82
CA MET A 73 20.98 58.50 -16.76
C MET A 73 20.07 59.55 -17.39
N CYS A 74 19.55 60.46 -16.57
CA CYS A 74 18.83 61.62 -17.05
C CYS A 74 19.55 62.26 -18.23
N ASN A 75 20.82 62.63 -18.04
CA ASN A 75 21.57 63.31 -19.09
C ASN A 75 21.96 62.39 -20.26
N MET A 76 21.57 61.13 -20.22
CA MET A 76 21.62 60.19 -21.33
C MET A 76 20.28 60.17 -22.06
N GLY A 77 19.32 60.95 -21.57
CA GLY A 77 18.00 60.96 -22.11
C GLY A 77 17.05 59.92 -21.56
N PHE A 78 17.32 59.35 -20.39
CA PHE A 78 16.37 58.50 -19.71
C PHE A 78 15.42 59.32 -18.85
N ARG A 79 14.23 58.79 -18.66
CA ARG A 79 13.31 59.27 -17.64
C ARG A 79 12.90 58.08 -16.81
N ARG A 80 12.31 58.35 -15.65
CA ARG A 80 11.83 57.27 -14.82
C ARG A 80 10.34 57.46 -14.59
N SER A 81 9.62 56.36 -14.63
CA SER A 81 8.21 56.27 -14.23
C SER A 81 8.17 55.30 -13.06
N GLY A 82 7.98 55.82 -11.85
CA GLY A 82 8.21 54.95 -10.72
C GLY A 82 9.61 54.38 -10.76
N LYS A 83 9.70 53.06 -10.67
CA LYS A 83 10.98 52.37 -10.65
C LYS A 83 11.46 52.00 -12.04
N PHE A 84 10.68 52.38 -13.06
CA PHE A 84 11.01 52.01 -14.43
C PHE A 84 11.87 53.09 -15.08
N LEU A 85 13.15 52.83 -15.23
CA LEU A 85 14.05 53.76 -15.90
C LEU A 85 14.01 53.48 -17.40
N TYR A 86 13.67 54.48 -18.21
CA TYR A 86 13.36 54.18 -19.62
C TYR A 86 13.62 55.37 -20.55
N LYS A 87 13.61 55.05 -21.84
CA LYS A 87 13.70 56.09 -22.87
C LYS A 87 12.89 55.59 -24.06
N VAL A 88 12.69 56.46 -25.04
CA VAL A 88 11.88 56.16 -26.21
C VAL A 88 12.83 55.81 -27.33
N ASP A 89 12.42 54.92 -28.20
CA ASP A 89 13.23 54.69 -29.40
C ASP A 89 13.02 55.88 -30.33
N PRO A 90 13.96 56.81 -30.42
CA PRO A 90 13.73 58.05 -31.19
C PRO A 90 13.63 57.83 -32.69
N LEU A 91 13.69 56.60 -33.18
CA LEU A 91 13.61 56.35 -34.61
C LEU A 91 12.33 55.67 -35.02
N ARG A 92 11.87 54.71 -34.22
CA ARG A 92 10.77 53.83 -34.62
C ARG A 92 9.45 54.17 -33.96
N ASN A 93 9.46 54.93 -32.88
CA ASN A 93 8.26 55.20 -32.11
C ASN A 93 7.36 56.23 -32.78
N CYS A 94 6.04 56.10 -32.54
CA CYS A 94 5.06 57.03 -33.09
C CYS A 94 5.30 58.46 -32.65
N CYS A 95 5.93 58.68 -31.49
CA CYS A 95 6.26 60.02 -31.01
C CYS A 95 7.66 59.99 -30.42
N ARG A 96 8.31 61.16 -30.43
CA ARG A 96 9.67 61.32 -29.92
C ARG A 96 9.69 62.12 -28.64
N LEU A 97 10.56 61.71 -27.72
CA LEU A 97 10.78 62.42 -26.46
C LEU A 97 12.10 63.15 -26.55
N TYR A 98 12.09 64.43 -26.22
CA TYR A 98 13.28 65.26 -26.15
C TYR A 98 13.63 65.54 -24.70
N THR A 99 14.90 65.37 -24.33
CA THR A 99 15.37 65.80 -23.04
C THR A 99 15.79 67.27 -23.15
N ILE A 100 15.20 68.14 -22.34
CA ILE A 100 15.48 69.56 -22.38
C ILE A 100 16.05 69.98 -21.04
N ARG A 101 17.14 70.75 -21.04
CA ARG A 101 17.57 71.41 -19.81
C ARG A 101 17.55 72.91 -20.00
N THR A 102 17.21 73.63 -18.93
CA THR A 102 17.23 75.08 -18.90
C THR A 102 17.81 75.53 -17.57
N ALA A 103 18.39 76.72 -17.56
CA ALA A 103 18.80 77.29 -16.30
C ALA A 103 17.97 78.53 -16.01
N PRO A 104 17.87 78.96 -14.77
CA PRO A 104 17.05 80.15 -14.47
C PRO A 104 17.43 81.37 -15.30
N GLN A 105 18.69 81.48 -15.70
CA GLN A 105 19.14 82.69 -16.38
C GLN A 105 18.97 82.61 -17.89
N GLU A 106 18.87 81.42 -18.47
CA GLU A 106 18.59 81.35 -19.90
C GLU A 106 17.11 81.45 -20.23
N LEU A 107 16.25 81.64 -19.23
CA LEU A 107 14.82 81.68 -19.47
C LEU A 107 14.45 83.00 -20.16
N ASN A 108 14.07 82.89 -21.43
CA ASN A 108 13.49 84.03 -22.13
C ASN A 108 12.15 84.34 -21.49
N MET A 109 12.08 85.44 -20.74
CA MET A 109 10.85 85.84 -20.07
C MET A 109 9.94 86.51 -21.10
N THR A 110 9.13 85.70 -21.77
CA THR A 110 8.12 86.22 -22.68
C THR A 110 7.06 86.97 -21.87
N LYS A 111 6.02 87.48 -22.54
CA LYS A 111 5.01 88.10 -21.70
C LYS A 111 3.92 87.15 -21.26
N GLU A 112 3.61 86.10 -22.01
CA GLU A 112 2.68 85.10 -21.49
C GLU A 112 3.16 84.61 -20.11
N LEU A 113 4.48 84.49 -19.92
CA LEU A 113 5.01 84.18 -18.60
C LEU A 113 4.87 85.37 -17.66
N LYS A 114 5.29 86.56 -18.10
CA LYS A 114 5.22 87.73 -17.22
C LYS A 114 3.81 88.01 -16.74
N LYS A 115 2.81 87.85 -17.62
CA LYS A 115 1.42 87.96 -17.19
C LYS A 115 1.07 86.87 -16.18
N CYS A 116 1.48 85.64 -16.46
CA CYS A 116 1.19 84.54 -15.56
C CYS A 116 1.70 84.84 -14.15
N ILE A 117 2.97 85.23 -14.03
CA ILE A 117 3.55 85.57 -12.73
C ILE A 117 2.78 86.72 -12.09
N SER A 118 2.43 87.75 -12.88
CA SER A 118 1.85 88.97 -12.33
C SER A 118 0.50 88.71 -11.71
N ARG A 119 -0.35 87.90 -12.36
CA ARG A 119 -1.65 87.65 -11.76
C ARG A 119 -1.53 86.71 -10.57
N PHE A 120 -0.56 85.79 -10.60
CA PHE A 120 -0.23 84.98 -9.43
C PHE A 120 0.06 85.87 -8.23
N ALA A 121 1.02 86.78 -8.38
CA ALA A 121 1.37 87.71 -7.31
C ALA A 121 0.13 88.43 -6.72
N THR A 122 -0.68 89.08 -7.57
CA THR A 122 -1.82 89.83 -7.03
C THR A 122 -2.83 88.90 -6.35
N ARG A 123 -2.96 87.65 -6.81
CA ARG A 123 -3.97 86.79 -6.20
C ARG A 123 -3.54 86.29 -4.82
N ILE A 124 -2.23 86.16 -4.58
CA ILE A 124 -1.76 85.56 -3.34
C ILE A 124 -1.36 86.63 -2.33
N THR A 125 -1.13 87.83 -2.82
CA THR A 125 -0.73 88.94 -1.94
C THR A 125 -2.01 89.64 -1.44
N SER A 126 -1.84 90.67 -0.63
CA SER A 126 -3.04 91.40 -0.14
C SER A 126 -3.21 92.66 -0.97
N GLU A 127 -3.80 93.69 -0.37
CA GLU A 127 -3.81 95.01 -1.05
C GLU A 127 -2.95 95.98 -0.23
N ASP A 128 -2.62 95.58 1.00
CA ASP A 128 -1.74 96.36 1.88
C ASP A 128 -0.47 96.68 1.10
N TYR A 129 0.20 95.68 0.51
CA TYR A 129 1.45 95.98 -0.18
C TYR A 129 1.38 95.56 -1.65
N CYS A 130 2.42 95.92 -2.40
CA CYS A 130 2.48 95.66 -3.84
C CYS A 130 3.94 95.62 -4.28
N PRO A 131 4.23 95.09 -5.53
CA PRO A 131 5.61 94.78 -5.92
C PRO A 131 6.64 95.84 -5.54
N ALA A 132 7.54 95.47 -4.63
CA ALA A 132 8.46 96.42 -3.99
C ALA A 132 9.56 96.80 -4.97
N ALA A 133 9.20 97.67 -5.92
CA ALA A 133 10.09 98.17 -6.95
C ALA A 133 10.91 97.04 -7.59
N VAL A 134 10.28 95.87 -7.74
CA VAL A 134 10.96 94.71 -8.31
C VAL A 134 11.23 94.94 -9.80
N ALA A 135 12.26 94.27 -10.31
CA ALA A 135 12.68 94.48 -11.69
C ALA A 135 11.62 93.98 -12.68
N SER A 136 11.70 94.47 -13.91
CA SER A 136 10.63 94.21 -14.88
C SER A 136 10.54 92.75 -15.31
N SER A 137 11.62 91.96 -15.18
CA SER A 137 11.57 90.56 -15.56
C SER A 137 12.31 89.63 -14.59
N ASP A 138 12.56 90.10 -13.37
CA ASP A 138 13.14 89.30 -12.30
C ASP A 138 12.06 88.39 -11.71
N PHE A 139 11.72 87.35 -12.47
CA PHE A 139 10.63 86.47 -12.08
C PHE A 139 10.88 85.80 -10.75
N VAL A 140 12.15 85.61 -10.37
CA VAL A 140 12.44 85.04 -9.06
C VAL A 140 12.08 86.02 -7.95
N GLY A 141 12.45 87.28 -8.12
CA GLY A 141 12.16 88.26 -7.09
C GLY A 141 10.68 88.48 -6.87
N LYS A 142 9.91 88.54 -7.96
CA LYS A 142 8.47 88.67 -7.77
C LYS A 142 7.90 87.41 -7.13
N ILE A 143 8.32 86.24 -7.61
CA ILE A 143 7.81 84.98 -7.08
C ILE A 143 8.11 84.87 -5.60
N VAL A 144 9.33 85.21 -5.19
CA VAL A 144 9.70 85.01 -3.80
C VAL A 144 8.98 86.02 -2.91
N ASN A 145 9.15 87.31 -3.20
CA ASN A 145 8.67 88.32 -2.27
C ASN A 145 7.15 88.36 -2.21
N ALA A 146 6.48 88.00 -3.31
CA ALA A 146 5.03 87.79 -3.24
C ALA A 146 4.68 86.66 -2.29
N GLU A 147 5.49 85.60 -2.28
CA GLU A 147 5.14 84.44 -1.47
C GLU A 147 5.36 84.71 0.01
N MET A 148 6.38 85.49 0.35
CA MET A 148 6.64 85.80 1.75
C MET A 148 5.74 86.88 2.29
N ASN A 149 5.10 87.66 1.42
CA ASN A 149 4.09 88.64 1.82
C ASN A 149 2.69 88.14 1.49
N SER A 150 2.49 86.82 1.63
CA SER A 150 1.22 86.18 1.35
C SER A 150 0.72 85.44 2.58
N LYS A 151 -0.58 85.56 2.84
CA LYS A 151 -1.23 84.81 3.91
C LYS A 151 -2.08 83.67 3.40
N THR A 152 -2.24 83.50 2.08
CA THR A 152 -3.16 82.51 1.54
C THR A 152 -2.51 81.39 0.74
N PHE A 153 -1.24 81.54 0.35
CA PHE A 153 -0.61 80.57 -0.54
C PHE A 153 0.74 80.14 0.01
N TYR A 154 0.97 78.83 0.01
CA TYR A 154 2.29 78.32 0.32
C TYR A 154 2.49 76.96 -0.32
N THR A 155 3.72 76.46 -0.26
CA THR A 155 4.05 75.14 -0.76
C THR A 155 4.87 74.42 0.31
N ARG A 156 4.76 73.10 0.31
CA ARG A 156 5.49 72.24 1.23
C ARG A 156 6.16 71.15 0.42
N PHE A 157 7.47 71.08 0.50
CA PHE A 157 8.19 69.92 0.02
C PHE A 157 8.07 68.79 1.03
N GLU A 158 7.74 67.60 0.58
CA GLU A 158 7.66 66.48 1.51
C GLU A 158 8.09 65.21 0.80
N PRO A 159 8.35 64.14 1.54
CA PRO A 159 8.68 62.85 0.91
C PRO A 159 7.60 62.36 -0.05
N ALA A 160 8.04 61.68 -1.10
CA ALA A 160 7.13 61.10 -2.09
C ALA A 160 6.44 59.88 -1.50
N LEU A 161 5.48 60.13 -0.62
CA LEU A 161 4.76 59.05 0.02
C LEU A 161 3.27 59.20 -0.22
N TYR A 162 2.62 58.05 -0.32
CA TYR A 162 1.18 58.01 -0.53
C TYR A 162 0.45 58.77 0.56
N SER A 163 -0.64 59.43 0.17
CA SER A 163 -1.65 59.94 1.11
C SER A 163 -2.99 60.06 0.39
N GLU A 164 -4.06 60.15 1.18
CA GLU A 164 -5.38 60.20 0.58
C GLU A 164 -5.62 61.54 -0.09
N GLU A 165 -5.25 62.63 0.58
CA GLU A 165 -5.47 63.94 -0.02
C GLU A 165 -4.74 64.05 -1.36
N LYS A 166 -3.49 63.58 -1.41
CA LYS A 166 -2.76 63.63 -2.66
C LYS A 166 -3.41 62.76 -3.74
N TYR A 167 -3.76 61.51 -3.39
CA TYR A 167 -4.36 60.63 -4.37
C TYR A 167 -5.69 61.20 -4.87
N HIS A 168 -6.50 61.76 -3.98
CA HIS A 168 -7.79 62.26 -4.43
CA HIS A 168 -7.78 62.32 -4.38
C HIS A 168 -7.62 63.39 -5.43
N LEU A 169 -6.60 64.25 -5.26
CA LEU A 169 -6.37 65.34 -6.23
C LEU A 169 -5.84 64.80 -7.55
N PHE A 170 -4.86 63.89 -7.46
CA PHE A 170 -4.42 63.11 -8.62
C PHE A 170 -5.60 62.55 -9.41
N VAL A 171 -6.51 61.80 -8.75
CA VAL A 171 -7.61 61.20 -9.50
C VAL A 171 -8.37 62.28 -10.27
N LYS A 172 -8.69 63.38 -9.59
CA LYS A 172 -9.48 64.42 -10.21
C LYS A 172 -8.76 64.99 -11.42
N TYR A 173 -7.49 65.40 -11.23
CA TYR A 173 -6.68 65.86 -12.36
C TYR A 173 -6.67 64.84 -13.48
N GLN A 174 -6.48 63.54 -13.16
CA GLN A 174 -6.43 62.52 -14.21
C GLN A 174 -7.73 62.43 -14.96
N GLU A 175 -8.84 62.49 -14.24
CA GLU A 175 -10.13 62.38 -14.92
C GLU A 175 -10.44 63.65 -15.71
N LYS A 176 -10.38 64.80 -15.07
CA LYS A 176 -10.95 65.98 -15.71
C LYS A 176 -9.97 66.68 -16.64
N VAL A 177 -8.71 66.23 -16.69
CA VAL A 177 -7.71 66.83 -17.57
C VAL A 177 -7.14 65.84 -18.57
N HIS A 178 -7.17 64.52 -18.30
CA HIS A 178 -6.69 63.51 -19.25
C HIS A 178 -7.74 62.49 -19.66
N GLN A 179 -8.98 62.64 -19.18
CA GLN A 179 -10.07 61.67 -19.42
C GLN A 179 -9.64 60.27 -19.02
N ASP A 180 -8.85 60.19 -17.94
CA ASP A 180 -8.23 58.96 -17.47
C ASP A 180 -8.99 58.45 -16.24
N TYR A 181 -9.82 57.42 -16.42
CA TYR A 181 -10.50 56.77 -15.30
C TYR A 181 -9.85 55.42 -14.95
N ASN A 182 -8.58 55.25 -15.26
CA ASN A 182 -7.87 54.01 -14.97
C ASN A 182 -7.10 54.08 -13.67
N ASN A 183 -7.58 54.83 -12.68
CA ASN A 183 -6.80 55.11 -11.47
C ASN A 183 -7.17 54.18 -10.31
N SER A 184 -6.13 53.70 -9.63
CA SER A 184 -6.20 53.06 -8.32
C SER A 184 -5.09 53.62 -7.44
N PRO A 185 -5.25 53.59 -6.12
CA PRO A 185 -4.12 53.98 -5.27
C PRO A 185 -2.86 53.20 -5.64
N LYS A 186 -2.96 51.88 -5.85
CA LYS A 186 -1.83 51.08 -6.30
C LYS A 186 -1.14 51.71 -7.49
N SER A 187 -1.93 52.19 -8.45
CA SER A 187 -1.36 52.70 -9.69
C SER A 187 -0.72 54.06 -9.46
N PHE A 188 -1.38 54.92 -8.67
CA PHE A 188 -0.74 56.15 -8.22
C PHE A 188 0.52 55.87 -7.40
N LYS A 189 0.42 54.95 -6.42
CA LYS A 189 1.60 54.57 -5.65
C LYS A 189 2.76 54.20 -6.57
N ARG A 190 2.52 53.31 -7.55
CA ARG A 190 3.63 52.76 -8.34
C ARG A 190 4.30 53.82 -9.17
N PHE A 191 3.56 54.85 -9.55
CA PHE A 191 3.99 55.84 -10.53
C PHE A 191 4.66 57.03 -9.85
N LEU A 192 4.05 57.58 -8.79
CA LEU A 192 4.54 58.79 -8.17
C LEU A 192 5.01 58.64 -6.72
N CYS A 193 5.02 57.43 -6.16
CA CYS A 193 5.60 57.25 -4.83
C CYS A 193 6.68 56.19 -4.79
N ASP A 194 6.60 55.19 -5.67
CA ASP A 194 7.66 54.21 -5.77
C ASP A 194 8.81 54.82 -6.54
N THR A 195 10.02 54.66 -6.02
CA THR A 195 11.22 55.21 -6.63
C THR A 195 12.31 54.17 -6.49
N PRO A 196 13.30 54.18 -7.39
CA PRO A 196 14.42 53.24 -7.28
C PRO A 196 15.49 53.67 -6.29
N PHE A 197 15.23 54.71 -5.51
CA PHE A 197 16.20 55.23 -4.56
C PHE A 197 16.01 54.58 -3.20
N GLY A 198 17.08 54.63 -2.42
CA GLY A 198 17.09 54.06 -1.09
C GLY A 198 16.36 54.92 -0.11
N PRO A 199 16.21 54.41 1.12
CA PRO A 199 15.34 55.10 2.09
C PRO A 199 15.88 56.45 2.52
N GLU A 200 17.21 56.62 2.59
CA GLU A 200 17.71 57.93 2.99
C GLU A 200 17.38 59.00 1.94
N ALA A 201 17.52 58.66 0.65
CA ALA A 201 17.15 59.64 -0.38
C ALA A 201 15.65 59.89 -0.44
N VAL A 202 14.83 58.98 0.09
CA VAL A 202 13.40 59.17 0.07
C VAL A 202 12.90 59.89 1.32
N LEU A 203 13.35 59.48 2.51
CA LEU A 203 12.84 60.09 3.74
C LEU A 203 13.71 61.22 4.25
N GLY A 204 15.01 61.21 3.94
CA GLY A 204 15.92 62.26 4.33
C GLY A 204 16.08 62.43 5.83
N THR A 205 16.27 63.70 6.24
CA THR A 205 16.28 64.09 7.64
C THR A 205 15.40 65.32 7.82
N GLN A 206 14.85 65.48 9.03
CA GLN A 206 14.03 66.66 9.31
C GLN A 206 14.76 67.94 8.97
N GLU A 207 16.08 67.94 9.09
CA GLU A 207 16.81 69.18 8.93
C GLU A 207 16.99 69.52 7.45
N SER A 208 17.14 68.52 6.59
CA SER A 208 17.25 68.79 5.17
C SER A 208 15.90 69.08 4.52
N TRP A 209 14.82 68.51 5.08
CA TRP A 209 13.49 68.92 4.66
C TRP A 209 13.25 70.36 5.04
N GLU A 210 13.63 70.72 6.26
CA GLU A 210 13.42 72.07 6.76
C GLU A 210 14.21 73.08 5.94
N GLN A 211 15.38 72.69 5.42
CA GLN A 211 16.15 73.63 4.63
C GLN A 211 15.55 73.80 3.23
N LEU A 212 15.18 72.69 2.59
CA LEU A 212 14.51 72.79 1.30
C LEU A 212 13.23 73.62 1.42
N ASN A 213 12.47 73.42 2.48
CA ASN A 213 11.28 74.23 2.64
C ASN A 213 11.60 75.68 3.01
N ASN A 214 12.87 76.06 3.11
CA ASN A 214 13.26 77.45 3.36
C ASN A 214 14.10 77.99 2.21
N TRP A 215 13.88 77.46 1.02
CA TRP A 215 14.71 77.79 -0.13
C TRP A 215 14.65 79.25 -0.51
N GLN A 216 13.61 79.99 -0.11
CA GLN A 216 13.58 81.42 -0.41
C GLN A 216 14.59 82.17 0.43
N ARG A 217 14.91 81.65 1.62
CA ARG A 217 15.86 82.23 2.55
C ARG A 217 17.28 81.72 2.31
N MET A 218 17.50 80.95 1.27
CA MET A 218 18.82 80.40 0.99
C MET A 218 19.62 81.42 0.20
N LYS A 219 20.90 81.52 0.53
CA LYS A 219 21.82 82.46 -0.10
C LYS A 219 22.86 81.69 -0.91
N PRO A 220 23.69 82.39 -1.70
CA PRO A 220 24.55 81.67 -2.65
C PRO A 220 25.64 80.79 -2.05
N GLY A 221 26.18 81.15 -0.89
CA GLY A 221 27.11 80.25 -0.23
C GLY A 221 26.56 78.84 -0.06
N GLU A 222 25.29 78.73 0.36
CA GLU A 222 24.74 77.48 0.86
C GLU A 222 24.71 76.40 -0.21
N LYS A 223 24.87 75.15 0.24
CA LYS A 223 24.75 73.96 -0.59
C LYS A 223 23.52 73.20 -0.14
N LEU A 224 22.63 72.93 -1.08
CA LEU A 224 21.35 72.33 -0.72
C LEU A 224 21.56 70.86 -0.35
N LYS A 225 21.00 70.46 0.77
CA LYS A 225 21.37 69.15 1.29
C LYS A 225 20.46 68.02 0.82
N HIS A 226 19.15 68.26 0.65
CA HIS A 226 18.28 67.16 0.25
C HIS A 226 18.47 66.81 -1.23
N MET A 227 18.80 65.56 -1.52
CA MET A 227 18.88 65.02 -2.87
C MET A 227 17.96 63.82 -2.97
N GLY A 228 17.14 63.78 -4.01
CA GLY A 228 16.20 62.69 -4.13
C GLY A 228 14.79 63.14 -4.45
N PRO A 229 13.88 62.17 -4.50
CA PRO A 229 12.52 62.47 -4.95
C PRO A 229 11.75 63.24 -3.90
N VAL A 230 10.84 64.10 -4.38
CA VAL A 230 10.04 64.94 -3.49
C VAL A 230 8.67 65.18 -4.12
N HIS A 231 7.68 65.36 -3.27
CA HIS A 231 6.37 65.92 -3.64
C HIS A 231 6.29 67.35 -3.14
N GLU A 232 6.07 68.30 -4.05
CA GLU A 232 5.81 69.68 -3.70
C GLU A 232 4.31 69.93 -3.75
N CYS A 233 3.71 70.13 -2.58
CA CYS A 233 2.27 70.41 -2.48
C CYS A 233 1.99 71.90 -2.50
N TYR A 234 1.03 72.32 -3.35
CA TYR A 234 0.56 73.69 -3.39
C TYR A 234 -0.71 73.82 -2.55
N TYR A 235 -0.75 74.80 -1.66
CA TYR A 235 -1.92 75.03 -0.83
C TYR A 235 -2.41 76.46 -1.00
N TYR A 236 -3.69 76.60 -1.30
CA TYR A 236 -4.32 77.91 -1.39
C TYR A 236 -5.53 77.94 -0.48
N GLU A 237 -5.56 78.92 0.41
CA GLU A 237 -6.62 79.03 1.41
C GLU A 237 -6.84 77.68 2.08
N GLY A 238 -5.74 77.06 2.49
CA GLY A 238 -5.79 75.76 3.11
C GLY A 238 -6.30 74.63 2.25
N LYS A 239 -6.41 74.80 0.94
CA LYS A 239 -6.85 73.73 0.05
C LYS A 239 -5.72 73.32 -0.87
N LEU A 240 -5.50 72.02 -0.98
CA LEU A 240 -4.45 71.48 -1.84
C LEU A 240 -4.83 71.64 -3.30
N ILE A 241 -4.06 72.38 -4.08
CA ILE A 241 -4.43 72.70 -5.45
C ILE A 241 -3.42 72.20 -6.49
N ALA A 242 -2.22 71.81 -6.09
CA ALA A 242 -1.31 71.24 -7.08
C ALA A 242 -0.27 70.39 -6.36
N ILE A 243 0.30 69.45 -7.11
CA ILE A 243 1.44 68.67 -6.64
C ILE A 243 2.48 68.64 -7.76
N THR A 244 3.72 68.99 -7.44
CA THR A 244 4.84 68.76 -8.34
C THR A 244 5.60 67.55 -7.84
N VAL A 245 5.79 66.56 -8.69
CA VAL A 245 6.64 65.42 -8.39
C VAL A 245 7.97 65.67 -9.09
N SER A 246 9.05 65.76 -8.31
CA SER A 246 10.35 66.16 -8.84
C SER A 246 11.47 65.36 -8.20
N ASP A 247 12.50 65.10 -9.02
CA ASP A 247 13.73 64.46 -8.56
C ASP A 247 14.79 65.53 -8.38
N ILE A 248 15.26 65.73 -7.16
CA ILE A 248 16.30 66.70 -6.92
C ILE A 248 17.67 66.03 -7.01
N LEU A 249 18.45 66.45 -7.99
CA LEU A 249 19.71 65.85 -8.34
C LEU A 249 20.88 66.81 -8.13
N PRO A 250 22.11 66.30 -8.05
CA PRO A 250 23.27 67.19 -7.87
C PRO A 250 23.30 68.34 -8.84
N SER A 251 22.90 68.13 -10.11
CA SER A 251 22.93 69.17 -11.13
C SER A 251 21.66 69.98 -11.22
N GLY A 252 20.57 69.55 -10.59
CA GLY A 252 19.38 70.37 -10.61
C GLY A 252 18.14 69.51 -10.35
N ILE A 253 17.02 69.96 -10.92
CA ILE A 253 15.73 69.33 -10.68
C ILE A 253 15.24 68.71 -11.97
N SER A 254 14.87 67.44 -11.89
CA SER A 254 14.21 66.73 -12.97
C SER A 254 12.74 66.60 -12.65
N SER A 255 11.90 66.88 -13.62
CA SER A 255 10.46 67.00 -13.41
C SER A 255 9.82 65.68 -13.82
N VAL A 256 9.18 65.01 -12.86
CA VAL A 256 8.54 63.72 -13.10
C VAL A 256 7.11 63.89 -13.58
N TYR A 257 6.35 64.76 -12.93
CA TYR A 257 4.92 64.89 -13.19
C TYR A 257 4.40 66.10 -12.44
N PHE A 258 3.31 66.66 -12.97
CA PHE A 258 2.66 67.79 -12.33
C PHE A 258 1.15 67.61 -12.37
N ILE A 259 0.53 67.69 -11.20
CA ILE A 259 -0.90 67.49 -10.98
C ILE A 259 -1.47 68.81 -10.51
N TRP A 260 -2.61 69.22 -11.08
CA TRP A 260 -3.26 70.43 -10.60
C TRP A 260 -4.76 70.22 -10.60
N ASP A 261 -5.44 70.96 -9.74
CA ASP A 261 -6.89 70.87 -9.66
C ASP A 261 -7.51 71.57 -10.87
N PRO A 262 -8.39 70.89 -11.62
CA PRO A 262 -9.03 71.54 -12.77
C PRO A 262 -9.75 72.82 -12.42
N ASP A 263 -10.24 72.94 -11.19
CA ASP A 263 -10.98 74.15 -10.82
C ASP A 263 -10.09 75.39 -10.93
N TYR A 264 -8.80 75.25 -10.68
CA TYR A 264 -7.91 76.41 -10.71
C TYR A 264 -7.26 76.60 -12.08
N SER A 265 -7.98 76.26 -13.15
CA SER A 265 -7.33 76.22 -14.46
C SER A 265 -6.82 77.59 -14.88
N LYS A 266 -7.55 78.65 -14.57
CA LYS A 266 -7.19 79.98 -15.02
C LYS A 266 -6.03 80.58 -14.22
N TRP A 267 -5.34 79.73 -13.47
CA TRP A 267 -4.10 80.11 -12.79
C TRP A 267 -2.86 79.80 -13.61
N SER A 268 -3.01 79.13 -14.75
CA SER A 268 -1.88 78.57 -15.49
C SER A 268 -0.89 77.90 -14.53
N LEU A 269 -1.39 76.96 -13.72
CA LEU A 269 -0.52 76.31 -12.75
C LEU A 269 0.59 75.52 -13.44
N GLY A 270 0.32 75.05 -14.67
CA GLY A 270 1.37 74.40 -15.43
C GLY A 270 2.56 75.31 -15.66
N LYS A 271 2.31 76.52 -16.17
CA LYS A 271 3.39 77.49 -16.37
C LYS A 271 3.95 78.02 -15.06
N LEU A 272 3.08 78.25 -14.08
CA LEU A 272 3.52 78.81 -12.80
C LEU A 272 4.45 77.84 -12.08
N SER A 273 4.15 76.55 -12.17
CA SER A 273 4.99 75.56 -11.51
C SER A 273 6.39 75.55 -12.13
N ALA A 274 6.48 75.70 -13.45
CA ALA A 274 7.79 75.64 -14.10
C ALA A 274 8.67 76.80 -13.69
N LEU A 275 8.11 78.02 -13.66
CA LEU A 275 8.87 79.16 -13.19
C LEU A 275 9.28 78.97 -11.74
N ARG A 276 8.36 78.59 -10.87
CA ARG A 276 8.70 78.36 -9.47
C ARG A 276 9.81 77.34 -9.34
N ASP A 277 9.72 76.25 -10.10
CA ASP A 277 10.79 75.26 -10.09
C ASP A 277 12.12 75.93 -10.42
N LEU A 278 12.13 76.79 -11.44
CA LEU A 278 13.36 77.48 -11.83
C LEU A 278 13.83 78.47 -10.75
N ALA A 279 12.91 79.23 -10.15
CA ALA A 279 13.26 80.08 -9.02
C ALA A 279 13.82 79.26 -7.86
N ILE A 280 13.29 78.04 -7.66
CA ILE A 280 13.85 77.13 -6.66
C ILE A 280 15.24 76.65 -7.07
N ILE A 281 15.45 76.41 -8.37
CA ILE A 281 16.79 76.09 -8.85
C ILE A 281 17.78 77.18 -8.45
N GLN A 282 17.42 78.44 -8.72
CA GLN A 282 18.32 79.55 -8.50
C GLN A 282 18.66 79.72 -7.03
N ARG A 283 17.64 79.87 -6.18
CA ARG A 283 17.88 80.14 -4.77
C ARG A 283 18.58 78.99 -4.06
N THR A 284 18.51 77.76 -4.58
CA THR A 284 19.19 76.63 -3.95
C THR A 284 20.56 76.36 -4.54
N ASN A 285 21.07 77.25 -5.39
CA ASN A 285 22.42 77.15 -5.94
C ASN A 285 22.61 75.87 -6.78
N LEU A 286 21.51 75.28 -7.25
CA LEU A 286 21.58 74.22 -8.22
C LEU A 286 21.67 74.82 -9.62
N GLN A 287 21.88 73.97 -10.62
CA GLN A 287 22.25 74.42 -11.95
C GLN A 287 21.10 74.36 -12.94
N TYR A 288 20.50 73.19 -13.16
CA TYR A 288 19.62 72.97 -14.29
C TYR A 288 18.23 72.50 -13.87
N TYR A 289 17.27 72.76 -14.76
CA TYR A 289 15.92 72.20 -14.72
C TYR A 289 15.72 71.31 -15.95
N TYR A 290 15.38 70.04 -15.71
CA TYR A 290 15.28 69.02 -16.76
C TYR A 290 13.82 68.69 -17.04
N LEU A 291 13.36 68.96 -18.26
CA LEU A 291 11.95 68.77 -18.62
C LEU A 291 11.64 67.37 -19.08
N GLY A 292 12.48 66.84 -19.97
CA GLY A 292 12.00 65.75 -20.80
C GLY A 292 10.65 66.17 -21.35
N TYR A 293 9.69 65.25 -21.30
CA TYR A 293 8.27 65.55 -21.45
C TYR A 293 7.97 66.40 -22.70
N TYR A 294 8.95 66.52 -23.60
CA TYR A 294 8.72 67.17 -24.87
C TYR A 294 9.39 66.31 -25.91
N TYR A 307 12.81 79.40 -25.95
CA TYR A 307 13.61 79.85 -24.82
C TYR A 307 15.07 79.53 -25.08
N GLY A 308 15.94 80.08 -24.24
CA GLY A 308 17.34 79.74 -24.32
C GLY A 308 17.58 78.35 -23.75
N ALA A 309 16.82 77.37 -24.19
CA ALA A 309 16.97 76.02 -23.69
C ALA A 309 18.06 75.28 -24.45
N GLU A 310 18.36 74.07 -23.99
CA GLU A 310 19.25 73.15 -24.71
C GLU A 310 18.59 71.79 -24.77
N VAL A 311 18.72 71.13 -25.91
CA VAL A 311 18.13 69.81 -26.13
C VAL A 311 19.28 68.84 -26.27
N LEU A 312 19.06 67.60 -25.83
CA LEU A 312 20.08 66.56 -25.84
C LEU A 312 20.20 65.93 -27.22
N ASP A 313 21.36 66.02 -27.84
CA ASP A 313 21.63 65.10 -28.95
C ASP A 313 22.08 63.76 -28.34
N VAL A 314 21.25 62.72 -28.47
CA VAL A 314 21.60 61.46 -27.84
C VAL A 314 22.64 60.66 -28.61
N CYS A 315 22.81 60.92 -29.91
CA CYS A 315 23.87 60.24 -30.64
C CYS A 315 25.26 60.74 -30.24
N HIS A 316 25.37 61.97 -29.72
CA HIS A 316 26.59 62.53 -29.12
C HIS A 316 26.62 62.47 -27.61
N SER A 317 25.46 62.42 -26.95
CA SER A 317 25.32 62.64 -25.51
C SER A 317 25.86 64.02 -25.11
N LYS A 318 25.53 65.03 -25.90
CA LYS A 318 25.78 66.41 -25.55
C LYS A 318 24.53 67.24 -25.84
N TYR A 319 24.48 68.42 -25.22
CA TYR A 319 23.38 69.35 -25.45
C TYR A 319 23.70 70.35 -26.56
N ILE A 320 22.67 70.75 -27.28
CA ILE A 320 22.80 71.76 -28.33
C ILE A 320 21.77 72.84 -28.04
N PRO A 321 22.08 74.11 -28.25
CA PRO A 321 21.10 75.16 -27.96
C PRO A 321 19.84 74.96 -28.77
N LEU A 322 18.70 75.27 -28.15
CA LEU A 322 17.42 74.79 -28.64
C LEU A 322 16.93 75.53 -29.89
N LYS A 323 16.91 76.87 -29.86
CA LYS A 323 16.26 77.61 -30.94
C LYS A 323 16.75 77.27 -32.36
N PRO A 324 18.02 76.96 -32.62
CA PRO A 324 18.40 76.62 -33.99
C PRO A 324 17.67 75.41 -34.55
N ILE A 325 17.17 74.51 -33.71
CA ILE A 325 16.55 73.29 -34.21
C ILE A 325 15.18 73.05 -33.58
N GLN A 326 14.55 74.11 -33.03
CA GLN A 326 13.11 74.07 -32.85
C GLN A 326 12.44 73.73 -34.17
N ASP A 327 13.14 73.97 -35.27
CA ASP A 327 12.77 73.66 -36.65
C ASP A 327 12.33 72.21 -36.77
N MET A 328 12.63 71.42 -35.76
CA MET A 328 12.51 69.96 -35.84
C MET A 328 11.76 69.36 -34.67
N ILE A 329 11.89 69.91 -33.47
CA ILE A 329 11.04 69.44 -32.39
C ILE A 329 9.62 69.94 -32.61
N SER A 330 9.48 71.11 -33.21
CA SER A 330 8.24 71.52 -33.85
C SER A 330 7.50 70.34 -34.47
N ARG A 331 8.19 69.66 -35.40
CA ARG A 331 7.64 68.56 -36.18
C ARG A 331 7.91 67.18 -35.57
N GLY A 332 8.24 67.11 -34.27
CA GLY A 332 8.62 65.88 -33.61
C GLY A 332 9.53 65.00 -34.45
N LYS A 333 10.74 65.46 -34.77
CA LYS A 333 11.60 64.83 -35.76
C LYS A 333 12.95 64.48 -35.16
N LEU A 334 13.58 63.46 -35.73
CA LEU A 334 14.87 62.97 -35.25
C LEU A 334 16.02 63.76 -35.87
N PHE A 335 16.91 64.26 -35.05
CA PHE A 335 18.01 65.07 -35.54
C PHE A 335 19.33 64.53 -35.00
N VAL A 336 20.37 64.54 -35.82
CA VAL A 336 21.72 64.23 -35.36
C VAL A 336 22.65 65.35 -35.81
N ILE A 337 23.22 66.06 -34.85
CA ILE A 337 24.06 67.21 -35.17
C ILE A 337 25.34 66.71 -35.81
N GLY A 338 25.74 67.34 -36.92
CA GLY A 338 27.01 67.04 -37.54
C GLY A 338 27.55 68.25 -38.31
N GLU A 339 28.77 68.09 -38.84
CA GLU A 339 29.41 69.12 -39.65
C GLU A 339 29.31 68.87 -41.14
N GLU A 340 29.06 67.64 -41.57
CA GLU A 340 28.96 67.24 -42.97
C GLU A 340 30.21 67.65 -43.78
N GLU A 341 31.35 67.18 -43.32
CA GLU A 341 32.58 67.34 -44.06
C GLU A 341 32.79 66.18 -45.01
N THR A 342 32.35 65.00 -44.59
CA THR A 342 32.09 63.80 -45.38
C THR A 342 30.70 63.36 -44.98
N LYS A 343 30.15 62.38 -45.68
CA LYS A 343 28.92 61.74 -45.21
C LYS A 343 29.33 60.50 -44.42
N VAL A 344 28.96 60.46 -43.14
CA VAL A 344 29.46 59.36 -42.31
C VAL A 344 28.97 58.01 -42.86
N THR A 345 29.67 56.96 -42.45
CA THR A 345 29.49 55.59 -42.91
C THR A 345 29.25 54.67 -41.72
N LYS A 346 29.20 55.24 -40.51
CA LYS A 346 28.93 54.50 -39.30
C LYS A 346 28.13 55.39 -38.37
N GLU A 347 27.34 54.78 -37.48
CA GLU A 347 26.82 55.56 -36.38
C GLU A 347 27.97 56.19 -35.62
N LEU A 348 27.75 57.40 -35.11
CA LEU A 348 28.80 58.15 -34.43
C LEU A 348 29.31 57.44 -33.17
N TYR A 349 30.54 57.78 -32.80
CA TYR A 349 31.27 57.16 -31.71
C TYR A 349 30.93 57.87 -30.40
N LEU A 350 30.47 57.09 -29.41
CA LEU A 350 30.18 57.60 -28.06
C LEU A 350 31.35 57.29 -27.12
N VAL A 351 31.85 58.30 -26.43
CA VAL A 351 32.95 58.07 -25.48
C VAL A 351 32.33 57.72 -24.15
N ASP A 352 32.74 56.60 -23.56
CA ASP A 352 32.06 56.15 -22.35
C ASP A 352 32.29 57.09 -21.17
N SER A 353 33.51 57.63 -21.03
CA SER A 353 33.71 58.60 -19.95
C SER A 353 32.86 59.85 -20.16
N GLU A 354 32.53 60.17 -21.40
CA GLU A 354 31.81 61.40 -21.71
C GLU A 354 30.29 61.28 -21.72
N THR A 355 29.70 60.09 -21.88
CA THR A 355 28.26 60.01 -21.99
C THR A 355 27.59 60.46 -20.69
N GLY A 356 26.43 61.10 -20.83
CA GLY A 356 25.66 61.45 -19.66
C GLY A 356 26.30 62.48 -18.78
N ARG A 357 27.35 63.11 -19.25
CA ARG A 357 27.98 64.15 -18.45
C ARG A 357 27.43 65.52 -18.78
N GLY A 358 26.45 65.60 -19.68
CA GLY A 358 25.91 66.88 -20.08
C GLY A 358 26.94 67.87 -20.62
N GLU A 359 27.89 67.40 -21.42
CA GLU A 359 28.71 68.35 -22.17
C GLU A 359 27.87 68.99 -23.27
N GLY A 360 28.38 70.10 -23.80
CA GLY A 360 27.77 70.75 -24.94
C GLY A 360 28.66 70.67 -26.17
N PHE A 361 28.07 71.06 -27.30
CA PHE A 361 28.89 71.25 -28.48
C PHE A 361 29.66 72.56 -28.35
N PRO A 362 30.70 72.73 -29.16
CA PRO A 362 31.42 74.02 -29.17
C PRO A 362 30.57 75.19 -29.68
N THR A 363 30.85 76.35 -29.11
CA THR A 363 30.12 77.62 -29.31
C THR A 363 30.34 78.19 -30.71
N ASP A 364 31.57 78.53 -31.06
CA ASP A 364 31.80 79.08 -32.42
C ASP A 364 32.56 78.04 -33.22
N ASN A 365 31.84 77.45 -34.16
CA ASN A 365 32.34 76.41 -35.08
C ASN A 365 32.59 77.10 -36.41
N VAL A 366 33.66 76.73 -37.12
CA VAL A 366 33.93 77.34 -38.46
C VAL A 366 32.85 76.83 -39.41
N VAL A 367 32.51 75.54 -39.28
CA VAL A 367 31.35 74.95 -39.93
C VAL A 367 30.04 75.47 -39.32
N LYS A 368 28.94 75.35 -40.07
CA LYS A 368 27.62 75.41 -39.46
C LYS A 368 27.09 73.99 -39.26
N TYR A 369 26.37 73.78 -38.16
CA TYR A 369 25.89 72.44 -37.85
C TYR A 369 24.71 72.08 -38.73
N LYS A 370 24.81 70.93 -39.41
CA LYS A 370 23.70 70.37 -40.15
C LYS A 370 23.18 69.13 -39.43
N ASN A 371 21.93 68.78 -39.69
CA ASN A 371 21.33 67.57 -39.15
C ASN A 371 21.61 66.42 -40.10
N ILE A 372 22.42 65.46 -39.64
CA ILE A 372 22.86 64.37 -40.49
C ILE A 372 22.08 63.09 -40.21
N ALA A 373 20.90 63.19 -39.64
CA ALA A 373 20.23 61.95 -39.25
C ALA A 373 19.83 61.12 -40.47
N GLU A 374 19.43 61.75 -41.58
CA GLU A 374 19.01 60.94 -42.71
C GLU A 374 20.16 60.09 -43.25
N GLU A 375 21.40 60.58 -43.22
CA GLU A 375 22.46 59.77 -43.79
C GLU A 375 22.81 58.57 -42.91
N ILE A 376 22.49 58.60 -41.62
CA ILE A 376 22.72 57.46 -40.74
C ILE A 376 21.49 56.56 -40.65
N TYR A 377 20.31 57.14 -40.37
CA TYR A 377 19.14 56.39 -39.91
C TYR A 377 17.94 56.42 -40.87
N GLY A 378 18.04 57.12 -42.01
CA GLY A 378 16.96 57.16 -42.97
C GLY A 378 16.94 55.96 -43.90
N VAL A 379 16.18 56.11 -45.00
CA VAL A 379 15.92 54.96 -45.88
C VAL A 379 17.22 54.43 -46.48
N GLY A 380 18.05 55.29 -47.00
CA GLY A 380 19.28 54.67 -47.42
C GLY A 380 20.31 54.42 -46.33
N GLY A 381 19.93 54.62 -45.06
CA GLY A 381 20.90 55.02 -44.05
C GLY A 381 22.02 54.03 -43.82
N CYS A 382 23.19 54.56 -43.46
CA CYS A 382 24.38 53.73 -43.33
C CYS A 382 24.34 52.82 -42.10
N ALA A 383 23.55 53.19 -41.10
CA ALA A 383 23.59 52.48 -39.81
C ALA A 383 23.24 51.01 -39.95
N PHE A 384 22.38 50.67 -40.92
CA PHE A 384 21.72 49.38 -40.90
C PHE A 384 22.65 48.25 -41.33
N LYS A 385 23.25 48.33 -42.52
CA LYS A 385 24.11 47.20 -42.87
C LYS A 385 25.36 47.17 -42.00
N SER A 386 25.77 48.32 -41.47
CA SER A 386 26.90 48.31 -40.55
C SER A 386 26.54 47.57 -39.28
N ALA A 387 25.29 47.71 -38.83
CA ALA A 387 24.79 46.94 -37.69
C ALA A 387 24.78 45.46 -38.02
N ASN A 388 24.23 45.10 -39.18
CA ASN A 388 24.08 43.70 -39.52
C ASN A 388 25.42 43.00 -39.71
N GLU A 389 26.40 43.68 -40.34
CA GLU A 389 27.73 43.09 -40.43
C GLU A 389 28.30 42.83 -39.05
N SER A 390 28.04 43.72 -38.09
CA SER A 390 28.57 43.52 -36.75
C SER A 390 27.83 42.42 -36.02
N ALA A 391 26.49 42.40 -36.12
CA ALA A 391 25.73 41.32 -35.51
C ALA A 391 26.26 39.96 -35.94
N LEU A 392 26.73 39.85 -37.18
CA LEU A 392 27.22 38.57 -37.64
C LEU A 392 28.49 38.19 -36.91
N GLU A 393 29.42 39.15 -36.75
CA GLU A 393 30.64 38.88 -35.98
C GLU A 393 30.34 38.71 -34.50
N LEU A 394 29.39 39.50 -33.97
CA LEU A 394 28.99 39.35 -32.58
C LEU A 394 28.56 37.91 -32.29
N LYS A 395 27.77 37.32 -33.18
CA LYS A 395 27.32 35.95 -32.99
C LYS A 395 28.42 34.94 -33.30
N GLU A 396 29.06 35.08 -34.46
CA GLU A 396 29.96 34.03 -34.93
C GLU A 396 31.26 34.02 -34.13
N LEU A 397 31.78 35.19 -33.75
CA LEU A 397 33.06 35.23 -33.07
C LEU A 397 32.95 35.18 -31.55
N TYR A 398 31.85 35.64 -30.95
CA TYR A 398 31.80 35.73 -29.50
C TYR A 398 30.58 35.03 -28.92
N GLY A 399 29.80 34.35 -29.76
CA GLY A 399 28.70 33.54 -29.26
C GLY A 399 27.58 34.33 -28.65
N ILE A 400 27.40 35.57 -29.06
CA ILE A 400 26.38 36.45 -28.52
C ILE A 400 25.22 36.47 -29.51
N PRO A 401 24.02 36.09 -29.11
CA PRO A 401 22.93 35.91 -30.08
C PRO A 401 22.37 37.22 -30.62
N TYR A 402 23.08 37.89 -31.51
CA TYR A 402 22.54 38.99 -32.31
C TYR A 402 22.23 38.46 -33.70
N GLU A 403 21.14 38.94 -34.31
CA GLU A 403 20.90 38.54 -35.69
C GLU A 403 20.51 39.72 -36.55
N GLU A 404 20.64 39.55 -37.87
CA GLU A 404 20.34 40.60 -38.83
C GLU A 404 18.89 41.02 -38.76
N GLU A 405 18.68 42.33 -38.73
CA GLU A 405 17.34 42.92 -38.64
C GLU A 405 17.24 44.00 -39.70
N ASP A 406 16.01 44.40 -40.01
CA ASP A 406 15.70 45.63 -40.74
C ASP A 406 16.40 45.74 -42.09
N LEU A 407 16.85 44.62 -42.69
CA LEU A 407 17.57 44.70 -43.95
C LEU A 407 16.82 45.47 -45.01
N ASP A 408 15.49 45.52 -44.90
CA ASP A 408 14.55 45.91 -45.95
C ASP A 408 13.90 47.25 -45.69
N THR A 409 13.32 47.39 -44.49
CA THR A 409 12.85 48.62 -43.89
C THR A 409 12.97 48.47 -42.36
N ILE A 410 12.44 49.45 -41.63
CA ILE A 410 12.41 49.39 -40.16
C ILE A 410 11.01 49.13 -39.63
N TYR A 411 10.02 49.03 -40.50
CA TYR A 411 8.62 48.89 -40.12
C TYR A 411 8.15 47.49 -40.50
N HIS A 412 7.60 46.75 -39.54
CA HIS A 412 7.19 45.36 -39.80
C HIS A 412 5.71 45.12 -39.51
N ASN A 422 12.54 39.80 -32.08
CA ASN A 422 11.99 40.44 -30.89
C ASN A 422 13.09 41.15 -30.10
N GLY A 423 12.71 41.98 -29.13
CA GLY A 423 13.67 42.64 -28.27
C GLY A 423 14.17 43.99 -28.76
N ILE A 424 15.21 44.46 -28.09
CA ILE A 424 15.78 45.77 -28.44
C ILE A 424 16.35 45.71 -29.84
N PRO A 425 16.07 46.67 -30.71
CA PRO A 425 16.59 46.63 -32.07
C PRO A 425 18.12 46.76 -32.13
N ASN A 426 18.68 46.27 -33.23
CA ASN A 426 20.12 46.42 -33.42
C ASN A 426 20.52 47.90 -33.54
N VAL A 427 19.73 48.70 -34.26
CA VAL A 427 20.02 50.12 -34.49
C VAL A 427 19.02 50.97 -33.73
N VAL A 428 19.50 51.75 -32.78
CA VAL A 428 18.64 52.64 -31.99
C VAL A 428 19.48 53.86 -31.67
N PRO A 429 19.17 55.04 -32.21
CA PRO A 429 19.91 56.26 -31.84
C PRO A 429 20.00 56.42 -30.32
N GLY A 430 21.20 56.69 -29.82
CA GLY A 430 21.42 56.89 -28.42
C GLY A 430 21.88 55.65 -27.68
N LEU A 431 21.61 54.47 -28.21
CA LEU A 431 22.23 53.24 -27.73
C LEU A 431 23.61 53.07 -28.37
N LEU A 432 24.48 52.36 -27.69
CA LEU A 432 25.80 52.15 -28.26
C LEU A 432 25.65 51.41 -29.59
N PRO A 433 26.23 51.92 -30.67
CA PRO A 433 26.16 51.18 -31.95
C PRO A 433 26.92 49.88 -31.86
N LEU A 434 26.42 48.88 -32.60
CA LEU A 434 27.01 47.54 -32.54
C LEU A 434 28.49 47.56 -32.90
N TRP A 435 28.89 48.30 -33.95
CA TRP A 435 30.31 48.28 -34.32
C TRP A 435 31.19 48.65 -33.14
N GLU A 436 30.67 49.48 -32.24
CA GLU A 436 31.44 49.91 -31.08
C GLU A 436 31.36 48.87 -29.97
N LEU A 437 30.15 48.38 -29.67
CA LEU A 437 30.00 47.20 -28.83
C LEU A 437 30.97 46.12 -29.27
N LEU A 438 31.01 45.85 -30.58
CA LEU A 438 31.88 44.81 -31.11
C LEU A 438 33.35 45.05 -30.77
N ASP A 439 33.79 46.33 -30.72
CA ASP A 439 35.17 46.63 -30.33
C ASP A 439 35.45 46.31 -28.86
N ILE A 440 34.42 46.33 -28.00
CA ILE A 440 34.63 45.95 -26.61
C ILE A 440 34.93 44.47 -26.52
N MET A 441 34.20 43.65 -27.29
CA MET A 441 34.50 42.22 -27.36
C MET A 441 35.90 41.97 -27.88
N GLN A 442 36.21 42.57 -29.04
CA GLN A 442 37.41 42.18 -29.76
C GLN A 442 38.67 42.67 -29.05
N SER A 443 38.58 43.79 -28.33
CA SER A 443 39.76 44.30 -27.68
C SER A 443 40.03 43.59 -26.36
N GLY A 444 39.05 42.85 -25.84
CA GLY A 444 39.19 42.26 -24.53
C GLY A 444 38.66 43.13 -23.43
N LYS A 445 38.31 44.38 -23.74
CA LYS A 445 37.73 45.26 -22.73
C LYS A 445 36.59 44.57 -22.00
N ILE A 446 35.81 43.73 -22.71
CA ILE A 446 34.65 43.08 -22.12
C ILE A 446 35.02 42.41 -20.82
N THR A 447 36.24 41.90 -20.72
CA THR A 447 36.65 41.19 -19.51
C THR A 447 36.85 42.12 -18.33
N ASP A 448 36.94 43.44 -18.55
CA ASP A 448 37.01 44.38 -17.43
C ASP A 448 35.81 44.23 -16.52
N LEU A 449 34.71 43.71 -17.03
CA LEU A 449 33.55 43.48 -16.18
C LEU A 449 33.77 42.31 -15.24
N GLU A 450 34.71 41.42 -15.56
CA GLU A 450 35.03 40.27 -14.71
C GLU A 450 35.51 40.79 -13.35
N GLY A 451 34.73 40.59 -12.33
CA GLY A 451 35.11 41.01 -10.99
C GLY A 451 34.43 42.26 -10.49
N ARG A 452 33.73 42.97 -11.34
CA ARG A 452 32.96 44.14 -10.94
C ARG A 452 31.47 43.94 -11.14
N LEU A 453 31.06 43.37 -12.28
CA LEU A 453 29.65 43.12 -12.53
C LEU A 453 29.17 41.91 -11.75
N PHE A 454 27.93 41.97 -11.29
CA PHE A 454 27.32 40.80 -10.68
C PHE A 454 26.04 40.43 -11.41
N LEU A 455 25.73 39.14 -11.36
CA LEU A 455 24.57 38.56 -12.01
C LEU A 455 23.68 37.90 -10.96
N PHE A 456 22.37 38.11 -11.10
CA PHE A 456 21.37 37.52 -10.20
C PHE A 456 20.31 36.87 -11.10
N GLU A 457 20.50 35.56 -11.34
CA GLU A 457 19.48 34.66 -11.91
C GLU A 457 18.46 34.36 -10.81
N ILE A 458 17.26 34.94 -10.93
CA ILE A 458 16.40 35.08 -9.77
C ILE A 458 15.80 33.77 -9.32
N GLU A 459 15.97 32.69 -10.09
CA GLU A 459 15.53 31.38 -9.67
C GLU A 459 16.63 30.53 -9.04
N THR A 460 17.85 31.05 -8.90
CA THR A 460 18.93 30.37 -8.20
C THR A 460 19.03 30.95 -6.78
N GLU A 461 20.08 30.52 -6.06
CA GLU A 461 20.30 30.99 -4.69
C GLU A 461 20.34 32.52 -4.64
N GLY A 462 21.19 33.11 -5.45
CA GLY A 462 21.36 34.54 -5.45
C GLY A 462 22.63 34.93 -6.17
N ILE A 463 23.05 36.16 -5.90
CA ILE A 463 24.08 36.87 -6.65
C ILE A 463 25.35 36.04 -6.84
N ARG A 464 25.97 36.20 -8.00
CA ARG A 464 27.17 35.49 -8.35
C ARG A 464 28.04 36.43 -9.17
N PRO A 465 29.34 36.39 -8.96
CA PRO A 465 30.21 37.29 -9.71
C PRO A 465 30.29 36.82 -11.14
N LEU A 466 30.48 37.78 -12.03
CA LEU A 466 30.86 37.48 -13.39
C LEU A 466 32.34 37.11 -13.39
N ILE A 467 32.65 35.86 -13.72
CA ILE A 467 34.00 35.33 -13.63
C ILE A 467 34.65 35.17 -15.00
N ASN A 468 33.88 34.81 -16.02
CA ASN A 468 34.44 34.62 -17.36
C ASN A 468 33.34 34.97 -18.36
N PHE A 469 33.35 36.21 -18.86
CA PHE A 469 32.28 36.64 -19.76
C PHE A 469 32.07 35.62 -20.85
N TYR A 470 33.16 35.18 -21.50
CA TYR A 470 33.05 34.34 -22.68
C TYR A 470 32.46 32.98 -22.35
N SER A 471 32.66 32.48 -21.12
CA SER A 471 32.10 31.20 -20.72
C SER A 471 30.66 31.31 -20.24
N GLU A 472 30.04 32.49 -20.26
CA GLU A 472 28.64 32.58 -19.91
C GLU A 472 27.78 32.07 -21.07
N PRO A 473 26.53 31.71 -20.80
CA PRO A 473 25.66 31.29 -21.87
C PRO A 473 25.18 32.48 -22.68
N PRO A 474 24.75 32.26 -23.93
CA PRO A 474 24.43 33.39 -24.82
C PRO A 474 23.41 34.36 -24.29
N ASN A 475 22.33 33.88 -23.69
CA ASN A 475 21.34 34.85 -23.25
C ASN A 475 21.83 35.68 -22.08
N VAL A 476 22.89 35.24 -21.39
CA VAL A 476 23.47 36.11 -20.38
C VAL A 476 24.38 37.15 -21.02
N LYS A 477 25.22 36.74 -21.97
CA LYS A 477 26.03 37.72 -22.71
C LYS A 477 25.15 38.79 -23.35
N LYS A 478 24.06 38.37 -23.98
CA LYS A 478 23.18 39.32 -24.66
C LYS A 478 22.64 40.37 -23.69
N ARG A 479 22.11 39.92 -22.53
CA ARG A 479 21.68 40.85 -21.49
C ARG A 479 22.79 41.82 -21.08
N ILE A 480 24.02 41.31 -20.92
CA ILE A 480 25.12 42.20 -20.54
C ILE A 480 25.37 43.22 -21.63
N CYS A 481 25.38 42.76 -22.89
CA CYS A 481 25.45 43.65 -24.04
C CYS A 481 24.36 44.70 -23.99
N ASP A 482 23.14 44.29 -23.64
CA ASP A 482 22.02 45.23 -23.67
C ASP A 482 22.21 46.34 -22.63
N VAL A 483 22.49 45.95 -21.39
CA VAL A 483 22.82 46.92 -20.35
C VAL A 483 23.98 47.81 -20.79
N ILE A 484 25.00 47.25 -21.48
CA ILE A 484 26.12 48.07 -21.93
C ILE A 484 25.65 49.10 -22.96
N ARG A 485 24.91 48.63 -23.96
CA ARG A 485 24.43 49.45 -25.05
C ARG A 485 23.51 50.56 -24.59
N LEU A 486 22.91 50.43 -23.42
CA LEU A 486 21.84 51.29 -22.98
C LEU A 486 22.27 52.24 -21.89
N PHE A 487 22.97 51.73 -20.88
CA PHE A 487 23.41 52.51 -19.74
C PHE A 487 24.90 52.79 -19.76
N GLY A 488 25.67 52.11 -20.62
CA GLY A 488 27.06 52.42 -20.83
C GLY A 488 27.99 51.47 -20.08
N PHE A 489 29.21 51.34 -20.61
CA PHE A 489 30.13 50.38 -20.02
C PHE A 489 30.53 50.73 -18.58
N GLU A 490 30.77 52.01 -18.28
CA GLU A 490 31.14 52.39 -16.90
C GLU A 490 30.05 51.96 -15.92
N THR A 491 28.80 52.32 -16.18
CA THR A 491 27.73 52.01 -15.25
C THR A 491 27.54 50.50 -15.13
N CYS A 492 27.77 49.78 -16.22
CA CYS A 492 27.60 48.35 -16.20
C CYS A 492 28.61 47.72 -15.24
N MET A 493 29.76 48.38 -15.02
CA MET A 493 30.79 47.92 -14.11
C MET A 493 30.36 48.02 -12.66
N LYS A 494 29.33 48.80 -12.35
CA LYS A 494 28.79 48.81 -11.00
C LYS A 494 27.38 48.21 -10.97
N ALA A 495 27.04 47.42 -11.97
CA ALA A 495 25.69 46.91 -12.09
C ALA A 495 25.53 45.54 -11.41
N VAL A 496 24.33 45.27 -10.94
CA VAL A 496 23.91 43.95 -10.55
C VAL A 496 22.70 43.64 -11.43
N ILE A 497 22.79 42.66 -12.32
CA ILE A 497 21.72 42.41 -13.27
C ILE A 497 20.86 41.27 -12.78
N LEU A 498 19.58 41.56 -12.58
CA LEU A 498 18.58 40.56 -12.23
C LEU A 498 17.97 39.99 -13.50
N TYR A 499 17.87 38.66 -13.56
CA TYR A 499 17.23 38.00 -14.70
C TYR A 499 16.63 36.66 -14.27
N SER A 500 15.71 36.15 -15.10
CA SER A 500 15.21 34.78 -14.97
C SER A 500 15.15 34.14 -16.35
N GLU A 501 15.86 33.04 -16.52
CA GLU A 501 15.89 32.36 -17.81
C GLU A 501 14.58 31.62 -18.03
N GLN A 502 14.18 31.51 -19.29
CA GLN A 502 12.91 30.90 -19.70
C GLN A 502 11.74 31.73 -19.18
N SER B 2 25.63 -33.96 25.03
CA SER B 2 26.13 -33.21 23.88
C SER B 2 25.15 -32.07 23.69
N ASP B 3 24.38 -31.86 24.73
CA ASP B 3 23.69 -30.60 24.96
C ASP B 3 23.86 -30.20 26.41
N ARG B 4 24.30 -31.13 27.24
CA ARG B 4 24.77 -30.85 28.58
C ARG B 4 26.28 -30.63 28.57
N PHE B 5 26.72 -29.88 29.57
CA PHE B 5 28.11 -29.49 29.75
C PHE B 5 28.46 -30.04 31.12
N VAL B 6 29.10 -31.20 31.15
CA VAL B 6 29.31 -31.94 32.40
C VAL B 6 30.76 -31.72 32.81
N ILE B 7 30.97 -30.98 33.90
CA ILE B 7 32.30 -30.50 34.25
C ILE B 7 32.57 -30.67 35.73
N TRP B 8 33.83 -30.85 36.06
CA TRP B 8 34.28 -30.65 37.44
C TRP B 8 34.44 -29.16 37.68
N ALA B 9 34.33 -28.74 38.94
CA ALA B 9 34.33 -27.31 39.17
C ALA B 9 35.73 -26.74 38.93
N PRO B 10 35.83 -25.53 38.40
CA PRO B 10 37.14 -25.01 38.00
C PRO B 10 38.07 -24.75 39.18
N SER B 11 39.35 -24.65 38.86
CA SER B 11 40.38 -24.46 39.89
C SER B 11 41.66 -23.97 39.23
N MET B 12 42.61 -23.58 40.10
CA MET B 12 43.96 -23.24 39.67
C MET B 12 44.79 -24.51 39.49
N HIS B 13 45.60 -24.52 38.44
CA HIS B 13 46.50 -25.65 38.20
C HIS B 13 47.84 -25.10 37.77
N ASN B 14 48.93 -25.70 38.29
CA ASN B 14 50.28 -25.37 37.84
C ASN B 14 50.66 -26.13 36.56
N GLU B 15 49.70 -26.68 35.83
CA GLU B 15 49.92 -27.16 34.46
C GLU B 15 50.22 -25.96 33.57
N ASN B 30 65.87 -8.30 29.51
CA ASN B 30 65.11 -9.09 28.55
C ASN B 30 63.97 -9.80 29.30
N MET B 31 63.68 -9.29 30.51
CA MET B 31 62.73 -9.91 31.42
C MET B 31 61.50 -9.05 31.66
N ASP B 32 61.37 -7.93 30.97
CA ASP B 32 60.14 -7.15 31.03
C ASP B 32 58.95 -8.00 30.64
N GLN B 33 59.16 -9.05 29.85
CA GLN B 33 58.10 -9.80 29.19
C GLN B 33 57.36 -10.76 30.13
N LEU B 34 57.63 -10.70 31.44
CA LEU B 34 56.95 -11.52 32.46
C LEU B 34 55.68 -10.87 32.99
N PHE B 35 55.37 -9.66 32.53
CA PHE B 35 54.33 -8.83 33.12
C PHE B 35 53.32 -8.45 32.05
N ALA B 36 52.04 -8.38 32.47
CA ALA B 36 50.97 -8.01 31.56
C ALA B 36 50.88 -6.51 31.37
N LEU B 37 51.32 -5.74 32.35
CA LEU B 37 51.24 -4.29 32.30
C LEU B 37 52.56 -3.68 32.77
N ASP B 38 52.81 -2.46 32.31
CA ASP B 38 54.00 -1.74 32.73
C ASP B 38 53.86 -1.18 34.14
N SER B 39 52.64 -0.84 34.55
CA SER B 39 52.38 -0.55 35.96
C SER B 39 53.08 -1.54 36.88
N TRP B 40 52.84 -2.83 36.65
CA TRP B 40 53.46 -3.83 37.48
C TRP B 40 54.92 -4.03 37.13
N ALA B 41 55.23 -4.10 35.84
CA ALA B 41 56.63 -4.11 35.41
C ALA B 41 57.44 -3.02 36.10
N HIS B 42 56.91 -1.80 36.17
CA HIS B 42 57.64 -0.69 36.79
C HIS B 42 57.78 -0.92 38.30
N ARG B 43 56.72 -1.39 38.95
CA ARG B 43 56.77 -1.55 40.39
C ARG B 43 57.83 -2.58 40.80
N TYR B 44 57.89 -3.71 40.11
CA TYR B 44 58.58 -4.90 40.61
C TYR B 44 59.78 -5.30 39.75
N MET B 45 60.61 -4.34 39.32
CA MET B 45 61.79 -4.74 38.57
C MET B 45 63.10 -4.37 39.26
N ASN B 46 63.12 -3.27 40.02
CA ASN B 46 64.12 -3.15 41.08
C ASN B 46 64.01 -4.33 42.04
N LYS B 47 62.79 -4.59 42.52
CA LYS B 47 62.53 -5.56 43.60
C LYS B 47 62.05 -6.85 42.95
N MET B 48 62.95 -7.75 42.56
CA MET B 48 62.48 -8.89 41.80
C MET B 48 62.90 -10.28 42.30
N ASP B 49 63.93 -10.42 43.12
CA ASP B 49 63.98 -11.63 43.92
C ASP B 49 62.72 -11.74 44.77
N VAL B 50 62.22 -10.58 45.18
CA VAL B 50 60.98 -10.34 45.91
C VAL B 50 59.79 -11.17 45.49
N VAL B 51 59.63 -11.32 44.17
CA VAL B 51 58.32 -11.54 43.56
C VAL B 51 58.14 -13.00 43.17
N LYS B 52 56.88 -13.43 43.15
CA LYS B 52 56.49 -14.83 42.97
C LYS B 52 55.62 -14.92 41.72
N ILE B 53 56.24 -14.97 40.54
CA ILE B 53 55.50 -14.93 39.29
C ILE B 53 55.25 -16.35 38.84
N GLU B 54 53.98 -16.76 38.82
CA GLU B 54 53.60 -18.16 38.71
C GLU B 54 53.19 -18.56 37.29
N ASN B 55 53.39 -19.85 37.00
CA ASN B 55 53.02 -20.50 35.75
C ASN B 55 51.66 -21.18 35.98
N CYS B 56 50.58 -20.41 35.86
CA CYS B 56 49.30 -20.94 36.34
C CYS B 56 48.20 -20.89 35.30
N THR B 57 47.41 -21.96 35.26
CA THR B 57 46.23 -22.03 34.41
C THR B 57 44.96 -22.15 35.26
N ILE B 58 43.93 -21.46 34.83
CA ILE B 58 42.59 -21.59 35.37
C ILE B 58 41.80 -22.46 34.40
N GLY B 59 41.16 -23.51 34.91
CA GLY B 59 40.28 -24.27 34.04
C GLY B 59 39.51 -25.33 34.78
N SER B 60 39.00 -26.27 34.00
CA SER B 60 38.03 -27.24 34.48
C SER B 60 38.19 -28.55 33.72
N PHE B 61 38.12 -29.65 34.43
CA PHE B 61 38.19 -30.96 33.79
C PHE B 61 36.80 -31.34 33.28
N VAL B 62 36.68 -31.61 31.98
CA VAL B 62 35.37 -31.75 31.35
C VAL B 62 35.09 -33.21 31.06
N GLU B 63 33.98 -33.72 31.60
CA GLU B 63 33.53 -35.08 31.28
C GLU B 63 32.75 -35.15 29.97
N HIS B 64 32.04 -34.09 29.61
CA HIS B 64 31.37 -34.14 28.32
C HIS B 64 30.95 -32.74 27.90
N MET B 65 31.11 -32.46 26.62
CA MET B 65 30.54 -31.28 26.01
C MET B 65 30.44 -31.56 24.52
N ASP B 66 29.53 -30.86 23.88
CA ASP B 66 29.44 -30.96 22.43
C ASP B 66 30.42 -29.98 21.78
N VAL B 67 30.62 -30.15 20.47
CA VAL B 67 31.65 -29.34 19.84
C VAL B 67 31.12 -27.93 19.60
N ALA B 68 29.82 -27.73 19.50
CA ALA B 68 29.31 -26.36 19.47
C ALA B 68 29.73 -25.62 20.74
N THR B 69 29.48 -26.23 21.91
CA THR B 69 29.88 -25.58 23.16
C THR B 69 31.37 -25.28 23.18
N TYR B 70 32.21 -26.26 22.81
CA TYR B 70 33.65 -26.02 22.75
C TYR B 70 33.96 -24.82 21.85
N ASP B 71 33.36 -24.78 20.66
CA ASP B 71 33.48 -23.63 19.77
C ASP B 71 33.27 -22.31 20.53
N ARG B 72 32.13 -22.21 21.23
CA ARG B 72 31.87 -21.03 22.03
C ARG B 72 32.98 -20.79 23.06
N MET B 73 33.45 -21.86 23.72
CA MET B 73 34.54 -21.74 24.70
C MET B 73 35.84 -21.30 24.03
N CYS B 74 36.08 -21.78 22.81
CA CYS B 74 37.29 -21.40 22.03
C CYS B 74 37.24 -19.91 21.67
N ASN B 75 36.04 -19.31 21.71
CA ASN B 75 35.88 -17.92 21.38
C ASN B 75 35.77 -17.05 22.61
N MET B 76 35.75 -17.66 23.79
CA MET B 76 35.98 -16.99 25.06
C MET B 76 37.46 -17.04 25.49
N GLY B 77 38.32 -17.72 24.74
CA GLY B 77 39.72 -17.80 25.05
C GLY B 77 40.22 -19.10 25.63
N PHE B 78 39.40 -20.13 25.72
CA PHE B 78 39.89 -21.38 26.28
C PHE B 78 40.58 -22.22 25.21
N ARG B 79 41.53 -23.01 25.65
CA ARG B 79 42.09 -24.12 24.89
C ARG B 79 41.86 -25.40 25.68
N ARG B 80 42.06 -26.53 25.06
CA ARG B 80 41.93 -27.78 25.78
C ARG B 80 43.18 -28.61 25.58
N SER B 81 43.73 -29.15 26.66
CA SER B 81 44.64 -30.29 26.53
C SER B 81 43.99 -31.49 27.22
N GLY B 82 43.84 -32.56 26.46
CA GLY B 82 42.97 -33.63 26.90
C GLY B 82 41.59 -33.10 27.24
N LYS B 83 41.06 -33.57 28.36
CA LYS B 83 39.76 -33.19 28.86
C LYS B 83 39.82 -31.93 29.70
N PHE B 84 40.97 -31.30 29.76
CA PHE B 84 41.17 -30.12 30.60
C PHE B 84 40.95 -28.85 29.77
N LEU B 85 39.90 -28.11 30.11
CA LEU B 85 39.54 -26.89 29.38
C LEU B 85 39.95 -25.68 30.22
N TYR B 86 40.82 -24.83 29.67
CA TYR B 86 41.63 -23.94 30.52
C TYR B 86 42.02 -22.69 29.76
N LYS B 87 42.55 -21.72 30.52
CA LYS B 87 43.15 -20.51 29.99
C LYS B 87 44.13 -20.00 31.04
N VAL B 88 44.92 -18.99 30.68
CA VAL B 88 45.86 -18.43 31.65
C VAL B 88 45.26 -17.16 32.20
N ASP B 89 45.64 -16.80 33.42
CA ASP B 89 45.33 -15.49 33.96
C ASP B 89 46.11 -14.46 33.13
N PRO B 90 45.48 -13.72 32.26
CA PRO B 90 46.25 -12.85 31.37
C PRO B 90 46.72 -11.58 32.06
N LEU B 91 46.51 -11.47 33.37
CA LEU B 91 47.12 -10.39 34.14
C LEU B 91 48.25 -10.86 35.02
N ARG B 92 48.25 -12.14 35.41
CA ARG B 92 49.19 -12.59 36.42
C ARG B 92 50.20 -13.62 35.94
N ASN B 93 50.00 -14.20 34.76
CA ASN B 93 50.78 -15.36 34.38
C ASN B 93 52.16 -15.01 33.82
N CYS B 94 53.10 -15.97 33.98
CA CYS B 94 54.43 -16.02 33.39
C CYS B 94 54.41 -15.54 31.93
N CYS B 95 53.42 -16.02 31.18
CA CYS B 95 53.23 -15.66 29.79
C CYS B 95 51.77 -15.30 29.57
N ARG B 96 51.53 -14.22 28.82
CA ARG B 96 50.20 -13.92 28.28
C ARG B 96 50.12 -14.57 26.91
N LEU B 97 49.21 -15.52 26.74
CA LEU B 97 49.02 -16.14 25.44
C LEU B 97 47.65 -15.77 24.90
N TYR B 98 47.61 -15.44 23.62
CA TYR B 98 46.49 -14.77 22.99
C TYR B 98 45.72 -15.74 22.13
N THR B 99 44.39 -15.59 22.10
CA THR B 99 43.55 -16.33 21.17
C THR B 99 43.53 -15.61 19.81
N ILE B 100 44.07 -16.24 18.77
CA ILE B 100 44.20 -15.61 17.46
C ILE B 100 43.33 -16.37 16.46
N ARG B 101 42.53 -15.66 15.70
CA ARG B 101 41.82 -16.32 14.64
C ARG B 101 42.23 -15.71 13.32
N THR B 102 42.22 -16.55 12.29
CA THR B 102 42.55 -16.15 10.93
C THR B 102 41.63 -16.89 9.99
N ALA B 103 41.14 -16.18 8.97
CA ALA B 103 40.42 -16.69 7.82
C ALA B 103 41.37 -16.85 6.64
N PRO B 104 41.14 -17.77 5.70
CA PRO B 104 42.01 -17.81 4.51
C PRO B 104 42.02 -16.50 3.76
N GLN B 105 40.90 -15.79 3.72
CA GLN B 105 40.87 -14.48 3.04
C GLN B 105 41.95 -13.56 3.59
N GLU B 106 42.14 -13.58 4.91
CA GLU B 106 42.88 -12.56 5.62
C GLU B 106 44.39 -12.78 5.65
N LEU B 107 44.88 -13.95 5.24
CA LEU B 107 46.29 -14.27 5.44
C LEU B 107 47.12 -13.54 4.40
N ASN B 108 47.90 -12.53 4.83
CA ASN B 108 48.86 -11.86 3.95
C ASN B 108 50.06 -12.80 3.77
N MET B 109 50.26 -13.27 2.56
CA MET B 109 51.20 -14.34 2.30
C MET B 109 52.59 -13.75 2.11
N THR B 110 53.37 -13.73 3.18
CA THR B 110 54.67 -13.09 3.15
C THR B 110 55.62 -13.87 2.24
N LYS B 111 56.84 -13.37 2.17
CA LYS B 111 57.81 -13.90 1.22
C LYS B 111 58.39 -15.22 1.72
N GLU B 112 58.58 -15.35 3.04
CA GLU B 112 59.05 -16.61 3.59
C GLU B 112 57.98 -17.68 3.55
N LEU B 113 56.72 -17.27 3.74
CA LEU B 113 55.61 -18.20 3.67
C LEU B 113 55.43 -18.73 2.25
N LYS B 114 55.72 -17.91 1.25
CA LYS B 114 55.41 -18.33 -0.10
C LYS B 114 56.45 -19.31 -0.63
N LYS B 115 57.73 -19.16 -0.26
CA LYS B 115 58.69 -20.15 -0.72
C LYS B 115 58.58 -21.46 0.06
N CYS B 116 57.94 -21.44 1.23
CA CYS B 116 57.67 -22.70 1.91
C CYS B 116 56.72 -23.56 1.09
N ILE B 117 55.76 -22.94 0.42
CA ILE B 117 54.83 -23.68 -0.43
C ILE B 117 55.49 -24.09 -1.73
N SER B 118 56.20 -23.17 -2.36
CA SER B 118 56.86 -23.49 -3.62
C SER B 118 57.73 -24.72 -3.46
N ARG B 119 58.66 -24.69 -2.49
CA ARG B 119 59.53 -25.85 -2.27
C ARG B 119 58.71 -27.08 -1.86
N PHE B 120 57.66 -26.90 -1.06
CA PHE B 120 56.77 -28.02 -0.76
C PHE B 120 56.22 -28.63 -2.03
N ALA B 121 55.61 -27.79 -2.87
CA ALA B 121 55.15 -28.25 -4.18
C ALA B 121 56.28 -28.94 -4.95
N THR B 122 57.41 -28.25 -5.14
CA THR B 122 58.50 -28.82 -5.96
C THR B 122 58.92 -30.22 -5.53
N ARG B 123 58.70 -30.59 -4.27
CA ARG B 123 59.24 -31.82 -3.69
C ARG B 123 58.30 -33.02 -3.86
N ILE B 124 57.00 -32.76 -3.88
CA ILE B 124 56.02 -33.82 -3.78
C ILE B 124 55.55 -34.19 -5.19
N THR B 125 55.55 -33.21 -6.08
CA THR B 125 55.22 -33.49 -7.46
C THR B 125 56.35 -34.29 -8.13
N SER B 126 56.09 -34.71 -9.35
CA SER B 126 57.16 -35.03 -10.29
C SER B 126 57.64 -33.68 -10.85
N GLU B 127 58.48 -33.80 -11.88
CA GLU B 127 59.08 -32.64 -12.59
C GLU B 127 58.31 -32.43 -13.90
N ASP B 128 57.86 -33.53 -14.53
CA ASP B 128 57.04 -33.45 -15.76
C ASP B 128 55.86 -32.53 -15.42
N TYR B 129 55.62 -32.39 -14.11
CA TYR B 129 54.58 -31.52 -13.57
C TYR B 129 54.95 -30.18 -14.20
N CYS B 130 54.10 -29.73 -15.12
CA CYS B 130 53.99 -28.36 -15.57
C CYS B 130 53.13 -27.67 -14.52
N PRO B 131 53.71 -26.86 -13.63
CA PRO B 131 52.93 -26.31 -12.52
C PRO B 131 51.73 -25.52 -13.04
N ALA B 132 50.60 -25.72 -12.40
CA ALA B 132 49.39 -24.98 -12.76
C ALA B 132 49.63 -23.52 -12.40
N ALA B 133 49.88 -22.66 -13.39
CA ALA B 133 50.24 -21.30 -13.05
C ALA B 133 49.01 -20.56 -12.55
N VAL B 134 48.85 -20.58 -11.23
CA VAL B 134 47.79 -19.88 -10.53
C VAL B 134 48.49 -18.84 -9.66
N ALA B 135 47.72 -17.80 -9.29
CA ALA B 135 48.21 -16.54 -8.74
C ALA B 135 49.28 -16.69 -7.66
N SER B 136 50.05 -15.61 -7.49
CA SER B 136 51.07 -15.51 -6.46
C SER B 136 50.61 -16.09 -5.13
N SER B 137 49.47 -15.61 -4.61
CA SER B 137 49.08 -15.89 -3.25
C SER B 137 47.89 -16.84 -3.13
N ASP B 138 47.42 -17.45 -4.23
CA ASP B 138 46.38 -18.46 -4.12
C ASP B 138 47.02 -19.75 -3.61
N PHE B 139 47.44 -19.70 -2.34
CA PHE B 139 48.19 -20.81 -1.78
C PHE B 139 47.32 -22.06 -1.65
N VAL B 140 46.02 -21.87 -1.44
CA VAL B 140 45.11 -23.01 -1.51
C VAL B 140 45.25 -23.70 -2.85
N GLY B 141 45.18 -22.94 -3.94
CA GLY B 141 45.26 -23.53 -5.26
C GLY B 141 46.54 -24.30 -5.47
N LYS B 142 47.69 -23.69 -5.13
CA LYS B 142 48.95 -24.40 -5.22
C LYS B 142 48.91 -25.69 -4.41
N ILE B 143 48.52 -25.59 -3.13
CA ILE B 143 48.50 -26.77 -2.26
C ILE B 143 47.61 -27.85 -2.86
N VAL B 144 46.38 -27.50 -3.19
CA VAL B 144 45.45 -28.48 -3.77
C VAL B 144 46.05 -29.11 -5.02
N ASN B 145 46.51 -28.27 -5.95
CA ASN B 145 46.97 -28.77 -7.25
C ASN B 145 48.22 -29.63 -7.09
N ALA B 146 49.22 -29.15 -6.34
CA ALA B 146 50.41 -29.95 -6.11
C ALA B 146 50.06 -31.27 -5.44
N GLU B 147 49.38 -31.20 -4.30
CA GLU B 147 48.99 -32.42 -3.60
C GLU B 147 48.19 -33.34 -4.51
N MET B 148 47.28 -32.78 -5.31
CA MET B 148 46.35 -33.64 -6.02
C MET B 148 47.00 -34.36 -7.19
N ASN B 149 48.17 -33.91 -7.64
CA ASN B 149 48.94 -34.66 -8.63
C ASN B 149 50.37 -34.85 -8.14
N SER B 150 50.46 -35.34 -6.91
CA SER B 150 51.64 -35.98 -6.34
C SER B 150 51.30 -37.41 -5.95
N LYS B 151 52.21 -38.34 -6.24
CA LYS B 151 52.07 -39.69 -5.70
C LYS B 151 53.12 -40.00 -4.64
N THR B 152 53.92 -39.01 -4.26
CA THR B 152 54.84 -39.17 -3.14
C THR B 152 54.22 -38.76 -1.80
N PHE B 153 53.32 -37.77 -1.79
CA PHE B 153 52.86 -37.17 -0.55
C PHE B 153 51.34 -37.18 -0.46
N TYR B 154 50.83 -37.43 0.76
CA TYR B 154 49.39 -37.42 0.98
C TYR B 154 49.13 -37.43 2.49
N THR B 155 47.95 -36.95 2.90
CA THR B 155 47.55 -36.94 4.31
C THR B 155 46.28 -37.77 4.49
N ARG B 156 46.03 -38.20 5.73
CA ARG B 156 44.76 -38.87 6.04
C ARG B 156 44.22 -38.46 7.42
N PHE B 157 42.98 -37.99 7.43
CA PHE B 157 42.25 -37.75 8.67
C PHE B 157 41.72 -39.07 9.24
N GLU B 158 41.97 -39.30 10.52
CA GLU B 158 41.47 -40.48 11.19
C GLU B 158 41.07 -40.11 12.61
N PRO B 159 40.40 -41.01 13.31
CA PRO B 159 40.06 -40.74 14.72
C PRO B 159 41.28 -40.52 15.60
N ALA B 160 41.07 -39.71 16.64
CA ALA B 160 42.09 -39.33 17.60
C ALA B 160 42.26 -40.44 18.63
N LEU B 161 42.77 -41.57 18.13
CA LEU B 161 42.95 -42.78 18.91
C LEU B 161 44.43 -43.12 18.98
N TYR B 162 44.84 -43.67 20.12
CA TYR B 162 46.21 -44.17 20.28
C TYR B 162 46.55 -45.21 19.22
N SER B 163 47.71 -45.07 18.62
CA SER B 163 48.38 -46.15 17.91
C SER B 163 49.88 -46.11 18.23
N GLU B 164 50.56 -47.24 18.02
CA GLU B 164 51.99 -47.23 18.33
C GLU B 164 52.77 -46.35 17.37
N GLU B 165 52.33 -46.26 16.10
CA GLU B 165 53.10 -45.48 15.15
C GLU B 165 53.03 -44.00 15.49
N LYS B 166 51.84 -43.52 15.87
CA LYS B 166 51.72 -42.13 16.30
C LYS B 166 52.46 -41.89 17.60
N TYR B 167 52.36 -42.81 18.56
CA TYR B 167 53.07 -42.62 19.83
C TYR B 167 54.56 -42.55 19.61
N HIS B 168 55.11 -43.39 18.74
CA HIS B 168 56.54 -43.37 18.46
C HIS B 168 56.97 -42.00 17.92
N LEU B 169 56.31 -41.53 16.86
CA LEU B 169 56.67 -40.24 16.28
C LEU B 169 56.49 -39.12 17.28
N PHE B 170 55.46 -39.20 18.12
CA PHE B 170 55.28 -38.20 19.16
C PHE B 170 56.49 -38.11 20.07
N VAL B 171 57.00 -39.26 20.57
CA VAL B 171 58.10 -39.11 21.51
C VAL B 171 59.37 -38.67 20.79
N LYS B 172 59.55 -39.12 19.54
CA LYS B 172 60.76 -38.69 18.83
C LYS B 172 60.70 -37.20 18.57
N TYR B 173 59.51 -36.68 18.23
CA TYR B 173 59.33 -35.24 18.11
C TYR B 173 59.58 -34.56 19.44
N GLN B 174 58.91 -35.03 20.49
CA GLN B 174 59.15 -34.53 21.85
C GLN B 174 60.64 -34.45 22.16
N GLU B 175 61.42 -35.44 21.72
CA GLU B 175 62.78 -35.53 22.22
C GLU B 175 63.70 -34.57 21.47
N LYS B 176 63.76 -34.69 20.14
CA LYS B 176 64.74 -33.89 19.41
C LYS B 176 64.31 -32.45 19.23
N VAL B 177 63.10 -32.08 19.65
CA VAL B 177 62.58 -30.75 19.43
C VAL B 177 62.34 -29.98 20.74
N HIS B 178 61.65 -30.59 21.71
CA HIS B 178 61.38 -29.95 22.98
C HIS B 178 62.30 -30.42 24.10
N GLN B 179 63.35 -31.17 23.79
CA GLN B 179 64.17 -31.84 24.81
C GLN B 179 63.32 -32.49 25.89
N ASP B 180 62.12 -32.99 25.56
CA ASP B 180 61.27 -33.63 26.54
C ASP B 180 61.43 -35.13 26.47
N TYR B 181 61.88 -35.74 27.56
CA TYR B 181 62.10 -37.18 27.57
C TYR B 181 61.23 -37.88 28.61
N ASN B 182 60.13 -37.27 29.02
CA ASN B 182 59.33 -37.88 30.08
C ASN B 182 57.95 -38.17 29.53
N ASN B 183 57.93 -38.77 28.34
CA ASN B 183 56.69 -39.16 27.69
C ASN B 183 56.49 -40.67 27.89
N SER B 184 55.33 -41.03 28.43
CA SER B 184 54.80 -42.39 28.49
C SER B 184 53.53 -42.46 27.68
N PRO B 185 53.18 -43.63 27.13
CA PRO B 185 51.95 -43.74 26.32
C PRO B 185 50.71 -43.17 27.00
N LYS B 186 50.52 -43.39 28.30
CA LYS B 186 49.44 -42.70 29.01
C LYS B 186 49.54 -41.20 28.83
N SER B 187 50.76 -40.64 28.92
CA SER B 187 50.91 -39.19 28.77
C SER B 187 50.47 -38.74 27.38
N PHE B 188 50.89 -39.49 26.37
CA PHE B 188 50.39 -39.26 25.02
C PHE B 188 48.87 -39.36 24.97
N LYS B 189 48.31 -40.50 25.38
CA LYS B 189 46.86 -40.71 25.35
C LYS B 189 46.12 -39.58 26.05
N ARG B 190 46.58 -39.20 27.26
CA ARG B 190 45.82 -38.24 28.04
C ARG B 190 45.79 -36.88 27.37
N PHE B 191 46.81 -36.58 26.56
CA PHE B 191 47.03 -35.27 25.92
C PHE B 191 46.39 -35.19 24.53
N LEU B 192 46.63 -36.17 23.65
CA LEU B 192 46.16 -36.07 22.26
C LEU B 192 45.15 -37.14 21.85
N CYS B 193 44.71 -38.00 22.77
CA CYS B 193 43.69 -38.99 22.46
C CYS B 193 42.44 -38.82 23.28
N ASP B 194 42.54 -38.68 24.60
CA ASP B 194 41.40 -38.39 25.46
C ASP B 194 40.79 -37.05 25.09
N THR B 195 39.47 -37.02 24.93
CA THR B 195 38.73 -35.81 24.60
C THR B 195 37.47 -35.76 25.45
N PRO B 196 36.92 -34.57 25.67
CA PRO B 196 35.65 -34.45 26.38
C PRO B 196 34.44 -34.60 25.48
N PHE B 197 34.65 -34.97 24.23
CA PHE B 197 33.55 -35.16 23.31
C PHE B 197 33.09 -36.60 23.35
N GLY B 198 31.87 -36.82 22.89
CA GLY B 198 31.29 -38.14 22.97
C GLY B 198 31.74 -39.07 21.86
N PRO B 199 31.16 -40.28 21.87
CA PRO B 199 31.59 -41.31 20.91
C PRO B 199 31.34 -40.96 19.44
N GLU B 200 30.22 -40.34 19.08
CA GLU B 200 30.03 -40.01 17.67
C GLU B 200 30.95 -38.86 17.21
N ALA B 201 31.25 -37.91 18.09
CA ALA B 201 32.23 -36.90 17.69
C ALA B 201 33.62 -37.50 17.48
N VAL B 202 33.93 -38.60 18.14
CA VAL B 202 35.29 -39.12 18.09
C VAL B 202 35.46 -40.10 16.95
N LEU B 203 34.55 -41.04 16.86
CA LEU B 203 34.60 -42.11 15.85
C LEU B 203 33.82 -41.76 14.60
N GLY B 204 32.73 -41.00 14.72
CA GLY B 204 31.92 -40.64 13.57
C GLY B 204 31.47 -41.85 12.77
N THR B 205 31.39 -41.66 11.46
CA THR B 205 30.95 -42.67 10.51
C THR B 205 31.89 -42.68 9.31
N GLN B 206 31.95 -43.82 8.59
CA GLN B 206 32.93 -43.89 7.51
C GLN B 206 32.60 -42.90 6.41
N GLU B 207 31.32 -42.64 6.21
CA GLU B 207 30.90 -41.68 5.23
C GLU B 207 31.46 -40.28 5.54
N SER B 208 31.39 -39.84 6.80
CA SER B 208 31.92 -38.51 7.10
C SER B 208 33.45 -38.46 7.06
N TRP B 209 34.13 -39.55 7.42
CA TRP B 209 35.58 -39.59 7.27
C TRP B 209 35.96 -39.52 5.80
N GLU B 210 35.16 -40.15 4.94
CA GLU B 210 35.47 -40.10 3.51
C GLU B 210 35.33 -38.69 2.95
N GLN B 211 34.24 -37.98 3.30
CA GLN B 211 34.06 -36.61 2.81
C GLN B 211 35.24 -35.73 3.19
N LEU B 212 35.65 -35.78 4.47
CA LEU B 212 36.77 -34.97 4.96
C LEU B 212 38.08 -35.35 4.30
N ASN B 213 38.34 -36.65 4.12
CA ASN B 213 39.55 -37.03 3.42
C ASN B 213 39.48 -36.62 1.97
N ASN B 214 38.29 -36.33 1.46
CA ASN B 214 38.07 -35.83 0.12
C ASN B 214 37.89 -34.33 0.10
N TRP B 215 38.45 -33.65 1.11
CA TRP B 215 38.25 -32.22 1.27
C TRP B 215 38.68 -31.42 0.05
N GLN B 216 39.61 -31.95 -0.75
CA GLN B 216 40.15 -31.13 -1.81
C GLN B 216 39.16 -31.03 -2.97
N ARG B 217 38.39 -32.08 -3.19
CA ARG B 217 37.38 -32.11 -4.24
C ARG B 217 36.01 -31.70 -3.75
N MET B 218 35.93 -31.16 -2.53
CA MET B 218 34.69 -30.56 -2.09
C MET B 218 34.46 -29.27 -2.86
N LYS B 219 33.18 -28.99 -3.10
CA LYS B 219 32.77 -27.83 -3.88
C LYS B 219 32.07 -26.81 -2.99
N PRO B 220 32.06 -25.54 -3.38
CA PRO B 220 31.51 -24.52 -2.47
C PRO B 220 30.04 -24.77 -2.18
N GLY B 221 29.70 -24.73 -0.90
CA GLY B 221 28.32 -24.86 -0.50
C GLY B 221 27.90 -26.20 0.06
N GLU B 222 28.78 -27.20 0.16
CA GLU B 222 28.43 -28.42 0.87
C GLU B 222 28.90 -28.34 2.32
N LYS B 223 27.98 -28.60 3.24
CA LYS B 223 28.28 -28.56 4.65
C LYS B 223 29.19 -29.76 4.98
N LEU B 224 30.19 -29.51 5.80
CA LEU B 224 31.08 -30.57 6.26
C LEU B 224 30.38 -31.37 7.35
N LYS B 225 30.36 -32.70 7.20
CA LYS B 225 29.59 -33.54 8.11
C LYS B 225 30.30 -33.74 9.43
N HIS B 226 31.62 -33.92 9.40
CA HIS B 226 32.38 -34.37 10.57
C HIS B 226 32.75 -33.17 11.43
N MET B 227 32.12 -33.03 12.58
CA MET B 227 32.61 -32.13 13.62
C MET B 227 33.21 -32.97 14.74
N GLY B 228 34.34 -32.54 15.29
CA GLY B 228 34.98 -33.30 16.34
C GLY B 228 36.50 -33.35 16.23
N PRO B 229 37.13 -34.10 17.14
CA PRO B 229 38.59 -34.18 17.14
C PRO B 229 39.11 -35.14 16.09
N VAL B 230 40.15 -34.71 15.37
CA VAL B 230 40.83 -35.52 14.36
C VAL B 230 42.33 -35.63 14.65
N HIS B 231 42.93 -36.67 14.09
CA HIS B 231 44.36 -36.72 13.82
C HIS B 231 44.53 -36.72 12.31
N GLU B 232 45.31 -35.76 11.79
CA GLU B 232 45.69 -35.76 10.39
C GLU B 232 47.15 -36.20 10.27
N CYS B 233 47.36 -37.30 9.54
CA CYS B 233 48.65 -37.98 9.43
C CYS B 233 49.30 -37.68 8.10
N TYR B 234 50.45 -36.99 8.14
CA TYR B 234 51.24 -36.71 6.96
C TYR B 234 52.09 -37.92 6.59
N TYR B 235 51.93 -38.43 5.37
CA TYR B 235 52.75 -39.51 4.82
C TYR B 235 53.64 -38.99 3.69
N TYR B 236 54.85 -39.53 3.57
CA TYR B 236 55.72 -39.25 2.43
C TYR B 236 56.54 -40.47 2.08
N GLU B 237 56.37 -40.94 0.85
CA GLU B 237 57.02 -42.15 0.36
C GLU B 237 56.80 -43.31 1.32
N GLY B 238 55.62 -43.36 1.91
CA GLY B 238 55.19 -44.47 2.72
C GLY B 238 55.34 -44.27 4.20
N LYS B 239 56.27 -43.42 4.64
CA LYS B 239 56.57 -43.27 6.05
C LYS B 239 55.81 -42.10 6.64
N LEU B 240 55.18 -42.33 7.79
CA LEU B 240 54.48 -41.28 8.52
C LEU B 240 55.45 -40.20 9.01
N ILE B 241 55.28 -38.96 8.56
CA ILE B 241 56.23 -37.90 8.87
C ILE B 241 55.69 -36.81 9.80
N ALA B 242 54.38 -36.72 10.00
CA ALA B 242 53.83 -35.67 10.87
C ALA B 242 52.40 -36.02 11.26
N ILE B 243 51.93 -35.39 12.33
CA ILE B 243 50.55 -35.54 12.79
C ILE B 243 50.02 -34.18 13.22
N THR B 244 48.86 -33.79 12.69
CA THR B 244 48.15 -32.60 13.16
C THR B 244 46.97 -33.03 14.01
N VAL B 245 46.98 -32.60 15.28
CA VAL B 245 45.84 -32.79 16.17
C VAL B 245 45.00 -31.53 16.08
N SER B 246 43.80 -31.67 15.52
CA SER B 246 42.95 -30.55 15.20
C SER B 246 41.56 -30.85 15.76
N ASP B 247 40.88 -29.82 16.23
CA ASP B 247 39.47 -29.92 16.59
C ASP B 247 38.67 -29.23 15.50
N ILE B 248 37.94 -30.01 14.72
CA ILE B 248 37.06 -29.50 13.68
C ILE B 248 35.76 -29.05 14.34
N LEU B 249 35.53 -27.73 14.35
CA LEU B 249 34.39 -27.06 14.97
C LEU B 249 33.45 -26.42 13.94
N PRO B 250 32.21 -26.14 14.31
CA PRO B 250 31.28 -25.56 13.31
C PRO B 250 31.80 -24.31 12.65
N SER B 251 32.63 -23.50 13.33
CA SER B 251 33.18 -22.27 12.74
C SER B 251 34.57 -22.42 12.15
N GLY B 252 35.24 -23.56 12.33
CA GLY B 252 36.54 -23.74 11.73
C GLY B 252 37.33 -24.83 12.44
N ILE B 253 38.64 -24.79 12.25
CA ILE B 253 39.54 -25.74 12.89
C ILE B 253 40.30 -25.01 13.98
N SER B 254 40.23 -25.51 15.21
CA SER B 254 41.15 -25.04 16.24
C SER B 254 42.30 -26.04 16.36
N SER B 255 43.51 -25.51 16.43
CA SER B 255 44.72 -26.33 16.44
C SER B 255 45.03 -26.73 17.86
N VAL B 256 45.23 -28.03 18.08
CA VAL B 256 45.56 -28.56 19.39
C VAL B 256 47.04 -28.75 19.54
N TYR B 257 47.67 -29.35 18.53
CA TYR B 257 49.07 -29.73 18.59
C TYR B 257 49.52 -30.16 17.20
N PHE B 258 50.83 -30.14 16.98
CA PHE B 258 51.40 -30.58 15.72
C PHE B 258 52.74 -31.28 15.96
N ILE B 259 52.86 -32.50 15.43
CA ILE B 259 54.01 -33.38 15.59
C ILE B 259 54.66 -33.54 14.22
N TRP B 260 55.98 -33.51 14.18
CA TRP B 260 56.67 -33.77 12.93
C TRP B 260 58.00 -34.48 13.18
N ASP B 261 58.37 -35.32 12.21
CA ASP B 261 59.63 -36.05 12.18
C ASP B 261 60.83 -35.10 12.14
N PRO B 262 61.72 -35.14 13.13
CA PRO B 262 62.86 -34.22 13.16
C PRO B 262 63.80 -34.33 11.96
N ASP B 263 63.76 -35.43 11.21
CA ASP B 263 64.61 -35.52 10.02
C ASP B 263 64.11 -34.59 8.90
N TYR B 264 62.86 -34.17 8.96
CA TYR B 264 62.23 -33.36 7.92
C TYR B 264 62.20 -31.87 8.29
N SER B 265 63.23 -31.39 9.00
CA SER B 265 63.28 -29.97 9.37
C SER B 265 63.37 -29.07 8.15
N LYS B 266 63.85 -29.60 7.03
CA LYS B 266 64.07 -28.80 5.83
C LYS B 266 62.76 -28.34 5.17
N TRP B 267 61.61 -28.94 5.51
CA TRP B 267 60.35 -28.50 4.91
C TRP B 267 59.60 -27.47 5.75
N SER B 268 60.07 -27.21 6.97
CA SER B 268 59.34 -26.43 7.96
C SER B 268 57.84 -26.72 7.89
N LEU B 269 57.52 -28.00 8.11
CA LEU B 269 56.13 -28.42 8.15
C LEU B 269 55.31 -27.59 9.12
N GLY B 270 55.96 -27.01 10.14
CA GLY B 270 55.23 -26.21 11.10
C GLY B 270 54.37 -25.16 10.44
N LYS B 271 54.96 -24.37 9.54
CA LYS B 271 54.17 -23.39 8.78
C LYS B 271 53.30 -24.09 7.73
N LEU B 272 53.90 -25.02 6.97
CA LEU B 272 53.13 -25.76 5.97
C LEU B 272 51.86 -26.31 6.59
N SER B 273 51.99 -26.95 7.76
CA SER B 273 50.86 -27.40 8.56
C SER B 273 49.74 -26.36 8.58
N ALA B 274 50.09 -25.09 8.73
CA ALA B 274 49.05 -24.10 8.95
C ALA B 274 48.43 -23.58 7.65
N LEU B 275 49.21 -23.43 6.59
CA LEU B 275 48.62 -23.05 5.32
C LEU B 275 47.67 -24.14 4.83
N ARG B 276 48.06 -25.40 5.01
CA ARG B 276 47.19 -26.53 4.66
C ARG B 276 45.88 -26.48 5.45
N ASP B 277 45.98 -26.24 6.76
CA ASP B 277 44.77 -26.11 7.56
C ASP B 277 43.89 -25.00 6.99
N LEU B 278 44.50 -23.86 6.68
CA LEU B 278 43.76 -22.76 6.06
C LEU B 278 43.14 -23.21 4.75
N ALA B 279 43.91 -23.90 3.92
CA ALA B 279 43.39 -24.47 2.68
C ALA B 279 42.21 -25.41 2.97
N ILE B 280 42.35 -26.29 3.97
CA ILE B 280 41.26 -27.17 4.33
C ILE B 280 40.06 -26.35 4.74
N ILE B 281 40.28 -25.29 5.52
CA ILE B 281 39.17 -24.46 6.01
C ILE B 281 38.42 -23.82 4.85
N GLN B 282 39.16 -23.25 3.88
CA GLN B 282 38.48 -22.68 2.74
C GLN B 282 37.67 -23.73 2.00
N ARG B 283 38.32 -24.85 1.68
CA ARG B 283 37.75 -25.83 0.77
C ARG B 283 36.59 -26.59 1.39
N THR B 284 36.43 -26.58 2.71
CA THR B 284 35.30 -27.25 3.35
C THR B 284 34.25 -26.26 3.81
N ASN B 285 34.40 -25.00 3.44
CA ASN B 285 33.39 -23.96 3.71
C ASN B 285 33.25 -23.66 5.19
N LEU B 286 34.30 -23.92 5.96
CA LEU B 286 34.39 -23.38 7.29
C LEU B 286 35.02 -21.97 7.23
N GLN B 287 35.11 -21.30 8.36
CA GLN B 287 35.32 -19.86 8.45
C GLN B 287 36.70 -19.45 8.97
N TYR B 288 37.17 -20.07 10.06
CA TYR B 288 38.39 -19.61 10.72
C TYR B 288 39.33 -20.74 11.13
N TYR B 289 40.61 -20.38 11.21
CA TYR B 289 41.66 -21.17 11.84
C TYR B 289 41.92 -20.56 13.20
N TYR B 290 41.63 -21.29 14.27
CA TYR B 290 41.95 -20.76 15.61
C TYR B 290 43.32 -21.30 15.99
N LEU B 291 44.36 -20.47 15.84
CA LEU B 291 45.72 -20.97 15.88
C LEU B 291 46.27 -21.06 17.27
N GLY B 292 45.41 -21.10 18.28
CA GLY B 292 45.86 -21.55 19.57
C GLY B 292 46.75 -20.50 20.21
N TYR B 293 47.82 -20.96 20.85
CA TYR B 293 48.66 -20.07 21.64
C TYR B 293 49.34 -19.02 20.73
N TYR B 294 50.01 -18.08 21.39
CA TYR B 294 51.04 -17.18 20.87
C TYR B 294 51.05 -16.01 21.82
N TYR B 307 48.57 -13.53 8.27
CA TYR B 307 49.37 -12.53 8.97
C TYR B 307 48.54 -11.26 9.18
N GLY B 308 47.30 -11.29 8.68
CA GLY B 308 46.31 -10.26 8.98
C GLY B 308 45.19 -10.80 9.85
N ALA B 309 45.57 -11.61 10.85
CA ALA B 309 44.62 -12.27 11.72
C ALA B 309 43.91 -11.26 12.63
N GLU B 310 42.99 -11.79 13.44
CA GLU B 310 42.36 -11.04 14.53
C GLU B 310 42.70 -11.69 15.87
N VAL B 311 42.68 -10.85 16.90
CA VAL B 311 43.02 -11.27 18.24
C VAL B 311 41.81 -11.00 19.13
N LEU B 312 41.56 -11.90 20.06
CA LEU B 312 40.36 -11.86 20.91
C LEU B 312 40.64 -11.01 22.14
N ASP B 313 39.93 -9.89 22.26
CA ASP B 313 39.91 -9.12 23.51
C ASP B 313 38.94 -9.79 24.47
N VAL B 314 39.45 -10.29 25.58
CA VAL B 314 38.60 -11.14 26.40
C VAL B 314 37.65 -10.33 27.27
N CYS B 315 38.00 -9.10 27.65
CA CYS B 315 37.11 -8.32 28.48
C CYS B 315 35.87 -7.90 27.71
N HIS B 316 35.97 -7.89 26.38
CA HIS B 316 34.86 -7.64 25.47
C HIS B 316 34.32 -8.92 24.84
N SER B 317 35.06 -10.01 24.89
CA SER B 317 34.73 -11.25 24.18
C SER B 317 34.48 -10.99 22.70
N LYS B 318 35.23 -10.06 22.11
CA LYS B 318 35.14 -9.74 20.68
C LYS B 318 36.53 -9.63 20.06
N TYR B 319 36.63 -9.95 18.77
CA TYR B 319 37.89 -9.91 18.05
C TYR B 319 38.18 -8.54 17.44
N ILE B 320 39.47 -8.17 17.40
CA ILE B 320 39.93 -6.91 16.79
C ILE B 320 41.14 -7.23 15.92
N PRO B 321 41.38 -6.49 14.83
CA PRO B 321 42.49 -6.85 13.93
C PRO B 321 43.84 -6.75 14.61
N LEU B 322 44.70 -7.74 14.33
CA LEU B 322 45.94 -7.89 15.09
C LEU B 322 46.92 -6.77 14.79
N LYS B 323 46.92 -6.21 13.57
CA LYS B 323 47.96 -5.24 13.25
C LYS B 323 47.79 -3.94 14.04
N PRO B 324 46.64 -3.23 14.01
CA PRO B 324 46.52 -1.97 14.77
C PRO B 324 47.13 -2.07 16.15
N ILE B 325 46.91 -3.20 16.81
CA ILE B 325 47.20 -3.38 18.23
C ILE B 325 48.40 -4.31 18.45
N GLN B 326 49.30 -4.42 17.46
CA GLN B 326 50.26 -5.51 17.54
C GLN B 326 51.27 -5.31 18.66
N ASP B 327 52.10 -4.26 18.58
CA ASP B 327 53.30 -4.21 19.39
C ASP B 327 53.04 -4.46 20.88
N MET B 328 51.82 -4.19 21.36
CA MET B 328 51.49 -4.65 22.72
C MET B 328 51.32 -6.17 22.81
N ILE B 329 51.40 -6.91 21.70
CA ILE B 329 51.45 -8.37 21.76
C ILE B 329 52.86 -8.91 21.52
N SER B 330 53.72 -8.15 20.83
CA SER B 330 55.13 -8.50 20.72
C SER B 330 55.74 -8.72 22.09
N ARG B 331 55.76 -7.66 22.91
CA ARG B 331 55.80 -7.83 24.35
C ARG B 331 54.50 -8.49 24.78
N GLY B 332 54.58 -9.49 25.65
CA GLY B 332 53.37 -10.21 25.96
C GLY B 332 52.44 -9.40 26.85
N LYS B 333 51.89 -8.29 26.35
CA LYS B 333 51.20 -7.32 27.20
C LYS B 333 49.69 -7.45 27.08
N LEU B 334 49.02 -7.27 28.23
CA LEU B 334 47.58 -7.22 28.28
C LEU B 334 47.05 -5.96 27.63
N PHE B 335 45.90 -6.07 26.98
CA PHE B 335 45.22 -4.93 26.42
C PHE B 335 43.72 -5.14 26.56
N VAL B 336 42.98 -4.05 26.67
CA VAL B 336 41.53 -4.10 26.57
C VAL B 336 41.06 -2.80 25.93
N ILE B 337 40.25 -2.96 24.86
CA ILE B 337 39.81 -1.85 24.01
C ILE B 337 38.81 -0.97 24.75
N GLY B 338 39.04 0.34 24.71
CA GLY B 338 38.07 1.30 25.21
C GLY B 338 37.76 2.38 24.19
N GLU B 339 36.59 2.98 24.33
CA GLU B 339 36.32 4.22 23.61
C GLU B 339 37.10 5.34 24.27
N GLU B 340 37.69 6.23 23.46
CA GLU B 340 38.53 7.27 24.03
C GLU B 340 37.73 8.34 24.77
N GLU B 341 36.45 8.50 24.47
CA GLU B 341 35.67 9.52 25.15
C GLU B 341 35.21 9.06 26.54
N THR B 342 34.94 7.77 26.72
CA THR B 342 34.21 7.28 27.88
C THR B 342 35.14 6.86 29.01
N LYS B 343 34.79 7.24 30.23
CA LYS B 343 35.47 6.79 31.44
C LYS B 343 34.99 5.40 31.86
N VAL B 344 35.88 4.65 32.51
CA VAL B 344 35.51 3.39 33.13
C VAL B 344 35.83 3.49 34.61
N THR B 345 35.06 2.76 35.43
CA THR B 345 35.24 2.75 36.88
C THR B 345 35.23 1.36 37.49
N LYS B 346 34.80 0.34 36.76
CA LYS B 346 34.79 -1.04 37.20
C LYS B 346 35.43 -1.86 36.09
N GLU B 347 35.42 -3.18 36.21
CA GLU B 347 35.70 -4.02 35.07
C GLU B 347 34.51 -3.96 34.13
N LEU B 348 34.76 -4.28 32.86
CA LEU B 348 33.70 -4.19 31.86
C LEU B 348 32.73 -5.35 32.03
N TYR B 349 31.44 -5.01 31.96
CA TYR B 349 30.40 -6.01 31.98
C TYR B 349 30.48 -6.90 30.74
N LEU B 350 30.35 -8.21 30.96
CA LEU B 350 30.26 -9.17 29.87
C LEU B 350 28.79 -9.55 29.65
N VAL B 351 28.32 -9.40 28.42
CA VAL B 351 26.97 -9.79 28.03
C VAL B 351 26.94 -11.29 27.73
N ASP B 352 26.14 -12.06 28.49
CA ASP B 352 26.28 -13.50 28.34
C ASP B 352 25.67 -14.04 27.05
N SER B 353 24.68 -13.36 26.46
CA SER B 353 24.24 -13.81 25.14
C SER B 353 25.26 -13.53 24.04
N GLU B 354 26.25 -12.68 24.27
CA GLU B 354 27.19 -12.37 23.21
C GLU B 354 28.61 -12.83 23.49
N THR B 355 28.92 -13.25 24.70
CA THR B 355 30.20 -13.87 24.99
C THR B 355 30.43 -15.07 24.08
N GLY B 356 31.68 -15.24 23.67
CA GLY B 356 32.07 -16.40 22.88
C GLY B 356 31.37 -16.57 21.56
N ARG B 357 30.75 -15.53 21.03
CA ARG B 357 30.05 -15.66 19.76
C ARG B 357 30.88 -15.16 18.57
N GLY B 358 32.12 -14.73 18.79
CA GLY B 358 32.98 -14.35 17.69
C GLY B 358 32.65 -13.02 17.04
N GLU B 359 31.87 -12.17 17.69
CA GLU B 359 31.66 -10.83 17.19
C GLU B 359 32.97 -10.02 17.17
N GLY B 360 33.04 -9.04 16.27
CA GLY B 360 34.21 -8.19 16.18
C GLY B 360 33.81 -6.79 16.57
N PHE B 361 34.78 -5.95 16.86
CA PHE B 361 34.49 -4.55 17.16
C PHE B 361 34.02 -3.85 15.89
N PRO B 362 33.14 -2.88 16.00
CA PRO B 362 32.87 -2.03 14.82
C PRO B 362 34.15 -1.32 14.45
N THR B 363 34.52 -1.48 13.18
CA THR B 363 35.73 -0.88 12.58
C THR B 363 35.39 0.50 12.02
N ASP B 364 34.12 0.93 12.14
CA ASP B 364 33.72 2.29 11.70
C ASP B 364 34.68 3.24 12.41
N ASN B 365 35.54 3.90 11.61
CA ASN B 365 36.61 4.83 12.02
C ASN B 365 36.04 6.06 12.72
N VAL B 366 34.72 6.27 12.69
CA VAL B 366 34.12 7.43 13.41
C VAL B 366 34.50 7.27 14.89
N VAL B 367 35.02 6.08 15.20
CA VAL B 367 35.49 5.63 16.52
C VAL B 367 36.92 5.06 16.38
N LYS B 368 37.88 5.66 17.08
CA LYS B 368 39.14 4.95 17.28
C LYS B 368 39.43 4.85 18.76
N TYR B 369 40.20 3.80 19.10
CA TYR B 369 40.19 3.19 20.41
C TYR B 369 41.46 3.46 21.18
N LYS B 370 41.29 3.53 22.50
CA LYS B 370 42.39 3.55 23.45
C LYS B 370 42.48 2.18 24.14
N ASN B 371 43.63 1.93 24.75
CA ASN B 371 43.88 0.72 25.52
C ASN B 371 43.70 1.07 27.00
N ILE B 372 42.65 0.56 27.61
CA ILE B 372 42.29 0.94 28.97
C ILE B 372 42.70 -0.14 29.99
N ALA B 373 43.55 -1.10 29.60
CA ALA B 373 43.97 -2.15 30.53
C ALA B 373 44.66 -1.60 31.76
N GLU B 374 45.38 -0.49 31.61
CA GLU B 374 46.06 0.08 32.77
C GLU B 374 45.08 0.73 33.73
N GLU B 375 44.06 1.43 33.21
CA GLU B 375 43.06 2.04 34.07
C GLU B 375 42.28 1.00 34.86
N ILE B 376 42.10 -0.18 34.28
CA ILE B 376 41.33 -1.24 34.93
C ILE B 376 42.22 -2.09 35.82
N TYR B 377 43.35 -2.60 35.30
CA TYR B 377 44.16 -3.58 36.01
C TYR B 377 45.58 -3.14 36.38
N GLY B 378 46.02 -1.94 36.02
CA GLY B 378 47.31 -1.47 36.49
C GLY B 378 47.31 -1.22 37.99
N VAL B 379 48.49 -0.92 38.55
CA VAL B 379 48.52 -0.49 39.94
C VAL B 379 47.49 0.62 40.13
N GLY B 380 46.80 0.60 41.27
CA GLY B 380 45.70 1.52 41.47
C GLY B 380 44.55 1.41 40.50
N GLY B 381 44.44 0.28 39.79
CA GLY B 381 43.37 0.13 38.81
C GLY B 381 41.99 0.13 39.46
N CYS B 382 40.99 0.47 38.65
CA CYS B 382 39.63 0.53 39.17
C CYS B 382 39.00 -0.84 39.35
N ALA B 383 39.61 -1.90 38.81
CA ALA B 383 39.09 -3.24 39.02
C ALA B 383 39.01 -3.59 40.51
N PHE B 384 40.02 -3.19 41.27
CA PHE B 384 40.31 -3.91 42.50
C PHE B 384 39.35 -3.57 43.62
N LYS B 385 39.10 -2.26 43.86
CA LYS B 385 38.23 -1.90 44.97
C LYS B 385 36.78 -2.27 44.71
N SER B 386 36.33 -2.19 43.46
CA SER B 386 35.01 -2.72 43.13
C SER B 386 34.96 -4.20 43.47
N ALA B 387 35.96 -4.95 43.01
CA ALA B 387 36.03 -6.38 43.27
C ALA B 387 35.94 -6.71 44.76
N ASN B 388 36.70 -5.98 45.58
CA ASN B 388 36.71 -6.25 47.02
C ASN B 388 35.38 -5.94 47.66
N GLU B 389 34.80 -4.79 47.35
CA GLU B 389 33.48 -4.49 47.89
C GLU B 389 32.48 -5.55 47.48
N SER B 390 32.52 -5.94 46.20
CA SER B 390 31.64 -7.00 45.75
C SER B 390 31.90 -8.28 46.54
N ALA B 391 33.17 -8.66 46.68
CA ALA B 391 33.51 -9.89 47.38
C ALA B 391 32.91 -9.91 48.78
N LEU B 392 32.98 -8.76 49.47
CA LEU B 392 32.40 -8.67 50.79
C LEU B 392 30.89 -8.88 50.75
N GLU B 393 30.20 -8.08 49.94
CA GLU B 393 28.74 -8.18 49.83
C GLU B 393 28.30 -9.60 49.50
N LEU B 394 29.04 -10.27 48.61
CA LEU B 394 28.71 -11.63 48.25
C LEU B 394 28.82 -12.57 49.44
N LYS B 395 29.77 -12.31 50.35
CA LYS B 395 29.88 -13.17 51.53
C LYS B 395 28.85 -12.79 52.58
N GLU B 396 28.72 -11.51 52.85
CA GLU B 396 27.93 -11.06 53.98
C GLU B 396 26.43 -11.06 53.69
N LEU B 397 26.02 -10.82 52.46
CA LEU B 397 24.60 -10.94 52.14
C LEU B 397 24.17 -12.36 51.76
N TYR B 398 25.00 -13.15 51.06
CA TYR B 398 24.56 -14.40 50.47
C TYR B 398 25.39 -15.60 50.91
N GLY B 399 26.41 -15.41 51.74
CA GLY B 399 27.11 -16.54 52.27
C GLY B 399 27.95 -17.24 51.25
N ILE B 400 28.28 -16.57 50.17
CA ILE B 400 29.17 -17.11 49.15
C ILE B 400 30.60 -16.80 49.56
N PRO B 401 31.48 -17.81 49.69
CA PRO B 401 32.79 -17.61 50.34
C PRO B 401 33.80 -16.85 49.50
N TYR B 402 33.51 -15.60 49.20
CA TYR B 402 34.48 -14.71 48.60
C TYR B 402 35.12 -13.90 49.73
N GLU B 403 36.42 -13.68 49.63
CA GLU B 403 37.09 -12.84 50.62
C GLU B 403 37.78 -11.69 49.89
N GLU B 404 38.02 -10.61 50.63
CA GLU B 404 38.82 -9.47 50.19
C GLU B 404 40.23 -9.91 49.87
N GLU B 405 40.61 -9.78 48.59
CA GLU B 405 41.98 -10.16 48.13
C GLU B 405 42.62 -8.97 47.42
N ASP B 406 43.88 -9.14 47.02
CA ASP B 406 44.73 -8.28 46.14
C ASP B 406 44.90 -6.82 46.54
N LEU B 407 44.67 -6.44 47.79
CA LEU B 407 44.98 -5.02 48.11
C LEU B 407 46.49 -4.95 48.13
N ASP B 408 47.06 -3.96 47.42
CA ASP B 408 48.50 -3.67 47.22
C ASP B 408 49.30 -4.52 46.22
N THR B 409 48.82 -5.69 45.77
CA THR B 409 49.43 -6.36 44.60
C THR B 409 48.61 -7.59 44.17
N ILE B 410 48.92 -8.14 42.99
CA ILE B 410 48.31 -9.29 42.36
C ILE B 410 49.21 -10.52 42.40
N TYR B 411 50.52 -10.30 42.39
CA TYR B 411 51.50 -11.39 42.38
C TYR B 411 51.68 -12.05 43.75
N ASN B 422 44.63 -20.43 48.40
CA ASN B 422 44.95 -20.38 46.98
C ASN B 422 43.78 -20.87 46.13
N GLY B 423 43.16 -19.95 45.38
CA GLY B 423 42.05 -20.27 44.52
C GLY B 423 41.97 -19.34 43.34
N ILE B 424 40.86 -19.31 42.61
CA ILE B 424 40.75 -18.42 41.45
C ILE B 424 40.60 -16.98 41.92
N PRO B 425 41.42 -16.05 41.43
CA PRO B 425 41.40 -14.68 41.98
C PRO B 425 40.08 -13.98 41.72
N ASN B 426 39.84 -12.92 42.50
CA ASN B 426 38.64 -12.09 42.35
C ASN B 426 38.67 -11.25 41.09
N VAL B 427 39.85 -10.80 40.67
CA VAL B 427 40.00 -10.02 39.45
C VAL B 427 40.82 -10.84 38.47
N VAL B 428 40.20 -11.28 37.39
CA VAL B 428 40.95 -11.83 36.25
C VAL B 428 40.30 -11.32 34.98
N PRO B 429 41.04 -10.69 34.07
CA PRO B 429 40.41 -10.23 32.83
C PRO B 429 39.80 -11.38 32.07
N GLY B 430 38.57 -11.21 31.62
CA GLY B 430 37.89 -12.24 30.85
C GLY B 430 36.98 -13.13 31.66
N LEU B 431 37.23 -13.30 32.95
CA LEU B 431 36.20 -13.85 33.83
C LEU B 431 35.14 -12.82 34.08
N LEU B 432 33.96 -13.27 34.38
CA LEU B 432 32.89 -12.35 34.70
C LEU B 432 33.25 -11.60 35.96
N PRO B 433 33.05 -10.28 36.04
CA PRO B 433 33.50 -9.53 37.22
C PRO B 433 32.62 -9.72 38.45
N LEU B 434 33.27 -9.65 39.63
CA LEU B 434 32.54 -9.81 40.89
C LEU B 434 31.35 -8.88 41.01
N TRP B 435 31.51 -7.61 40.62
CA TRP B 435 30.38 -6.69 40.73
C TRP B 435 29.20 -7.12 39.85
N GLU B 436 29.47 -7.72 38.69
CA GLU B 436 28.40 -8.24 37.85
C GLU B 436 27.82 -9.53 38.41
N LEU B 437 28.65 -10.36 39.05
CA LEU B 437 28.12 -11.52 39.77
C LEU B 437 27.18 -11.07 40.88
N LEU B 438 27.57 -10.01 41.61
CA LEU B 438 26.75 -9.51 42.70
C LEU B 438 25.38 -9.03 42.23
N ASP B 439 25.31 -8.45 41.03
CA ASP B 439 24.01 -8.03 40.53
C ASP B 439 23.12 -9.23 40.24
N ILE B 440 23.71 -10.29 39.69
CA ILE B 440 22.97 -11.52 39.47
C ILE B 440 22.32 -11.98 40.76
N MET B 441 22.99 -11.75 41.91
CA MET B 441 22.44 -12.16 43.20
C MET B 441 21.38 -11.17 43.71
N GLN B 442 21.67 -9.86 43.65
CA GLN B 442 20.73 -8.85 44.12
C GLN B 442 19.45 -8.78 43.30
N SER B 443 19.52 -9.10 42.02
CA SER B 443 18.34 -9.09 41.17
C SER B 443 17.56 -10.39 41.23
N GLY B 444 18.10 -11.40 41.88
CA GLY B 444 17.46 -12.70 41.80
C GLY B 444 17.63 -13.43 40.49
N LYS B 445 18.40 -12.89 39.54
CA LYS B 445 18.61 -13.64 38.30
C LYS B 445 19.23 -15.01 38.56
N ILE B 446 19.98 -15.14 39.66
CA ILE B 446 20.56 -16.42 40.01
C ILE B 446 19.51 -17.52 40.09
N THR B 447 18.26 -17.18 40.41
CA THR B 447 17.28 -18.26 40.48
C THR B 447 17.00 -18.89 39.13
N ASP B 448 17.27 -18.19 38.01
CA ASP B 448 17.04 -18.81 36.69
C ASP B 448 17.84 -20.07 36.49
N LEU B 449 18.88 -20.32 37.30
CA LEU B 449 19.53 -21.63 37.29
C LEU B 449 18.68 -22.72 37.95
N GLU B 450 17.71 -22.36 38.78
CA GLU B 450 16.87 -23.40 39.39
C GLU B 450 16.12 -24.14 38.30
N GLY B 451 16.14 -25.46 38.36
CA GLY B 451 15.50 -26.30 37.36
C GLY B 451 16.33 -26.54 36.13
N ARG B 452 17.50 -25.91 36.04
CA ARG B 452 18.35 -26.02 34.87
C ARG B 452 19.68 -26.66 35.21
N LEU B 453 20.43 -26.07 36.15
CA LEU B 453 21.70 -26.63 36.56
C LEU B 453 21.48 -27.86 37.41
N PHE B 454 22.27 -28.90 37.17
CA PHE B 454 22.29 -30.06 38.03
C PHE B 454 23.65 -30.20 38.70
N LEU B 455 23.65 -30.57 39.96
CA LEU B 455 24.85 -30.80 40.73
C LEU B 455 24.98 -32.29 40.92
N PHE B 456 26.22 -32.73 41.11
CA PHE B 456 26.55 -34.15 41.23
C PHE B 456 27.63 -34.27 42.31
N GLU B 457 27.24 -34.70 43.49
CA GLU B 457 28.20 -34.98 44.55
C GLU B 457 28.58 -36.44 44.38
N ILE B 458 29.88 -36.69 44.14
CA ILE B 458 30.27 -38.03 43.71
C ILE B 458 30.24 -39.06 44.81
N GLU B 459 29.92 -38.70 46.06
CA GLU B 459 29.74 -39.71 47.10
C GLU B 459 28.31 -39.79 47.63
N THR B 460 27.35 -39.12 46.98
CA THR B 460 25.94 -39.41 47.20
C THR B 460 25.46 -40.43 46.15
N GLU B 461 24.21 -40.87 46.34
CA GLU B 461 23.63 -41.87 45.45
C GLU B 461 23.60 -41.37 44.01
N GLY B 462 23.00 -40.20 43.78
CA GLY B 462 22.92 -39.70 42.42
C GLY B 462 23.13 -38.21 42.26
N ILE B 463 22.83 -37.72 41.06
CA ILE B 463 22.84 -36.29 40.83
C ILE B 463 21.53 -35.69 41.30
N ARG B 464 21.46 -34.38 41.37
CA ARG B 464 20.32 -33.71 41.96
C ARG B 464 20.09 -32.40 41.24
N PRO B 465 18.85 -31.92 41.19
CA PRO B 465 18.57 -30.60 40.59
C PRO B 465 18.78 -29.46 41.57
N LEU B 466 19.41 -28.39 41.09
CA LEU B 466 19.50 -27.17 41.89
C LEU B 466 18.10 -26.64 42.16
N ILE B 467 17.72 -26.58 43.44
CA ILE B 467 16.37 -26.17 43.81
C ILE B 467 16.32 -24.75 44.36
N ASN B 468 17.37 -24.30 45.06
CA ASN B 468 17.41 -22.98 45.68
C ASN B 468 18.88 -22.61 45.83
N PHE B 469 19.40 -21.79 44.92
CA PHE B 469 20.84 -21.53 44.96
C PHE B 469 21.25 -21.01 46.32
N TYR B 470 20.44 -20.15 46.92
CA TYR B 470 20.90 -19.37 48.06
C TYR B 470 21.07 -20.21 49.33
N SER B 471 20.38 -21.36 49.41
CA SER B 471 20.38 -22.28 50.53
C SER B 471 21.30 -23.47 50.32
N GLU B 472 21.93 -23.59 49.14
CA GLU B 472 23.00 -24.55 49.01
C GLU B 472 24.10 -24.17 50.01
N PRO B 473 24.92 -25.13 50.41
CA PRO B 473 26.07 -24.83 51.26
C PRO B 473 27.03 -23.89 50.57
N PRO B 474 27.85 -23.16 51.34
CA PRO B 474 28.65 -22.09 50.71
C PRO B 474 29.71 -22.59 49.75
N ASN B 475 30.40 -23.69 50.07
CA ASN B 475 31.34 -24.24 49.10
C ASN B 475 30.64 -24.62 47.80
N VAL B 476 29.36 -24.99 47.87
CA VAL B 476 28.63 -25.36 46.65
C VAL B 476 28.32 -24.12 45.83
N LYS B 477 27.80 -23.08 46.50
CA LYS B 477 27.57 -21.80 45.83
C LYS B 477 28.84 -21.27 45.18
N LYS B 478 29.98 -21.38 45.88
CA LYS B 478 31.24 -20.91 45.32
C LYS B 478 31.55 -21.62 44.01
N ARG B 479 31.38 -22.95 43.97
CA ARG B 479 31.66 -23.66 42.73
C ARG B 479 30.75 -23.18 41.62
N ILE B 480 29.44 -23.10 41.88
CA ILE B 480 28.51 -22.57 40.90
C ILE B 480 28.95 -21.18 40.48
N CYS B 481 29.46 -20.40 41.42
CA CYS B 481 29.85 -19.04 41.06
C CYS B 481 31.08 -19.06 40.15
N ASP B 482 32.01 -19.97 40.39
CA ASP B 482 33.18 -20.03 39.55
C ASP B 482 32.81 -20.52 38.15
N VAL B 483 31.86 -21.45 38.08
CA VAL B 483 31.40 -21.91 36.77
C VAL B 483 30.82 -20.75 35.98
N ILE B 484 30.06 -19.87 36.64
CA ILE B 484 29.48 -18.73 35.95
C ILE B 484 30.58 -17.78 35.50
N ARG B 485 31.50 -17.45 36.42
CA ARG B 485 32.54 -16.48 36.07
C ARG B 485 33.36 -16.96 34.86
N LEU B 486 33.57 -18.25 34.74
CA LEU B 486 34.46 -18.83 33.74
C LEU B 486 33.74 -19.10 32.42
N PHE B 487 32.56 -19.70 32.46
CA PHE B 487 31.91 -20.13 31.23
C PHE B 487 30.62 -19.39 30.96
N GLY B 488 30.25 -18.46 31.81
CA GLY B 488 29.05 -17.67 31.61
C GLY B 488 27.78 -18.31 32.17
N PHE B 489 26.76 -17.46 32.32
CA PHE B 489 25.45 -17.89 32.80
C PHE B 489 24.80 -18.88 31.85
N GLU B 490 24.75 -18.55 30.57
CA GLU B 490 24.06 -19.42 29.63
C GLU B 490 24.62 -20.82 29.73
N THR B 491 25.93 -20.95 29.69
CA THR B 491 26.47 -22.31 29.66
C THR B 491 26.21 -23.03 30.98
N CYS B 492 26.18 -22.27 32.09
CA CYS B 492 25.97 -22.83 33.41
C CYS B 492 24.54 -23.38 33.51
N MET B 493 23.60 -22.77 32.79
CA MET B 493 22.22 -23.23 32.78
C MET B 493 22.06 -24.63 32.20
N LYS B 494 23.06 -25.16 31.49
CA LYS B 494 23.02 -26.51 30.98
C LYS B 494 24.17 -27.35 31.51
N ALA B 495 24.75 -26.95 32.64
CA ALA B 495 25.85 -27.66 33.25
C ALA B 495 25.37 -28.81 34.15
N VAL B 496 26.24 -29.78 34.31
CA VAL B 496 26.21 -30.72 35.43
C VAL B 496 27.56 -30.53 36.12
N ILE B 497 27.57 -29.96 37.33
CA ILE B 497 28.84 -29.74 38.03
C ILE B 497 29.13 -30.90 38.96
N LEU B 498 30.30 -31.52 38.79
CA LEU B 498 30.76 -32.58 39.64
C LEU B 498 31.60 -31.99 40.76
N TYR B 499 31.52 -32.60 41.95
CA TYR B 499 32.27 -32.12 43.10
C TYR B 499 32.21 -33.18 44.21
N SER B 500 33.01 -32.97 45.24
CA SER B 500 32.92 -33.85 46.41
C SER B 500 33.45 -33.11 47.63
N GLU B 501 32.91 -33.46 48.80
CA GLU B 501 33.28 -32.73 50.03
C GLU B 501 33.98 -33.64 51.01
N MET C 1 21.17 57.24 0.72
CA MET C 1 20.30 56.09 0.48
C MET C 1 20.47 54.99 1.58
N SER C 2 21.29 55.27 2.60
CA SER C 2 21.71 54.27 3.57
C SER C 2 21.70 54.71 5.03
N ASP C 3 21.63 55.99 5.36
CA ASP C 3 21.69 56.52 6.73
C ASP C 3 20.46 56.10 7.58
N ARG C 4 19.48 55.41 7.01
CA ARG C 4 18.25 55.01 7.71
C ARG C 4 18.39 53.61 8.29
N PHE C 5 17.70 53.39 9.40
CA PHE C 5 17.74 52.13 10.16
C PHE C 5 16.39 51.42 10.00
N VAL C 6 16.29 50.57 8.99
CA VAL C 6 15.03 49.91 8.64
C VAL C 6 14.95 48.58 9.38
N ILE C 7 14.00 48.46 10.30
CA ILE C 7 13.94 47.30 11.17
C ILE C 7 12.51 46.94 11.49
N TRP C 8 12.33 45.69 11.89
CA TRP C 8 11.07 45.22 12.47
C TRP C 8 11.12 45.40 13.97
N ALA C 9 9.96 45.58 14.57
CA ALA C 9 9.93 45.89 15.98
C ALA C 9 10.50 44.72 16.79
N PRO C 10 11.38 44.96 17.76
CA PRO C 10 12.05 43.86 18.47
C PRO C 10 11.09 42.94 19.21
N SER C 11 11.57 41.72 19.45
CA SER C 11 10.80 40.61 19.99
C SER C 11 11.73 39.70 20.77
N MET C 12 11.13 38.82 21.56
CA MET C 12 11.86 37.72 22.18
C MET C 12 11.88 36.52 21.25
N HIS C 13 12.96 35.73 21.31
CA HIS C 13 13.05 34.58 20.44
C HIS C 13 13.59 33.39 21.21
N ASN C 14 13.04 32.20 20.88
CA ASN C 14 13.26 30.88 21.51
C ASN C 14 12.61 30.79 22.91
N GLN C 33 26.97 28.98 37.99
CA GLN C 33 27.34 28.29 36.76
C GLN C 33 26.38 28.66 35.64
N LEU C 34 25.10 28.75 35.99
CA LEU C 34 24.02 28.88 35.04
C LEU C 34 23.09 30.05 35.34
N PHE C 35 23.18 30.64 36.54
CA PHE C 35 22.43 31.82 36.92
C PHE C 35 23.27 33.06 36.73
N ALA C 36 22.60 34.20 36.50
CA ALA C 36 23.32 35.44 36.27
C ALA C 36 23.85 36.04 37.57
N LEU C 37 23.28 35.66 38.72
CA LEU C 37 23.58 36.30 39.99
C LEU C 37 23.46 35.28 41.13
N ASP C 38 24.35 35.40 42.10
CA ASP C 38 24.40 34.42 43.16
C ASP C 38 23.16 34.51 44.06
N SER C 39 22.53 35.68 44.14
CA SER C 39 21.26 35.78 44.87
C SER C 39 20.25 34.81 44.30
N TRP C 40 19.95 34.95 43.01
CA TRP C 40 18.97 34.09 42.38
C TRP C 40 19.42 32.63 42.42
N ALA C 41 20.71 32.39 42.20
CA ALA C 41 21.23 31.03 42.32
C ALA C 41 20.95 30.45 43.69
N HIS C 42 21.25 31.21 44.75
CA HIS C 42 21.12 30.65 46.09
C HIS C 42 19.68 30.33 46.44
N ARG C 43 18.74 31.17 46.00
CA ARG C 43 17.33 30.83 46.18
C ARG C 43 16.93 29.70 45.24
N TYR C 44 17.10 29.88 43.95
CA TYR C 44 16.57 28.87 43.04
C TYR C 44 17.59 27.80 42.65
N MET C 45 18.29 27.26 43.65
CA MET C 45 19.32 26.20 43.44
C MET C 45 18.90 24.95 44.23
N ASN C 46 18.43 25.14 45.47
CA ASN C 46 17.99 24.00 46.32
C ASN C 46 16.97 23.17 45.53
N LYS C 47 15.95 23.84 44.98
CA LYS C 47 14.90 23.16 44.16
C LYS C 47 15.31 23.27 42.68
N MET C 48 16.40 22.59 42.31
CA MET C 48 16.94 22.60 40.94
C MET C 48 15.90 22.61 39.80
N ASP C 49 15.03 21.58 39.70
CA ASP C 49 14.01 21.55 38.64
C ASP C 49 12.75 22.30 39.03
N VAL C 50 12.87 23.29 39.90
CA VAL C 50 11.76 24.18 40.19
C VAL C 50 11.53 25.22 39.14
N VAL C 51 12.55 25.56 38.39
CA VAL C 51 12.50 26.84 37.73
C VAL C 51 12.88 26.71 36.26
N LYS C 52 12.21 27.52 35.43
CA LYS C 52 12.29 27.45 33.98
C LYS C 52 13.32 28.48 33.53
N ILE C 53 14.60 28.08 33.60
CA ILE C 53 15.70 28.89 33.10
C ILE C 53 15.74 28.73 31.58
N GLU C 54 15.40 29.79 30.86
CA GLU C 54 15.19 29.60 29.44
C GLU C 54 16.40 30.10 28.63
N ASN C 55 16.32 29.90 27.32
CA ASN C 55 17.32 30.26 26.32
C ASN C 55 16.65 31.23 25.35
N CYS C 56 16.80 32.54 25.60
CA CYS C 56 16.09 33.55 24.82
C CYS C 56 17.00 34.71 24.43
N THR C 57 16.86 35.12 23.18
CA THR C 57 17.50 36.32 22.67
C THR C 57 16.48 37.43 22.45
N ILE C 58 16.92 38.67 22.63
CA ILE C 58 16.10 39.86 22.40
C ILE C 58 16.64 40.56 21.16
N GLY C 59 15.85 40.57 20.10
CA GLY C 59 16.42 41.13 18.89
C GLY C 59 15.38 41.59 17.89
N SER C 60 15.90 42.00 16.73
CA SER C 60 15.11 42.67 15.73
C SER C 60 15.62 42.26 14.35
N PHE C 61 14.74 41.79 13.48
CA PHE C 61 15.11 41.51 12.10
CA PHE C 61 15.06 41.55 12.01
C PHE C 61 15.33 42.84 11.36
N VAL C 62 16.51 43.03 10.78
CA VAL C 62 16.88 44.31 10.19
C VAL C 62 16.85 44.24 8.67
N GLU C 63 15.98 45.03 8.06
CA GLU C 63 16.01 45.09 6.61
C GLU C 63 17.20 45.87 6.11
N HIS C 64 17.59 46.93 6.81
CA HIS C 64 18.65 47.80 6.30
C HIS C 64 19.28 48.64 7.40
N MET C 65 20.59 48.81 7.30
CA MET C 65 21.45 49.33 8.35
C MET C 65 22.74 49.71 7.68
N ASP C 66 23.35 50.82 8.07
CA ASP C 66 24.67 51.03 7.49
C ASP C 66 25.76 50.51 8.43
N VAL C 67 26.98 50.39 7.89
CA VAL C 67 28.01 49.75 8.68
C VAL C 67 28.38 50.59 9.89
N ALA C 68 28.39 51.92 9.77
CA ALA C 68 28.66 52.74 10.95
C ALA C 68 27.65 52.45 12.05
N THR C 69 26.38 52.27 11.69
CA THR C 69 25.36 52.01 12.71
C THR C 69 25.58 50.67 13.38
N TYR C 70 25.92 49.63 12.60
CA TYR C 70 26.18 48.34 13.22
C TYR C 70 27.40 48.42 14.14
N ASP C 71 28.39 49.23 13.76
CA ASP C 71 29.53 49.49 14.61
C ASP C 71 29.08 49.98 15.98
N ARG C 72 28.11 50.89 15.99
CA ARG C 72 27.59 51.36 17.27
C ARG C 72 26.91 50.22 18.02
N MET C 73 26.12 49.41 17.32
CA MET C 73 25.35 48.38 18.00
C MET C 73 26.24 47.27 18.58
N CYS C 74 27.34 46.91 17.90
CA CYS C 74 28.30 46.02 18.53
C CYS C 74 28.75 46.58 19.86
N ASN C 75 28.96 47.89 19.91
CA ASN C 75 29.50 48.51 21.10
C ASN C 75 28.42 48.79 22.13
N MET C 76 27.17 48.46 21.79
CA MET C 76 26.06 48.37 22.72
C MET C 76 25.80 46.93 23.15
N GLY C 77 26.64 46.02 22.68
CA GLY C 77 26.53 44.61 23.04
C GLY C 77 25.75 43.76 22.09
N PHE C 78 25.55 44.19 20.84
CA PHE C 78 24.76 43.42 19.88
C PHE C 78 25.67 42.57 19.01
N ARG C 79 25.08 41.52 18.46
CA ARG C 79 25.64 40.68 17.41
C ARG C 79 24.56 40.44 16.35
N ARG C 80 24.98 40.00 15.18
CA ARG C 80 24.02 39.65 14.17
C ARG C 80 24.12 38.17 13.85
N SER C 81 22.98 37.60 13.54
CA SER C 81 22.88 36.31 12.88
C SER C 81 22.06 36.55 11.61
N GLY C 82 22.68 36.37 10.46
CA GLY C 82 22.00 36.80 9.24
C GLY C 82 21.62 38.26 9.39
N LYS C 83 20.37 38.55 9.11
CA LYS C 83 19.85 39.89 9.28
C LYS C 83 19.35 40.13 10.69
N PHE C 84 19.34 39.08 11.53
CA PHE C 84 18.80 39.21 12.88
C PHE C 84 19.82 39.88 13.80
N LEU C 85 19.48 41.06 14.29
CA LEU C 85 20.35 41.82 15.19
C LEU C 85 19.86 41.59 16.61
N TYR C 86 20.64 40.86 17.41
CA TYR C 86 20.13 40.42 18.70
C TYR C 86 21.14 40.68 19.79
N LYS C 87 20.64 40.71 21.02
CA LYS C 87 21.50 40.56 22.17
C LYS C 87 20.85 39.52 23.09
N VAL C 88 21.53 39.21 24.20
CA VAL C 88 21.11 38.19 25.17
C VAL C 88 20.71 38.87 26.46
N ASP C 89 19.60 38.40 27.09
CA ASP C 89 19.16 39.04 28.33
C ASP C 89 20.13 38.62 29.40
N PRO C 90 21.07 39.49 29.79
CA PRO C 90 22.16 39.02 30.64
C PRO C 90 21.73 38.74 32.07
N LEU C 91 20.46 38.94 32.41
CA LEU C 91 19.97 38.57 33.73
C LEU C 91 19.29 37.22 33.75
N ARG C 92 18.85 36.72 32.60
CA ARG C 92 17.89 35.63 32.57
C ARG C 92 18.30 34.40 31.76
N ASN C 93 19.29 34.49 30.89
CA ASN C 93 19.48 33.39 29.97
C ASN C 93 20.43 32.33 30.53
N CYS C 94 20.36 31.13 29.94
CA CYS C 94 21.20 30.01 30.38
C CYS C 94 22.69 30.34 30.28
N CYS C 95 23.08 31.24 29.38
CA CYS C 95 24.43 31.77 29.37
C CYS C 95 24.38 33.29 29.36
N ARG C 96 25.39 33.91 29.98
CA ARG C 96 25.72 35.30 29.71
C ARG C 96 26.76 35.34 28.60
N LEU C 97 26.42 35.97 27.49
CA LEU C 97 27.42 36.31 26.52
C LEU C 97 28.03 37.65 26.92
N TYR C 98 29.35 37.76 26.73
CA TYR C 98 30.10 38.96 27.07
C TYR C 98 30.66 39.55 25.78
N THR C 99 30.61 40.88 25.67
CA THR C 99 31.15 41.58 24.51
C THR C 99 32.59 41.91 24.82
N ILE C 100 33.52 41.30 24.10
CA ILE C 100 34.93 41.48 24.43
C ILE C 100 35.67 42.10 23.24
N ARG C 101 36.39 43.19 23.50
CA ARG C 101 37.16 43.86 22.47
C ARG C 101 38.65 43.76 22.79
N THR C 102 39.44 43.46 21.78
CA THR C 102 40.90 43.39 21.92
C THR C 102 41.56 44.16 20.79
N ALA C 103 42.69 44.74 21.08
CA ALA C 103 43.57 45.24 20.05
C ALA C 103 44.82 44.35 19.94
N PRO C 104 45.44 44.29 18.76
CA PRO C 104 46.63 43.41 18.57
C PRO C 104 47.73 43.63 19.60
N GLN C 105 47.91 44.88 20.03
CA GLN C 105 48.98 45.24 20.99
C GLN C 105 48.67 44.66 22.39
N GLU C 106 47.41 44.79 22.81
CA GLU C 106 46.96 44.33 24.11
C GLU C 106 46.92 42.79 24.27
N LEU C 107 47.14 42.05 23.20
CA LEU C 107 47.21 40.61 23.30
C LEU C 107 48.42 40.21 24.11
N ASN C 108 48.20 39.34 25.10
CA ASN C 108 49.28 38.70 25.86
C ASN C 108 49.39 37.27 25.34
N MET C 109 50.50 36.96 24.67
CA MET C 109 50.54 35.73 23.92
C MET C 109 51.19 34.62 24.72
N THR C 110 50.42 33.53 24.92
CA THR C 110 50.73 32.45 25.84
C THR C 110 51.59 31.39 25.15
N LYS C 111 51.98 30.37 25.90
CA LYS C 111 52.65 29.23 25.30
C LYS C 111 51.81 28.69 24.14
N GLU C 112 50.61 28.17 24.44
CA GLU C 112 49.75 27.55 23.42
C GLU C 112 49.49 28.49 22.25
N LEU C 113 49.69 29.79 22.44
CA LEU C 113 49.44 30.70 21.35
C LEU C 113 50.63 30.80 20.39
N LYS C 114 51.88 30.68 20.86
CA LYS C 114 52.94 30.63 19.86
C LYS C 114 53.25 29.21 19.39
N LYS C 115 52.96 28.19 20.19
CA LYS C 115 53.00 26.84 19.63
C LYS C 115 52.07 26.75 18.43
N CYS C 116 50.97 27.52 18.42
CA CYS C 116 50.06 27.55 17.28
C CYS C 116 50.68 28.27 16.10
N ILE C 117 51.28 29.44 16.33
CA ILE C 117 51.84 30.23 15.25
C ILE C 117 53.09 29.57 14.68
N SER C 118 53.97 29.08 15.54
CA SER C 118 55.13 28.35 15.06
C SER C 118 54.73 27.04 14.37
N ARG C 119 53.81 26.29 14.97
CA ARG C 119 53.30 25.16 14.23
C ARG C 119 52.33 25.58 13.11
N PHE C 120 52.29 26.88 12.76
CA PHE C 120 51.64 27.37 11.55
C PHE C 120 52.63 27.70 10.44
N ALA C 121 53.70 28.45 10.77
CA ALA C 121 54.75 28.61 9.78
C ALA C 121 55.42 27.29 9.41
N THR C 122 55.08 26.22 10.13
CA THR C 122 55.42 24.84 9.79
C THR C 122 55.35 24.41 8.34
N ARG C 123 54.10 24.37 7.88
CA ARG C 123 53.67 23.62 6.72
C ARG C 123 53.53 24.52 5.51
N ILE C 124 53.33 25.80 5.76
CA ILE C 124 53.09 26.76 4.69
C ILE C 124 54.39 27.24 4.11
N THR C 125 55.44 27.34 4.91
CA THR C 125 56.72 27.76 4.38
C THR C 125 57.47 26.54 3.86
N SER C 126 58.51 26.81 3.08
CA SER C 126 59.43 25.77 2.62
C SER C 126 60.22 25.27 3.83
N GLU C 127 61.16 24.33 3.65
CA GLU C 127 62.10 24.13 4.74
C GLU C 127 63.47 24.77 4.48
N ASP C 128 63.73 25.32 3.30
CA ASP C 128 64.76 26.35 3.25
C ASP C 128 64.32 27.65 3.91
N TYR C 129 63.10 27.67 4.49
CA TYR C 129 62.53 28.85 5.12
C TYR C 129 63.53 29.52 6.04
N CYS C 130 63.95 30.73 5.67
CA CYS C 130 64.91 31.54 6.40
C CYS C 130 64.14 32.70 7.03
N PRO C 131 63.71 32.58 8.28
CA PRO C 131 62.98 33.68 8.91
C PRO C 131 63.86 34.91 9.05
N VAL C 134 62.85 38.50 13.55
CA VAL C 134 61.57 38.87 14.15
C VAL C 134 61.42 38.20 15.51
N ALA C 135 60.74 38.88 16.43
CA ALA C 135 60.74 38.55 17.85
C ALA C 135 59.83 37.37 18.15
N SER C 136 59.60 37.12 19.44
CA SER C 136 58.68 36.07 19.87
C SER C 136 57.29 36.63 20.17
N SER C 137 57.19 37.86 20.64
CA SER C 137 55.91 38.49 20.94
C SER C 137 55.26 39.10 19.70
N ASP C 138 56.02 39.26 18.61
CA ASP C 138 55.51 39.87 17.38
C ASP C 138 54.90 38.78 16.50
N PHE C 139 53.64 38.47 16.80
CA PHE C 139 52.92 37.45 16.04
C PHE C 139 52.48 37.97 14.68
N VAL C 140 52.20 39.27 14.61
CA VAL C 140 51.91 39.90 13.33
C VAL C 140 53.04 39.67 12.36
N GLY C 141 54.27 40.03 12.76
CA GLY C 141 55.44 39.71 11.99
C GLY C 141 55.47 38.25 11.55
N LYS C 142 55.51 37.32 12.51
CA LYS C 142 55.72 35.91 12.19
C LYS C 142 54.69 35.41 11.19
N ILE C 143 53.41 35.76 11.39
CA ILE C 143 52.35 35.32 10.48
C ILE C 143 52.55 35.91 9.09
N VAL C 144 52.71 37.23 9.01
CA VAL C 144 52.85 37.92 7.73
C VAL C 144 54.04 37.38 6.94
N ASN C 145 55.19 37.20 7.60
CA ASN C 145 56.32 36.72 6.82
C ASN C 145 56.15 35.26 6.40
N ALA C 146 55.50 34.43 7.22
CA ALA C 146 55.34 33.03 6.84
C ALA C 146 54.35 32.87 5.70
N GLU C 147 53.27 33.63 5.73
CA GLU C 147 52.34 33.60 4.60
C GLU C 147 53.01 34.11 3.33
N MET C 148 53.89 35.10 3.46
CA MET C 148 54.50 35.70 2.28
C MET C 148 55.60 34.85 1.66
N ASN C 149 56.10 33.83 2.36
CA ASN C 149 57.13 32.96 1.83
C ASN C 149 56.60 31.54 1.66
N SER C 150 55.38 31.45 1.14
CA SER C 150 54.58 30.25 1.05
C SER C 150 53.77 30.26 -0.23
N LYS C 151 53.68 29.11 -0.92
CA LYS C 151 52.62 28.99 -1.91
C LYS C 151 51.76 27.76 -1.66
N THR C 152 51.91 27.10 -0.52
CA THR C 152 50.90 26.12 -0.17
C THR C 152 49.72 26.72 0.56
N PHE C 153 49.85 27.91 1.11
CA PHE C 153 48.79 28.45 1.95
C PHE C 153 48.51 29.91 1.62
N TYR C 154 47.22 30.22 1.47
CA TYR C 154 46.81 31.59 1.26
C TYR C 154 45.34 31.76 1.61
N THR C 155 44.96 32.99 1.99
CA THR C 155 43.57 33.34 2.23
C THR C 155 43.13 34.37 1.19
N ARG C 156 41.81 34.52 1.07
CA ARG C 156 41.23 35.43 0.09
C ARG C 156 40.00 36.05 0.71
N PHE C 157 39.89 37.36 0.62
CA PHE C 157 38.63 38.00 0.98
C PHE C 157 37.75 38.08 -0.27
N GLU C 158 36.46 37.84 -0.06
CA GLU C 158 35.49 37.86 -1.16
C GLU C 158 34.11 38.19 -0.59
N PRO C 159 33.18 38.65 -1.44
CA PRO C 159 31.81 38.95 -0.97
C PRO C 159 31.16 37.79 -0.21
N ALA C 160 30.28 38.15 0.71
CA ALA C 160 29.54 37.18 1.52
C ALA C 160 28.35 36.63 0.73
N LEU C 161 28.69 35.81 -0.26
CA LEU C 161 27.73 35.21 -1.18
C LEU C 161 27.87 33.69 -1.15
N TYR C 162 26.72 33.05 -1.36
CA TYR C 162 26.67 31.61 -1.43
C TYR C 162 27.51 31.07 -2.59
N SER C 163 28.41 30.15 -2.28
CA SER C 163 28.85 29.16 -3.26
C SER C 163 28.55 27.75 -2.73
N GLU C 164 28.71 26.74 -3.59
CA GLU C 164 28.52 25.36 -3.14
C GLU C 164 29.76 24.78 -2.49
N GLU C 165 30.96 25.25 -2.83
CA GLU C 165 32.12 24.78 -2.09
C GLU C 165 32.09 25.34 -0.67
N LYS C 166 31.50 26.51 -0.48
CA LYS C 166 31.39 27.06 0.87
C LYS C 166 30.30 26.34 1.66
N TYR C 167 29.16 26.08 1.02
CA TYR C 167 28.13 25.27 1.63
C TYR C 167 28.66 23.90 2.04
N HIS C 168 29.50 23.29 1.20
CA HIS C 168 29.98 21.94 1.48
C HIS C 168 30.81 21.88 2.76
N LEU C 169 31.78 22.80 2.91
CA LEU C 169 32.58 22.84 4.13
C LEU C 169 31.71 23.14 5.34
N PHE C 170 30.81 24.09 5.21
CA PHE C 170 29.92 24.45 6.31
C PHE C 170 29.19 23.23 6.82
N VAL C 171 28.52 22.48 5.93
CA VAL C 171 27.78 21.32 6.42
C VAL C 171 28.74 20.25 6.91
N LYS C 172 29.95 20.16 6.35
CA LYS C 172 30.93 19.22 6.88
C LYS C 172 31.31 19.58 8.32
N TYR C 173 31.61 20.87 8.56
CA TYR C 173 31.88 21.36 9.90
C TYR C 173 30.70 21.13 10.83
N GLN C 174 29.55 21.73 10.50
CA GLN C 174 28.33 21.57 11.28
C GLN C 174 28.08 20.13 11.66
N GLU C 175 28.13 19.21 10.69
CA GLU C 175 27.85 17.82 10.98
C GLU C 175 28.86 17.27 11.97
N LYS C 176 30.13 17.34 11.64
CA LYS C 176 31.12 16.55 12.36
C LYS C 176 31.66 17.24 13.61
N VAL C 177 31.30 18.49 13.84
CA VAL C 177 31.88 19.21 14.97
C VAL C 177 30.79 19.68 15.92
N HIS C 178 29.58 19.92 15.40
CA HIS C 178 28.45 20.34 16.22
C HIS C 178 27.32 19.32 16.27
N GLN C 179 27.48 18.16 15.62
CA GLN C 179 26.43 17.15 15.46
C GLN C 179 25.12 17.81 15.07
N ASP C 180 25.22 18.80 14.20
CA ASP C 180 24.10 19.61 13.76
C ASP C 180 23.81 19.20 12.31
N TYR C 181 22.71 18.49 12.10
CA TYR C 181 22.40 17.94 10.78
C TYR C 181 21.29 18.72 10.05
N ASN C 182 20.80 19.83 10.60
CA ASN C 182 19.72 20.56 9.93
C ASN C 182 20.31 21.77 9.24
N ASN C 183 20.84 21.53 8.04
CA ASN C 183 21.36 22.57 7.18
C ASN C 183 20.76 22.37 5.81
N SER C 184 20.26 23.45 5.25
CA SER C 184 19.93 23.56 3.85
C SER C 184 20.79 24.65 3.26
N PRO C 185 20.98 24.67 1.94
CA PRO C 185 21.58 25.88 1.35
C PRO C 185 20.88 27.14 1.83
N LYS C 186 19.55 27.14 1.92
CA LYS C 186 18.87 28.33 2.43
C LYS C 186 19.21 28.60 3.89
N SER C 187 19.26 27.56 4.73
CA SER C 187 19.70 27.76 6.12
C SER C 187 21.08 28.42 6.17
N PHE C 188 22.03 27.88 5.41
CA PHE C 188 23.38 28.43 5.35
C PHE C 188 23.36 29.84 4.78
N LYS C 189 22.66 30.04 3.67
CA LYS C 189 22.47 31.38 3.10
C LYS C 189 21.89 32.34 4.14
N ARG C 190 20.82 31.96 4.84
CA ARG C 190 20.19 32.89 5.79
C ARG C 190 21.15 33.24 6.91
N PHE C 191 22.08 32.33 7.23
CA PHE C 191 22.94 32.52 8.38
C PHE C 191 24.17 33.36 8.04
N LEU C 192 24.88 33.05 6.96
CA LEU C 192 26.17 33.67 6.72
C LEU C 192 26.28 34.41 5.39
N CYS C 193 25.19 34.52 4.64
CA CYS C 193 25.22 35.26 3.39
C CYS C 193 24.28 36.47 3.39
N ASP C 194 23.08 36.33 3.94
CA ASP C 194 22.18 37.47 4.02
C ASP C 194 22.67 38.45 5.07
N THR C 195 22.61 39.73 4.74
CA THR C 195 23.09 40.77 5.62
C THR C 195 22.08 41.90 5.68
N PRO C 196 22.09 42.66 6.76
CA PRO C 196 21.30 43.89 6.82
C PRO C 196 21.90 45.06 6.05
N PHE C 197 23.00 44.86 5.31
CA PHE C 197 23.65 45.98 4.64
C PHE C 197 23.28 46.03 3.16
N GLY C 198 23.51 47.19 2.56
CA GLY C 198 23.14 47.38 1.18
C GLY C 198 24.10 46.69 0.24
N PRO C 199 23.80 46.77 -1.07
CA PRO C 199 24.68 46.11 -2.04
C PRO C 199 26.10 46.68 -2.09
N GLU C 200 26.31 47.98 -1.80
CA GLU C 200 27.68 48.48 -1.86
C GLU C 200 28.52 47.92 -0.71
N ALA C 201 27.93 47.85 0.51
CA ALA C 201 28.66 47.23 1.62
C ALA C 201 28.93 45.74 1.40
N VAL C 202 28.19 45.09 0.52
CA VAL C 202 28.30 43.65 0.33
C VAL C 202 29.20 43.32 -0.86
N LEU C 203 29.05 44.04 -1.96
CA LEU C 203 29.80 43.79 -3.18
C LEU C 203 31.04 44.70 -3.32
N GLY C 204 30.94 45.97 -2.94
CA GLY C 204 32.11 46.80 -2.98
C GLY C 204 32.60 47.11 -4.38
N THR C 205 33.93 47.18 -4.50
CA THR C 205 34.64 47.49 -5.73
C THR C 205 35.86 46.59 -5.79
N GLN C 206 36.24 46.18 -7.01
CA GLN C 206 37.45 45.37 -7.11
C GLN C 206 38.61 46.11 -6.52
N GLU C 207 38.74 47.39 -6.88
CA GLU C 207 39.70 48.28 -6.29
C GLU C 207 39.82 48.05 -4.77
N SER C 208 38.70 47.98 -4.04
CA SER C 208 38.76 47.85 -2.59
C SER C 208 38.89 46.41 -2.08
N TRP C 209 38.47 45.40 -2.87
CA TRP C 209 38.77 44.01 -2.53
C TRP C 209 40.26 43.74 -2.72
N GLU C 210 40.87 44.33 -3.74
CA GLU C 210 42.29 44.12 -3.99
C GLU C 210 43.12 44.69 -2.85
N GLN C 211 42.72 45.86 -2.34
CA GLN C 211 43.43 46.44 -1.20
C GLN C 211 43.31 45.54 0.03
N LEU C 212 42.08 45.16 0.41
CA LEU C 212 41.92 44.30 1.59
C LEU C 212 42.66 42.99 1.42
N ASN C 213 42.66 42.45 0.20
CA ASN C 213 43.37 41.21 -0.05
C ASN C 213 44.88 41.37 -0.07
N ASN C 214 45.40 42.60 -0.07
CA ASN C 214 46.83 42.85 0.02
C ASN C 214 47.18 43.49 1.35
N TRP C 215 46.49 43.04 2.40
CA TRP C 215 46.63 43.70 3.68
C TRP C 215 48.07 43.59 4.15
N GLN C 216 48.64 42.39 4.06
CA GLN C 216 50.02 42.15 4.48
C GLN C 216 51.00 43.16 3.88
N ARG C 217 50.65 43.81 2.77
CA ARG C 217 51.53 44.82 2.17
C ARG C 217 51.06 46.24 2.40
N MET C 218 49.99 46.44 3.16
CA MET C 218 49.50 47.81 3.33
C MET C 218 50.54 48.62 4.09
N LYS C 219 51.24 49.51 3.39
CA LYS C 219 52.06 50.50 4.06
C LYS C 219 51.18 51.15 5.12
N PRO C 220 51.57 51.13 6.39
CA PRO C 220 50.63 51.51 7.45
C PRO C 220 50.56 53.01 7.58
N GLY C 221 49.36 53.52 7.86
CA GLY C 221 49.06 54.91 7.62
C GLY C 221 47.98 55.07 6.57
N GLU C 222 47.90 54.16 5.58
CA GLU C 222 46.84 54.23 4.58
C GLU C 222 45.56 53.60 5.12
N LYS C 223 44.42 54.13 4.70
CA LYS C 223 43.17 53.73 5.31
C LYS C 223 42.51 52.64 4.47
N LEU C 224 41.95 51.66 5.17
CA LEU C 224 41.31 50.53 4.55
C LEU C 224 39.94 50.94 4.03
N LYS C 225 39.72 50.78 2.73
CA LYS C 225 38.51 51.29 2.10
C LYS C 225 37.29 50.39 2.36
N HIS C 226 37.44 49.09 2.16
CA HIS C 226 36.29 48.19 2.26
C HIS C 226 35.73 48.13 3.69
N MET C 227 34.45 48.40 3.82
CA MET C 227 33.70 48.16 5.04
C MET C 227 32.47 47.33 4.70
N GLY C 228 32.23 46.28 5.46
CA GLY C 228 31.08 45.45 5.24
C GLY C 228 31.36 44.01 5.56
N PRO C 229 30.38 43.14 5.31
CA PRO C 229 30.59 41.71 5.52
C PRO C 229 31.57 41.15 4.52
N VAL C 230 32.32 40.15 4.96
CA VAL C 230 33.26 39.45 4.10
C VAL C 230 33.28 37.98 4.45
N HIS C 231 33.71 37.18 3.47
CA HIS C 231 34.15 35.81 3.68
C HIS C 231 35.65 35.75 3.41
N GLU C 232 36.40 35.28 4.41
CA GLU C 232 37.83 35.07 4.26
C GLU C 232 38.06 33.57 4.13
N CYS C 233 38.48 33.14 2.95
CA CYS C 233 38.59 31.75 2.59
C CYS C 233 40.03 31.28 2.74
N TYR C 234 40.23 30.20 3.51
CA TYR C 234 41.56 29.61 3.68
C TYR C 234 41.75 28.48 2.67
N TYR C 235 42.84 28.55 1.91
CA TYR C 235 43.21 27.49 0.99
C TYR C 235 44.56 26.93 1.39
N TYR C 236 44.62 25.61 1.54
CA TYR C 236 45.86 24.89 1.68
C TYR C 236 45.95 23.90 0.55
N GLU C 237 47.08 23.93 -0.17
CA GLU C 237 47.31 23.09 -1.33
C GLU C 237 46.10 23.08 -2.27
N GLY C 238 45.47 24.23 -2.43
CA GLY C 238 44.33 24.32 -3.29
C GLY C 238 43.04 23.79 -2.71
N LYS C 239 43.07 23.16 -1.54
CA LYS C 239 41.84 22.74 -0.89
C LYS C 239 41.33 23.89 -0.02
N LEU C 240 40.00 24.00 0.11
CA LEU C 240 39.39 25.03 0.96
C LEU C 240 39.16 24.44 2.34
N ILE C 241 39.81 25.02 3.35
CA ILE C 241 39.92 24.38 4.67
C ILE C 241 39.33 25.20 5.78
N ALA C 242 38.92 26.44 5.51
CA ALA C 242 38.39 27.32 6.54
C ALA C 242 37.72 28.54 5.92
N ILE C 243 36.67 29.03 6.56
CA ILE C 243 36.06 30.31 6.22
C ILE C 243 35.88 31.11 7.49
N THR C 244 36.28 32.37 7.45
CA THR C 244 35.97 33.34 8.49
C THR C 244 34.90 34.28 7.97
N VAL C 245 33.75 34.30 8.63
CA VAL C 245 32.71 35.31 8.40
C VAL C 245 32.98 36.49 9.32
N SER C 246 33.32 37.63 8.75
CA SER C 246 33.55 38.82 9.54
C SER C 246 32.76 40.00 9.00
N ASP C 247 32.47 40.95 9.88
CA ASP C 247 32.04 42.28 9.48
C ASP C 247 33.19 43.25 9.73
N ILE C 248 33.68 43.87 8.65
CA ILE C 248 34.68 44.94 8.72
C ILE C 248 33.95 46.26 8.96
N LEU C 249 34.32 46.94 10.03
CA LEU C 249 33.68 48.14 10.59
C LEU C 249 34.66 49.28 10.68
N PRO C 250 34.18 50.52 10.77
CA PRO C 250 35.11 51.64 10.98
C PRO C 250 36.13 51.35 12.07
N SER C 251 35.72 50.68 13.14
CA SER C 251 36.50 50.54 14.36
C SER C 251 37.19 49.19 14.50
N GLY C 252 37.07 48.31 13.53
CA GLY C 252 37.75 47.04 13.61
C GLY C 252 36.95 45.95 12.93
N ILE C 253 37.24 44.73 13.31
CA ILE C 253 36.61 43.56 12.69
C ILE C 253 35.81 42.85 13.76
N SER C 254 34.53 42.66 13.49
CA SER C 254 33.66 41.87 14.36
C SER C 254 33.50 40.50 13.72
N SER C 255 33.65 39.48 14.53
CA SER C 255 33.68 38.12 14.02
C SER C 255 32.27 37.53 14.07
N VAL C 256 31.82 36.99 12.95
CA VAL C 256 30.46 36.47 12.84
C VAL C 256 30.43 34.99 13.11
N TYR C 257 31.32 34.23 12.47
CA TYR C 257 31.32 32.78 12.55
C TYR C 257 32.63 32.29 11.95
N PHE C 258 33.05 31.10 12.38
CA PHE C 258 34.26 30.50 11.85
C PHE C 258 34.05 29.01 11.55
N ILE C 259 34.42 28.60 10.34
CA ILE C 259 34.19 27.27 9.81
C ILE C 259 35.55 26.67 9.48
N TRP C 260 35.78 25.41 9.85
CA TRP C 260 37.02 24.75 9.44
C TRP C 260 36.74 23.30 9.09
N ASP C 261 37.53 22.78 8.16
CA ASP C 261 37.44 21.37 7.85
C ASP C 261 37.87 20.56 9.06
N PRO C 262 37.03 19.68 9.58
CA PRO C 262 37.42 18.88 10.76
C PRO C 262 38.67 18.06 10.54
N ASP C 263 39.05 17.76 9.29
CA ASP C 263 40.32 17.06 9.06
C ASP C 263 41.54 17.86 9.49
N TYR C 264 41.41 19.17 9.73
CA TYR C 264 42.53 20.01 10.12
C TYR C 264 42.38 20.43 11.57
N SER C 265 41.95 19.46 12.39
CA SER C 265 41.88 19.62 13.84
C SER C 265 43.23 20.01 14.43
N LYS C 266 44.32 19.41 13.95
CA LYS C 266 45.63 19.59 14.58
C LYS C 266 46.36 20.85 14.09
N TRP C 267 45.65 21.80 13.49
CA TRP C 267 46.16 23.12 13.15
C TRP C 267 45.71 24.17 14.14
N SER C 268 44.83 23.80 15.07
CA SER C 268 44.10 24.74 15.92
C SER C 268 43.71 25.99 15.14
N LEU C 269 42.98 25.77 14.04
CA LEU C 269 42.57 26.84 13.14
C LEU C 269 41.75 27.91 13.86
N GLY C 270 40.88 27.50 14.79
CA GLY C 270 40.14 28.48 15.57
C GLY C 270 41.02 29.60 16.11
N LYS C 271 42.12 29.26 16.77
CA LYS C 271 42.98 30.29 17.34
C LYS C 271 43.77 31.02 16.25
N LEU C 272 44.37 30.26 15.33
CA LEU C 272 45.07 30.87 14.21
C LEU C 272 44.19 31.90 13.50
N SER C 273 42.96 31.52 13.18
CA SER C 273 41.99 32.46 12.65
C SER C 273 41.99 33.75 13.44
N ALA C 274 41.96 33.66 14.79
CA ALA C 274 41.85 34.87 15.59
C ALA C 274 43.13 35.70 15.55
N LEU C 275 44.29 35.05 15.71
CA LEU C 275 45.56 35.76 15.60
C LEU C 275 45.71 36.44 14.24
N ARG C 276 45.44 35.68 13.16
CA ARG C 276 45.42 36.28 11.82
C ARG C 276 44.46 37.47 11.75
N ASP C 277 43.26 37.34 12.32
CA ASP C 277 42.34 38.48 12.39
C ASP C 277 43.02 39.68 13.06
N LEU C 278 43.74 39.43 14.16
CA LEU C 278 44.43 40.51 14.85
C LEU C 278 45.54 41.09 14.00
N ALA C 279 46.22 40.26 13.22
CA ALA C 279 47.22 40.78 12.29
C ALA C 279 46.57 41.64 11.21
N ILE C 280 45.43 41.19 10.65
CA ILE C 280 44.75 41.99 9.63
C ILE C 280 44.39 43.34 10.21
N ILE C 281 43.88 43.35 11.44
CA ILE C 281 43.51 44.60 12.10
C ILE C 281 44.72 45.52 12.23
N GLN C 282 45.84 45.00 12.70
CA GLN C 282 47.00 45.87 12.89
C GLN C 282 47.58 46.35 11.56
N ARG C 283 47.57 45.50 10.51
CA ARG C 283 48.22 45.84 9.23
C ARG C 283 47.38 46.77 8.37
N THR C 284 46.05 46.54 8.26
CA THR C 284 45.10 47.61 7.91
C THR C 284 45.21 48.55 9.10
N ASN C 285 44.50 49.63 9.17
CA ASN C 285 44.88 50.39 10.38
C ASN C 285 43.67 50.64 11.27
N LEU C 286 42.96 49.55 11.59
CA LEU C 286 41.84 49.52 12.51
C LEU C 286 42.31 49.18 13.92
N GLN C 287 41.46 49.44 14.92
CA GLN C 287 41.90 49.32 16.31
C GLN C 287 41.51 48.02 16.98
N TYR C 288 40.29 47.55 16.78
CA TYR C 288 39.69 46.59 17.69
C TYR C 288 39.25 45.32 16.99
N TYR C 289 39.37 44.21 17.70
CA TYR C 289 38.79 42.93 17.33
C TYR C 289 37.64 42.63 18.29
N TYR C 290 36.44 42.48 17.76
CA TYR C 290 35.26 42.25 18.57
C TYR C 290 34.96 40.77 18.57
N LEU C 291 34.93 40.17 19.76
CA LEU C 291 34.68 38.74 19.87
C LEU C 291 33.20 38.43 19.98
N GLY C 292 32.57 38.92 21.05
CA GLY C 292 31.22 38.51 21.38
C GLY C 292 31.01 37.00 21.45
N ALA C 305 41.75 33.57 30.63
CA ALA C 305 42.50 34.73 31.13
C ALA C 305 43.86 34.85 30.44
N ASN C 306 43.86 34.59 29.13
CA ASN C 306 45.04 34.73 28.27
C ASN C 306 45.03 36.02 27.47
N TYR C 307 44.20 36.97 27.86
CA TYR C 307 43.91 38.09 26.98
C TYR C 307 44.39 39.42 27.53
N GLY C 308 43.93 39.85 28.70
CA GLY C 308 44.16 41.22 29.11
C GLY C 308 43.40 42.26 28.30
N ALA C 309 42.36 41.85 27.57
CA ALA C 309 41.51 42.67 26.73
C ALA C 309 40.51 43.46 27.56
N GLU C 310 39.45 44.01 26.93
CA GLU C 310 38.43 44.78 27.62
C GLU C 310 37.04 44.19 27.35
N VAL C 311 36.12 44.30 28.34
CA VAL C 311 34.77 43.76 28.27
C VAL C 311 33.75 44.85 28.58
N LEU C 312 32.60 44.79 27.91
CA LEU C 312 31.63 45.88 27.91
C LEU C 312 30.66 45.77 29.09
N ASP C 313 30.66 46.79 29.95
CA ASP C 313 29.57 46.94 30.93
C ASP C 313 28.36 47.53 30.21
N VAL C 314 27.34 46.71 29.95
CA VAL C 314 26.18 47.19 29.21
C VAL C 314 25.32 48.16 29.99
N CYS C 315 25.43 48.19 31.32
CA CYS C 315 24.64 49.16 32.06
C CYS C 315 25.26 50.53 32.03
N HIS C 316 26.56 50.62 31.78
CA HIS C 316 27.23 51.90 31.55
C HIS C 316 27.51 52.19 30.09
N SER C 317 27.42 51.18 29.21
CA SER C 317 27.91 51.24 27.83
C SER C 317 29.39 51.62 27.72
N LYS C 318 30.20 51.29 28.71
CA LYS C 318 31.64 51.50 28.64
C LYS C 318 32.40 50.18 28.87
N TYR C 319 33.65 50.16 28.40
CA TYR C 319 34.52 49.00 28.50
C TYR C 319 35.39 49.10 29.72
N ILE C 320 35.75 47.94 30.28
CA ILE C 320 36.63 47.82 31.44
C ILE C 320 37.70 46.80 31.06
N PRO C 321 38.86 46.83 31.71
CA PRO C 321 39.85 45.78 31.48
C PRO C 321 39.35 44.45 32.00
N LEU C 322 39.72 43.38 31.28
CA LEU C 322 39.15 42.08 31.54
C LEU C 322 39.67 41.49 32.85
N LYS C 323 40.96 41.64 33.12
CA LYS C 323 41.55 40.88 34.23
C LYS C 323 40.97 41.18 35.60
N PRO C 324 40.63 42.41 36.00
CA PRO C 324 40.12 42.60 37.38
C PRO C 324 38.80 41.89 37.63
N ILE C 325 37.87 42.09 36.73
CA ILE C 325 36.56 41.37 36.83
C ILE C 325 36.73 40.01 36.15
N GLN C 326 37.98 39.61 35.90
CA GLN C 326 38.27 38.33 35.20
C GLN C 326 37.53 37.18 35.87
N ASP C 327 37.70 36.97 37.17
CA ASP C 327 36.99 35.84 37.81
C ASP C 327 35.47 36.01 37.71
N MET C 328 34.93 37.23 37.75
CA MET C 328 33.47 37.37 37.60
C MET C 328 33.04 36.75 36.28
N ILE C 329 33.74 37.04 35.18
CA ILE C 329 33.34 36.45 33.88
C ILE C 329 33.31 34.93 33.96
N SER C 330 34.35 34.34 34.54
CA SER C 330 34.54 32.87 34.67
C SER C 330 33.24 32.11 35.00
N ARG C 331 32.48 32.54 36.00
CA ARG C 331 31.25 31.79 36.35
C ARG C 331 30.04 32.39 35.62
N GLY C 332 30.21 32.88 34.40
CA GLY C 332 29.22 33.54 33.57
C GLY C 332 28.31 34.44 34.35
N LYS C 333 28.85 35.17 35.33
CA LYS C 333 28.05 36.00 36.21
C LYS C 333 27.98 37.45 35.72
N LEU C 334 26.86 38.08 36.00
CA LEU C 334 26.61 39.46 35.63
C LEU C 334 27.37 40.40 36.56
N PHE C 335 27.93 41.47 36.00
CA PHE C 335 28.56 42.52 36.78
C PHE C 335 28.12 43.87 36.25
N VAL C 336 27.96 44.84 37.14
CA VAL C 336 27.83 46.24 36.73
C VAL C 336 28.71 47.07 37.65
N ILE C 337 29.51 47.95 37.07
CA ILE C 337 30.56 48.61 37.82
C ILE C 337 30.03 49.87 38.48
N GLY C 338 30.19 49.97 39.79
CA GLY C 338 29.73 51.12 40.57
C GLY C 338 30.85 51.69 41.39
N GLU C 339 30.47 52.52 42.36
CA GLU C 339 31.39 53.17 43.35
C GLU C 339 30.73 53.06 44.73
N GLU C 340 31.34 52.29 45.64
CA GLU C 340 30.81 52.05 47.01
C GLU C 340 30.30 53.35 47.65
N GLU C 341 31.01 54.46 47.40
CA GLU C 341 30.64 55.77 47.96
C GLU C 341 29.27 56.27 47.49
N THR C 342 28.55 55.56 46.62
CA THR C 342 27.26 56.05 46.17
C THR C 342 26.24 54.93 46.33
N LYS C 343 25.16 55.19 47.03
CA LYS C 343 24.08 54.22 46.92
C LYS C 343 23.45 54.34 45.54
N VAL C 344 22.82 53.27 45.08
CA VAL C 344 21.97 53.43 43.90
C VAL C 344 20.55 53.03 44.26
N THR C 345 19.62 53.71 43.63
CA THR C 345 18.23 53.61 44.01
C THR C 345 17.40 52.87 42.97
N LYS C 346 17.81 52.94 41.71
CA LYS C 346 17.06 52.35 40.62
C LYS C 346 18.08 51.86 39.58
N GLU C 347 17.62 51.51 38.39
CA GLU C 347 18.61 51.13 37.39
C GLU C 347 19.43 52.36 36.99
N LEU C 348 20.57 52.12 36.35
CA LEU C 348 21.41 53.22 35.90
C LEU C 348 20.81 53.85 34.65
N TYR C 349 20.65 55.16 34.69
CA TYR C 349 20.31 55.91 33.49
C TYR C 349 21.36 55.65 32.41
N LEU C 350 20.91 55.27 31.22
CA LEU C 350 21.79 55.25 30.06
C LEU C 350 21.70 56.59 29.30
N VAL C 351 22.87 57.19 29.00
CA VAL C 351 22.92 58.49 28.35
C VAL C 351 23.06 58.29 26.84
N ASP C 352 22.10 58.83 26.08
CA ASP C 352 21.96 58.39 24.69
C ASP C 352 23.19 58.71 23.85
N SER C 353 23.68 59.95 23.96
CA SER C 353 24.81 60.38 23.16
C SER C 353 26.09 59.56 23.42
N GLU C 354 26.16 58.82 24.53
CA GLU C 354 27.35 58.08 24.88
C GLU C 354 27.25 56.58 24.63
N THR C 355 26.04 56.02 24.66
CA THR C 355 25.89 54.59 24.47
C THR C 355 26.45 54.14 23.12
N GLY C 356 27.17 53.03 23.17
CA GLY C 356 27.70 52.43 21.98
C GLY C 356 28.85 53.17 21.38
N ARG C 357 29.32 54.23 22.01
CA ARG C 357 30.46 54.96 21.49
C ARG C 357 31.79 54.29 21.84
N GLY C 358 31.77 53.12 22.48
CA GLY C 358 33.01 52.46 22.81
C GLY C 358 33.83 53.11 23.89
N GLU C 359 33.21 53.95 24.73
CA GLU C 359 34.00 54.65 25.74
C GLU C 359 34.46 53.68 26.82
N GLY C 360 35.51 54.09 27.53
CA GLY C 360 36.08 53.32 28.62
C GLY C 360 35.87 54.03 29.94
N PHE C 361 36.24 53.30 31.05
CA PHE C 361 36.08 53.88 32.37
C PHE C 361 37.32 54.69 32.74
N PRO C 362 37.17 55.71 33.56
CA PRO C 362 38.37 56.41 34.06
C PRO C 362 39.15 55.49 34.98
N THR C 363 40.32 55.01 34.54
CA THR C 363 41.04 54.06 35.38
C THR C 363 42.13 54.72 36.23
N ASP C 364 42.19 56.05 36.30
CA ASP C 364 42.97 56.76 37.33
C ASP C 364 41.97 57.43 38.24
N ASN C 365 41.73 56.77 39.37
CA ASN C 365 40.60 57.02 40.23
C ASN C 365 41.02 56.77 41.67
N VAL C 366 40.58 57.64 42.58
CA VAL C 366 40.62 57.31 44.01
C VAL C 366 39.50 56.36 44.38
N VAL C 367 38.65 56.00 43.43
CA VAL C 367 37.49 55.13 43.60
C VAL C 367 37.50 54.11 42.47
N LYS C 368 37.81 52.84 42.80
CA LYS C 368 38.16 51.86 41.77
C LYS C 368 36.99 50.99 41.30
N TYR C 369 36.47 50.14 42.18
CA TYR C 369 35.68 48.99 41.76
C TYR C 369 34.65 48.70 42.84
N LYS C 370 33.42 48.44 42.42
CA LYS C 370 32.53 47.63 43.24
C LYS C 370 31.44 47.11 42.34
N ASN C 371 31.24 45.80 42.35
CA ASN C 371 30.19 45.21 41.53
C ASN C 371 28.86 45.44 42.22
N ILE C 372 28.06 46.37 41.70
CA ILE C 372 26.77 46.70 42.32
C ILE C 372 25.67 45.91 41.62
N ALA C 373 26.06 44.88 40.84
CA ALA C 373 25.06 44.11 40.11
C ALA C 373 24.05 43.49 41.07
N GLU C 374 24.53 42.84 42.13
CA GLU C 374 23.62 42.28 43.11
C GLU C 374 22.65 43.33 43.64
N GLU C 375 23.17 44.49 44.05
CA GLU C 375 22.34 45.55 44.61
C GLU C 375 21.18 45.96 43.69
N ILE C 376 21.37 45.91 42.39
CA ILE C 376 20.34 46.36 41.45
C ILE C 376 19.49 45.21 40.96
N TYR C 377 20.10 44.15 40.42
CA TYR C 377 19.38 43.12 39.67
C TYR C 377 19.25 41.81 40.42
N GLY C 378 19.65 41.76 41.69
CA GLY C 378 19.50 40.55 42.46
C GLY C 378 18.20 40.54 43.23
N VAL C 379 17.99 39.43 43.95
CA VAL C 379 16.86 39.37 44.88
C VAL C 379 16.86 40.61 45.77
N GLY C 380 15.71 41.28 45.83
CA GLY C 380 15.60 42.54 46.52
C GLY C 380 16.27 43.71 45.83
N GLY C 381 16.64 43.54 44.55
CA GLY C 381 17.33 44.60 43.86
C GLY C 381 16.43 45.81 43.67
N CYS C 382 17.04 46.97 43.71
CA CYS C 382 16.28 48.22 43.61
C CYS C 382 15.82 48.51 42.18
N ALA C 383 16.01 47.59 41.24
CA ALA C 383 15.52 47.81 39.88
C ALA C 383 14.03 47.54 39.74
N PHE C 384 13.46 46.70 40.60
CA PHE C 384 12.17 46.10 40.26
C PHE C 384 10.96 46.94 40.64
N LYS C 385 10.85 47.42 41.88
CA LYS C 385 9.63 48.12 42.22
C LYS C 385 9.57 49.47 41.50
N SER C 386 10.73 50.07 41.16
CA SER C 386 10.67 51.27 40.33
C SER C 386 10.24 50.95 38.91
N ALA C 387 10.70 49.81 38.37
CA ALA C 387 10.26 49.41 37.03
C ALA C 387 8.77 49.14 37.01
N ASN C 388 8.25 48.46 38.04
CA ASN C 388 6.82 48.21 38.13
C ASN C 388 6.07 49.52 38.25
N GLU C 389 6.54 50.40 39.14
CA GLU C 389 5.91 51.71 39.29
C GLU C 389 5.91 52.46 37.97
N SER C 390 7.08 52.55 37.32
CA SER C 390 7.16 53.23 36.03
C SER C 390 6.30 52.53 35.01
N ALA C 391 6.21 51.21 35.09
CA ALA C 391 5.36 50.46 34.18
C ALA C 391 3.92 50.93 34.30
N LEU C 392 3.39 51.00 35.53
CA LEU C 392 1.99 51.38 35.71
C LEU C 392 1.71 52.75 35.14
N GLU C 393 2.60 53.71 35.40
CA GLU C 393 2.35 55.08 34.94
C GLU C 393 2.38 55.19 33.43
N LEU C 394 3.24 54.42 32.76
CA LEU C 394 3.20 54.38 31.30
C LEU C 394 1.86 53.89 30.79
N LYS C 395 1.27 52.89 31.47
CA LYS C 395 -0.06 52.42 31.11
C LYS C 395 -1.12 53.45 31.46
N GLU C 396 -1.15 53.94 32.70
CA GLU C 396 -2.28 54.77 33.15
C GLU C 396 -2.29 56.12 32.44
N LEU C 397 -1.16 56.83 32.46
CA LEU C 397 -1.10 58.20 31.94
C LEU C 397 -0.95 58.25 30.44
N TYR C 398 -0.30 57.25 29.83
CA TYR C 398 0.07 57.32 28.42
C TYR C 398 -0.41 56.15 27.56
N GLY C 399 -1.06 55.15 28.14
CA GLY C 399 -1.69 54.17 27.27
C GLY C 399 -0.72 53.27 26.56
N ILE C 400 0.52 53.23 27.02
CA ILE C 400 1.50 52.27 26.54
C ILE C 400 1.31 51.02 27.41
N PRO C 401 1.03 49.86 26.81
CA PRO C 401 0.73 48.64 27.60
C PRO C 401 1.96 47.93 28.13
N TYR C 402 2.47 48.46 29.25
CA TYR C 402 3.34 47.75 30.18
C TYR C 402 2.50 47.23 31.34
N GLU C 403 2.89 46.06 31.88
CA GLU C 403 2.22 45.50 33.06
C GLU C 403 3.23 45.27 34.16
N GLU C 404 2.72 45.01 35.36
CA GLU C 404 3.62 44.72 36.46
C GLU C 404 4.31 43.37 36.25
N GLU C 405 5.41 43.19 36.98
CA GLU C 405 6.25 41.97 37.00
C GLU C 405 7.08 41.98 38.28
N ASP C 406 6.42 41.88 39.44
CA ASP C 406 7.09 41.94 40.77
C ASP C 406 7.56 40.55 41.22
N LEU C 407 8.11 40.47 42.43
CA LEU C 407 8.65 39.21 43.04
C LEU C 407 9.67 38.56 42.10
N ASP C 408 9.65 37.24 41.98
CA ASP C 408 10.56 36.57 41.06
C ASP C 408 9.92 36.52 39.68
N THR C 409 9.96 37.65 38.98
CA THR C 409 9.75 37.65 37.53
C THR C 409 11.06 37.53 36.78
N ILE C 410 12.07 36.92 37.42
CA ILE C 410 13.26 36.51 36.70
C ILE C 410 13.00 35.23 35.92
N TYR C 411 12.19 34.35 36.48
CA TYR C 411 11.86 33.09 35.85
C TYR C 411 10.35 32.95 35.76
N HIS C 412 9.91 32.13 34.82
CA HIS C 412 8.52 32.16 34.42
C HIS C 412 7.68 31.20 35.27
N LEU C 413 6.39 31.11 34.93
CA LEU C 413 5.40 30.44 35.79
C LEU C 413 5.82 29.01 36.11
N LYS C 414 5.94 28.16 35.08
CA LYS C 414 6.36 26.78 35.30
C LYS C 414 7.87 26.68 35.44
N ALA C 420 7.94 34.05 21.79
CA ALA C 420 8.06 35.46 22.11
C ALA C 420 7.28 35.82 23.37
N PRO C 421 7.55 35.12 24.48
CA PRO C 421 6.62 35.16 25.63
C PRO C 421 6.43 36.55 26.20
N ASN C 422 5.18 37.05 26.17
CA ASN C 422 4.81 38.26 26.90
C ASN C 422 5.64 39.51 26.51
N GLY C 423 6.39 39.43 25.42
CA GLY C 423 7.23 40.52 25.01
C GLY C 423 8.47 40.67 25.89
N ILE C 424 9.21 41.74 25.64
CA ILE C 424 10.46 42.03 26.34
C ILE C 424 10.18 42.26 27.82
N PRO C 425 11.06 41.84 28.73
CA PRO C 425 10.82 42.12 30.16
C PRO C 425 11.09 43.59 30.49
N ASN C 426 10.46 44.03 31.59
CA ASN C 426 10.61 45.40 32.05
C ASN C 426 12.02 45.69 32.56
N VAL C 427 12.68 44.70 33.14
CA VAL C 427 14.02 44.89 33.68
C VAL C 427 14.97 43.99 32.91
N VAL C 428 15.82 44.59 32.09
CA VAL C 428 16.84 43.84 31.33
C VAL C 428 18.09 44.70 31.29
N PRO C 429 19.15 44.33 32.00
CA PRO C 429 20.33 45.19 32.05
C PRO C 429 20.86 45.44 30.65
N GLY C 430 21.22 46.70 30.39
CA GLY C 430 21.64 47.08 29.07
C GLY C 430 20.53 47.71 28.26
N LEU C 431 19.28 47.36 28.53
CA LEU C 431 18.18 48.12 27.97
C LEU C 431 17.93 49.42 28.74
N LEU C 432 17.14 50.27 28.13
CA LEU C 432 16.82 51.53 28.77
C LEU C 432 15.82 51.27 29.89
N PRO C 433 16.07 51.74 31.10
CA PRO C 433 15.17 51.41 32.22
C PRO C 433 13.83 52.11 32.08
N LEU C 434 12.77 51.42 32.55
CA LEU C 434 11.42 51.96 32.43
C LEU C 434 11.33 53.35 33.04
N TRP C 435 12.04 53.59 34.14
CA TRP C 435 11.99 54.92 34.71
C TRP C 435 12.57 55.94 33.74
N GLU C 436 13.70 55.62 33.11
CA GLU C 436 14.20 56.51 32.08
C GLU C 436 13.17 56.72 30.98
N LEU C 437 12.61 55.63 30.45
CA LEU C 437 11.60 55.78 29.39
C LEU C 437 10.48 56.68 29.85
N LEU C 438 9.96 56.42 31.06
CA LEU C 438 8.85 57.22 31.56
C LEU C 438 9.22 58.70 31.60
N ASP C 439 10.44 59.02 32.01
CA ASP C 439 10.91 60.40 32.02
C ASP C 439 10.78 61.03 30.64
N ILE C 440 11.03 60.25 29.59
CA ILE C 440 10.93 60.75 28.23
C ILE C 440 9.50 61.14 27.91
N MET C 441 8.52 60.39 28.43
CA MET C 441 7.13 60.75 28.20
C MET C 441 6.71 61.96 29.05
N GLN C 442 7.12 62.02 30.32
CA GLN C 442 6.68 63.11 31.21
C GLN C 442 7.23 64.45 30.75
N SER C 443 8.44 64.47 30.23
CA SER C 443 9.08 65.68 29.75
C SER C 443 8.73 66.00 28.32
N GLY C 444 7.85 65.19 27.71
CA GLY C 444 7.52 65.40 26.32
C GLY C 444 8.65 65.18 25.34
N LYS C 445 9.82 64.70 25.79
CA LYS C 445 10.91 64.51 24.84
C LYS C 445 10.52 63.59 23.70
N ILE C 446 9.56 62.69 23.93
CA ILE C 446 9.15 61.68 22.95
C ILE C 446 8.75 62.32 21.64
N THR C 447 8.28 63.55 21.70
CA THR C 447 7.83 64.21 20.49
C THR C 447 8.97 64.64 19.58
N ASP C 448 10.23 64.54 20.02
CA ASP C 448 11.34 64.79 19.10
C ASP C 448 11.40 63.75 18.01
N LEU C 449 10.64 62.66 18.14
CA LEU C 449 10.55 61.63 17.12
C LEU C 449 9.62 62.04 15.99
N GLU C 450 8.71 62.96 16.27
CA GLU C 450 7.74 63.35 15.26
C GLU C 450 8.44 64.01 14.06
N GLY C 451 8.04 63.60 12.85
CA GLY C 451 8.70 64.04 11.65
C GLY C 451 10.11 63.53 11.48
N ARG C 452 10.58 62.65 12.38
CA ARG C 452 11.87 61.99 12.25
C ARG C 452 11.69 60.49 12.04
N LEU C 453 10.97 59.84 12.96
CA LEU C 453 10.69 58.42 12.85
C LEU C 453 9.60 58.16 11.83
N PHE C 454 9.75 57.08 11.08
CA PHE C 454 8.72 56.64 10.15
C PHE C 454 8.23 55.25 10.51
N LEU C 455 6.96 55.02 10.26
CA LEU C 455 6.35 53.72 10.47
C LEU C 455 5.89 53.17 9.14
N PHE C 456 5.94 51.86 9.02
CA PHE C 456 5.49 51.20 7.80
C PHE C 456 4.69 49.97 8.18
N GLU C 457 3.38 50.01 7.98
CA GLU C 457 2.56 48.83 8.20
C GLU C 457 2.44 48.01 6.92
N ILE C 458 2.73 46.71 7.05
CA ILE C 458 2.88 45.79 5.92
C ILE C 458 1.67 45.81 4.99
N GLU C 459 0.47 45.86 5.55
CA GLU C 459 -0.77 45.79 4.76
C GLU C 459 -1.40 47.15 4.48
N THR C 460 -0.78 48.24 4.90
CA THR C 460 -1.20 49.57 4.54
C THR C 460 -0.60 49.92 3.17
N GLU C 461 -1.11 51.01 2.57
CA GLU C 461 -0.53 51.56 1.35
C GLU C 461 0.90 52.05 1.62
N GLY C 462 1.35 51.97 2.88
CA GLY C 462 2.78 52.01 3.12
C GLY C 462 3.07 53.24 3.97
N ILE C 463 4.36 53.58 3.97
CA ILE C 463 5.19 54.28 4.94
C ILE C 463 4.53 55.60 5.30
N ARG C 464 4.63 55.99 6.56
CA ARG C 464 4.02 57.22 7.04
C ARG C 464 4.92 57.80 8.13
N PRO C 465 4.81 59.09 8.38
CA PRO C 465 5.63 59.68 9.45
C PRO C 465 4.92 59.62 10.80
N LEU C 466 5.72 59.51 11.84
CA LEU C 466 5.17 59.77 13.17
C LEU C 466 4.73 61.24 13.25
N ILE C 467 3.44 61.47 13.50
CA ILE C 467 2.91 62.82 13.65
C ILE C 467 2.73 63.21 15.12
N ASN C 468 2.05 62.37 15.89
CA ASN C 468 1.85 62.57 17.33
C ASN C 468 1.93 61.21 17.99
N PHE C 469 2.97 60.99 18.80
CA PHE C 469 3.25 59.66 19.31
C PHE C 469 2.16 59.21 20.27
N TYR C 470 1.63 60.13 21.05
CA TYR C 470 0.67 59.73 22.08
C TYR C 470 -0.60 59.16 21.47
N SER C 471 -1.04 59.74 20.36
CA SER C 471 -2.27 59.34 19.69
C SER C 471 -2.08 58.15 18.76
N GLU C 472 -0.92 57.49 18.78
CA GLU C 472 -0.73 56.24 18.04
C GLU C 472 -1.35 55.09 18.84
N PRO C 473 -1.73 54.00 18.19
CA PRO C 473 -2.39 52.90 18.93
C PRO C 473 -1.43 52.30 19.96
N PRO C 474 -1.97 51.76 21.04
CA PRO C 474 -1.09 51.27 22.11
C PRO C 474 -0.03 50.30 21.62
N ASN C 475 -0.40 49.33 20.80
CA ASN C 475 0.58 48.39 20.28
C ASN C 475 1.64 49.08 19.44
N VAL C 476 1.30 50.15 18.74
CA VAL C 476 2.34 50.86 18.01
C VAL C 476 3.23 51.60 18.99
N LYS C 477 2.62 52.24 20.00
CA LYS C 477 3.40 52.94 21.02
C LYS C 477 4.34 51.99 21.72
N LYS C 478 3.88 50.76 22.01
CA LYS C 478 4.79 49.81 22.67
C LYS C 478 5.97 49.44 21.76
N ARG C 479 5.70 49.18 20.47
CA ARG C 479 6.77 48.90 19.52
C ARG C 479 7.80 50.03 19.50
N ILE C 480 7.34 51.28 19.39
CA ILE C 480 8.29 52.39 19.41
C ILE C 480 9.14 52.34 20.67
N CYS C 481 8.48 52.15 21.83
CA CYS C 481 9.18 52.17 23.10
C CYS C 481 10.26 51.10 23.14
N ASP C 482 9.96 49.92 22.63
CA ASP C 482 10.91 48.80 22.61
C ASP C 482 12.13 49.13 21.74
N VAL C 483 11.91 49.78 20.59
CA VAL C 483 13.03 50.22 19.77
C VAL C 483 13.89 51.22 20.53
N ILE C 484 13.26 52.12 21.30
CA ILE C 484 14.03 53.07 22.12
C ILE C 484 14.83 52.33 23.18
N ARG C 485 14.24 51.27 23.77
CA ARG C 485 14.89 50.59 24.88
C ARG C 485 16.04 49.71 24.42
N LEU C 486 15.95 49.12 23.23
CA LEU C 486 17.06 48.33 22.70
C LEU C 486 18.11 49.21 22.05
N PHE C 487 17.70 50.00 21.06
CA PHE C 487 18.62 50.73 20.20
C PHE C 487 18.78 52.19 20.58
N GLY C 488 17.98 52.69 21.51
CA GLY C 488 18.33 54.02 21.93
C GLY C 488 17.56 55.08 21.19
N PHE C 489 17.34 56.20 21.88
CA PHE C 489 16.57 57.29 21.31
C PHE C 489 17.15 57.79 20.00
N GLU C 490 18.47 58.06 19.99
CA GLU C 490 19.16 58.57 18.79
C GLU C 490 18.93 57.67 17.59
N THR C 491 19.19 56.38 17.76
CA THR C 491 19.02 55.47 16.65
C THR C 491 17.56 55.37 16.20
N CYS C 492 16.62 55.72 17.07
CA CYS C 492 15.23 55.55 16.70
C CYS C 492 14.75 56.76 15.89
N MET C 493 15.40 57.91 16.02
CA MET C 493 15.12 59.04 15.13
C MET C 493 15.44 58.72 13.69
N LYS C 494 16.29 57.73 13.43
CA LYS C 494 16.70 57.36 12.09
C LYS C 494 15.92 56.16 11.58
N ALA C 495 15.01 55.63 12.40
CA ALA C 495 14.47 54.31 12.13
C ALA C 495 13.28 54.36 11.19
N VAL C 496 13.05 53.23 10.55
CA VAL C 496 11.80 52.94 9.90
C VAL C 496 11.32 51.63 10.50
N ILE C 497 10.26 51.67 11.30
CA ILE C 497 9.76 50.49 11.98
C ILE C 497 8.70 49.78 11.12
N LEU C 498 9.02 48.59 10.66
CA LEU C 498 8.06 47.74 9.96
C LEU C 498 7.23 46.96 10.97
N TYR C 499 5.91 46.94 10.78
CA TYR C 499 5.06 46.11 11.63
C TYR C 499 3.84 45.66 10.83
N SER C 500 3.08 44.77 11.46
CA SER C 500 1.89 44.16 10.85
C SER C 500 0.86 43.96 11.93
N GLU C 501 -0.41 44.23 11.63
CA GLU C 501 -1.45 43.90 12.60
C GLU C 501 -2.70 43.40 11.92
N SER D 2 8.99 -3.69 6.57
CA SER D 2 8.16 -4.13 7.71
C SER D 2 8.91 -5.05 8.62
N ASP D 3 10.10 -5.43 8.22
CA ASP D 3 11.07 -5.86 9.20
C ASP D 3 11.66 -4.68 9.91
N ARG D 4 11.00 -3.53 9.83
CA ARG D 4 11.48 -2.27 10.38
C ARG D 4 10.40 -1.69 11.29
N PHE D 5 10.83 -1.12 12.41
CA PHE D 5 9.96 -0.59 13.44
C PHE D 5 10.09 0.93 13.35
N VAL D 6 9.17 1.57 12.63
CA VAL D 6 9.24 2.98 12.31
C VAL D 6 8.35 3.72 13.30
N ILE D 7 8.97 4.36 14.30
CA ILE D 7 8.22 4.95 15.41
C ILE D 7 8.72 6.36 15.69
N TRP D 8 7.84 7.14 16.30
CA TRP D 8 8.24 8.40 16.91
C TRP D 8 8.85 8.11 18.28
N ALA D 9 9.76 8.96 18.69
CA ALA D 9 10.30 8.82 20.02
C ALA D 9 9.14 8.73 21.02
N PRO D 10 9.20 7.80 21.97
CA PRO D 10 8.13 7.67 22.95
C PRO D 10 8.17 8.74 24.02
N SER D 11 7.05 8.88 24.71
CA SER D 11 6.92 9.87 25.77
C SER D 11 5.68 9.57 26.59
N MET D 12 5.49 10.34 27.66
CA MET D 12 4.21 10.38 28.34
C MET D 12 3.16 11.05 27.43
N HIS D 13 1.93 10.56 27.50
CA HIS D 13 0.77 11.14 26.85
C HIS D 13 -0.32 11.20 27.92
N ASN D 14 -1.54 11.69 27.59
CA ASN D 14 -2.56 11.95 28.62
C ASN D 14 -3.88 11.17 28.40
N GLU D 15 -3.80 9.88 28.05
CA GLU D 15 -5.01 9.06 27.83
C GLU D 15 -5.79 8.75 29.12
N MET D 31 -12.60 5.22 47.05
CA MET D 31 -11.67 5.25 45.91
C MET D 31 -10.25 5.12 46.48
N ASP D 32 -9.87 3.86 46.77
CA ASP D 32 -8.49 3.48 47.05
C ASP D 32 -8.05 2.37 46.11
N GLN D 33 -8.89 2.00 45.14
CA GLN D 33 -8.41 1.33 43.92
C GLN D 33 -7.32 2.13 43.25
N LEU D 34 -7.21 3.41 43.58
CA LEU D 34 -6.36 4.36 42.90
C LEU D 34 -4.89 4.10 43.08
N PHE D 35 -4.50 3.25 44.03
CA PHE D 35 -3.10 3.03 44.32
C PHE D 35 -2.64 1.67 43.83
N ALA D 36 -1.32 1.52 43.67
CA ALA D 36 -0.76 0.32 43.09
C ALA D 36 -0.31 -0.69 44.14
N LEU D 37 0.24 -0.21 45.25
CA LEU D 37 0.55 -1.06 46.38
C LEU D 37 -0.09 -0.45 47.62
N ASP D 38 -0.46 -1.32 48.56
CA ASP D 38 -0.95 -0.86 49.85
C ASP D 38 0.09 -0.02 50.57
N SER D 39 1.37 -0.21 50.24
CA SER D 39 2.44 0.69 50.66
C SER D 39 2.00 2.13 50.52
N TRP D 40 1.69 2.53 49.30
CA TRP D 40 1.40 3.93 49.03
C TRP D 40 0.03 4.32 49.54
N ALA D 41 -1.00 3.55 49.17
CA ALA D 41 -2.36 3.87 49.61
C ALA D 41 -2.41 4.13 51.12
N HIS D 42 -1.65 3.34 51.89
CA HIS D 42 -1.60 3.56 53.33
C HIS D 42 -0.84 4.82 53.69
N ARG D 43 0.13 5.22 52.86
CA ARG D 43 0.82 6.47 53.18
C ARG D 43 0.06 7.71 52.76
N TYR D 44 -1.04 7.57 52.02
CA TYR D 44 -1.89 8.72 51.67
C TYR D 44 -3.33 8.41 52.04
N MET D 45 -3.49 7.87 53.24
CA MET D 45 -4.80 7.58 53.83
C MET D 45 -5.50 8.86 54.24
N ASN D 46 -4.80 9.71 54.99
CA ASN D 46 -5.30 10.97 55.50
C ASN D 46 -5.08 12.11 54.53
N LYS D 47 -3.95 12.08 53.82
CA LYS D 47 -3.50 13.19 52.99
C LYS D 47 -3.98 13.07 51.54
N MET D 48 -5.14 12.47 51.28
CA MET D 48 -5.50 12.22 49.88
C MET D 48 -6.30 13.38 49.28
N ASP D 49 -5.81 14.58 49.50
CA ASP D 49 -6.24 15.75 48.73
C ASP D 49 -5.08 16.65 48.32
N VAL D 50 -3.98 16.68 49.07
CA VAL D 50 -2.73 17.29 48.62
C VAL D 50 -2.12 16.47 47.48
N VAL D 51 -2.43 15.17 47.39
CA VAL D 51 -1.85 14.27 46.41
C VAL D 51 -2.51 14.50 45.05
N LYS D 52 -1.71 14.38 43.99
CA LYS D 52 -2.20 14.38 42.63
C LYS D 52 -1.81 13.05 42.00
N ILE D 53 -2.80 12.31 41.50
CA ILE D 53 -2.56 11.00 40.94
C ILE D 53 -2.77 11.08 39.43
N GLU D 54 -1.71 10.84 38.68
CA GLU D 54 -1.77 10.98 37.24
C GLU D 54 -2.77 9.98 36.65
N ASN D 55 -3.32 10.33 35.50
CA ASN D 55 -3.95 9.38 34.60
C ASN D 55 -3.36 9.63 33.22
N CYS D 56 -2.46 8.75 32.78
CA CYS D 56 -1.81 9.02 31.51
C CYS D 56 -1.19 7.74 30.96
N THR D 57 -0.66 7.85 29.75
CA THR D 57 -0.10 6.75 28.99
C THR D 57 1.40 6.91 28.77
N ILE D 58 2.03 5.81 28.38
CA ILE D 58 3.41 5.78 27.92
C ILE D 58 3.44 5.08 26.57
N GLY D 59 3.95 5.76 25.56
CA GLY D 59 3.88 5.14 24.25
C GLY D 59 4.49 6.00 23.15
N SER D 60 4.49 5.40 21.96
CA SER D 60 4.95 6.02 20.73
C SER D 60 3.86 5.92 19.67
N PHE D 61 3.70 7.02 18.93
CA PHE D 61 2.98 6.99 17.67
C PHE D 61 3.79 6.15 16.69
N VAL D 62 3.14 5.20 16.04
CA VAL D 62 3.85 4.20 15.21
C VAL D 62 3.48 4.44 13.75
N GLU D 63 4.50 4.72 12.94
CA GLU D 63 4.25 4.93 11.52
C GLU D 63 4.19 3.60 10.78
N HIS D 64 5.06 2.67 11.14
CA HIS D 64 4.99 1.40 10.46
C HIS D 64 5.53 0.27 11.32
N MET D 65 4.92 -0.89 11.18
CA MET D 65 5.10 -2.02 12.08
C MET D 65 4.56 -3.26 11.37
N ASP D 66 5.16 -4.41 11.60
CA ASP D 66 4.54 -5.60 11.05
C ASP D 66 3.82 -6.41 12.16
N VAL D 67 2.97 -7.35 11.73
CA VAL D 67 2.08 -8.00 12.70
C VAL D 67 2.89 -8.81 13.68
N ALA D 68 3.89 -9.53 13.17
CA ALA D 68 4.80 -10.27 14.03
C ALA D 68 5.36 -9.39 15.13
N THR D 69 5.84 -8.19 14.78
CA THR D 69 6.38 -7.30 15.80
C THR D 69 5.29 -6.84 16.77
N TYR D 70 4.12 -6.48 16.26
CA TYR D 70 3.05 -6.07 17.18
C TYR D 70 2.66 -7.22 18.08
N ASP D 71 2.58 -8.43 17.52
CA ASP D 71 2.38 -9.61 18.35
C ASP D 71 3.35 -9.62 19.54
N ARG D 72 4.63 -9.39 19.28
CA ARG D 72 5.60 -9.37 20.39
C ARG D 72 5.29 -8.25 21.36
N MET D 73 4.95 -7.05 20.85
CA MET D 73 4.75 -5.89 21.71
C MET D 73 3.56 -6.08 22.61
N CYS D 74 2.49 -6.64 22.04
CA CYS D 74 1.29 -6.92 22.78
C CYS D 74 1.59 -7.82 23.97
N ASN D 75 2.50 -8.78 23.78
CA ASN D 75 3.00 -9.70 24.80
C ASN D 75 4.09 -9.09 25.70
N MET D 76 4.48 -7.83 25.49
CA MET D 76 5.23 -7.04 26.48
C MET D 76 4.34 -6.10 27.30
N GLY D 77 3.03 -6.11 27.08
CA GLY D 77 2.11 -5.27 27.81
C GLY D 77 1.56 -4.06 27.09
N PHE D 78 1.69 -3.99 25.76
CA PHE D 78 1.12 -2.88 25.00
C PHE D 78 -0.25 -3.24 24.43
N ARG D 79 -1.12 -2.26 24.42
CA ARG D 79 -2.27 -2.24 23.53
C ARG D 79 -2.02 -1.15 22.49
N ARG D 80 -2.89 -1.07 21.48
CA ARG D 80 -2.87 0.07 20.58
C ARG D 80 -4.26 0.68 20.46
N SER D 81 -4.29 1.96 20.19
CA SER D 81 -5.45 2.59 19.61
C SER D 81 -4.99 3.36 18.37
N GLY D 82 -5.53 3.00 17.23
CA GLY D 82 -5.03 3.55 15.99
C GLY D 82 -3.56 3.27 15.91
N LYS D 83 -2.79 4.28 15.54
CA LYS D 83 -1.37 4.13 15.37
C LYS D 83 -0.59 4.27 16.67
N PHE D 84 -1.25 4.52 17.78
CA PHE D 84 -0.58 4.81 19.03
C PHE D 84 -0.36 3.51 19.81
N LEU D 85 0.90 3.13 20.00
CA LEU D 85 1.30 1.94 20.77
C LEU D 85 1.65 2.37 22.18
N TYR D 86 0.94 1.86 23.17
CA TYR D 86 1.03 2.45 24.49
C TYR D 86 0.82 1.41 25.60
N LYS D 87 1.13 1.86 26.80
CA LYS D 87 0.77 1.13 28.01
C LYS D 87 0.65 2.14 29.13
N VAL D 88 0.32 1.66 30.32
CA VAL D 88 0.03 2.52 31.45
C VAL D 88 1.05 2.22 32.55
N ASP D 89 1.61 3.28 33.13
CA ASP D 89 2.59 3.12 34.18
C ASP D 89 1.94 2.37 35.34
N PRO D 90 2.21 1.07 35.50
CA PRO D 90 1.45 0.28 36.48
C PRO D 90 1.76 0.63 37.91
N LEU D 91 2.79 1.43 38.16
CA LEU D 91 3.08 1.86 39.51
C LEU D 91 2.30 3.11 39.91
N ARG D 92 2.25 4.11 39.02
CA ARG D 92 1.78 5.44 39.38
C ARG D 92 0.39 5.77 38.87
N ASN D 93 -0.16 5.02 37.91
CA ASN D 93 -1.31 5.51 37.17
C ASN D 93 -2.61 5.38 37.95
N CYS D 94 -3.55 6.26 37.58
CA CYS D 94 -4.88 6.36 38.19
C CYS D 94 -5.52 4.99 38.34
N CYS D 95 -5.42 4.18 37.30
CA CYS D 95 -5.80 2.77 37.34
C CYS D 95 -4.66 1.95 36.74
N ARG D 96 -4.87 0.66 36.67
CA ARG D 96 -3.89 -0.26 36.11
C ARG D 96 -4.62 -1.18 35.15
N LEU D 97 -3.92 -1.58 34.09
CA LEU D 97 -4.47 -2.49 33.10
C LEU D 97 -3.60 -3.75 33.04
N TYR D 98 -4.26 -4.88 32.81
CA TYR D 98 -3.60 -6.18 32.70
C TYR D 98 -3.80 -6.71 31.29
N THR D 99 -2.73 -7.17 30.66
CA THR D 99 -2.89 -7.92 29.42
C THR D 99 -3.16 -9.38 29.81
N ILE D 100 -4.19 -9.96 29.23
CA ILE D 100 -4.66 -11.28 29.66
C ILE D 100 -4.88 -12.14 28.42
N ARG D 101 -4.26 -13.32 28.39
CA ARG D 101 -4.57 -14.27 27.33
C ARG D 101 -5.33 -15.43 27.93
N THR D 102 -6.35 -15.86 27.19
CA THR D 102 -7.05 -17.11 27.42
C THR D 102 -6.91 -17.94 26.15
N ALA D 103 -6.91 -19.23 26.32
CA ALA D 103 -6.98 -20.12 25.18
C ALA D 103 -8.41 -20.63 25.01
N PRO D 104 -8.77 -21.12 23.82
CA PRO D 104 -10.19 -21.49 23.61
C PRO D 104 -10.72 -22.52 24.58
N GLN D 105 -9.99 -23.62 24.84
CA GLN D 105 -10.49 -24.60 25.79
C GLN D 105 -9.79 -24.51 27.15
N GLU D 106 -9.22 -23.35 27.46
CA GLU D 106 -8.92 -22.92 28.82
C GLU D 106 -10.11 -22.26 29.50
N LEU D 107 -11.20 -22.07 28.76
CA LEU D 107 -12.29 -21.19 29.17
C LEU D 107 -13.23 -21.94 30.13
N ASN D 108 -13.27 -21.50 31.38
CA ASN D 108 -14.20 -22.04 32.36
C ASN D 108 -15.61 -21.61 31.98
N MET D 109 -16.44 -22.56 31.52
CA MET D 109 -17.82 -22.21 31.20
C MET D 109 -18.60 -22.00 32.49
N THR D 110 -19.42 -20.95 32.53
CA THR D 110 -20.24 -20.59 33.67
C THR D 110 -21.71 -20.55 33.26
N LYS D 111 -22.60 -20.47 34.26
CA LYS D 111 -24.01 -20.75 34.00
C LYS D 111 -24.70 -19.66 33.18
N GLU D 112 -24.24 -18.42 33.36
CA GLU D 112 -24.79 -17.25 32.62
C GLU D 112 -24.17 -17.25 31.22
N LEU D 113 -22.89 -17.63 31.12
CA LEU D 113 -22.18 -17.70 29.81
C LEU D 113 -22.87 -18.78 28.95
N LYS D 114 -23.17 -19.93 29.56
CA LYS D 114 -23.85 -21.04 28.85
C LYS D 114 -25.25 -20.57 28.45
N LYS D 115 -25.91 -19.84 29.35
CA LYS D 115 -27.27 -19.29 29.08
C LYS D 115 -27.15 -18.21 28.01
N CYS D 116 -26.05 -17.44 28.03
CA CYS D 116 -25.81 -16.38 27.04
C CYS D 116 -25.74 -17.02 25.66
N ILE D 117 -25.09 -18.19 25.56
CA ILE D 117 -25.00 -18.91 24.29
C ILE D 117 -26.33 -19.53 23.90
N SER D 118 -26.99 -20.23 24.84
CA SER D 118 -28.27 -20.81 24.44
C SER D 118 -29.33 -19.71 24.22
N ARG D 119 -29.32 -18.63 25.00
CA ARG D 119 -30.18 -17.49 24.61
C ARG D 119 -29.84 -16.99 23.22
N PHE D 120 -28.62 -17.26 22.73
CA PHE D 120 -28.23 -16.79 21.40
C PHE D 120 -28.84 -17.69 20.32
N ALA D 121 -28.61 -18.99 20.41
CA ALA D 121 -29.23 -19.93 19.47
C ALA D 121 -30.74 -19.82 19.46
N THR D 122 -31.35 -19.40 20.58
CA THR D 122 -32.80 -19.13 20.62
C THR D 122 -33.20 -18.13 19.54
N ARG D 123 -32.48 -16.99 19.49
CA ARG D 123 -32.97 -15.80 18.82
C ARG D 123 -32.86 -15.87 17.31
N ILE D 124 -32.03 -16.77 16.78
CA ILE D 124 -31.67 -16.73 15.36
C ILE D 124 -32.38 -17.81 14.58
N THR D 125 -32.15 -19.05 14.99
CA THR D 125 -32.64 -20.22 14.29
C THR D 125 -34.16 -20.31 14.37
N SER D 126 -34.71 -21.26 13.61
CA SER D 126 -36.11 -21.66 13.76
C SER D 126 -36.20 -23.14 13.45
N GLU D 127 -36.40 -23.93 14.50
CA GLU D 127 -36.11 -25.36 14.50
C GLU D 127 -37.05 -26.15 13.58
N ALA D 135 -21.72 -31.99 21.62
CA ALA D 135 -21.45 -32.04 23.05
C ALA D 135 -22.39 -31.09 23.82
N SER D 136 -22.21 -31.04 25.15
CA SER D 136 -23.16 -30.35 26.01
C SER D 136 -22.92 -28.84 26.07
N SER D 137 -21.77 -28.44 26.60
CA SER D 137 -21.43 -27.03 26.73
C SER D 137 -20.15 -26.70 25.96
N ASP D 138 -19.92 -27.44 24.87
CA ASP D 138 -18.83 -27.13 23.94
C ASP D 138 -19.28 -25.90 23.17
N PHE D 139 -19.07 -24.73 23.79
CA PHE D 139 -19.68 -23.49 23.33
C PHE D 139 -19.40 -23.20 21.86
N VAL D 140 -18.18 -23.53 21.40
CA VAL D 140 -17.86 -23.40 19.98
C VAL D 140 -18.89 -24.11 19.14
N GLY D 141 -19.26 -25.33 19.54
CA GLY D 141 -20.23 -26.11 18.79
C GLY D 141 -21.62 -25.49 18.76
N LYS D 142 -22.09 -24.97 19.91
CA LYS D 142 -23.38 -24.28 19.89
C LYS D 142 -23.31 -23.03 19.03
N ILE D 143 -22.19 -22.31 19.09
CA ILE D 143 -22.07 -21.06 18.34
C ILE D 143 -22.01 -21.34 16.85
N VAL D 144 -21.23 -22.34 16.44
CA VAL D 144 -21.04 -22.56 15.00
C VAL D 144 -22.32 -23.12 14.38
N ASN D 145 -23.00 -24.03 15.06
CA ASN D 145 -24.16 -24.67 14.45
C ASN D 145 -25.34 -23.72 14.34
N ALA D 146 -25.63 -22.98 15.42
CA ALA D 146 -26.71 -22.00 15.39
C ALA D 146 -26.43 -20.79 14.50
N GLU D 147 -25.27 -20.73 13.85
CA GLU D 147 -24.97 -19.69 12.88
C GLU D 147 -25.07 -20.17 11.43
N MET D 148 -24.81 -21.46 11.20
CA MET D 148 -25.14 -22.07 9.91
C MET D 148 -26.63 -22.30 9.76
N ASN D 149 -27.37 -22.42 10.87
CA ASN D 149 -28.78 -22.73 10.89
C ASN D 149 -29.68 -21.50 10.69
N SER D 150 -29.18 -20.43 10.06
CA SER D 150 -29.89 -19.16 10.04
C SER D 150 -29.68 -18.45 8.72
N LYS D 151 -30.63 -17.56 8.40
CA LYS D 151 -30.33 -16.40 7.57
C LYS D 151 -30.83 -15.11 8.22
N THR D 152 -31.22 -15.15 9.49
CA THR D 152 -31.51 -13.91 10.19
C THR D 152 -30.21 -13.23 10.65
N PHE D 153 -29.23 -14.00 11.10
CA PHE D 153 -28.01 -13.45 11.65
C PHE D 153 -26.79 -14.04 10.94
N TYR D 154 -25.77 -13.22 10.78
CA TYR D 154 -24.47 -13.66 10.28
C TYR D 154 -23.47 -12.56 10.58
N THR D 155 -22.18 -12.92 10.54
CA THR D 155 -21.14 -11.91 10.58
C THR D 155 -20.31 -11.94 9.29
N ARG D 156 -19.50 -10.91 9.10
CA ARG D 156 -18.54 -10.88 8.01
C ARG D 156 -17.29 -10.09 8.42
N PHE D 157 -16.12 -10.68 8.13
CA PHE D 157 -14.83 -10.02 8.32
C PHE D 157 -14.54 -9.19 7.07
N GLU D 158 -14.20 -7.93 7.29
CA GLU D 158 -13.83 -7.09 6.17
C GLU D 158 -12.67 -6.20 6.60
N PRO D 159 -12.00 -5.52 5.66
CA PRO D 159 -10.93 -4.59 6.03
C PRO D 159 -11.42 -3.47 6.93
N ALA D 160 -10.50 -2.99 7.78
CA ALA D 160 -10.76 -1.86 8.68
C ALA D 160 -10.60 -0.54 7.92
N LEU D 161 -11.57 -0.28 7.06
CA LEU D 161 -11.64 1.00 6.38
C LEU D 161 -12.90 1.71 6.81
N TYR D 162 -12.90 3.02 6.66
CA TYR D 162 -14.08 3.79 7.00
C TYR D 162 -15.24 3.41 6.09
N SER D 163 -16.44 3.41 6.65
CA SER D 163 -17.67 3.29 5.90
C SER D 163 -18.74 4.07 6.62
N GLU D 164 -19.73 4.55 5.87
CA GLU D 164 -20.79 5.30 6.55
C GLU D 164 -21.61 4.38 7.42
N GLU D 165 -21.88 3.15 6.94
CA GLU D 165 -22.66 2.21 7.75
C GLU D 165 -21.99 2.01 9.11
N LYS D 166 -20.66 1.86 9.12
CA LYS D 166 -19.96 1.65 10.38
C LYS D 166 -19.91 2.92 11.23
N TYR D 167 -19.68 4.08 10.60
CA TYR D 167 -19.63 5.33 11.35
C TYR D 167 -20.94 5.63 12.04
N HIS D 168 -22.06 5.41 11.33
CA HIS D 168 -23.39 5.63 11.92
C HIS D 168 -23.60 4.78 13.16
N LEU D 169 -23.19 3.51 13.12
CA LEU D 169 -23.29 2.65 14.29
C LEU D 169 -22.41 3.17 15.41
N PHE D 170 -21.22 3.67 15.06
CA PHE D 170 -20.32 4.22 16.06
C PHE D 170 -20.89 5.48 16.71
N VAL D 171 -21.53 6.36 15.94
CA VAL D 171 -22.17 7.51 16.54
C VAL D 171 -23.32 7.08 17.46
N LYS D 172 -24.09 6.07 17.02
CA LYS D 172 -25.26 5.64 17.79
C LYS D 172 -24.83 4.97 19.10
N TYR D 173 -23.82 4.12 19.03
CA TYR D 173 -23.25 3.54 20.24
C TYR D 173 -22.68 4.63 21.15
N GLN D 174 -21.85 5.52 20.59
CA GLN D 174 -21.23 6.55 21.42
C GLN D 174 -22.28 7.41 22.10
N GLU D 175 -23.22 7.94 21.34
CA GLU D 175 -24.17 8.89 21.91
C GLU D 175 -25.04 8.24 22.98
N LYS D 176 -25.47 7.01 22.74
CA LYS D 176 -26.56 6.43 23.53
C LYS D 176 -26.13 5.30 24.46
N VAL D 177 -24.84 5.05 24.64
CA VAL D 177 -24.38 4.40 25.87
C VAL D 177 -23.22 5.20 26.49
N HIS D 178 -22.22 5.57 25.70
CA HIS D 178 -20.97 6.14 26.19
C HIS D 178 -20.99 7.63 26.47
N GLN D 179 -22.16 8.25 26.66
CA GLN D 179 -22.24 9.62 27.16
C GLN D 179 -21.81 10.68 26.10
N ASP D 180 -21.30 10.26 24.94
CA ASP D 180 -20.42 11.09 24.12
C ASP D 180 -21.11 11.59 22.85
N TYR D 181 -20.90 12.88 22.55
CA TYR D 181 -21.47 13.57 21.38
C TYR D 181 -20.39 14.37 20.66
N ASN D 182 -19.15 13.94 20.77
CA ASN D 182 -18.00 14.61 20.18
C ASN D 182 -17.37 13.74 19.08
N ASN D 183 -18.22 13.13 18.26
CA ASN D 183 -17.79 12.10 17.33
C ASN D 183 -17.80 12.68 15.92
N SER D 184 -16.63 12.68 15.30
CA SER D 184 -16.42 13.06 13.91
C SER D 184 -15.98 11.85 13.09
N PRO D 185 -16.23 11.85 11.78
CA PRO D 185 -15.59 10.84 10.92
C PRO D 185 -14.11 10.67 11.18
N LYS D 186 -13.36 11.77 11.22
CA LYS D 186 -11.91 11.63 11.34
C LYS D 186 -11.52 11.05 12.69
N SER D 187 -12.29 11.33 13.74
CA SER D 187 -11.99 10.73 15.03
C SER D 187 -12.26 9.23 15.02
N PHE D 188 -13.42 8.82 14.50
CA PHE D 188 -13.71 7.40 14.36
C PHE D 188 -12.70 6.71 13.48
N LYS D 189 -12.18 7.39 12.45
CA LYS D 189 -11.14 6.78 11.63
C LYS D 189 -9.85 6.61 12.42
N ARG D 190 -9.53 7.59 13.26
CA ARG D 190 -8.26 7.61 13.97
C ARG D 190 -8.25 6.55 15.07
N PHE D 191 -9.38 6.33 15.74
CA PHE D 191 -9.38 5.30 16.76
C PHE D 191 -9.53 3.92 16.13
N LEU D 192 -10.44 3.77 15.17
CA LEU D 192 -10.96 2.46 14.80
C LEU D 192 -10.61 1.98 13.38
N CYS D 193 -10.04 2.83 12.52
CA CYS D 193 -9.64 2.35 11.19
C CYS D 193 -8.17 2.50 10.93
N ASP D 194 -7.55 3.57 11.42
CA ASP D 194 -6.14 3.77 11.19
C ASP D 194 -5.34 2.72 11.92
N THR D 195 -4.37 2.16 11.21
CA THR D 195 -3.48 1.15 11.76
C THR D 195 -2.03 1.54 11.48
N PRO D 196 -1.09 0.91 12.16
CA PRO D 196 0.33 1.03 11.80
C PRO D 196 0.85 -0.08 10.88
N PHE D 197 -0.02 -0.89 10.29
CA PHE D 197 0.39 -1.95 9.40
C PHE D 197 0.33 -1.51 7.93
N GLY D 198 0.88 -2.32 7.05
CA GLY D 198 1.01 -1.92 5.67
C GLY D 198 -0.27 -2.14 4.90
N PRO D 199 -0.24 -1.75 3.61
CA PRO D 199 -1.38 -2.05 2.74
C PRO D 199 -1.76 -3.53 2.69
N GLU D 200 -0.78 -4.45 2.58
CA GLU D 200 -1.18 -5.86 2.50
C GLU D 200 -1.83 -6.32 3.78
N ALA D 201 -1.36 -5.86 4.94
CA ALA D 201 -1.96 -6.32 6.19
C ALA D 201 -3.42 -5.87 6.31
N VAL D 202 -3.75 -4.71 5.76
CA VAL D 202 -5.06 -4.12 5.91
C VAL D 202 -6.03 -4.61 4.83
N LEU D 203 -5.56 -4.69 3.58
CA LEU D 203 -6.44 -5.03 2.47
C LEU D 203 -6.40 -6.50 2.12
N GLY D 204 -5.24 -7.12 2.24
CA GLY D 204 -5.15 -8.55 2.02
C GLY D 204 -5.36 -8.97 0.57
N THR D 205 -5.93 -10.16 0.40
CA THR D 205 -6.38 -10.67 -0.88
C THR D 205 -7.79 -11.23 -0.71
N GLN D 206 -8.50 -11.40 -1.83
CA GLN D 206 -9.84 -11.98 -1.76
C GLN D 206 -9.78 -13.41 -1.24
N GLU D 207 -8.74 -14.14 -1.64
CA GLU D 207 -8.59 -15.51 -1.18
C GLU D 207 -8.52 -15.59 0.35
N SER D 208 -7.81 -14.65 0.99
CA SER D 208 -7.65 -14.75 2.44
C SER D 208 -8.91 -14.30 3.18
N TRP D 209 -9.57 -13.24 2.72
CA TRP D 209 -10.87 -12.91 3.30
C TRP D 209 -11.86 -14.06 3.11
N GLU D 210 -11.82 -14.71 1.95
CA GLU D 210 -12.67 -15.87 1.71
C GLU D 210 -12.47 -16.92 2.79
N GLN D 211 -11.20 -17.28 3.04
CA GLN D 211 -10.91 -18.30 4.06
C GLN D 211 -11.43 -17.86 5.41
N LEU D 212 -10.95 -16.73 5.91
CA LEU D 212 -11.35 -16.29 7.25
C LEU D 212 -12.86 -16.28 7.44
N ASN D 213 -13.60 -15.92 6.40
CA ASN D 213 -15.06 -15.90 6.48
C ASN D 213 -15.68 -17.29 6.35
N ASN D 214 -14.90 -18.32 6.11
CA ASN D 214 -15.37 -19.70 6.21
C ASN D 214 -14.62 -20.44 7.31
N TRP D 215 -14.37 -19.72 8.41
CA TRP D 215 -13.57 -20.26 9.50
C TRP D 215 -14.25 -21.44 10.15
N GLN D 216 -15.59 -21.47 10.12
CA GLN D 216 -16.34 -22.61 10.65
C GLN D 216 -16.02 -23.90 9.90
N ARG D 217 -15.53 -23.81 8.67
CA ARG D 217 -15.33 -24.94 7.79
C ARG D 217 -13.84 -25.23 7.54
N MET D 218 -12.99 -24.88 8.50
CA MET D 218 -11.55 -25.05 8.36
C MET D 218 -11.10 -26.34 9.05
N LYS D 219 -10.26 -27.10 8.36
CA LYS D 219 -9.64 -28.28 8.95
C LYS D 219 -8.65 -27.83 10.05
N PRO D 220 -8.46 -28.62 11.09
CA PRO D 220 -7.26 -28.41 11.89
C PRO D 220 -6.07 -28.81 11.04
N GLY D 221 -5.03 -27.99 11.08
CA GLY D 221 -3.92 -28.17 10.18
C GLY D 221 -3.98 -27.34 8.93
N GLU D 222 -5.08 -26.63 8.69
CA GLU D 222 -5.03 -25.45 7.83
C GLU D 222 -4.44 -24.30 8.61
N LYS D 223 -3.56 -23.53 7.98
CA LYS D 223 -3.09 -22.32 8.62
C LYS D 223 -3.96 -21.14 8.16
N LEU D 224 -4.23 -20.22 9.06
CA LEU D 224 -5.02 -19.08 8.69
C LEU D 224 -4.09 -18.07 8.03
N LYS D 225 -4.51 -17.55 6.88
CA LYS D 225 -3.63 -16.78 6.03
C LYS D 225 -3.69 -15.28 6.32
N HIS D 226 -4.84 -14.74 6.71
CA HIS D 226 -4.91 -13.31 6.97
C HIS D 226 -4.32 -12.98 8.35
N MET D 227 -3.27 -12.17 8.36
CA MET D 227 -2.68 -11.64 9.58
C MET D 227 -2.77 -10.13 9.49
N GLY D 228 -3.54 -9.52 10.40
CA GLY D 228 -3.81 -8.11 10.31
C GLY D 228 -5.04 -7.62 11.05
N PRO D 229 -5.30 -6.33 10.97
CA PRO D 229 -6.51 -5.79 11.56
C PRO D 229 -7.72 -6.17 10.73
N VAL D 230 -8.84 -6.39 11.42
CA VAL D 230 -10.12 -6.69 10.77
C VAL D 230 -11.23 -5.95 11.51
N HIS D 231 -12.33 -5.75 10.80
CA HIS D 231 -13.60 -5.37 11.41
C HIS D 231 -14.54 -6.55 11.24
N GLU D 232 -15.08 -7.06 12.35
CA GLU D 232 -16.03 -8.15 12.35
C GLU D 232 -17.41 -7.55 12.55
N CYS D 233 -18.18 -7.48 11.46
CA CYS D 233 -19.49 -6.83 11.51
C CYS D 233 -20.62 -7.83 11.73
N TYR D 234 -21.47 -7.53 12.70
CA TYR D 234 -22.56 -8.41 13.11
C TYR D 234 -23.85 -7.93 12.46
N TYR D 235 -24.54 -8.83 11.74
CA TYR D 235 -25.81 -8.49 11.11
C TYR D 235 -26.94 -9.33 11.67
N TYR D 236 -28.09 -8.68 11.87
CA TYR D 236 -29.35 -9.31 12.27
C TYR D 236 -30.41 -8.68 11.38
N GLU D 237 -30.99 -9.49 10.46
CA GLU D 237 -31.95 -9.04 9.42
C GLU D 237 -31.33 -8.08 8.43
N GLY D 238 -30.10 -8.32 8.06
CA GLY D 238 -29.46 -7.47 7.09
C GLY D 238 -29.14 -6.07 7.57
N LYS D 239 -29.41 -5.74 8.84
CA LYS D 239 -28.94 -4.50 9.40
C LYS D 239 -27.85 -4.75 10.43
N LEU D 240 -26.95 -3.79 10.58
CA LEU D 240 -25.68 -3.98 11.28
C LEU D 240 -25.84 -3.62 12.74
N ILE D 241 -25.51 -4.55 13.64
CA ILE D 241 -25.79 -4.38 15.06
C ILE D 241 -24.55 -4.34 15.94
N ALA D 242 -23.39 -4.83 15.51
CA ALA D 242 -22.19 -4.75 16.33
C ALA D 242 -20.97 -4.79 15.43
N ILE D 243 -19.83 -4.34 15.97
CA ILE D 243 -18.57 -4.29 15.24
C ILE D 243 -17.43 -4.64 16.19
N THR D 244 -16.80 -5.80 15.97
CA THR D 244 -15.57 -6.14 16.68
C THR D 244 -14.39 -5.64 15.88
N VAL D 245 -13.54 -4.83 16.51
CA VAL D 245 -12.29 -4.38 15.88
C VAL D 245 -11.16 -5.19 16.47
N SER D 246 -10.56 -6.06 15.68
CA SER D 246 -9.58 -6.99 16.20
C SER D 246 -8.34 -7.02 15.33
N ASP D 247 -7.28 -7.56 15.91
CA ASP D 247 -6.00 -7.72 15.23
C ASP D 247 -5.67 -9.20 15.19
N ILE D 248 -5.70 -9.78 14.00
CA ILE D 248 -5.38 -11.19 13.84
C ILE D 248 -3.86 -11.34 13.80
N LEU D 249 -3.29 -11.93 14.85
CA LEU D 249 -1.85 -12.06 15.02
C LEU D 249 -1.41 -13.49 14.83
N PRO D 250 -0.13 -13.71 14.62
CA PRO D 250 0.34 -15.09 14.42
C PRO D 250 0.06 -15.99 15.60
N SER D 251 -0.12 -15.44 16.79
CA SER D 251 -0.33 -16.23 18.00
C SER D 251 -1.76 -16.17 18.55
N GLY D 252 -2.64 -15.39 17.93
CA GLY D 252 -4.03 -15.39 18.34
C GLY D 252 -4.74 -14.14 17.81
N ILE D 253 -5.86 -13.82 18.46
CA ILE D 253 -6.60 -12.60 18.17
C ILE D 253 -6.50 -11.67 19.37
N SER D 254 -6.10 -10.42 19.10
CA SER D 254 -6.13 -9.34 20.07
C SER D 254 -7.31 -8.44 19.73
N SER D 255 -8.17 -8.20 20.71
CA SER D 255 -9.30 -7.30 20.52
C SER D 255 -8.85 -5.89 20.88
N VAL D 256 -9.25 -4.92 20.07
CA VAL D 256 -8.95 -3.54 20.33
C VAL D 256 -10.19 -2.73 20.67
N TYR D 257 -11.36 -3.11 20.16
CA TYR D 257 -12.56 -2.37 20.49
C TYR D 257 -13.78 -3.16 20.07
N PHE D 258 -14.90 -2.81 20.69
CA PHE D 258 -16.16 -3.46 20.35
C PHE D 258 -17.26 -2.44 20.58
N ILE D 259 -18.04 -2.16 19.54
CA ILE D 259 -19.17 -1.25 19.63
C ILE D 259 -20.42 -2.01 19.19
N TRP D 260 -21.60 -1.49 19.57
CA TRP D 260 -22.83 -2.26 19.37
C TRP D 260 -24.05 -1.37 19.42
N ASP D 261 -25.02 -1.67 18.57
CA ASP D 261 -26.28 -0.96 18.55
C ASP D 261 -26.98 -1.12 19.89
N PRO D 262 -27.24 -0.03 20.62
CA PRO D 262 -27.81 -0.19 21.96
C PRO D 262 -29.24 -0.68 21.96
N ASP D 263 -29.94 -0.62 20.84
CA ASP D 263 -31.29 -1.20 20.86
C ASP D 263 -31.27 -2.72 20.85
N TYR D 264 -30.08 -3.33 20.93
CA TYR D 264 -29.87 -4.74 21.19
C TYR D 264 -29.20 -4.93 22.54
N SER D 265 -29.41 -3.97 23.45
CA SER D 265 -28.63 -3.85 24.68
C SER D 265 -28.56 -5.17 25.44
N LYS D 266 -29.72 -5.79 25.67
CA LYS D 266 -29.82 -6.99 26.48
C LYS D 266 -29.73 -8.27 25.67
N TRP D 267 -28.98 -8.25 24.57
CA TRP D 267 -28.48 -9.46 23.92
C TRP D 267 -27.16 -9.93 24.51
N SER D 268 -26.57 -9.16 25.44
CA SER D 268 -25.24 -9.42 25.98
C SER D 268 -24.23 -9.67 24.87
N LEU D 269 -24.15 -8.70 23.96
CA LEU D 269 -23.23 -8.84 22.83
C LEU D 269 -21.78 -8.78 23.26
N GLY D 270 -21.50 -8.20 24.43
CA GLY D 270 -20.14 -8.10 24.90
C GLY D 270 -19.55 -9.44 25.33
N LYS D 271 -20.39 -10.34 25.86
CA LYS D 271 -19.88 -11.68 26.11
C LYS D 271 -19.93 -12.54 24.86
N LEU D 272 -21.08 -12.53 24.19
CA LEU D 272 -21.19 -13.26 22.93
C LEU D 272 -20.03 -12.91 22.01
N SER D 273 -19.63 -11.63 22.06
CA SER D 273 -18.36 -11.13 21.51
C SER D 273 -17.22 -12.09 21.73
N ALA D 274 -16.86 -12.27 23.01
CA ALA D 274 -15.62 -12.99 23.30
C ALA D 274 -15.69 -14.47 22.92
N LEU D 275 -16.84 -15.10 23.14
CA LEU D 275 -16.98 -16.53 22.83
C LEU D 275 -16.79 -16.78 21.34
N ARG D 276 -17.54 -16.05 20.51
CA ARG D 276 -17.35 -16.12 19.07
C ARG D 276 -15.86 -16.01 18.71
N ASP D 277 -15.19 -14.95 19.16
CA ASP D 277 -13.75 -14.83 18.96
C ASP D 277 -13.01 -16.10 19.42
N LEU D 278 -13.24 -16.52 20.66
CA LEU D 278 -12.62 -17.75 21.15
C LEU D 278 -12.95 -18.91 20.23
N ALA D 279 -14.19 -18.96 19.71
CA ALA D 279 -14.58 -20.02 18.78
C ALA D 279 -13.79 -19.93 17.48
N ILE D 280 -13.59 -18.72 16.96
CA ILE D 280 -12.76 -18.52 15.77
C ILE D 280 -11.33 -18.96 16.03
N ILE D 281 -10.74 -18.53 17.16
CA ILE D 281 -9.37 -18.94 17.47
C ILE D 281 -9.25 -20.44 17.37
N GLN D 282 -10.14 -21.16 18.04
CA GLN D 282 -10.03 -22.61 18.05
C GLN D 282 -10.27 -23.20 16.66
N ARG D 283 -11.24 -22.66 15.91
CA ARG D 283 -11.50 -23.17 14.56
C ARG D 283 -10.39 -22.82 13.58
N THR D 284 -9.71 -21.69 13.79
CA THR D 284 -8.70 -21.18 12.87
C THR D 284 -7.30 -21.66 13.22
N ASN D 285 -7.15 -22.44 14.29
CA ASN D 285 -5.88 -23.05 14.69
C ASN D 285 -4.86 -21.99 15.12
N LEU D 286 -5.31 -21.00 15.89
CA LEU D 286 -4.45 -20.09 16.63
C LEU D 286 -4.52 -20.45 18.11
N GLN D 287 -3.73 -19.77 18.93
CA GLN D 287 -3.66 -20.15 20.36
C GLN D 287 -4.47 -19.27 21.31
N TYR D 288 -4.45 -17.94 21.17
CA TYR D 288 -4.87 -17.09 22.28
C TYR D 288 -5.88 -15.99 21.92
N TYR D 289 -6.81 -15.76 22.83
CA TYR D 289 -7.61 -14.54 22.85
C TYR D 289 -6.95 -13.55 23.81
N TYR D 290 -6.34 -12.50 23.27
CA TYR D 290 -5.74 -11.46 24.09
C TYR D 290 -6.79 -10.40 24.37
N LEU D 291 -7.28 -10.33 25.60
CA LEU D 291 -8.36 -9.39 25.87
C LEU D 291 -7.83 -8.00 26.14
N GLY D 292 -6.69 -7.92 26.82
CA GLY D 292 -6.27 -6.62 27.30
C GLY D 292 -7.19 -6.19 28.44
N TYR D 293 -7.67 -4.94 28.38
CA TYR D 293 -8.77 -4.49 29.23
C TYR D 293 -9.25 -3.10 28.81
N TYR D 307 -11.94 -17.04 32.75
CA TYR D 307 -11.73 -17.46 34.14
C TYR D 307 -10.43 -18.29 34.24
N GLY D 308 -10.26 -19.28 33.36
CA GLY D 308 -9.11 -20.19 33.35
C GLY D 308 -7.86 -19.67 32.65
N ALA D 309 -7.64 -18.37 32.78
CA ALA D 309 -6.79 -17.57 31.91
C ALA D 309 -5.39 -17.39 32.48
N GLU D 310 -4.57 -16.62 31.77
CA GLU D 310 -3.26 -16.23 32.23
C GLU D 310 -3.07 -14.73 32.07
N VAL D 311 -2.44 -14.12 33.06
CA VAL D 311 -2.20 -12.69 33.08
C VAL D 311 -0.70 -12.45 33.08
N LEU D 312 -0.28 -11.40 32.37
CA LEU D 312 1.12 -11.17 32.08
C LEU D 312 1.78 -10.38 33.22
N ASP D 313 2.76 -11.00 33.87
CA ASP D 313 3.68 -10.24 34.72
C ASP D 313 4.64 -9.49 33.81
N VAL D 314 4.63 -8.15 33.89
CA VAL D 314 5.50 -7.38 33.02
C VAL D 314 6.94 -7.25 33.51
N CYS D 315 7.25 -7.50 34.78
CA CYS D 315 8.65 -7.45 35.18
C CYS D 315 9.38 -8.74 34.88
N HIS D 316 8.67 -9.81 34.54
CA HIS D 316 9.28 -11.01 34.00
C HIS D 316 9.08 -11.15 32.50
N SER D 317 8.13 -10.40 31.93
CA SER D 317 7.63 -10.64 30.58
C SER D 317 7.12 -12.06 30.43
N LYS D 318 6.40 -12.55 31.42
CA LYS D 318 5.94 -13.92 31.42
C LYS D 318 4.53 -13.97 31.97
N TYR D 319 3.81 -15.02 31.60
CA TYR D 319 2.42 -15.20 32.01
C TYR D 319 2.37 -16.11 33.23
N ILE D 320 1.54 -15.74 34.20
CA ILE D 320 1.27 -16.58 35.35
C ILE D 320 -0.22 -16.90 35.34
N PRO D 321 -0.61 -18.03 35.93
CA PRO D 321 -2.04 -18.32 36.10
C PRO D 321 -2.82 -17.21 36.81
N LEU D 322 -4.02 -16.95 36.30
CA LEU D 322 -4.85 -15.89 36.84
C LEU D 322 -5.44 -16.24 38.20
N LYS D 323 -5.79 -17.51 38.46
CA LYS D 323 -6.48 -17.85 39.70
C LYS D 323 -5.73 -17.44 40.95
N PRO D 324 -4.48 -17.86 41.18
CA PRO D 324 -3.80 -17.52 42.45
C PRO D 324 -3.87 -16.06 42.83
N ILE D 325 -3.94 -15.16 41.85
CA ILE D 325 -3.81 -13.72 42.09
C ILE D 325 -5.06 -12.98 41.64
N GLN D 326 -6.17 -13.71 41.52
CA GLN D 326 -7.43 -13.11 41.06
C GLN D 326 -7.82 -11.92 41.92
N ASP D 327 -7.58 -12.01 43.24
CA ASP D 327 -8.03 -10.97 44.15
C ASP D 327 -6.96 -9.91 44.41
N MET D 328 -6.09 -9.69 43.44
CA MET D 328 -5.32 -8.47 43.34
C MET D 328 -5.58 -7.73 42.05
N ILE D 329 -5.83 -8.49 40.97
CA ILE D 329 -6.50 -7.91 39.81
C ILE D 329 -7.87 -7.38 40.23
N SER D 330 -8.51 -8.07 41.18
CA SER D 330 -9.72 -7.62 41.85
C SER D 330 -9.62 -6.15 42.24
N ARG D 331 -8.67 -5.86 43.16
CA ARG D 331 -8.40 -4.53 43.68
C ARG D 331 -7.52 -3.71 42.74
N GLY D 332 -7.24 -4.25 41.55
CA GLY D 332 -6.41 -3.57 40.57
C GLY D 332 -5.09 -3.09 41.13
N LYS D 333 -4.23 -4.01 41.54
CA LYS D 333 -2.98 -3.64 42.18
C LYS D 333 -1.83 -4.34 41.49
N LEU D 334 -0.62 -3.89 41.82
CA LEU D 334 0.57 -4.33 41.11
C LEU D 334 1.11 -5.59 41.78
N PHE D 335 1.44 -6.59 40.97
CA PHE D 335 2.04 -7.81 41.49
C PHE D 335 3.35 -8.05 40.75
N VAL D 336 4.30 -8.69 41.43
CA VAL D 336 5.54 -9.16 40.83
C VAL D 336 5.80 -10.56 41.37
N ILE D 337 5.81 -11.54 40.48
CA ILE D 337 5.95 -12.91 40.98
C ILE D 337 7.36 -13.10 41.51
N GLY D 338 7.49 -13.81 42.62
CA GLY D 338 8.81 -14.19 43.10
C GLY D 338 8.70 -15.33 44.10
N GLU D 339 9.85 -15.92 44.41
CA GLU D 339 9.98 -16.99 45.39
C GLU D 339 10.49 -16.52 46.75
N GLU D 340 11.08 -15.33 46.82
CA GLU D 340 11.56 -14.78 48.07
C GLU D 340 12.48 -15.78 48.78
N GLU D 341 13.51 -16.19 48.05
CA GLU D 341 14.62 -16.85 48.70
C GLU D 341 15.47 -15.80 49.40
N THR D 342 15.51 -14.61 48.83
CA THR D 342 16.01 -13.40 49.45
C THR D 342 15.04 -12.26 49.13
N LYS D 343 15.26 -11.12 49.78
CA LYS D 343 14.63 -9.86 49.39
C LYS D 343 15.51 -9.26 48.29
N VAL D 344 14.95 -9.14 47.08
CA VAL D 344 15.73 -8.55 45.99
C VAL D 344 16.10 -7.13 46.36
N THR D 345 17.24 -6.69 45.85
CA THR D 345 17.66 -5.32 46.11
C THR D 345 17.88 -4.59 44.80
N LYS D 346 17.44 -5.18 43.70
CA LYS D 346 17.41 -4.58 42.37
C LYS D 346 16.11 -4.97 41.68
N GLU D 347 15.69 -4.16 40.71
CA GLU D 347 14.59 -4.58 39.86
C GLU D 347 14.99 -5.84 39.12
N LEU D 348 14.01 -6.69 38.84
CA LEU D 348 14.31 -7.98 38.21
C LEU D 348 14.89 -7.82 36.81
N TYR D 349 15.84 -8.70 36.48
CA TYR D 349 16.47 -8.72 35.17
C TYR D 349 15.51 -9.12 34.06
N LEU D 350 15.60 -8.44 32.92
CA LEU D 350 14.91 -8.87 31.71
C LEU D 350 15.93 -9.33 30.67
N VAL D 351 15.65 -10.45 30.00
CA VAL D 351 16.47 -10.97 28.91
C VAL D 351 15.90 -10.47 27.58
N ASP D 352 16.69 -9.69 26.84
CA ASP D 352 16.21 -9.12 25.58
C ASP D 352 15.59 -10.19 24.67
N SER D 353 16.15 -11.40 24.65
CA SER D 353 15.67 -12.39 23.69
C SER D 353 14.35 -13.03 24.10
N GLU D 354 14.10 -13.18 25.39
CA GLU D 354 12.89 -13.82 25.89
C GLU D 354 11.75 -12.85 26.06
N THR D 355 12.04 -11.57 26.21
CA THR D 355 11.02 -10.59 26.51
C THR D 355 9.96 -10.57 25.41
N GLY D 356 8.71 -10.40 25.82
CA GLY D 356 7.62 -10.36 24.87
C GLY D 356 7.39 -11.60 24.04
N ARG D 357 7.88 -12.77 24.46
CA ARG D 357 7.65 -13.99 23.71
C ARG D 357 6.55 -14.86 24.30
N GLY D 358 5.83 -14.40 25.31
CA GLY D 358 4.75 -15.26 25.78
C GLY D 358 5.19 -16.51 26.52
N GLU D 359 6.44 -16.57 26.97
CA GLU D 359 6.83 -17.59 27.93
C GLU D 359 5.94 -17.52 29.18
N GLY D 360 5.88 -18.65 29.89
CA GLY D 360 5.18 -18.73 31.16
C GLY D 360 6.15 -19.03 32.30
N PHE D 361 5.64 -18.97 33.52
CA PHE D 361 6.42 -19.38 34.66
C PHE D 361 6.43 -20.91 34.78
N PRO D 362 7.54 -21.47 35.23
CA PRO D 362 7.56 -22.87 35.65
C PRO D 362 6.36 -23.25 36.51
N THR D 363 5.75 -24.38 36.19
CA THR D 363 4.73 -25.01 37.03
C THR D 363 5.28 -26.18 37.84
N ASP D 364 6.55 -26.54 37.63
CA ASP D 364 7.26 -27.55 38.44
C ASP D 364 7.61 -26.91 39.77
N ASN D 365 6.97 -25.79 40.03
CA ASN D 365 7.16 -24.92 41.17
C ASN D 365 7.34 -25.71 42.46
N VAL D 366 8.51 -25.56 43.07
CA VAL D 366 8.81 -26.18 44.36
C VAL D 366 8.79 -25.14 45.48
N VAL D 367 9.12 -23.88 45.19
CA VAL D 367 9.02 -22.77 46.12
C VAL D 367 7.76 -22.00 45.74
N LYS D 368 6.62 -22.28 46.38
CA LYS D 368 5.34 -21.75 45.88
C LYS D 368 5.38 -20.22 45.80
N TYR D 369 4.68 -19.66 44.81
CA TYR D 369 4.97 -18.31 44.33
C TYR D 369 4.33 -17.24 45.21
N LYS D 370 5.16 -16.34 45.74
CA LYS D 370 4.67 -15.25 46.64
C LYS D 370 4.67 -13.92 45.87
N ASN D 371 4.01 -12.90 46.44
CA ASN D 371 4.02 -11.53 45.87
C ASN D 371 5.26 -10.78 46.39
N ILE D 372 6.04 -10.21 45.48
CA ILE D 372 7.26 -9.48 45.84
C ILE D 372 7.25 -8.04 45.34
N ALA D 373 6.12 -7.59 44.77
CA ALA D 373 6.04 -6.23 44.25
C ALA D 373 6.42 -5.19 45.31
N GLU D 374 6.17 -5.47 46.59
CA GLU D 374 6.39 -4.47 47.63
C GLU D 374 7.87 -4.19 47.85
N GLU D 375 8.71 -5.22 47.96
CA GLU D 375 10.14 -4.98 48.15
C GLU D 375 10.74 -4.12 47.03
N ILE D 376 10.20 -4.22 45.83
CA ILE D 376 10.83 -3.53 44.71
C ILE D 376 10.29 -2.11 44.64
N TYR D 377 8.96 -1.97 44.55
CA TYR D 377 8.29 -0.73 44.17
C TYR D 377 7.49 -0.06 45.28
N GLY D 378 7.34 -0.69 46.45
CA GLY D 378 6.58 -0.10 47.53
C GLY D 378 7.30 1.07 48.16
N VAL D 379 6.65 1.65 49.17
CA VAL D 379 7.27 2.67 50.01
C VAL D 379 8.59 2.16 50.54
N GLY D 380 9.68 2.83 50.18
CA GLY D 380 10.99 2.33 50.54
C GLY D 380 11.47 1.12 49.75
N GLY D 381 10.97 0.92 48.53
CA GLY D 381 11.41 -0.21 47.71
C GLY D 381 12.84 -0.06 47.21
N CYS D 382 13.44 -1.18 46.87
CA CYS D 382 14.83 -1.13 46.41
C CYS D 382 14.98 -0.36 45.11
N ALA D 383 13.90 -0.23 44.34
CA ALA D 383 14.02 0.21 42.96
C ALA D 383 14.53 1.65 42.86
N PHE D 384 14.06 2.55 43.73
CA PHE D 384 14.31 3.98 43.54
C PHE D 384 15.76 4.34 43.82
N LYS D 385 16.29 3.98 45.01
CA LYS D 385 17.68 4.27 45.29
C LYS D 385 18.62 3.67 44.23
N SER D 386 18.26 2.52 43.65
CA SER D 386 19.14 1.91 42.65
C SER D 386 19.04 2.66 41.33
N ALA D 387 17.84 3.11 40.97
CA ALA D 387 17.67 3.84 39.71
C ALA D 387 18.44 5.14 39.74
N ASN D 388 18.42 5.83 40.88
CA ASN D 388 19.11 7.10 40.95
C ASN D 388 20.61 6.89 40.86
N GLU D 389 21.14 5.90 41.59
CA GLU D 389 22.58 5.63 41.52
C GLU D 389 23.01 5.35 40.09
N SER D 390 22.18 4.63 39.32
CA SER D 390 22.47 4.39 37.92
C SER D 390 22.21 5.64 37.09
N ALA D 391 21.10 6.32 37.35
CA ALA D 391 20.77 7.54 36.63
C ALA D 391 21.96 8.49 36.59
N LEU D 392 22.63 8.66 37.74
CA LEU D 392 23.80 9.52 37.79
C LEU D 392 24.92 8.98 36.93
N GLU D 393 25.22 7.69 37.07
CA GLU D 393 26.29 7.10 36.28
C GLU D 393 25.99 7.19 34.79
N LEU D 394 24.71 7.18 34.42
CA LEU D 394 24.39 7.35 33.01
C LEU D 394 24.67 8.79 32.57
N LYS D 395 24.42 9.76 33.46
CA LYS D 395 24.61 11.17 33.13
C LYS D 395 26.09 11.50 33.05
N GLU D 396 26.79 11.39 34.18
CA GLU D 396 28.23 11.23 34.13
C GLU D 396 28.56 10.00 33.30
N LEU D 397 29.79 9.91 32.84
CA LEU D 397 30.26 8.71 32.16
C LEU D 397 29.77 8.70 30.71
N TYR D 398 28.46 8.80 30.42
CA TYR D 398 27.99 8.53 29.07
C TYR D 398 27.20 9.65 28.43
N GLY D 399 27.00 10.78 29.13
CA GLY D 399 26.38 11.98 28.57
C GLY D 399 24.91 11.84 28.25
N ILE D 400 24.22 10.93 28.93
CA ILE D 400 22.82 10.64 28.68
C ILE D 400 22.01 11.36 29.74
N PRO D 401 21.14 12.27 29.38
CA PRO D 401 20.53 13.16 30.38
C PRO D 401 19.48 12.48 31.26
N TYR D 402 19.97 11.73 32.24
CA TYR D 402 19.14 11.15 33.29
C TYR D 402 19.32 11.97 34.57
N GLU D 403 18.24 12.14 35.33
CA GLU D 403 18.29 12.87 36.59
C GLU D 403 17.81 11.97 37.72
N GLU D 404 18.35 12.21 38.92
CA GLU D 404 17.80 11.59 40.12
C GLU D 404 16.33 11.98 40.25
N GLU D 405 15.48 11.02 40.58
CA GLU D 405 14.05 11.30 40.71
C GLU D 405 13.48 10.55 41.91
N ASP D 406 12.18 10.78 42.15
CA ASP D 406 11.39 10.20 43.26
C ASP D 406 11.77 10.58 44.70
N LEU D 407 11.55 11.85 45.06
CA LEU D 407 12.07 12.41 46.34
C LEU D 407 11.30 11.76 47.49
N ASP D 408 11.74 10.56 47.88
CA ASP D 408 11.12 9.77 48.98
C ASP D 408 9.64 9.55 48.69
N THR D 409 9.19 9.85 47.46
CA THR D 409 7.78 9.66 47.14
C THR D 409 7.66 9.63 45.61
N ILE D 410 6.62 8.97 45.14
CA ILE D 410 6.40 8.85 43.71
C ILE D 410 5.18 9.62 43.25
N TYR D 411 4.32 10.05 44.17
CA TYR D 411 3.15 10.87 43.90
C TYR D 411 3.49 12.33 44.17
N HIS D 412 3.20 13.19 43.20
CA HIS D 412 3.54 14.59 43.33
C HIS D 412 2.32 15.47 43.12
N ASN D 422 6.79 15.92 32.85
CA ASN D 422 8.08 15.52 33.41
C ASN D 422 8.87 14.71 32.40
N GLY D 423 8.30 13.57 31.98
CA GLY D 423 8.92 12.61 31.10
C GLY D 423 8.69 11.18 31.57
N ILE D 424 9.35 10.25 30.94
CA ILE D 424 9.18 8.84 31.31
C ILE D 424 10.00 8.57 32.59
N PRO D 425 9.37 8.05 33.64
CA PRO D 425 10.08 7.89 34.92
C PRO D 425 11.26 6.92 34.87
N ASN D 426 12.16 7.10 35.84
CA ASN D 426 13.31 6.21 36.03
C ASN D 426 12.86 4.79 36.35
N VAL D 427 11.95 4.65 37.32
CA VAL D 427 11.45 3.36 37.79
C VAL D 427 10.03 3.18 37.28
N VAL D 428 9.84 2.20 36.39
CA VAL D 428 8.50 1.83 35.91
C VAL D 428 8.49 0.33 35.66
N PRO D 429 7.59 -0.44 36.28
CA PRO D 429 7.63 -1.89 36.12
C PRO D 429 7.28 -2.25 34.69
N GLY D 430 8.07 -3.14 34.10
CA GLY D 430 7.90 -3.52 32.72
C GLY D 430 8.79 -2.78 31.77
N LEU D 431 9.49 -1.77 32.25
CA LEU D 431 10.54 -1.11 31.48
C LEU D 431 11.89 -1.68 31.92
N LEU D 432 12.86 -1.62 31.01
CA LEU D 432 14.22 -2.03 31.37
C LEU D 432 14.69 -1.19 32.56
N PRO D 433 15.10 -1.81 33.65
CA PRO D 433 15.61 -1.05 34.79
C PRO D 433 16.88 -0.28 34.40
N LEU D 434 16.99 0.95 34.88
CA LEU D 434 18.17 1.73 34.59
C LEU D 434 19.45 0.96 34.88
N TRP D 435 19.47 0.12 35.93
CA TRP D 435 20.68 -0.65 36.19
C TRP D 435 21.00 -1.55 35.02
N GLU D 436 19.99 -2.20 34.47
CA GLU D 436 20.23 -3.05 33.31
C GLU D 436 20.59 -2.22 32.07
N LEU D 437 19.98 -1.04 31.91
CA LEU D 437 20.34 -0.17 30.79
C LEU D 437 21.79 0.27 30.88
N LEU D 438 22.26 0.52 32.11
CA LEU D 438 23.64 0.95 32.31
C LEU D 438 24.61 -0.11 31.83
N ASP D 439 24.33 -1.38 32.15
CA ASP D 439 25.17 -2.47 31.67
C ASP D 439 25.26 -2.49 30.15
N ILE D 440 24.20 -2.05 29.45
CA ILE D 440 24.26 -1.98 27.99
C ILE D 440 25.29 -0.96 27.54
N MET D 441 25.34 0.20 28.22
CA MET D 441 26.33 1.23 27.88
C MET D 441 27.74 0.76 28.23
N GLN D 442 27.95 0.28 29.47
CA GLN D 442 29.28 0.07 30.02
C GLN D 442 29.96 -1.11 29.36
N SER D 443 29.19 -2.10 28.92
CA SER D 443 29.73 -3.23 28.18
C SER D 443 30.03 -2.90 26.73
N GLY D 444 29.62 -1.73 26.25
CA GLY D 444 29.71 -1.44 24.83
C GLY D 444 28.72 -2.19 23.98
N LYS D 445 27.79 -2.93 24.58
CA LYS D 445 26.77 -3.59 23.78
C LYS D 445 25.95 -2.58 23.00
N ILE D 446 25.88 -1.34 23.48
CA ILE D 446 25.05 -0.34 22.81
C ILE D 446 25.48 -0.21 21.35
N THR D 447 26.80 -0.30 21.09
CA THR D 447 27.31 -0.13 19.73
C THR D 447 26.71 -1.13 18.73
N ASP D 448 26.07 -2.21 19.22
CA ASP D 448 25.40 -3.12 18.31
C ASP D 448 24.33 -2.42 17.49
N LEU D 449 23.91 -1.24 17.93
CA LEU D 449 22.94 -0.48 17.17
C LEU D 449 23.58 0.23 15.98
N GLU D 450 24.89 0.51 16.04
CA GLU D 450 25.59 1.21 14.98
C GLU D 450 25.51 0.40 13.70
N GLY D 451 24.92 0.97 12.66
CA GLY D 451 24.69 0.23 11.44
C GLY D 451 23.39 -0.54 11.40
N ARG D 452 22.60 -0.49 12.46
CA ARG D 452 21.27 -1.12 12.45
C ARG D 452 20.16 -0.12 12.72
N LEU D 453 20.23 0.62 13.82
CA LEU D 453 19.27 1.70 14.07
C LEU D 453 19.40 2.82 13.03
N PHE D 454 18.28 3.41 12.65
CA PHE D 454 18.29 4.62 11.84
C PHE D 454 17.52 5.73 12.55
N LEU D 455 18.06 6.94 12.48
CA LEU D 455 17.41 8.13 13.03
C LEU D 455 16.78 8.93 11.91
N PHE D 456 15.70 9.61 12.26
CA PHE D 456 14.99 10.49 11.32
C PHE D 456 14.60 11.73 12.11
N GLU D 457 15.50 12.71 12.12
CA GLU D 457 15.20 14.02 12.68
C GLU D 457 14.38 14.72 11.61
N ILE D 458 13.06 14.84 11.84
CA ILE D 458 12.16 15.20 10.76
C ILE D 458 12.43 16.58 10.22
N GLU D 459 13.03 17.45 11.01
CA GLU D 459 13.31 18.76 10.43
C GLU D 459 14.45 18.74 9.39
N THR D 460 15.02 17.61 9.00
CA THR D 460 16.21 17.60 8.16
C THR D 460 15.91 16.94 6.82
N GLU D 461 16.99 16.73 6.07
CA GLU D 461 16.92 16.30 4.68
C GLU D 461 16.57 14.82 4.53
N GLY D 462 16.72 14.02 5.59
CA GLY D 462 16.22 12.65 5.54
C GLY D 462 16.77 11.80 6.66
N ILE D 463 16.47 10.50 6.56
CA ILE D 463 16.96 9.52 7.52
C ILE D 463 18.48 9.45 7.48
N ARG D 464 19.10 9.32 8.65
CA ARG D 464 20.52 9.03 8.67
C ARG D 464 20.78 7.82 9.55
N PRO D 465 21.84 7.07 9.28
CA PRO D 465 22.18 5.94 10.14
C PRO D 465 22.94 6.33 11.39
N LEU D 466 22.76 5.50 12.42
CA LEU D 466 23.50 5.59 13.67
C LEU D 466 24.90 5.06 13.42
N ILE D 467 25.92 5.92 13.56
CA ILE D 467 27.31 5.55 13.33
C ILE D 467 28.12 5.42 14.63
N ASN D 468 28.04 6.41 15.51
CA ASN D 468 28.78 6.35 16.76
C ASN D 468 27.87 6.86 17.87
N PHE D 469 27.25 5.92 18.58
CA PHE D 469 26.33 6.28 19.64
C PHE D 469 26.95 7.28 20.62
N TYR D 470 28.17 7.01 21.06
CA TYR D 470 28.72 7.82 22.13
C TYR D 470 28.91 9.26 21.70
N SER D 471 29.00 9.52 20.39
CA SER D 471 29.18 10.88 19.93
C SER D 471 27.87 11.57 19.60
N GLU D 472 26.74 10.86 19.63
CA GLU D 472 25.44 11.47 19.37
C GLU D 472 25.14 12.51 20.46
N PRO D 473 24.38 13.55 20.11
CA PRO D 473 23.95 14.55 21.12
C PRO D 473 23.17 13.92 22.25
N PRO D 474 23.14 14.55 23.43
CA PRO D 474 22.53 13.90 24.59
C PRO D 474 21.06 13.57 24.41
N ASN D 475 20.27 14.51 23.89
CA ASN D 475 18.87 14.23 23.67
C ASN D 475 18.66 13.08 22.69
N VAL D 476 19.62 12.86 21.79
CA VAL D 476 19.43 11.73 20.89
C VAL D 476 19.75 10.43 21.62
N LYS D 477 20.77 10.43 22.47
CA LYS D 477 21.05 9.24 23.24
C LYS D 477 19.86 8.86 24.12
N LYS D 478 19.20 9.86 24.71
CA LYS D 478 18.07 9.57 25.57
C LYS D 478 16.89 8.99 24.79
N ARG D 479 16.60 9.51 23.58
CA ARG D 479 15.52 8.93 22.79
C ARG D 479 15.82 7.47 22.47
N ILE D 480 17.07 7.17 22.10
CA ILE D 480 17.47 5.79 21.91
C ILE D 480 17.28 4.98 23.19
N CYS D 481 17.67 5.56 24.34
CA CYS D 481 17.49 4.89 25.63
C CYS D 481 16.02 4.58 25.91
N ASP D 482 15.14 5.56 25.70
CA ASP D 482 13.72 5.34 25.93
C ASP D 482 13.21 4.18 25.07
N VAL D 483 13.57 4.20 23.78
CA VAL D 483 13.09 3.14 22.91
C VAL D 483 13.57 1.79 23.44
N ILE D 484 14.84 1.70 23.85
CA ILE D 484 15.32 0.44 24.43
C ILE D 484 14.50 0.09 25.66
N ARG D 485 14.33 1.06 26.56
CA ARG D 485 13.68 0.76 27.84
C ARG D 485 12.28 0.23 27.63
N LEU D 486 11.59 0.66 26.57
CA LEU D 486 10.19 0.36 26.33
C LEU D 486 9.99 -0.82 25.38
N PHE D 487 10.67 -0.87 24.25
CA PHE D 487 10.37 -1.95 23.30
C PHE D 487 11.47 -3.02 23.23
N GLY D 488 12.65 -2.75 23.73
CA GLY D 488 13.68 -3.76 23.87
C GLY D 488 14.82 -3.59 22.87
N PHE D 489 16.00 -4.10 23.27
CA PHE D 489 17.20 -3.91 22.46
C PHE D 489 17.08 -4.62 21.12
N GLU D 490 16.47 -5.81 21.10
CA GLU D 490 16.31 -6.49 19.81
C GLU D 490 15.44 -5.67 18.87
N THR D 491 14.36 -5.09 19.39
CA THR D 491 13.41 -4.37 18.53
C THR D 491 13.99 -3.03 18.08
N CYS D 492 14.67 -2.35 19.01
CA CYS D 492 15.41 -1.13 18.70
C CYS D 492 16.35 -1.34 17.52
N MET D 493 16.86 -2.54 17.33
CA MET D 493 17.80 -2.84 16.28
C MET D 493 17.17 -2.86 14.90
N LYS D 494 15.85 -2.92 14.81
CA LYS D 494 15.12 -2.84 13.55
C LYS D 494 14.38 -1.51 13.44
N ALA D 495 14.65 -0.59 14.33
CA ALA D 495 13.87 0.62 14.43
C ALA D 495 14.40 1.73 13.50
N VAL D 496 13.48 2.63 13.14
CA VAL D 496 13.79 3.95 12.62
C VAL D 496 13.07 4.90 13.57
N ILE D 497 13.83 5.61 14.38
CA ILE D 497 13.24 6.52 15.35
C ILE D 497 13.02 7.85 14.68
N LEU D 498 11.77 8.27 14.62
CA LEU D 498 11.43 9.60 14.16
C LEU D 498 11.46 10.56 15.35
N TYR D 499 11.86 11.80 15.08
CA TYR D 499 11.94 12.75 16.17
C TYR D 499 12.12 14.15 15.59
N SER D 500 11.90 15.14 16.43
CA SER D 500 11.98 16.54 16.05
C SER D 500 12.74 17.26 17.14
N GLU D 501 13.87 17.88 16.78
CA GLU D 501 14.71 18.48 17.81
C GLU D 501 14.09 19.74 18.38
N SER E 2 24.19 -41.12 21.10
CA SER E 2 25.00 -40.69 19.98
C SER E 2 24.30 -41.39 18.85
N ASP E 3 25.04 -41.75 17.83
CA ASP E 3 24.62 -42.87 17.02
C ASP E 3 25.54 -44.05 17.27
N ARG E 4 26.53 -43.90 18.14
CA ARG E 4 27.35 -45.06 18.49
C ARG E 4 26.62 -45.91 19.53
N PHE E 5 26.70 -47.23 19.33
CA PHE E 5 26.10 -48.23 20.23
C PHE E 5 27.25 -48.84 21.02
N VAL E 6 27.47 -48.32 22.23
CA VAL E 6 28.60 -48.72 23.05
C VAL E 6 28.15 -49.79 24.03
N ILE E 7 28.57 -51.04 23.80
CA ILE E 7 28.04 -52.20 24.53
C ILE E 7 29.17 -53.12 24.94
N TRP E 8 29.07 -53.69 26.14
CA TRP E 8 29.83 -54.88 26.50
C TRP E 8 29.32 -56.08 25.71
N ALA E 9 30.24 -56.97 25.31
CA ALA E 9 29.80 -58.14 24.56
C ALA E 9 28.72 -58.87 25.33
N PRO E 10 27.74 -59.46 24.64
CA PRO E 10 26.58 -60.00 25.32
C PRO E 10 26.81 -61.43 25.80
N SER E 11 25.96 -61.86 26.73
CA SER E 11 26.16 -63.05 27.55
C SER E 11 24.82 -63.68 27.95
N MET E 12 24.91 -64.93 28.37
CA MET E 12 23.89 -65.51 29.23
C MET E 12 23.98 -64.87 30.61
N HIS E 13 22.82 -64.72 31.27
CA HIS E 13 22.76 -64.16 32.61
C HIS E 13 21.74 -64.95 33.41
N ASN E 14 22.22 -65.80 34.31
CA ASN E 14 21.38 -66.54 35.24
C ASN E 14 20.97 -65.61 36.39
N GLU E 15 20.22 -64.58 36.03
CA GLU E 15 19.75 -63.59 37.03
C GLU E 15 18.60 -64.01 37.95
N PRO E 16 17.43 -64.42 37.42
CA PRO E 16 16.38 -65.07 38.20
C PRO E 16 16.41 -66.59 38.09
N ASP E 32 3.10 -79.36 31.16
CA ASP E 32 3.33 -78.29 32.15
C ASP E 32 3.38 -76.88 31.53
N GLN E 33 3.73 -75.86 32.34
CA GLN E 33 3.79 -74.47 31.89
C GLN E 33 5.20 -73.96 31.65
N LEU E 34 6.22 -74.72 32.04
CA LEU E 34 7.61 -74.30 31.95
C LEU E 34 8.17 -74.48 30.55
N PHE E 35 7.44 -75.13 29.66
CA PHE E 35 7.90 -75.44 28.32
C PHE E 35 7.35 -74.45 27.32
N ALA E 36 8.05 -74.29 26.20
CA ALA E 36 7.65 -73.34 25.18
C ALA E 36 6.87 -73.99 24.06
N LEU E 37 7.07 -75.29 23.83
CA LEU E 37 6.37 -76.02 22.79
C LEU E 37 5.85 -77.34 23.37
N ASP E 38 4.66 -77.73 22.91
CA ASP E 38 4.02 -78.95 23.41
C ASP E 38 4.88 -80.19 23.18
N SER E 39 5.70 -80.21 22.13
CA SER E 39 6.49 -81.41 21.88
C SER E 39 7.53 -81.62 22.96
N TRP E 40 8.16 -80.55 23.45
CA TRP E 40 9.12 -80.72 24.52
C TRP E 40 8.42 -81.06 25.84
N ALA E 41 7.27 -80.42 26.11
CA ALA E 41 6.49 -80.74 27.31
C ALA E 41 6.10 -82.22 27.35
N HIS E 42 5.70 -82.76 26.20
CA HIS E 42 5.34 -84.18 26.15
C HIS E 42 6.57 -85.06 26.29
N ARG E 43 7.76 -84.55 26.01
CA ARG E 43 8.95 -85.39 26.11
C ARG E 43 9.38 -85.57 27.55
N TYR E 44 9.10 -84.59 28.41
CA TYR E 44 9.53 -84.63 29.80
C TYR E 44 8.32 -84.51 30.73
N MET E 45 7.26 -85.28 30.43
CA MET E 45 6.10 -85.35 31.32
C MET E 45 6.26 -86.50 32.33
N ASN E 46 6.48 -87.74 31.84
CA ASN E 46 6.84 -88.84 32.74
C ASN E 46 8.22 -88.66 33.34
N LYS E 47 8.97 -87.67 32.88
CA LYS E 47 10.33 -87.37 33.31
C LYS E 47 10.35 -86.02 34.02
N MET E 48 9.30 -85.73 34.80
CA MET E 48 8.88 -84.38 35.13
C MET E 48 10.04 -83.45 35.45
N ASP E 49 10.89 -83.82 36.42
CA ASP E 49 12.08 -83.03 36.72
C ASP E 49 13.30 -83.93 36.86
N VAL E 50 13.41 -84.97 36.02
CA VAL E 50 14.70 -85.61 35.83
C VAL E 50 15.75 -84.54 35.51
N VAL E 51 15.38 -83.60 34.65
CA VAL E 51 16.22 -82.51 34.19
C VAL E 51 15.48 -81.21 34.47
N LYS E 52 16.22 -80.17 34.88
CA LYS E 52 15.62 -78.89 35.23
C LYS E 52 16.02 -77.82 34.22
N ILE E 53 15.28 -76.72 34.27
CA ILE E 53 15.31 -75.75 33.19
C ILE E 53 15.76 -74.40 33.71
N GLU E 54 16.46 -73.69 32.81
CA GLU E 54 17.05 -72.41 33.08
C GLU E 54 15.99 -71.35 33.32
N ASN E 55 16.40 -70.30 34.04
CA ASN E 55 15.71 -69.01 34.12
C ASN E 55 16.81 -67.99 33.85
N CYS E 56 17.08 -67.70 32.58
CA CYS E 56 18.17 -66.80 32.24
C CYS E 56 17.80 -65.85 31.12
N THR E 57 18.45 -64.69 31.15
CA THR E 57 18.29 -63.67 30.14
C THR E 57 19.51 -63.63 29.22
N ILE E 58 19.30 -63.12 28.01
CA ILE E 58 20.37 -62.91 27.05
C ILE E 58 20.45 -61.44 26.75
N GLY E 59 21.63 -60.87 26.82
CA GLY E 59 21.69 -59.43 26.61
C GLY E 59 23.05 -58.86 26.96
N SER E 60 23.07 -57.57 27.14
CA SER E 60 24.31 -56.86 26.99
C SER E 60 24.24 -55.64 27.88
N PHE E 61 25.25 -55.46 28.72
CA PHE E 61 25.38 -54.23 29.48
C PHE E 61 25.80 -53.09 28.56
N VAL E 62 25.02 -52.00 28.55
CA VAL E 62 25.07 -50.97 27.53
C VAL E 62 25.58 -49.69 28.17
N GLU E 63 26.77 -49.23 27.76
CA GLU E 63 27.28 -47.97 28.26
C GLU E 63 26.70 -46.78 27.51
N HIS E 64 26.34 -46.93 26.24
CA HIS E 64 25.73 -45.77 25.58
C HIS E 64 24.90 -46.21 24.40
N MET E 65 23.73 -45.59 24.29
CA MET E 65 22.88 -45.71 23.13
C MET E 65 21.87 -44.57 23.19
N ASP E 66 21.44 -44.12 22.02
CA ASP E 66 20.41 -43.10 21.87
C ASP E 66 19.02 -43.72 21.95
N VAL E 67 18.01 -42.90 22.26
CA VAL E 67 16.70 -43.49 22.41
C VAL E 67 16.17 -44.04 21.08
N ALA E 68 16.64 -43.55 19.94
CA ALA E 68 16.18 -44.11 18.66
C ALA E 68 16.63 -45.55 18.52
N THR E 69 17.90 -45.83 18.81
CA THR E 69 18.35 -47.21 18.78
C THR E 69 17.56 -48.08 19.74
N TYR E 70 17.28 -47.56 20.95
CA TYR E 70 16.52 -48.35 21.91
C TYR E 70 15.12 -48.64 21.38
N ASP E 71 14.52 -47.64 20.72
CA ASP E 71 13.22 -47.87 20.10
C ASP E 71 13.27 -49.05 19.15
N ARG E 72 14.29 -49.08 18.29
CA ARG E 72 14.51 -50.23 17.42
C ARG E 72 14.77 -51.50 18.23
N MET E 73 15.68 -51.44 19.22
CA MET E 73 15.94 -52.63 20.03
C MET E 73 14.67 -53.10 20.75
N CYS E 74 13.87 -52.14 21.24
CA CYS E 74 12.61 -52.48 21.87
C CYS E 74 11.70 -53.22 20.89
N ASN E 75 11.65 -52.77 19.64
CA ASN E 75 10.79 -53.42 18.66
C ASN E 75 11.39 -54.70 18.10
N MET E 76 12.58 -55.13 18.56
CA MET E 76 13.11 -56.47 18.32
C MET E 76 12.91 -57.39 19.52
N GLY E 77 12.23 -56.92 20.56
CA GLY E 77 11.92 -57.75 21.72
C GLY E 77 12.78 -57.56 22.95
N PHE E 78 13.69 -56.59 22.95
CA PHE E 78 14.49 -56.35 24.14
C PHE E 78 13.77 -55.42 25.08
N ARG E 79 14.06 -55.60 26.37
CA ARG E 79 13.75 -54.62 27.38
C ARG E 79 15.03 -54.21 28.07
N ARG E 80 14.94 -53.19 28.86
CA ARG E 80 16.08 -52.84 29.68
C ARG E 80 15.64 -52.88 31.13
N SER E 81 16.55 -53.27 31.99
CA SER E 81 16.51 -52.86 33.38
C SER E 81 17.83 -52.14 33.65
N GLY E 82 17.74 -50.90 34.12
CA GLY E 82 18.92 -50.07 34.18
C GLY E 82 19.57 -50.05 32.82
N LYS E 83 20.88 -50.26 32.81
CA LYS E 83 21.72 -50.30 31.63
C LYS E 83 21.79 -51.69 31.02
N PHE E 84 21.10 -52.68 31.57
CA PHE E 84 21.17 -54.03 31.01
C PHE E 84 20.07 -54.20 29.96
N LEU E 85 20.49 -54.42 28.72
CA LEU E 85 19.59 -54.54 27.57
C LEU E 85 19.47 -56.01 27.19
N TYR E 86 18.27 -56.57 27.33
CA TYR E 86 18.18 -58.01 27.37
C TYR E 86 16.89 -58.50 26.75
N LYS E 87 16.86 -59.82 26.54
CA LYS E 87 15.65 -60.55 26.24
C LYS E 87 15.82 -61.93 26.87
N VAL E 88 14.74 -62.70 26.90
CA VAL E 88 14.86 -64.10 27.32
C VAL E 88 14.68 -64.97 26.08
N ASP E 89 15.28 -66.16 26.15
CA ASP E 89 15.25 -67.21 25.16
C ASP E 89 13.83 -67.77 25.07
N PRO E 90 13.09 -67.50 23.99
CA PRO E 90 11.67 -67.86 23.97
C PRO E 90 11.41 -69.35 23.87
N LEU E 91 12.43 -70.18 23.76
CA LEU E 91 12.28 -71.63 23.67
C LEU E 91 12.77 -72.39 24.89
N ARG E 92 13.75 -71.84 25.63
CA ARG E 92 14.37 -72.57 26.71
C ARG E 92 14.00 -72.07 28.11
N ASN E 93 13.45 -70.86 28.24
CA ASN E 93 13.21 -70.32 29.56
C ASN E 93 11.94 -70.89 30.19
N CYS E 94 11.93 -70.91 31.53
CA CYS E 94 10.72 -71.25 32.28
C CYS E 94 9.54 -70.36 31.88
N CYS E 95 9.82 -69.12 31.52
CA CYS E 95 8.80 -68.15 31.14
C CYS E 95 9.14 -67.55 29.78
N ARG E 96 8.11 -67.09 29.09
CA ARG E 96 8.26 -66.38 27.83
C ARG E 96 7.84 -64.93 28.04
N LEU E 97 8.74 -64.01 27.76
CA LEU E 97 8.31 -62.63 27.61
C LEU E 97 7.61 -62.46 26.26
N TYR E 98 6.65 -61.55 26.22
CA TYR E 98 5.97 -61.21 24.99
C TYR E 98 6.02 -59.70 24.83
N THR E 99 6.57 -59.22 23.73
CA THR E 99 6.57 -57.79 23.51
C THR E 99 5.22 -57.41 22.92
N ILE E 100 4.43 -56.65 23.68
CA ILE E 100 3.09 -56.29 23.26
C ILE E 100 3.05 -54.80 22.95
N ARG E 101 2.34 -54.46 21.89
CA ARG E 101 2.28 -53.09 21.43
C ARG E 101 0.81 -52.69 21.27
N THR E 102 0.47 -51.47 21.68
CA THR E 102 -0.92 -51.03 21.64
C THR E 102 -0.99 -49.54 21.37
N ALA E 103 -2.00 -49.13 20.63
CA ALA E 103 -2.29 -47.72 20.42
C ALA E 103 -3.51 -47.35 21.23
N PRO E 104 -3.71 -46.06 21.54
CA PRO E 104 -4.96 -45.71 22.22
C PRO E 104 -6.20 -46.00 21.38
N GLN E 105 -6.08 -45.84 20.06
CA GLN E 105 -7.21 -46.09 19.16
C GLN E 105 -7.64 -47.55 19.19
N GLU E 106 -6.68 -48.47 19.34
CA GLU E 106 -6.92 -49.91 19.36
C GLU E 106 -7.46 -50.43 20.68
N LEU E 107 -7.50 -49.64 21.74
CA LEU E 107 -7.81 -50.19 23.05
C LEU E 107 -9.30 -50.43 23.22
N ASN E 108 -9.66 -51.66 23.61
CA ASN E 108 -11.06 -52.05 23.86
C ASN E 108 -11.41 -51.74 25.30
N MET E 109 -12.44 -50.93 25.49
CA MET E 109 -12.84 -50.51 26.84
C MET E 109 -13.81 -51.52 27.41
N THR E 110 -13.29 -52.42 28.26
CA THR E 110 -14.08 -53.47 28.86
C THR E 110 -14.93 -52.94 30.02
N LYS E 111 -15.78 -53.82 30.56
CA LYS E 111 -16.63 -53.46 31.69
C LYS E 111 -15.80 -53.05 32.90
N GLU E 112 -14.73 -53.80 33.19
CA GLU E 112 -13.88 -53.49 34.34
C GLU E 112 -13.31 -52.08 34.22
N LEU E 113 -12.54 -51.83 33.15
CA LEU E 113 -11.86 -50.55 32.99
C LEU E 113 -12.84 -49.40 32.88
N LYS E 114 -13.98 -49.63 32.23
CA LYS E 114 -14.86 -48.52 31.86
C LYS E 114 -15.17 -47.66 33.06
N LYS E 115 -15.46 -48.27 34.21
CA LYS E 115 -15.78 -47.45 35.36
C LYS E 115 -14.76 -47.56 36.48
N CYS E 116 -13.61 -48.17 36.23
CA CYS E 116 -12.42 -47.84 37.01
C CYS E 116 -12.03 -46.37 36.80
N ILE E 117 -12.12 -45.92 35.55
CA ILE E 117 -11.92 -44.52 35.24
C ILE E 117 -12.95 -43.65 35.95
N SER E 118 -14.21 -44.02 35.84
CA SER E 118 -15.24 -43.21 36.49
C SER E 118 -15.09 -43.22 38.00
N ARG E 119 -14.62 -44.34 38.57
CA ARG E 119 -14.36 -44.37 40.00
C ARG E 119 -13.19 -43.45 40.32
N PHE E 120 -12.15 -43.52 39.48
CA PHE E 120 -11.06 -42.53 39.54
C PHE E 120 -11.58 -41.13 39.27
N ALA E 121 -12.51 -41.00 38.32
CA ALA E 121 -13.06 -39.71 37.97
C ALA E 121 -13.71 -39.08 39.19
N THR E 122 -14.79 -39.67 39.69
CA THR E 122 -15.55 -39.01 40.75
C THR E 122 -14.73 -38.81 42.02
N ARG E 123 -13.58 -39.48 42.14
CA ARG E 123 -12.81 -39.40 43.37
C ARG E 123 -11.89 -38.18 43.39
N ILE E 124 -11.23 -37.87 42.26
CA ILE E 124 -10.31 -36.74 42.25
C ILE E 124 -11.04 -35.41 42.05
N THR E 125 -12.05 -35.38 41.17
CA THR E 125 -12.88 -34.18 41.06
C THR E 125 -13.74 -34.09 42.31
N SER E 126 -13.68 -32.94 42.97
CA SER E 126 -14.32 -32.68 44.25
C SER E 126 -15.82 -32.51 44.07
N GLU E 127 -16.49 -31.93 45.05
CA GLU E 127 -17.88 -31.53 44.80
C GLU E 127 -17.99 -30.35 43.78
N ASP E 128 -16.90 -29.97 43.11
CA ASP E 128 -16.84 -29.09 41.93
C ASP E 128 -17.31 -29.80 40.66
N PRO E 131 -20.01 -33.19 35.26
CA PRO E 131 -19.93 -34.28 34.27
C PRO E 131 -20.30 -33.80 32.88
N ALA E 132 -19.49 -32.89 32.33
CA ALA E 132 -19.67 -32.41 30.97
C ALA E 132 -19.64 -33.60 30.03
N ALA E 133 -19.99 -33.36 28.75
CA ALA E 133 -20.24 -34.45 27.83
C ALA E 133 -19.14 -35.50 27.89
N VAL E 134 -19.46 -36.68 28.41
CA VAL E 134 -18.46 -37.78 28.57
C VAL E 134 -18.88 -38.99 27.73
N ALA E 135 -20.02 -38.90 27.03
CA ALA E 135 -20.52 -40.00 26.18
C ALA E 135 -20.33 -41.20 27.12
N SER E 136 -19.62 -42.24 26.66
CA SER E 136 -19.55 -43.55 27.36
C SER E 136 -18.07 -43.86 27.60
N SER E 137 -17.27 -43.90 26.52
CA SER E 137 -15.83 -44.27 26.62
C SER E 137 -15.29 -42.93 26.13
N ASP E 138 -14.18 -42.95 25.37
CA ASP E 138 -13.27 -41.79 25.11
C ASP E 138 -12.45 -41.52 26.38
N PHE E 139 -11.98 -42.60 27.01
CA PHE E 139 -11.20 -42.60 28.24
C PHE E 139 -10.23 -41.42 28.30
N VAL E 140 -9.74 -40.97 27.15
CA VAL E 140 -8.88 -39.79 27.12
C VAL E 140 -9.64 -38.56 27.59
N GLY E 141 -10.88 -38.36 27.09
CA GLY E 141 -11.63 -37.17 27.45
C GLY E 141 -11.88 -37.03 28.94
N LYS E 142 -12.27 -38.12 29.61
CA LYS E 142 -12.62 -38.02 31.02
C LYS E 142 -11.39 -38.04 31.91
N ILE E 143 -10.38 -38.84 31.56
CA ILE E 143 -9.12 -38.79 32.31
C ILE E 143 -8.61 -37.35 32.34
N VAL E 144 -8.62 -36.68 31.18
CA VAL E 144 -8.12 -35.32 31.11
C VAL E 144 -9.08 -34.35 31.80
N ASN E 145 -10.36 -34.43 31.44
CA ASN E 145 -11.34 -33.49 31.98
C ASN E 145 -11.39 -33.58 33.50
N ALA E 146 -11.31 -34.78 34.05
CA ALA E 146 -11.33 -34.91 35.50
C ALA E 146 -10.08 -34.28 36.11
N GLU E 147 -8.92 -34.49 35.49
CA GLU E 147 -7.68 -33.98 36.07
C GLU E 147 -7.63 -32.46 36.04
N MET E 148 -8.19 -31.84 35.00
CA MET E 148 -8.25 -30.37 34.96
C MET E 148 -9.01 -29.81 36.16
N ASN E 149 -10.19 -30.37 36.46
CA ASN E 149 -11.04 -29.82 37.51
C ASN E 149 -10.84 -30.51 38.85
N SER E 150 -9.69 -31.13 39.08
CA SER E 150 -9.34 -31.64 40.40
C SER E 150 -8.29 -30.74 41.01
N LYS E 151 -8.46 -30.41 42.29
CA LYS E 151 -7.40 -29.78 43.05
C LYS E 151 -6.79 -30.74 44.06
N THR E 152 -7.14 -32.01 43.99
CA THR E 152 -6.56 -32.96 44.93
C THR E 152 -5.68 -34.00 44.27
N PHE E 153 -5.54 -33.99 42.94
CA PHE E 153 -4.75 -35.00 42.26
C PHE E 153 -3.99 -34.38 41.08
N TYR E 154 -2.80 -34.94 40.83
CA TYR E 154 -1.96 -34.51 39.73
C TYR E 154 -0.74 -35.43 39.63
N THR E 155 -0.21 -35.55 38.42
CA THR E 155 1.04 -36.25 38.18
C THR E 155 2.08 -35.24 37.75
N ARG E 156 3.35 -35.63 37.86
CA ARG E 156 4.47 -34.77 37.50
C ARG E 156 5.54 -35.65 36.89
N PHE E 157 5.96 -35.29 35.68
CA PHE E 157 7.09 -35.90 35.03
C PHE E 157 8.35 -35.22 35.50
N GLU E 158 9.41 -35.99 35.61
CA GLU E 158 10.66 -35.48 36.16
C GLU E 158 11.76 -36.45 35.82
N PRO E 159 13.01 -35.98 35.86
CA PRO E 159 14.14 -36.86 35.56
C PRO E 159 14.12 -38.18 36.33
N ALA E 160 14.64 -39.21 35.69
CA ALA E 160 14.70 -40.54 36.27
C ALA E 160 15.82 -40.59 37.31
N LEU E 161 15.73 -39.71 38.28
CA LEU E 161 16.80 -39.50 39.27
C LEU E 161 16.37 -40.02 40.64
N TYR E 162 17.37 -40.36 41.46
CA TYR E 162 17.12 -40.86 42.82
C TYR E 162 16.55 -39.80 43.76
N SER E 163 15.59 -40.22 44.58
CA SER E 163 15.05 -39.40 45.66
C SER E 163 14.64 -40.31 46.81
N GLU E 164 15.02 -39.94 48.03
CA GLU E 164 14.58 -40.73 49.18
C GLU E 164 13.07 -40.93 49.15
N GLU E 165 12.30 -39.86 48.85
CA GLU E 165 10.85 -40.02 48.86
C GLU E 165 10.40 -41.05 47.84
N LYS E 166 11.05 -41.11 46.69
CA LYS E 166 10.67 -42.14 45.75
C LYS E 166 11.17 -43.52 46.17
N TYR E 167 12.31 -43.60 46.83
CA TYR E 167 12.80 -44.91 47.21
C TYR E 167 11.88 -45.54 48.24
N HIS E 168 11.43 -44.74 49.20
CA HIS E 168 10.52 -45.21 50.24
C HIS E 168 9.30 -45.92 49.64
N LEU E 169 8.61 -45.23 48.73
CA LEU E 169 7.45 -45.84 48.10
C LEU E 169 7.83 -47.16 47.46
N PHE E 170 8.95 -47.15 46.71
CA PHE E 170 9.38 -48.34 45.97
C PHE E 170 9.51 -49.56 46.87
N VAL E 171 10.20 -49.43 48.02
CA VAL E 171 10.41 -50.64 48.82
C VAL E 171 9.15 -51.01 49.57
N LYS E 172 8.31 -50.03 49.91
CA LYS E 172 6.98 -50.36 50.43
C LYS E 172 6.24 -51.25 49.44
N TYR E 173 6.24 -50.84 48.15
CA TYR E 173 5.53 -51.61 47.14
C TYR E 173 6.20 -52.95 46.89
N GLN E 174 7.53 -52.97 46.85
CA GLN E 174 8.26 -54.22 46.69
C GLN E 174 7.95 -55.21 47.82
N GLU E 175 7.93 -54.73 49.07
CA GLU E 175 7.66 -55.64 50.17
C GLU E 175 6.22 -56.13 50.16
N LYS E 176 5.27 -55.21 50.24
CA LYS E 176 3.86 -55.57 50.46
C LYS E 176 3.15 -56.08 49.20
N VAL E 177 3.75 -55.96 48.02
CA VAL E 177 3.07 -56.40 46.82
C VAL E 177 3.84 -57.55 46.16
N HIS E 178 5.15 -57.63 46.41
CA HIS E 178 5.96 -58.71 45.87
C HIS E 178 6.63 -59.57 46.92
N GLN E 179 6.49 -59.26 48.21
CA GLN E 179 7.19 -60.00 49.26
C GLN E 179 8.68 -60.02 48.97
N ASP E 180 9.16 -58.94 48.39
CA ASP E 180 10.57 -58.79 48.05
C ASP E 180 11.15 -57.86 49.10
N TYR E 181 11.90 -58.43 50.05
CA TYR E 181 12.60 -57.64 51.05
C TYR E 181 14.07 -57.43 50.68
N ASN E 182 14.36 -57.47 49.38
CA ASN E 182 15.70 -57.47 48.82
C ASN E 182 16.16 -56.11 48.35
N ASN E 183 15.73 -55.04 49.01
CA ASN E 183 15.91 -53.68 48.49
C ASN E 183 16.98 -52.88 49.22
N SER E 184 17.85 -52.26 48.42
CA SER E 184 18.82 -51.24 48.82
C SER E 184 18.65 -50.06 47.89
N PRO E 185 19.11 -48.87 48.30
CA PRO E 185 19.07 -47.73 47.39
C PRO E 185 19.91 -47.93 46.13
N LYS E 186 21.07 -48.61 46.28
CA LYS E 186 21.86 -49.06 45.13
C LYS E 186 21.03 -49.89 44.16
N SER E 187 20.38 -50.95 44.67
CA SER E 187 19.60 -51.80 43.80
C SER E 187 18.49 -51.01 43.13
N PHE E 188 17.89 -50.09 43.85
CA PHE E 188 16.82 -49.32 43.23
C PHE E 188 17.39 -48.33 42.23
N LYS E 189 18.51 -47.68 42.58
CA LYS E 189 19.16 -46.76 41.64
C LYS E 189 19.58 -47.49 40.38
N ARG E 190 20.07 -48.72 40.51
CA ARG E 190 20.66 -49.42 39.38
C ARG E 190 19.60 -49.94 38.44
N PHE E 191 18.39 -50.18 38.95
CA PHE E 191 17.27 -50.73 38.22
C PHE E 191 16.39 -49.63 37.60
N LEU E 192 16.15 -48.51 38.30
CA LEU E 192 15.20 -47.51 37.83
C LEU E 192 15.75 -46.09 37.76
N CYS E 193 17.04 -45.88 38.00
CA CYS E 193 17.61 -44.55 37.88
C CYS E 193 18.73 -44.51 36.85
N ASP E 194 19.71 -45.41 36.96
CA ASP E 194 20.68 -45.64 35.89
C ASP E 194 19.98 -45.94 34.58
N THR E 195 20.53 -45.40 33.50
CA THR E 195 20.04 -45.67 32.15
C THR E 195 21.24 -45.67 31.22
N PRO E 196 21.11 -46.26 30.04
CA PRO E 196 22.22 -46.23 29.09
C PRO E 196 22.11 -45.01 28.16
N PHE E 197 21.28 -44.04 28.54
CA PHE E 197 21.10 -42.84 27.73
C PHE E 197 22.00 -41.70 28.21
N GLY E 198 22.36 -40.83 27.28
CA GLY E 198 23.23 -39.70 27.56
C GLY E 198 22.63 -38.67 28.50
N PRO E 199 23.45 -37.73 28.98
CA PRO E 199 22.95 -36.77 29.98
C PRO E 199 21.79 -35.93 29.49
N GLU E 200 21.74 -35.67 28.18
CA GLU E 200 20.70 -34.81 27.64
C GLU E 200 19.37 -35.54 27.55
N ALA E 201 19.40 -36.82 27.19
CA ALA E 201 18.19 -37.62 27.31
C ALA E 201 17.72 -37.74 28.76
N VAL E 202 18.66 -37.82 29.71
CA VAL E 202 18.28 -37.96 31.11
C VAL E 202 17.77 -36.63 31.67
N LEU E 203 18.59 -35.59 31.62
CA LEU E 203 18.24 -34.34 32.30
C LEU E 203 17.37 -33.44 31.46
N GLY E 204 17.53 -33.48 30.13
CA GLY E 204 16.74 -32.66 29.22
C GLY E 204 16.94 -31.17 29.40
N THR E 205 15.86 -30.44 29.16
CA THR E 205 15.81 -28.99 29.32
C THR E 205 14.52 -28.66 30.04
N GLN E 206 14.53 -27.59 30.80
CA GLN E 206 13.32 -27.27 31.57
C GLN E 206 12.13 -27.02 30.66
N GLU E 207 12.42 -26.58 29.44
CA GLU E 207 11.38 -26.22 28.49
C GLU E 207 10.63 -27.46 28.01
N SER E 208 11.35 -28.54 27.69
CA SER E 208 10.66 -29.76 27.30
C SER E 208 10.01 -30.48 28.48
N TRP E 209 10.57 -30.38 29.69
CA TRP E 209 9.88 -30.92 30.85
C TRP E 209 8.55 -30.22 31.04
N GLU E 210 8.51 -28.91 30.79
CA GLU E 210 7.25 -28.19 30.90
C GLU E 210 6.25 -28.70 29.86
N GLN E 211 6.69 -28.80 28.59
CA GLN E 211 5.80 -29.29 27.54
C GLN E 211 5.19 -30.64 27.90
N LEU E 212 6.03 -31.63 28.22
CA LEU E 212 5.52 -32.94 28.61
C LEU E 212 4.60 -32.86 29.81
N ASN E 213 4.90 -32.00 30.79
CA ASN E 213 4.06 -31.91 31.97
C ASN E 213 2.76 -31.16 31.73
N ASN E 214 2.60 -30.55 30.56
CA ASN E 214 1.32 -29.97 30.16
C ASN E 214 0.75 -30.74 28.98
N TRP E 215 1.06 -32.03 28.92
CA TRP E 215 0.56 -32.87 27.83
C TRP E 215 -0.95 -32.75 27.65
N GLN E 216 -1.72 -32.53 28.73
CA GLN E 216 -3.17 -32.48 28.58
C GLN E 216 -3.62 -31.31 27.70
N ARG E 217 -2.90 -30.19 27.76
CA ARG E 217 -3.15 -28.99 26.96
C ARG E 217 -2.54 -29.09 25.55
N MET E 218 -1.91 -30.21 25.22
CA MET E 218 -1.29 -30.33 23.92
C MET E 218 -2.34 -30.59 22.84
N LYS E 219 -2.20 -29.84 21.65
CA LYS E 219 -2.99 -29.80 20.42
C LYS E 219 -2.40 -30.76 19.39
N PRO E 220 -3.22 -31.27 18.45
CA PRO E 220 -2.73 -32.29 17.53
C PRO E 220 -1.77 -31.73 16.48
N GLY E 221 -0.88 -32.59 16.00
CA GLY E 221 0.10 -32.20 15.02
C GLY E 221 1.36 -31.54 15.58
N GLU E 222 1.41 -31.26 16.88
CA GLU E 222 2.59 -30.64 17.48
C GLU E 222 3.47 -31.70 18.14
N LYS E 223 4.76 -31.64 17.88
CA LYS E 223 5.68 -32.71 18.21
C LYS E 223 6.14 -32.59 19.65
N LEU E 224 6.27 -33.73 20.32
CA LEU E 224 6.72 -33.74 21.71
C LEU E 224 8.23 -33.64 21.73
N LYS E 225 8.73 -32.67 22.49
CA LYS E 225 10.17 -32.42 22.52
C LYS E 225 10.92 -33.51 23.25
N HIS E 226 10.58 -33.75 24.52
CA HIS E 226 11.38 -34.63 25.35
C HIS E 226 11.31 -36.09 24.88
N MET E 227 12.46 -36.71 24.73
CA MET E 227 12.57 -38.13 24.44
C MET E 227 13.54 -38.74 25.44
N GLY E 228 13.23 -39.92 25.94
CA GLY E 228 14.09 -40.52 26.94
C GLY E 228 13.38 -40.94 28.21
N PRO E 229 14.14 -41.32 29.22
CA PRO E 229 13.56 -41.99 30.38
C PRO E 229 12.99 -40.99 31.35
N VAL E 230 11.88 -41.37 32.01
CA VAL E 230 11.13 -40.48 32.89
C VAL E 230 10.58 -41.18 34.13
N HIS E 231 10.40 -40.39 35.18
CA HIS E 231 9.60 -40.77 36.34
C HIS E 231 8.35 -39.90 36.34
N GLU E 232 7.17 -40.53 36.31
CA GLU E 232 5.93 -39.79 36.46
C GLU E 232 5.35 -40.12 37.84
N CYS E 233 5.34 -39.12 38.71
CA CYS E 233 4.91 -39.31 40.08
C CYS E 233 3.45 -38.93 40.21
N TYR E 234 2.65 -39.83 40.79
CA TYR E 234 1.26 -39.55 41.10
C TYR E 234 1.16 -38.99 42.51
N TYR E 235 0.45 -37.88 42.67
CA TYR E 235 0.19 -37.31 43.98
C TYR E 235 -1.31 -37.16 44.22
N TYR E 236 -1.75 -37.43 45.45
CA TYR E 236 -3.16 -37.33 45.80
C TYR E 236 -3.25 -36.84 47.23
N GLU E 237 -3.90 -35.69 47.43
CA GLU E 237 -3.82 -34.97 48.71
C GLU E 237 -2.36 -34.76 49.14
N GLY E 238 -1.50 -34.42 48.19
CA GLY E 238 -0.12 -34.13 48.52
C GLY E 238 0.77 -35.31 48.88
N LYS E 239 0.21 -36.51 49.06
CA LYS E 239 1.02 -37.70 49.31
C LYS E 239 1.33 -38.41 47.99
N LEU E 240 2.56 -38.92 47.88
CA LEU E 240 3.02 -39.59 46.67
C LEU E 240 2.53 -41.04 46.66
N ILE E 241 1.69 -41.38 45.69
CA ILE E 241 0.97 -42.66 45.71
C ILE E 241 1.34 -43.58 44.56
N ALA E 242 2.07 -43.11 43.55
CA ALA E 242 2.45 -43.98 42.46
C ALA E 242 3.65 -43.38 41.75
N ILE E 243 4.43 -44.25 41.12
CA ILE E 243 5.52 -43.81 40.24
C ILE E 243 5.52 -44.75 39.06
N THR E 244 5.25 -44.23 37.87
CA THR E 244 5.39 -45.01 36.64
C THR E 244 6.72 -44.63 35.99
N VAL E 245 7.53 -45.65 35.69
CA VAL E 245 8.85 -45.48 35.08
C VAL E 245 8.74 -45.89 33.62
N SER E 246 8.98 -44.93 32.73
CA SER E 246 8.72 -45.11 31.30
C SER E 246 9.85 -44.50 30.50
N ASP E 247 9.97 -44.97 29.26
CA ASP E 247 10.91 -44.40 28.29
C ASP E 247 10.07 -43.75 27.19
N ILE E 248 10.24 -42.45 27.01
CA ILE E 248 9.56 -41.74 25.93
C ILE E 248 10.40 -41.96 24.67
N LEU E 249 9.89 -42.77 23.76
CA LEU E 249 10.56 -43.08 22.52
C LEU E 249 9.86 -42.36 21.36
N PRO E 250 10.53 -42.18 20.22
CA PRO E 250 9.86 -41.51 19.07
C PRO E 250 8.59 -42.19 18.62
N SER E 251 8.47 -43.51 18.81
CA SER E 251 7.26 -44.22 18.43
C SER E 251 6.24 -44.29 19.54
N GLY E 252 6.66 -44.11 20.79
CA GLY E 252 5.72 -44.07 21.88
C GLY E 252 6.41 -44.34 23.20
N ILE E 253 5.61 -44.73 24.19
CA ILE E 253 6.08 -44.94 25.54
C ILE E 253 6.24 -46.42 25.80
N SER E 254 7.42 -46.79 26.28
CA SER E 254 7.70 -48.15 26.72
C SER E 254 7.74 -48.17 28.24
N SER E 255 6.94 -49.04 28.84
CA SER E 255 6.83 -49.07 30.29
C SER E 255 7.95 -49.92 30.86
N VAL E 256 8.67 -49.37 31.84
CA VAL E 256 9.81 -50.03 32.47
C VAL E 256 9.39 -50.77 33.73
N TYR E 257 8.56 -50.12 34.54
CA TYR E 257 8.14 -50.61 35.86
C TYR E 257 7.08 -49.66 36.41
N PHE E 258 6.30 -50.12 37.39
CA PHE E 258 5.27 -49.24 37.96
C PHE E 258 5.06 -49.55 39.45
N ILE E 259 5.06 -48.49 40.25
CA ILE E 259 5.12 -48.57 41.70
C ILE E 259 3.90 -47.86 42.23
N TRP E 260 3.21 -48.50 43.18
CA TRP E 260 2.05 -47.88 43.80
C TRP E 260 2.02 -48.22 45.28
N ASP E 261 1.47 -47.31 46.04
CA ASP E 261 1.33 -47.49 47.47
C ASP E 261 0.26 -48.55 47.75
N PRO E 262 0.61 -49.67 48.38
CA PRO E 262 -0.34 -50.78 48.56
C PRO E 262 -1.63 -50.40 49.27
N ASP E 263 -1.59 -49.34 50.08
CA ASP E 263 -2.81 -48.91 50.73
C ASP E 263 -3.85 -48.37 49.75
N TYR E 264 -3.48 -48.20 48.48
CA TYR E 264 -4.36 -47.66 47.45
C TYR E 264 -4.78 -48.75 46.47
N SER E 265 -4.99 -49.97 46.97
CA SER E 265 -5.36 -51.10 46.13
C SER E 265 -6.73 -50.93 45.49
N LYS E 266 -7.65 -50.22 46.15
CA LYS E 266 -8.99 -50.03 45.61
C LYS E 266 -9.03 -49.04 44.45
N TRP E 267 -7.98 -48.24 44.27
CA TRP E 267 -7.96 -47.37 43.11
C TRP E 267 -7.74 -48.12 41.81
N SER E 268 -7.30 -49.38 41.89
CA SER E 268 -6.88 -50.12 40.70
C SER E 268 -5.82 -49.32 39.96
N LEU E 269 -4.83 -48.85 40.73
CA LEU E 269 -3.77 -48.06 40.13
C LEU E 269 -3.03 -48.84 39.06
N GLY E 270 -3.04 -50.16 39.14
CA GLY E 270 -2.38 -51.02 38.18
C GLY E 270 -2.54 -50.58 36.74
N LYS E 271 -3.76 -50.52 36.25
CA LYS E 271 -3.95 -50.15 34.86
C LYS E 271 -4.69 -48.83 34.69
N LEU E 272 -5.15 -48.20 35.77
CA LEU E 272 -5.47 -46.79 35.66
C LEU E 272 -4.30 -46.03 35.03
N SER E 273 -3.08 -46.31 35.50
CA SER E 273 -1.91 -45.68 34.90
C SER E 273 -1.77 -46.07 33.42
N ALA E 274 -2.11 -47.31 33.07
CA ALA E 274 -1.99 -47.70 31.67
C ALA E 274 -2.99 -46.95 30.80
N LEU E 275 -4.22 -46.77 31.29
CA LEU E 275 -5.14 -45.84 30.66
C LEU E 275 -4.54 -44.44 30.59
N ARG E 276 -4.03 -43.93 31.71
CA ARG E 276 -3.37 -42.63 31.71
C ARG E 276 -2.22 -42.59 30.70
N ASP E 277 -1.40 -43.64 30.66
CA ASP E 277 -0.26 -43.63 29.73
C ASP E 277 -0.75 -43.53 28.29
N LEU E 278 -1.79 -44.27 27.95
CA LEU E 278 -2.34 -44.20 26.60
C LEU E 278 -2.88 -42.81 26.32
N ALA E 279 -3.59 -42.24 27.30
CA ALA E 279 -4.01 -40.84 27.20
C ALA E 279 -2.84 -39.96 26.80
N ILE E 280 -1.69 -40.14 27.47
CA ILE E 280 -0.52 -39.31 27.20
C ILE E 280 0.01 -39.58 25.79
N ILE E 281 -0.07 -40.83 25.34
CA ILE E 281 0.39 -41.19 24.01
C ILE E 281 -0.49 -40.57 22.94
N GLN E 282 -1.83 -40.61 23.13
CA GLN E 282 -2.72 -40.01 22.14
C GLN E 282 -2.56 -38.50 22.11
N ARG E 283 -2.56 -37.85 23.29
CA ARG E 283 -2.58 -36.39 23.32
C ARG E 283 -1.22 -35.79 22.93
N THR E 284 -0.10 -36.47 23.21
CA THR E 284 1.19 -35.96 22.75
C THR E 284 1.53 -36.35 21.32
N ASN E 285 0.59 -36.99 20.59
CA ASN E 285 0.76 -37.35 19.18
C ASN E 285 1.90 -38.34 18.97
N LEU E 286 2.19 -39.17 19.98
CA LEU E 286 2.96 -40.38 19.75
C LEU E 286 2.00 -41.48 19.31
N GLN E 287 2.45 -42.73 19.31
CA GLN E 287 1.75 -43.75 18.53
C GLN E 287 1.48 -45.04 19.27
N TYR E 288 2.35 -45.43 20.21
CA TYR E 288 2.36 -46.81 20.70
C TYR E 288 2.72 -46.90 22.18
N TYR E 289 2.05 -47.81 22.87
CA TYR E 289 2.38 -48.19 24.23
C TYR E 289 2.97 -49.58 24.18
N TYR E 290 4.25 -49.70 24.50
CA TYR E 290 4.89 -51.01 24.58
C TYR E 290 4.85 -51.50 26.03
N LEU E 291 4.33 -52.71 26.24
CA LEU E 291 4.28 -53.28 27.58
C LEU E 291 5.42 -54.25 27.80
N GLY E 292 5.51 -55.28 26.96
CA GLY E 292 6.69 -56.13 26.94
C GLY E 292 6.76 -57.22 27.98
N TYR E 293 5.63 -57.64 28.55
CA TYR E 293 5.63 -58.76 29.48
C TYR E 293 4.30 -59.49 29.37
N TYR E 294 4.30 -60.75 29.82
CA TYR E 294 3.07 -61.45 30.25
C TYR E 294 3.48 -62.75 30.95
N ILE E 295 2.48 -63.58 31.27
CA ILE E 295 2.54 -64.75 32.19
C ILE E 295 2.85 -64.34 33.62
N TYR E 307 -6.74 -56.65 23.95
CA TYR E 307 -7.33 -55.32 23.92
C TYR E 307 -7.03 -54.59 22.61
N GLY E 308 -7.30 -55.24 21.48
CA GLY E 308 -6.94 -54.69 20.18
C GLY E 308 -5.45 -54.53 19.98
N ALA E 309 -4.68 -55.34 20.66
CA ALA E 309 -3.25 -55.18 20.75
C ALA E 309 -2.55 -56.07 19.74
N GLU E 310 -1.22 -56.05 19.77
CA GLU E 310 -0.40 -56.76 18.81
C GLU E 310 0.85 -57.29 19.51
N VAL E 311 1.29 -58.46 19.07
CA VAL E 311 2.38 -59.18 19.71
C VAL E 311 3.51 -59.37 18.71
N LEU E 312 4.73 -59.12 19.16
CA LEU E 312 5.88 -59.28 18.30
C LEU E 312 6.12 -60.75 18.01
N ASP E 313 6.21 -61.08 16.74
CA ASP E 313 6.77 -62.35 16.30
C ASP E 313 8.27 -62.15 16.13
N VAL E 314 9.08 -62.65 17.06
CA VAL E 314 10.48 -62.30 16.92
C VAL E 314 11.16 -63.02 15.75
N CYS E 315 10.67 -64.18 15.31
CA CYS E 315 11.34 -64.83 14.19
C CYS E 315 11.11 -64.11 12.87
N HIS E 316 10.06 -63.29 12.76
CA HIS E 316 9.82 -62.31 11.69
C HIS E 316 10.23 -60.89 12.08
N SER E 317 10.40 -60.62 13.37
CA SER E 317 10.42 -59.27 13.91
C SER E 317 9.29 -58.45 13.28
N LYS E 318 8.08 -58.99 13.20
CA LYS E 318 6.90 -58.23 12.78
C LYS E 318 5.76 -58.48 13.78
N TYR E 319 4.77 -57.60 13.78
CA TYR E 319 3.71 -57.63 14.78
C TYR E 319 2.45 -58.24 14.20
N ILE E 320 1.74 -59.01 15.02
CA ILE E 320 0.54 -59.72 14.61
C ILE E 320 -0.57 -59.38 15.58
N PRO E 321 -1.82 -59.26 15.14
CA PRO E 321 -2.89 -59.01 16.09
C PRO E 321 -2.96 -60.11 17.14
N LEU E 322 -3.48 -59.75 18.31
CA LEU E 322 -3.37 -60.64 19.45
C LEU E 322 -4.47 -61.69 19.48
N LYS E 323 -5.70 -61.31 19.20
CA LYS E 323 -6.87 -62.17 19.43
C LYS E 323 -6.79 -63.49 18.66
N PRO E 324 -6.17 -63.53 17.48
CA PRO E 324 -5.89 -64.85 16.89
C PRO E 324 -5.06 -65.77 17.77
N ILE E 325 -4.16 -65.24 18.59
CA ILE E 325 -3.28 -66.11 19.38
C ILE E 325 -3.36 -65.74 20.86
N GLN E 326 -4.49 -65.15 21.29
CA GLN E 326 -4.83 -65.17 22.70
C GLN E 326 -4.82 -66.59 23.21
N ASP E 327 -5.32 -67.53 22.40
CA ASP E 327 -5.35 -68.96 22.67
C ASP E 327 -3.96 -69.59 22.71
N MET E 328 -2.89 -68.79 22.57
CA MET E 328 -1.53 -69.29 22.66
C MET E 328 -0.57 -68.48 23.53
N ILE E 329 -0.87 -67.19 23.73
CA ILE E 329 -0.01 -66.29 24.57
C ILE E 329 -0.54 -66.33 26.01
N SER E 330 -1.76 -66.83 26.20
CA SER E 330 -2.38 -66.93 27.55
C SER E 330 -1.99 -68.26 28.20
N ARG E 331 -1.46 -69.19 27.40
CA ARG E 331 -1.04 -70.53 27.91
C ARG E 331 0.46 -70.50 28.24
N GLY E 332 1.21 -69.65 27.54
CA GLY E 332 2.67 -69.53 27.74
C GLY E 332 3.70 -69.85 26.68
N LYS E 333 3.25 -70.32 25.52
CA LYS E 333 3.97 -71.16 24.52
C LYS E 333 4.56 -70.29 23.41
N LEU E 334 5.67 -70.76 22.80
CA LEU E 334 6.34 -70.02 21.72
C LEU E 334 5.51 -70.21 20.45
N PHE E 335 5.39 -69.16 19.65
CA PHE E 335 4.64 -69.21 18.40
C PHE E 335 5.44 -68.55 17.29
N VAL E 336 5.29 -69.08 16.07
CA VAL E 336 5.93 -68.50 14.89
C VAL E 336 4.91 -68.48 13.77
N ILE E 337 4.54 -67.30 13.30
CA ILE E 337 3.46 -67.21 12.32
C ILE E 337 3.96 -67.74 10.98
N GLY E 338 3.09 -68.44 10.26
CA GLY E 338 3.42 -68.90 8.92
C GLY E 338 2.16 -69.24 8.14
N GLU E 339 2.36 -69.56 6.86
CA GLU E 339 1.25 -69.99 6.02
C GLU E 339 1.20 -71.49 5.76
N GLU E 340 2.31 -72.20 6.02
CA GLU E 340 2.37 -73.65 5.83
C GLU E 340 2.09 -74.03 4.37
N GLU E 341 2.67 -73.28 3.45
CA GLU E 341 2.67 -73.76 2.07
C GLU E 341 3.65 -74.91 1.93
N THR E 342 4.68 -74.91 2.76
CA THR E 342 5.62 -75.99 2.90
C THR E 342 5.87 -76.17 4.38
N LYS E 343 6.47 -77.30 4.75
CA LYS E 343 7.18 -77.34 6.01
C LYS E 343 8.54 -76.69 5.77
N VAL E 344 8.85 -75.62 6.52
CA VAL E 344 10.18 -75.04 6.36
C VAL E 344 11.23 -76.02 6.86
N THR E 345 12.39 -76.01 6.22
CA THR E 345 13.53 -76.80 6.66
C THR E 345 14.73 -75.91 7.00
N LYS E 346 14.46 -74.73 7.52
CA LYS E 346 15.46 -73.71 7.85
C LYS E 346 14.74 -72.69 8.71
N GLU E 347 15.42 -72.14 9.73
CA GLU E 347 14.79 -71.07 10.49
C GLU E 347 14.48 -69.89 9.55
N LEU E 348 13.34 -69.24 9.79
CA LEU E 348 12.95 -68.11 8.95
C LEU E 348 14.07 -67.08 8.83
N TYR E 349 14.10 -66.44 7.66
CA TYR E 349 15.10 -65.44 7.28
C TYR E 349 14.72 -64.07 7.85
N LEU E 350 15.61 -63.45 8.61
CA LEU E 350 15.40 -62.07 9.06
C LEU E 350 16.16 -61.11 8.15
N VAL E 351 15.48 -60.05 7.71
CA VAL E 351 16.09 -59.03 6.85
C VAL E 351 16.63 -57.91 7.74
N ASP E 352 17.94 -57.64 7.62
CA ASP E 352 18.65 -56.74 8.51
C ASP E 352 18.10 -55.31 8.46
N SER E 353 17.48 -54.91 7.36
CA SER E 353 16.94 -53.55 7.32
C SER E 353 15.54 -53.44 7.89
N GLU E 354 14.88 -54.56 8.16
CA GLU E 354 13.52 -54.51 8.65
C GLU E 354 13.41 -54.91 10.12
N THR E 355 14.36 -55.65 10.66
CA THR E 355 14.28 -56.00 12.07
C THR E 355 14.17 -54.71 12.87
N GLY E 356 13.31 -54.76 13.89
CA GLY E 356 13.10 -53.64 14.79
C GLY E 356 12.35 -52.49 14.20
N ARG E 357 11.74 -52.64 13.05
CA ARG E 357 11.16 -51.50 12.37
C ARG E 357 9.67 -51.31 12.66
N GLY E 358 9.04 -52.22 13.39
CA GLY E 358 7.63 -52.08 13.70
C GLY E 358 6.69 -52.54 12.62
N GLU E 359 7.16 -53.34 11.66
CA GLU E 359 6.32 -53.74 10.54
C GLU E 359 5.30 -54.79 11.00
N GLY E 360 4.10 -54.73 10.42
CA GLY E 360 3.07 -55.71 10.70
C GLY E 360 3.00 -56.80 9.65
N PHE E 361 2.13 -57.75 9.89
CA PHE E 361 1.84 -58.78 8.92
C PHE E 361 0.73 -58.31 7.98
N PRO E 362 0.77 -58.74 6.73
CA PRO E 362 -0.35 -58.46 5.81
C PRO E 362 -1.69 -58.82 6.42
N THR E 363 -2.74 -58.03 6.09
CA THR E 363 -4.03 -58.16 6.77
C THR E 363 -5.05 -58.99 5.99
N ASP E 364 -4.91 -59.19 4.69
CA ASP E 364 -5.81 -60.13 3.99
C ASP E 364 -5.00 -61.38 3.66
N ASN E 365 -4.91 -62.29 4.63
CA ASN E 365 -4.26 -63.57 4.36
C ASN E 365 -5.20 -64.43 3.53
N VAL E 366 -4.87 -64.59 2.24
CA VAL E 366 -5.64 -65.55 1.45
C VAL E 366 -5.31 -66.96 1.90
N VAL E 367 -4.08 -67.17 2.39
CA VAL E 367 -3.70 -68.35 3.14
C VAL E 367 -3.71 -67.97 4.62
N LYS E 368 -4.62 -68.57 5.41
CA LYS E 368 -4.75 -68.18 6.80
C LYS E 368 -3.52 -68.60 7.61
N TYR E 369 -3.11 -67.73 8.54
CA TYR E 369 -1.84 -67.92 9.23
C TYR E 369 -1.94 -69.06 10.24
N LYS E 370 -0.84 -69.80 10.39
CA LYS E 370 -0.77 -70.93 11.29
C LYS E 370 0.45 -70.76 12.18
N ASN E 371 0.56 -71.62 13.18
CA ASN E 371 1.71 -71.62 14.08
C ASN E 371 2.68 -72.70 13.63
N ILE E 372 3.79 -72.30 13.03
CA ILE E 372 4.76 -73.26 12.53
C ILE E 372 5.91 -73.49 13.51
N ALA E 373 5.74 -73.08 14.77
CA ALA E 373 6.85 -73.17 15.70
C ALA E 373 7.31 -74.62 15.88
N GLU E 374 6.38 -75.57 16.08
CA GLU E 374 6.80 -76.94 16.29
C GLU E 374 7.73 -77.44 15.17
N GLU E 375 7.39 -77.19 13.91
CA GLU E 375 8.23 -77.75 12.86
C GLU E 375 9.65 -77.17 12.85
N ILE E 376 9.85 -75.99 13.44
CA ILE E 376 11.17 -75.36 13.45
C ILE E 376 11.94 -75.74 14.72
N TYR E 377 11.32 -75.48 15.89
CA TYR E 377 11.96 -75.57 17.20
C TYR E 377 11.43 -76.73 18.05
N GLY E 378 10.46 -77.49 17.57
CA GLY E 378 9.98 -78.63 18.32
C GLY E 378 11.00 -79.74 18.33
N VAL E 379 10.55 -80.90 18.81
CA VAL E 379 11.46 -82.01 19.04
C VAL E 379 12.11 -82.45 17.75
N GLY E 380 11.33 -82.62 16.70
CA GLY E 380 11.97 -82.93 15.44
C GLY E 380 12.45 -81.74 14.64
N GLY E 381 12.46 -80.54 15.25
CA GLY E 381 12.62 -79.30 14.53
C GLY E 381 13.73 -79.17 13.52
N CYS E 382 13.52 -78.37 12.47
CA CYS E 382 14.55 -78.26 11.46
C CYS E 382 15.76 -77.49 11.96
N ALA E 383 15.62 -76.67 13.02
CA ALA E 383 16.66 -75.69 13.34
C ALA E 383 17.97 -76.33 13.76
N PHE E 384 17.90 -77.39 14.58
CA PHE E 384 19.07 -77.87 15.32
C PHE E 384 20.11 -78.50 14.42
N LYS E 385 19.69 -79.41 13.51
CA LYS E 385 20.68 -79.97 12.61
C LYS E 385 21.21 -78.91 11.65
N SER E 386 20.34 -77.99 11.20
CA SER E 386 20.78 -76.89 10.34
C SER E 386 21.84 -76.05 11.04
N ALA E 387 21.54 -75.60 12.26
CA ALA E 387 22.51 -74.85 13.05
C ALA E 387 23.82 -75.58 13.17
N ASN E 388 23.79 -76.90 13.31
CA ASN E 388 25.02 -77.60 13.60
C ASN E 388 25.92 -77.68 12.37
N GLU E 389 25.36 -77.90 11.19
CA GLU E 389 26.27 -77.93 10.05
C GLU E 389 26.74 -76.54 9.67
N SER E 390 26.02 -75.49 10.08
CA SER E 390 26.57 -74.14 9.92
C SER E 390 27.63 -73.85 10.97
N ALA E 391 27.35 -74.23 12.22
CA ALA E 391 28.37 -74.15 13.26
C ALA E 391 29.68 -74.75 12.76
N LEU E 392 29.60 -75.94 12.18
CA LEU E 392 30.79 -76.61 11.65
C LEU E 392 31.47 -75.75 10.59
N GLU E 393 30.69 -75.22 9.64
CA GLU E 393 31.30 -74.38 8.61
C GLU E 393 31.92 -73.13 9.23
N LEU E 394 31.24 -72.53 10.22
CA LEU E 394 31.74 -71.29 10.81
C LEU E 394 33.10 -71.51 11.47
N LYS E 395 33.28 -72.67 12.10
CA LYS E 395 34.56 -72.96 12.74
C LYS E 395 35.62 -73.29 11.71
N GLU E 396 35.30 -74.21 10.79
CA GLU E 396 36.32 -74.73 9.88
C GLU E 396 36.68 -73.73 8.79
N LEU E 397 35.73 -72.97 8.27
CA LEU E 397 36.07 -72.08 7.18
C LEU E 397 36.51 -70.69 7.64
N TYR E 398 36.04 -70.21 8.80
CA TYR E 398 36.29 -68.83 9.19
C TYR E 398 36.86 -68.68 10.60
N GLY E 399 37.18 -69.80 11.26
CA GLY E 399 37.92 -69.77 12.51
C GLY E 399 37.18 -69.11 13.65
N ILE E 400 35.88 -69.30 13.73
CA ILE E 400 35.03 -68.73 14.78
C ILE E 400 34.57 -69.86 15.68
N PRO E 401 34.80 -69.79 16.96
CA PRO E 401 34.50 -70.95 17.82
C PRO E 401 33.01 -71.17 18.02
N TYR E 402 32.36 -71.82 17.06
CA TYR E 402 30.98 -72.29 17.20
C TYR E 402 31.04 -73.80 17.36
N GLU E 403 30.29 -74.32 18.31
CA GLU E 403 30.34 -75.73 18.59
C GLU E 403 28.99 -76.36 18.28
N GLU E 404 29.04 -77.63 17.91
CA GLU E 404 27.84 -78.40 17.66
C GLU E 404 27.07 -78.59 18.96
N GLU E 405 25.77 -78.35 18.94
CA GLU E 405 24.98 -78.27 20.17
C GLU E 405 23.62 -78.92 19.97
N ASP E 406 23.05 -79.36 21.08
CA ASP E 406 21.63 -79.69 21.21
C ASP E 406 21.20 -80.83 20.27
N LEU E 407 21.83 -81.98 20.44
CA LEU E 407 21.32 -83.23 19.87
C LEU E 407 20.33 -83.82 20.87
N ASP E 408 19.13 -83.23 20.90
CA ASP E 408 18.02 -83.43 21.85
C ASP E 408 18.28 -82.72 23.19
N THR E 409 19.40 -82.03 23.34
CA THR E 409 19.89 -81.54 24.62
C THR E 409 19.36 -80.16 24.98
N ILE E 410 18.33 -79.65 24.29
CA ILE E 410 17.89 -78.28 24.59
C ILE E 410 17.50 -78.14 26.04
N TYR E 411 17.44 -79.31 26.67
CA TYR E 411 17.17 -79.41 28.11
C TYR E 411 18.40 -80.02 28.76
N HIS E 412 19.24 -79.14 29.27
CA HIS E 412 20.52 -79.42 29.97
C HIS E 412 20.40 -80.66 30.84
N LEU E 413 21.25 -81.66 30.61
CA LEU E 413 21.24 -82.93 31.37
C LEU E 413 21.20 -82.63 32.88
N ASN E 422 27.98 -72.01 29.88
CA ASN E 422 28.25 -71.65 28.49
C ASN E 422 27.72 -70.26 28.13
N GLY E 423 27.57 -70.02 26.82
CA GLY E 423 27.03 -68.76 26.32
C GLY E 423 25.83 -68.96 25.41
N ILE E 424 25.69 -68.08 24.41
CA ILE E 424 24.48 -67.99 23.60
C ILE E 424 24.27 -69.29 22.83
N PRO E 425 23.10 -69.94 22.93
CA PRO E 425 22.89 -71.20 22.21
C PRO E 425 22.82 -70.97 20.71
N ASN E 426 23.35 -71.93 19.94
CA ASN E 426 23.31 -71.87 18.48
C ASN E 426 21.94 -71.47 17.96
N VAL E 427 20.89 -72.12 18.47
CA VAL E 427 19.49 -71.91 18.07
C VAL E 427 18.77 -71.11 19.16
N VAL E 428 18.34 -69.89 18.83
CA VAL E 428 17.47 -69.11 19.70
C VAL E 428 16.48 -68.32 18.84
N PRO E 429 15.18 -68.60 18.92
CA PRO E 429 14.20 -67.80 18.18
C PRO E 429 14.35 -66.32 18.48
N GLY E 430 14.45 -65.51 17.43
CA GLY E 430 14.66 -64.09 17.58
C GLY E 430 16.09 -63.65 17.41
N LEU E 431 17.04 -64.57 17.38
CA LEU E 431 18.42 -64.26 16.99
C LEU E 431 18.64 -64.67 15.54
N LEU E 432 19.64 -64.07 14.91
CA LEU E 432 19.98 -64.43 13.55
C LEU E 432 20.24 -65.94 13.47
N PRO E 433 19.53 -66.67 12.61
CA PRO E 433 19.85 -68.09 12.48
C PRO E 433 21.27 -68.25 11.95
N LEU E 434 21.98 -69.25 12.49
CA LEU E 434 23.40 -69.44 12.18
C LEU E 434 23.63 -69.48 10.68
N TRP E 435 22.72 -70.07 9.92
CA TRP E 435 22.93 -70.17 8.48
C TRP E 435 22.96 -68.77 7.83
N GLU E 436 22.09 -67.87 8.26
CA GLU E 436 22.23 -66.48 7.85
C GLU E 436 23.61 -65.96 8.22
N LEU E 437 24.00 -66.14 9.49
CA LEU E 437 25.29 -65.64 9.95
C LEU E 437 26.40 -66.18 9.08
N LEU E 438 26.27 -67.44 8.66
CA LEU E 438 27.23 -68.01 7.74
C LEU E 438 27.19 -67.35 6.36
N ASP E 439 26.04 -66.81 5.92
CA ASP E 439 26.03 -66.14 4.62
C ASP E 439 26.71 -64.77 4.72
N ILE E 440 26.66 -64.15 5.90
CA ILE E 440 27.33 -62.87 6.08
C ILE E 440 28.84 -63.03 5.94
N MET E 441 29.36 -64.19 6.35
CA MET E 441 30.78 -64.44 6.31
C MET E 441 31.23 -64.88 4.91
N GLN E 442 30.55 -65.89 4.35
CA GLN E 442 30.94 -66.47 3.05
C GLN E 442 30.85 -65.47 1.88
N SER E 443 29.95 -64.49 1.98
CA SER E 443 29.81 -63.46 0.97
C SER E 443 30.81 -62.34 1.13
N GLY E 444 31.48 -62.28 2.29
CA GLY E 444 32.30 -61.15 2.65
C GLY E 444 31.55 -59.94 3.18
N LYS E 445 30.22 -60.01 3.32
CA LYS E 445 29.51 -58.90 3.95
C LYS E 445 30.22 -58.46 5.22
N ILE E 446 30.76 -59.43 5.96
CA ILE E 446 31.39 -59.19 7.26
C ILE E 446 32.37 -58.04 7.19
N THR E 447 33.06 -57.87 6.04
CA THR E 447 34.09 -56.84 5.95
C THR E 447 33.51 -55.44 5.95
N ASP E 448 32.21 -55.31 5.66
CA ASP E 448 31.58 -54.02 5.80
C ASP E 448 31.76 -53.45 7.20
N LEU E 449 32.05 -54.31 8.18
CA LEU E 449 32.29 -53.88 9.54
C LEU E 449 33.65 -53.22 9.69
N GLU E 450 34.58 -53.49 8.78
CA GLU E 450 35.89 -52.87 8.85
C GLU E 450 35.73 -51.38 8.61
N GLY E 451 36.30 -50.57 9.49
CA GLY E 451 36.23 -49.13 9.33
C GLY E 451 35.03 -48.50 9.96
N ARG E 452 34.08 -49.29 10.41
CA ARG E 452 32.89 -48.77 11.08
C ARG E 452 32.77 -49.26 12.51
N LEU E 453 32.83 -50.58 12.74
CA LEU E 453 32.82 -51.11 14.08
C LEU E 453 34.13 -50.81 14.79
N PHE E 454 34.04 -50.49 16.07
CA PHE E 454 35.23 -50.34 16.88
C PHE E 454 35.23 -51.31 18.03
N LEU E 455 36.44 -51.77 18.38
CA LEU E 455 36.71 -52.69 19.47
C LEU E 455 37.36 -51.94 20.61
N PHE E 456 37.21 -52.47 21.84
CA PHE E 456 37.83 -51.86 23.01
C PHE E 456 38.07 -52.98 24.03
N GLU E 457 39.28 -53.52 24.02
CA GLU E 457 39.71 -54.40 25.10
C GLU E 457 40.11 -53.51 26.25
N ILE E 458 39.49 -53.71 27.43
CA ILE E 458 39.63 -52.70 28.48
C ILE E 458 40.93 -52.78 29.27
N GLU E 459 41.68 -53.88 29.17
CA GLU E 459 43.00 -53.90 29.80
C GLU E 459 44.06 -53.32 28.88
N THR E 460 43.65 -52.42 27.99
CA THR E 460 44.54 -51.65 27.15
C THR E 460 44.17 -50.17 27.18
N GLU E 461 42.99 -49.83 27.70
CA GLU E 461 42.36 -48.51 27.69
C GLU E 461 42.68 -47.75 26.41
N GLY E 462 42.45 -48.42 25.28
CA GLY E 462 42.48 -47.80 23.97
C GLY E 462 41.46 -48.42 23.06
N ILE E 463 40.53 -47.61 22.55
CA ILE E 463 39.67 -48.08 21.47
C ILE E 463 40.54 -48.32 20.25
N ARG E 464 40.16 -49.31 19.46
CA ARG E 464 40.88 -49.60 18.23
C ARG E 464 39.86 -49.89 17.13
N PRO E 465 40.20 -49.66 15.87
CA PRO E 465 39.27 -49.93 14.77
C PRO E 465 39.37 -51.34 14.27
N LEU E 466 38.23 -51.93 13.95
CA LEU E 466 38.26 -53.18 13.21
C LEU E 466 38.92 -52.95 11.86
N ILE E 467 40.04 -53.60 11.62
CA ILE E 467 40.79 -53.43 10.38
C ILE E 467 40.67 -54.64 9.48
N ASN E 468 40.77 -55.83 10.01
CA ASN E 468 40.57 -57.04 9.20
C ASN E 468 39.86 -58.08 10.04
N PHE E 469 38.57 -58.29 9.77
CA PHE E 469 37.79 -59.26 10.55
C PHE E 469 38.47 -60.62 10.60
N TYR E 470 38.92 -61.11 9.44
CA TYR E 470 39.44 -62.48 9.38
C TYR E 470 40.72 -62.63 10.18
N SER E 471 41.41 -61.54 10.47
CA SER E 471 42.67 -61.58 11.19
C SER E 471 42.49 -61.36 12.69
N GLU E 472 41.30 -61.27 13.15
CA GLU E 472 41.18 -61.11 14.60
C GLU E 472 41.19 -62.47 15.27
N PRO E 473 41.54 -62.52 16.55
CA PRO E 473 41.58 -63.82 17.25
C PRO E 473 40.17 -64.36 17.42
N PRO E 474 40.04 -65.67 17.63
CA PRO E 474 38.70 -66.30 17.55
C PRO E 474 37.69 -65.73 18.51
N ASN E 475 38.05 -65.58 19.78
CA ASN E 475 36.99 -65.21 20.71
C ASN E 475 36.47 -63.79 20.48
N VAL E 476 37.15 -62.95 19.71
CA VAL E 476 36.53 -61.68 19.45
C VAL E 476 35.71 -61.73 18.19
N LYS E 477 36.18 -62.48 17.19
CA LYS E 477 35.31 -62.89 16.09
C LYS E 477 33.98 -63.39 16.64
N LYS E 478 34.03 -64.21 17.69
CA LYS E 478 32.82 -64.77 18.27
C LYS E 478 31.94 -63.69 18.88
N ARG E 479 32.54 -62.74 19.62
CA ARG E 479 31.79 -61.63 20.19
C ARG E 479 31.10 -60.82 19.10
N ILE E 480 31.88 -60.38 18.11
CA ILE E 480 31.32 -59.73 16.92
C ILE E 480 30.10 -60.49 16.42
N CYS E 481 30.23 -61.81 16.24
CA CYS E 481 29.10 -62.61 15.78
C CYS E 481 27.90 -62.47 16.73
N ASP E 482 28.14 -62.58 18.04
CA ASP E 482 27.03 -62.50 18.99
C ASP E 482 26.31 -61.15 18.89
N VAL E 483 27.06 -60.04 18.85
CA VAL E 483 26.43 -58.73 18.69
C VAL E 483 25.61 -58.69 17.40
N ILE E 484 26.12 -59.30 16.33
CA ILE E 484 25.35 -59.38 15.09
C ILE E 484 24.07 -60.16 15.32
N ARG E 485 24.21 -61.38 15.88
CA ARG E 485 23.07 -62.29 16.05
C ARG E 485 21.97 -61.68 16.91
N LEU E 486 22.33 -60.76 17.79
CA LEU E 486 21.42 -60.22 18.80
C LEU E 486 20.83 -58.88 18.39
N PHE E 487 21.69 -57.94 18.00
CA PHE E 487 21.26 -56.58 17.72
C PHE E 487 21.23 -56.29 16.23
N GLY E 488 21.72 -57.21 15.43
CA GLY E 488 21.63 -57.05 14.01
C GLY E 488 22.84 -56.36 13.40
N PHE E 489 23.09 -56.71 12.13
CA PHE E 489 24.29 -56.23 11.46
C PHE E 489 24.31 -54.72 11.39
N GLU E 490 23.17 -54.07 11.13
CA GLU E 490 23.19 -52.61 11.00
C GLU E 490 23.58 -51.95 12.31
N THR E 491 23.15 -52.49 13.42
CA THR E 491 23.52 -51.82 14.66
C THR E 491 24.99 -52.09 14.99
N CYS E 492 25.43 -53.32 14.71
CA CYS E 492 26.82 -53.70 14.93
C CYS E 492 27.75 -52.78 14.13
N MET E 493 27.26 -52.25 13.00
CA MET E 493 28.05 -51.34 12.17
C MET E 493 28.22 -49.99 12.81
N LYS E 494 27.44 -49.67 13.81
CA LYS E 494 27.64 -48.43 14.54
C LYS E 494 27.99 -48.71 15.99
N ALA E 495 28.52 -49.90 16.29
CA ALA E 495 28.73 -50.31 17.67
C ALA E 495 30.16 -50.07 18.14
N VAL E 496 30.33 -49.99 19.45
CA VAL E 496 31.64 -50.15 20.08
C VAL E 496 31.53 -51.28 21.09
N ILE E 497 32.28 -52.35 20.87
CA ILE E 497 32.19 -53.55 21.70
C ILE E 497 33.30 -53.57 22.74
N LEU E 498 32.92 -53.53 24.02
CA LEU E 498 33.88 -53.63 25.12
C LEU E 498 34.05 -55.08 25.54
N TYR E 499 35.30 -55.47 25.75
CA TYR E 499 35.57 -56.82 26.21
C TYR E 499 36.90 -56.84 26.95
N SER E 500 37.19 -57.98 27.60
CA SER E 500 38.46 -58.21 28.28
C SER E 500 38.83 -59.68 28.10
N GLU E 501 40.01 -59.96 27.52
CA GLU E 501 40.29 -61.34 27.12
C GLU E 501 40.44 -62.29 28.30
N GLN E 502 40.33 -61.79 29.54
CA GLN E 502 40.10 -62.66 30.68
C GLN E 502 38.75 -63.37 30.53
N SER F 2 5.55 -46.98 -12.55
CA SER F 2 6.99 -46.93 -12.85
C SER F 2 7.89 -47.56 -11.78
N ASP F 3 7.53 -47.46 -10.50
CA ASP F 3 8.21 -48.23 -9.46
C ASP F 3 8.11 -49.71 -9.80
N ARG F 4 7.28 -50.01 -10.79
CA ARG F 4 7.10 -51.37 -11.26
C ARG F 4 8.15 -51.72 -12.31
N PHE F 5 8.57 -52.97 -12.29
CA PHE F 5 9.60 -53.46 -13.20
C PHE F 5 8.91 -54.46 -14.12
N VAL F 6 8.43 -53.99 -15.28
CA VAL F 6 7.60 -54.80 -16.18
C VAL F 6 8.48 -55.49 -17.23
N ILE F 7 8.67 -56.81 -17.09
CA ILE F 7 9.57 -57.53 -17.98
C ILE F 7 8.96 -58.82 -18.49
N TRP F 8 9.55 -59.32 -19.56
CA TRP F 8 9.37 -60.70 -19.98
C TRP F 8 10.38 -61.60 -19.30
N ALA F 9 10.04 -62.88 -19.19
CA ALA F 9 10.90 -63.76 -18.42
C ALA F 9 12.25 -63.91 -19.11
N PRO F 10 13.35 -63.88 -18.37
CA PRO F 10 14.67 -63.99 -18.99
C PRO F 10 14.85 -65.30 -19.72
N SER F 11 15.46 -65.21 -20.91
CA SER F 11 15.97 -66.35 -21.65
C SER F 11 17.36 -66.02 -22.16
N MET F 12 17.98 -66.98 -22.86
CA MET F 12 19.23 -66.78 -23.57
C MET F 12 18.93 -66.49 -25.03
N HIS F 13 19.56 -65.45 -25.56
CA HIS F 13 19.39 -65.04 -26.94
C HIS F 13 20.72 -65.25 -27.68
N ASN F 14 20.64 -65.35 -29.01
CA ASN F 14 21.81 -65.63 -29.84
C ASN F 14 22.09 -64.51 -30.84
N MET F 31 42.89 -71.06 -29.08
CA MET F 31 43.06 -69.62 -29.07
C MET F 31 42.75 -69.05 -27.69
N ASP F 32 43.78 -68.45 -27.06
CA ASP F 32 43.74 -68.06 -25.64
C ASP F 32 42.56 -67.15 -25.31
N GLN F 33 42.25 -66.22 -26.21
CA GLN F 33 41.30 -65.13 -25.92
C GLN F 33 39.90 -65.65 -25.63
N LEU F 34 39.54 -66.79 -26.21
CA LEU F 34 38.17 -67.27 -26.20
C LEU F 34 37.73 -67.83 -24.86
N PHE F 35 38.65 -68.33 -24.04
CA PHE F 35 38.30 -68.98 -22.80
C PHE F 35 38.38 -68.01 -21.65
N ALA F 36 37.47 -68.17 -20.69
CA ALA F 36 37.44 -67.28 -19.54
C ALA F 36 38.43 -67.68 -18.44
N LEU F 37 38.81 -68.94 -18.36
CA LEU F 37 39.80 -69.40 -17.39
C LEU F 37 40.88 -70.19 -18.09
N ASP F 38 42.13 -70.05 -17.60
CA ASP F 38 43.21 -70.82 -18.20
C ASP F 38 42.96 -72.32 -18.09
N SER F 39 42.25 -72.76 -17.07
CA SER F 39 42.09 -74.21 -16.90
C SER F 39 41.20 -74.80 -17.99
N TRP F 40 40.12 -74.13 -18.36
CA TRP F 40 39.34 -74.64 -19.47
C TRP F 40 40.17 -74.60 -20.75
N ALA F 41 40.81 -73.45 -21.01
CA ALA F 41 41.67 -73.34 -22.18
C ALA F 41 42.71 -74.45 -22.20
N HIS F 42 43.40 -74.67 -21.08
CA HIS F 42 44.45 -75.69 -21.07
C HIS F 42 43.89 -77.07 -21.29
N ARG F 43 42.65 -77.32 -20.88
CA ARG F 43 42.07 -78.64 -21.08
C ARG F 43 41.55 -78.83 -22.50
N TYR F 44 41.20 -77.74 -23.18
CA TYR F 44 40.55 -77.85 -24.47
C TYR F 44 41.37 -77.31 -25.62
N MET F 45 42.47 -76.59 -25.36
CA MET F 45 43.11 -75.83 -26.43
C MET F 45 44.08 -76.68 -27.24
N ASN F 46 43.93 -78.00 -27.21
CA ASN F 46 44.45 -78.86 -28.27
C ASN F 46 43.33 -79.60 -29.00
N LYS F 47 42.06 -79.31 -28.72
CA LYS F 47 40.93 -80.05 -29.31
C LYS F 47 39.75 -79.14 -29.65
N MET F 48 39.98 -78.01 -30.33
CA MET F 48 38.86 -77.09 -30.57
C MET F 48 37.96 -77.46 -31.74
N ASP F 49 38.27 -78.51 -32.50
CA ASP F 49 37.29 -79.01 -33.46
C ASP F 49 36.04 -79.49 -32.74
N VAL F 50 36.22 -80.15 -31.59
CA VAL F 50 35.11 -80.71 -30.83
C VAL F 50 34.36 -79.69 -29.99
N VAL F 51 34.84 -78.45 -29.88
CA VAL F 51 34.26 -77.50 -28.93
C VAL F 51 33.30 -76.56 -29.65
N LYS F 52 32.11 -76.44 -29.09
CA LYS F 52 31.10 -75.51 -29.56
C LYS F 52 31.12 -74.36 -28.55
N ILE F 53 31.91 -73.33 -28.84
CA ILE F 53 32.04 -72.21 -27.94
C ILE F 53 31.17 -71.07 -28.46
N GLU F 54 30.17 -70.72 -27.64
CA GLU F 54 29.05 -69.86 -27.97
C GLU F 54 29.47 -68.40 -27.95
N ASN F 55 28.66 -67.57 -28.61
CA ASN F 55 28.49 -66.16 -28.24
C ASN F 55 27.02 -65.97 -27.93
N CYS F 56 26.71 -65.75 -26.66
CA CYS F 56 25.33 -65.75 -26.19
C CYS F 56 25.17 -64.73 -25.07
N THR F 57 23.93 -64.29 -24.89
CA THR F 57 23.60 -63.29 -23.89
C THR F 57 22.44 -63.80 -23.03
N ILE F 58 22.34 -63.25 -21.82
CA ILE F 58 21.25 -63.57 -20.91
C ILE F 58 20.58 -62.26 -20.57
N GLY F 59 19.28 -62.17 -20.82
CA GLY F 59 18.59 -60.94 -20.50
C GLY F 59 17.11 -61.05 -20.74
N SER F 60 16.42 -59.93 -20.52
CA SER F 60 14.97 -59.81 -20.66
C SER F 60 14.63 -58.63 -21.56
N PHE F 61 13.53 -58.79 -22.29
CA PHE F 61 12.86 -57.65 -22.93
C PHE F 61 12.10 -56.88 -21.84
N VAL F 62 12.50 -55.64 -21.60
CA VAL F 62 11.90 -54.81 -20.56
C VAL F 62 10.81 -53.96 -21.20
N GLU F 63 9.58 -54.12 -20.74
CA GLU F 63 8.51 -53.29 -21.24
C GLU F 63 8.41 -51.97 -20.49
N HIS F 64 8.86 -51.93 -19.24
CA HIS F 64 8.88 -50.66 -18.53
C HIS F 64 9.79 -50.77 -17.30
N MET F 65 10.56 -49.70 -17.03
CA MET F 65 11.35 -49.59 -15.80
C MET F 65 11.78 -48.15 -15.61
N ASP F 66 12.26 -47.84 -14.41
CA ASP F 66 12.69 -46.48 -14.09
C ASP F 66 14.21 -46.38 -14.09
N VAL F 67 14.73 -45.14 -14.19
CA VAL F 67 16.16 -44.97 -14.37
C VAL F 67 16.90 -45.40 -13.10
N ALA F 68 16.32 -45.13 -11.94
CA ALA F 68 16.90 -45.66 -10.70
C ALA F 68 17.09 -47.19 -10.77
N THR F 69 16.08 -47.91 -11.27
CA THR F 69 16.26 -49.37 -11.35
C THR F 69 17.34 -49.70 -12.37
N TYR F 70 17.31 -49.06 -13.52
CA TYR F 70 18.36 -49.34 -14.50
C TYR F 70 19.74 -48.99 -13.92
N ASP F 71 19.83 -47.89 -13.17
CA ASP F 71 21.05 -47.59 -12.44
C ASP F 71 21.55 -48.80 -11.67
N ARG F 72 20.66 -49.39 -10.85
CA ARG F 72 21.05 -50.61 -10.13
C ARG F 72 21.52 -51.70 -11.09
N MET F 73 20.78 -51.93 -12.20
CA MET F 73 21.10 -53.02 -13.13
C MET F 73 22.46 -52.83 -13.83
N CYS F 74 22.75 -51.60 -14.29
CA CYS F 74 24.10 -51.25 -14.72
C CYS F 74 25.14 -51.75 -13.75
N ASN F 75 24.95 -51.41 -12.46
CA ASN F 75 25.91 -51.74 -11.40
C ASN F 75 25.82 -53.19 -10.97
N MET F 76 24.99 -53.98 -11.64
CA MET F 76 25.05 -55.43 -11.56
C MET F 76 25.70 -56.05 -12.80
N GLY F 77 26.18 -55.25 -13.73
CA GLY F 77 26.76 -55.78 -14.94
C GLY F 77 25.83 -55.90 -16.12
N PHE F 78 24.65 -55.27 -16.06
CA PHE F 78 23.73 -55.28 -17.19
C PHE F 78 24.03 -54.09 -18.11
N ARG F 79 23.81 -54.31 -19.39
CA ARG F 79 23.77 -53.30 -20.43
C ARG F 79 22.40 -53.36 -21.10
N ARG F 80 22.04 -52.30 -21.84
CA ARG F 80 20.80 -52.39 -22.60
C ARG F 80 21.05 -52.12 -24.08
N SER F 81 20.24 -52.79 -24.89
CA SER F 81 20.22 -52.66 -26.34
C SER F 81 18.73 -52.53 -26.69
N GLY F 82 18.29 -51.33 -27.02
CA GLY F 82 16.87 -51.18 -27.23
C GLY F 82 16.14 -51.40 -25.92
N LYS F 83 15.05 -52.16 -25.98
CA LYS F 83 14.38 -52.57 -24.76
C LYS F 83 14.99 -53.83 -24.13
N PHE F 84 16.01 -54.42 -24.76
CA PHE F 84 16.59 -55.67 -24.29
C PHE F 84 17.62 -55.39 -23.20
N LEU F 85 17.44 -55.98 -22.03
CA LEU F 85 18.31 -55.73 -20.88
C LEU F 85 18.99 -57.03 -20.52
N TYR F 86 20.31 -57.06 -20.63
CA TYR F 86 21.03 -58.33 -20.77
C TYR F 86 22.42 -58.23 -20.19
N LYS F 87 23.04 -59.40 -20.03
CA LYS F 87 24.46 -59.47 -19.72
C LYS F 87 25.03 -60.65 -20.49
N VAL F 88 26.34 -60.80 -20.42
CA VAL F 88 27.01 -61.94 -21.05
C VAL F 88 27.44 -62.92 -19.96
N ASP F 89 27.26 -64.20 -20.24
CA ASP F 89 27.74 -65.28 -19.38
C ASP F 89 29.25 -65.18 -19.31
N PRO F 90 29.83 -64.82 -18.15
CA PRO F 90 31.25 -64.47 -18.10
C PRO F 90 32.17 -65.67 -17.99
N LEU F 91 31.60 -66.85 -17.77
CA LEU F 91 32.37 -68.08 -17.77
C LEU F 91 32.35 -68.77 -19.13
N ARG F 92 31.34 -68.53 -19.96
CA ARG F 92 31.10 -69.38 -21.11
C ARG F 92 31.25 -68.70 -22.46
N ASN F 93 30.98 -67.40 -22.56
CA ASN F 93 30.91 -66.78 -23.87
C ASN F 93 32.28 -66.68 -24.53
N CYS F 94 32.26 -66.46 -25.84
CA CYS F 94 33.49 -66.35 -26.62
C CYS F 94 34.28 -65.10 -26.27
N CYS F 95 33.65 -64.12 -25.61
CA CYS F 95 34.33 -62.91 -25.16
C CYS F 95 33.66 -62.41 -23.89
N ARG F 96 34.41 -61.62 -23.10
CA ARG F 96 33.97 -61.19 -21.78
C ARG F 96 33.77 -59.67 -21.75
N LEU F 97 32.51 -59.25 -21.62
CA LEU F 97 32.20 -57.86 -21.34
C LEU F 97 32.60 -57.52 -19.90
N TYR F 98 33.18 -56.35 -19.69
CA TYR F 98 33.63 -55.91 -18.37
C TYR F 98 32.92 -54.61 -18.04
N THR F 99 32.08 -54.61 -17.01
CA THR F 99 31.50 -53.36 -16.53
C THR F 99 32.60 -52.49 -15.90
N ILE F 100 32.77 -51.28 -16.43
CA ILE F 100 33.83 -50.38 -15.97
C ILE F 100 33.19 -49.07 -15.57
N ARG F 101 33.64 -48.51 -14.46
CA ARG F 101 33.18 -47.18 -14.07
C ARG F 101 34.39 -46.30 -13.76
N THR F 102 34.21 -45.01 -14.02
CA THR F 102 35.27 -44.01 -13.88
C THR F 102 34.65 -42.72 -13.38
N ALA F 103 35.31 -42.11 -12.42
CA ALA F 103 34.94 -40.76 -12.07
C ALA F 103 35.86 -39.78 -12.77
N PRO F 104 35.41 -38.55 -12.98
CA PRO F 104 36.33 -37.51 -13.45
C PRO F 104 37.54 -37.35 -12.55
N GLN F 105 37.42 -37.59 -11.24
CA GLN F 105 38.59 -37.58 -10.37
C GLN F 105 39.65 -38.59 -10.83
N GLU F 106 39.24 -39.85 -11.04
CA GLU F 106 40.17 -40.97 -11.19
C GLU F 106 40.83 -41.07 -12.56
N LEU F 107 40.41 -40.30 -13.54
CA LEU F 107 40.94 -40.52 -14.88
C LEU F 107 42.43 -40.21 -14.90
N ASN F 108 43.21 -41.13 -15.45
CA ASN F 108 44.62 -40.90 -15.77
C ASN F 108 44.67 -40.18 -17.10
N MET F 109 44.85 -38.86 -17.07
CA MET F 109 44.89 -38.14 -18.35
C MET F 109 46.27 -38.37 -18.93
N THR F 110 46.35 -39.29 -19.89
CA THR F 110 47.59 -39.84 -20.38
C THR F 110 48.19 -38.96 -21.48
N LYS F 111 49.24 -39.46 -22.13
CA LYS F 111 49.99 -38.61 -23.05
C LYS F 111 49.24 -38.44 -24.37
N GLU F 112 48.54 -39.48 -24.85
CA GLU F 112 47.78 -39.32 -26.08
C GLU F 112 46.46 -38.59 -25.83
N LEU F 113 45.76 -38.89 -24.72
CA LEU F 113 44.52 -38.18 -24.39
C LEU F 113 44.77 -36.69 -24.18
N LYS F 114 46.00 -36.30 -23.90
CA LYS F 114 46.33 -34.89 -23.73
C LYS F 114 46.50 -34.16 -25.05
N LYS F 115 47.16 -34.80 -26.03
CA LYS F 115 47.26 -34.21 -27.35
C LYS F 115 45.92 -34.27 -28.10
N CYS F 116 45.01 -35.14 -27.65
CA CYS F 116 43.71 -35.28 -28.30
C CYS F 116 42.88 -34.02 -28.16
N ILE F 117 42.83 -33.44 -26.95
CA ILE F 117 41.95 -32.29 -26.73
C ILE F 117 42.64 -30.98 -27.11
N SER F 118 43.98 -30.91 -27.04
CA SER F 118 44.69 -29.73 -27.51
C SER F 118 44.48 -29.54 -29.02
N ARG F 119 44.59 -30.61 -29.79
CA ARG F 119 44.24 -30.56 -31.21
C ARG F 119 42.75 -30.36 -31.40
N PHE F 120 41.93 -30.82 -30.44
CA PHE F 120 40.52 -30.49 -30.47
C PHE F 120 40.31 -29.01 -30.17
N ALA F 121 40.94 -28.51 -29.11
CA ALA F 121 40.71 -27.13 -28.69
C ALA F 121 41.26 -26.10 -29.69
N THR F 122 42.29 -26.45 -30.46
CA THR F 122 42.81 -25.47 -31.42
C THR F 122 42.02 -25.43 -32.73
N ARG F 123 41.32 -26.51 -33.09
CA ARG F 123 40.49 -26.48 -34.30
C ARG F 123 39.15 -25.81 -34.05
N ILE F 124 38.56 -25.98 -32.87
CA ILE F 124 37.23 -25.43 -32.60
C ILE F 124 37.31 -23.92 -32.36
N THR F 125 38.24 -23.48 -31.52
CA THR F 125 38.39 -22.06 -31.28
C THR F 125 39.25 -21.46 -32.39
N SER F 126 38.73 -20.43 -33.05
CA SER F 126 39.53 -19.75 -34.04
C SER F 126 40.54 -18.82 -33.33
N GLU F 127 41.52 -18.35 -34.11
CA GLU F 127 42.85 -18.00 -33.58
C GLU F 127 42.86 -16.74 -32.73
N ASP F 128 41.72 -16.12 -32.43
CA ASP F 128 41.64 -15.13 -31.34
C ASP F 128 41.71 -15.78 -29.97
N TYR F 129 41.56 -17.10 -29.91
CA TYR F 129 41.56 -17.84 -28.66
C TYR F 129 42.88 -17.71 -27.92
N CYS F 130 42.86 -17.00 -26.78
CA CYS F 130 43.91 -17.11 -25.80
C CYS F 130 43.41 -18.02 -24.70
N PRO F 131 44.08 -19.13 -24.38
CA PRO F 131 43.57 -20.04 -23.35
C PRO F 131 43.55 -19.36 -21.99
N ALA F 132 42.82 -19.97 -21.06
CA ALA F 132 42.87 -19.57 -19.66
C ALA F 132 44.29 -19.74 -19.13
N ALA F 133 45.16 -20.30 -19.98
CA ALA F 133 46.62 -20.26 -19.93
C ALA F 133 47.20 -21.26 -18.94
N VAL F 134 46.37 -21.98 -18.18
CA VAL F 134 46.82 -22.97 -17.19
C VAL F 134 46.05 -24.28 -17.31
N ALA F 135 46.06 -24.87 -18.51
CA ALA F 135 45.38 -26.14 -18.78
C ALA F 135 45.33 -27.13 -17.61
N SER F 136 46.47 -27.40 -16.95
CA SER F 136 46.57 -28.08 -15.63
C SER F 136 46.04 -29.54 -15.64
N SER F 137 46.22 -30.24 -16.75
CA SER F 137 45.92 -31.68 -16.78
C SER F 137 44.47 -31.97 -16.39
N ASP F 138 43.66 -30.91 -16.27
CA ASP F 138 42.25 -31.02 -15.89
C ASP F 138 41.49 -30.81 -17.20
N PHE F 139 41.21 -31.94 -17.83
CA PHE F 139 40.57 -31.95 -19.15
C PHE F 139 39.21 -31.25 -19.14
N VAL F 140 38.50 -31.28 -18.00
CA VAL F 140 37.25 -30.54 -17.91
C VAL F 140 37.48 -29.06 -18.18
N GLY F 141 38.43 -28.46 -17.46
CA GLY F 141 38.72 -27.05 -17.63
C GLY F 141 38.95 -26.65 -19.08
N LYS F 142 39.76 -27.43 -19.80
CA LYS F 142 40.09 -27.06 -21.16
C LYS F 142 39.01 -27.50 -22.16
N ILE F 143 38.07 -28.36 -21.79
CA ILE F 143 36.92 -28.60 -22.66
C ILE F 143 35.91 -27.46 -22.54
N VAL F 144 35.61 -27.02 -21.32
CA VAL F 144 34.61 -25.98 -21.12
C VAL F 144 35.07 -24.65 -21.69
N ASN F 145 36.28 -24.20 -21.31
CA ASN F 145 36.70 -22.88 -21.76
C ASN F 145 36.89 -22.85 -23.27
N ALA F 146 37.35 -23.97 -23.85
CA ALA F 146 37.47 -24.03 -25.32
C ALA F 146 36.10 -23.98 -25.96
N GLU F 147 35.17 -24.81 -25.50
CA GLU F 147 33.87 -24.90 -26.14
C GLU F 147 33.10 -23.60 -26.01
N MET F 148 33.12 -22.99 -24.83
CA MET F 148 32.46 -21.70 -24.69
C MET F 148 33.13 -20.60 -25.50
N ASN F 149 34.31 -20.85 -26.05
CA ASN F 149 35.08 -19.87 -26.81
C ASN F 149 35.22 -20.31 -28.26
N SER F 150 34.13 -20.81 -28.86
CA SER F 150 34.25 -21.34 -30.22
C SER F 150 32.97 -21.19 -31.03
N LYS F 151 33.09 -20.56 -32.19
CA LYS F 151 32.00 -20.32 -33.12
C LYS F 151 31.76 -21.48 -34.06
N THR F 152 32.60 -22.50 -34.02
CA THR F 152 32.61 -23.57 -35.00
C THR F 152 31.88 -24.83 -34.54
N PHE F 153 31.76 -25.05 -33.23
CA PHE F 153 31.38 -26.36 -32.73
C PHE F 153 30.52 -26.25 -31.49
N TYR F 154 29.54 -27.14 -31.38
CA TYR F 154 28.68 -27.24 -30.20
C TYR F 154 28.02 -28.60 -30.22
N THR F 155 27.43 -28.94 -29.07
CA THR F 155 26.58 -30.12 -28.96
C THR F 155 25.20 -29.69 -28.47
N ARG F 156 24.23 -30.58 -28.66
CA ARG F 156 22.85 -30.33 -28.28
C ARG F 156 22.27 -31.64 -27.79
N PHE F 157 21.80 -31.68 -26.56
CA PHE F 157 21.09 -32.87 -26.10
C PHE F 157 19.66 -32.79 -26.60
N GLU F 158 19.10 -33.93 -27.00
CA GLU F 158 17.72 -33.93 -27.48
C GLU F 158 17.12 -35.31 -27.22
N PRO F 159 15.80 -35.41 -27.22
CA PRO F 159 15.14 -36.70 -27.02
C PRO F 159 15.60 -37.79 -27.99
N ALA F 160 15.70 -39.01 -27.46
CA ALA F 160 16.08 -40.21 -28.21
C ALA F 160 14.94 -40.61 -29.14
N LEU F 161 14.82 -39.87 -30.24
CA LEU F 161 13.73 -40.02 -31.18
C LEU F 161 14.32 -40.13 -32.57
N TYR F 162 13.57 -40.76 -33.45
CA TYR F 162 14.02 -40.90 -34.82
C TYR F 162 14.15 -39.54 -35.47
N SER F 163 15.10 -39.44 -36.41
CA SER F 163 15.28 -38.37 -37.38
C SER F 163 16.00 -38.99 -38.58
N GLU F 164 15.82 -38.42 -39.78
CA GLU F 164 16.61 -38.96 -40.86
C GLU F 164 18.06 -38.48 -40.79
N GLU F 165 18.29 -37.22 -40.39
CA GLU F 165 19.68 -36.77 -40.39
C GLU F 165 20.50 -37.58 -39.42
N LYS F 166 19.89 -38.05 -38.34
CA LYS F 166 20.58 -39.00 -37.47
C LYS F 166 20.70 -40.36 -38.16
N TYR F 167 19.57 -40.88 -38.65
CA TYR F 167 19.59 -42.17 -39.34
C TYR F 167 20.61 -42.17 -40.46
N HIS F 168 20.82 -41.02 -41.12
CA HIS F 168 21.76 -40.94 -42.23
C HIS F 168 23.18 -41.16 -41.75
N LEU F 169 23.58 -40.46 -40.67
CA LEU F 169 24.90 -40.70 -40.12
C LEU F 169 24.95 -42.10 -39.50
N PHE F 170 23.83 -42.59 -38.97
CA PHE F 170 23.82 -43.96 -38.49
C PHE F 170 24.05 -44.94 -39.63
N VAL F 171 23.51 -44.68 -40.82
CA VAL F 171 23.76 -45.57 -41.94
C VAL F 171 25.16 -45.34 -42.51
N LYS F 172 25.58 -44.08 -42.65
CA LYS F 172 26.95 -43.76 -43.05
C LYS F 172 27.96 -44.40 -42.13
N TYR F 173 27.53 -44.81 -40.95
CA TYR F 173 28.36 -45.46 -39.96
C TYR F 173 28.36 -46.96 -40.10
N GLN F 174 27.18 -47.57 -39.99
CA GLN F 174 27.13 -49.01 -39.92
C GLN F 174 27.32 -49.66 -41.28
N GLU F 175 26.96 -48.98 -42.36
CA GLU F 175 27.32 -49.51 -43.67
C GLU F 175 28.82 -49.45 -43.89
N LYS F 176 29.45 -48.31 -43.58
CA LYS F 176 30.82 -48.04 -44.00
C LYS F 176 31.85 -48.12 -42.86
N VAL F 177 31.48 -48.61 -41.68
CA VAL F 177 32.47 -48.90 -40.64
C VAL F 177 32.27 -50.33 -40.16
N HIS F 178 31.03 -50.82 -40.27
CA HIS F 178 30.64 -52.11 -39.74
C HIS F 178 29.91 -52.96 -40.78
N GLN F 179 29.86 -52.50 -42.03
CA GLN F 179 29.46 -53.30 -43.20
C GLN F 179 28.17 -54.09 -42.98
N ASP F 180 27.23 -53.55 -42.21
CA ASP F 180 25.85 -54.05 -42.18
C ASP F 180 25.02 -53.13 -43.06
N TYR F 181 24.50 -53.67 -44.14
CA TYR F 181 23.74 -52.89 -45.10
C TYR F 181 22.24 -53.15 -44.97
N ASN F 182 21.82 -53.89 -43.95
CA ASN F 182 20.42 -54.22 -43.72
C ASN F 182 19.93 -53.48 -42.48
N ASN F 183 19.53 -52.23 -42.70
CA ASN F 183 18.96 -51.38 -41.67
C ASN F 183 17.67 -50.83 -42.21
N SER F 184 16.73 -50.54 -41.32
CA SER F 184 15.66 -49.68 -41.82
C SER F 184 15.30 -48.67 -40.72
N PRO F 185 14.40 -47.70 -41.02
CA PRO F 185 13.95 -46.79 -39.97
C PRO F 185 13.68 -47.54 -38.68
N LYS F 186 12.85 -48.57 -38.73
CA LYS F 186 12.47 -49.26 -37.51
C LYS F 186 13.62 -50.05 -36.90
N SER F 187 14.64 -50.39 -37.70
CA SER F 187 15.80 -51.10 -37.18
C SER F 187 16.70 -50.17 -36.39
N PHE F 188 17.06 -49.03 -36.98
CA PHE F 188 17.75 -48.00 -36.21
C PHE F 188 16.89 -47.59 -35.02
N LYS F 189 15.56 -47.58 -35.20
CA LYS F 189 14.66 -47.12 -34.15
C LYS F 189 14.60 -48.11 -32.99
N ARG F 190 14.73 -49.42 -33.25
CA ARG F 190 14.58 -50.41 -32.19
C ARG F 190 15.78 -50.46 -31.27
N PHE F 191 16.93 -49.96 -31.72
CA PHE F 191 18.18 -49.99 -30.96
C PHE F 191 18.47 -48.69 -30.23
N LEU F 192 18.38 -47.55 -30.92
CA LEU F 192 18.84 -46.29 -30.37
C LEU F 192 17.74 -45.29 -30.04
N CYS F 193 16.49 -45.58 -30.42
CA CYS F 193 15.34 -44.80 -29.95
C CYS F 193 14.39 -45.58 -29.06
N ASP F 194 14.14 -46.86 -29.36
CA ASP F 194 13.30 -47.69 -28.50
C ASP F 194 13.88 -47.78 -27.10
N THR F 195 13.00 -47.79 -26.10
CA THR F 195 13.48 -47.53 -24.75
C THR F 195 12.52 -48.12 -23.74
N PRO F 196 13.01 -48.79 -22.70
CA PRO F 196 12.14 -49.30 -21.65
C PRO F 196 11.69 -48.23 -20.66
N PHE F 197 12.10 -46.99 -20.85
CA PHE F 197 11.69 -45.92 -19.98
C PHE F 197 10.40 -45.29 -20.49
N GLY F 198 9.59 -44.76 -19.59
CA GLY F 198 8.32 -44.18 -19.99
C GLY F 198 8.48 -42.83 -20.67
N PRO F 199 7.35 -42.25 -21.06
CA PRO F 199 7.40 -41.01 -21.85
C PRO F 199 7.99 -39.82 -21.12
N GLU F 200 7.83 -39.71 -19.80
CA GLU F 200 8.40 -38.56 -19.11
C GLU F 200 9.92 -38.63 -19.06
N ALA F 201 10.48 -39.83 -19.00
CA ALA F 201 11.92 -39.96 -19.02
C ALA F 201 12.51 -39.83 -20.41
N VAL F 202 11.69 -39.82 -21.46
CA VAL F 202 12.17 -39.72 -22.82
C VAL F 202 11.99 -38.32 -23.38
N LEU F 203 10.83 -37.70 -23.14
CA LEU F 203 10.55 -36.36 -23.65
C LEU F 203 10.83 -35.27 -22.63
N GLY F 204 10.68 -35.60 -21.35
CA GLY F 204 10.99 -34.64 -20.31
C GLY F 204 10.20 -33.36 -20.46
N THR F 205 10.87 -32.26 -20.12
CA THR F 205 10.30 -30.92 -20.21
C THR F 205 11.34 -30.04 -20.87
N GLN F 206 10.88 -29.03 -21.62
CA GLN F 206 11.82 -28.08 -22.22
C GLN F 206 12.71 -27.52 -21.13
N GLU F 207 12.12 -27.27 -19.96
CA GLU F 207 12.88 -26.81 -18.81
C GLU F 207 14.10 -27.71 -18.52
N SER F 208 13.95 -29.04 -18.63
CA SER F 208 15.04 -29.97 -18.29
C SER F 208 16.14 -29.98 -19.34
N TRP F 209 15.76 -29.86 -20.61
CA TRP F 209 16.73 -29.97 -21.69
C TRP F 209 17.62 -28.73 -21.71
N GLU F 210 17.02 -27.56 -21.45
CA GLU F 210 17.79 -26.33 -21.31
C GLU F 210 18.88 -26.47 -20.26
N GLN F 211 18.53 -26.99 -19.08
CA GLN F 211 19.54 -27.14 -18.04
C GLN F 211 20.66 -28.04 -18.51
N LEU F 212 20.31 -29.18 -19.10
CA LEU F 212 21.31 -30.11 -19.61
C LEU F 212 22.18 -29.47 -20.69
N ASN F 213 21.56 -28.72 -21.61
CA ASN F 213 22.36 -28.10 -22.67
C ASN F 213 23.24 -26.95 -22.14
N ASN F 214 22.89 -26.35 -21.01
CA ASN F 214 23.76 -25.40 -20.33
C ASN F 214 24.54 -26.04 -19.19
N TRP F 215 24.96 -27.29 -19.36
CA TRP F 215 25.74 -27.96 -18.34
C TRP F 215 27.05 -27.25 -18.07
N GLN F 216 27.64 -26.63 -19.10
CA GLN F 216 28.93 -25.97 -18.92
C GLN F 216 28.82 -24.85 -17.90
N ARG F 217 27.68 -24.15 -17.87
CA ARG F 217 27.41 -23.08 -16.92
C ARG F 217 26.68 -23.59 -15.69
N MET F 218 26.60 -24.90 -15.51
CA MET F 218 25.88 -25.42 -14.35
C MET F 218 26.68 -25.15 -13.08
N LYS F 219 25.95 -24.89 -12.00
CA LYS F 219 26.64 -24.52 -10.78
C LYS F 219 26.89 -25.74 -9.90
N PRO F 220 28.00 -25.76 -9.18
CA PRO F 220 28.18 -26.78 -8.14
C PRO F 220 27.00 -26.78 -7.19
N GLY F 221 26.52 -27.97 -6.84
CA GLY F 221 25.47 -28.14 -5.86
C GLY F 221 24.08 -28.26 -6.46
N GLU F 222 23.87 -27.65 -7.63
CA GLU F 222 22.58 -27.74 -8.31
C GLU F 222 22.35 -29.16 -8.85
N LYS F 223 21.18 -29.72 -8.55
CA LYS F 223 20.89 -31.06 -9.02
C LYS F 223 20.38 -31.07 -10.45
N LEU F 224 20.89 -32.01 -11.24
CA LEU F 224 20.58 -32.10 -12.66
C LEU F 224 19.19 -32.67 -12.84
N LYS F 225 18.32 -31.95 -13.55
CA LYS F 225 16.91 -32.35 -13.53
C LYS F 225 16.64 -33.53 -14.46
N HIS F 226 17.18 -33.55 -15.67
CA HIS F 226 16.80 -34.58 -16.62
C HIS F 226 17.42 -35.92 -16.30
N MET F 227 16.62 -36.96 -16.28
CA MET F 227 17.12 -38.32 -16.02
C MET F 227 16.46 -39.26 -17.02
N GLY F 228 17.26 -39.96 -17.82
CA GLY F 228 16.75 -40.80 -18.88
C GLY F 228 17.71 -40.89 -20.06
N PRO F 229 17.20 -41.42 -21.17
CA PRO F 229 18.02 -41.51 -22.39
C PRO F 229 18.06 -40.21 -23.18
N VAL F 230 19.20 -39.97 -23.82
CA VAL F 230 19.41 -38.78 -24.65
C VAL F 230 20.23 -39.10 -25.90
N HIS F 231 20.00 -38.33 -26.94
CA HIS F 231 20.92 -38.23 -28.05
C HIS F 231 21.70 -36.93 -27.91
N GLU F 232 23.02 -37.01 -27.93
CA GLU F 232 23.86 -35.82 -27.96
C GLU F 232 24.46 -35.69 -29.35
N CYS F 233 24.03 -34.65 -30.06
CA CYS F 233 24.46 -34.44 -31.43
C CYS F 233 25.64 -33.46 -31.44
N TYR F 234 26.79 -33.90 -32.00
CA TYR F 234 27.94 -33.04 -32.22
C TYR F 234 27.79 -32.33 -33.57
N TYR F 235 27.95 -31.01 -33.59
CA TYR F 235 27.81 -30.21 -34.81
C TYR F 235 29.08 -29.39 -35.02
N TYR F 236 29.72 -29.55 -36.18
CA TYR F 236 30.89 -28.73 -36.55
C TYR F 236 30.58 -27.98 -37.84
N GLU F 237 30.56 -26.66 -37.74
CA GLU F 237 30.21 -25.78 -38.86
C GLU F 237 28.84 -26.15 -39.43
N GLY F 238 27.93 -26.58 -38.56
CA GLY F 238 26.53 -26.76 -38.89
C GLY F 238 26.11 -28.14 -39.36
N LYS F 239 27.04 -28.98 -39.79
CA LYS F 239 26.65 -30.32 -40.18
C LYS F 239 26.86 -31.29 -39.00
N LEU F 240 26.07 -32.35 -38.98
CA LEU F 240 26.09 -33.27 -37.84
C LEU F 240 27.23 -34.26 -38.04
N ILE F 241 28.15 -34.33 -37.09
CA ILE F 241 29.34 -35.18 -37.22
C ILE F 241 29.36 -36.35 -36.25
N ALA F 242 28.64 -36.28 -35.12
CA ALA F 242 28.64 -37.41 -34.19
C ALA F 242 27.34 -37.42 -33.40
N ILE F 243 27.07 -38.56 -32.76
CA ILE F 243 25.94 -38.72 -31.85
C ILE F 243 26.30 -39.62 -30.68
N THR F 244 26.28 -39.12 -29.45
CA THR F 244 26.39 -40.01 -28.29
C THR F 244 25.00 -40.39 -27.83
N VAL F 245 24.73 -41.70 -27.79
CA VAL F 245 23.50 -42.27 -27.22
C VAL F 245 23.83 -42.71 -25.81
N SER F 246 23.27 -42.01 -24.82
CA SER F 246 23.59 -42.26 -23.42
C SER F 246 22.34 -42.20 -22.55
N ASP F 247 22.31 -43.07 -21.53
CA ASP F 247 21.32 -42.99 -20.47
C ASP F 247 21.89 -42.14 -19.34
N ILE F 248 21.16 -41.11 -18.96
CA ILE F 248 21.57 -40.28 -17.83
C ILE F 248 20.86 -40.81 -16.60
N LEU F 249 21.64 -41.19 -15.60
CA LEU F 249 21.19 -41.95 -14.45
C LEU F 249 21.50 -41.20 -13.16
N PRO F 250 20.87 -41.57 -12.05
CA PRO F 250 21.12 -40.80 -10.82
C PRO F 250 22.59 -40.79 -10.42
N SER F 251 23.33 -41.85 -10.75
CA SER F 251 24.72 -41.95 -10.33
C SER F 251 25.72 -41.46 -11.38
N GLY F 252 25.28 -41.14 -12.58
CA GLY F 252 26.20 -40.77 -13.64
C GLY F 252 25.59 -41.02 -15.01
N ILE F 253 26.46 -41.27 -15.98
CA ILE F 253 26.07 -41.41 -17.37
C ILE F 253 26.55 -42.76 -17.88
N SER F 254 25.64 -43.55 -18.45
CA SER F 254 25.96 -44.85 -19.04
C SER F 254 25.87 -44.74 -20.55
N SER F 255 26.96 -45.10 -21.24
CA SER F 255 27.01 -44.93 -22.69
C SER F 255 26.40 -46.15 -23.37
N VAL F 256 25.46 -45.90 -24.30
CA VAL F 256 24.82 -46.93 -25.09
C VAL F 256 25.58 -47.18 -26.39
N TYR F 257 25.74 -46.14 -27.19
CA TYR F 257 26.35 -46.30 -28.50
C TYR F 257 26.95 -44.98 -28.93
N PHE F 258 27.96 -45.05 -29.78
CA PHE F 258 28.52 -43.83 -30.34
C PHE F 258 28.63 -43.92 -31.85
N ILE F 259 28.26 -42.83 -32.54
CA ILE F 259 28.22 -42.75 -33.99
C ILE F 259 29.04 -41.54 -34.42
N TRP F 260 30.04 -41.76 -35.27
CA TRP F 260 30.88 -40.71 -35.84
C TRP F 260 30.78 -40.73 -37.36
N ASP F 261 31.02 -39.58 -37.98
CA ASP F 261 31.05 -39.57 -39.45
C ASP F 261 32.42 -40.06 -39.90
N PRO F 262 32.46 -41.04 -40.82
CA PRO F 262 33.76 -41.61 -41.21
C PRO F 262 34.75 -40.61 -41.77
N ASP F 263 34.29 -39.54 -42.44
CA ASP F 263 35.23 -38.53 -42.94
C ASP F 263 35.92 -37.80 -41.80
N TYR F 264 35.35 -37.86 -40.59
CA TYR F 264 35.97 -37.26 -39.44
C TYR F 264 36.84 -38.26 -38.67
N SER F 265 37.30 -39.32 -39.34
CA SER F 265 38.27 -40.25 -38.76
C SER F 265 39.42 -39.54 -38.05
N LYS F 266 39.82 -38.36 -38.54
CA LYS F 266 40.97 -37.62 -38.06
C LYS F 266 40.79 -37.03 -36.64
N TRP F 267 39.67 -37.28 -35.97
CA TRP F 267 39.24 -36.44 -34.87
C TRP F 267 39.30 -37.09 -33.48
N SER F 268 39.55 -38.40 -33.38
CA SER F 268 39.58 -39.09 -32.09
C SER F 268 38.26 -38.89 -31.33
N LEU F 269 37.16 -38.98 -32.05
CA LEU F 269 35.87 -38.66 -31.46
C LEU F 269 35.47 -39.65 -30.37
N GLY F 270 35.78 -40.94 -30.56
CA GLY F 270 35.51 -41.91 -29.50
C GLY F 270 36.18 -41.53 -28.19
N LYS F 271 37.48 -41.22 -28.25
CA LYS F 271 38.17 -40.71 -27.07
C LYS F 271 37.63 -39.35 -26.66
N LEU F 272 37.34 -38.49 -27.64
CA LEU F 272 36.83 -37.15 -27.33
C LEU F 272 35.50 -37.23 -26.60
N SER F 273 34.63 -38.13 -27.02
CA SER F 273 33.29 -38.17 -26.44
C SER F 273 33.30 -38.81 -25.05
N ALA F 274 34.26 -39.69 -24.77
CA ALA F 274 34.39 -40.21 -23.42
C ALA F 274 34.91 -39.13 -22.48
N LEU F 275 35.81 -38.27 -22.97
CA LEU F 275 36.35 -37.23 -22.12
C LEU F 275 35.34 -36.10 -21.93
N ARG F 276 34.56 -35.78 -22.95
CA ARG F 276 33.48 -34.82 -22.78
C ARG F 276 32.41 -35.37 -21.84
N ASP F 277 32.09 -36.67 -21.96
CA ASP F 277 31.12 -37.26 -21.07
C ASP F 277 31.56 -37.12 -19.61
N LEU F 278 32.81 -37.47 -19.31
CA LEU F 278 33.37 -37.24 -17.98
C LEU F 278 33.29 -35.77 -17.59
N ALA F 279 33.53 -34.86 -18.54
CA ALA F 279 33.38 -33.43 -18.26
C ALA F 279 31.92 -33.07 -17.98
N ILE F 280 30.96 -33.63 -18.73
CA ILE F 280 29.56 -33.37 -18.39
C ILE F 280 29.22 -33.92 -17.02
N ILE F 281 29.72 -35.14 -16.70
CA ILE F 281 29.42 -35.77 -15.42
C ILE F 281 29.91 -34.91 -14.26
N GLN F 282 31.13 -34.39 -14.38
CA GLN F 282 31.69 -33.63 -13.27
C GLN F 282 30.95 -32.31 -13.05
N ARG F 283 30.52 -31.67 -14.13
CA ARG F 283 29.90 -30.36 -13.96
C ARG F 283 28.42 -30.45 -13.64
N THR F 284 27.73 -31.52 -14.05
CA THR F 284 26.34 -31.68 -13.64
C THR F 284 26.22 -32.36 -12.29
N ASN F 285 27.34 -32.51 -11.57
CA ASN F 285 27.33 -33.06 -10.21
C ASN F 285 26.79 -34.49 -10.16
N LEU F 286 27.04 -35.24 -11.22
CA LEU F 286 26.95 -36.69 -11.27
C LEU F 286 28.30 -37.27 -10.83
N GLN F 287 28.39 -38.60 -10.69
CA GLN F 287 29.60 -39.24 -10.16
C GLN F 287 30.36 -40.10 -11.15
N TYR F 288 29.71 -40.99 -11.88
CA TYR F 288 30.43 -42.04 -12.60
C TYR F 288 30.11 -42.03 -14.08
N TYR F 289 31.07 -42.46 -14.88
CA TYR F 289 30.92 -42.76 -16.30
C TYR F 289 30.99 -44.27 -16.43
N TYR F 290 29.90 -44.88 -16.86
CA TYR F 290 29.85 -46.33 -16.98
C TYR F 290 30.14 -46.68 -18.42
N LEU F 291 31.44 -46.85 -18.74
CA LEU F 291 31.81 -47.32 -20.07
C LEU F 291 31.04 -48.59 -20.38
N GLY F 292 30.89 -49.46 -19.39
CA GLY F 292 30.27 -50.74 -19.62
C GLY F 292 31.10 -51.48 -20.65
N TYR F 293 30.60 -51.55 -21.89
CA TYR F 293 31.17 -52.37 -22.94
C TYR F 293 32.69 -52.38 -22.93
N TYR F 294 33.27 -53.56 -22.76
CA TYR F 294 34.69 -53.80 -23.02
C TYR F 294 34.98 -55.29 -22.91
N TYR F 307 41.99 -47.85 -17.27
CA TYR F 307 42.73 -46.60 -17.23
C TYR F 307 42.50 -45.86 -15.92
N GLY F 308 43.01 -46.43 -14.82
CA GLY F 308 42.85 -45.86 -13.49
C GLY F 308 41.41 -45.86 -13.01
N ALA F 309 40.58 -46.61 -13.72
CA ALA F 309 39.16 -46.71 -13.42
C ALA F 309 38.92 -47.90 -12.50
N GLU F 310 37.65 -48.27 -12.32
CA GLU F 310 37.26 -49.41 -11.50
C GLU F 310 36.43 -50.38 -12.33
N VAL F 311 36.55 -51.65 -12.00
CA VAL F 311 35.84 -52.70 -12.72
C VAL F 311 34.99 -53.47 -11.71
N LEU F 312 33.78 -53.84 -12.13
CA LEU F 312 32.84 -54.54 -11.27
C LEU F 312 33.15 -56.03 -11.16
N ASP F 313 33.29 -56.52 -9.93
CA ASP F 313 33.34 -57.95 -9.63
C ASP F 313 31.90 -58.45 -9.53
N VAL F 314 31.41 -59.12 -10.56
CA VAL F 314 29.99 -59.48 -10.55
C VAL F 314 29.66 -60.49 -9.43
N CYS F 315 30.62 -61.34 -9.04
CA CYS F 315 30.31 -62.31 -7.99
C CYS F 315 30.10 -61.65 -6.63
N HIS F 316 30.80 -60.53 -6.35
CA HIS F 316 30.57 -59.73 -5.15
C HIS F 316 29.66 -58.54 -5.37
N SER F 317 29.31 -58.20 -6.60
CA SER F 317 28.64 -56.94 -6.93
C SER F 317 29.38 -55.72 -6.39
N LYS F 318 30.71 -55.77 -6.40
CA LYS F 318 31.50 -54.65 -5.89
C LYS F 318 32.61 -54.30 -6.88
N TYR F 319 33.14 -53.10 -6.77
CA TYR F 319 34.17 -52.61 -7.70
C TYR F 319 35.56 -52.63 -7.05
N ILE F 320 36.53 -53.27 -7.70
CA ILE F 320 37.95 -53.08 -7.39
C ILE F 320 38.52 -52.08 -8.37
N PRO F 321 39.61 -51.36 -7.98
CA PRO F 321 40.39 -50.57 -8.96
C PRO F 321 40.85 -51.43 -10.12
N LEU F 322 41.14 -50.83 -11.27
CA LEU F 322 41.44 -51.65 -12.43
C LEU F 322 42.86 -52.20 -12.36
N LYS F 323 43.85 -51.32 -12.34
CA LYS F 323 45.22 -51.72 -12.62
C LYS F 323 45.73 -52.86 -11.72
N PRO F 324 45.28 -52.97 -10.46
CA PRO F 324 45.57 -54.21 -9.70
C PRO F 324 45.24 -55.49 -10.46
N ILE F 325 44.28 -55.48 -11.38
CA ILE F 325 43.89 -56.70 -12.06
C ILE F 325 43.84 -56.51 -13.57
N GLN F 326 44.40 -55.39 -14.05
CA GLN F 326 44.55 -55.19 -15.49
C GLN F 326 45.34 -56.33 -16.12
N ASP F 327 46.13 -57.06 -15.33
CA ASP F 327 46.78 -58.26 -15.83
C ASP F 327 45.78 -59.35 -16.22
N MET F 328 44.49 -59.18 -15.93
CA MET F 328 43.51 -60.23 -16.24
C MET F 328 42.46 -59.80 -17.25
N ILE F 329 41.91 -58.59 -17.12
CA ILE F 329 41.17 -57.99 -18.22
C ILE F 329 42.09 -57.87 -19.44
N SER F 330 43.40 -57.88 -19.21
CA SER F 330 44.41 -58.06 -20.25
C SER F 330 44.02 -59.13 -21.24
N ARG F 331 43.85 -60.36 -20.73
CA ARG F 331 43.63 -61.56 -21.54
C ARG F 331 42.16 -61.98 -21.55
N GLY F 332 41.25 -61.06 -21.22
CA GLY F 332 39.82 -61.32 -21.17
C GLY F 332 39.47 -62.50 -20.31
N LYS F 333 40.03 -62.56 -19.11
CA LYS F 333 39.86 -63.70 -18.23
C LYS F 333 38.99 -63.32 -17.05
N LEU F 334 38.31 -64.30 -16.50
CA LEU F 334 37.38 -64.04 -15.41
C LEU F 334 38.15 -64.00 -14.08
N PHE F 335 37.70 -63.11 -13.18
CA PHE F 335 38.30 -62.96 -11.86
C PHE F 335 37.21 -62.86 -10.79
N VAL F 336 37.51 -63.40 -9.62
CA VAL F 336 36.63 -63.34 -8.46
C VAL F 336 37.53 -62.99 -7.28
N ILE F 337 37.33 -61.81 -6.70
CA ILE F 337 38.17 -61.38 -5.59
C ILE F 337 37.95 -62.29 -4.40
N GLY F 338 39.06 -62.75 -3.80
CA GLY F 338 38.98 -63.55 -2.58
C GLY F 338 40.07 -63.13 -1.60
N GLU F 339 39.88 -63.56 -0.36
CA GLU F 339 40.88 -63.33 0.71
C GLU F 339 41.87 -64.48 0.63
N GLU F 340 43.15 -64.19 0.78
CA GLU F 340 44.23 -65.21 0.71
C GLU F 340 44.00 -66.33 1.70
N GLU F 341 43.58 -65.98 2.90
CA GLU F 341 43.47 -66.96 4.00
C GLU F 341 42.15 -67.72 4.04
N THR F 342 41.23 -67.56 3.10
CA THR F 342 39.95 -68.27 3.31
C THR F 342 39.62 -69.25 2.18
N LYS F 343 39.11 -70.42 2.54
CA LYS F 343 38.61 -71.41 1.58
C LYS F 343 37.16 -71.13 1.22
N VAL F 344 36.79 -71.45 -0.02
CA VAL F 344 35.40 -71.39 -0.44
C VAL F 344 35.00 -72.79 -0.87
N THR F 345 33.75 -73.15 -0.62
CA THR F 345 33.29 -74.48 -1.00
C THR F 345 32.20 -74.46 -2.03
N LYS F 346 31.76 -73.27 -2.48
CA LYS F 346 30.66 -73.11 -3.43
C LYS F 346 30.67 -71.66 -3.89
N GLU F 347 29.83 -71.34 -4.88
CA GLU F 347 29.76 -69.97 -5.38
C GLU F 347 29.45 -69.02 -4.22
N LEU F 348 29.93 -67.79 -4.35
CA LEU F 348 29.76 -66.83 -3.27
C LEU F 348 28.32 -66.39 -3.20
N TYR F 349 27.84 -66.26 -1.97
CA TYR F 349 26.53 -65.68 -1.69
C TYR F 349 26.46 -64.25 -2.19
N LEU F 350 25.35 -63.92 -2.87
CA LEU F 350 25.04 -62.55 -3.28
C LEU F 350 24.05 -61.97 -2.29
N VAL F 351 24.41 -60.84 -1.68
CA VAL F 351 23.57 -60.17 -0.69
C VAL F 351 22.59 -59.25 -1.42
N ASP F 352 21.33 -59.68 -1.57
CA ASP F 352 20.29 -58.74 -1.99
C ASP F 352 20.32 -57.58 -1.04
N SER F 353 20.23 -56.36 -1.57
CA SER F 353 20.40 -55.07 -0.86
C SER F 353 21.82 -54.56 -0.78
N GLU F 354 22.82 -55.31 -1.21
CA GLU F 354 24.05 -54.68 -1.56
C GLU F 354 24.39 -54.89 -3.02
N THR F 355 23.69 -55.80 -3.68
CA THR F 355 23.88 -56.01 -5.11
C THR F 355 23.53 -54.77 -5.90
N GLY F 356 24.41 -54.41 -6.83
CA GLY F 356 24.16 -53.26 -7.67
C GLY F 356 24.12 -51.93 -6.95
N ARG F 357 24.55 -51.87 -5.70
CA ARG F 357 24.64 -50.57 -5.03
C ARG F 357 25.97 -49.89 -5.25
N GLY F 358 26.85 -50.47 -6.05
CA GLY F 358 28.06 -49.75 -6.41
C GLY F 358 29.13 -49.67 -5.34
N GLU F 359 29.00 -50.47 -4.28
CA GLU F 359 30.05 -50.54 -3.26
C GLU F 359 31.32 -51.14 -3.84
N GLY F 360 32.46 -50.69 -3.32
CA GLY F 360 33.73 -51.25 -3.67
C GLY F 360 34.28 -52.15 -2.56
N PHE F 361 35.42 -52.73 -2.85
CA PHE F 361 36.08 -53.54 -1.85
C PHE F 361 36.72 -52.65 -0.82
N PRO F 362 37.01 -53.19 0.38
CA PRO F 362 37.82 -52.41 1.32
C PRO F 362 39.26 -52.37 0.86
N THR F 363 39.70 -51.27 0.26
CA THR F 363 41.06 -51.22 -0.24
C THR F 363 42.01 -50.57 0.75
N ASP F 364 41.53 -50.29 1.98
CA ASP F 364 42.39 -50.11 3.14
C ASP F 364 42.88 -51.42 3.65
N ASN F 365 42.83 -52.41 2.77
CA ASN F 365 43.26 -53.77 3.05
C ASN F 365 44.76 -53.84 3.21
N VAL F 366 45.19 -54.46 4.32
CA VAL F 366 46.63 -54.71 4.60
C VAL F 366 46.83 -56.23 4.61
N VAL F 367 46.07 -56.97 3.80
CA VAL F 367 46.14 -58.46 3.74
C VAL F 367 46.14 -58.96 2.29
N LYS F 368 45.83 -58.06 1.34
CA LYS F 368 45.80 -58.31 -0.14
C LYS F 368 44.61 -59.19 -0.57
N TYR F 369 44.62 -59.59 -1.86
CA TYR F 369 43.59 -60.39 -2.51
C TYR F 369 44.14 -61.48 -3.41
N LYS F 370 43.48 -62.63 -3.42
CA LYS F 370 43.76 -63.66 -4.42
C LYS F 370 42.62 -63.72 -5.44
N ASN F 371 42.89 -64.38 -6.56
CA ASN F 371 41.89 -64.62 -7.60
C ASN F 371 41.38 -66.04 -7.45
N ILE F 372 40.28 -66.19 -6.71
CA ILE F 372 39.73 -67.50 -6.46
C ILE F 372 38.87 -67.99 -7.63
N ALA F 373 38.94 -67.29 -8.76
CA ALA F 373 38.11 -67.65 -9.91
C ALA F 373 38.29 -69.10 -10.33
N GLU F 374 39.54 -69.59 -10.35
CA GLU F 374 39.72 -70.98 -10.77
C GLU F 374 39.16 -71.97 -9.75
N GLU F 375 39.37 -71.72 -8.46
CA GLU F 375 38.86 -72.63 -7.43
C GLU F 375 37.34 -72.81 -7.52
N ILE F 376 36.61 -71.78 -7.94
CA ILE F 376 35.17 -71.84 -7.99
C ILE F 376 34.66 -72.36 -9.32
N TYR F 377 35.11 -71.72 -10.41
CA TYR F 377 34.51 -71.84 -11.73
C TYR F 377 35.36 -72.63 -12.72
N GLY F 378 36.59 -72.99 -12.36
CA GLY F 378 37.47 -73.66 -13.28
C GLY F 378 37.21 -75.14 -13.31
N VAL F 379 38.01 -75.86 -14.10
CA VAL F 379 37.86 -77.31 -14.23
C VAL F 379 37.94 -77.93 -12.84
N GLY F 380 36.89 -78.65 -12.44
CA GLY F 380 36.76 -79.13 -11.07
C GLY F 380 36.38 -78.09 -10.04
N GLY F 381 35.95 -76.91 -10.47
CA GLY F 381 35.57 -75.87 -9.52
C GLY F 381 34.47 -76.32 -8.58
N CYS F 382 34.41 -75.65 -7.41
CA CYS F 382 33.45 -76.06 -6.38
C CYS F 382 32.04 -75.62 -6.69
N ALA F 383 31.87 -74.71 -7.64
CA ALA F 383 30.55 -74.29 -8.09
C ALA F 383 29.65 -75.46 -8.47
N PHE F 384 30.21 -76.51 -9.04
CA PHE F 384 29.38 -77.38 -9.87
C PHE F 384 28.69 -78.47 -9.08
N LYS F 385 29.40 -79.12 -8.17
CA LYS F 385 28.72 -80.15 -7.37
C LYS F 385 27.53 -79.56 -6.60
N SER F 386 27.70 -78.38 -5.98
CA SER F 386 26.59 -77.89 -5.16
C SER F 386 25.44 -77.39 -6.05
N ALA F 387 25.75 -76.73 -7.15
CA ALA F 387 24.69 -76.36 -8.09
C ALA F 387 23.87 -77.57 -8.47
N ASN F 388 24.54 -78.69 -8.75
CA ASN F 388 23.78 -79.84 -9.17
C ASN F 388 23.03 -80.45 -8.01
N GLU F 389 23.65 -80.50 -6.83
CA GLU F 389 22.93 -80.97 -5.65
C GLU F 389 21.73 -80.08 -5.35
N SER F 390 21.90 -78.76 -5.49
CA SER F 390 20.78 -77.86 -5.24
C SER F 390 19.72 -78.01 -6.31
N ALA F 391 20.13 -78.18 -7.56
CA ALA F 391 19.16 -78.33 -8.65
C ALA F 391 18.22 -79.48 -8.37
N LEU F 392 18.80 -80.63 -8.01
CA LEU F 392 17.99 -81.80 -7.71
C LEU F 392 16.89 -81.49 -6.72
N GLU F 393 17.24 -80.94 -5.56
CA GLU F 393 16.16 -80.81 -4.60
C GLU F 393 15.30 -79.57 -4.83
N LEU F 394 15.75 -78.60 -5.63
CA LEU F 394 14.79 -77.63 -6.14
C LEU F 394 13.69 -78.35 -6.90
N LYS F 395 14.07 -79.38 -7.66
CA LYS F 395 13.09 -80.11 -8.45
C LYS F 395 12.23 -81.00 -7.55
N GLU F 396 12.84 -81.91 -6.81
CA GLU F 396 12.02 -82.93 -6.17
C GLU F 396 11.42 -82.46 -4.85
N LEU F 397 11.82 -81.32 -4.32
CA LEU F 397 11.12 -80.78 -3.16
C LEU F 397 10.11 -79.68 -3.51
N TYR F 398 10.41 -78.80 -4.45
CA TYR F 398 9.51 -77.68 -4.75
C TYR F 398 8.99 -77.68 -6.18
N GLY F 399 9.24 -78.73 -6.96
CA GLY F 399 8.73 -78.80 -8.32
C GLY F 399 9.18 -77.68 -9.24
N ILE F 400 10.34 -77.10 -9.00
CA ILE F 400 10.93 -76.12 -9.91
C ILE F 400 11.86 -76.88 -10.84
N PRO F 401 11.68 -76.79 -12.14
CA PRO F 401 12.39 -77.73 -13.03
C PRO F 401 13.83 -77.33 -13.32
N TYR F 402 14.74 -77.70 -12.44
CA TYR F 402 16.16 -77.56 -12.66
C TYR F 402 16.76 -78.94 -12.95
N GLU F 403 17.63 -79.03 -13.95
CA GLU F 403 18.25 -80.29 -14.31
C GLU F 403 19.69 -80.30 -13.81
N GLU F 404 20.39 -81.41 -14.05
CA GLU F 404 21.71 -81.66 -13.49
C GLU F 404 22.82 -81.30 -14.49
N GLU F 405 22.64 -80.18 -15.15
CA GLU F 405 23.57 -79.53 -16.06
C GLU F 405 25.07 -79.51 -15.68
N ASP F 406 25.94 -79.74 -16.67
CA ASP F 406 27.39 -79.53 -16.56
C ASP F 406 28.10 -80.66 -15.82
N LEU F 407 27.57 -81.88 -15.93
CA LEU F 407 28.05 -82.99 -15.13
C LEU F 407 29.56 -83.19 -15.31
N ASP F 408 30.04 -83.11 -16.55
CA ASP F 408 31.46 -83.32 -16.84
C ASP F 408 32.17 -82.10 -17.38
N THR F 409 31.49 -81.22 -18.11
CA THR F 409 32.13 -80.06 -18.72
C THR F 409 31.09 -78.98 -18.96
N ILE F 410 31.57 -77.74 -19.05
CA ILE F 410 30.68 -76.59 -19.27
C ILE F 410 30.36 -76.37 -20.73
N TYR F 411 31.02 -77.10 -21.62
CA TYR F 411 30.85 -76.99 -23.06
C TYR F 411 30.13 -78.24 -23.57
N HIS F 412 29.89 -78.26 -24.88
CA HIS F 412 29.69 -79.54 -25.54
C HIS F 412 30.45 -79.53 -26.84
N ASN F 422 19.33 -75.25 -23.54
CA ASN F 422 18.18 -75.49 -22.69
C ASN F 422 18.11 -74.50 -21.50
N GLY F 423 18.00 -73.21 -21.81
CA GLY F 423 17.71 -72.21 -20.79
C GLY F 423 18.94 -71.57 -20.21
N ILE F 424 18.70 -70.73 -19.20
CA ILE F 424 19.81 -70.10 -18.46
C ILE F 424 20.55 -71.19 -17.69
N PRO F 425 21.87 -71.22 -17.73
CA PRO F 425 22.60 -72.31 -17.06
C PRO F 425 22.50 -72.25 -15.54
N ASN F 426 22.82 -73.41 -14.94
CA ASN F 426 22.84 -73.53 -13.49
C ASN F 426 23.88 -72.62 -12.86
N VAL F 427 25.03 -72.46 -13.51
CA VAL F 427 26.18 -71.81 -12.90
C VAL F 427 26.59 -70.68 -13.80
N VAL F 428 26.39 -69.45 -13.35
CA VAL F 428 26.74 -68.28 -14.15
C VAL F 428 27.29 -67.19 -13.23
N PRO F 429 28.58 -66.90 -13.31
CA PRO F 429 29.16 -65.82 -12.50
C PRO F 429 28.34 -64.55 -12.60
N GLY F 430 27.93 -64.03 -11.46
CA GLY F 430 27.11 -62.85 -11.40
C GLY F 430 25.64 -63.13 -11.17
N LEU F 431 25.20 -64.37 -11.37
CA LEU F 431 23.85 -64.81 -11.09
C LEU F 431 23.77 -65.43 -9.69
N LEU F 432 22.60 -65.31 -9.07
CA LEU F 432 22.37 -65.92 -7.76
C LEU F 432 22.65 -67.43 -7.84
N PRO F 433 23.48 -67.97 -6.95
CA PRO F 433 23.81 -69.40 -7.06
C PRO F 433 22.62 -70.23 -6.64
N LEU F 434 22.45 -71.39 -7.30
CA LEU F 434 21.33 -72.28 -6.98
C LEU F 434 21.26 -72.63 -5.49
N TRP F 435 22.40 -72.67 -4.80
CA TRP F 435 22.32 -72.96 -3.37
C TRP F 435 21.74 -71.78 -2.58
N GLU F 436 21.99 -70.54 -3.00
CA GLU F 436 21.27 -69.45 -2.35
C GLU F 436 19.79 -69.54 -2.66
N LEU F 437 19.45 -69.83 -3.93
CA LEU F 437 18.05 -69.95 -4.34
C LEU F 437 17.33 -71.03 -3.53
N LEU F 438 17.98 -72.19 -3.34
CA LEU F 438 17.42 -73.25 -2.51
C LEU F 438 17.13 -72.78 -1.09
N ASP F 439 18.04 -72.00 -0.49
CA ASP F 439 17.77 -71.55 0.87
C ASP F 439 16.55 -70.65 0.93
N ILE F 440 16.25 -69.93 -0.16
CA ILE F 440 15.05 -69.10 -0.22
C ILE F 440 13.80 -69.97 -0.22
N MET F 441 13.85 -71.12 -0.89
CA MET F 441 12.72 -72.06 -0.82
C MET F 441 12.62 -72.70 0.56
N GLN F 442 13.75 -73.18 1.09
CA GLN F 442 13.73 -73.93 2.34
C GLN F 442 13.39 -73.04 3.51
N SER F 443 13.73 -71.76 3.43
CA SER F 443 13.41 -70.82 4.49
C SER F 443 11.95 -70.36 4.46
N GLY F 444 11.25 -70.54 3.33
CA GLY F 444 10.02 -69.81 3.13
C GLY F 444 10.22 -68.34 2.77
N LYS F 445 11.48 -67.89 2.58
CA LYS F 445 11.67 -66.51 2.20
C LYS F 445 10.86 -66.18 0.96
N ILE F 446 10.77 -67.14 0.04
CA ILE F 446 10.07 -67.00 -1.24
C ILE F 446 8.67 -66.42 -1.08
N THR F 447 8.00 -66.69 0.05
CA THR F 447 6.63 -66.22 0.23
C THR F 447 6.54 -64.71 0.34
N ASP F 448 7.66 -64.01 0.46
CA ASP F 448 7.60 -62.56 0.53
C ASP F 448 7.24 -61.95 -0.81
N LEU F 449 7.28 -62.72 -1.89
CA LEU F 449 6.85 -62.20 -3.17
C LEU F 449 5.34 -62.11 -3.25
N GLU F 450 4.64 -62.99 -2.51
CA GLU F 450 3.19 -63.04 -2.56
C GLU F 450 2.60 -61.68 -2.20
N GLY F 451 1.64 -61.24 -3.01
CA GLY F 451 1.07 -59.92 -2.82
C GLY F 451 1.96 -58.79 -3.26
N ARG F 452 3.14 -59.08 -3.79
CA ARG F 452 4.02 -58.04 -4.33
C ARG F 452 4.25 -58.22 -5.83
N LEU F 453 4.83 -59.35 -6.24
CA LEU F 453 5.03 -59.64 -7.65
C LEU F 453 3.69 -59.82 -8.36
N PHE F 454 3.62 -59.37 -9.60
CA PHE F 454 2.46 -59.69 -10.44
C PHE F 454 2.86 -60.50 -11.66
N LEU F 455 2.03 -61.46 -12.00
CA LEU F 455 2.19 -62.27 -13.20
C LEU F 455 1.22 -61.80 -14.24
N PHE F 456 1.60 -61.95 -15.51
CA PHE F 456 0.74 -61.57 -16.65
C PHE F 456 0.85 -62.66 -17.72
N GLU F 457 -0.03 -63.65 -17.66
CA GLU F 457 -0.14 -64.59 -18.76
C GLU F 457 -0.89 -63.90 -19.88
N ILE F 458 -0.19 -63.60 -20.98
CA ILE F 458 -0.69 -62.62 -21.93
C ILE F 458 -1.76 -63.16 -22.86
N GLU F 459 -2.08 -64.45 -22.78
CA GLU F 459 -3.29 -64.96 -23.42
C GLU F 459 -4.42 -65.20 -22.43
N THR F 460 -4.22 -64.83 -21.16
CA THR F 460 -5.31 -64.55 -20.23
C THR F 460 -5.77 -63.12 -20.39
N GLU F 461 -4.88 -62.26 -20.85
CA GLU F 461 -5.03 -60.80 -20.77
C GLU F 461 -5.68 -60.41 -19.44
N GLY F 462 -5.09 -60.93 -18.38
CA GLY F 462 -5.37 -60.49 -17.03
C GLY F 462 -4.12 -60.53 -16.18
N ILE F 463 -3.74 -59.39 -15.62
CA ILE F 463 -2.74 -59.39 -14.58
C ILE F 463 -3.31 -60.11 -13.37
N ARG F 464 -2.46 -60.80 -12.64
CA ARG F 464 -2.89 -61.48 -11.44
C ARG F 464 -1.78 -61.43 -10.41
N PRO F 465 -2.13 -61.31 -9.14
CA PRO F 465 -1.11 -61.35 -8.10
C PRO F 465 -0.61 -62.76 -7.89
N LEU F 466 0.63 -62.84 -7.45
CA LEU F 466 1.14 -64.08 -6.93
C LEU F 466 0.55 -64.35 -5.53
N ILE F 467 -0.18 -65.46 -5.39
CA ILE F 467 -0.78 -65.78 -4.10
C ILE F 467 0.00 -66.87 -3.37
N ASN F 468 0.64 -67.77 -4.11
CA ASN F 468 1.37 -68.87 -3.50
C ASN F 468 2.42 -69.34 -4.51
N PHE F 469 3.68 -68.96 -4.28
CA PHE F 469 4.73 -69.33 -5.22
C PHE F 469 4.78 -70.85 -5.42
N TYR F 470 4.74 -71.61 -4.33
CA TYR F 470 5.01 -73.04 -4.45
C TYR F 470 3.97 -73.75 -5.31
N SER F 471 2.71 -73.31 -5.25
CA SER F 471 1.58 -73.93 -5.92
C SER F 471 1.35 -73.37 -7.34
N GLU F 472 2.25 -72.53 -7.83
CA GLU F 472 2.23 -72.11 -9.23
C GLU F 472 2.76 -73.21 -10.13
N PRO F 473 2.40 -73.14 -11.41
CA PRO F 473 2.92 -74.11 -12.38
C PRO F 473 4.46 -74.14 -12.35
N PRO F 474 5.04 -75.30 -12.65
CA PRO F 474 6.51 -75.39 -12.60
C PRO F 474 7.21 -74.49 -13.57
N ASN F 475 6.59 -74.20 -14.71
CA ASN F 475 7.24 -73.30 -15.64
C ASN F 475 7.17 -71.85 -15.18
N VAL F 476 6.11 -71.45 -14.48
CA VAL F 476 6.14 -70.08 -14.00
C VAL F 476 7.01 -69.99 -12.76
N LYS F 477 7.18 -71.10 -12.03
CA LYS F 477 8.14 -71.07 -10.93
C LYS F 477 9.56 -70.91 -11.44
N LYS F 478 9.91 -71.63 -12.50
CA LYS F 478 11.24 -71.42 -13.08
C LYS F 478 11.41 -69.98 -13.56
N ARG F 479 10.36 -69.39 -14.15
CA ARG F 479 10.47 -68.01 -14.61
C ARG F 479 10.73 -67.06 -13.44
N ILE F 480 9.95 -67.21 -12.36
CA ILE F 480 10.16 -66.39 -11.17
C ILE F 480 11.58 -66.53 -10.66
N CYS F 481 12.09 -67.78 -10.60
CA CYS F 481 13.46 -68.01 -10.13
C CYS F 481 14.49 -67.38 -11.05
N ASP F 482 14.32 -67.53 -12.36
CA ASP F 482 15.23 -66.88 -13.28
C ASP F 482 15.24 -65.38 -13.02
N VAL F 483 14.06 -64.78 -12.86
CA VAL F 483 14.05 -63.35 -12.55
C VAL F 483 14.79 -63.07 -11.25
N ILE F 484 14.63 -63.91 -10.24
CA ILE F 484 15.37 -63.69 -8.99
C ILE F 484 16.86 -63.81 -9.26
N ARG F 485 17.27 -64.88 -9.93
CA ARG F 485 18.69 -65.12 -10.17
C ARG F 485 19.33 -63.95 -10.90
N LEU F 486 18.58 -63.33 -11.80
CA LEU F 486 19.15 -62.37 -12.73
C LEU F 486 19.14 -60.97 -12.16
N PHE F 487 17.98 -60.50 -11.72
CA PHE F 487 17.82 -59.13 -11.25
C PHE F 487 17.72 -59.02 -9.74
N GLY F 488 17.66 -60.16 -9.03
CA GLY F 488 17.73 -60.21 -7.59
C GLY F 488 16.37 -60.13 -6.91
N PHE F 489 16.36 -60.60 -5.65
CA PHE F 489 15.11 -60.76 -4.92
C PHE F 489 14.37 -59.43 -4.75
N GLU F 490 15.07 -58.36 -4.37
CA GLU F 490 14.34 -57.12 -4.12
C GLU F 490 13.68 -56.61 -5.39
N THR F 491 14.37 -56.71 -6.52
CA THR F 491 13.79 -56.20 -7.77
C THR F 491 12.56 -57.00 -8.18
N CYS F 492 12.63 -58.33 -8.02
CA CYS F 492 11.54 -59.20 -8.39
C CYS F 492 10.27 -58.83 -7.60
N MET F 493 10.41 -58.22 -6.43
CA MET F 493 9.26 -57.77 -5.64
C MET F 493 8.51 -56.63 -6.30
N LYS F 494 9.14 -55.87 -7.19
CA LYS F 494 8.40 -54.81 -7.86
C LYS F 494 8.20 -55.14 -9.32
N ALA F 495 8.27 -56.43 -9.66
CA ALA F 495 8.20 -56.89 -11.04
C ALA F 495 6.78 -57.27 -11.44
N VAL F 496 6.51 -57.15 -12.74
CA VAL F 496 5.38 -57.81 -13.39
C VAL F 496 6.00 -58.66 -14.47
N ILE F 497 5.90 -59.98 -14.33
CA ILE F 497 6.54 -60.88 -15.27
C ILE F 497 5.54 -61.29 -16.34
N LEU F 498 5.85 -60.94 -17.58
CA LEU F 498 5.03 -61.28 -18.73
C LEU F 498 5.48 -62.62 -19.30
N TYR F 499 4.51 -63.43 -19.69
CA TYR F 499 4.84 -64.77 -20.17
C TYR F 499 3.64 -65.31 -20.94
N SER F 500 3.84 -66.44 -21.62
CA SER F 500 2.74 -67.08 -22.35
C SER F 500 2.91 -68.60 -22.39
N GLU F 501 1.81 -69.33 -22.19
CA GLU F 501 1.76 -70.78 -22.44
C GLU F 501 2.74 -71.54 -21.53
N GLN F 502 2.50 -71.47 -20.21
CA GLN F 502 3.32 -72.14 -19.15
C GLN F 502 4.09 -73.35 -19.62
N SER G 2 2.46 -4.76 0.44
CA SER G 2 3.35 -4.67 -0.73
C SER G 2 3.13 -5.73 -1.78
N ASP G 3 2.41 -6.82 -1.50
CA ASP G 3 1.72 -7.37 -2.64
C ASP G 3 0.77 -6.34 -3.22
N ARG G 4 0.49 -5.26 -2.49
CA ARG G 4 -0.31 -4.16 -3.00
C ARG G 4 0.50 -3.23 -3.90
N PHE G 5 -0.09 -2.87 -5.03
CA PHE G 5 0.51 -1.96 -6.01
C PHE G 5 -0.18 -0.59 -5.91
N VAL G 6 0.39 0.32 -5.14
CA VAL G 6 -0.28 1.56 -4.73
C VAL G 6 0.17 2.73 -5.61
N ILE G 7 -0.68 3.16 -6.52
CA ILE G 7 -0.30 4.12 -7.55
C ILE G 7 -1.37 5.20 -7.71
N TRP G 8 -0.92 6.37 -8.18
CA TRP G 8 -1.84 7.32 -8.78
C TRP G 8 -2.24 6.83 -10.17
N ALA G 9 -3.33 7.37 -10.70
CA ALA G 9 -3.77 6.90 -12.01
C ALA G 9 -2.76 7.35 -13.06
N PRO G 10 -2.45 6.52 -14.04
CA PRO G 10 -1.40 6.87 -14.99
C PRO G 10 -1.83 8.08 -15.81
N SER G 11 -0.86 8.75 -16.41
CA SER G 11 -1.12 9.95 -17.19
C SER G 11 0.04 10.15 -18.17
N MET G 12 -0.10 11.15 -19.02
CA MET G 12 1.03 11.60 -19.79
C MET G 12 1.66 12.80 -19.09
N HIS G 13 2.98 12.85 -19.08
CA HIS G 13 3.66 13.76 -18.17
C HIS G 13 4.61 14.69 -18.90
N ASN G 14 4.63 15.92 -18.39
CA ASN G 14 5.31 17.07 -18.97
C ASN G 14 6.77 16.76 -19.32
N GLU G 15 7.11 16.97 -20.59
CA GLU G 15 8.48 16.76 -21.07
C GLU G 15 8.70 17.47 -22.41
N ASP G 32 15.99 12.97 -39.05
CA ASP G 32 14.98 11.98 -39.34
C ASP G 32 14.88 10.88 -38.28
N GLN G 33 15.81 10.85 -37.32
CA GLN G 33 15.77 9.93 -36.18
C GLN G 33 14.55 10.14 -35.28
N LEU G 34 13.76 11.17 -35.55
CA LEU G 34 12.60 11.51 -34.74
C LEU G 34 11.36 10.70 -35.07
N PHE G 35 11.38 9.92 -36.16
CA PHE G 35 10.24 9.11 -36.55
C PHE G 35 10.50 7.65 -36.23
N ALA G 36 9.49 6.99 -35.63
CA ALA G 36 9.67 5.62 -35.21
C ALA G 36 9.49 4.61 -36.36
N LEU G 37 8.87 5.02 -37.47
CA LEU G 37 8.73 4.16 -38.63
C LEU G 37 9.02 4.94 -39.89
N ASP G 38 9.59 4.25 -40.89
CA ASP G 38 10.05 4.94 -42.09
C ASP G 38 8.92 5.66 -42.82
N SER G 39 7.72 5.08 -42.82
CA SER G 39 6.64 5.66 -43.62
C SER G 39 6.14 6.96 -43.02
N TRP G 40 6.11 7.05 -41.68
CA TRP G 40 5.74 8.31 -41.05
C TRP G 40 6.80 9.37 -41.31
N ALA G 41 8.07 8.98 -41.34
CA ALA G 41 9.11 9.92 -41.75
C ALA G 41 8.92 10.38 -43.19
N HIS G 42 8.88 9.43 -44.13
CA HIS G 42 8.72 9.76 -45.55
C HIS G 42 7.52 10.67 -45.80
N ARG G 43 6.48 10.55 -44.98
CA ARG G 43 5.33 11.42 -45.16
C ARG G 43 5.64 12.86 -44.77
N TYR G 44 6.48 13.06 -43.76
CA TYR G 44 6.59 14.40 -43.20
C TYR G 44 7.95 15.04 -43.47
N MET G 45 8.47 14.85 -44.67
CA MET G 45 9.65 15.59 -45.10
C MET G 45 9.28 16.85 -45.87
N ASN G 46 8.30 16.74 -46.78
CA ASN G 46 7.72 17.91 -47.43
C ASN G 46 7.06 18.81 -46.40
N LYS G 47 5.99 18.34 -45.75
CA LYS G 47 5.21 19.15 -44.80
C LYS G 47 5.85 19.11 -43.41
N MET G 48 7.13 19.51 -43.35
CA MET G 48 7.99 19.13 -42.22
C MET G 48 7.55 19.81 -40.91
N ASP G 49 7.61 21.14 -40.86
CA ASP G 49 7.24 21.84 -39.63
C ASP G 49 5.80 22.33 -39.65
N VAL G 50 4.88 21.39 -39.92
CA VAL G 50 3.46 21.56 -39.62
C VAL G 50 3.08 20.79 -38.38
N VAL G 51 4.02 20.08 -37.77
CA VAL G 51 3.74 19.08 -36.75
C VAL G 51 4.71 19.24 -35.59
N LYS G 52 4.16 19.36 -34.39
CA LYS G 52 4.94 19.22 -33.16
C LYS G 52 5.03 17.74 -32.83
N ILE G 53 6.25 17.20 -32.75
CA ILE G 53 6.41 15.83 -32.26
C ILE G 53 6.79 15.89 -30.80
N GLU G 54 6.09 15.10 -30.00
CA GLU G 54 6.23 15.12 -28.51
C GLU G 54 7.34 14.18 -28.05
N ASN G 55 7.92 14.52 -26.89
CA ASN G 55 9.00 13.73 -26.24
C ASN G 55 8.56 13.47 -24.80
N CYS G 56 7.23 13.44 -24.56
CA CYS G 56 6.73 13.21 -23.22
C CYS G 56 6.69 11.71 -22.92
N THR G 57 6.28 11.38 -21.70
CA THR G 57 6.26 9.99 -21.25
C THR G 57 4.88 9.61 -20.72
N ILE G 58 4.70 8.30 -20.55
CA ILE G 58 3.48 7.75 -19.95
C ILE G 58 3.87 7.03 -18.68
N GLY G 59 3.17 7.32 -17.59
CA GLY G 59 3.37 6.51 -16.41
C GLY G 59 2.66 7.06 -15.19
N SER G 60 3.09 6.54 -14.05
CA SER G 60 2.35 6.63 -12.81
C SER G 60 3.29 6.93 -11.64
N PHE G 61 2.93 7.94 -10.85
CA PHE G 61 3.55 8.12 -9.55
C PHE G 61 3.17 6.94 -8.65
N VAL G 62 4.17 6.20 -8.19
CA VAL G 62 3.99 4.98 -7.41
C VAL G 62 4.22 5.28 -5.94
N GLU G 63 3.20 5.04 -5.12
CA GLU G 63 3.34 5.21 -3.66
C GLU G 63 3.98 3.99 -3.01
N HIS G 64 3.78 2.81 -3.59
CA HIS G 64 4.33 1.61 -3.00
C HIS G 64 4.27 0.44 -3.97
N MET G 65 5.38 -0.30 -4.06
CA MET G 65 5.45 -1.57 -4.78
C MET G 65 6.54 -2.41 -4.14
N ASP G 66 6.48 -3.72 -4.38
CA ASP G 66 7.57 -4.58 -3.96
C ASP G 66 8.55 -4.74 -5.12
N VAL G 67 9.77 -5.17 -4.83
CA VAL G 67 10.74 -5.18 -5.92
C VAL G 67 10.39 -6.23 -6.95
N ALA G 68 9.67 -7.29 -6.57
CA ALA G 68 9.28 -8.31 -7.55
C ALA G 68 8.33 -7.71 -8.57
N THR G 69 7.38 -6.90 -8.10
CA THR G 69 6.49 -6.20 -9.02
C THR G 69 7.27 -5.27 -9.93
N TYR G 70 8.23 -4.51 -9.38
CA TYR G 70 9.00 -3.60 -10.23
C TYR G 70 9.86 -4.38 -11.20
N ASP G 71 10.43 -5.51 -10.74
CA ASP G 71 11.10 -6.45 -11.64
C ASP G 71 10.20 -6.78 -12.84
N ARG G 72 8.91 -7.07 -12.58
CA ARG G 72 7.99 -7.40 -13.67
C ARG G 72 7.74 -6.20 -14.58
N MET G 73 7.61 -4.99 -14.00
CA MET G 73 7.35 -3.80 -14.82
C MET G 73 8.58 -3.43 -15.64
N CYS G 74 9.75 -3.61 -15.04
CA CYS G 74 11.00 -3.55 -15.78
C CYS G 74 10.91 -4.38 -17.05
N ASN G 75 10.41 -5.60 -16.95
CA ASN G 75 10.42 -6.49 -18.10
C ASN G 75 9.24 -6.25 -19.04
N MET G 76 8.37 -5.27 -18.76
CA MET G 76 7.37 -4.77 -19.68
C MET G 76 7.78 -3.45 -20.33
N GLY G 77 9.00 -3.00 -20.10
CA GLY G 77 9.47 -1.75 -20.66
C GLY G 77 9.35 -0.52 -19.79
N PHE G 78 9.16 -0.67 -18.47
CA PHE G 78 9.12 0.51 -17.62
C PHE G 78 10.49 0.77 -17.01
N ARG G 79 10.67 2.00 -16.55
CA ARG G 79 11.78 2.41 -15.72
C ARG G 79 11.24 3.36 -14.66
N ARG G 80 12.01 3.56 -13.61
CA ARG G 80 11.66 4.59 -12.63
C ARG G 80 12.72 5.67 -12.58
N SER G 81 12.29 6.91 -12.43
CA SER G 81 13.12 7.93 -11.81
C SER G 81 12.38 8.40 -10.56
N GLY G 82 13.02 8.26 -9.41
CA GLY G 82 12.30 8.51 -8.17
C GLY G 82 11.13 7.56 -8.04
N LYS G 83 10.00 8.10 -7.61
CA LYS G 83 8.79 7.32 -7.46
C LYS G 83 7.94 7.30 -8.73
N PHE G 84 8.45 7.85 -9.84
CA PHE G 84 7.76 7.86 -11.13
C PHE G 84 8.06 6.57 -11.88
N LEU G 85 7.02 5.80 -12.20
CA LEU G 85 7.16 4.58 -13.01
C LEU G 85 6.61 4.90 -14.39
N TYR G 86 7.48 4.90 -15.39
CA TYR G 86 7.08 5.43 -16.69
C TYR G 86 7.71 4.62 -17.81
N LYS G 87 7.10 4.71 -18.97
CA LYS G 87 7.73 4.32 -20.21
C LYS G 87 7.46 5.43 -21.20
N VAL G 88 8.08 5.31 -22.36
CA VAL G 88 7.83 6.30 -23.36
C VAL G 88 7.04 5.67 -24.50
N ASP G 89 6.23 6.49 -25.16
CA ASP G 89 5.35 6.08 -26.24
C ASP G 89 6.21 5.82 -27.48
N PRO G 90 6.50 4.56 -27.80
CA PRO G 90 7.50 4.28 -28.84
C PRO G 90 7.02 4.48 -30.26
N LEU G 91 5.79 4.95 -30.47
CA LEU G 91 5.33 5.31 -31.81
C LEU G 91 5.45 6.80 -32.10
N ARG G 92 5.31 7.64 -31.08
CA ARG G 92 5.20 9.08 -31.27
C ARG G 92 6.31 9.91 -30.63
N ASN G 93 7.23 9.32 -29.88
CA ASN G 93 8.20 10.11 -29.13
C ASN G 93 9.36 10.59 -30.00
N CYS G 94 9.99 11.67 -29.54
CA CYS G 94 11.16 12.26 -30.20
C CYS G 94 12.31 11.28 -30.33
N CYS G 95 12.50 10.44 -29.33
CA CYS G 95 13.45 9.35 -29.40
C CYS G 95 12.77 8.10 -28.87
N ARG G 96 13.20 6.93 -29.34
CA ARG G 96 12.74 5.69 -28.74
C ARG G 96 13.72 5.25 -27.64
N LEU G 97 13.17 4.73 -26.57
CA LEU G 97 13.98 4.01 -25.60
C LEU G 97 13.74 2.51 -25.80
N TYR G 98 14.81 1.78 -25.99
CA TYR G 98 14.78 0.33 -25.97
C TYR G 98 15.18 -0.12 -24.58
N THR G 99 14.51 -1.13 -24.06
CA THR G 99 15.01 -1.77 -22.85
C THR G 99 15.87 -2.93 -23.28
N ILE G 100 17.13 -2.92 -22.85
CA ILE G 100 18.11 -3.94 -23.20
C ILE G 100 18.45 -4.74 -21.95
N ARG G 101 18.60 -6.05 -22.11
CA ARG G 101 19.07 -6.87 -21.00
C ARG G 101 20.30 -7.67 -21.41
N THR G 102 21.25 -7.77 -20.48
CA THR G 102 22.51 -8.46 -20.73
C THR G 102 22.82 -9.35 -19.55
N ALA G 103 23.41 -10.50 -19.85
CA ALA G 103 24.02 -11.57 -19.09
C ALA G 103 25.54 -11.44 -19.15
N PRO G 104 26.26 -11.57 -18.05
CA PRO G 104 27.74 -11.57 -18.15
C PRO G 104 28.23 -12.52 -19.23
N GLN G 105 27.55 -13.66 -19.36
CA GLN G 105 27.89 -14.67 -20.37
C GLN G 105 27.76 -14.10 -21.78
N GLU G 106 26.58 -13.52 -22.08
CA GLU G 106 26.29 -12.93 -23.37
C GLU G 106 27.29 -11.85 -23.78
N LEU G 107 27.89 -11.15 -22.82
CA LEU G 107 28.68 -9.98 -23.16
C LEU G 107 29.88 -10.34 -24.04
N ASN G 108 30.11 -9.53 -25.08
CA ASN G 108 31.20 -9.74 -26.04
C ASN G 108 32.27 -8.70 -25.79
N MET G 109 33.41 -9.14 -25.26
CA MET G 109 34.46 -8.20 -24.91
C MET G 109 35.10 -7.65 -26.19
N THR G 110 34.93 -6.36 -26.43
CA THR G 110 35.57 -5.68 -27.55
C THR G 110 36.88 -5.03 -27.09
N LYS G 111 37.69 -4.62 -28.07
CA LYS G 111 39.06 -4.17 -27.79
C LYS G 111 39.10 -2.89 -26.96
N GLU G 112 38.12 -2.01 -27.12
CA GLU G 112 38.11 -0.82 -26.27
C GLU G 112 37.61 -1.15 -24.86
N LEU G 113 36.67 -2.09 -24.72
CA LEU G 113 36.28 -2.54 -23.39
C LEU G 113 37.46 -3.14 -22.65
N LYS G 114 38.25 -3.97 -23.36
CA LYS G 114 39.43 -4.57 -22.74
C LYS G 114 40.45 -3.51 -22.34
N LYS G 115 40.60 -2.45 -23.14
CA LYS G 115 41.50 -1.37 -22.71
C LYS G 115 40.95 -0.65 -21.48
N CYS G 116 39.63 -0.60 -21.30
CA CYS G 116 39.09 0.00 -20.09
C CYS G 116 39.49 -0.82 -18.88
N ILE G 117 39.32 -2.13 -18.94
CA ILE G 117 39.64 -3.00 -17.81
C ILE G 117 41.15 -3.01 -17.55
N SER G 118 41.95 -2.98 -18.60
CA SER G 118 43.39 -3.04 -18.39
C SER G 118 43.90 -1.80 -17.68
N ARG G 119 43.45 -0.62 -18.10
CA ARG G 119 43.94 0.60 -17.48
C ARG G 119 43.37 0.78 -16.09
N PHE G 120 42.12 0.37 -15.89
CA PHE G 120 41.57 0.29 -14.54
C PHE G 120 42.42 -0.63 -13.70
N ALA G 121 42.74 -1.81 -14.23
CA ALA G 121 43.55 -2.78 -13.50
C ALA G 121 44.84 -2.13 -13.00
N THR G 122 45.67 -1.65 -13.93
CA THR G 122 46.99 -1.17 -13.54
C THR G 122 46.92 0.09 -12.66
N ARG G 123 45.96 0.99 -12.92
CA ARG G 123 45.92 2.26 -12.19
C ARG G 123 45.44 2.09 -10.74
N ILE G 124 44.84 0.96 -10.40
CA ILE G 124 44.44 0.71 -9.01
C ILE G 124 45.34 -0.30 -8.31
N THR G 125 46.12 -1.10 -9.06
CA THR G 125 46.80 -2.27 -8.52
C THR G 125 48.02 -1.85 -7.68
N SER G 126 48.81 -2.83 -7.28
CA SER G 126 50.11 -2.53 -6.73
C SER G 126 51.10 -2.25 -7.87
N GLU G 127 52.31 -1.83 -7.48
CA GLU G 127 53.35 -1.57 -8.46
C GLU G 127 53.92 -2.87 -9.00
N ASP G 128 54.06 -3.89 -8.14
CA ASP G 128 54.52 -5.21 -8.53
C ASP G 128 53.33 -6.18 -8.57
N TYR G 129 52.49 -6.03 -9.60
CA TYR G 129 51.28 -6.87 -9.76
C TYR G 129 51.66 -8.31 -10.15
N CYS G 130 50.78 -9.26 -9.85
CA CYS G 130 51.00 -10.71 -10.15
C CYS G 130 49.57 -11.20 -9.90
N PRO G 131 48.77 -11.54 -10.93
CA PRO G 131 47.51 -12.26 -10.79
C PRO G 131 47.58 -13.73 -11.23
N ALA G 132 46.43 -14.40 -11.32
CA ALA G 132 46.38 -15.84 -11.69
C ALA G 132 45.91 -16.42 -13.03
N ALA G 133 44.59 -16.51 -13.23
CA ALA G 133 43.95 -16.70 -14.55
C ALA G 133 43.71 -15.34 -15.21
N VAL G 134 44.68 -14.88 -16.02
CA VAL G 134 44.56 -13.56 -16.69
C VAL G 134 43.78 -13.71 -18.00
N ALA G 135 42.79 -14.62 -18.04
CA ALA G 135 42.00 -14.75 -19.26
C ALA G 135 41.35 -13.41 -19.58
N SER G 136 41.50 -12.96 -20.83
CA SER G 136 41.09 -11.62 -21.22
C SER G 136 39.65 -11.55 -21.71
N SER G 137 39.01 -12.68 -21.99
CA SER G 137 37.57 -12.70 -22.15
C SER G 137 36.85 -12.83 -20.81
N ASP G 138 37.58 -13.17 -19.75
CA ASP G 138 37.03 -13.24 -18.39
C ASP G 138 37.27 -11.92 -17.66
N PHE G 139 36.55 -10.89 -18.13
CA PHE G 139 36.66 -9.56 -17.55
C PHE G 139 36.20 -9.53 -16.10
N VAL G 140 35.40 -10.50 -15.68
CA VAL G 140 34.98 -10.55 -14.29
C VAL G 140 36.16 -10.87 -13.38
N GLY G 141 36.86 -11.97 -13.68
CA GLY G 141 38.06 -12.30 -12.93
C GLY G 141 39.03 -11.14 -12.86
N LYS G 142 39.24 -10.45 -13.97
CA LYS G 142 40.23 -9.38 -14.00
C LYS G 142 39.82 -8.22 -13.09
N ILE G 143 38.53 -7.88 -13.10
CA ILE G 143 38.02 -6.83 -12.21
C ILE G 143 38.15 -7.27 -10.75
N VAL G 144 37.70 -8.48 -10.45
CA VAL G 144 37.75 -8.98 -9.09
C VAL G 144 39.19 -9.09 -8.61
N ASN G 145 40.07 -9.65 -9.44
CA ASN G 145 41.45 -9.89 -9.02
C ASN G 145 42.22 -8.58 -8.92
N ALA G 146 41.98 -7.65 -9.85
CA ALA G 146 42.63 -6.35 -9.73
C ALA G 146 42.08 -5.54 -8.57
N GLU G 147 40.85 -5.83 -8.15
CA GLU G 147 40.24 -5.04 -7.09
C GLU G 147 40.67 -5.52 -5.72
N MET G 148 40.58 -6.82 -5.45
CA MET G 148 40.95 -7.34 -4.14
C MET G 148 42.46 -7.35 -3.90
N ASN G 149 43.24 -6.87 -4.86
CA ASN G 149 44.67 -6.64 -4.72
C ASN G 149 44.92 -5.15 -4.93
N SER G 150 44.17 -4.30 -4.23
CA SER G 150 44.41 -2.87 -4.34
C SER G 150 44.03 -2.22 -3.03
N LYS G 151 44.89 -1.32 -2.52
CA LYS G 151 44.54 -0.50 -1.37
C LYS G 151 44.41 0.96 -1.75
N THR G 152 44.03 1.23 -3.00
CA THR G 152 43.65 2.58 -3.39
C THR G 152 42.22 2.67 -3.89
N PHE G 153 41.62 1.57 -4.32
CA PHE G 153 40.29 1.63 -4.90
C PHE G 153 39.39 0.60 -4.25
N TYR G 154 38.16 1.02 -3.94
CA TYR G 154 37.10 0.12 -3.51
C TYR G 154 35.77 0.83 -3.72
N THR G 155 34.70 0.04 -3.80
CA THR G 155 33.35 0.55 -3.86
C THR G 155 32.60 0.08 -2.63
N ARG G 156 31.48 0.73 -2.34
CA ARG G 156 30.73 0.42 -1.13
C ARG G 156 29.25 0.54 -1.43
N PHE G 157 28.51 -0.55 -1.21
CA PHE G 157 27.07 -0.50 -1.30
C PHE G 157 26.51 0.02 0.02
N GLU G 158 25.51 0.89 -0.08
CA GLU G 158 24.85 1.44 1.10
C GLU G 158 23.44 1.81 0.71
N PRO G 159 22.57 2.06 1.69
CA PRO G 159 21.21 2.54 1.40
C PRO G 159 21.22 3.81 0.56
N ALA G 160 20.10 4.03 -0.14
CA ALA G 160 19.92 5.21 -1.00
C ALA G 160 19.28 6.34 -0.19
N LEU G 161 20.09 6.94 0.66
CA LEU G 161 19.70 8.06 1.50
C LEU G 161 20.56 9.27 1.19
N TYR G 162 20.00 10.45 1.44
CA TYR G 162 20.77 11.67 1.20
C TYR G 162 22.00 11.70 2.10
N SER G 163 23.05 12.30 1.58
CA SER G 163 24.22 12.67 2.37
C SER G 163 24.82 13.90 1.73
N GLU G 164 25.42 14.77 2.54
CA GLU G 164 26.09 15.92 1.95
C GLU G 164 27.13 15.47 0.95
N GLU G 165 27.86 14.40 1.27
CA GLU G 165 28.97 14.00 0.42
C GLU G 165 28.47 13.53 -0.93
N LYS G 166 27.34 12.84 -0.95
CA LYS G 166 26.81 12.37 -2.21
C LYS G 166 26.21 13.53 -2.99
N TYR G 167 25.50 14.40 -2.30
CA TYR G 167 24.93 15.58 -2.94
C TYR G 167 26.02 16.44 -3.58
N HIS G 168 27.02 16.80 -2.78
CA HIS G 168 28.18 17.50 -3.31
C HIS G 168 28.67 16.93 -4.64
N LEU G 169 28.86 15.60 -4.72
CA LEU G 169 29.39 15.05 -5.97
C LEU G 169 28.38 15.21 -7.10
N PHE G 170 27.10 14.95 -6.79
CA PHE G 170 26.02 15.27 -7.70
C PHE G 170 26.14 16.68 -8.28
N VAL G 171 26.28 17.69 -7.43
CA VAL G 171 26.31 19.05 -7.93
C VAL G 171 27.50 19.24 -8.87
N LYS G 172 28.69 18.87 -8.41
CA LYS G 172 29.86 18.91 -9.28
C LYS G 172 29.58 18.23 -10.61
N TYR G 173 29.07 16.99 -10.58
CA TYR G 173 28.79 16.26 -11.81
C TYR G 173 27.73 16.96 -12.63
N GLN G 174 26.68 17.43 -11.98
CA GLN G 174 25.58 18.08 -12.66
C GLN G 174 26.00 19.40 -13.28
N GLU G 175 27.10 20.01 -12.82
CA GLU G 175 27.52 21.30 -13.33
C GLU G 175 28.52 21.17 -14.49
N LYS G 176 29.67 20.51 -14.28
CA LYS G 176 30.66 20.35 -15.34
C LYS G 176 30.23 19.36 -16.41
N VAL G 177 29.13 18.65 -16.21
CA VAL G 177 28.51 17.82 -17.23
C VAL G 177 27.05 18.22 -17.23
N HIS G 178 26.41 18.19 -18.39
CA HIS G 178 25.01 18.60 -18.49
C HIS G 178 24.81 20.08 -18.20
N GLN G 179 25.86 20.76 -17.74
CA GLN G 179 25.86 22.17 -17.33
C GLN G 179 24.55 22.60 -16.72
N ASP G 180 24.05 21.80 -15.78
CA ASP G 180 22.89 22.14 -14.99
C ASP G 180 23.34 22.87 -13.73
N TYR G 181 22.54 23.84 -13.27
CA TYR G 181 22.80 24.55 -12.04
C TYR G 181 21.51 24.73 -11.23
N ASN G 182 20.51 23.89 -11.49
CA ASN G 182 19.17 23.95 -10.93
C ASN G 182 19.01 22.94 -9.80
N ASN G 183 20.05 22.75 -9.01
CA ASN G 183 20.21 21.51 -8.27
C ASN G 183 19.93 21.70 -6.79
N SER G 184 18.67 21.55 -6.43
CA SER G 184 18.29 21.46 -5.05
C SER G 184 18.83 20.18 -4.42
N PRO G 185 19.06 20.18 -3.11
CA PRO G 185 19.07 18.91 -2.37
C PRO G 185 17.80 18.11 -2.60
N LYS G 186 16.64 18.79 -2.60
CA LYS G 186 15.37 18.10 -2.83
C LYS G 186 15.28 17.52 -4.25
N SER G 187 15.64 18.30 -5.25
CA SER G 187 15.79 17.80 -6.62
C SER G 187 16.66 16.55 -6.69
N PHE G 188 17.70 16.49 -5.85
CA PHE G 188 18.57 15.32 -5.80
C PHE G 188 17.93 14.17 -5.05
N LYS G 189 17.15 14.44 -4.00
CA LYS G 189 16.42 13.35 -3.34
C LYS G 189 15.47 12.70 -4.33
N ARG G 190 14.52 13.50 -4.85
CA ARG G 190 13.41 12.99 -5.64
C ARG G 190 13.86 12.39 -6.96
N PHE G 191 15.13 12.53 -7.32
CA PHE G 191 15.70 11.76 -8.41
C PHE G 191 16.38 10.48 -7.91
N LEU G 192 17.32 10.61 -6.96
CA LEU G 192 18.24 9.53 -6.65
C LEU G 192 18.09 8.94 -5.26
N CYS G 193 17.14 9.41 -4.45
CA CYS G 193 16.93 8.79 -3.14
C CYS G 193 15.52 8.27 -2.94
N ASP G 194 14.49 9.08 -3.23
CA ASP G 194 13.10 8.64 -3.05
C ASP G 194 12.81 7.42 -3.92
N THR G 195 12.23 6.39 -3.31
CA THR G 195 11.85 5.19 -4.05
C THR G 195 10.42 4.79 -3.73
N PRO G 196 9.76 4.07 -4.63
CA PRO G 196 8.43 3.56 -4.28
C PRO G 196 8.48 2.36 -3.34
N PHE G 197 9.67 1.89 -2.97
CA PHE G 197 9.78 0.69 -2.17
C PHE G 197 9.56 1.00 -0.70
N GLY G 198 9.36 -0.03 0.10
CA GLY G 198 9.08 0.15 1.51
C GLY G 198 10.34 0.27 2.35
N PRO G 199 10.16 0.54 3.64
CA PRO G 199 11.33 0.78 4.51
C PRO G 199 12.32 -0.37 4.54
N GLU G 200 11.83 -1.61 4.46
CA GLU G 200 12.72 -2.76 4.52
C GLU G 200 13.64 -2.84 3.31
N ALA G 201 13.06 -2.75 2.11
CA ALA G 201 13.89 -2.78 0.91
C ALA G 201 14.86 -1.62 0.85
N VAL G 202 14.64 -0.57 1.62
CA VAL G 202 15.51 0.59 1.53
C VAL G 202 16.66 0.49 2.51
N LEU G 203 16.37 0.10 3.76
CA LEU G 203 17.39 0.05 4.78
C LEU G 203 17.92 -1.35 5.04
N GLY G 204 17.15 -2.38 4.68
CA GLY G 204 17.61 -3.75 4.80
C GLY G 204 18.02 -4.14 6.20
N THR G 205 19.10 -4.92 6.28
CA THR G 205 19.64 -5.42 7.54
C THR G 205 21.15 -5.48 7.35
N GLN G 206 21.90 -5.27 8.44
CA GLN G 206 23.35 -5.16 8.28
C GLN G 206 23.94 -6.42 7.66
N GLU G 207 23.48 -7.55 8.15
CA GLU G 207 23.90 -8.84 7.64
C GLU G 207 23.75 -8.92 6.12
N SER G 208 22.74 -8.28 5.54
CA SER G 208 22.56 -8.37 4.09
C SER G 208 23.38 -7.33 3.33
N TRP G 209 23.55 -6.13 3.87
CA TRP G 209 24.52 -5.20 3.30
C TRP G 209 25.92 -5.80 3.34
N GLU G 210 26.31 -6.37 4.49
CA GLU G 210 27.64 -6.96 4.62
C GLU G 210 27.86 -7.99 3.53
N GLN G 211 26.89 -8.91 3.36
CA GLN G 211 26.99 -9.91 2.31
C GLN G 211 27.13 -9.26 0.95
N LEU G 212 26.22 -8.35 0.61
CA LEU G 212 26.32 -7.63 -0.65
C LEU G 212 27.71 -7.03 -0.83
N ASN G 213 28.23 -6.35 0.20
CA ASN G 213 29.53 -5.69 0.06
C ASN G 213 30.68 -6.66 -0.03
N ASN G 214 30.42 -7.95 0.19
CA ASN G 214 31.44 -8.98 0.07
C ASN G 214 31.27 -9.77 -1.23
N TRP G 215 30.85 -9.09 -2.28
CA TRP G 215 30.37 -9.83 -3.44
C TRP G 215 31.48 -10.59 -4.13
N GLN G 216 32.69 -10.02 -4.21
CA GLN G 216 33.79 -10.74 -4.83
C GLN G 216 34.08 -12.06 -4.14
N ARG G 217 33.64 -12.26 -2.90
CA ARG G 217 33.88 -13.51 -2.20
C ARG G 217 32.64 -14.40 -2.13
N MET G 218 31.54 -13.97 -2.76
CA MET G 218 30.35 -14.81 -2.78
C MET G 218 30.60 -16.03 -3.65
N LYS G 219 30.13 -17.18 -3.17
CA LYS G 219 30.29 -18.52 -3.74
C LYS G 219 29.20 -18.79 -4.77
N PRO G 220 29.52 -19.55 -5.82
CA PRO G 220 28.46 -20.07 -6.69
C PRO G 220 27.42 -20.80 -5.86
N GLY G 221 26.15 -20.64 -6.24
CA GLY G 221 25.04 -21.26 -5.54
C GLY G 221 24.55 -20.55 -4.29
N GLU G 222 25.18 -19.44 -3.90
CA GLU G 222 24.78 -18.69 -2.71
C GLU G 222 23.71 -17.67 -3.10
N LYS G 223 22.60 -17.62 -2.36
CA LYS G 223 21.51 -16.71 -2.67
C LYS G 223 21.81 -15.31 -2.13
N LEU G 224 21.59 -14.28 -2.94
CA LEU G 224 21.93 -12.92 -2.55
C LEU G 224 20.78 -12.33 -1.74
N LYS G 225 21.12 -11.83 -0.55
CA LYS G 225 20.11 -11.46 0.45
C LYS G 225 19.35 -10.20 0.06
N HIS G 226 20.07 -9.15 -0.35
CA HIS G 226 19.48 -7.81 -0.44
C HIS G 226 18.76 -7.58 -1.77
N MET G 227 17.46 -7.29 -1.69
CA MET G 227 16.69 -6.80 -2.82
C MET G 227 16.18 -5.40 -2.49
N GLY G 228 16.36 -4.47 -3.43
CA GLY G 228 15.99 -3.08 -3.22
C GLY G 228 16.92 -2.11 -3.96
N PRO G 229 16.65 -0.82 -3.82
CA PRO G 229 17.56 0.18 -4.38
C PRO G 229 18.84 0.27 -3.57
N VAL G 230 19.93 0.66 -4.23
CA VAL G 230 21.20 0.93 -3.55
C VAL G 230 21.98 2.05 -4.21
N HIS G 231 22.86 2.67 -3.43
CA HIS G 231 23.93 3.53 -3.91
C HIS G 231 25.23 2.75 -3.76
N GLU G 232 25.98 2.67 -4.83
CA GLU G 232 27.30 2.06 -4.84
C GLU G 232 28.28 3.21 -5.01
N CYS G 233 29.04 3.49 -3.95
CA CYS G 233 29.94 4.64 -3.91
C CYS G 233 31.35 4.20 -4.26
N TYR G 234 31.93 4.84 -5.27
CA TYR G 234 33.28 4.54 -5.72
C TYR G 234 34.25 5.42 -4.96
N TYR G 235 35.19 4.81 -4.24
CA TYR G 235 36.28 5.54 -3.62
C TYR G 235 37.61 5.19 -4.29
N TYR G 236 38.42 6.22 -4.58
CA TYR G 236 39.80 6.06 -5.04
C TYR G 236 40.69 7.00 -4.24
N GLU G 237 41.55 6.42 -3.38
CA GLU G 237 42.43 7.17 -2.48
C GLU G 237 41.64 8.03 -1.48
N GLY G 238 40.55 7.50 -0.97
CA GLY G 238 39.76 8.22 0.01
C GLY G 238 38.80 9.22 -0.54
N LYS G 239 38.85 9.49 -1.85
CA LYS G 239 37.98 10.47 -2.49
C LYS G 239 36.77 9.76 -3.12
N LEU G 240 35.58 10.26 -2.85
CA LEU G 240 34.38 9.74 -3.50
C LEU G 240 34.37 10.20 -4.95
N ILE G 241 34.48 9.26 -5.90
CA ILE G 241 34.62 9.64 -7.30
C ILE G 241 33.39 9.29 -8.15
N ALA G 242 32.44 8.52 -7.62
CA ALA G 242 31.31 8.03 -8.41
C ALA G 242 30.26 7.39 -7.51
N ILE G 243 29.01 7.43 -7.97
CA ILE G 243 27.92 6.66 -7.39
C ILE G 243 27.16 5.98 -8.51
N THR G 244 26.90 4.68 -8.36
CA THR G 244 25.90 3.99 -9.19
C THR G 244 24.60 3.89 -8.40
N VAL G 245 23.50 4.33 -9.01
CA VAL G 245 22.16 4.16 -8.47
C VAL G 245 21.54 2.97 -9.19
N SER G 246 21.37 1.86 -8.46
CA SER G 246 20.90 0.60 -9.02
C SER G 246 19.77 0.03 -8.18
N ASP G 247 18.79 -0.57 -8.84
CA ASP G 247 17.79 -1.39 -8.18
C ASP G 247 18.24 -2.86 -8.29
N ILE G 248 18.47 -3.52 -7.16
CA ILE G 248 18.77 -4.95 -7.15
C ILE G 248 17.44 -5.68 -7.18
N LEU G 249 17.22 -6.49 -8.20
CA LEU G 249 15.96 -7.17 -8.44
C LEU G 249 16.14 -8.68 -8.36
N PRO G 250 15.04 -9.44 -8.20
CA PRO G 250 15.16 -10.90 -8.24
C PRO G 250 15.85 -11.39 -9.49
N SER G 251 15.65 -10.72 -10.63
CA SER G 251 16.23 -11.20 -11.88
C SER G 251 17.61 -10.60 -12.19
N GLY G 252 18.10 -9.69 -11.37
CA GLY G 252 19.37 -9.05 -11.67
C GLY G 252 19.42 -7.58 -11.27
N ILE G 253 20.13 -6.76 -12.01
CA ILE G 253 20.36 -5.38 -11.61
C ILE G 253 19.87 -4.43 -12.69
N SER G 254 19.04 -3.48 -12.29
CA SER G 254 18.58 -2.42 -13.18
C SER G 254 19.29 -1.14 -12.78
N SER G 255 19.88 -0.48 -13.76
CA SER G 255 20.67 0.71 -13.55
C SER G 255 19.71 1.91 -13.58
N VAL G 256 19.80 2.76 -12.56
CA VAL G 256 18.95 3.94 -12.51
C VAL G 256 19.71 5.13 -13.03
N TYR G 257 20.78 5.50 -12.33
CA TYR G 257 21.60 6.66 -12.69
C TYR G 257 23.03 6.35 -12.35
N PHE G 258 23.94 7.19 -12.86
CA PHE G 258 25.36 7.07 -12.58
C PHE G 258 26.00 8.44 -12.76
N ILE G 259 26.60 8.95 -11.69
CA ILE G 259 27.26 10.26 -11.69
C ILE G 259 28.72 10.04 -11.35
N TRP G 260 29.53 11.04 -11.66
CA TRP G 260 30.96 10.86 -11.43
C TRP G 260 31.66 12.20 -11.36
N ASP G 261 32.75 12.25 -10.59
CA ASP G 261 33.61 13.43 -10.58
C ASP G 261 34.21 13.61 -11.96
N PRO G 262 34.07 14.78 -12.57
CA PRO G 262 34.58 14.98 -13.94
C PRO G 262 36.10 15.03 -14.05
N ASP G 263 36.86 15.02 -12.95
CA ASP G 263 38.31 14.91 -13.08
C ASP G 263 38.76 13.53 -13.56
N TYR G 264 37.81 12.67 -13.92
CA TYR G 264 38.04 11.25 -14.13
C TYR G 264 37.47 10.78 -15.45
N SER G 265 37.41 11.68 -16.41
CA SER G 265 36.95 11.30 -17.76
C SER G 265 37.94 10.29 -18.32
N LYS G 266 39.13 10.25 -17.75
CA LYS G 266 40.19 9.34 -18.22
C LYS G 266 39.83 7.88 -17.90
N TRP G 267 39.22 7.64 -16.76
CA TRP G 267 38.93 6.27 -16.36
C TRP G 267 37.84 5.62 -17.19
N SER G 268 37.19 6.37 -18.08
CA SER G 268 35.94 5.95 -18.74
C SER G 268 35.04 5.24 -17.73
N LEU G 269 34.65 6.00 -16.68
CA LEU G 269 33.98 5.40 -15.54
C LEU G 269 32.57 4.91 -15.88
N GLY G 270 31.96 5.45 -16.93
CA GLY G 270 30.64 4.99 -17.34
C GLY G 270 30.66 3.55 -17.83
N LYS G 271 31.60 3.22 -18.72
CA LYS G 271 31.74 1.84 -19.18
C LYS G 271 32.25 0.93 -18.07
N LEU G 272 33.25 1.41 -17.30
CA LEU G 272 33.70 0.66 -16.13
C LEU G 272 32.51 0.30 -15.24
N SER G 273 31.68 1.29 -14.95
CA SER G 273 30.49 1.11 -14.11
C SER G 273 29.66 -0.07 -14.58
N ALA G 274 29.47 -0.19 -15.90
CA ALA G 274 28.62 -1.23 -16.45
C ALA G 274 29.27 -2.60 -16.38
N LEU G 275 30.56 -2.69 -16.72
CA LEU G 275 31.26 -3.97 -16.62
C LEU G 275 31.25 -4.48 -15.19
N ARG G 276 31.50 -3.60 -14.22
CA ARG G 276 31.56 -4.01 -12.83
C ARG G 276 30.22 -4.53 -12.34
N ASP G 277 29.13 -3.90 -12.79
CA ASP G 277 27.80 -4.38 -12.42
C ASP G 277 27.57 -5.81 -12.92
N LEU G 278 28.00 -6.08 -14.16
CA LEU G 278 27.92 -7.43 -14.72
C LEU G 278 28.75 -8.42 -13.91
N ALA G 279 29.98 -8.02 -13.56
CA ALA G 279 30.79 -8.83 -12.64
C ALA G 279 30.05 -9.09 -11.33
N ILE G 280 29.43 -8.07 -10.75
CA ILE G 280 28.62 -8.33 -9.56
C ILE G 280 27.49 -9.29 -9.89
N ILE G 281 26.80 -9.04 -11.00
CA ILE G 281 25.65 -9.87 -11.39
C ILE G 281 26.05 -11.34 -11.49
N GLN G 282 27.19 -11.61 -12.12
CA GLN G 282 27.70 -12.99 -12.16
C GLN G 282 28.08 -13.48 -10.77
N ARG G 283 29.01 -12.79 -10.12
CA ARG G 283 29.53 -13.25 -8.83
C ARG G 283 28.44 -13.32 -7.76
N THR G 284 27.30 -12.70 -7.96
CA THR G 284 26.23 -12.70 -6.99
C THR G 284 25.12 -13.66 -7.40
N ASN G 285 25.33 -14.38 -8.51
CA ASN G 285 24.42 -15.45 -9.04
C ASN G 285 23.09 -14.91 -9.58
N LEU G 286 23.05 -13.65 -10.04
CA LEU G 286 21.88 -13.07 -10.68
C LEU G 286 22.00 -13.19 -12.20
N GLN G 287 20.90 -12.92 -12.88
CA GLN G 287 20.76 -13.28 -14.30
C GLN G 287 21.17 -12.17 -15.26
N TYR G 288 20.67 -10.95 -15.07
CA TYR G 288 20.66 -9.97 -16.13
C TYR G 288 21.04 -8.58 -15.63
N TYR G 289 21.67 -7.82 -16.52
CA TYR G 289 21.81 -6.37 -16.40
C TYR G 289 20.75 -5.71 -17.27
N TYR G 290 19.89 -4.89 -16.67
CA TYR G 290 18.93 -4.11 -17.45
C TYR G 290 19.44 -2.69 -17.58
N LEU G 291 19.24 -2.08 -18.76
CA LEU G 291 19.87 -0.79 -19.04
C LEU G 291 18.89 0.35 -19.28
N GLY G 292 18.10 0.25 -20.36
CA GLY G 292 17.18 1.34 -20.76
C GLY G 292 17.52 2.29 -21.89
N TYR G 293 18.39 1.85 -22.80
CA TYR G 293 19.16 2.62 -23.79
C TYR G 293 18.35 3.74 -24.43
N ASN G 306 25.93 -3.32 -26.78
CA ASN G 306 26.89 -4.35 -27.17
C ASN G 306 26.20 -5.45 -27.97
N TYR G 307 26.93 -6.00 -28.95
CA TYR G 307 26.37 -6.98 -29.88
C TYR G 307 26.31 -8.39 -29.27
N GLY G 308 25.75 -8.51 -28.07
CA GLY G 308 25.50 -9.81 -27.48
C GLY G 308 24.31 -9.79 -26.56
N ALA G 309 23.56 -8.69 -26.58
CA ALA G 309 22.51 -8.45 -25.62
C ALA G 309 21.16 -8.87 -26.19
N GLU G 310 20.10 -8.60 -25.44
CA GLU G 310 18.73 -8.90 -25.83
C GLU G 310 17.91 -7.63 -25.74
N VAL G 311 16.91 -7.52 -26.62
CA VAL G 311 16.05 -6.35 -26.69
C VAL G 311 14.60 -6.78 -26.49
N LEU G 312 13.87 -6.01 -25.68
CA LEU G 312 12.48 -6.36 -25.41
C LEU G 312 11.55 -5.88 -26.52
N ASP G 313 10.77 -6.79 -27.07
CA ASP G 313 9.66 -6.43 -27.95
C ASP G 313 8.44 -6.18 -27.06
N VAL G 314 8.07 -4.91 -26.90
CA VAL G 314 7.00 -4.66 -25.96
C VAL G 314 5.64 -5.12 -26.49
N CYS G 315 5.47 -5.26 -27.81
CA CYS G 315 4.19 -5.73 -28.34
C CYS G 315 3.96 -7.20 -28.04
N HIS G 316 5.04 -8.00 -28.01
CA HIS G 316 5.02 -9.36 -27.51
C HIS G 316 5.38 -9.47 -26.02
N SER G 317 6.04 -8.46 -25.43
CA SER G 317 6.62 -8.61 -24.09
C SER G 317 7.60 -9.78 -24.00
N LYS G 318 8.25 -10.13 -25.10
CA LYS G 318 9.29 -11.13 -25.16
C LYS G 318 10.58 -10.49 -25.66
N TYR G 319 11.71 -11.19 -25.46
CA TYR G 319 13.04 -10.66 -25.78
C TYR G 319 13.64 -11.30 -27.03
N ILE G 320 14.26 -10.47 -27.86
CA ILE G 320 14.85 -10.90 -29.12
C ILE G 320 16.35 -10.61 -29.02
N PRO G 321 17.20 -11.41 -29.67
CA PRO G 321 18.62 -11.05 -29.70
C PRO G 321 18.84 -9.72 -30.38
N LEU G 322 19.84 -8.99 -29.89
CA LEU G 322 20.09 -7.65 -30.42
C LEU G 322 20.71 -7.72 -31.80
N LYS G 323 21.67 -8.64 -32.01
CA LYS G 323 22.41 -8.70 -33.27
C LYS G 323 21.53 -8.71 -34.53
N PRO G 324 20.47 -9.56 -34.67
CA PRO G 324 19.74 -9.57 -35.95
C PRO G 324 19.09 -8.22 -36.22
N ILE G 325 18.30 -7.76 -35.27
CA ILE G 325 17.51 -6.57 -35.43
C ILE G 325 18.22 -5.34 -34.83
N GLN G 326 19.50 -5.52 -34.50
CA GLN G 326 20.34 -4.43 -33.91
C GLN G 326 21.21 -3.82 -35.02
N ASP G 327 21.06 -4.32 -36.25
CA ASP G 327 21.86 -3.83 -37.40
C ASP G 327 21.71 -2.31 -37.52
N MET G 328 20.54 -1.85 -37.91
CA MET G 328 20.32 -0.43 -38.17
C MET G 328 18.85 -0.14 -37.87
N ILE G 329 18.08 -1.15 -37.46
CA ILE G 329 16.64 -0.93 -37.13
C ILE G 329 16.54 -0.46 -35.69
N SER G 330 17.62 -0.56 -34.93
CA SER G 330 17.66 -0.02 -33.55
C SER G 330 18.37 1.33 -33.56
N ARG G 331 18.24 2.06 -34.67
CA ARG G 331 18.70 3.45 -34.89
C ARG G 331 17.40 4.26 -34.90
N GLY G 332 16.56 3.99 -33.92
CA GLY G 332 15.46 4.89 -33.53
C GLY G 332 14.22 4.50 -34.27
N LYS G 333 14.17 3.28 -34.79
CA LYS G 333 12.94 2.78 -35.42
C LYS G 333 12.21 1.77 -34.53
N LEU G 334 10.89 1.80 -34.58
CA LEU G 334 10.04 0.85 -33.88
C LEU G 334 10.00 -0.46 -34.64
N PHE G 335 9.96 -1.57 -33.91
CA PHE G 335 9.86 -2.89 -34.53
C PHE G 335 8.98 -3.81 -33.70
N VAL G 336 8.29 -4.73 -34.38
CA VAL G 336 7.58 -5.82 -33.71
C VAL G 336 7.84 -7.09 -34.49
N ILE G 337 8.14 -8.17 -33.79
CA ILE G 337 8.53 -9.41 -34.43
C ILE G 337 7.32 -10.04 -35.08
N GLY G 338 7.42 -10.38 -36.36
CA GLY G 338 6.35 -11.06 -37.04
C GLY G 338 6.78 -12.39 -37.61
N GLU G 339 5.96 -13.42 -37.40
CA GLU G 339 6.18 -14.72 -38.02
C GLU G 339 5.98 -14.60 -39.55
N GLU G 340 6.49 -15.60 -40.28
CA GLU G 340 6.76 -15.46 -41.71
C GLU G 340 5.55 -15.18 -42.62
N GLU G 341 4.67 -16.16 -42.85
CA GLU G 341 3.60 -15.96 -43.83
C GLU G 341 2.22 -15.81 -43.17
N THR G 342 2.14 -15.87 -41.85
CA THR G 342 1.04 -15.21 -41.17
C THR G 342 1.15 -13.70 -41.41
N LYS G 343 0.03 -13.00 -41.24
CA LYS G 343 0.09 -11.55 -41.03
C LYS G 343 -1.26 -11.10 -40.50
N VAL G 344 -1.25 -9.94 -39.84
CA VAL G 344 -2.22 -9.60 -38.80
C VAL G 344 -3.15 -8.47 -39.25
N THR G 345 -4.30 -8.36 -38.56
CA THR G 345 -5.35 -7.42 -38.93
C THR G 345 -5.70 -6.42 -37.84
N LYS G 346 -5.02 -6.46 -36.71
CA LYS G 346 -5.21 -5.51 -35.62
C LYS G 346 -3.93 -5.54 -34.80
N GLU G 347 -3.92 -4.80 -33.69
CA GLU G 347 -2.78 -4.90 -32.81
C GLU G 347 -2.68 -6.31 -32.22
N LEU G 348 -1.48 -6.69 -31.80
CA LEU G 348 -1.27 -8.03 -31.27
C LEU G 348 -1.77 -8.15 -29.83
N TYR G 349 -2.42 -9.27 -29.55
CA TYR G 349 -2.92 -9.57 -28.22
C TYR G 349 -1.77 -9.71 -27.24
N LEU G 350 -1.98 -9.23 -26.02
CA LEU G 350 -1.00 -9.33 -24.96
C LEU G 350 -1.50 -10.31 -23.90
N VAL G 351 -0.74 -11.37 -23.66
CA VAL G 351 -1.14 -12.45 -22.74
C VAL G 351 -0.72 -12.09 -21.33
N ASP G 352 -1.68 -11.77 -20.46
CA ASP G 352 -1.31 -11.25 -19.15
C ASP G 352 -0.50 -12.25 -18.31
N SER G 353 -0.73 -13.54 -18.47
CA SER G 353 0.08 -14.48 -17.71
C SER G 353 1.54 -14.36 -18.06
N GLU G 354 1.86 -13.82 -19.26
CA GLU G 354 3.21 -13.85 -19.78
C GLU G 354 3.88 -12.50 -19.90
N THR G 355 3.16 -11.40 -19.73
CA THR G 355 3.80 -10.10 -19.93
C THR G 355 4.83 -9.85 -18.84
N GLY G 356 5.99 -9.33 -19.25
CA GLY G 356 7.06 -9.05 -18.33
C GLY G 356 7.53 -10.26 -17.56
N ARG G 357 7.19 -11.46 -18.01
CA ARG G 357 7.79 -12.65 -17.44
C ARG G 357 9.21 -12.90 -17.93
N GLY G 358 9.76 -12.04 -18.79
CA GLY G 358 11.09 -12.25 -19.27
C GLY G 358 11.25 -13.33 -20.32
N GLU G 359 10.17 -13.74 -20.98
CA GLU G 359 10.32 -14.80 -21.97
C GLU G 359 11.05 -14.29 -23.21
N GLY G 360 11.62 -15.24 -23.95
CA GLY G 360 12.33 -14.95 -25.16
C GLY G 360 11.61 -15.54 -26.35
N PHE G 361 12.01 -15.10 -27.49
CA PHE G 361 11.37 -15.71 -28.63
C PHE G 361 11.99 -17.09 -28.89
N PRO G 362 11.21 -18.04 -29.45
CA PRO G 362 11.81 -19.30 -29.93
C PRO G 362 12.81 -19.03 -31.04
N LYS G 368 11.81 -18.15 -39.39
CA LYS G 368 12.49 -16.90 -39.69
C LYS G 368 11.50 -15.73 -39.77
N TYR G 369 11.77 -14.69 -38.97
CA TYR G 369 10.84 -13.64 -38.60
C TYR G 369 11.01 -12.40 -39.47
N LYS G 370 9.96 -11.55 -39.46
CA LYS G 370 9.94 -10.27 -40.16
C LYS G 370 9.42 -9.17 -39.26
N ASN G 371 9.91 -7.94 -39.50
CA ASN G 371 9.44 -6.76 -38.78
C ASN G 371 8.10 -6.32 -39.34
N ILE G 372 7.04 -6.46 -38.56
CA ILE G 372 5.71 -6.11 -39.02
C ILE G 372 5.17 -4.84 -38.37
N ALA G 373 6.08 -3.96 -37.92
CA ALA G 373 5.67 -2.72 -37.28
C ALA G 373 4.92 -1.81 -38.27
N GLU G 374 5.44 -1.69 -39.49
CA GLU G 374 4.78 -0.83 -40.47
C GLU G 374 3.36 -1.33 -40.75
N GLU G 375 3.14 -2.64 -40.77
CA GLU G 375 1.82 -3.19 -41.04
C GLU G 375 0.81 -2.77 -39.97
N ILE G 376 1.26 -2.58 -38.73
CA ILE G 376 0.36 -2.26 -37.62
C ILE G 376 0.32 -0.76 -37.36
N TYR G 377 1.49 -0.12 -37.25
CA TYR G 377 1.60 1.28 -36.83
C TYR G 377 2.16 2.19 -37.91
N GLY G 378 2.30 1.71 -39.14
CA GLY G 378 2.63 2.58 -40.24
C GLY G 378 1.45 3.47 -40.61
N VAL G 379 1.66 4.29 -41.65
CA VAL G 379 0.66 5.29 -42.01
C VAL G 379 -0.70 4.62 -42.30
N GLY G 380 -0.69 3.49 -43.02
CA GLY G 380 -1.92 2.74 -43.17
C GLY G 380 -2.04 1.53 -42.27
N GLY G 381 -1.63 1.66 -41.00
CA GLY G 381 -1.59 0.50 -40.13
C GLY G 381 -2.97 0.02 -39.73
N CYS G 382 -3.03 -1.25 -39.30
CA CYS G 382 -4.30 -1.86 -38.93
C CYS G 382 -4.66 -1.63 -37.47
N ALA G 383 -3.77 -1.01 -36.69
CA ALA G 383 -4.10 -0.62 -35.33
C ALA G 383 -5.31 0.31 -35.31
N PHE G 384 -5.33 1.29 -36.19
CA PHE G 384 -6.11 2.50 -35.95
C PHE G 384 -7.60 2.29 -36.20
N LYS G 385 -7.96 1.58 -37.26
CA LYS G 385 -9.39 1.35 -37.47
C LYS G 385 -9.96 0.35 -36.47
N SER G 386 -9.15 -0.62 -35.99
CA SER G 386 -9.65 -1.47 -34.92
C SER G 386 -9.76 -0.66 -33.63
N ALA G 387 -8.80 0.25 -33.40
CA ALA G 387 -8.81 1.04 -32.18
C ALA G 387 -9.96 2.02 -32.14
N ASN G 388 -10.27 2.66 -33.28
CA ASN G 388 -11.38 3.61 -33.29
C ASN G 388 -12.72 2.89 -33.17
N GLU G 389 -12.87 1.72 -33.79
CA GLU G 389 -14.14 1.02 -33.68
C GLU G 389 -14.39 0.56 -32.23
N SER G 390 -13.33 0.12 -31.52
CA SER G 390 -13.49 -0.34 -30.15
C SER G 390 -13.68 0.82 -29.17
N ALA G 391 -13.01 1.95 -29.40
CA ALA G 391 -13.25 3.13 -28.58
C ALA G 391 -14.71 3.56 -28.65
N LEU G 392 -15.28 3.55 -29.86
CA LEU G 392 -16.73 3.69 -30.04
C LEU G 392 -17.49 2.76 -29.11
N GLU G 393 -17.22 1.45 -29.25
CA GLU G 393 -17.97 0.44 -28.51
C GLU G 393 -17.80 0.62 -27.01
N LEU G 394 -16.57 0.92 -26.57
CA LEU G 394 -16.31 1.09 -25.15
C LEU G 394 -17.09 2.26 -24.58
N LYS G 395 -17.33 3.28 -25.39
CA LYS G 395 -18.12 4.43 -24.95
C LYS G 395 -19.60 4.21 -25.18
N GLU G 396 -20.00 3.83 -26.40
CA GLU G 396 -21.40 3.60 -26.71
C GLU G 396 -21.98 2.48 -25.84
N LEU G 397 -21.26 1.37 -25.70
CA LEU G 397 -21.76 0.18 -25.01
C LEU G 397 -21.55 0.24 -23.49
N TYR G 398 -20.34 0.55 -23.05
CA TYR G 398 -20.01 0.46 -21.63
C TYR G 398 -19.80 1.82 -20.99
N GLY G 399 -20.11 2.90 -21.70
CA GLY G 399 -19.98 4.23 -21.13
C GLY G 399 -18.61 4.54 -20.58
N ILE G 400 -17.57 4.08 -21.26
CA ILE G 400 -16.19 4.44 -20.92
C ILE G 400 -15.77 5.58 -21.83
N PRO G 401 -15.21 6.66 -21.29
CA PRO G 401 -14.89 7.84 -22.10
C PRO G 401 -13.75 7.66 -23.09
N TYR G 402 -13.79 6.61 -23.90
CA TYR G 402 -12.91 6.47 -25.06
C TYR G 402 -13.55 7.17 -26.25
N GLU G 403 -12.71 7.75 -27.11
CA GLU G 403 -13.19 8.38 -28.33
C GLU G 403 -12.12 8.38 -29.42
N GLU G 404 -12.58 8.48 -30.67
CA GLU G 404 -11.75 8.21 -31.84
C GLU G 404 -10.61 9.22 -31.98
N GLU G 405 -9.42 8.70 -32.31
CA GLU G 405 -8.23 9.52 -32.49
C GLU G 405 -7.50 9.06 -33.74
N ASP G 406 -6.40 9.77 -34.03
CA ASP G 406 -5.41 9.44 -35.06
C ASP G 406 -6.03 8.95 -36.36
N LEU G 407 -7.13 9.58 -36.75
CA LEU G 407 -7.81 9.18 -37.98
C LEU G 407 -6.89 9.42 -39.16
N ASP G 408 -6.57 10.69 -39.41
CA ASP G 408 -5.76 11.06 -40.57
C ASP G 408 -4.26 10.91 -40.29
N THR G 409 -3.85 11.06 -39.04
CA THR G 409 -2.46 11.31 -38.71
C THR G 409 -2.23 10.98 -37.24
N ILE G 410 -0.97 10.73 -36.87
CA ILE G 410 -0.64 10.40 -35.48
C ILE G 410 0.12 11.52 -34.76
N TYR G 411 0.46 12.60 -35.45
CA TYR G 411 0.92 13.83 -34.82
C TYR G 411 0.06 15.00 -35.29
N ASN G 422 -5.93 15.13 -24.69
CA ASN G 422 -4.52 15.03 -24.31
C ASN G 422 -4.28 13.93 -23.27
N GLY G 423 -4.90 12.77 -23.49
CA GLY G 423 -4.72 11.61 -22.64
C GLY G 423 -3.83 10.57 -23.29
N ILE G 424 -3.81 9.40 -22.67
CA ILE G 424 -3.07 8.24 -23.19
C ILE G 424 -3.70 7.85 -24.51
N PRO G 425 -2.94 7.87 -25.61
CA PRO G 425 -3.52 7.59 -26.93
C PRO G 425 -4.13 6.19 -27.01
N ASN G 426 -5.09 6.04 -27.92
CA ASN G 426 -5.75 4.74 -28.13
C ASN G 426 -4.76 3.67 -28.55
N VAL G 427 -3.76 4.04 -29.33
CA VAL G 427 -2.84 3.10 -29.95
C VAL G 427 -1.44 3.43 -29.48
N VAL G 428 -0.88 2.57 -28.64
CA VAL G 428 0.50 2.72 -28.19
C VAL G 428 1.14 1.34 -28.17
N PRO G 429 2.20 1.11 -28.94
CA PRO G 429 2.91 -0.17 -28.84
C PRO G 429 3.27 -0.44 -27.38
N GLY G 430 3.19 -1.70 -26.97
CA GLY G 430 3.49 -2.05 -25.60
C GLY G 430 2.36 -1.83 -24.60
N LEU G 431 1.24 -1.24 -25.01
CA LEU G 431 0.05 -1.16 -24.17
C LEU G 431 -0.98 -2.17 -24.66
N LEU G 432 -1.90 -2.53 -23.75
CA LEU G 432 -2.99 -3.42 -24.13
C LEU G 432 -3.85 -2.79 -25.22
N PRO G 433 -4.08 -3.48 -26.33
CA PRO G 433 -4.86 -2.86 -27.41
C PRO G 433 -6.32 -2.67 -26.99
N LEU G 434 -6.93 -1.62 -27.54
CA LEU G 434 -8.28 -1.29 -27.14
C LEU G 434 -9.24 -2.45 -27.39
N TRP G 435 -9.02 -3.25 -28.43
CA TRP G 435 -9.95 -4.33 -28.71
C TRP G 435 -9.87 -5.41 -27.64
N GLU G 436 -8.67 -5.69 -27.14
CA GLU G 436 -8.54 -6.60 -26.03
C GLU G 436 -9.21 -6.02 -24.80
N LEU G 437 -9.00 -4.72 -24.53
CA LEU G 437 -9.71 -4.09 -23.43
C LEU G 437 -11.22 -4.18 -23.64
N LEU G 438 -11.67 -3.94 -24.87
CA LEU G 438 -13.09 -4.08 -25.16
C LEU G 438 -13.58 -5.51 -24.92
N ASP G 439 -12.72 -6.50 -25.21
CA ASP G 439 -13.11 -7.90 -25.03
C ASP G 439 -13.19 -8.27 -23.55
N ILE G 440 -12.43 -7.61 -22.68
CA ILE G 440 -12.60 -7.82 -21.25
C ILE G 440 -13.96 -7.32 -20.79
N MET G 441 -14.42 -6.21 -21.37
CA MET G 441 -15.77 -5.72 -21.10
C MET G 441 -16.83 -6.65 -21.66
N GLN G 442 -16.68 -7.05 -22.92
CA GLN G 442 -17.70 -7.83 -23.60
C GLN G 442 -17.92 -9.18 -22.96
N SER G 443 -16.94 -9.71 -22.22
CA SER G 443 -17.00 -11.08 -21.71
C SER G 443 -17.29 -11.13 -20.23
N GLY G 444 -17.48 -10.00 -19.57
CA GLY G 444 -17.61 -9.98 -18.13
C GLY G 444 -16.31 -10.13 -17.39
N LYS G 445 -15.19 -10.28 -18.10
CA LYS G 445 -13.89 -10.44 -17.44
C LYS G 445 -13.63 -9.33 -16.44
N ILE G 446 -14.09 -8.12 -16.74
CA ILE G 446 -13.77 -6.95 -15.92
C ILE G 446 -14.27 -7.14 -14.50
N THR G 447 -15.34 -7.91 -14.31
CA THR G 447 -15.89 -8.10 -12.97
C THR G 447 -14.98 -8.92 -12.06
N ASP G 448 -13.91 -9.52 -12.59
CA ASP G 448 -12.95 -10.20 -11.73
C ASP G 448 -12.18 -9.24 -10.84
N LEU G 449 -12.26 -7.92 -11.08
CA LEU G 449 -11.55 -6.91 -10.30
C LEU G 449 -12.30 -6.56 -9.03
N GLU G 450 -13.57 -6.93 -8.97
CA GLU G 450 -14.39 -6.59 -7.82
C GLU G 450 -13.91 -7.35 -6.60
N GLY G 451 -13.81 -6.65 -5.47
CA GLY G 451 -13.24 -7.24 -4.28
C GLY G 451 -11.77 -7.55 -4.39
N ARG G 452 -11.10 -7.07 -5.41
CA ARG G 452 -9.65 -7.15 -5.47
C ARG G 452 -9.02 -5.76 -5.50
N LEU G 453 -9.39 -4.95 -6.49
CA LEU G 453 -8.87 -3.60 -6.61
C LEU G 453 -9.54 -2.67 -5.60
N PHE G 454 -8.74 -1.86 -4.95
CA PHE G 454 -9.29 -0.78 -4.13
C PHE G 454 -8.99 0.55 -4.79
N LEU G 455 -9.88 1.51 -4.55
CA LEU G 455 -9.77 2.85 -5.08
C LEU G 455 -9.63 3.85 -3.94
N PHE G 456 -8.90 4.93 -4.19
CA PHE G 456 -8.73 5.99 -3.20
C PHE G 456 -9.05 7.34 -3.86
N GLU G 457 -10.31 7.75 -3.80
CA GLU G 457 -10.62 9.12 -4.15
C GLU G 457 -10.08 9.99 -3.02
N ILE G 458 -8.87 10.54 -3.21
CA ILE G 458 -8.04 11.07 -2.12
C ILE G 458 -8.76 12.12 -1.29
N GLU G 459 -9.81 12.74 -1.82
CA GLU G 459 -10.51 13.78 -1.08
C GLU G 459 -11.56 13.24 -0.12
N THR G 460 -11.96 11.97 -0.26
CA THR G 460 -13.02 11.40 0.56
C THR G 460 -12.43 10.85 1.85
N GLU G 461 -13.24 10.13 2.62
CA GLU G 461 -12.80 9.67 3.92
C GLU G 461 -11.85 8.48 3.87
N GLY G 462 -11.58 7.91 2.69
CA GLY G 462 -10.51 6.95 2.57
C GLY G 462 -10.78 5.95 1.45
N ILE G 463 -10.04 4.84 1.51
CA ILE G 463 -10.14 3.76 0.54
C ILE G 463 -11.48 3.04 0.63
N ARG G 464 -12.01 2.67 -0.54
CA ARG G 464 -13.18 1.82 -0.68
C ARG G 464 -12.87 0.75 -1.73
N PRO G 465 -13.56 -0.39 -1.70
CA PRO G 465 -13.32 -1.42 -2.72
C PRO G 465 -14.21 -1.26 -3.93
N LEU G 466 -13.71 -1.74 -5.06
CA LEU G 466 -14.55 -1.87 -6.24
C LEU G 466 -15.56 -2.96 -6.00
N ILE G 467 -16.83 -2.65 -6.17
CA ILE G 467 -17.90 -3.60 -5.91
C ILE G 467 -18.63 -3.96 -7.19
N ASN G 468 -19.01 -2.94 -7.98
CA ASN G 468 -19.66 -3.11 -9.28
C ASN G 468 -18.93 -2.21 -10.26
N PHE G 469 -18.23 -2.80 -11.22
CA PHE G 469 -17.52 -1.99 -12.20
C PHE G 469 -18.48 -1.16 -13.04
N TYR G 470 -19.48 -1.82 -13.65
CA TYR G 470 -20.29 -1.19 -14.70
C TYR G 470 -21.10 0.01 -14.20
N SER G 471 -21.28 0.15 -12.89
CA SER G 471 -21.94 1.30 -12.31
C SER G 471 -20.99 2.46 -11.96
N GLU G 472 -19.67 2.21 -11.93
CA GLU G 472 -18.73 3.25 -11.55
C GLU G 472 -18.84 4.45 -12.50
N PRO G 473 -18.56 5.66 -12.00
CA PRO G 473 -18.55 6.84 -12.87
C PRO G 473 -17.67 6.63 -14.09
N PRO G 474 -17.89 7.39 -15.16
CA PRO G 474 -17.08 7.15 -16.37
C PRO G 474 -15.61 7.35 -16.13
N ASN G 475 -15.23 8.40 -15.41
CA ASN G 475 -13.80 8.64 -15.29
C ASN G 475 -13.13 7.68 -14.32
N VAL G 476 -13.84 7.14 -13.34
CA VAL G 476 -13.18 6.09 -12.58
C VAL G 476 -13.08 4.83 -13.41
N LYS G 477 -14.04 4.59 -14.31
CA LYS G 477 -13.91 3.47 -15.26
C LYS G 477 -12.72 3.70 -16.19
N LYS G 478 -12.59 4.93 -16.70
CA LYS G 478 -11.44 5.25 -17.53
C LYS G 478 -10.14 5.04 -16.78
N ARG G 479 -10.09 5.53 -15.54
CA ARG G 479 -8.86 5.38 -14.76
C ARG G 479 -8.50 3.92 -14.56
N ILE G 480 -9.49 3.06 -14.35
CA ILE G 480 -9.20 1.64 -14.15
C ILE G 480 -8.70 1.02 -15.43
N CYS G 481 -9.30 1.44 -16.56
CA CYS G 481 -8.93 0.89 -17.86
C CYS G 481 -7.47 1.15 -18.15
N ASP G 482 -7.02 2.38 -17.90
CA ASP G 482 -5.66 2.77 -18.20
C ASP G 482 -4.67 1.94 -17.40
N VAL G 483 -4.85 1.90 -16.07
CA VAL G 483 -4.08 0.97 -15.25
C VAL G 483 -4.02 -0.43 -15.88
N ILE G 484 -5.17 -0.97 -16.30
CA ILE G 484 -5.16 -2.27 -17.00
C ILE G 484 -4.31 -2.18 -18.25
N ARG G 485 -4.61 -1.21 -19.11
CA ARG G 485 -3.88 -1.05 -20.35
C ARG G 485 -2.37 -0.98 -20.11
N LEU G 486 -1.96 -0.32 -19.05
CA LEU G 486 -0.56 0.06 -18.83
C LEU G 486 0.23 -0.95 -18.02
N PHE G 487 -0.36 -1.53 -16.97
CA PHE G 487 0.35 -2.49 -16.13
C PHE G 487 -0.31 -3.86 -16.15
N GLY G 488 -1.38 -4.03 -16.91
CA GLY G 488 -1.97 -5.34 -17.11
C GLY G 488 -3.02 -5.70 -16.07
N PHE G 489 -3.84 -6.69 -16.42
CA PHE G 489 -4.97 -7.09 -15.58
C PHE G 489 -4.51 -7.59 -14.21
N GLU G 490 -3.61 -8.58 -14.17
CA GLU G 490 -3.14 -9.13 -12.90
C GLU G 490 -2.72 -8.02 -11.95
N THR G 491 -1.77 -7.20 -12.40
CA THR G 491 -1.26 -6.15 -11.54
C THR G 491 -2.39 -5.29 -11.02
N CYS G 492 -3.42 -5.07 -11.86
CA CYS G 492 -4.54 -4.24 -11.45
C CYS G 492 -5.31 -4.92 -10.32
N MET G 493 -5.35 -6.27 -10.31
CA MET G 493 -6.02 -6.99 -9.23
C MET G 493 -5.39 -6.73 -7.86
N LYS G 494 -4.12 -6.34 -7.80
CA LYS G 494 -3.52 -6.04 -6.51
C LYS G 494 -3.24 -4.54 -6.35
N ALA G 495 -3.92 -3.71 -7.16
CA ALA G 495 -3.69 -2.28 -7.16
C ALA G 495 -4.58 -1.54 -6.15
N VAL G 496 -4.06 -0.41 -5.69
CA VAL G 496 -4.86 0.64 -5.06
C VAL G 496 -4.62 1.87 -5.90
N ILE G 497 -5.64 2.28 -6.66
CA ILE G 497 -5.54 3.46 -7.52
C ILE G 497 -5.93 4.70 -6.73
N LEU G 498 -4.97 5.61 -6.55
CA LEU G 498 -5.25 6.91 -5.94
C LEU G 498 -5.62 7.88 -7.05
N TYR G 499 -6.58 8.75 -6.76
CA TYR G 499 -7.01 9.70 -7.78
C TYR G 499 -7.76 10.84 -7.12
N SER G 500 -7.91 11.91 -7.88
CA SER G 500 -8.67 13.07 -7.46
C SER G 500 -9.48 13.53 -8.65
N GLU G 501 -10.81 13.64 -8.50
CA GLU G 501 -11.56 13.93 -9.72
C GLU G 501 -11.44 15.40 -10.16
N SER H 2 2.67 -33.68 -14.31
CA SER H 2 4.11 -33.71 -14.65
C SER H 2 4.58 -35.10 -15.07
N ASP H 3 3.74 -35.83 -15.80
CA ASP H 3 4.16 -37.10 -16.37
C ASP H 3 4.19 -37.02 -17.89
N ARG H 4 3.04 -36.93 -18.54
CA ARG H 4 2.84 -36.59 -19.95
C ARG H 4 1.35 -36.81 -20.16
N PHE H 5 0.77 -36.26 -21.23
CA PHE H 5 -0.61 -36.53 -21.56
C PHE H 5 -0.66 -37.24 -22.92
N VAL H 6 -0.51 -38.57 -22.89
CA VAL H 6 -0.48 -39.37 -24.12
C VAL H 6 -1.93 -39.70 -24.47
N ILE H 7 -2.48 -39.02 -25.50
CA ILE H 7 -3.89 -39.09 -25.84
C ILE H 7 -4.07 -39.18 -27.35
N TRP H 8 -5.25 -39.62 -27.75
CA TRP H 8 -5.63 -39.59 -29.15
C TRP H 8 -6.40 -38.31 -29.40
N ALA H 9 -6.27 -37.79 -30.63
CA ALA H 9 -6.99 -36.57 -30.95
C ALA H 9 -8.46 -36.75 -30.61
N PRO H 10 -9.02 -35.90 -29.75
CA PRO H 10 -10.43 -36.07 -29.35
C PRO H 10 -11.37 -35.98 -30.53
N SER H 11 -12.60 -36.45 -30.33
CA SER H 11 -13.58 -36.62 -31.40
C SER H 11 -14.97 -36.73 -30.78
N MET H 12 -15.98 -36.85 -31.65
CA MET H 12 -17.34 -37.12 -31.23
C MET H 12 -17.57 -38.62 -31.08
N HIS H 13 -18.44 -38.99 -30.14
CA HIS H 13 -18.75 -40.41 -29.86
C HIS H 13 -20.19 -40.51 -29.39
N ASN H 14 -20.60 -41.73 -28.97
CA ASN H 14 -22.01 -42.06 -28.74
C ASN H 14 -22.31 -42.69 -27.37
N GLU H 15 -21.30 -43.19 -26.65
CA GLU H 15 -21.49 -43.91 -25.38
C GLU H 15 -22.61 -44.95 -25.46
N MET H 31 -43.17 -33.87 -20.40
CA MET H 31 -41.73 -34.11 -20.52
C MET H 31 -41.05 -33.02 -21.35
N ASP H 32 -40.29 -32.15 -20.67
CA ASP H 32 -39.48 -31.11 -21.29
C ASP H 32 -38.00 -31.26 -20.97
N GLN H 33 -37.62 -32.35 -20.28
CA GLN H 33 -36.29 -32.54 -19.71
C GLN H 33 -35.22 -32.81 -20.76
N LEU H 34 -35.59 -32.84 -22.03
CA LEU H 34 -34.66 -33.20 -23.09
C LEU H 34 -33.82 -32.03 -23.58
N PHE H 35 -34.24 -30.79 -23.32
CA PHE H 35 -33.55 -29.61 -23.83
C PHE H 35 -32.68 -28.96 -22.75
N ALA H 36 -31.64 -28.27 -23.21
CA ALA H 36 -30.67 -27.68 -22.28
C ALA H 36 -31.19 -26.38 -21.68
N LEU H 37 -31.84 -25.54 -22.48
CA LEU H 37 -32.45 -24.32 -21.97
C LEU H 37 -33.87 -24.21 -22.47
N ASP H 38 -34.72 -23.63 -21.60
CA ASP H 38 -36.13 -23.38 -21.93
C ASP H 38 -36.29 -22.78 -23.33
N SER H 39 -35.50 -21.75 -23.63
CA SER H 39 -35.68 -21.01 -24.88
C SER H 39 -35.70 -21.94 -26.10
N TRP H 40 -34.89 -23.00 -26.08
CA TRP H 40 -34.91 -23.98 -27.16
C TRP H 40 -36.17 -24.85 -27.09
N ALA H 41 -36.65 -25.14 -25.88
CA ALA H 41 -37.93 -25.83 -25.77
C ALA H 41 -39.07 -24.96 -26.28
N HIS H 42 -39.08 -23.67 -25.89
CA HIS H 42 -40.16 -22.77 -26.27
C HIS H 42 -40.16 -22.41 -27.75
N ARG H 43 -39.10 -22.73 -28.49
CA ARG H 43 -39.10 -22.50 -29.93
C ARG H 43 -39.01 -23.80 -30.73
N TYR H 44 -39.02 -24.95 -30.06
CA TYR H 44 -39.30 -26.24 -30.70
C TYR H 44 -40.40 -26.95 -29.96
N MET H 45 -41.45 -26.21 -29.59
CA MET H 45 -42.59 -26.79 -28.90
C MET H 45 -43.30 -27.79 -29.79
N ASN H 46 -43.95 -27.29 -30.85
CA ASN H 46 -44.65 -28.11 -31.82
C ASN H 46 -43.82 -28.36 -33.08
N LYS H 47 -42.57 -28.81 -32.91
CA LYS H 47 -41.74 -29.17 -34.04
C LYS H 47 -40.91 -30.41 -33.76
N MET H 48 -41.20 -31.12 -32.66
CA MET H 48 -40.36 -32.22 -32.19
C MET H 48 -40.43 -33.46 -33.07
N ASP H 49 -41.13 -33.40 -34.20
CA ASP H 49 -41.17 -34.56 -35.10
C ASP H 49 -39.85 -34.77 -35.81
N VAL H 50 -39.20 -33.69 -36.28
CA VAL H 50 -38.05 -33.78 -37.18
C VAL H 50 -36.83 -33.08 -36.59
N VAL H 51 -36.66 -33.14 -35.27
CA VAL H 51 -35.60 -32.36 -34.62
C VAL H 51 -34.26 -33.07 -34.60
N LYS H 52 -34.22 -34.39 -34.40
CA LYS H 52 -32.98 -35.19 -34.42
C LYS H 52 -31.98 -34.70 -33.37
N ILE H 53 -32.34 -34.90 -32.10
CA ILE H 53 -31.44 -34.54 -31.00
C ILE H 53 -30.49 -35.71 -30.71
N GLU H 54 -29.28 -35.38 -30.29
CA GLU H 54 -28.21 -36.35 -30.19
C GLU H 54 -28.18 -37.03 -28.82
N ASN H 55 -27.50 -38.18 -28.79
CA ASN H 55 -27.09 -38.83 -27.54
C ASN H 55 -25.63 -39.22 -27.74
N CYS H 56 -24.72 -38.40 -27.24
CA CYS H 56 -23.35 -38.47 -27.72
C CYS H 56 -22.42 -37.87 -26.68
N THR H 57 -21.12 -38.12 -26.86
CA THR H 57 -20.06 -37.64 -25.97
C THR H 57 -18.95 -36.93 -26.76
N ILE H 58 -18.26 -36.01 -26.07
CA ILE H 58 -17.00 -35.43 -26.53
C ILE H 58 -15.87 -36.02 -25.67
N GLY H 59 -14.91 -36.66 -26.31
CA GLY H 59 -13.92 -37.34 -25.50
C GLY H 59 -12.68 -37.72 -26.27
N SER H 60 -11.72 -38.25 -25.51
CA SER H 60 -10.42 -38.63 -26.02
C SER H 60 -10.05 -39.97 -25.40
N PHE H 61 -9.50 -40.87 -26.21
CA PHE H 61 -8.97 -42.12 -25.69
C PHE H 61 -7.56 -41.88 -25.18
N VAL H 62 -7.29 -42.22 -23.92
CA VAL H 62 -6.06 -41.83 -23.25
C VAL H 62 -5.17 -43.05 -23.07
N GLU H 63 -3.97 -43.00 -23.67
CA GLU H 63 -3.00 -44.07 -23.51
C GLU H 63 -2.32 -44.00 -22.15
N HIS H 64 -1.89 -42.81 -21.76
CA HIS H 64 -1.19 -42.63 -20.49
C HIS H 64 -1.51 -41.28 -19.90
N MET H 65 -1.58 -41.23 -18.56
CA MET H 65 -2.02 -40.09 -17.78
C MET H 65 -1.70 -40.34 -16.30
N ASP H 66 -1.21 -39.31 -15.60
CA ASP H 66 -0.94 -39.50 -14.18
C ASP H 66 -2.13 -39.01 -13.37
N VAL H 67 -2.20 -39.47 -12.11
CA VAL H 67 -3.39 -39.30 -11.28
C VAL H 67 -3.69 -37.83 -11.02
N ALA H 68 -2.64 -37.04 -10.72
CA ALA H 68 -2.82 -35.59 -10.57
C ALA H 68 -3.50 -34.97 -11.79
N THR H 69 -3.07 -35.33 -13.02
CA THR H 69 -3.69 -34.74 -14.21
C THR H 69 -5.18 -35.09 -14.31
N TYR H 70 -5.53 -36.36 -14.01
CA TYR H 70 -6.94 -36.76 -14.10
C TYR H 70 -7.75 -36.00 -13.06
N ASP H 71 -7.19 -35.81 -11.87
CA ASP H 71 -7.77 -34.91 -10.88
C ASP H 71 -8.17 -33.56 -11.48
N ARG H 72 -7.31 -32.99 -12.33
CA ARG H 72 -7.67 -31.71 -12.93
C ARG H 72 -8.76 -31.89 -13.99
N MET H 73 -8.65 -32.93 -14.81
CA MET H 73 -9.70 -33.24 -15.78
C MET H 73 -11.04 -33.46 -15.07
N CYS H 74 -11.01 -34.16 -13.94
CA CYS H 74 -12.20 -34.27 -13.12
C CYS H 74 -12.78 -32.91 -12.88
N ASN H 75 -11.96 -32.01 -12.35
CA ASN H 75 -12.42 -30.73 -11.87
C ASN H 75 -12.71 -29.77 -13.02
N MET H 76 -12.67 -30.26 -14.26
CA MET H 76 -13.26 -29.58 -15.40
C MET H 76 -14.52 -30.27 -15.91
N GLY H 77 -14.97 -31.33 -15.24
CA GLY H 77 -16.13 -32.06 -15.71
C GLY H 77 -15.86 -33.20 -16.66
N PHE H 78 -14.75 -33.87 -16.54
CA PHE H 78 -14.55 -35.09 -17.31
C PHE H 78 -14.80 -36.26 -16.40
N ARG H 79 -15.28 -37.34 -16.99
CA ARG H 79 -15.32 -38.64 -16.32
C ARG H 79 -14.63 -39.63 -17.24
N ARG H 80 -14.28 -40.78 -16.70
CA ARG H 80 -13.72 -41.80 -17.54
C ARG H 80 -14.64 -43.01 -17.58
N SER H 81 -14.55 -43.70 -18.69
CA SER H 81 -15.10 -45.03 -18.87
C SER H 81 -13.91 -45.80 -19.42
N GLY H 82 -13.24 -46.54 -18.54
CA GLY H 82 -12.00 -47.19 -18.93
C GLY H 82 -10.91 -46.18 -19.26
N LYS H 83 -10.40 -46.25 -20.49
CA LYS H 83 -9.35 -45.36 -20.94
C LYS H 83 -9.91 -44.15 -21.66
N PHE H 84 -11.25 -44.07 -21.78
CA PHE H 84 -11.93 -43.01 -22.54
C PHE H 84 -12.24 -41.83 -21.62
N LEU H 85 -11.57 -40.70 -21.87
CA LEU H 85 -11.80 -39.44 -21.15
C LEU H 85 -12.82 -38.63 -21.91
N TYR H 86 -13.96 -38.30 -21.29
CA TYR H 86 -15.05 -37.68 -22.04
C TYR H 86 -15.93 -36.83 -21.14
N LYS H 87 -16.64 -35.91 -21.78
CA LYS H 87 -17.75 -35.20 -21.16
C LYS H 87 -18.85 -35.11 -22.20
N VAL H 88 -19.98 -34.51 -21.85
CA VAL H 88 -21.08 -34.38 -22.80
C VAL H 88 -21.25 -32.92 -23.13
N ASP H 89 -21.68 -32.68 -24.35
CA ASP H 89 -22.08 -31.39 -24.84
C ASP H 89 -23.23 -30.89 -23.97
N PRO H 90 -23.02 -29.91 -23.07
CA PRO H 90 -24.12 -29.54 -22.17
C PRO H 90 -25.18 -28.72 -22.83
N LEU H 91 -24.98 -28.30 -24.08
CA LEU H 91 -26.01 -27.54 -24.76
C LEU H 91 -26.84 -28.39 -25.70
N ARG H 92 -26.34 -29.54 -26.12
CA ARG H 92 -26.96 -30.29 -27.20
C ARG H 92 -27.32 -31.72 -26.84
N ASN H 93 -26.80 -32.28 -25.74
CA ASN H 93 -27.08 -33.67 -25.41
C ASN H 93 -28.47 -33.82 -24.81
N CYS H 94 -29.15 -34.94 -25.13
CA CYS H 94 -30.50 -35.18 -24.60
C CYS H 94 -30.52 -35.15 -23.09
N CYS H 95 -29.46 -35.61 -22.45
CA CYS H 95 -29.26 -35.48 -21.02
C CYS H 95 -28.01 -34.63 -20.81
N ARG H 96 -28.03 -33.83 -19.75
CA ARG H 96 -26.85 -33.08 -19.36
C ARG H 96 -26.33 -33.61 -18.03
N LEU H 97 -25.00 -33.75 -17.96
CA LEU H 97 -24.31 -34.33 -16.84
C LEU H 97 -23.73 -33.21 -15.97
N TYR H 98 -23.72 -33.44 -14.66
CA TYR H 98 -23.22 -32.46 -13.71
C TYR H 98 -22.07 -33.07 -12.94
N THR H 99 -21.09 -32.26 -12.63
CA THR H 99 -20.00 -32.69 -11.77
C THR H 99 -20.26 -32.17 -10.36
N ILE H 100 -20.37 -33.08 -9.41
CA ILE H 100 -20.79 -32.76 -8.06
C ILE H 100 -19.68 -33.16 -7.12
N ARG H 101 -19.29 -32.26 -6.23
CA ARG H 101 -18.33 -32.61 -5.21
C ARG H 101 -18.90 -32.37 -3.82
N THR H 102 -18.58 -33.28 -2.90
CA THR H 102 -19.12 -33.24 -1.55
C THR H 102 -18.03 -33.60 -0.57
N ALA H 103 -17.98 -32.89 0.51
CA ALA H 103 -17.02 -33.13 1.55
C ALA H 103 -17.72 -33.77 2.73
N PRO H 104 -17.02 -34.55 3.55
CA PRO H 104 -17.71 -35.29 4.63
C PRO H 104 -18.47 -34.40 5.61
N GLN H 105 -17.93 -33.21 5.93
CA GLN H 105 -18.61 -32.30 6.85
C GLN H 105 -19.74 -31.52 6.18
N GLU H 106 -19.68 -31.37 4.85
CA GLU H 106 -20.75 -30.72 4.10
C GLU H 106 -22.01 -31.58 4.01
N LEU H 107 -21.90 -32.88 4.20
CA LEU H 107 -23.01 -33.76 3.85
C LEU H 107 -24.19 -33.49 4.76
N ASN H 108 -25.25 -32.93 4.21
CA ASN H 108 -26.50 -32.78 4.94
C ASN H 108 -27.09 -34.16 5.16
N MET H 109 -27.00 -34.69 6.36
CA MET H 109 -27.45 -36.06 6.54
C MET H 109 -28.92 -36.08 6.95
N THR H 110 -29.75 -36.45 5.99
CA THR H 110 -31.16 -36.71 6.13
C THR H 110 -31.43 -37.79 7.18
N LYS H 111 -32.71 -37.90 7.56
CA LYS H 111 -33.13 -39.05 8.35
C LYS H 111 -33.19 -40.32 7.50
N GLU H 112 -33.41 -40.19 6.20
CA GLU H 112 -33.39 -41.36 5.31
C GLU H 112 -32.00 -42.01 5.33
N LEU H 113 -30.95 -41.19 5.31
CA LEU H 113 -29.59 -41.72 5.41
C LEU H 113 -29.18 -42.06 6.84
N LYS H 114 -29.88 -41.53 7.86
CA LYS H 114 -29.64 -42.00 9.23
C LYS H 114 -30.40 -43.29 9.50
N LYS H 115 -31.61 -43.42 8.95
CA LYS H 115 -32.26 -44.72 8.98
C LYS H 115 -31.38 -45.75 8.30
N CYS H 116 -30.81 -45.38 7.14
CA CYS H 116 -30.07 -46.35 6.33
C CYS H 116 -28.84 -46.91 7.06
N ILE H 117 -28.13 -46.07 7.82
CA ILE H 117 -26.80 -46.48 8.29
C ILE H 117 -26.87 -47.39 9.51
N SER H 118 -27.72 -47.11 10.48
CA SER H 118 -27.70 -48.03 11.61
C SER H 118 -28.71 -49.15 11.47
N ARG H 119 -29.65 -49.05 10.54
CA ARG H 119 -30.23 -50.28 10.03
C ARG H 119 -29.15 -51.16 9.42
N PHE H 120 -28.14 -50.52 8.83
CA PHE H 120 -26.90 -51.24 8.51
C PHE H 120 -26.21 -51.67 9.79
N ALA H 121 -25.82 -50.72 10.66
CA ALA H 121 -25.01 -51.02 11.84
C ALA H 121 -25.55 -52.20 12.65
N THR H 122 -26.85 -52.20 12.95
CA THR H 122 -27.42 -53.28 13.75
C THR H 122 -27.51 -54.60 12.98
N ARG H 123 -27.59 -54.55 11.65
CA ARG H 123 -27.47 -55.76 10.85
C ARG H 123 -26.02 -56.23 10.78
N ILE H 124 -25.06 -55.33 10.91
CA ILE H 124 -23.67 -55.71 10.64
C ILE H 124 -23.08 -56.49 11.80
N THR H 125 -23.07 -55.90 12.99
CA THR H 125 -22.67 -56.72 14.11
C THR H 125 -23.82 -57.00 15.05
N ALA H 135 -23.50 -40.47 18.43
CA ALA H 135 -23.98 -39.19 17.93
C ALA H 135 -24.98 -39.35 16.77
N SER H 136 -25.68 -38.26 16.46
CA SER H 136 -26.79 -38.30 15.51
C SER H 136 -26.32 -38.44 14.07
N SER H 137 -25.53 -37.49 13.59
CA SER H 137 -25.08 -37.44 12.21
C SER H 137 -23.57 -37.65 12.13
N ASP H 138 -22.98 -38.34 13.11
CA ASP H 138 -21.62 -38.84 12.97
C ASP H 138 -21.67 -40.19 12.26
N PHE H 139 -22.00 -40.11 10.98
CA PHE H 139 -22.01 -41.32 10.15
C PHE H 139 -20.62 -41.93 10.07
N VAL H 140 -19.60 -41.10 9.80
CA VAL H 140 -18.22 -41.57 9.86
C VAL H 140 -18.00 -42.25 11.20
N GLY H 141 -18.69 -41.80 12.24
CA GLY H 141 -18.59 -42.43 13.54
C GLY H 141 -19.36 -43.74 13.64
N LYS H 142 -20.64 -43.72 13.27
CA LYS H 142 -21.42 -44.93 13.46
C LYS H 142 -20.96 -46.02 12.49
N ILE H 143 -20.44 -45.63 11.33
CA ILE H 143 -19.96 -46.62 10.35
C ILE H 143 -18.76 -47.39 10.91
N VAL H 144 -17.72 -46.67 11.38
CA VAL H 144 -16.48 -47.33 11.77
C VAL H 144 -16.70 -48.27 12.94
N ASN H 145 -17.43 -47.80 13.97
CA ASN H 145 -17.58 -48.62 15.16
C ASN H 145 -18.53 -49.78 14.92
N ALA H 146 -19.54 -49.58 14.07
CA ALA H 146 -20.35 -50.72 13.63
C ALA H 146 -19.54 -51.69 12.78
N GLU H 147 -18.60 -51.17 11.99
CA GLU H 147 -17.84 -52.03 11.09
C GLU H 147 -16.72 -52.75 11.82
N MET H 148 -16.04 -52.05 12.71
CA MET H 148 -14.89 -52.65 13.37
C MET H 148 -15.27 -53.67 14.43
N ASN H 149 -16.55 -53.80 14.75
CA ASN H 149 -16.96 -54.76 15.76
C ASN H 149 -17.90 -55.83 15.19
N SER H 150 -17.66 -56.29 13.95
CA SER H 150 -18.57 -57.22 13.28
C SER H 150 -17.81 -58.40 12.67
N LYS H 151 -18.16 -59.62 13.07
CA LYS H 151 -17.52 -60.83 12.54
C LYS H 151 -18.07 -61.22 11.18
N THR H 152 -19.05 -60.50 10.65
CA THR H 152 -19.74 -60.93 9.44
C THR H 152 -19.42 -60.10 8.20
N PHE H 153 -19.06 -58.82 8.35
CA PHE H 153 -19.01 -57.93 7.21
C PHE H 153 -17.71 -57.12 7.19
N TYR H 154 -17.13 -56.99 6.00
CA TYR H 154 -15.94 -56.15 5.82
C TYR H 154 -15.84 -55.79 4.34
N THR H 155 -14.92 -54.89 4.04
CA THR H 155 -14.56 -54.57 2.67
C THR H 155 -13.05 -54.64 2.54
N ARG H 156 -12.56 -54.85 1.32
CA ARG H 156 -11.12 -54.86 1.08
C ARG H 156 -10.82 -54.20 -0.25
N PHE H 157 -9.95 -53.18 -0.23
CA PHE H 157 -9.50 -52.52 -1.46
C PHE H 157 -8.44 -53.39 -2.12
N GLU H 158 -8.47 -53.38 -3.44
CA GLU H 158 -7.59 -54.23 -4.24
C GLU H 158 -7.49 -53.64 -5.64
N PRO H 159 -6.45 -53.99 -6.39
CA PRO H 159 -6.28 -53.44 -7.75
C PRO H 159 -7.49 -53.69 -8.64
N ALA H 160 -7.75 -52.71 -9.50
CA ALA H 160 -8.80 -52.80 -10.51
C ALA H 160 -8.32 -53.77 -11.58
N LEU H 161 -8.53 -55.05 -11.30
CA LEU H 161 -7.94 -56.15 -12.06
C LEU H 161 -8.98 -57.25 -12.18
N TYR H 162 -9.02 -57.89 -13.35
CA TYR H 162 -10.11 -58.84 -13.61
C TYR H 162 -10.11 -60.00 -12.62
N SER H 163 -11.31 -60.41 -12.25
CA SER H 163 -11.55 -61.56 -11.41
C SER H 163 -12.90 -62.13 -11.81
N GLU H 164 -12.98 -63.45 -12.00
CA GLU H 164 -14.23 -64.05 -12.43
C GLU H 164 -15.31 -63.93 -11.36
N GLU H 165 -14.92 -63.88 -10.09
CA GLU H 165 -15.96 -63.69 -9.08
C GLU H 165 -16.49 -62.25 -9.08
N LYS H 166 -15.65 -61.27 -9.39
CA LYS H 166 -16.14 -59.90 -9.59
C LYS H 166 -17.05 -59.84 -10.81
N TYR H 167 -16.59 -60.42 -11.91
CA TYR H 167 -17.35 -60.41 -13.15
C TYR H 167 -18.70 -61.13 -12.99
N HIS H 168 -18.73 -62.15 -12.14
CA HIS H 168 -19.98 -62.85 -11.87
C HIS H 168 -20.99 -61.92 -11.22
N LEU H 169 -20.59 -61.22 -10.15
CA LEU H 169 -21.50 -60.25 -9.57
C LEU H 169 -21.82 -59.15 -10.56
N PHE H 170 -20.86 -58.80 -11.43
CA PHE H 170 -21.10 -57.75 -12.41
C PHE H 170 -22.22 -58.16 -13.36
N VAL H 171 -22.18 -59.39 -13.85
CA VAL H 171 -23.21 -59.84 -14.78
C VAL H 171 -24.55 -59.92 -14.08
N LYS H 172 -24.59 -60.46 -12.86
CA LYS H 172 -25.83 -60.44 -12.11
C LYS H 172 -26.35 -59.03 -11.96
N TYR H 173 -25.47 -58.08 -11.64
CA TYR H 173 -25.89 -56.68 -11.48
C TYR H 173 -26.51 -56.14 -12.76
N GLN H 174 -25.83 -56.31 -13.89
CA GLN H 174 -26.30 -55.75 -15.14
C GLN H 174 -27.66 -56.31 -15.52
N GLU H 175 -27.83 -57.62 -15.44
CA GLU H 175 -29.05 -58.20 -15.97
C GLU H 175 -30.24 -57.80 -15.12
N LYS H 176 -30.12 -57.95 -13.79
CA LYS H 176 -31.30 -57.87 -12.95
C LYS H 176 -31.65 -56.43 -12.58
N VAL H 177 -30.69 -55.52 -12.68
CA VAL H 177 -30.92 -54.13 -12.31
C VAL H 177 -31.00 -53.22 -13.52
N HIS H 178 -30.24 -53.48 -14.58
CA HIS H 178 -30.29 -52.65 -15.78
C HIS H 178 -30.86 -53.37 -17.00
N GLN H 179 -31.31 -54.61 -16.86
CA GLN H 179 -31.84 -55.39 -18.00
C GLN H 179 -30.80 -55.47 -19.12
N ASP H 180 -29.54 -55.51 -18.77
CA ASP H 180 -28.48 -55.54 -19.76
C ASP H 180 -27.95 -56.96 -19.81
N TYR H 181 -28.21 -57.64 -20.91
CA TYR H 181 -27.58 -58.93 -21.15
C TYR H 181 -26.54 -58.84 -22.25
N ASN H 182 -25.86 -57.70 -22.36
CA ASN H 182 -24.88 -57.51 -23.42
C ASN H 182 -23.45 -57.54 -22.88
N ASN H 183 -23.22 -58.33 -21.84
CA ASN H 183 -21.93 -58.36 -21.17
C ASN H 183 -21.02 -59.47 -21.66
N SER H 184 -19.73 -59.20 -21.56
CA SER H 184 -18.69 -60.18 -21.80
C SER H 184 -17.52 -59.81 -20.93
N PRO H 185 -16.67 -60.77 -20.56
CA PRO H 185 -15.50 -60.40 -19.76
C PRO H 185 -14.66 -59.29 -20.38
N LYS H 186 -14.49 -59.24 -21.71
CA LYS H 186 -13.71 -58.14 -22.27
C LYS H 186 -14.46 -56.81 -22.13
N SER H 187 -15.78 -56.83 -22.31
CA SER H 187 -16.56 -55.61 -22.12
C SER H 187 -16.50 -55.14 -20.68
N PHE H 188 -16.36 -56.08 -19.75
CA PHE H 188 -16.14 -55.75 -18.35
C PHE H 188 -14.72 -55.22 -18.12
N LYS H 189 -13.68 -55.97 -18.51
CA LYS H 189 -12.31 -55.47 -18.46
C LYS H 189 -12.22 -54.05 -18.99
N ARG H 190 -12.65 -53.85 -20.25
CA ARG H 190 -12.38 -52.60 -20.95
C ARG H 190 -13.16 -51.43 -20.36
N PHE H 191 -14.15 -51.70 -19.52
CA PHE H 191 -14.86 -50.64 -18.80
C PHE H 191 -14.31 -50.40 -17.40
N LEU H 192 -14.04 -51.46 -16.62
CA LEU H 192 -13.79 -51.32 -15.18
C LEU H 192 -12.45 -51.90 -14.69
N CYS H 193 -11.56 -52.33 -15.59
CA CYS H 193 -10.23 -52.81 -15.22
C CYS H 193 -9.15 -52.07 -16.00
N ASP H 194 -9.45 -51.70 -17.24
CA ASP H 194 -8.54 -50.88 -18.04
C ASP H 194 -8.58 -49.42 -17.59
N THR H 195 -7.40 -48.83 -17.52
CA THR H 195 -7.15 -47.52 -16.99
C THR H 195 -6.12 -46.83 -17.86
N PRO H 196 -6.18 -45.52 -17.94
CA PRO H 196 -5.09 -44.74 -18.54
C PRO H 196 -3.91 -44.50 -17.61
N PHE H 197 -3.90 -45.09 -16.41
CA PHE H 197 -2.81 -44.87 -15.48
C PHE H 197 -1.72 -45.93 -15.64
N GLY H 198 -0.48 -45.55 -15.38
CA GLY H 198 0.63 -46.46 -15.52
C GLY H 198 0.64 -47.50 -14.42
N PRO H 199 1.63 -48.40 -14.49
CA PRO H 199 1.56 -49.62 -13.64
C PRO H 199 1.71 -49.37 -12.15
N GLU H 200 2.46 -48.33 -11.73
CA GLU H 200 2.56 -48.05 -10.30
C GLU H 200 1.22 -47.63 -9.71
N ALA H 201 0.47 -46.77 -10.43
CA ALA H 201 -0.86 -46.38 -9.98
C ALA H 201 -1.78 -47.59 -9.82
N VAL H 202 -1.65 -48.56 -10.70
CA VAL H 202 -2.60 -49.65 -10.69
C VAL H 202 -2.19 -50.75 -9.72
N LEU H 203 -0.93 -51.19 -9.78
CA LEU H 203 -0.51 -52.28 -8.90
C LEU H 203 -0.12 -51.77 -7.53
N GLY H 204 0.50 -50.59 -7.46
CA GLY H 204 0.91 -50.02 -6.19
C GLY H 204 1.97 -50.84 -5.48
N THR H 205 1.93 -50.80 -4.16
CA THR H 205 2.79 -51.63 -3.34
C THR H 205 1.95 -52.22 -2.21
N GLN H 206 2.43 -53.33 -1.65
CA GLN H 206 1.67 -53.99 -0.60
C GLN H 206 1.52 -53.09 0.62
N GLU H 207 2.44 -52.18 0.82
CA GLU H 207 2.37 -51.32 1.98
C GLU H 207 1.30 -50.26 1.80
N SER H 208 1.20 -49.66 0.62
CA SER H 208 0.11 -48.71 0.39
C SER H 208 -1.26 -49.41 0.42
N TRP H 209 -1.32 -50.67 -0.01
CA TRP H 209 -2.61 -51.36 0.03
C TRP H 209 -3.02 -51.64 1.47
N GLU H 210 -2.09 -52.12 2.29
CA GLU H 210 -2.35 -52.33 3.71
C GLU H 210 -2.82 -51.03 4.35
N GLN H 211 -2.19 -49.91 3.99
CA GLN H 211 -2.54 -48.67 4.64
C GLN H 211 -3.96 -48.26 4.27
N LEU H 212 -4.35 -48.51 3.02
CA LEU H 212 -5.69 -48.13 2.57
C LEU H 212 -6.74 -49.01 3.22
N ASN H 213 -6.52 -50.32 3.18
CA ASN H 213 -7.44 -51.25 3.83
C ASN H 213 -7.56 -51.00 5.32
N ASN H 214 -6.62 -50.28 5.91
CA ASN H 214 -6.68 -49.93 7.33
C ASN H 214 -6.99 -48.45 7.50
N TRP H 215 -7.77 -47.90 6.56
CA TRP H 215 -8.19 -46.52 6.63
C TRP H 215 -8.95 -46.23 7.92
N GLN H 216 -9.76 -47.20 8.40
CA GLN H 216 -10.56 -47.03 9.61
C GLN H 216 -9.72 -46.70 10.85
N ARG H 217 -8.39 -46.78 10.77
CA ARG H 217 -7.56 -46.49 11.93
C ARG H 217 -6.49 -45.48 11.61
N MET H 218 -6.67 -44.69 10.56
CA MET H 218 -5.88 -43.50 10.41
C MET H 218 -6.56 -42.38 11.17
N LYS H 219 -5.77 -41.39 11.57
CA LYS H 219 -6.34 -40.19 12.15
C LYS H 219 -5.47 -39.04 11.66
N PRO H 220 -5.88 -37.76 11.83
CA PRO H 220 -5.35 -36.71 10.95
C PRO H 220 -3.84 -36.58 11.00
N GLY H 221 -3.32 -35.87 10.02
CA GLY H 221 -1.90 -35.71 9.85
C GLY H 221 -1.21 -36.90 9.21
N GLU H 222 -1.89 -38.04 9.12
CA GLU H 222 -1.38 -39.19 8.38
C GLU H 222 -1.78 -39.04 6.92
N LYS H 223 -0.81 -39.11 6.03
CA LYS H 223 -1.05 -38.89 4.63
C LYS H 223 -1.23 -40.24 3.95
N LEU H 224 -2.20 -40.31 3.04
CA LEU H 224 -2.59 -41.58 2.45
C LEU H 224 -1.68 -41.89 1.27
N LYS H 225 -1.06 -43.07 1.28
CA LYS H 225 -0.06 -43.36 0.27
C LYS H 225 -0.70 -43.75 -1.06
N HIS H 226 -1.61 -44.73 -1.07
CA HIS H 226 -2.06 -45.26 -2.35
C HIS H 226 -2.90 -44.24 -3.13
N MET H 227 -2.58 -44.06 -4.40
CA MET H 227 -3.24 -43.10 -5.25
C MET H 227 -3.50 -43.74 -6.60
N GLY H 228 -4.76 -43.74 -7.04
CA GLY H 228 -5.10 -44.36 -8.29
C GLY H 228 -6.33 -45.24 -8.22
N PRO H 229 -6.52 -46.09 -9.23
CA PRO H 229 -7.76 -46.88 -9.34
C PRO H 229 -7.79 -48.05 -8.37
N VAL H 230 -8.96 -48.24 -7.75
CA VAL H 230 -9.20 -49.38 -6.87
C VAL H 230 -10.56 -50.01 -7.14
N HIS H 231 -10.67 -51.29 -6.81
CA HIS H 231 -11.94 -51.98 -6.60
C HIS H 231 -12.13 -52.20 -5.11
N GLU H 232 -13.31 -51.88 -4.60
CA GLU H 232 -13.62 -52.06 -3.18
C GLU H 232 -14.68 -53.16 -3.06
N CYS H 233 -14.26 -54.34 -2.64
CA CYS H 233 -15.17 -55.48 -2.55
C CYS H 233 -15.83 -55.52 -1.17
N TYR H 234 -17.17 -55.49 -1.16
CA TYR H 234 -17.99 -55.66 0.04
C TYR H 234 -18.26 -57.15 0.26
N TYR H 235 -17.82 -57.69 1.40
CA TYR H 235 -18.02 -59.10 1.73
C TYR H 235 -18.89 -59.18 2.99
N TYR H 236 -20.00 -59.92 2.90
CA TYR H 236 -20.86 -60.21 4.04
C TYR H 236 -21.07 -61.71 4.19
N GLU H 237 -20.94 -62.21 5.40
CA GLU H 237 -21.11 -63.63 5.70
C GLU H 237 -20.25 -64.48 4.78
N GLY H 238 -19.32 -63.86 4.05
CA GLY H 238 -18.37 -64.59 3.24
C GLY H 238 -18.55 -64.49 1.74
N LYS H 239 -19.62 -63.85 1.25
CA LYS H 239 -19.80 -63.71 -0.20
C LYS H 239 -19.76 -62.24 -0.62
N LEU H 240 -19.21 -62.02 -1.81
CA LEU H 240 -19.13 -60.70 -2.40
C LEU H 240 -20.53 -60.22 -2.75
N ILE H 241 -20.91 -59.04 -2.26
CA ILE H 241 -22.23 -58.47 -2.50
C ILE H 241 -22.19 -57.09 -3.14
N ALA H 242 -21.02 -56.47 -3.25
CA ALA H 242 -20.95 -55.15 -3.85
C ALA H 242 -19.51 -54.83 -4.20
N ILE H 243 -19.33 -54.02 -5.25
CA ILE H 243 -18.02 -53.56 -5.68
C ILE H 243 -18.09 -52.08 -5.95
N THR H 244 -17.25 -51.28 -5.28
CA THR H 244 -17.08 -49.88 -5.64
C THR H 244 -15.86 -49.76 -6.52
N VAL H 245 -16.04 -49.21 -7.71
CA VAL H 245 -14.93 -48.89 -8.60
C VAL H 245 -14.71 -47.39 -8.48
N SER H 246 -13.61 -47.01 -7.82
CA SER H 246 -13.32 -45.61 -7.53
C SER H 246 -11.94 -45.24 -8.04
N ASP H 247 -11.75 -43.94 -8.29
CA ASP H 247 -10.44 -43.37 -8.57
C ASP H 247 -10.03 -42.52 -7.37
N ILE H 248 -8.91 -42.88 -6.75
CA ILE H 248 -8.40 -42.18 -5.58
C ILE H 248 -7.41 -41.12 -6.05
N LEU H 249 -7.72 -39.87 -5.77
CA LEU H 249 -6.95 -38.76 -6.32
C LEU H 249 -6.34 -37.93 -5.20
N PRO H 250 -5.42 -37.01 -5.51
CA PRO H 250 -4.91 -36.12 -4.45
C PRO H 250 -6.01 -35.39 -3.71
N SER H 251 -7.10 -35.03 -4.37
CA SER H 251 -8.13 -34.23 -3.73
C SER H 251 -9.29 -35.03 -3.14
N GLY H 252 -9.32 -36.35 -3.29
CA GLY H 252 -10.37 -37.18 -2.75
C GLY H 252 -10.68 -38.35 -3.67
N ILE H 253 -11.90 -38.90 -3.53
CA ILE H 253 -12.32 -40.11 -4.19
C ILE H 253 -13.31 -39.75 -5.30
N SER H 254 -12.97 -40.12 -6.53
CA SER H 254 -13.89 -39.97 -7.65
C SER H 254 -14.53 -41.33 -7.91
N SER H 255 -15.85 -41.33 -8.05
CA SER H 255 -16.61 -42.56 -8.18
C SER H 255 -16.78 -42.88 -9.67
N VAL H 256 -16.44 -44.12 -10.06
CA VAL H 256 -16.49 -44.56 -11.44
C VAL H 256 -17.76 -45.37 -11.72
N TYR H 257 -18.09 -46.28 -10.81
CA TYR H 257 -19.21 -47.20 -11.02
C TYR H 257 -19.47 -47.92 -9.71
N PHE H 258 -20.67 -48.47 -9.58
CA PHE H 258 -21.00 -49.25 -8.39
C PHE H 258 -21.88 -50.45 -8.71
N ILE H 259 -21.42 -51.64 -8.30
CA ILE H 259 -22.09 -52.91 -8.56
C ILE H 259 -22.62 -53.48 -7.25
N TRP H 260 -23.83 -54.04 -7.27
CA TRP H 260 -24.33 -54.69 -6.06
C TRP H 260 -25.24 -55.86 -6.40
N ASP H 261 -25.18 -56.88 -5.55
CA ASP H 261 -26.06 -58.03 -5.64
C ASP H 261 -27.51 -57.61 -5.43
N PRO H 262 -28.41 -57.93 -6.37
CA PRO H 262 -29.82 -57.51 -6.23
C PRO H 262 -30.57 -58.12 -5.06
N ASP H 263 -30.15 -59.30 -4.57
CA ASP H 263 -30.85 -59.89 -3.44
C ASP H 263 -30.69 -59.06 -2.16
N TYR H 264 -29.69 -58.18 -2.10
CA TYR H 264 -29.59 -57.24 -0.99
C TYR H 264 -30.18 -55.89 -1.35
N SER H 265 -31.18 -55.87 -2.21
CA SER H 265 -31.87 -54.63 -2.54
C SER H 265 -32.45 -53.95 -1.32
N LYS H 266 -32.59 -54.65 -0.20
CA LYS H 266 -33.18 -54.05 1.00
C LYS H 266 -32.17 -53.28 1.84
N TRP H 267 -30.88 -53.33 1.50
CA TRP H 267 -29.84 -52.64 2.24
C TRP H 267 -29.62 -51.20 1.78
N SER H 268 -30.24 -50.78 0.68
CA SER H 268 -29.96 -49.49 0.06
C SER H 268 -28.46 -49.30 -0.11
N LEU H 269 -27.79 -50.38 -0.55
CA LEU H 269 -26.35 -50.38 -0.82
C LEU H 269 -25.92 -49.16 -1.61
N GLY H 270 -26.79 -48.66 -2.49
CA GLY H 270 -26.47 -47.55 -3.35
C GLY H 270 -26.00 -46.33 -2.57
N LYS H 271 -26.86 -45.84 -1.69
CA LYS H 271 -26.52 -44.67 -0.89
C LYS H 271 -25.48 -45.02 0.17
N LEU H 272 -25.57 -46.22 0.74
CA LEU H 272 -24.61 -46.62 1.75
C LEU H 272 -23.19 -46.59 1.22
N SER H 273 -22.97 -47.10 0.00
CA SER H 273 -21.65 -47.01 -0.60
C SER H 273 -21.12 -45.58 -0.57
N ALA H 274 -22.01 -44.61 -0.76
CA ALA H 274 -21.60 -43.21 -0.87
C ALA H 274 -21.22 -42.63 0.50
N LEU H 275 -21.96 -43.01 1.54
CA LEU H 275 -21.57 -42.58 2.88
C LEU H 275 -20.25 -43.20 3.31
N ARG H 276 -20.00 -44.44 2.91
CA ARG H 276 -18.74 -45.09 3.25
C ARG H 276 -17.59 -44.39 2.54
N ASP H 277 -17.73 -44.14 1.24
CA ASP H 277 -16.75 -43.32 0.54
C ASP H 277 -16.48 -42.04 1.31
N LEU H 278 -17.55 -41.35 1.71
CA LEU H 278 -17.41 -40.16 2.54
C LEU H 278 -16.63 -40.45 3.81
N ALA H 279 -17.08 -41.46 4.55
CA ALA H 279 -16.38 -41.84 5.78
C ALA H 279 -14.94 -42.25 5.50
N ILE H 280 -14.67 -42.89 4.37
CA ILE H 280 -13.29 -43.20 4.00
C ILE H 280 -12.51 -41.90 3.81
N ILE H 281 -13.12 -40.90 3.17
CA ILE H 281 -12.42 -39.65 2.88
C ILE H 281 -12.09 -38.86 4.16
N GLN H 282 -13.01 -38.80 5.12
CA GLN H 282 -12.67 -38.11 6.36
C GLN H 282 -11.45 -38.76 7.01
N ARG H 283 -11.53 -40.06 7.29
CA ARG H 283 -10.47 -40.72 8.04
C ARG H 283 -9.17 -40.84 7.26
N THR H 284 -9.21 -40.73 5.94
CA THR H 284 -8.00 -40.76 5.14
C THR H 284 -7.43 -39.38 4.89
N ASN H 285 -8.14 -38.37 5.38
CA ASN H 285 -7.81 -36.92 5.23
C ASN H 285 -7.70 -36.61 3.75
N LEU H 286 -8.71 -36.99 2.99
CA LEU H 286 -8.83 -36.54 1.60
C LEU H 286 -9.81 -35.37 1.64
N GLN H 287 -9.92 -34.60 0.56
CA GLN H 287 -10.82 -33.44 0.71
C GLN H 287 -12.24 -33.75 0.26
N TYR H 288 -12.41 -34.36 -0.90
CA TYR H 288 -13.81 -34.48 -1.36
C TYR H 288 -14.15 -35.78 -2.06
N TYR H 289 -15.45 -36.04 -2.11
CA TYR H 289 -16.09 -37.08 -2.89
C TYR H 289 -16.63 -36.44 -4.18
N TYR H 290 -16.21 -36.97 -5.31
CA TYR H 290 -16.67 -36.53 -6.63
C TYR H 290 -17.64 -37.57 -7.16
N LEU H 291 -18.94 -37.27 -7.12
CA LEU H 291 -19.91 -38.19 -7.70
C LEU H 291 -19.91 -38.05 -9.21
N GLY H 292 -19.88 -36.81 -9.69
CA GLY H 292 -19.67 -36.56 -11.11
C GLY H 292 -20.71 -37.17 -12.02
N TYR H 293 -21.67 -37.89 -11.46
CA TYR H 293 -22.76 -38.49 -12.21
C TYR H 293 -24.07 -37.93 -11.66
N TYR H 294 -24.66 -36.98 -12.37
CA TYR H 294 -26.12 -36.77 -12.36
C TYR H 294 -26.41 -35.82 -13.50
N ASN H 306 -26.52 -33.30 -0.71
CA ASN H 306 -27.68 -32.46 -0.51
C ASN H 306 -27.29 -30.98 -0.45
N TYR H 307 -27.63 -30.25 0.63
CA TYR H 307 -27.43 -28.81 0.66
C TYR H 307 -25.95 -28.44 0.59
N GLY H 308 -25.09 -29.25 1.22
CA GLY H 308 -23.68 -28.91 1.27
C GLY H 308 -22.96 -29.10 -0.04
N ALA H 309 -23.41 -30.08 -0.84
CA ALA H 309 -22.71 -30.41 -2.07
C ALA H 309 -22.61 -29.22 -3.01
N GLU H 310 -21.58 -29.23 -3.84
CA GLU H 310 -21.32 -28.17 -4.78
C GLU H 310 -21.37 -28.74 -6.19
N VAL H 311 -21.74 -27.88 -7.16
CA VAL H 311 -21.72 -28.25 -8.57
C VAL H 311 -20.73 -27.39 -9.34
N LEU H 312 -20.08 -28.02 -10.31
CA LEU H 312 -19.17 -27.34 -11.23
C LEU H 312 -19.92 -26.57 -12.31
N ASP H 313 -19.75 -25.26 -12.33
CA ASP H 313 -20.07 -24.45 -13.50
C ASP H 313 -18.88 -24.57 -14.46
N VAL H 314 -19.08 -25.22 -15.60
CA VAL H 314 -17.93 -25.48 -16.48
C VAL H 314 -17.52 -24.28 -17.32
N CYS H 315 -18.31 -23.22 -17.40
CA CYS H 315 -17.85 -21.99 -18.06
C CYS H 315 -17.06 -21.10 -17.14
N HIS H 316 -16.98 -21.42 -15.86
CA HIS H 316 -16.04 -20.78 -14.95
C HIS H 316 -14.96 -21.73 -14.48
N SER H 317 -15.20 -23.03 -14.52
CA SER H 317 -14.38 -24.01 -13.80
C SER H 317 -14.29 -23.63 -12.33
N LYS H 318 -15.42 -23.17 -11.79
CA LYS H 318 -15.58 -22.93 -10.36
C LYS H 318 -16.85 -23.64 -9.90
N TYR H 319 -16.93 -23.88 -8.60
CA TYR H 319 -17.99 -24.66 -7.98
C TYR H 319 -18.95 -23.74 -7.26
N ILE H 320 -20.22 -24.13 -7.23
CA ILE H 320 -21.24 -23.35 -6.52
C ILE H 320 -21.99 -24.30 -5.62
N PRO H 321 -22.38 -23.87 -4.41
CA PRO H 321 -23.38 -24.60 -3.64
C PRO H 321 -24.58 -25.00 -4.48
N LEU H 322 -25.11 -26.18 -4.18
CA LEU H 322 -26.13 -26.77 -5.03
C LEU H 322 -27.54 -26.29 -4.68
N LYS H 323 -27.89 -26.32 -3.39
CA LYS H 323 -29.27 -26.08 -2.96
C LYS H 323 -29.82 -24.74 -3.44
N PRO H 324 -29.02 -23.68 -3.56
CA PRO H 324 -29.56 -22.45 -4.18
C PRO H 324 -29.98 -22.61 -5.64
N ILE H 325 -29.57 -23.67 -6.34
CA ILE H 325 -29.99 -23.80 -7.74
C ILE H 325 -30.49 -25.20 -8.09
N GLN H 326 -31.03 -25.95 -7.10
CA GLN H 326 -31.51 -27.31 -7.39
C GLN H 326 -32.85 -27.30 -8.10
N ASP H 327 -33.64 -26.23 -7.99
CA ASP H 327 -34.82 -26.07 -8.84
C ASP H 327 -34.48 -26.26 -10.31
N MET H 328 -33.19 -26.19 -10.65
CA MET H 328 -32.70 -26.09 -12.01
C MET H 328 -31.95 -27.31 -12.50
N ILE H 329 -31.37 -28.11 -11.59
CA ILE H 329 -30.60 -29.27 -12.05
C ILE H 329 -31.48 -30.51 -12.16
N SER H 330 -32.59 -30.58 -11.44
CA SER H 330 -33.50 -31.70 -11.59
C SER H 330 -34.41 -31.53 -12.79
N ARG H 331 -34.71 -30.29 -13.17
CA ARG H 331 -35.22 -30.04 -14.50
C ARG H 331 -34.14 -30.22 -15.56
N GLY H 332 -32.89 -30.46 -15.15
CA GLY H 332 -31.83 -30.85 -16.05
C GLY H 332 -31.29 -29.76 -16.95
N LYS H 333 -31.59 -28.51 -16.69
CA LYS H 333 -31.24 -27.45 -17.63
C LYS H 333 -29.77 -27.06 -17.46
N LEU H 334 -29.35 -26.06 -18.22
CA LEU H 334 -27.98 -25.57 -18.20
C LEU H 334 -27.92 -24.25 -17.46
N PHE H 335 -26.91 -24.09 -16.60
CA PHE H 335 -26.74 -22.84 -15.86
C PHE H 335 -25.33 -22.30 -16.02
N VAL H 336 -25.22 -21.00 -16.31
CA VAL H 336 -23.96 -20.28 -16.26
C VAL H 336 -24.12 -19.19 -15.22
N ILE H 337 -23.40 -19.34 -14.11
CA ILE H 337 -23.54 -18.42 -12.98
C ILE H 337 -22.94 -17.07 -13.36
N GLY H 338 -23.72 -16.02 -13.22
CA GLY H 338 -23.27 -14.74 -13.71
C GLY H 338 -23.72 -13.53 -12.92
N GLU H 339 -23.46 -12.36 -13.48
CA GLU H 339 -23.61 -11.11 -12.78
C GLU H 339 -24.64 -10.27 -13.54
N GLU H 340 -25.62 -9.72 -12.82
CA GLU H 340 -26.61 -8.85 -13.44
C GLU H 340 -26.04 -7.51 -13.87
N GLU H 341 -24.81 -7.17 -13.47
CA GLU H 341 -24.25 -5.85 -13.75
C GLU H 341 -24.39 -5.49 -15.22
N THR H 342 -24.01 -6.42 -16.10
CA THR H 342 -24.14 -6.27 -17.54
C THR H 342 -24.56 -7.61 -18.10
N LYS H 343 -25.05 -7.60 -19.34
CA LYS H 343 -25.28 -8.84 -20.05
C LYS H 343 -24.18 -9.01 -21.09
N VAL H 344 -23.55 -10.21 -21.11
CA VAL H 344 -22.29 -10.38 -21.81
C VAL H 344 -22.56 -10.74 -23.27
N THR H 345 -21.67 -10.29 -24.15
CA THR H 345 -21.78 -10.56 -25.58
C THR H 345 -20.66 -11.46 -26.10
N LYS H 346 -19.96 -12.15 -25.21
CA LYS H 346 -18.90 -13.11 -25.51
C LYS H 346 -19.03 -14.28 -24.55
N GLU H 347 -18.78 -15.51 -25.02
CA GLU H 347 -18.63 -16.60 -24.06
C GLU H 347 -17.61 -16.18 -23.02
N LEU H 348 -17.72 -16.72 -21.81
CA LEU H 348 -16.88 -16.31 -20.69
C LEU H 348 -15.44 -16.77 -20.82
N TYR H 349 -14.53 -15.89 -20.40
CA TYR H 349 -13.10 -16.17 -20.33
C TYR H 349 -12.78 -17.25 -19.29
N LEU H 350 -12.03 -18.25 -19.70
CA LEU H 350 -11.45 -19.22 -18.79
C LEU H 350 -9.96 -18.94 -18.71
N VAL H 351 -9.37 -19.08 -17.51
CA VAL H 351 -7.93 -18.84 -17.30
C VAL H 351 -7.20 -20.17 -17.23
N ASP H 352 -6.18 -20.33 -18.07
CA ASP H 352 -5.48 -21.60 -18.20
C ASP H 352 -5.01 -22.12 -16.85
N SER H 353 -4.54 -21.25 -15.97
CA SER H 353 -3.98 -21.71 -14.70
C SER H 353 -5.02 -21.87 -13.60
N GLU H 354 -6.28 -21.57 -13.87
CA GLU H 354 -7.33 -21.80 -12.88
C GLU H 354 -8.30 -22.89 -13.29
N THR H 355 -8.28 -23.32 -14.56
CA THR H 355 -9.26 -24.28 -15.04
C THR H 355 -9.04 -25.61 -14.35
N GLY H 356 -10.11 -26.18 -13.83
CA GLY H 356 -9.98 -27.43 -13.14
C GLY H 356 -9.17 -27.38 -11.86
N ARG H 357 -8.95 -26.21 -11.31
CA ARG H 357 -8.24 -26.17 -10.05
C ARG H 357 -9.18 -26.23 -8.84
N GLY H 358 -10.40 -26.70 -9.05
CA GLY H 358 -11.37 -26.81 -7.97
C GLY H 358 -11.67 -25.50 -7.26
N GLU H 359 -11.60 -24.37 -7.96
CA GLU H 359 -11.90 -23.09 -7.33
C GLU H 359 -13.40 -22.95 -7.09
N GLY H 360 -13.75 -22.03 -6.19
CA GLY H 360 -15.13 -21.74 -5.89
C GLY H 360 -15.49 -20.30 -6.27
N PHE H 361 -16.78 -20.02 -6.25
CA PHE H 361 -17.22 -18.65 -6.42
C PHE H 361 -17.10 -17.90 -5.11
N PRO H 362 -16.78 -16.61 -5.14
CA PRO H 362 -16.78 -15.82 -3.92
C PRO H 362 -18.12 -15.91 -3.17
N THR H 363 -18.03 -16.22 -1.88
CA THR H 363 -19.12 -15.97 -0.95
C THR H 363 -19.08 -14.48 -0.68
N ASP H 364 -19.74 -14.00 0.37
CA ASP H 364 -19.54 -12.61 0.85
C ASP H 364 -19.75 -11.59 -0.28
N ASN H 365 -20.81 -11.82 -1.05
CA ASN H 365 -21.08 -11.07 -2.27
C ASN H 365 -22.28 -10.16 -2.05
N VAL H 366 -22.21 -8.96 -2.63
CA VAL H 366 -23.38 -8.11 -2.78
C VAL H 366 -24.07 -8.40 -4.10
N VAL H 367 -23.29 -8.79 -5.11
CA VAL H 367 -23.79 -9.49 -6.28
C VAL H 367 -24.41 -10.80 -5.84
N LYS H 368 -25.67 -11.04 -6.18
CA LYS H 368 -26.28 -12.34 -6.02
C LYS H 368 -26.60 -12.91 -7.40
N TYR H 369 -26.08 -14.10 -7.66
CA TYR H 369 -25.85 -14.55 -9.02
C TYR H 369 -27.16 -14.94 -9.69
N LYS H 370 -27.41 -14.37 -10.86
CA LYS H 370 -28.51 -14.83 -11.69
C LYS H 370 -27.98 -15.91 -12.61
N ASN H 371 -28.89 -16.63 -13.27
CA ASN H 371 -28.51 -17.58 -14.30
C ASN H 371 -28.45 -16.87 -15.64
N ILE H 372 -27.24 -16.74 -16.20
CA ILE H 372 -27.02 -15.97 -17.42
C ILE H 372 -26.87 -16.88 -18.64
N ALA H 373 -27.18 -18.17 -18.51
CA ALA H 373 -27.02 -19.11 -19.62
C ALA H 373 -27.89 -18.75 -20.81
N GLU H 374 -29.07 -18.17 -20.57
CA GLU H 374 -29.89 -17.78 -21.71
C GLU H 374 -29.17 -16.78 -22.60
N GLU H 375 -28.63 -15.70 -22.02
CA GLU H 375 -27.96 -14.67 -22.83
C GLU H 375 -26.82 -15.23 -23.67
N ILE H 376 -26.22 -16.34 -23.28
CA ILE H 376 -25.05 -16.87 -23.98
C ILE H 376 -25.43 -17.95 -24.98
N TYR H 377 -26.14 -18.99 -24.53
CA TYR H 377 -26.38 -20.17 -25.33
C TYR H 377 -27.84 -20.41 -25.66
N GLY H 378 -28.73 -19.46 -25.35
CA GLY H 378 -30.11 -19.55 -25.75
C GLY H 378 -30.26 -19.38 -27.27
N VAL H 379 -31.51 -19.29 -27.70
CA VAL H 379 -31.78 -19.17 -29.13
C VAL H 379 -31.14 -17.90 -29.70
N GLY H 380 -31.34 -16.78 -29.03
CA GLY H 380 -30.67 -15.60 -29.53
C GLY H 380 -29.27 -15.41 -28.98
N GLY H 381 -28.61 -16.51 -28.62
CA GLY H 381 -27.42 -16.42 -27.78
C GLY H 381 -26.23 -15.77 -28.49
N CYS H 382 -25.49 -14.97 -27.72
CA CYS H 382 -24.35 -14.26 -28.27
C CYS H 382 -23.22 -15.21 -28.66
N ALA H 383 -23.18 -16.40 -28.07
CA ALA H 383 -22.08 -17.34 -28.33
C ALA H 383 -21.85 -17.59 -29.80
N PHE H 384 -22.91 -17.63 -30.60
CA PHE H 384 -22.85 -18.26 -31.91
C PHE H 384 -22.28 -17.33 -32.98
N LYS H 385 -22.78 -16.09 -33.07
CA LYS H 385 -22.20 -15.18 -34.05
C LYS H 385 -20.72 -14.93 -33.77
N SER H 386 -20.36 -14.80 -32.48
CA SER H 386 -18.96 -14.53 -32.15
C SER H 386 -18.09 -15.71 -32.51
N ALA H 387 -18.56 -16.93 -32.21
CA ALA H 387 -17.75 -18.08 -32.57
C ALA H 387 -17.66 -18.27 -34.08
N ASN H 388 -18.61 -17.74 -34.84
CA ASN H 388 -18.49 -17.89 -36.29
C ASN H 388 -17.53 -16.85 -36.89
N GLU H 389 -17.51 -15.63 -36.35
CA GLU H 389 -16.52 -14.66 -36.78
C GLU H 389 -15.10 -15.10 -36.42
N SER H 390 -14.95 -15.80 -35.29
CA SER H 390 -13.62 -16.30 -34.95
C SER H 390 -13.22 -17.44 -35.87
N ALA H 391 -14.17 -18.32 -36.18
CA ALA H 391 -13.91 -19.42 -37.10
C ALA H 391 -13.32 -18.92 -38.40
N LEU H 392 -13.93 -17.89 -39.01
CA LEU H 392 -13.34 -17.31 -40.20
C LEU H 392 -11.90 -16.91 -39.97
N GLU H 393 -11.66 -16.09 -38.94
CA GLU H 393 -10.29 -15.62 -38.67
C GLU H 393 -9.33 -16.78 -38.45
N LEU H 394 -9.80 -17.89 -37.84
CA LEU H 394 -8.91 -19.03 -37.61
C LEU H 394 -8.50 -19.69 -38.92
N LYS H 395 -9.41 -19.76 -39.90
CA LYS H 395 -9.09 -20.43 -41.16
C LYS H 395 -8.39 -19.48 -42.12
N GLU H 396 -8.85 -18.24 -42.20
CA GLU H 396 -8.26 -17.27 -43.13
C GLU H 396 -6.84 -16.92 -42.70
N LEU H 397 -6.66 -16.53 -41.44
CA LEU H 397 -5.41 -15.94 -40.95
C LEU H 397 -4.37 -16.96 -40.53
N TYR H 398 -4.79 -18.14 -40.05
CA TYR H 398 -3.85 -19.12 -39.50
C TYR H 398 -4.02 -20.49 -40.13
N GLY H 399 -4.93 -20.64 -41.09
CA GLY H 399 -5.05 -21.88 -41.83
C GLY H 399 -5.52 -23.06 -41.02
N ILE H 400 -6.36 -22.84 -40.01
CA ILE H 400 -6.89 -23.90 -39.16
C ILE H 400 -8.33 -24.15 -39.60
N PRO H 401 -8.67 -25.36 -40.03
CA PRO H 401 -9.94 -25.55 -40.75
C PRO H 401 -11.15 -25.48 -39.83
N TYR H 402 -11.70 -24.29 -39.64
CA TYR H 402 -12.83 -24.10 -38.74
C TYR H 402 -14.04 -23.69 -39.57
N GLU H 403 -15.16 -24.37 -39.34
CA GLU H 403 -16.40 -24.29 -40.10
C GLU H 403 -17.30 -23.21 -39.51
N GLU H 404 -18.56 -23.18 -39.89
CA GLU H 404 -19.55 -22.32 -39.23
C GLU H 404 -20.84 -23.09 -39.03
N GLU H 405 -21.19 -23.39 -37.78
CA GLU H 405 -22.58 -23.72 -37.47
C GLU H 405 -23.26 -22.40 -37.17
N ASP H 406 -24.52 -22.42 -36.77
CA ASP H 406 -25.31 -21.20 -36.82
C ASP H 406 -26.47 -21.32 -35.84
N LEU H 407 -27.07 -20.17 -35.52
CA LEU H 407 -28.31 -20.17 -34.72
C LEU H 407 -29.40 -21.05 -35.35
N ASP H 408 -29.30 -21.33 -36.65
CA ASP H 408 -30.25 -22.25 -37.26
C ASP H 408 -30.14 -23.66 -36.68
N THR H 409 -29.04 -24.35 -37.00
CA THR H 409 -28.90 -25.78 -36.70
C THR H 409 -28.01 -25.98 -35.47
N ILE H 410 -28.53 -25.53 -34.33
CA ILE H 410 -28.07 -26.17 -33.10
C ILE H 410 -28.53 -27.61 -33.09
N TYR H 411 -29.54 -27.93 -33.91
CA TYR H 411 -30.04 -29.27 -34.15
C TYR H 411 -30.07 -29.54 -35.66
N HIS H 412 -29.64 -30.76 -36.04
CA HIS H 412 -29.65 -31.32 -37.42
C HIS H 412 -30.18 -30.41 -38.54
N GLY H 423 -17.64 -33.20 -36.35
CA GLY H 423 -16.70 -33.16 -35.25
C GLY H 423 -17.17 -32.29 -34.08
N ILE H 424 -16.23 -31.62 -33.41
CA ILE H 424 -16.52 -30.90 -32.16
C ILE H 424 -17.09 -29.53 -32.49
N PRO H 425 -18.27 -29.19 -31.98
CA PRO H 425 -18.92 -27.93 -32.36
C PRO H 425 -18.10 -26.73 -31.93
N ASN H 426 -18.40 -25.59 -32.56
CA ASN H 426 -17.65 -24.36 -32.30
C ASN H 426 -18.02 -23.73 -30.96
N VAL H 427 -19.25 -23.97 -30.49
CA VAL H 427 -19.74 -23.40 -29.24
C VAL H 427 -20.17 -24.56 -28.36
N VAL H 428 -19.49 -24.75 -27.24
CA VAL H 428 -19.76 -25.84 -26.33
C VAL H 428 -19.40 -25.36 -24.92
N PRO H 429 -20.38 -25.21 -24.04
CA PRO H 429 -20.11 -24.72 -22.68
C PRO H 429 -19.03 -25.52 -21.96
N GLY H 430 -18.02 -24.80 -21.44
CA GLY H 430 -16.92 -25.50 -20.80
C GLY H 430 -15.82 -25.95 -21.73
N LEU H 431 -15.96 -25.75 -23.04
CA LEU H 431 -14.81 -25.77 -23.93
C LEU H 431 -14.29 -24.35 -24.11
N LEU H 432 -13.01 -24.23 -24.47
CA LEU H 432 -12.46 -22.92 -24.72
C LEU H 432 -13.25 -22.21 -25.82
N PRO H 433 -13.70 -20.97 -25.60
CA PRO H 433 -14.44 -20.27 -26.67
C PRO H 433 -13.50 -19.91 -27.80
N LEU H 434 -14.05 -19.95 -29.01
CA LEU H 434 -13.22 -19.73 -30.19
C LEU H 434 -12.49 -18.39 -30.11
N TRP H 435 -13.15 -17.35 -29.61
CA TRP H 435 -12.50 -16.05 -29.54
C TRP H 435 -11.30 -16.10 -28.60
N GLU H 436 -11.36 -16.94 -27.57
CA GLU H 436 -10.18 -17.13 -26.76
C GLU H 436 -9.11 -17.90 -27.53
N LEU H 437 -9.51 -19.02 -28.17
CA LEU H 437 -8.55 -19.78 -28.96
C LEU H 437 -7.86 -18.86 -29.96
N LEU H 438 -8.63 -18.00 -30.61
CA LEU H 438 -8.08 -17.10 -31.60
C LEU H 438 -7.09 -16.12 -30.99
N ASP H 439 -7.18 -15.88 -29.68
CA ASP H 439 -6.22 -14.99 -29.00
C ASP H 439 -4.88 -15.69 -28.80
N ILE H 440 -4.90 -16.99 -28.54
CA ILE H 440 -3.65 -17.74 -28.43
C ILE H 440 -2.89 -17.72 -29.75
N MET H 441 -3.61 -17.83 -30.86
CA MET H 441 -2.95 -17.77 -32.15
C MET H 441 -2.44 -16.36 -32.44
N GLN H 442 -3.30 -15.36 -32.26
CA GLN H 442 -2.94 -14.02 -32.66
C GLN H 442 -1.71 -13.53 -31.93
N SER H 443 -1.66 -13.73 -30.61
CA SER H 443 -0.51 -13.32 -29.81
C SER H 443 0.72 -14.16 -30.11
N GLY H 444 0.54 -15.32 -30.70
CA GLY H 444 1.66 -16.22 -30.81
C GLY H 444 1.99 -16.96 -29.54
N LYS H 445 1.11 -16.92 -28.54
CA LYS H 445 1.24 -17.88 -27.45
C LYS H 445 1.39 -19.28 -28.03
N ILE H 446 0.62 -19.59 -29.08
CA ILE H 446 0.61 -20.91 -29.68
C ILE H 446 2.01 -21.47 -29.88
N THR H 447 3.00 -20.62 -30.07
CA THR H 447 4.36 -21.11 -30.26
C THR H 447 4.97 -21.59 -28.95
N ASP H 448 4.33 -21.33 -27.81
CA ASP H 448 4.81 -21.91 -26.56
C ASP H 448 4.73 -23.43 -26.57
N LEU H 449 3.94 -24.01 -27.47
CA LEU H 449 3.83 -25.45 -27.57
C LEU H 449 5.05 -26.07 -28.25
N GLU H 450 5.82 -25.26 -28.97
CA GLU H 450 6.97 -25.76 -29.72
C GLU H 450 8.05 -26.23 -28.78
N GLY H 451 8.45 -27.49 -28.90
CA GLY H 451 9.40 -28.11 -28.01
C GLY H 451 8.80 -28.61 -26.73
N ARG H 452 7.49 -28.54 -26.57
CA ARG H 452 6.80 -29.07 -25.41
C ARG H 452 5.77 -30.12 -25.78
N LEU H 453 4.92 -29.84 -26.79
CA LEU H 453 4.01 -30.83 -27.34
C LEU H 453 4.76 -31.78 -28.25
N PHE H 454 4.36 -33.04 -28.24
CA PHE H 454 4.88 -34.03 -29.17
C PHE H 454 3.74 -34.61 -29.98
N LEU H 455 3.99 -34.81 -31.27
CA LEU H 455 2.99 -35.46 -32.11
C LEU H 455 3.53 -36.78 -32.59
N PHE H 456 2.60 -37.68 -32.87
CA PHE H 456 2.93 -39.06 -33.23
C PHE H 456 1.83 -39.55 -34.19
N GLU H 457 2.11 -39.41 -35.49
CA GLU H 457 1.24 -40.02 -36.50
C GLU H 457 1.50 -41.52 -36.49
N ILE H 458 0.55 -42.30 -35.99
CA ILE H 458 0.75 -43.74 -35.77
C ILE H 458 1.17 -44.47 -37.03
N GLU H 459 0.95 -43.90 -38.21
CA GLU H 459 1.46 -44.48 -39.44
C GLU H 459 2.92 -44.13 -39.68
N THR H 460 3.44 -43.09 -39.05
CA THR H 460 4.78 -42.66 -39.37
C THR H 460 5.80 -43.39 -38.49
N GLU H 461 7.07 -42.97 -38.60
CA GLU H 461 8.23 -43.59 -37.99
C GLU H 461 8.32 -43.42 -36.48
N GLY H 462 7.44 -42.62 -35.88
CA GLY H 462 7.38 -42.50 -34.44
C GLY H 462 7.01 -41.09 -34.03
N ILE H 463 7.38 -40.78 -32.79
CA ILE H 463 7.06 -39.51 -32.15
C ILE H 463 7.93 -38.41 -32.73
N ARG H 464 7.36 -37.22 -32.91
CA ARG H 464 8.12 -36.06 -33.33
C ARG H 464 7.81 -34.87 -32.44
N PRO H 465 8.72 -33.91 -32.35
CA PRO H 465 8.44 -32.65 -31.65
C PRO H 465 7.64 -31.68 -32.51
N LEU H 466 6.68 -31.02 -31.89
CA LEU H 466 6.07 -29.86 -32.53
C LEU H 466 7.15 -28.78 -32.69
N ILE H 467 7.46 -28.41 -33.93
CA ILE H 467 8.57 -27.51 -34.20
C ILE H 467 8.09 -26.12 -34.61
N ASN H 468 7.24 -26.03 -35.63
CA ASN H 468 6.59 -24.77 -35.97
C ASN H 468 5.13 -25.04 -36.23
N PHE H 469 4.27 -24.51 -35.35
CA PHE H 469 2.84 -24.78 -35.43
C PHE H 469 2.26 -24.33 -36.77
N TYR H 470 2.67 -23.15 -37.26
CA TYR H 470 2.10 -22.61 -38.49
C TYR H 470 2.42 -23.48 -39.70
N SER H 471 3.58 -24.12 -39.70
CA SER H 471 4.00 -24.94 -40.83
C SER H 471 3.41 -26.33 -40.81
N GLU H 472 2.48 -26.62 -39.92
CA GLU H 472 1.98 -27.99 -39.84
C GLU H 472 0.76 -28.15 -40.74
N PRO H 473 0.39 -29.39 -41.06
CA PRO H 473 -0.84 -29.63 -41.83
C PRO H 473 -2.08 -29.12 -41.12
N PRO H 474 -3.04 -28.53 -41.86
CA PRO H 474 -4.29 -28.04 -41.26
C PRO H 474 -4.90 -28.95 -40.21
N ASN H 475 -5.17 -30.20 -40.57
CA ASN H 475 -5.86 -31.07 -39.62
C ASN H 475 -4.99 -31.38 -38.42
N VAL H 476 -3.66 -31.24 -38.54
CA VAL H 476 -2.81 -31.33 -37.35
C VAL H 476 -3.09 -30.16 -36.42
N LYS H 477 -3.14 -28.95 -36.98
CA LYS H 477 -3.52 -27.77 -36.21
C LYS H 477 -4.91 -27.93 -35.60
N LYS H 478 -5.88 -28.39 -36.40
CA LYS H 478 -7.20 -28.67 -35.87
C LYS H 478 -7.12 -29.59 -34.66
N ARG H 479 -6.35 -30.66 -34.78
CA ARG H 479 -6.22 -31.61 -33.69
C ARG H 479 -5.62 -30.93 -32.46
N ILE H 480 -4.52 -30.20 -32.65
CA ILE H 480 -3.92 -29.44 -31.56
C ILE H 480 -4.93 -28.46 -30.97
N CYS H 481 -5.71 -27.80 -31.83
CA CYS H 481 -6.71 -26.85 -31.35
C CYS H 481 -7.76 -27.54 -30.49
N ASP H 482 -8.25 -28.70 -30.93
CA ASP H 482 -9.29 -29.38 -30.18
C ASP H 482 -8.76 -29.80 -28.81
N VAL H 483 -7.50 -30.23 -28.75
CA VAL H 483 -6.90 -30.59 -27.46
C VAL H 483 -6.82 -29.37 -26.55
N ILE H 484 -6.40 -28.23 -27.08
CA ILE H 484 -6.37 -27.01 -26.27
C ILE H 484 -7.78 -26.68 -25.77
N ARG H 485 -8.78 -26.82 -26.64
CA ARG H 485 -10.14 -26.44 -26.30
C ARG H 485 -10.74 -27.35 -25.23
N LEU H 486 -10.26 -28.59 -25.14
CA LEU H 486 -10.91 -29.61 -24.32
C LEU H 486 -10.23 -29.80 -23.00
N PHE H 487 -8.90 -29.74 -23.00
CA PHE H 487 -8.11 -30.03 -21.83
C PHE H 487 -7.21 -28.90 -21.42
N GLY H 488 -7.06 -27.87 -22.25
CA GLY H 488 -6.37 -26.67 -21.80
C GLY H 488 -4.95 -26.56 -22.34
N PHE H 489 -4.51 -25.32 -22.50
CA PHE H 489 -3.17 -25.07 -23.04
C PHE H 489 -2.11 -25.64 -22.12
N GLU H 490 -2.25 -25.42 -20.81
CA GLU H 490 -1.26 -25.93 -19.87
C GLU H 490 -1.10 -27.44 -19.99
N THR H 491 -2.21 -28.18 -20.05
CA THR H 491 -2.11 -29.63 -20.17
C THR H 491 -1.60 -30.05 -21.55
N CYS H 492 -1.99 -29.32 -22.60
CA CYS H 492 -1.54 -29.58 -23.95
C CYS H 492 -0.01 -29.41 -24.03
N MET H 493 0.56 -28.56 -23.16
CA MET H 493 1.99 -28.31 -23.13
C MET H 493 2.78 -29.52 -22.68
N LYS H 494 2.12 -30.53 -22.13
CA LYS H 494 2.77 -31.75 -21.67
C LYS H 494 2.17 -32.98 -22.36
N ALA H 495 1.38 -32.76 -23.40
CA ALA H 495 0.75 -33.85 -24.13
C ALA H 495 1.66 -34.38 -25.23
N VAL H 496 1.34 -35.60 -25.67
CA VAL H 496 1.74 -36.11 -26.96
C VAL H 496 0.47 -36.66 -27.60
N ILE H 497 0.17 -36.21 -28.82
CA ILE H 497 -1.12 -36.49 -29.47
C ILE H 497 -0.94 -37.54 -30.56
N LEU H 498 -1.62 -38.67 -30.37
CA LEU H 498 -1.65 -39.75 -31.34
C LEU H 498 -2.71 -39.47 -32.38
N TYR H 499 -2.42 -39.84 -33.62
CA TYR H 499 -3.41 -39.63 -34.65
C TYR H 499 -3.10 -40.52 -35.85
N SER H 500 -4.15 -41.09 -36.43
CA SER H 500 -4.15 -41.53 -37.83
C SER H 500 -4.95 -40.52 -38.64
N GLU H 501 -4.59 -40.35 -39.90
CA GLU H 501 -5.37 -39.50 -40.80
C GLU H 501 -6.20 -40.32 -41.79
N GLN H 502 -6.38 -41.61 -41.54
CA GLN H 502 -7.23 -42.49 -42.34
C GLN H 502 -8.69 -42.05 -42.29
N SER I 2 15.04 -58.74 -75.24
CA SER I 2 15.26 -57.30 -75.05
C SER I 2 14.88 -56.48 -76.26
N ASP I 3 15.13 -57.00 -77.47
CA ASP I 3 14.45 -56.42 -78.61
C ASP I 3 12.93 -56.45 -78.44
N ARG I 4 12.43 -57.17 -77.42
CA ARG I 4 11.02 -57.15 -77.06
C ARG I 4 10.67 -55.91 -76.26
N PHE I 5 9.42 -55.44 -76.43
CA PHE I 5 8.91 -54.21 -75.83
C PHE I 5 7.76 -54.59 -74.88
N VAL I 6 8.08 -54.90 -73.63
CA VAL I 6 7.08 -55.43 -72.70
C VAL I 6 6.48 -54.27 -71.94
N ILE I 7 5.20 -54.01 -72.17
CA ILE I 7 4.56 -52.79 -71.69
C ILE I 7 3.15 -53.12 -71.28
N TRP I 8 2.68 -52.46 -70.24
CA TRP I 8 1.26 -52.46 -69.96
C TRP I 8 0.54 -51.64 -71.02
N ALA I 9 -0.74 -51.91 -71.23
CA ALA I 9 -1.44 -51.15 -72.25
C ALA I 9 -1.56 -49.69 -71.81
N PRO I 10 -1.32 -48.74 -72.71
CA PRO I 10 -1.33 -47.32 -72.34
C PRO I 10 -2.68 -46.85 -71.84
N SER I 11 -2.65 -45.70 -71.19
CA SER I 11 -3.86 -45.02 -70.73
C SER I 11 -3.43 -43.66 -70.20
N MET I 12 -4.35 -42.97 -69.55
CA MET I 12 -4.10 -41.63 -69.04
C MET I 12 -3.93 -41.63 -67.53
N HIS I 13 -3.07 -40.73 -67.05
CA HIS I 13 -2.54 -40.77 -65.70
C HIS I 13 -2.64 -39.34 -65.15
N ASN I 14 -1.90 -39.01 -64.07
CA ASN I 14 -1.99 -37.65 -63.50
C ASN I 14 -0.65 -37.19 -62.90
N GLU I 15 0.07 -36.33 -63.66
CA GLU I 15 1.32 -35.64 -63.33
C GLU I 15 2.34 -36.53 -62.63
N PRO I 16 3.02 -37.44 -63.37
CA PRO I 16 4.18 -38.18 -62.85
C PRO I 16 5.51 -37.44 -63.02
N MET I 31 -2.51 -15.86 -67.01
CA MET I 31 -2.46 -17.31 -66.80
C MET I 31 -3.20 -18.03 -67.93
N ASP I 32 -2.85 -17.72 -69.19
CA ASP I 32 -3.44 -18.35 -70.36
C ASP I 32 -2.37 -19.03 -71.21
N GLN I 33 -1.28 -19.40 -70.56
CA GLN I 33 -0.39 -20.43 -71.06
C GLN I 33 -1.01 -21.81 -70.94
N LEU I 34 -2.16 -21.91 -70.27
CA LEU I 34 -2.91 -23.16 -70.18
C LEU I 34 -3.45 -23.62 -71.52
N PHE I 35 -3.56 -22.72 -72.48
CA PHE I 35 -4.14 -23.04 -73.79
C PHE I 35 -3.03 -23.33 -74.78
N ALA I 36 -3.18 -24.43 -75.52
CA ALA I 36 -2.21 -24.72 -76.57
C ALA I 36 -2.33 -23.74 -77.71
N LEU I 37 -3.54 -23.27 -78.00
CA LEU I 37 -3.77 -22.41 -79.15
C LEU I 37 -4.54 -21.16 -78.75
N ASP I 38 -4.22 -20.05 -79.42
CA ASP I 38 -4.92 -18.80 -79.16
C ASP I 38 -6.41 -18.92 -79.43
N SER I 39 -6.81 -19.84 -80.32
CA SER I 39 -8.22 -19.92 -80.71
C SER I 39 -9.06 -20.47 -79.56
N TRP I 40 -8.60 -21.50 -78.87
CA TRP I 40 -9.23 -21.90 -77.62
C TRP I 40 -9.10 -20.79 -76.61
N ALA I 41 -7.89 -20.22 -76.49
CA ALA I 41 -7.67 -19.10 -75.59
C ALA I 41 -8.82 -18.11 -75.72
N HIS I 42 -9.03 -17.54 -76.92
CA HIS I 42 -10.03 -16.47 -77.00
C HIS I 42 -11.46 -16.98 -76.88
N ARG I 43 -11.72 -18.28 -76.99
CA ARG I 43 -13.07 -18.72 -76.69
C ARG I 43 -13.30 -18.96 -75.21
N TYR I 44 -12.29 -18.79 -74.37
CA TYR I 44 -12.50 -19.08 -72.96
C TYR I 44 -12.01 -18.02 -71.99
N MET I 45 -11.12 -17.11 -72.39
CA MET I 45 -10.63 -16.08 -71.47
C MET I 45 -11.75 -15.34 -70.74
N ASN I 46 -12.96 -15.44 -71.30
CA ASN I 46 -14.14 -14.85 -70.63
C ASN I 46 -14.74 -15.92 -69.74
N LYS I 47 -15.24 -17.01 -70.35
CA LYS I 47 -15.90 -18.10 -69.59
C LYS I 47 -14.88 -18.83 -68.72
N MET I 48 -14.09 -18.09 -67.94
CA MET I 48 -13.06 -18.72 -67.06
C MET I 48 -13.47 -19.36 -65.72
N ASP I 49 -14.66 -19.98 -65.70
CA ASP I 49 -15.36 -20.42 -64.45
C ASP I 49 -16.19 -21.67 -64.76
N VAL I 50 -16.12 -22.18 -65.99
CA VAL I 50 -16.90 -23.39 -66.39
C VAL I 50 -16.09 -24.24 -67.38
N VAL I 51 -14.77 -24.31 -67.18
CA VAL I 51 -13.90 -25.09 -68.06
C VAL I 51 -13.17 -26.17 -67.28
N LYS I 52 -13.21 -27.39 -67.81
CA LYS I 52 -12.25 -28.43 -67.48
C LYS I 52 -10.86 -28.05 -68.03
N ILE I 53 -9.82 -28.15 -67.22
CA ILE I 53 -8.45 -28.14 -67.74
C ILE I 53 -7.61 -29.09 -66.91
N GLU I 54 -6.95 -30.03 -67.59
CA GLU I 54 -6.30 -31.20 -67.03
C GLU I 54 -4.81 -30.98 -66.81
N ASN I 55 -4.25 -31.80 -65.91
CA ASN I 55 -2.80 -31.97 -65.78
C ASN I 55 -2.50 -33.47 -65.69
N CYS I 56 -2.96 -34.21 -66.69
CA CYS I 56 -2.68 -35.63 -66.84
C CYS I 56 -1.66 -35.88 -67.95
N THR I 57 -1.18 -37.10 -67.99
CA THR I 57 -0.21 -37.54 -68.98
C THR I 57 -0.72 -38.76 -69.71
N ILE I 58 0.04 -39.20 -70.71
CA ILE I 58 -0.31 -40.39 -71.46
C ILE I 58 0.93 -41.25 -71.55
N GLY I 59 0.81 -42.52 -71.19
CA GLY I 59 1.91 -43.44 -71.38
C GLY I 59 1.61 -44.87 -70.96
N SER I 60 2.70 -45.62 -70.80
CA SER I 60 2.65 -47.03 -70.44
C SER I 60 3.74 -47.28 -69.41
N PHE I 61 3.39 -48.04 -68.39
CA PHE I 61 4.36 -48.67 -67.50
C PHE I 61 5.10 -49.76 -68.27
N VAL I 62 6.41 -49.64 -68.37
CA VAL I 62 7.21 -50.49 -69.25
C VAL I 62 7.94 -51.54 -68.40
N GLU I 63 7.49 -52.80 -68.49
CA GLU I 63 8.20 -53.88 -67.82
C GLU I 63 9.60 -54.06 -68.39
N HIS I 64 9.77 -53.85 -69.71
CA HIS I 64 11.07 -54.08 -70.34
C HIS I 64 11.19 -53.51 -71.76
N MET I 65 12.26 -52.76 -72.01
CA MET I 65 12.63 -52.32 -73.35
C MET I 65 14.15 -52.32 -73.45
N ASP I 66 14.68 -52.19 -74.67
CA ASP I 66 16.12 -51.98 -74.82
C ASP I 66 16.42 -50.48 -74.87
N VAL I 67 17.70 -50.11 -74.76
CA VAL I 67 17.99 -48.67 -74.73
C VAL I 67 17.85 -48.07 -76.13
N ALA I 68 18.05 -48.87 -77.19
CA ALA I 68 17.81 -48.36 -78.54
C ALA I 68 16.33 -48.06 -78.79
N THR I 69 15.43 -48.91 -78.32
CA THR I 69 14.01 -48.57 -78.43
C THR I 69 13.70 -47.25 -77.72
N TYR I 70 14.30 -47.02 -76.54
CA TYR I 70 13.94 -45.82 -75.80
C TYR I 70 14.54 -44.60 -76.44
N ASP I 71 15.71 -44.74 -77.07
CA ASP I 71 16.25 -43.69 -77.92
C ASP I 71 15.22 -43.29 -78.98
N ARG I 72 14.58 -44.26 -79.61
CA ARG I 72 13.53 -43.95 -80.58
C ARG I 72 12.30 -43.34 -79.90
N MET I 73 11.86 -43.91 -78.78
CA MET I 73 10.73 -43.35 -78.05
C MET I 73 11.01 -41.90 -77.69
N CYS I 74 12.23 -41.64 -77.22
CA CYS I 74 12.57 -40.31 -76.78
C CYS I 74 12.56 -39.35 -77.95
N ASN I 75 12.86 -39.83 -79.14
CA ASN I 75 12.81 -38.96 -80.32
C ASN I 75 11.41 -38.89 -80.91
N MET I 76 10.46 -39.65 -80.38
CA MET I 76 9.05 -39.43 -80.66
C MET I 76 8.40 -38.57 -79.59
N GLY I 77 9.17 -38.11 -78.61
CA GLY I 77 8.65 -37.23 -77.59
C GLY I 77 8.20 -37.88 -76.30
N PHE I 78 8.70 -39.07 -75.96
CA PHE I 78 8.40 -39.63 -74.65
C PHE I 78 9.51 -39.26 -73.67
N ARG I 79 9.15 -39.29 -72.39
CA ARG I 79 10.13 -39.25 -71.32
C ARG I 79 9.84 -40.42 -70.41
N ARG I 80 10.74 -40.67 -69.48
CA ARG I 80 10.54 -41.77 -68.55
C ARG I 80 10.58 -41.23 -67.13
N SER I 81 9.68 -41.72 -66.30
CA SER I 81 9.64 -41.48 -64.85
C SER I 81 9.88 -42.86 -64.25
N GLY I 82 11.12 -43.15 -63.90
CA GLY I 82 11.48 -44.53 -63.60
C GLY I 82 11.10 -45.46 -64.72
N LYS I 83 10.16 -46.36 -64.45
CA LYS I 83 9.67 -47.31 -65.43
C LYS I 83 8.44 -46.81 -66.17
N PHE I 84 8.05 -45.54 -66.00
CA PHE I 84 6.85 -45.00 -66.63
C PHE I 84 7.24 -44.26 -67.91
N LEU I 85 6.85 -44.80 -69.06
CA LEU I 85 7.12 -44.17 -70.35
C LEU I 85 5.89 -43.38 -70.78
N TYR I 86 6.06 -42.07 -70.98
CA TYR I 86 4.88 -41.21 -71.12
C TYR I 86 5.20 -39.94 -71.91
N LYS I 87 4.13 -39.33 -72.42
CA LYS I 87 4.21 -37.99 -72.97
C LYS I 87 2.95 -37.25 -72.60
N VAL I 88 2.92 -35.97 -72.92
CA VAL I 88 1.83 -35.11 -72.53
C VAL I 88 1.05 -34.75 -73.77
N ASP I 89 -0.26 -34.59 -73.60
CA ASP I 89 -1.19 -34.23 -74.66
C ASP I 89 -1.01 -32.75 -74.97
N PRO I 90 -0.25 -32.39 -76.00
CA PRO I 90 0.08 -30.97 -76.19
C PRO I 90 -1.10 -30.12 -76.60
N LEU I 91 -2.25 -30.73 -76.87
CA LEU I 91 -3.44 -29.93 -77.12
C LEU I 91 -4.14 -29.55 -75.83
N ARG I 92 -4.43 -30.54 -75.00
CA ARG I 92 -5.40 -30.40 -73.92
C ARG I 92 -4.77 -30.08 -72.57
N ASN I 93 -3.50 -30.38 -72.38
CA ASN I 93 -2.92 -30.29 -71.05
C ASN I 93 -2.58 -28.85 -70.66
N CYS I 94 -2.47 -28.65 -69.34
CA CYS I 94 -2.30 -27.32 -68.75
C CYS I 94 -0.92 -26.74 -68.99
N CYS I 95 0.06 -27.57 -69.37
CA CYS I 95 1.30 -27.02 -69.88
C CYS I 95 1.89 -27.99 -70.89
N ARG I 96 2.33 -27.44 -72.01
CA ARG I 96 3.07 -28.21 -73.00
C ARG I 96 4.51 -28.37 -72.54
N LEU I 97 5.04 -29.56 -72.74
CA LEU I 97 6.47 -29.80 -72.57
C LEU I 97 7.05 -30.29 -73.89
N TYR I 98 8.28 -29.87 -74.16
CA TYR I 98 8.89 -30.02 -75.47
C TYR I 98 10.17 -30.87 -75.39
N THR I 99 10.42 -31.67 -76.41
CA THR I 99 11.67 -32.41 -76.51
C THR I 99 12.72 -31.51 -77.16
N ILE I 100 13.74 -31.15 -76.40
CA ILE I 100 14.82 -30.29 -76.90
C ILE I 100 16.07 -31.13 -77.03
N ARG I 101 16.63 -31.18 -78.22
CA ARG I 101 17.97 -31.73 -78.40
C ARG I 101 18.90 -30.60 -78.79
N THR I 102 20.18 -30.86 -78.57
CA THR I 102 21.16 -29.84 -78.90
C THR I 102 22.53 -30.48 -78.89
N ALA I 103 23.41 -29.96 -79.73
CA ALA I 103 24.71 -30.56 -79.97
C ALA I 103 25.85 -29.68 -79.47
N PRO I 104 27.02 -30.25 -79.19
CA PRO I 104 27.96 -29.61 -78.26
C PRO I 104 28.74 -28.42 -78.78
N GLN I 105 28.31 -27.92 -79.95
CA GLN I 105 28.86 -26.73 -80.65
C GLN I 105 27.70 -26.03 -81.37
N GLU I 106 26.51 -26.64 -81.32
CA GLU I 106 25.30 -26.13 -81.93
C GLU I 106 24.87 -24.84 -81.25
N LEU I 107 25.37 -24.63 -80.04
CA LEU I 107 24.94 -23.43 -79.28
C LEU I 107 26.12 -22.77 -78.57
N ASN I 108 27.10 -22.30 -79.34
CA ASN I 108 28.17 -21.49 -78.70
C ASN I 108 27.35 -20.36 -78.08
N MET I 109 27.29 -20.30 -76.74
CA MET I 109 26.45 -19.30 -76.02
C MET I 109 27.26 -18.15 -75.41
N THR I 110 28.30 -18.49 -74.62
CA THR I 110 29.11 -17.52 -73.83
C THR I 110 28.16 -16.88 -72.83
N LYS I 111 28.14 -15.54 -72.74
CA LYS I 111 27.13 -14.82 -71.93
C LYS I 111 27.18 -15.29 -70.47
N GLU I 112 26.02 -15.57 -69.86
CA GLU I 112 26.00 -16.07 -68.49
C GLU I 112 26.74 -17.37 -68.35
N LEU I 113 26.75 -18.16 -69.42
CA LEU I 113 27.03 -19.59 -69.30
C LEU I 113 28.46 -19.86 -68.87
N LYS I 114 29.43 -19.44 -69.66
CA LYS I 114 30.80 -19.82 -69.37
C LYS I 114 31.52 -18.81 -68.47
N LYS I 115 30.77 -17.93 -67.81
CA LYS I 115 31.26 -17.29 -66.60
C LYS I 115 30.80 -17.99 -65.33
N CYS I 116 29.85 -18.92 -65.44
CA CYS I 116 29.67 -19.88 -64.35
C CYS I 116 30.68 -21.02 -64.47
N ILE I 117 31.17 -21.29 -65.68
CA ILE I 117 32.42 -22.01 -65.85
C ILE I 117 33.55 -21.27 -65.12
N SER I 118 33.50 -19.93 -65.10
CA SER I 118 34.67 -19.14 -64.68
C SER I 118 35.22 -19.62 -63.37
N ARG I 119 34.35 -19.34 -62.38
CA ARG I 119 34.44 -19.58 -60.91
C ARG I 119 34.34 -21.08 -60.63
N PHE I 120 33.50 -21.83 -61.38
CA PHE I 120 33.61 -23.27 -61.21
C PHE I 120 35.07 -23.69 -61.36
N ALA I 121 35.77 -23.12 -62.35
CA ALA I 121 37.13 -23.53 -62.62
C ALA I 121 38.15 -22.93 -61.66
N THR I 122 37.88 -21.79 -61.01
CA THR I 122 38.82 -21.34 -59.98
C THR I 122 38.69 -22.19 -58.71
N ARG I 123 37.44 -22.47 -58.30
CA ARG I 123 37.19 -23.10 -57.01
C ARG I 123 37.92 -24.41 -56.83
N ILE I 124 38.43 -25.00 -57.92
CA ILE I 124 39.06 -26.31 -57.86
C ILE I 124 40.57 -26.29 -58.05
N THR I 125 41.12 -25.31 -58.78
CA THR I 125 42.54 -25.35 -59.14
C THR I 125 43.38 -24.25 -58.50
N ALA I 135 41.82 -21.17 -74.18
CA ALA I 135 41.02 -20.23 -74.94
C ALA I 135 39.71 -19.90 -74.23
N SER I 136 38.80 -19.26 -74.97
CA SER I 136 37.46 -18.96 -74.48
C SER I 136 36.35 -19.77 -75.16
N SER I 137 36.60 -20.26 -76.39
CA SER I 137 35.59 -20.95 -77.18
C SER I 137 35.36 -22.38 -76.65
N ASP I 138 36.42 -23.16 -76.54
CA ASP I 138 36.24 -24.55 -76.10
C ASP I 138 35.86 -24.57 -74.63
N PHE I 139 34.54 -24.44 -74.39
CA PHE I 139 33.98 -24.59 -73.05
C PHE I 139 34.25 -25.97 -72.50
N VAL I 140 34.39 -26.97 -73.38
CA VAL I 140 34.89 -28.27 -72.97
C VAL I 140 36.22 -28.14 -72.26
N GLY I 141 37.25 -27.65 -72.99
CA GLY I 141 38.55 -27.45 -72.41
C GLY I 141 38.52 -26.59 -71.17
N LYS I 142 37.57 -25.65 -71.09
CA LYS I 142 37.38 -24.87 -69.87
C LYS I 142 37.30 -25.78 -68.65
N ILE I 143 36.73 -26.96 -68.81
CA ILE I 143 36.43 -27.77 -67.65
C ILE I 143 37.21 -29.09 -67.64
N VAL I 144 37.61 -29.58 -68.82
CA VAL I 144 38.44 -30.78 -68.91
C VAL I 144 39.80 -30.57 -68.25
N ASN I 145 40.31 -29.35 -68.27
CA ASN I 145 41.62 -29.04 -67.70
C ASN I 145 41.54 -28.45 -66.30
N ALA I 146 40.33 -28.15 -65.81
CA ALA I 146 40.12 -27.76 -64.42
C ALA I 146 39.78 -28.95 -63.54
N GLU I 147 39.16 -30.00 -64.11
CA GLU I 147 38.89 -31.22 -63.37
C GLU I 147 40.14 -32.10 -63.24
N MET I 148 40.95 -32.16 -64.30
CA MET I 148 42.07 -33.11 -64.33
C MET I 148 43.30 -32.58 -63.59
N ASN I 149 43.50 -31.27 -63.51
CA ASN I 149 44.63 -30.71 -62.78
C ASN I 149 44.22 -30.18 -61.43
N SER I 150 43.35 -30.94 -60.76
CA SER I 150 42.88 -30.70 -59.42
C SER I 150 42.13 -31.93 -58.96
N LYS I 151 42.13 -32.16 -57.65
CA LYS I 151 41.13 -33.02 -57.07
C LYS I 151 40.59 -32.42 -55.78
N THR I 152 40.33 -31.10 -55.84
CA THR I 152 39.35 -30.47 -54.96
C THR I 152 37.94 -30.90 -55.33
N PHE I 153 37.75 -31.26 -56.60
CA PHE I 153 36.44 -31.59 -57.16
C PHE I 153 36.60 -32.76 -58.13
N TYR I 154 35.53 -33.55 -58.24
CA TYR I 154 35.44 -34.63 -59.21
C TYR I 154 34.00 -35.12 -59.25
N THR I 155 33.65 -35.74 -60.37
CA THR I 155 32.39 -36.46 -60.48
C THR I 155 32.67 -37.92 -60.80
N ARG I 156 31.81 -38.81 -60.31
CA ARG I 156 31.89 -40.23 -60.61
C ARG I 156 30.57 -40.69 -61.22
N PHE I 157 30.66 -41.46 -62.31
CA PHE I 157 29.51 -42.14 -62.91
C PHE I 157 29.39 -43.51 -62.28
N GLU I 158 28.18 -43.86 -61.84
CA GLU I 158 27.96 -45.14 -61.19
C GLU I 158 26.56 -45.62 -61.53
N PRO I 159 26.25 -46.88 -61.24
CA PRO I 159 24.93 -47.41 -61.55
C PRO I 159 23.78 -46.64 -60.91
N ALA I 160 22.65 -46.65 -61.58
CA ALA I 160 21.42 -46.09 -61.01
C ALA I 160 20.84 -47.09 -60.01
N LEU I 161 21.48 -47.14 -58.85
CA LEU I 161 21.00 -47.97 -57.76
C LEU I 161 20.84 -47.15 -56.49
N TYR I 162 19.90 -47.54 -55.66
CA TYR I 162 19.66 -46.80 -54.45
C TYR I 162 20.92 -46.82 -53.59
N SER I 163 21.02 -45.82 -52.73
CA SER I 163 22.12 -45.68 -51.81
C SER I 163 21.60 -44.79 -50.69
N GLU I 164 22.16 -44.97 -49.50
CA GLU I 164 21.79 -44.02 -48.45
C GLU I 164 22.26 -42.62 -48.77
N GLU I 165 23.56 -42.44 -49.06
CA GLU I 165 24.05 -41.06 -49.24
C GLU I 165 23.41 -40.37 -50.44
N LYS I 166 22.83 -41.11 -51.39
CA LYS I 166 22.06 -40.48 -52.47
C LYS I 166 20.66 -40.08 -52.00
N TYR I 167 19.92 -41.00 -51.39
CA TYR I 167 18.61 -40.64 -50.86
C TYR I 167 18.71 -39.44 -49.96
N HIS I 168 19.77 -39.35 -49.18
CA HIS I 168 19.87 -38.25 -48.23
C HIS I 168 19.92 -36.90 -48.94
N LEU I 169 20.71 -36.80 -50.02
CA LEU I 169 20.74 -35.56 -50.79
C LEU I 169 19.38 -35.28 -51.40
N PHE I 170 18.80 -36.30 -52.03
CA PHE I 170 17.48 -36.18 -52.63
C PHE I 170 16.49 -35.52 -51.67
N VAL I 171 16.39 -36.03 -50.44
CA VAL I 171 15.39 -35.48 -49.53
C VAL I 171 15.77 -34.06 -49.11
N LYS I 172 17.05 -33.73 -49.07
CA LYS I 172 17.39 -32.34 -48.73
C LYS I 172 17.07 -31.42 -49.91
N TYR I 173 17.19 -31.93 -51.15
CA TYR I 173 16.69 -31.18 -52.30
C TYR I 173 15.17 -31.08 -52.28
N GLN I 174 14.49 -32.19 -52.01
CA GLN I 174 13.03 -32.16 -51.96
C GLN I 174 12.53 -31.19 -50.89
N GLU I 175 13.13 -31.21 -49.71
CA GLU I 175 12.61 -30.39 -48.62
C GLU I 175 12.90 -28.92 -48.88
N LYS I 176 14.17 -28.53 -48.96
CA LYS I 176 14.51 -27.12 -49.01
C LYS I 176 14.47 -26.53 -50.43
N VAL I 177 13.95 -27.25 -51.43
CA VAL I 177 13.71 -26.61 -52.74
C VAL I 177 12.22 -26.58 -53.08
N HIS I 178 11.59 -27.75 -53.21
CA HIS I 178 10.17 -27.83 -53.53
C HIS I 178 9.28 -27.84 -52.28
N GLN I 179 9.81 -27.49 -51.11
CA GLN I 179 9.08 -27.55 -49.86
C GLN I 179 8.31 -28.87 -49.74
N ASP I 180 8.85 -29.92 -50.34
CA ASP I 180 8.23 -31.24 -50.36
C ASP I 180 8.89 -32.12 -49.31
N TYR I 181 8.11 -32.56 -48.32
CA TYR I 181 8.65 -33.33 -47.21
C TYR I 181 8.14 -34.76 -47.17
N ASN I 182 7.32 -35.17 -48.13
CA ASN I 182 6.83 -36.55 -48.15
C ASN I 182 7.58 -37.29 -49.24
N ASN I 183 8.69 -37.92 -48.85
CA ASN I 183 9.49 -38.73 -49.76
C ASN I 183 9.81 -40.05 -49.08
N SER I 184 9.33 -41.13 -49.64
CA SER I 184 9.76 -42.44 -49.20
C SER I 184 11.07 -42.79 -49.90
N PRO I 185 11.91 -43.63 -49.27
CA PRO I 185 12.98 -44.25 -50.06
C PRO I 185 12.47 -44.99 -51.28
N LYS I 186 11.36 -45.72 -51.18
CA LYS I 186 10.83 -46.40 -52.34
C LYS I 186 10.10 -45.46 -53.29
N SER I 187 9.74 -44.25 -52.87
CA SER I 187 9.31 -43.25 -53.84
C SER I 187 10.52 -42.67 -54.58
N PHE I 188 11.60 -42.37 -53.86
CA PHE I 188 12.82 -41.94 -54.51
C PHE I 188 13.36 -43.03 -55.42
N LYS I 189 13.25 -44.28 -54.99
CA LYS I 189 13.86 -45.36 -55.75
C LYS I 189 13.04 -45.64 -56.99
N ARG I 190 11.70 -45.66 -56.86
CA ARG I 190 10.83 -45.97 -57.98
C ARG I 190 10.89 -44.89 -59.07
N PHE I 191 11.45 -43.72 -58.76
CA PHE I 191 11.53 -42.58 -59.68
C PHE I 191 12.91 -42.38 -60.28
N LEU I 192 13.98 -42.50 -59.47
CA LEU I 192 15.33 -42.26 -59.96
C LEU I 192 16.19 -43.51 -60.09
N CYS I 193 15.75 -44.67 -59.60
CA CYS I 193 16.55 -45.90 -59.67
C CYS I 193 15.87 -47.00 -60.47
N ASP I 194 14.56 -47.18 -60.33
CA ASP I 194 13.83 -48.13 -61.15
C ASP I 194 13.89 -47.71 -62.62
N THR I 195 14.17 -48.67 -63.47
CA THR I 195 14.28 -48.44 -64.91
C THR I 195 13.67 -49.61 -65.66
N PRO I 196 13.23 -49.39 -66.89
CA PRO I 196 12.70 -50.49 -67.70
C PRO I 196 13.77 -51.26 -68.45
N PHE I 197 15.03 -50.95 -68.20
CA PHE I 197 16.14 -51.62 -68.84
C PHE I 197 16.55 -52.82 -68.00
N GLY I 198 17.27 -53.73 -68.63
CA GLY I 198 17.59 -55.01 -68.03
C GLY I 198 18.82 -54.98 -67.15
N PRO I 199 19.21 -56.14 -66.62
CA PRO I 199 20.36 -56.16 -65.71
C PRO I 199 21.61 -55.63 -66.35
N GLU I 200 21.85 -55.97 -67.61
CA GLU I 200 23.11 -55.54 -68.21
C GLU I 200 23.12 -54.05 -68.41
N ALA I 201 22.03 -53.48 -68.92
CA ALA I 201 21.99 -52.04 -69.13
C ALA I 201 22.23 -51.28 -67.84
N VAL I 202 21.76 -51.82 -66.72
CA VAL I 202 21.88 -51.12 -65.45
C VAL I 202 23.26 -51.33 -64.85
N LEU I 203 23.67 -52.61 -64.70
CA LEU I 203 24.90 -52.96 -63.99
C LEU I 203 26.13 -52.85 -64.89
N GLY I 204 26.04 -53.39 -66.10
CA GLY I 204 27.08 -53.28 -67.10
C GLY I 204 28.40 -53.92 -66.70
N THR I 205 29.47 -53.28 -67.19
CA THR I 205 30.85 -53.72 -67.16
C THR I 205 31.47 -53.48 -65.79
N GLN I 206 32.81 -53.34 -65.86
CA GLN I 206 33.88 -52.96 -64.91
C GLN I 206 34.87 -52.11 -65.73
N GLU I 207 34.83 -52.22 -67.07
CA GLU I 207 35.62 -51.46 -68.03
C GLU I 207 34.86 -50.23 -68.51
N SER I 208 33.65 -50.43 -69.04
CA SER I 208 32.93 -49.30 -69.62
C SER I 208 32.50 -48.29 -68.57
N TRP I 209 32.51 -48.65 -67.29
CA TRP I 209 32.40 -47.64 -66.24
C TRP I 209 33.65 -46.80 -66.18
N GLU I 210 34.80 -47.45 -65.97
CA GLU I 210 36.09 -46.75 -65.96
C GLU I 210 36.30 -45.95 -67.23
N GLN I 211 35.87 -46.49 -68.37
CA GLN I 211 35.99 -45.74 -69.62
C GLN I 211 35.13 -44.48 -69.56
N LEU I 212 33.91 -44.61 -69.06
CA LEU I 212 33.02 -43.46 -68.97
C LEU I 212 33.56 -42.44 -67.96
N ASN I 213 34.27 -42.90 -66.91
CA ASN I 213 34.88 -42.00 -65.93
C ASN I 213 36.21 -41.42 -66.40
N ASN I 214 36.76 -41.91 -67.49
CA ASN I 214 37.88 -41.26 -68.16
C ASN I 214 37.45 -40.76 -69.54
N TRP I 215 36.20 -40.33 -69.63
CA TRP I 215 35.70 -39.72 -70.86
C TRP I 215 36.58 -38.56 -71.31
N GLN I 216 37.26 -37.89 -70.38
CA GLN I 216 38.27 -36.89 -70.75
C GLN I 216 39.28 -37.48 -71.73
N ARG I 217 39.85 -38.62 -71.34
CA ARG I 217 41.00 -39.25 -72.04
C ARG I 217 40.63 -40.22 -73.18
N MET I 218 39.61 -39.92 -73.98
CA MET I 218 39.37 -40.79 -75.13
C MET I 218 39.24 -40.02 -76.44
N LYS I 219 39.88 -40.55 -77.48
CA LYS I 219 40.07 -39.84 -78.74
C LYS I 219 38.74 -39.63 -79.45
N PRO I 220 38.67 -38.68 -80.40
CA PRO I 220 37.48 -38.61 -81.26
C PRO I 220 37.54 -39.69 -82.33
N GLY I 221 37.99 -40.88 -81.93
CA GLY I 221 38.00 -42.05 -82.79
C GLY I 221 37.52 -43.25 -82.00
N GLU I 222 37.39 -43.07 -80.69
CA GLU I 222 36.82 -44.06 -79.79
C GLU I 222 35.30 -43.88 -79.74
N LYS I 223 34.61 -44.91 -79.26
CA LYS I 223 33.18 -44.76 -79.01
C LYS I 223 32.79 -45.42 -77.69
N LEU I 224 31.87 -44.76 -76.99
CA LEU I 224 31.59 -45.07 -75.58
C LEU I 224 30.87 -46.41 -75.45
N LYS I 225 31.43 -47.31 -74.66
CA LYS I 225 30.88 -48.66 -74.66
C LYS I 225 29.71 -48.86 -73.69
N HIS I 226 29.38 -47.90 -72.80
CA HIS I 226 28.28 -48.07 -71.86
C HIS I 226 27.00 -47.42 -72.39
N MET I 227 25.97 -48.23 -72.61
CA MET I 227 24.62 -47.74 -72.84
C MET I 227 23.79 -48.09 -71.61
N GLY I 228 22.90 -47.19 -71.23
CA GLY I 228 21.99 -47.45 -70.12
C GLY I 228 21.84 -46.28 -69.20
N PRO I 229 21.09 -46.48 -68.11
CA PRO I 229 20.91 -45.39 -67.12
C PRO I 229 22.08 -45.34 -66.16
N VAL I 230 22.56 -44.13 -65.88
CA VAL I 230 23.60 -43.93 -64.88
C VAL I 230 23.27 -42.70 -64.02
N HIS I 231 23.83 -42.68 -62.82
CA HIS I 231 23.84 -41.51 -61.94
C HIS I 231 25.21 -40.83 -62.01
N GLU I 232 25.22 -39.50 -62.19
CA GLU I 232 26.44 -38.69 -62.22
C GLU I 232 26.57 -37.96 -60.89
N CYS I 233 27.56 -38.36 -60.08
CA CYS I 233 27.70 -37.91 -58.69
C CYS I 233 28.79 -36.84 -58.62
N TYR I 234 28.40 -35.59 -58.36
CA TYR I 234 29.32 -34.49 -58.20
C TYR I 234 29.77 -34.45 -56.74
N TYR I 235 31.08 -34.62 -56.51
CA TYR I 235 31.64 -34.63 -55.16
C TYR I 235 32.62 -33.47 -55.00
N TYR I 236 32.25 -32.47 -54.22
CA TYR I 236 33.19 -31.48 -53.71
C TYR I 236 33.28 -31.67 -52.20
N GLU I 237 34.47 -31.42 -51.63
CA GLU I 237 34.65 -31.56 -50.19
C GLU I 237 34.51 -33.02 -49.78
N GLY I 238 35.00 -33.91 -50.63
CA GLY I 238 34.77 -35.33 -50.45
C GLY I 238 33.33 -35.67 -50.09
N LYS I 239 32.38 -34.87 -50.56
CA LYS I 239 30.99 -35.02 -50.20
C LYS I 239 30.11 -34.84 -51.43
N LEU I 240 29.01 -35.60 -51.47
CA LEU I 240 28.01 -35.46 -52.50
C LEU I 240 27.35 -34.10 -52.42
N ILE I 241 27.29 -33.39 -53.56
CA ILE I 241 26.57 -32.12 -53.62
C ILE I 241 25.58 -32.11 -54.78
N ALA I 242 25.63 -33.13 -55.64
CA ALA I 242 24.80 -33.11 -56.83
C ALA I 242 24.78 -34.48 -57.48
N ILE I 243 23.60 -34.88 -57.98
CA ILE I 243 23.46 -36.06 -58.81
C ILE I 243 22.67 -35.68 -60.05
N THR I 244 23.21 -35.98 -61.23
CA THR I 244 22.42 -35.91 -62.46
C THR I 244 22.03 -37.33 -62.85
N VAL I 245 20.76 -37.51 -63.15
CA VAL I 245 20.24 -38.79 -63.60
C VAL I 245 20.07 -38.68 -65.09
N SER I 246 20.85 -39.47 -65.83
CA SER I 246 20.83 -39.43 -67.28
C SER I 246 20.73 -40.84 -67.82
N ASP I 247 20.19 -40.95 -69.02
CA ASP I 247 20.23 -42.19 -69.79
C ASP I 247 21.25 -42.05 -70.92
N ILE I 248 22.24 -42.93 -70.93
CA ILE I 248 23.21 -42.94 -72.02
C ILE I 248 22.63 -43.73 -73.19
N LEU I 249 22.43 -43.07 -74.31
CA LEU I 249 21.80 -43.70 -75.46
C LEU I 249 22.76 -43.76 -76.66
N PRO I 250 22.37 -44.41 -77.75
CA PRO I 250 23.23 -44.38 -78.93
C PRO I 250 23.30 -43.03 -79.61
N SER I 251 22.24 -42.23 -79.51
CA SER I 251 22.24 -40.91 -80.13
C SER I 251 22.72 -39.82 -79.18
N GLY I 252 23.13 -40.18 -77.97
CA GLY I 252 23.57 -39.17 -77.01
C GLY I 252 23.05 -39.34 -75.60
N ILE I 253 22.75 -38.23 -74.93
CA ILE I 253 22.40 -38.25 -73.52
C ILE I 253 21.05 -37.59 -73.32
N SER I 254 20.20 -38.27 -72.55
CA SER I 254 18.90 -37.76 -72.15
C SER I 254 18.92 -37.60 -70.63
N SER I 255 18.58 -36.42 -70.15
CA SER I 255 18.62 -36.17 -68.71
C SER I 255 17.28 -36.54 -68.06
N VAL I 256 17.36 -37.35 -67.01
CA VAL I 256 16.17 -37.75 -66.29
C VAL I 256 15.80 -36.69 -65.27
N TYR I 257 16.70 -36.46 -64.30
CA TYR I 257 16.46 -35.49 -63.24
C TYR I 257 17.81 -34.94 -62.83
N PHE I 258 17.79 -33.82 -62.15
CA PHE I 258 19.01 -33.31 -61.58
C PHE I 258 18.71 -32.83 -60.17
N ILE I 259 19.57 -33.20 -59.23
CA ILE I 259 19.42 -32.76 -57.84
C ILE I 259 20.75 -32.20 -57.36
N TRP I 260 20.67 -31.28 -56.41
CA TRP I 260 21.82 -30.51 -55.96
C TRP I 260 21.60 -30.17 -54.50
N ASP I 261 22.69 -30.15 -53.76
CA ASP I 261 22.71 -29.62 -52.40
C ASP I 261 22.26 -28.16 -52.45
N PRO I 262 21.24 -27.77 -51.67
CA PRO I 262 20.79 -26.36 -51.71
C PRO I 262 21.83 -25.39 -51.19
N ASP I 263 22.67 -25.82 -50.24
CA ASP I 263 23.72 -24.95 -49.74
C ASP I 263 24.63 -24.45 -50.86
N TYR I 264 24.57 -25.09 -52.03
CA TYR I 264 25.57 -24.90 -53.08
C TYR I 264 25.06 -24.13 -54.29
N SER I 265 24.09 -23.23 -54.11
CA SER I 265 23.49 -22.58 -55.26
C SER I 265 24.26 -21.34 -55.76
N LYS I 266 25.31 -20.91 -55.06
CA LYS I 266 26.23 -19.89 -55.56
C LYS I 266 27.12 -20.49 -56.65
N TRP I 267 26.70 -21.64 -57.19
CA TRP I 267 27.42 -22.37 -58.23
C TRP I 267 26.63 -22.54 -59.51
N SER I 268 25.31 -22.36 -59.48
CA SER I 268 24.46 -22.64 -60.64
C SER I 268 24.77 -24.03 -61.18
N LEU I 269 24.70 -25.01 -60.28
CA LEU I 269 25.15 -26.36 -60.59
C LEU I 269 24.35 -27.00 -61.72
N GLY I 270 23.10 -26.58 -61.91
CA GLY I 270 22.29 -27.11 -63.00
C GLY I 270 22.88 -26.82 -64.37
N LYS I 271 23.13 -25.54 -64.64
CA LYS I 271 23.75 -25.15 -65.91
C LYS I 271 25.15 -25.76 -66.04
N LEU I 272 25.86 -25.91 -64.94
CA LEU I 272 27.11 -26.66 -64.95
C LEU I 272 26.89 -28.10 -65.39
N SER I 273 25.84 -28.74 -64.86
CA SER I 273 25.52 -30.11 -65.23
C SER I 273 25.46 -30.26 -66.75
N ALA I 274 24.66 -29.41 -67.40
CA ALA I 274 24.51 -29.53 -68.85
C ALA I 274 25.83 -29.30 -69.57
N LEU I 275 26.51 -28.21 -69.24
CA LEU I 275 27.82 -27.97 -69.81
C LEU I 275 28.71 -29.21 -69.67
N ARG I 276 28.80 -29.78 -68.46
CA ARG I 276 29.56 -31.02 -68.31
C ARG I 276 29.03 -32.11 -69.23
N ASP I 277 27.71 -32.22 -69.34
CA ASP I 277 27.13 -33.31 -70.12
C ASP I 277 27.38 -33.13 -71.62
N LEU I 278 27.20 -31.92 -72.15
CA LEU I 278 27.58 -31.65 -73.54
C LEU I 278 29.07 -31.82 -73.72
N ALA I 279 29.85 -31.39 -72.73
CA ALA I 279 31.28 -31.66 -72.73
C ALA I 279 31.55 -33.13 -72.96
N ILE I 280 30.82 -33.98 -72.24
CA ILE I 280 30.94 -35.42 -72.44
C ILE I 280 30.49 -35.81 -73.84
N ILE I 281 29.36 -35.29 -74.30
CA ILE I 281 28.84 -35.71 -75.61
C ILE I 281 29.80 -35.38 -76.75
N GLN I 282 30.54 -34.27 -76.64
CA GLN I 282 31.36 -33.84 -77.79
C GLN I 282 32.46 -34.84 -78.11
N ARG I 283 33.17 -35.32 -77.09
CA ARG I 283 34.27 -36.24 -77.34
C ARG I 283 34.01 -37.64 -76.82
N THR I 284 32.80 -37.96 -76.34
CA THR I 284 32.38 -39.37 -76.31
C THR I 284 31.92 -39.84 -77.67
N ASN I 285 31.95 -38.96 -78.68
CA ASN I 285 31.57 -39.23 -80.07
C ASN I 285 30.08 -39.45 -80.27
N LEU I 286 29.25 -39.12 -79.26
CA LEU I 286 27.79 -39.18 -79.37
C LEU I 286 27.21 -37.88 -79.88
N GLN I 287 25.93 -37.91 -80.25
CA GLN I 287 25.40 -36.81 -81.04
C GLN I 287 24.69 -35.71 -80.26
N TYR I 288 23.90 -36.02 -79.22
CA TYR I 288 22.99 -35.00 -78.69
C TYR I 288 22.85 -35.06 -77.17
N TYR I 289 22.36 -33.94 -76.64
CA TYR I 289 21.86 -33.79 -75.29
C TYR I 289 20.37 -33.45 -75.37
N TYR I 290 19.52 -34.22 -74.67
CA TYR I 290 18.07 -34.07 -74.76
C TYR I 290 17.49 -33.33 -73.54
N LEU I 291 16.20 -32.97 -73.64
CA LEU I 291 15.48 -32.04 -72.74
C LEU I 291 16.36 -31.12 -71.90
N GLY I 308 20.38 -22.12 -80.93
CA GLY I 308 20.58 -23.15 -81.91
C GLY I 308 20.44 -24.53 -81.31
N ALA I 309 19.42 -24.69 -80.47
CA ALA I 309 18.91 -26.02 -80.17
C ALA I 309 17.81 -26.36 -81.17
N GLU I 310 17.31 -27.59 -81.12
CA GLU I 310 16.21 -28.02 -81.99
C GLU I 310 15.09 -28.61 -81.16
N VAL I 311 13.86 -28.21 -81.49
CA VAL I 311 12.69 -28.71 -80.79
C VAL I 311 11.96 -29.68 -81.71
N LEU I 312 11.27 -30.64 -81.11
CA LEU I 312 10.63 -31.72 -81.83
C LEU I 312 9.23 -31.33 -82.27
N ASP I 313 9.00 -31.31 -83.58
CA ASP I 313 7.63 -31.30 -84.08
C ASP I 313 7.06 -32.71 -84.00
N VAL I 314 6.20 -32.96 -83.01
CA VAL I 314 5.67 -34.31 -82.86
C VAL I 314 4.80 -34.77 -84.04
N CYS I 315 4.21 -33.85 -84.81
CA CYS I 315 3.33 -34.22 -85.92
C CYS I 315 4.10 -34.58 -87.19
N HIS I 316 5.37 -34.19 -87.30
CA HIS I 316 6.33 -34.66 -88.31
C HIS I 316 7.29 -35.71 -87.78
N SER I 317 7.39 -35.86 -86.45
CA SER I 317 8.48 -36.55 -85.79
C SER I 317 9.79 -36.16 -86.45
N LYS I 318 9.94 -34.87 -86.73
CA LYS I 318 11.19 -34.32 -87.21
C LYS I 318 11.52 -33.09 -86.36
N TYR I 319 12.78 -32.67 -86.38
CA TYR I 319 13.24 -31.57 -85.55
C TYR I 319 13.34 -30.29 -86.36
N ILE I 320 13.17 -29.17 -85.67
CA ILE I 320 13.18 -27.83 -86.25
C ILE I 320 14.10 -26.93 -85.43
N PRO I 321 14.81 -25.98 -86.04
CA PRO I 321 15.58 -25.02 -85.25
C PRO I 321 14.72 -24.30 -84.23
N LEU I 322 15.33 -23.93 -83.09
CA LEU I 322 14.56 -23.58 -81.89
C LEU I 322 14.03 -22.16 -81.93
N LYS I 323 14.92 -21.17 -81.88
CA LYS I 323 14.47 -19.79 -81.70
C LYS I 323 13.79 -19.19 -82.94
N PRO I 324 14.00 -19.70 -84.17
CA PRO I 324 13.09 -19.36 -85.27
C PRO I 324 11.61 -19.53 -84.93
N ILE I 325 11.29 -20.27 -83.88
CA ILE I 325 9.91 -20.56 -83.48
C ILE I 325 9.75 -20.29 -81.98
N GLN I 326 10.70 -19.51 -81.43
CA GLN I 326 10.86 -19.42 -79.97
C GLN I 326 9.63 -18.85 -79.29
N ASP I 327 9.15 -17.69 -79.72
CA ASP I 327 8.19 -17.06 -78.85
C ASP I 327 6.80 -17.61 -79.11
N MET I 328 6.76 -18.89 -79.48
CA MET I 328 5.61 -19.74 -79.19
C MET I 328 5.89 -20.80 -78.15
N ILE I 329 7.04 -21.47 -78.20
CA ILE I 329 7.37 -22.38 -77.12
C ILE I 329 7.55 -21.60 -75.82
N SER I 330 8.06 -20.37 -75.92
CA SER I 330 8.12 -19.47 -74.77
C SER I 330 6.77 -19.30 -74.13
N ARG I 331 5.76 -18.95 -74.93
CA ARG I 331 4.38 -18.86 -74.47
C ARG I 331 3.76 -20.23 -74.21
N GLY I 332 4.57 -21.29 -74.28
CA GLY I 332 4.09 -22.64 -74.12
C GLY I 332 2.92 -22.92 -75.05
N LYS I 333 3.14 -22.76 -76.35
CA LYS I 333 2.08 -22.97 -77.33
C LYS I 333 2.41 -24.14 -78.24
N LEU I 334 1.35 -24.74 -78.77
CA LEU I 334 1.44 -25.85 -79.71
C LEU I 334 1.82 -25.35 -81.09
N PHE I 335 2.73 -26.08 -81.76
CA PHE I 335 3.08 -25.74 -83.14
C PHE I 335 3.09 -26.98 -84.03
N VAL I 336 2.74 -26.76 -85.30
CA VAL I 336 2.85 -27.77 -86.36
C VAL I 336 3.50 -27.09 -87.55
N ILE I 337 4.65 -27.61 -87.99
CA ILE I 337 5.42 -26.94 -89.03
C ILE I 337 4.76 -27.18 -90.38
N GLY I 338 4.60 -26.13 -91.17
CA GLY I 338 4.04 -26.27 -92.52
C GLY I 338 4.59 -25.26 -93.50
N GLU I 339 4.36 -25.54 -94.78
CA GLU I 339 4.69 -24.62 -95.86
C GLU I 339 3.50 -23.80 -96.31
N GLU I 340 2.28 -24.23 -95.97
CA GLU I 340 1.06 -23.52 -96.34
C GLU I 340 0.95 -23.36 -97.86
N GLU I 341 1.31 -24.42 -98.59
CA GLU I 341 1.03 -24.41 -100.02
C GLU I 341 -0.45 -24.60 -100.27
N THR I 342 -1.06 -25.47 -99.49
CA THR I 342 -2.49 -25.64 -99.42
C THR I 342 -2.87 -25.55 -97.94
N LYS I 343 -4.17 -25.41 -97.66
CA LYS I 343 -4.64 -25.59 -96.30
C LYS I 343 -4.93 -27.08 -96.14
N VAL I 344 -4.25 -27.73 -95.21
CA VAL I 344 -4.44 -29.15 -95.07
C VAL I 344 -5.77 -29.39 -94.37
N THR I 345 -6.45 -30.46 -94.76
CA THR I 345 -7.78 -30.76 -94.25
C THR I 345 -7.81 -32.12 -93.59
N LYS I 346 -6.66 -32.64 -93.20
CA LYS I 346 -6.63 -33.74 -92.23
C LYS I 346 -5.26 -33.76 -91.59
N GLU I 347 -5.15 -34.49 -90.47
CA GLU I 347 -3.91 -34.51 -89.72
C GLU I 347 -2.78 -35.01 -90.60
N LEU I 348 -1.56 -34.58 -90.29
CA LEU I 348 -0.43 -34.94 -91.13
C LEU I 348 -0.16 -36.44 -91.05
N TYR I 349 0.23 -37.01 -92.19
CA TYR I 349 0.66 -38.40 -92.23
C TYR I 349 1.94 -38.61 -91.41
N LEU I 350 2.05 -39.79 -90.80
CA LEU I 350 3.23 -40.21 -90.04
C LEU I 350 3.77 -41.53 -90.59
N VAL I 351 4.94 -41.52 -91.20
CA VAL I 351 5.48 -42.73 -91.80
C VAL I 351 6.18 -43.58 -90.73
N ASP I 352 5.82 -44.88 -90.69
CA ASP I 352 6.28 -45.74 -89.61
C ASP I 352 7.81 -45.85 -89.58
N SER I 353 8.43 -46.02 -90.75
CA SER I 353 9.87 -46.24 -90.81
C SER I 353 10.66 -45.04 -90.28
N GLU I 354 10.05 -43.85 -90.22
CA GLU I 354 10.76 -42.62 -89.95
C GLU I 354 10.42 -41.96 -88.61
N THR I 355 9.26 -42.25 -88.01
CA THR I 355 8.96 -41.65 -86.72
C THR I 355 10.04 -42.00 -85.71
N GLY I 356 10.51 -41.00 -84.99
CA GLY I 356 11.45 -41.23 -83.92
C GLY I 356 12.86 -41.55 -84.35
N ARG I 357 13.19 -41.41 -85.63
CA ARG I 357 14.57 -41.59 -86.03
C ARG I 357 15.33 -40.27 -86.02
N GLY I 358 14.73 -39.20 -85.52
CA GLY I 358 15.46 -37.99 -85.26
C GLY I 358 15.88 -37.21 -86.49
N GLU I 359 15.01 -37.16 -87.50
CA GLU I 359 15.30 -36.39 -88.70
C GLU I 359 14.94 -34.93 -88.49
N GLY I 360 15.55 -34.06 -89.29
CA GLY I 360 15.21 -32.66 -89.32
C GLY I 360 14.48 -32.28 -90.60
N PHE I 361 14.15 -31.00 -90.69
CA PHE I 361 13.48 -30.50 -91.88
C PHE I 361 14.49 -30.09 -92.94
N PRO I 362 14.07 -30.03 -94.21
CA PRO I 362 14.90 -29.37 -95.21
C PRO I 362 15.19 -27.94 -94.78
N THR I 363 16.43 -27.50 -95.00
CA THR I 363 16.88 -26.19 -94.53
C THR I 363 16.90 -25.12 -95.62
N ASP I 364 16.53 -25.47 -96.85
CA ASP I 364 16.20 -24.48 -97.87
C ASP I 364 14.70 -24.17 -97.78
N ASN I 365 14.36 -22.91 -98.09
CA ASN I 365 13.02 -22.38 -97.81
C ASN I 365 12.68 -22.54 -96.32
N VAL I 366 13.56 -21.99 -95.46
CA VAL I 366 13.24 -21.85 -94.04
C VAL I 366 12.40 -20.60 -93.78
N VAL I 367 12.48 -19.59 -94.66
CA VAL I 367 11.53 -18.49 -94.64
C VAL I 367 10.13 -18.98 -94.95
N LYS I 368 10.02 -20.07 -95.71
CA LYS I 368 8.74 -20.63 -96.10
C LYS I 368 8.01 -21.34 -94.95
N TYR I 369 8.64 -21.51 -93.79
CA TYR I 369 8.06 -22.37 -92.74
C TYR I 369 7.19 -21.56 -91.80
N LYS I 370 5.96 -22.04 -91.59
CA LYS I 370 4.95 -21.38 -90.76
C LYS I 370 4.33 -22.41 -89.81
N ASN I 371 3.39 -21.93 -88.97
CA ASN I 371 2.74 -22.72 -87.94
C ASN I 371 1.31 -22.97 -88.39
N ILE I 372 1.01 -24.21 -88.77
CA ILE I 372 -0.30 -24.59 -89.28
C ILE I 372 -1.11 -25.35 -88.22
N ALA I 373 -0.73 -25.23 -86.95
CA ALA I 373 -1.42 -25.95 -85.89
C ALA I 373 -2.89 -25.54 -85.83
N GLU I 374 -3.19 -24.26 -86.10
CA GLU I 374 -4.55 -23.76 -85.91
C GLU I 374 -5.53 -24.40 -86.90
N GLU I 375 -5.08 -24.67 -88.13
CA GLU I 375 -6.00 -25.22 -89.11
C GLU I 375 -6.26 -26.70 -88.90
N ILE I 376 -5.48 -27.34 -88.03
CA ILE I 376 -5.65 -28.75 -87.68
C ILE I 376 -6.31 -28.90 -86.31
N TYR I 377 -5.91 -28.10 -85.33
CA TYR I 377 -6.33 -28.31 -83.96
C TYR I 377 -6.96 -27.10 -83.31
N GLY I 378 -7.01 -25.96 -83.99
CA GLY I 378 -7.76 -24.83 -83.49
C GLY I 378 -9.24 -25.17 -83.47
N VAL I 379 -10.03 -24.17 -83.04
CA VAL I 379 -11.45 -24.41 -82.93
C VAL I 379 -12.05 -24.70 -84.29
N GLY I 380 -11.40 -24.27 -85.36
CA GLY I 380 -11.93 -24.73 -86.62
C GLY I 380 -11.37 -26.05 -87.09
N GLY I 381 -10.52 -26.69 -86.29
CA GLY I 381 -9.64 -27.76 -86.72
C GLY I 381 -10.24 -28.85 -87.58
N CYS I 382 -9.48 -29.31 -88.55
CA CYS I 382 -9.97 -30.40 -89.39
C CYS I 382 -9.88 -31.75 -88.69
N ALA I 383 -9.05 -31.86 -87.66
CA ALA I 383 -8.78 -33.16 -87.04
C ALA I 383 -10.05 -33.73 -86.45
N PHE I 384 -10.86 -32.89 -85.83
CA PHE I 384 -12.01 -33.38 -85.09
C PHE I 384 -13.04 -33.99 -86.01
N LYS I 385 -13.35 -33.32 -87.12
CA LYS I 385 -14.37 -33.85 -88.02
C LYS I 385 -13.91 -35.16 -88.65
N SER I 386 -12.62 -35.28 -88.97
CA SER I 386 -12.11 -36.50 -89.58
C SER I 386 -11.85 -37.59 -88.55
N ALA I 387 -11.41 -37.23 -87.34
CA ALA I 387 -11.27 -38.25 -86.30
C ALA I 387 -12.60 -38.93 -86.03
N ASN I 388 -13.70 -38.19 -86.15
CA ASN I 388 -14.99 -38.79 -85.84
C ASN I 388 -15.45 -39.68 -86.99
N GLU I 389 -15.32 -39.23 -88.24
CA GLU I 389 -15.68 -40.09 -89.35
C GLU I 389 -14.95 -41.43 -89.31
N SER I 390 -13.65 -41.42 -88.93
CA SER I 390 -12.87 -42.65 -88.89
C SER I 390 -13.20 -43.48 -87.66
N ALA I 391 -13.42 -42.83 -86.51
CA ALA I 391 -13.96 -43.51 -85.35
C ALA I 391 -15.11 -44.44 -85.76
N LEU I 392 -16.07 -43.93 -86.53
CA LEU I 392 -17.24 -44.74 -86.85
C LEU I 392 -16.86 -45.88 -87.78
N GLU I 393 -16.04 -45.60 -88.80
CA GLU I 393 -15.53 -46.69 -89.62
C GLU I 393 -14.82 -47.72 -88.75
N LEU I 394 -14.11 -47.26 -87.72
CA LEU I 394 -13.40 -48.22 -86.89
C LEU I 394 -14.37 -49.04 -86.06
N LYS I 395 -15.52 -48.48 -85.65
CA LYS I 395 -16.46 -49.26 -84.86
C LYS I 395 -17.32 -50.17 -85.74
N GLU I 396 -17.99 -49.61 -86.75
CA GLU I 396 -18.96 -50.38 -87.50
C GLU I 396 -18.28 -51.49 -88.35
N LEU I 397 -17.14 -51.19 -88.96
CA LEU I 397 -16.53 -52.15 -89.90
C LEU I 397 -15.50 -53.08 -89.27
N TYR I 398 -14.70 -52.66 -88.29
CA TYR I 398 -13.66 -53.51 -87.74
C TYR I 398 -13.92 -53.88 -86.29
N GLY I 399 -15.07 -53.52 -85.75
CA GLY I 399 -15.42 -53.85 -84.39
C GLY I 399 -14.54 -53.24 -83.33
N ILE I 400 -13.89 -52.12 -83.60
CA ILE I 400 -12.98 -51.50 -82.65
C ILE I 400 -13.72 -50.37 -81.92
N PRO I 401 -13.85 -50.45 -80.58
CA PRO I 401 -14.71 -49.51 -79.84
C PRO I 401 -14.17 -48.08 -79.73
N TYR I 402 -13.99 -47.40 -80.86
CA TYR I 402 -13.86 -45.94 -80.93
C TYR I 402 -15.25 -45.33 -80.98
N GLU I 403 -15.38 -44.10 -80.47
CA GLU I 403 -16.67 -43.44 -80.52
C GLU I 403 -16.47 -41.97 -80.83
N GLU I 404 -17.41 -41.41 -81.60
CA GLU I 404 -17.51 -39.99 -81.89
C GLU I 404 -17.19 -39.16 -80.66
N GLU I 405 -16.32 -38.16 -80.80
CA GLU I 405 -15.80 -37.57 -79.57
C GLU I 405 -16.18 -36.11 -79.36
N ASP I 406 -15.75 -35.15 -80.18
CA ASP I 406 -15.68 -33.79 -79.62
C ASP I 406 -16.90 -32.93 -79.98
N LEU I 407 -17.72 -32.84 -78.92
CA LEU I 407 -19.02 -32.13 -78.87
C LEU I 407 -18.50 -30.71 -78.97
N ASP I 408 -17.95 -30.41 -80.15
CA ASP I 408 -17.60 -29.05 -80.63
C ASP I 408 -16.77 -28.30 -79.61
N THR I 409 -15.97 -29.02 -78.82
CA THR I 409 -15.08 -28.44 -77.80
C THR I 409 -14.22 -29.56 -77.20
N ILE I 410 -12.91 -29.36 -77.16
CA ILE I 410 -12.00 -30.27 -76.48
C ILE I 410 -12.08 -30.17 -74.97
N TYR I 411 -12.94 -29.31 -74.43
CA TYR I 411 -13.03 -29.05 -73.00
C TYR I 411 -14.39 -29.44 -72.39
N PRO I 421 -9.29 -42.68 -65.80
CA PRO I 421 -9.19 -42.00 -67.10
C PRO I 421 -10.49 -42.08 -67.91
N ASN I 422 -10.86 -40.98 -68.57
CA ASN I 422 -11.91 -41.06 -69.59
C ASN I 422 -11.47 -41.93 -70.76
N GLY I 423 -10.18 -41.93 -71.05
CA GLY I 423 -9.66 -42.64 -72.20
C GLY I 423 -8.77 -41.73 -73.05
N ILE I 424 -7.90 -42.33 -73.83
CA ILE I 424 -7.02 -41.57 -74.72
C ILE I 424 -7.87 -40.89 -75.78
N PRO I 425 -7.71 -39.59 -76.02
CA PRO I 425 -8.60 -38.90 -76.96
C PRO I 425 -8.33 -39.32 -78.41
N ASN I 426 -9.36 -39.15 -79.24
CA ASN I 426 -9.20 -39.43 -80.68
C ASN I 426 -8.14 -38.51 -81.31
N VAL I 427 -8.27 -37.20 -81.12
CA VAL I 427 -7.34 -36.22 -81.69
C VAL I 427 -6.31 -35.89 -80.63
N VAL I 428 -5.07 -36.31 -80.81
CA VAL I 428 -3.97 -35.94 -79.91
C VAL I 428 -2.72 -35.72 -80.75
N PRO I 429 -2.18 -34.51 -80.83
CA PRO I 429 -1.01 -34.26 -81.69
C PRO I 429 0.17 -35.11 -81.25
N GLY I 430 0.78 -35.81 -82.20
CA GLY I 430 1.88 -36.70 -81.94
C GLY I 430 1.50 -38.16 -81.97
N LEU I 431 0.22 -38.46 -81.83
CA LEU I 431 -0.29 -39.81 -81.98
C LEU I 431 -0.77 -39.99 -83.40
N LEU I 432 -0.79 -41.24 -83.84
CA LEU I 432 -1.16 -41.56 -85.20
C LEU I 432 -2.61 -41.16 -85.40
N PRO I 433 -2.94 -40.34 -86.40
CA PRO I 433 -4.34 -39.90 -86.55
C PRO I 433 -5.25 -41.05 -86.97
N LEU I 434 -6.52 -40.95 -86.57
CA LEU I 434 -7.42 -42.09 -86.72
C LEU I 434 -7.56 -42.49 -88.19
N TRP I 435 -7.59 -41.51 -89.10
CA TRP I 435 -7.67 -41.83 -90.52
C TRP I 435 -6.49 -42.67 -90.98
N GLU I 436 -5.31 -42.43 -90.41
CA GLU I 436 -4.17 -43.28 -90.68
C GLU I 436 -4.35 -44.64 -90.02
N LEU I 437 -4.83 -44.66 -88.77
CA LEU I 437 -5.10 -45.93 -88.12
C LEU I 437 -6.06 -46.76 -88.94
N LEU I 438 -7.05 -46.10 -89.56
CA LEU I 438 -8.03 -46.81 -90.36
C LEU I 438 -7.39 -47.47 -91.57
N ASP I 439 -6.34 -46.85 -92.11
CA ASP I 439 -5.69 -47.40 -93.29
C ASP I 439 -4.99 -48.71 -92.95
N ILE I 440 -4.43 -48.81 -91.75
CA ILE I 440 -3.82 -50.06 -91.29
C ILE I 440 -4.83 -51.20 -91.36
N MET I 441 -6.05 -50.96 -90.89
CA MET I 441 -7.04 -52.04 -90.84
C MET I 441 -7.62 -52.31 -92.22
N GLN I 442 -8.00 -51.27 -92.95
CA GLN I 442 -8.61 -51.46 -94.25
C GLN I 442 -7.69 -52.24 -95.18
N SER I 443 -6.42 -51.84 -95.24
CA SER I 443 -5.46 -52.48 -96.10
C SER I 443 -5.20 -53.93 -95.70
N GLY I 444 -5.43 -54.28 -94.45
CA GLY I 444 -5.00 -55.55 -93.92
C GLY I 444 -3.60 -55.56 -93.28
N LYS I 445 -2.86 -54.45 -93.31
CA LYS I 445 -1.56 -54.40 -92.66
C LYS I 445 -1.63 -54.97 -91.23
N ILE I 446 -2.77 -54.75 -90.56
CA ILE I 446 -2.95 -55.17 -89.19
C ILE I 446 -2.54 -56.61 -88.98
N THR I 447 -2.80 -57.48 -89.97
CA THR I 447 -2.50 -58.90 -89.76
C THR I 447 -1.01 -59.16 -89.61
N ASP I 448 -0.16 -58.20 -89.92
CA ASP I 448 1.24 -58.45 -89.70
C ASP I 448 1.58 -58.54 -88.22
N LEU I 449 0.73 -58.01 -87.34
CA LEU I 449 0.95 -58.23 -85.91
C LEU I 449 0.76 -59.71 -85.57
N GLU I 450 -0.04 -60.42 -86.36
CA GLU I 450 -0.23 -61.85 -86.14
C GLU I 450 1.11 -62.55 -86.34
N GLY I 451 1.53 -63.29 -85.31
CA GLY I 451 2.80 -63.95 -85.32
C GLY I 451 3.93 -63.13 -84.74
N ARG I 452 3.71 -61.84 -84.51
CA ARG I 452 4.77 -60.96 -84.01
C ARG I 452 4.43 -60.35 -82.65
N LEU I 453 3.24 -59.78 -82.52
CA LEU I 453 2.80 -59.22 -81.25
C LEU I 453 2.35 -60.32 -80.30
N PHE I 454 2.75 -60.22 -79.04
CA PHE I 454 2.29 -61.16 -78.03
C PHE I 454 1.42 -60.44 -77.01
N LEU I 455 0.42 -61.14 -76.52
CA LEU I 455 -0.53 -60.60 -75.57
C LEU I 455 -0.45 -61.38 -74.27
N PHE I 456 -0.64 -60.67 -73.16
CA PHE I 456 -0.58 -61.25 -71.81
C PHE I 456 -1.70 -60.65 -70.94
N GLU I 457 -2.85 -61.33 -70.87
CA GLU I 457 -3.83 -60.99 -69.86
C GLU I 457 -3.39 -61.63 -68.53
N ILE I 458 -3.08 -60.80 -67.53
CA ILE I 458 -2.32 -61.22 -66.35
C ILE I 458 -3.07 -62.21 -65.46
N GLU I 459 -4.36 -62.42 -65.67
CA GLU I 459 -5.07 -63.45 -64.94
C GLU I 459 -5.24 -64.73 -65.76
N THR I 460 -4.63 -64.79 -66.96
CA THR I 460 -4.91 -65.81 -67.97
C THR I 460 -3.63 -66.61 -68.23
N GLU I 461 -2.99 -67.07 -67.16
CA GLU I 461 -2.13 -68.26 -67.28
C GLU I 461 -0.82 -68.03 -68.05
N GLY I 462 -0.65 -66.85 -68.70
CA GLY I 462 0.60 -66.51 -69.33
C GLY I 462 0.39 -65.82 -70.66
N ILE I 463 1.52 -65.67 -71.38
CA ILE I 463 1.56 -64.97 -72.66
C ILE I 463 0.96 -65.81 -73.77
N ARG I 464 0.27 -65.16 -74.71
CA ARG I 464 -0.27 -65.85 -75.87
C ARG I 464 -0.06 -65.01 -77.12
N PRO I 465 0.14 -65.65 -78.27
CA PRO I 465 0.35 -64.92 -79.51
C PRO I 465 -0.94 -64.35 -80.10
N LEU I 466 -0.82 -63.16 -80.64
CA LEU I 466 -1.81 -62.68 -81.59
C LEU I 466 -1.92 -63.68 -82.71
N ILE I 467 -3.12 -64.23 -82.93
CA ILE I 467 -3.34 -65.18 -83.99
C ILE I 467 -4.31 -64.66 -85.04
N ASN I 468 -5.34 -63.93 -84.62
CA ASN I 468 -6.32 -63.37 -85.53
C ASN I 468 -6.83 -62.10 -84.88
N PHE I 469 -6.48 -60.95 -85.47
CA PHE I 469 -6.83 -59.67 -84.85
C PHE I 469 -8.34 -59.46 -84.79
N TYR I 470 -9.08 -59.88 -85.83
CA TYR I 470 -10.52 -59.62 -85.87
C TYR I 470 -11.29 -60.56 -84.94
N SER I 471 -10.74 -61.72 -84.63
CA SER I 471 -11.39 -62.63 -83.71
C SER I 471 -11.25 -62.19 -82.26
N GLU I 472 -10.41 -61.15 -81.96
CA GLU I 472 -10.12 -60.81 -80.57
C GLU I 472 -11.18 -59.89 -79.99
N PRO I 473 -11.34 -59.90 -78.66
CA PRO I 473 -12.37 -59.07 -78.04
C PRO I 473 -12.16 -57.62 -78.38
N PRO I 474 -13.24 -56.83 -78.43
CA PRO I 474 -13.08 -55.41 -78.76
C PRO I 474 -12.03 -54.69 -77.93
N ASN I 475 -12.11 -54.80 -76.60
CA ASN I 475 -11.17 -54.09 -75.74
C ASN I 475 -9.73 -54.52 -75.97
N VAL I 476 -9.52 -55.70 -76.56
CA VAL I 476 -8.17 -56.12 -76.95
C VAL I 476 -7.75 -55.45 -78.24
N LYS I 477 -8.67 -55.37 -79.21
CA LYS I 477 -8.34 -54.64 -80.43
C LYS I 477 -7.97 -53.20 -80.11
N LYS I 478 -8.73 -52.58 -79.19
CA LYS I 478 -8.49 -51.19 -78.85
C LYS I 478 -7.21 -51.02 -78.04
N ARG I 479 -6.87 -52.02 -77.21
CA ARG I 479 -5.58 -51.99 -76.55
C ARG I 479 -4.46 -52.01 -77.57
N ILE I 480 -4.60 -52.85 -78.60
CA ILE I 480 -3.58 -52.91 -79.64
C ILE I 480 -3.55 -51.60 -80.42
N CYS I 481 -4.73 -51.07 -80.77
CA CYS I 481 -4.82 -49.81 -81.49
C CYS I 481 -4.03 -48.72 -80.78
N ASP I 482 -4.22 -48.61 -79.46
CA ASP I 482 -3.60 -47.50 -78.73
C ASP I 482 -2.08 -47.67 -78.68
N VAL I 483 -1.60 -48.90 -78.47
CA VAL I 483 -0.17 -49.12 -78.55
C VAL I 483 0.36 -48.69 -79.91
N ILE I 484 -0.43 -48.91 -80.97
CA ILE I 484 -0.03 -48.49 -82.31
C ILE I 484 0.00 -46.98 -82.38
N ARG I 485 -1.10 -46.33 -81.98
CA ARG I 485 -1.18 -44.87 -82.08
C ARG I 485 -0.07 -44.20 -81.30
N LEU I 486 0.41 -44.84 -80.24
CA LEU I 486 1.27 -44.16 -79.29
C LEU I 486 2.74 -44.42 -79.52
N PHE I 487 3.14 -45.66 -79.77
CA PHE I 487 4.55 -45.99 -79.94
C PHE I 487 4.91 -46.46 -81.34
N GLY I 488 3.94 -46.58 -82.23
CA GLY I 488 4.18 -46.85 -83.63
C GLY I 488 3.97 -48.31 -84.00
N PHE I 489 3.63 -48.54 -85.26
CA PHE I 489 3.33 -49.90 -85.71
C PHE I 489 4.56 -50.80 -85.63
N GLU I 490 5.71 -50.34 -86.14
CA GLU I 490 6.94 -51.12 -86.06
C GLU I 490 7.18 -51.60 -84.64
N THR I 491 7.12 -50.69 -83.68
CA THR I 491 7.48 -51.03 -82.30
C THR I 491 6.48 -52.01 -81.73
N CYS I 492 5.20 -51.81 -82.06
CA CYS I 492 4.15 -52.73 -81.65
C CYS I 492 4.41 -54.14 -82.16
N MET I 493 5.04 -54.27 -83.32
CA MET I 493 5.37 -55.60 -83.81
C MET I 493 6.32 -56.34 -82.89
N LYS I 494 7.06 -55.62 -82.05
CA LYS I 494 8.01 -56.28 -81.17
C LYS I 494 7.54 -56.21 -79.72
N ALA I 495 6.29 -55.82 -79.52
CA ALA I 495 5.76 -55.63 -78.19
C ALA I 495 5.21 -56.92 -77.60
N VAL I 496 5.14 -56.91 -76.27
CA VAL I 496 4.27 -57.75 -75.47
C VAL I 496 3.40 -56.82 -74.68
N ILE I 497 2.09 -56.84 -74.94
CA ILE I 497 1.13 -55.99 -74.23
C ILE I 497 0.54 -56.73 -73.05
N LEU I 498 0.53 -56.09 -71.88
CA LEU I 498 -0.03 -56.64 -70.66
C LEU I 498 -1.36 -55.97 -70.34
N TYR I 499 -2.33 -56.74 -69.86
CA TYR I 499 -3.61 -56.13 -69.52
C TYR I 499 -4.37 -57.05 -68.57
N SER I 500 -5.43 -56.47 -67.96
CA SER I 500 -6.41 -57.13 -67.09
C SER I 500 -7.80 -56.89 -67.64
N GLU I 501 -8.72 -57.84 -67.46
CA GLU I 501 -10.08 -57.54 -67.87
C GLU I 501 -10.98 -57.33 -66.68
N ASP J 3 -67.45 45.17 29.11
CA ASP J 3 -66.00 45.06 29.22
C ASP J 3 -65.59 44.82 30.67
N ARG J 4 -66.54 44.79 31.60
CA ARG J 4 -66.29 44.63 33.02
C ARG J 4 -66.79 43.28 33.53
N PHE J 5 -66.14 42.77 34.58
CA PHE J 5 -66.52 41.49 35.19
C PHE J 5 -67.31 41.82 36.48
N VAL J 6 -68.63 41.91 36.35
CA VAL J 6 -69.47 42.38 37.45
C VAL J 6 -70.12 41.15 38.08
N ILE J 7 -69.60 40.74 39.23
CA ILE J 7 -69.94 39.45 39.81
C ILE J 7 -70.06 39.57 41.33
N TRP J 8 -70.74 38.59 41.92
CA TRP J 8 -70.81 38.45 43.37
C TRP J 8 -69.63 37.61 43.87
N ALA J 9 -69.26 37.84 45.13
CA ALA J 9 -68.11 37.13 45.71
C ALA J 9 -68.37 35.63 45.73
N PRO J 10 -67.45 34.81 45.25
CA PRO J 10 -67.74 33.39 45.04
C PRO J 10 -67.88 32.60 46.35
N SER J 11 -68.51 31.44 46.23
CA SER J 11 -68.84 30.60 47.38
C SER J 11 -69.25 29.22 46.88
N MET J 12 -69.30 28.27 47.82
CA MET J 12 -69.87 26.95 47.56
C MET J 12 -71.39 27.01 47.52
N HIS J 13 -71.99 26.11 46.74
CA HIS J 13 -73.44 25.98 46.66
C HIS J 13 -73.81 24.50 46.63
N ASN J 14 -74.78 24.12 47.48
CA ASN J 14 -75.12 22.71 47.70
C ASN J 14 -75.84 22.07 46.51
N GLU J 15 -76.30 22.87 45.53
CA GLU J 15 -76.96 22.44 44.28
C GLU J 15 -77.39 20.97 44.18
N MET J 31 -70.18 0.82 44.09
CA MET J 31 -70.05 1.91 43.12
C MET J 31 -68.69 2.59 43.22
N ASP J 32 -67.80 2.23 42.28
CA ASP J 32 -66.38 2.59 42.35
C ASP J 32 -66.18 4.10 42.28
N GLN J 33 -66.93 4.80 41.43
CA GLN J 33 -66.51 6.09 40.89
C GLN J 33 -67.07 7.29 41.65
N LEU J 34 -67.15 7.23 42.98
CA LEU J 34 -67.54 8.41 43.72
C LEU J 34 -66.36 9.20 44.28
N PHE J 35 -65.13 8.77 43.98
CA PHE J 35 -63.94 9.37 44.53
C PHE J 35 -62.99 9.75 43.40
N ALA J 36 -62.32 10.90 43.56
CA ALA J 36 -61.42 11.40 42.52
C ALA J 36 -60.22 10.49 42.32
N LEU J 37 -59.83 9.75 43.35
CA LEU J 37 -58.59 8.98 43.28
C LEU J 37 -58.72 7.73 44.15
N ASP J 38 -58.35 6.60 43.58
CA ASP J 38 -58.43 5.31 44.28
C ASP J 38 -57.83 5.37 45.68
N SER J 39 -56.88 6.29 45.90
CA SER J 39 -56.25 6.45 47.20
C SER J 39 -57.28 6.59 48.31
N TRP J 40 -58.10 7.64 48.23
CA TRP J 40 -59.09 7.89 49.27
C TRP J 40 -60.18 6.83 49.27
N ALA J 41 -60.44 6.22 48.11
CA ALA J 41 -61.25 5.02 48.09
C ALA J 41 -60.69 4.00 49.07
N HIS J 42 -59.44 3.58 48.86
CA HIS J 42 -58.81 2.58 49.73
C HIS J 42 -59.02 2.91 51.20
N ARG J 43 -58.87 4.18 51.57
CA ARG J 43 -59.00 4.56 52.97
C ARG J 43 -60.44 4.43 53.47
N TYR J 44 -61.43 4.66 52.62
CA TYR J 44 -62.82 4.85 53.08
C TYR J 44 -63.83 4.07 52.22
N MET J 45 -63.60 2.77 51.97
CA MET J 45 -64.66 1.94 51.40
C MET J 45 -65.21 0.90 52.37
N ASN J 46 -64.36 0.34 53.24
CA ASN J 46 -64.88 -0.15 54.51
C ASN J 46 -65.59 0.98 55.24
N LYS J 47 -64.89 2.12 55.39
CA LYS J 47 -65.31 3.22 56.26
C LYS J 47 -66.02 4.30 55.42
N MET J 48 -67.20 3.99 54.91
CA MET J 48 -67.83 4.98 54.06
C MET J 48 -69.15 5.57 54.54
N ASP J 49 -70.00 4.79 55.24
CA ASP J 49 -71.22 5.53 55.68
C ASP J 49 -70.97 6.35 56.91
N VAL J 50 -69.69 6.45 57.29
CA VAL J 50 -69.26 7.29 58.40
C VAL J 50 -68.94 8.71 57.96
N VAL J 51 -68.78 8.96 56.66
CA VAL J 51 -68.48 10.27 56.11
C VAL J 51 -69.48 10.56 55.00
N LYS J 52 -69.81 11.85 54.85
CA LYS J 52 -70.65 12.30 53.77
C LYS J 52 -69.82 13.08 52.78
N ILE J 53 -69.85 12.64 51.52
CA ILE J 53 -69.35 13.41 50.40
C ILE J 53 -70.56 14.05 49.76
N GLU J 54 -70.40 15.27 49.26
CA GLU J 54 -71.54 16.13 48.93
C GLU J 54 -71.23 16.87 47.63
N ASN J 55 -72.28 17.46 47.03
CA ASN J 55 -72.18 18.21 45.79
C ASN J 55 -71.43 19.53 45.95
N CYS J 56 -70.12 19.50 45.70
CA CYS J 56 -69.31 20.70 45.68
C CYS J 56 -69.48 21.37 44.32
N THR J 57 -70.18 22.51 44.30
CA THR J 57 -70.16 23.41 43.17
C THR J 57 -69.57 24.75 43.64
N ILE J 58 -68.67 25.32 42.83
CA ILE J 58 -67.97 26.55 43.20
C ILE J 58 -68.11 27.58 42.10
N GLY J 59 -68.53 28.79 42.46
CA GLY J 59 -68.60 29.84 41.48
C GLY J 59 -69.30 31.08 42.02
N SER J 60 -69.82 31.88 41.09
CA SER J 60 -70.34 33.21 41.37
C SER J 60 -71.60 33.47 40.55
N PHE J 61 -72.53 34.21 41.14
CA PHE J 61 -73.59 34.84 40.36
C PHE J 61 -73.01 36.05 39.62
N VAL J 62 -73.25 36.13 38.30
CA VAL J 62 -72.56 37.09 37.43
C VAL J 62 -73.60 38.09 36.93
N GLU J 63 -73.51 39.33 37.41
CA GLU J 63 -74.42 40.33 36.90
C GLU J 63 -74.03 40.79 35.51
N HIS J 64 -72.75 40.74 35.15
CA HIS J 64 -72.40 41.20 33.81
C HIS J 64 -71.03 40.73 33.37
N MET J 65 -70.95 40.22 32.14
CA MET J 65 -69.71 39.90 31.47
C MET J 65 -69.98 39.88 29.97
N ASP J 66 -68.91 39.99 29.17
CA ASP J 66 -69.03 39.89 27.72
C ASP J 66 -68.73 38.46 27.28
N VAL J 67 -69.08 38.15 26.04
CA VAL J 67 -68.93 36.75 25.66
C VAL J 67 -67.46 36.40 25.51
N ALA J 68 -66.62 37.39 25.17
CA ALA J 68 -65.19 37.09 25.08
C ALA J 68 -64.66 36.60 26.42
N THR J 69 -65.06 37.24 27.51
CA THR J 69 -64.60 36.81 28.82
C THR J 69 -65.22 35.49 29.20
N TYR J 70 -66.50 35.27 28.85
CA TYR J 70 -67.08 33.96 29.10
C TYR J 70 -66.39 32.90 28.25
N ASP J 71 -66.01 33.26 27.00
CA ASP J 71 -65.28 32.30 26.17
C ASP J 71 -64.02 31.85 26.88
N ARG J 72 -63.35 32.77 27.55
CA ARG J 72 -62.14 32.46 28.26
C ARG J 72 -62.41 31.90 29.65
N MET J 73 -63.64 31.96 30.13
CA MET J 73 -63.97 31.16 31.31
C MET J 73 -64.30 29.71 30.91
N CYS J 74 -64.87 29.49 29.73
CA CYS J 74 -65.05 28.15 29.19
C CYS J 74 -63.75 27.35 29.27
N ASN J 75 -62.67 27.94 28.75
CA ASN J 75 -61.38 27.28 28.65
C ASN J 75 -60.60 27.29 29.95
N MET J 76 -61.15 27.88 31.01
CA MET J 76 -60.67 27.60 32.36
C MET J 76 -61.51 26.53 33.04
N GLY J 77 -62.40 25.88 32.31
CA GLY J 77 -63.23 24.85 32.90
C GLY J 77 -64.49 25.28 33.61
N PHE J 78 -65.03 26.46 33.31
CA PHE J 78 -66.32 26.84 33.86
C PHE J 78 -67.44 26.50 32.88
N ARG J 79 -68.66 26.53 33.40
CA ARG J 79 -69.84 26.55 32.55
C ARG J 79 -70.89 27.36 33.30
N ARG J 80 -71.99 27.66 32.63
CA ARG J 80 -72.99 28.55 33.23
C ARG J 80 -74.34 27.87 33.31
N SER J 81 -75.00 28.10 34.42
CA SER J 81 -76.43 27.83 34.58
C SER J 81 -77.07 29.18 34.88
N GLY J 82 -77.81 29.72 33.91
CA GLY J 82 -78.27 31.09 34.04
C GLY J 82 -77.13 32.09 34.12
N LYS J 83 -77.23 32.98 35.10
CA LYS J 83 -76.19 33.94 35.37
C LYS J 83 -75.21 33.42 36.39
N PHE J 84 -75.37 32.17 36.83
CA PHE J 84 -74.47 31.55 37.78
C PHE J 84 -73.36 30.88 37.02
N LEU J 85 -72.12 31.31 37.25
CA LEU J 85 -70.95 30.84 36.54
C LEU J 85 -70.10 30.02 37.51
N TYR J 86 -69.87 28.75 37.20
CA TYR J 86 -69.33 27.83 38.20
C TYR J 86 -68.46 26.76 37.57
N LYS J 87 -67.90 25.93 38.44
CA LYS J 87 -67.29 24.65 38.09
C LYS J 87 -67.42 23.76 39.33
N VAL J 88 -66.73 22.63 39.34
CA VAL J 88 -66.81 21.77 40.51
C VAL J 88 -65.41 21.39 40.95
N ASP J 89 -65.29 21.13 42.27
CA ASP J 89 -64.05 20.73 42.91
C ASP J 89 -63.69 19.34 42.38
N PRO J 90 -62.73 19.26 41.47
CA PRO J 90 -62.44 17.98 40.83
C PRO J 90 -61.84 16.97 41.80
N LEU J 91 -61.64 17.34 43.05
CA LEU J 91 -61.24 16.38 44.07
C LEU J 91 -62.45 15.76 44.77
N ARG J 92 -63.33 16.57 45.35
CA ARG J 92 -64.18 16.09 46.43
C ARG J 92 -65.65 15.90 46.06
N ASN J 93 -66.00 15.71 44.80
CA ASN J 93 -67.43 15.68 44.53
C ASN J 93 -67.93 14.35 43.98
N CYS J 94 -69.24 14.15 44.17
CA CYS J 94 -70.01 13.02 43.64
C CYS J 94 -69.54 12.62 42.25
N CYS J 95 -69.48 13.58 41.32
CA CYS J 95 -68.97 13.40 39.96
C CYS J 95 -67.69 14.21 39.78
N ARG J 96 -67.17 14.16 38.56
CA ARG J 96 -66.09 15.03 38.11
C ARG J 96 -66.38 15.33 36.64
N LEU J 97 -66.85 16.53 36.35
CA LEU J 97 -67.15 16.86 34.96
C LEU J 97 -65.91 17.41 34.28
N TYR J 98 -65.73 17.01 33.03
CA TYR J 98 -64.56 17.37 32.24
C TYR J 98 -64.98 18.36 31.16
N THR J 99 -64.33 19.51 31.15
CA THR J 99 -64.38 20.37 29.98
C THR J 99 -63.71 19.66 28.80
N ILE J 100 -64.43 19.54 27.69
CA ILE J 100 -63.96 18.76 26.54
C ILE J 100 -64.34 19.51 25.27
N ARG J 101 -63.38 19.65 24.36
CA ARG J 101 -63.57 20.44 23.14
C ARG J 101 -63.25 19.60 21.93
N THR J 102 -63.84 19.99 20.80
CA THR J 102 -63.79 19.18 19.60
C THR J 102 -64.01 20.07 18.40
N ALA J 103 -63.03 20.13 17.51
CA ALA J 103 -63.27 20.67 16.19
C ALA J 103 -63.89 19.58 15.34
N PRO J 104 -64.61 19.96 14.28
CA PRO J 104 -65.15 18.94 13.36
C PRO J 104 -64.08 18.05 12.76
N GLN J 105 -62.81 18.45 12.85
CA GLN J 105 -61.69 17.70 12.29
C GLN J 105 -61.67 16.27 12.80
N GLU J 106 -61.40 16.11 14.09
CA GLU J 106 -61.07 14.81 14.67
C GLU J 106 -62.24 14.19 15.40
N LEU J 107 -63.47 14.46 14.95
CA LEU J 107 -64.58 13.62 15.33
C LEU J 107 -64.42 12.30 14.60
N ASN J 108 -63.88 11.30 15.29
CA ASN J 108 -63.72 9.96 14.71
C ASN J 108 -65.10 9.32 14.75
N MET J 109 -65.76 9.33 13.59
CA MET J 109 -67.20 9.07 13.53
C MET J 109 -67.44 7.58 13.66
N THR J 110 -67.78 7.17 14.89
CA THR J 110 -68.14 5.81 15.22
C THR J 110 -69.25 5.34 14.28
N LYS J 111 -69.43 4.02 14.14
CA LYS J 111 -70.59 3.53 13.41
C LYS J 111 -71.86 3.59 14.25
N GLU J 112 -71.75 3.64 15.60
CA GLU J 112 -72.85 3.98 16.49
C GLU J 112 -73.49 5.31 16.11
N LEU J 113 -72.82 6.07 15.25
CA LEU J 113 -73.03 7.48 14.92
C LEU J 113 -73.42 7.68 13.45
N LYS J 114 -72.67 7.08 12.52
CA LYS J 114 -72.92 7.29 11.09
C LYS J 114 -74.32 6.82 10.69
N LYS J 115 -74.81 5.76 11.34
CA LYS J 115 -76.19 5.30 11.14
C LYS J 115 -77.20 6.38 11.51
N CYS J 116 -76.84 7.26 12.44
CA CYS J 116 -77.77 8.28 12.91
C CYS J 116 -77.98 9.35 11.85
N ILE J 117 -76.93 9.74 11.12
CA ILE J 117 -77.07 10.77 10.09
C ILE J 117 -77.84 10.24 8.90
N SER J 118 -77.52 9.01 8.45
CA SER J 118 -78.22 8.46 7.29
C SER J 118 -79.71 8.26 7.60
N ARG J 119 -80.05 7.78 8.80
CA ARG J 119 -81.47 7.64 9.11
C ARG J 119 -82.12 9.01 9.25
N PHE J 120 -81.39 10.01 9.75
CA PHE J 120 -81.91 11.37 9.74
C PHE J 120 -82.18 11.81 8.30
N ALA J 121 -81.21 11.57 7.41
CA ALA J 121 -81.30 11.99 6.02
C ALA J 121 -82.36 11.25 5.20
N THR J 122 -82.95 10.17 5.71
CA THR J 122 -84.07 9.62 4.97
C THR J 122 -85.37 10.34 5.32
N ARG J 123 -85.64 10.54 6.62
CA ARG J 123 -86.93 11.05 7.05
C ARG J 123 -87.15 12.53 6.69
N ILE J 124 -86.11 13.23 6.24
CA ILE J 124 -86.25 14.66 6.00
C ILE J 124 -86.55 14.96 4.53
N THR J 125 -86.12 14.10 3.62
CA THR J 125 -86.41 14.29 2.19
C THR J 125 -87.28 13.15 1.68
N PRO J 131 -80.00 13.26 -3.60
CA PRO J 131 -78.89 12.34 -3.30
C PRO J 131 -77.55 12.79 -3.90
N ALA J 132 -76.60 13.10 -3.01
CA ALA J 132 -75.30 13.63 -3.39
C ALA J 132 -74.19 12.63 -3.11
N ALA J 133 -73.14 12.66 -3.96
CA ALA J 133 -71.99 11.77 -3.80
C ALA J 133 -71.12 12.20 -2.63
N VAL J 134 -71.67 12.07 -1.43
CA VAL J 134 -71.03 12.45 -0.17
C VAL J 134 -69.81 11.58 0.10
N ALA J 135 -68.99 11.96 1.07
CA ALA J 135 -67.87 11.14 1.53
C ALA J 135 -68.32 10.19 2.63
N SER J 136 -67.75 8.96 2.62
CA SER J 136 -68.16 7.87 3.49
C SER J 136 -68.41 8.33 4.93
N SER J 137 -67.69 9.36 5.37
CA SER J 137 -67.86 9.91 6.71
C SER J 137 -67.69 11.43 6.79
N ASP J 138 -68.08 12.18 5.75
CA ASP J 138 -68.14 13.65 5.88
C ASP J 138 -69.56 14.03 6.25
N PHE J 139 -69.79 14.10 7.57
CA PHE J 139 -71.14 14.31 8.10
C PHE J 139 -71.67 15.69 7.76
N VAL J 140 -70.84 16.73 7.86
CA VAL J 140 -71.31 18.09 7.58
C VAL J 140 -72.04 18.11 6.25
N GLY J 141 -71.33 17.71 5.19
CA GLY J 141 -71.92 17.53 3.86
C GLY J 141 -73.27 16.86 3.91
N LYS J 142 -73.30 15.61 4.43
CA LYS J 142 -74.56 14.87 4.46
C LYS J 142 -75.64 15.65 5.22
N ILE J 143 -75.29 16.29 6.35
CA ILE J 143 -76.27 17.11 7.09
C ILE J 143 -76.74 18.28 6.24
N VAL J 144 -75.80 19.12 5.79
CA VAL J 144 -76.17 20.36 5.12
C VAL J 144 -77.05 20.07 3.90
N ASN J 145 -76.54 19.24 2.97
CA ASN J 145 -77.29 19.05 1.74
C ASN J 145 -78.53 18.21 1.98
N ALA J 146 -78.49 17.23 2.89
CA ALA J 146 -79.73 16.55 3.21
C ALA J 146 -80.76 17.54 3.72
N GLU J 147 -80.32 18.51 4.51
CA GLU J 147 -81.26 19.47 5.08
C GLU J 147 -81.41 20.74 4.25
N MET J 148 -80.42 21.08 3.42
CA MET J 148 -80.50 22.30 2.62
C MET J 148 -81.77 22.32 1.76
N ASN J 149 -82.12 21.17 1.18
CA ASN J 149 -83.39 21.01 0.47
C ASN J 149 -84.22 20.01 1.29
N SER J 150 -84.99 20.54 2.25
CA SER J 150 -86.05 19.78 2.90
C SER J 150 -87.28 20.67 3.09
N LYS J 151 -88.46 20.11 2.84
CA LYS J 151 -89.72 20.77 3.14
C LYS J 151 -90.36 20.16 4.36
N THR J 152 -89.60 19.34 5.08
CA THR J 152 -90.03 18.61 6.27
C THR J 152 -89.61 19.29 7.57
N PHE J 153 -88.38 19.77 7.60
CA PHE J 153 -87.67 20.00 8.85
C PHE J 153 -86.72 21.17 8.67
N TYR J 154 -86.59 22.00 9.71
CA TYR J 154 -85.69 23.14 9.72
C TYR J 154 -85.48 23.63 11.16
N THR J 155 -84.31 24.22 11.38
CA THR J 155 -84.04 24.88 12.65
C THR J 155 -84.16 26.38 12.47
N ARG J 156 -84.35 27.07 13.59
CA ARG J 156 -84.35 28.51 13.58
C ARG J 156 -83.69 28.99 14.86
N PHE J 157 -82.78 29.96 14.73
CA PHE J 157 -82.15 30.58 15.87
C PHE J 157 -82.96 31.80 16.25
N GLU J 158 -83.30 31.91 17.52
CA GLU J 158 -83.95 33.10 18.04
C GLU J 158 -83.28 33.49 19.35
N PRO J 159 -83.41 34.76 19.74
CA PRO J 159 -82.97 35.20 21.07
C PRO J 159 -83.45 34.26 22.16
N ALA J 160 -82.63 34.13 23.21
CA ALA J 160 -82.88 33.23 24.33
C ALA J 160 -83.84 33.91 25.30
N LEU J 161 -85.08 34.01 24.87
CA LEU J 161 -86.19 34.57 25.62
C LEU J 161 -87.22 33.49 25.94
N TYR J 162 -88.09 33.79 26.88
CA TYR J 162 -89.14 32.85 27.26
C TYR J 162 -90.30 32.93 26.28
N SER J 163 -90.79 31.76 25.89
CA SER J 163 -92.10 31.61 25.29
C SER J 163 -92.81 30.51 26.05
N GLU J 164 -94.12 30.40 25.86
CA GLU J 164 -94.77 29.29 26.54
C GLU J 164 -94.71 28.01 25.71
N GLU J 165 -94.54 28.15 24.38
CA GLU J 165 -94.30 26.99 23.54
C GLU J 165 -93.00 26.31 23.91
N LYS J 166 -92.00 27.11 24.32
CA LYS J 166 -90.72 26.54 24.74
C LYS J 166 -90.77 26.05 26.17
N TYR J 167 -91.37 26.82 27.06
CA TYR J 167 -91.46 26.36 28.45
C TYR J 167 -92.16 25.00 28.51
N HIS J 168 -93.23 24.83 27.74
CA HIS J 168 -93.98 23.58 27.79
C HIS J 168 -93.17 22.42 27.23
N LEU J 169 -92.44 22.66 26.14
CA LEU J 169 -91.57 21.61 25.64
C LEU J 169 -90.53 21.23 26.67
N PHE J 170 -89.93 22.23 27.32
CA PHE J 170 -88.98 21.98 28.40
C PHE J 170 -89.59 21.10 29.46
N VAL J 171 -90.81 21.44 29.90
CA VAL J 171 -91.42 20.69 31.00
C VAL J 171 -91.78 19.28 30.55
N LYS J 172 -92.29 19.13 29.34
CA LYS J 172 -92.56 17.78 28.84
C LYS J 172 -91.27 16.95 28.86
N TYR J 173 -90.21 17.51 28.28
CA TYR J 173 -88.92 16.86 28.30
C TYR J 173 -88.47 16.60 29.72
N GLN J 174 -88.49 17.64 30.55
CA GLN J 174 -87.96 17.55 31.91
C GLN J 174 -88.65 16.46 32.73
N GLU J 175 -89.92 16.14 32.42
CA GLU J 175 -90.60 15.09 33.17
C GLU J 175 -90.35 13.72 32.56
N LYS J 176 -90.75 13.53 31.30
CA LYS J 176 -90.73 12.20 30.70
C LYS J 176 -89.33 11.67 30.44
N VAL J 177 -88.30 12.49 30.61
CA VAL J 177 -86.92 12.04 30.45
C VAL J 177 -86.15 12.10 31.76
N HIS J 178 -86.29 13.17 32.54
CA HIS J 178 -85.56 13.25 33.79
C HIS J 178 -86.42 12.99 35.02
N GLN J 179 -87.69 12.62 34.83
CA GLN J 179 -88.59 12.37 35.95
C GLN J 179 -88.58 13.55 36.90
N ASP J 180 -88.34 14.74 36.35
CA ASP J 180 -88.23 15.97 37.10
C ASP J 180 -89.52 16.74 36.89
N TYR J 181 -90.29 16.90 37.97
CA TYR J 181 -91.56 17.61 37.95
C TYR J 181 -91.52 18.94 38.69
N ASN J 182 -90.34 19.39 39.10
CA ASN J 182 -90.18 20.68 39.77
C ASN J 182 -89.52 21.67 38.81
N ASN J 183 -90.28 22.18 37.85
CA ASN J 183 -89.90 23.40 37.14
C ASN J 183 -91.11 24.30 37.02
N SER J 184 -90.98 25.51 37.53
CA SER J 184 -91.90 26.61 37.32
C SER J 184 -91.45 27.39 36.09
N PRO J 185 -92.34 28.20 35.52
CA PRO J 185 -91.89 29.02 34.39
C PRO J 185 -90.71 29.90 34.79
N LYS J 186 -90.66 30.34 36.04
CA LYS J 186 -89.56 31.22 36.43
C LYS J 186 -88.26 30.44 36.56
N SER J 187 -88.34 29.22 37.13
CA SER J 187 -87.15 28.38 37.20
C SER J 187 -86.57 28.16 35.79
N PHE J 188 -87.43 27.78 34.85
CA PHE J 188 -87.04 27.67 33.45
C PHE J 188 -86.40 28.94 32.93
N LYS J 189 -86.96 30.10 33.28
CA LYS J 189 -86.43 31.37 32.78
C LYS J 189 -85.03 31.62 33.35
N ARG J 190 -84.83 31.36 34.64
CA ARG J 190 -83.50 31.59 35.21
C ARG J 190 -82.47 30.63 34.66
N PHE J 191 -82.91 29.46 34.18
CA PHE J 191 -82.01 28.44 33.66
C PHE J 191 -81.57 28.73 32.23
N LEU J 192 -82.53 28.97 31.32
CA LEU J 192 -82.26 29.00 29.89
C LEU J 192 -82.60 30.32 29.19
N CYS J 193 -82.99 31.36 29.94
CA CYS J 193 -83.28 32.66 29.35
C CYS J 193 -82.47 33.78 29.97
N ASP J 194 -82.30 33.78 31.30
CA ASP J 194 -81.43 34.74 31.97
C ASP J 194 -79.98 34.48 31.61
N THR J 195 -79.22 35.56 31.39
CA THR J 195 -77.82 35.40 31.03
C THR J 195 -77.03 36.54 31.63
N PRO J 196 -75.73 36.34 31.89
CA PRO J 196 -74.87 37.44 32.35
C PRO J 196 -74.56 38.48 31.29
N PHE J 197 -74.99 38.27 30.05
CA PHE J 197 -74.63 39.14 28.95
C PHE J 197 -75.64 40.26 28.78
N GLY J 198 -75.21 41.31 28.09
CA GLY J 198 -76.04 42.48 27.96
C GLY J 198 -77.10 42.34 26.90
N PRO J 199 -77.86 43.42 26.71
CA PRO J 199 -78.95 43.38 25.71
C PRO J 199 -78.47 43.04 24.31
N GLU J 200 -77.43 43.74 23.84
CA GLU J 200 -76.95 43.53 22.48
C GLU J 200 -76.64 42.06 22.23
N ALA J 201 -75.94 41.41 23.16
CA ALA J 201 -75.58 40.02 22.96
C ALA J 201 -76.79 39.09 23.00
N VAL J 202 -77.89 39.50 23.60
CA VAL J 202 -79.09 38.68 23.65
C VAL J 202 -80.04 39.00 22.50
N LEU J 203 -80.24 40.28 22.21
CA LEU J 203 -81.20 40.65 21.18
C LEU J 203 -80.56 40.77 19.81
N GLY J 204 -79.33 41.23 19.76
CA GLY J 204 -78.58 41.42 18.54
C GLY J 204 -79.36 42.20 17.52
N THR J 205 -79.05 41.94 16.25
CA THR J 205 -79.64 42.61 15.11
C THR J 205 -80.34 41.58 14.25
N GLN J 206 -81.30 42.02 13.44
CA GLN J 206 -81.86 41.09 12.49
C GLN J 206 -80.84 40.75 11.42
N GLU J 207 -79.89 41.65 11.22
CA GLU J 207 -78.80 41.41 10.30
C GLU J 207 -77.96 40.20 10.74
N SER J 208 -77.65 40.11 12.03
CA SER J 208 -76.86 38.97 12.48
C SER J 208 -77.70 37.71 12.63
N TRP J 209 -78.96 37.85 13.08
CA TRP J 209 -79.84 36.69 13.18
C TRP J 209 -80.01 36.00 11.82
N GLU J 210 -80.00 36.74 10.72
CA GLU J 210 -80.16 36.05 9.45
C GLU J 210 -78.84 35.60 8.86
N GLN J 211 -77.72 36.21 9.26
CA GLN J 211 -76.44 35.58 8.98
C GLN J 211 -76.35 34.20 9.61
N LEU J 212 -76.81 34.07 10.85
CA LEU J 212 -76.70 32.80 11.56
C LEU J 212 -77.68 31.75 11.04
N ASN J 213 -78.84 32.15 10.53
CA ASN J 213 -79.77 31.17 10.00
C ASN J 213 -79.43 30.74 8.58
N ASN J 214 -78.53 31.44 7.89
CA ASN J 214 -77.99 30.95 6.63
C ASN J 214 -76.64 30.26 6.83
N TRP J 215 -76.47 29.59 7.98
CA TRP J 215 -75.20 28.93 8.27
C TRP J 215 -74.88 27.86 7.24
N GLN J 216 -75.90 27.33 6.56
CA GLN J 216 -75.68 26.49 5.39
C GLN J 216 -74.81 27.19 4.35
N ARG J 217 -75.25 28.37 3.91
CA ARG J 217 -74.55 29.11 2.82
C ARG J 217 -73.49 30.07 3.39
N MET J 218 -72.38 29.52 3.88
CA MET J 218 -71.30 30.31 4.41
C MET J 218 -70.00 29.56 4.10
N LYS J 219 -68.95 30.33 3.81
CA LYS J 219 -67.74 29.75 3.25
C LYS J 219 -66.52 30.56 3.69
N PRO J 220 -65.34 29.91 3.84
CA PRO J 220 -64.27 30.46 4.70
C PRO J 220 -63.92 31.92 4.45
N GLY J 221 -63.43 32.56 5.51
CA GLY J 221 -63.10 33.95 5.50
C GLY J 221 -64.12 34.83 6.18
N GLU J 222 -65.37 34.35 6.32
CA GLU J 222 -66.45 35.12 6.94
C GLU J 222 -66.37 35.06 8.46
N LYS J 223 -66.42 36.20 9.12
CA LYS J 223 -66.64 36.22 10.55
C LYS J 223 -68.14 36.23 10.78
N LEU J 224 -68.63 35.23 11.52
CA LEU J 224 -70.03 35.19 11.91
C LEU J 224 -70.33 36.36 12.85
N LYS J 225 -71.42 37.08 12.56
CA LYS J 225 -71.65 38.32 13.31
C LYS J 225 -72.04 38.03 14.75
N HIS J 226 -73.06 37.19 14.97
CA HIS J 226 -73.74 37.15 16.27
C HIS J 226 -72.92 36.38 17.30
N MET J 227 -72.54 37.06 18.38
CA MET J 227 -72.00 36.41 19.56
C MET J 227 -73.04 36.52 20.66
N GLY J 228 -73.02 35.57 21.60
CA GLY J 228 -74.01 35.53 22.65
C GLY J 228 -74.85 34.26 22.68
N PRO J 229 -75.76 34.20 23.65
CA PRO J 229 -76.56 32.99 23.82
C PRO J 229 -77.66 32.91 22.77
N VAL J 230 -78.13 31.68 22.51
CA VAL J 230 -79.17 31.46 21.51
C VAL J 230 -80.13 30.36 21.96
N HIS J 231 -81.33 30.41 21.40
CA HIS J 231 -82.24 29.26 21.36
C HIS J 231 -82.35 28.78 19.92
N GLU J 232 -81.94 27.55 19.66
CA GLU J 232 -82.08 26.92 18.35
C GLU J 232 -83.24 25.93 18.39
N CYS J 233 -84.34 26.32 17.76
CA CYS J 233 -85.56 25.52 17.77
C CYS J 233 -85.61 24.58 16.59
N TYR J 234 -85.61 23.27 16.86
CA TYR J 234 -85.82 22.29 15.81
C TYR J 234 -87.31 22.17 15.50
N TYR J 235 -87.67 22.19 14.22
CA TYR J 235 -89.05 22.00 13.77
C TYR J 235 -89.12 20.88 12.74
N TYR J 236 -90.04 19.94 12.96
CA TYR J 236 -90.42 18.97 11.94
C TYR J 236 -91.90 19.13 11.69
N GLU J 237 -92.27 19.38 10.44
CA GLU J 237 -93.66 19.55 10.02
C GLU J 237 -94.39 20.55 10.91
N GLY J 238 -93.76 21.70 11.12
CA GLY J 238 -94.41 22.76 11.85
C GLY J 238 -94.87 22.39 13.24
N LYS J 239 -94.16 21.46 13.89
CA LYS J 239 -94.30 21.23 15.32
C LYS J 239 -92.93 21.35 15.96
N LEU J 240 -92.88 21.96 17.15
CA LEU J 240 -91.62 22.15 17.85
C LEU J 240 -91.22 20.86 18.57
N ILE J 241 -90.07 20.31 18.18
CA ILE J 241 -89.64 19.00 18.66
C ILE J 241 -88.29 19.03 19.36
N ALA J 242 -87.59 20.16 19.36
CA ALA J 242 -86.32 20.24 20.08
C ALA J 242 -85.90 21.69 20.25
N ILE J 243 -85.08 21.93 21.27
CA ILE J 243 -84.46 23.23 21.49
C ILE J 243 -83.04 23.00 21.99
N THR J 244 -82.06 23.58 21.33
CA THR J 244 -80.71 23.66 21.86
C THR J 244 -80.46 25.07 22.38
N VAL J 245 -80.06 25.16 23.64
CA VAL J 245 -79.59 26.41 24.20
C VAL J 245 -78.07 26.35 24.11
N SER J 246 -77.50 27.33 23.39
CA SER J 246 -76.06 27.40 23.16
C SER J 246 -75.55 28.81 23.37
N ASP J 247 -74.27 28.92 23.74
CA ASP J 247 -73.53 30.18 23.80
C ASP J 247 -72.58 30.22 22.61
N ILE J 248 -72.82 31.14 21.67
CA ILE J 248 -71.96 31.29 20.49
C ILE J 248 -70.80 32.21 20.82
N LEU J 249 -69.60 31.66 20.79
CA LEU J 249 -68.42 32.28 21.37
C LEU J 249 -67.44 32.68 20.28
N PRO J 250 -66.46 33.54 20.59
CA PRO J 250 -65.40 33.81 19.61
C PRO J 250 -64.78 32.55 19.04
N SER J 251 -64.54 31.55 19.89
CA SER J 251 -63.77 30.38 19.54
C SER J 251 -64.64 29.19 19.14
N GLY J 252 -65.93 29.23 19.39
CA GLY J 252 -66.78 28.11 19.02
C GLY J 252 -68.15 28.23 19.68
N ILE J 253 -68.76 27.08 19.90
CA ILE J 253 -70.10 27.01 20.50
C ILE J 253 -70.01 26.17 21.76
N SER J 254 -70.38 26.76 22.90
CA SER J 254 -70.56 26.04 24.16
C SER J 254 -72.03 25.70 24.34
N SER J 255 -72.31 24.42 24.53
CA SER J 255 -73.71 24.00 24.67
C SER J 255 -74.16 24.17 26.11
N VAL J 256 -75.31 24.85 26.30
CA VAL J 256 -75.86 25.08 27.63
C VAL J 256 -76.75 23.92 28.03
N TYR J 257 -77.75 23.63 27.20
CA TYR J 257 -78.71 22.55 27.47
C TYR J 257 -79.34 22.13 26.15
N PHE J 258 -80.06 21.01 26.19
CA PHE J 258 -80.73 20.47 25.02
C PHE J 258 -82.04 19.79 25.43
N ILE J 259 -83.08 20.03 24.65
CA ILE J 259 -84.46 19.68 24.98
C ILE J 259 -85.07 19.05 23.76
N TRP J 260 -85.78 17.93 23.93
CA TRP J 260 -86.43 17.29 22.78
C TRP J 260 -87.78 16.70 23.18
N ASP J 261 -88.70 16.67 22.22
CA ASP J 261 -89.97 15.99 22.39
C ASP J 261 -89.71 14.51 22.67
N PRO J 262 -90.09 13.99 23.83
CA PRO J 262 -89.80 12.59 24.14
C PRO J 262 -90.44 11.63 23.15
N ASP J 263 -91.55 12.02 22.53
CA ASP J 263 -92.13 11.22 21.46
C ASP J 263 -91.10 10.87 20.38
N TYR J 264 -90.07 11.70 20.21
CA TYR J 264 -89.07 11.53 19.17
C TYR J 264 -87.83 10.79 19.68
N SER J 265 -88.06 9.85 20.61
CA SER J 265 -87.05 8.86 20.94
C SER J 265 -86.39 8.26 19.70
N LYS J 266 -87.14 8.16 18.60
CA LYS J 266 -86.71 7.39 17.44
C LYS J 266 -85.58 8.03 16.63
N TRP J 267 -85.26 9.31 16.88
CA TRP J 267 -84.28 10.03 16.08
C TRP J 267 -82.93 10.22 16.77
N SER J 268 -82.79 9.80 18.02
CA SER J 268 -81.60 10.08 18.84
C SER J 268 -81.17 11.54 18.70
N LEU J 269 -82.10 12.44 19.00
CA LEU J 269 -81.83 13.86 18.80
C LEU J 269 -80.66 14.34 19.63
N GLY J 270 -80.39 13.66 20.74
CA GLY J 270 -79.24 14.04 21.54
C GLY J 270 -77.93 13.90 20.80
N LYS J 271 -77.85 12.96 19.88
CA LYS J 271 -76.63 12.82 19.09
C LYS J 271 -76.74 13.62 17.79
N LEU J 272 -77.95 13.72 17.22
CA LEU J 272 -78.15 14.59 16.07
C LEU J 272 -77.93 16.04 16.45
N SER J 273 -78.28 16.41 17.67
CA SER J 273 -78.01 17.77 18.17
C SER J 273 -76.57 18.16 17.92
N ALA J 274 -75.64 17.29 18.31
CA ALA J 274 -74.27 17.73 18.46
C ALA J 274 -73.53 17.70 17.14
N LEU J 275 -73.82 16.70 16.29
CA LEU J 275 -73.17 16.65 14.98
C LEU J 275 -73.47 17.90 14.17
N ARG J 276 -74.72 18.39 14.25
CA ARG J 276 -75.06 19.60 13.54
C ARG J 276 -74.44 20.83 14.21
N ASP J 277 -74.48 20.88 15.53
CA ASP J 277 -73.70 21.88 16.25
C ASP J 277 -72.25 21.87 15.76
N LEU J 278 -71.71 20.68 15.45
CA LEU J 278 -70.38 20.59 14.84
C LEU J 278 -70.39 21.03 13.37
N ALA J 279 -71.49 20.79 12.65
CA ALA J 279 -71.57 21.27 11.27
C ALA J 279 -71.68 22.79 11.24
N ILE J 280 -72.53 23.34 12.12
CA ILE J 280 -72.65 24.78 12.24
C ILE J 280 -71.29 25.40 12.54
N ILE J 281 -70.54 24.82 13.48
CA ILE J 281 -69.24 25.37 13.84
C ILE J 281 -68.32 25.45 12.63
N GLN J 282 -68.17 24.34 11.90
CA GLN J 282 -67.18 24.34 10.82
C GLN J 282 -67.62 25.22 9.65
N ARG J 283 -68.93 25.26 9.39
CA ARG J 283 -69.44 26.11 8.31
C ARG J 283 -69.68 27.56 8.76
N THR J 284 -69.18 27.95 9.94
CA THR J 284 -69.14 29.33 10.41
C THR J 284 -67.73 29.82 10.67
N ASN J 285 -66.74 28.96 10.45
CA ASN J 285 -65.32 29.33 10.61
C ASN J 285 -64.99 29.62 12.07
N LEU J 286 -65.55 28.80 12.97
CA LEU J 286 -65.17 28.70 14.37
C LEU J 286 -64.47 27.36 14.61
N GLN J 287 -63.81 27.23 15.75
CA GLN J 287 -62.82 26.16 15.90
C GLN J 287 -63.18 25.10 16.95
N TYR J 288 -64.15 25.31 17.83
CA TYR J 288 -64.42 24.28 18.83
C TYR J 288 -65.92 24.11 19.10
N TYR J 289 -66.29 22.88 19.46
CA TYR J 289 -67.53 22.57 20.15
C TYR J 289 -67.19 22.31 21.61
N TYR J 290 -67.61 23.19 22.48
CA TYR J 290 -67.30 23.06 23.89
C TYR J 290 -68.48 22.33 24.52
N LEU J 291 -68.33 21.04 24.77
CA LEU J 291 -69.50 20.27 25.20
C LEU J 291 -69.59 20.14 26.72
N GLY J 292 -68.49 20.15 27.45
CA GLY J 292 -68.62 20.41 28.86
C GLY J 292 -69.10 19.17 29.58
N TYR J 293 -70.26 18.65 29.19
CA TYR J 293 -70.89 17.54 29.90
C TYR J 293 -69.92 16.37 30.09
N TYR J 307 -65.23 11.89 18.66
CA TYR J 307 -64.68 10.90 19.58
C TYR J 307 -63.18 11.13 19.83
N GLY J 308 -62.48 11.73 18.86
CA GLY J 308 -61.09 12.13 19.03
C GLY J 308 -60.93 13.57 19.53
N ALA J 309 -61.29 13.79 20.79
CA ALA J 309 -61.46 15.10 21.37
C ALA J 309 -60.22 15.53 22.16
N GLU J 310 -60.34 16.64 22.88
CA GLU J 310 -59.35 17.08 23.85
C GLU J 310 -60.04 17.42 25.17
N VAL J 311 -59.29 17.29 26.27
CA VAL J 311 -59.82 17.52 27.61
C VAL J 311 -58.86 18.41 28.40
N LEU J 312 -59.37 19.03 29.45
CA LEU J 312 -58.65 20.10 30.14
C LEU J 312 -58.01 19.65 31.45
N ASP J 313 -56.78 20.07 31.65
CA ASP J 313 -56.10 19.88 32.93
C ASP J 313 -56.24 21.16 33.75
N VAL J 314 -57.19 21.17 34.69
CA VAL J 314 -57.39 22.39 35.48
C VAL J 314 -56.13 22.77 36.23
N CYS J 315 -55.29 21.80 36.58
CA CYS J 315 -54.05 22.10 37.29
C CYS J 315 -53.01 22.74 36.37
N HIS J 316 -53.18 22.62 35.06
CA HIS J 316 -52.33 23.29 34.09
C HIS J 316 -53.09 24.24 33.17
N SER J 317 -54.43 24.19 33.17
CA SER J 317 -55.28 24.85 32.17
C SER J 317 -54.74 24.75 30.75
N LYS J 318 -54.26 23.58 30.36
CA LYS J 318 -53.99 23.27 28.96
C LYS J 318 -54.71 21.97 28.61
N TYR J 319 -54.84 21.71 27.32
CA TYR J 319 -55.61 20.57 26.82
C TYR J 319 -54.68 19.48 26.29
N ILE J 320 -55.26 18.29 26.13
CA ILE J 320 -54.54 17.13 25.57
C ILE J 320 -55.47 16.33 24.70
N PRO J 321 -54.93 15.71 23.64
CA PRO J 321 -55.71 14.73 22.89
C PRO J 321 -56.30 13.66 23.81
N LEU J 322 -57.54 13.25 23.51
CA LEU J 322 -58.37 12.57 24.51
C LEU J 322 -58.02 11.11 24.65
N LYS J 323 -57.88 10.40 23.51
CA LYS J 323 -57.45 9.01 23.46
C LYS J 323 -56.44 8.69 24.56
N PRO J 324 -55.24 9.30 24.55
CA PRO J 324 -54.12 8.76 25.33
C PRO J 324 -54.42 8.28 26.75
N ILE J 325 -54.98 9.14 27.61
CA ILE J 325 -55.15 8.75 29.01
C ILE J 325 -56.62 8.84 29.38
N GLN J 326 -57.48 8.44 28.43
CA GLN J 326 -58.89 8.23 28.73
C GLN J 326 -59.06 7.35 29.99
N ASP J 327 -58.22 6.32 30.13
CA ASP J 327 -58.36 5.29 31.17
C ASP J 327 -58.63 5.92 32.53
N MET J 328 -58.28 7.19 32.67
CA MET J 328 -58.52 7.97 33.87
C MET J 328 -59.83 8.78 33.82
N ILE J 329 -60.62 8.69 32.74
CA ILE J 329 -61.84 9.51 32.62
C ILE J 329 -63.08 8.66 32.45
N SER J 330 -62.95 7.49 31.80
CA SER J 330 -64.03 6.52 31.86
C SER J 330 -64.22 6.07 33.30
N ARG J 331 -63.15 5.58 33.92
CA ARG J 331 -63.10 5.68 35.38
C ARG J 331 -62.98 7.17 35.65
N GLY J 332 -64.10 7.84 35.88
CA GLY J 332 -64.10 9.29 35.95
C GLY J 332 -63.41 9.83 37.18
N LYS J 333 -62.09 9.64 37.23
CA LYS J 333 -61.23 10.01 38.36
C LYS J 333 -60.37 11.21 37.99
N LEU J 334 -59.82 11.84 39.02
CA LEU J 334 -59.08 13.09 38.85
C LEU J 334 -57.74 12.84 38.17
N PHE J 335 -57.53 13.51 37.05
CA PHE J 335 -56.29 13.36 36.32
C PHE J 335 -55.56 14.68 36.27
N VAL J 336 -54.27 14.59 35.93
CA VAL J 336 -53.33 15.70 35.98
C VAL J 336 -52.06 15.29 35.24
N ILE J 337 -51.47 16.18 34.47
CA ILE J 337 -50.27 15.85 33.70
C ILE J 337 -49.05 16.27 34.49
N GLU J 341 -39.81 13.26 34.78
CA GLU J 341 -38.44 13.62 35.17
C GLU J 341 -38.36 14.04 36.63
N THR J 342 -39.36 14.79 37.11
CA THR J 342 -39.15 15.50 38.37
C THR J 342 -40.37 15.42 39.29
N LYS J 343 -40.04 15.39 40.58
CA LYS J 343 -40.90 15.65 41.72
C LYS J 343 -41.50 17.06 41.65
N VAL J 344 -42.39 17.31 42.64
CA VAL J 344 -43.15 18.57 42.93
C VAL J 344 -43.57 18.49 44.41
N THR J 345 -43.49 19.58 45.20
CA THR J 345 -43.74 19.46 46.63
C THR J 345 -44.91 20.32 47.13
N LYS J 346 -45.80 20.77 46.27
CA LYS J 346 -46.95 21.60 46.67
C LYS J 346 -48.09 21.31 45.69
N GLU J 347 -49.12 22.16 45.69
CA GLU J 347 -49.95 22.26 44.51
C GLU J 347 -49.15 23.01 43.44
N LEU J 348 -49.55 22.82 42.18
CA LEU J 348 -48.81 23.42 41.09
C LEU J 348 -49.13 24.90 40.94
N TYR J 349 -48.15 25.68 40.51
CA TYR J 349 -48.46 27.06 40.20
C TYR J 349 -49.22 27.14 38.87
N LEU J 350 -50.27 27.96 38.86
CA LEU J 350 -50.96 28.39 37.64
C LEU J 350 -50.33 29.69 37.15
N VAL J 351 -49.86 29.71 35.91
CA VAL J 351 -49.33 30.98 35.43
C VAL J 351 -50.51 31.96 35.34
N ASP J 352 -50.50 32.96 36.23
CA ASP J 352 -51.43 34.08 36.35
C ASP J 352 -51.87 34.52 34.99
N SER J 353 -51.02 34.48 33.94
CA SER J 353 -51.35 35.39 32.81
C SER J 353 -52.10 34.67 31.72
N GLU J 354 -51.53 33.54 31.37
CA GLU J 354 -52.14 32.75 30.25
C GLU J 354 -52.98 31.51 30.62
N THR J 355 -53.71 31.54 31.74
CA THR J 355 -54.83 30.69 32.09
C THR J 355 -55.86 30.69 30.98
N GLY J 356 -56.42 29.52 30.69
CA GLY J 356 -57.59 29.41 29.82
C GLY J 356 -57.62 30.27 28.58
N ARG J 357 -56.57 30.20 27.78
CA ARG J 357 -56.54 30.93 26.51
C ARG J 357 -56.49 29.99 25.31
N GLY J 358 -56.77 28.71 25.49
CA GLY J 358 -56.88 27.77 24.39
C GLY J 358 -55.64 26.97 24.06
N GLU J 359 -54.71 26.79 24.99
CA GLU J 359 -53.46 26.13 24.71
C GLU J 359 -53.51 24.66 25.15
N GLY J 360 -52.86 23.80 24.36
CA GLY J 360 -52.68 22.42 24.72
C GLY J 360 -51.26 22.14 25.18
N PHE J 361 -51.02 20.88 25.52
CA PHE J 361 -49.74 20.44 26.04
C PHE J 361 -48.77 20.18 24.88
N PRO J 362 -47.44 20.13 25.18
CA PRO J 362 -46.44 19.66 24.21
C PRO J 362 -46.59 18.18 23.85
N VAL J 366 -41.07 14.58 21.56
CA VAL J 366 -41.34 13.19 21.89
C VAL J 366 -41.09 13.00 23.40
N VAL J 367 -42.19 13.16 24.14
CA VAL J 367 -42.24 13.08 25.60
C VAL J 367 -43.60 12.49 25.94
N LYS J 368 -43.73 11.89 27.13
CA LYS J 368 -45.05 11.78 27.73
C LYS J 368 -44.97 11.29 29.16
N TYR J 369 -46.05 11.54 29.88
CA TYR J 369 -46.12 11.69 31.33
C TYR J 369 -47.15 10.71 31.87
N LYS J 370 -47.26 10.67 33.20
CA LYS J 370 -48.36 9.98 33.85
C LYS J 370 -49.06 10.92 34.82
N ASN J 371 -50.29 10.55 35.17
CA ASN J 371 -51.07 11.10 36.26
C ASN J 371 -50.22 11.35 37.49
N ILE J 372 -50.24 12.60 37.98
CA ILE J 372 -49.47 12.98 39.17
C ILE J 372 -50.42 13.46 40.25
N ALA J 373 -51.61 12.86 40.30
CA ALA J 373 -52.66 13.37 41.18
C ALA J 373 -52.47 12.95 42.63
N GLU J 374 -51.90 11.76 42.86
CA GLU J 374 -51.97 11.15 44.18
C GLU J 374 -50.91 11.72 45.13
N GLU J 375 -49.69 11.95 44.64
CA GLU J 375 -48.67 12.58 45.49
C GLU J 375 -49.08 13.98 45.91
N ILE J 376 -49.87 14.67 45.09
CA ILE J 376 -50.39 16.00 45.43
C ILE J 376 -51.73 15.90 46.17
N TYR J 377 -52.63 15.04 45.69
CA TYR J 377 -54.02 15.08 46.12
C TYR J 377 -54.52 13.75 46.73
N GLY J 378 -53.66 12.75 46.93
CA GLY J 378 -54.06 11.50 47.57
C GLY J 378 -54.00 11.59 49.09
N VAL J 379 -54.24 10.44 49.73
CA VAL J 379 -54.06 10.39 51.19
C VAL J 379 -52.58 10.64 51.49
N GLY J 380 -52.29 11.74 52.18
CA GLY J 380 -50.91 12.16 52.38
C GLY J 380 -50.32 12.90 51.20
N GLY J 381 -51.13 13.67 50.48
CA GLY J 381 -50.62 14.38 49.33
C GLY J 381 -49.60 15.45 49.69
N CYS J 382 -48.82 15.86 48.68
CA CYS J 382 -47.75 16.83 48.84
C CYS J 382 -48.26 18.28 48.89
N ALA J 383 -49.57 18.49 49.04
CA ALA J 383 -50.10 19.83 48.92
C ALA J 383 -51.16 20.10 49.98
N PHE J 384 -50.98 19.53 51.16
CA PHE J 384 -51.90 19.80 52.26
C PHE J 384 -51.23 20.61 53.36
N LYS J 385 -50.12 20.09 53.92
CA LYS J 385 -49.43 20.85 54.96
C LYS J 385 -48.81 22.12 54.42
N SER J 386 -48.56 22.20 53.11
CA SER J 386 -48.12 23.49 52.54
C SER J 386 -49.29 24.43 52.35
N ALA J 387 -50.37 23.92 51.78
CA ALA J 387 -51.59 24.70 51.75
C ALA J 387 -51.89 25.22 53.14
N ASN J 388 -52.02 24.32 54.12
CA ASN J 388 -52.67 24.71 55.36
C ASN J 388 -51.74 25.34 56.38
N GLU J 389 -50.43 25.43 56.14
CA GLU J 389 -49.64 26.38 56.92
C GLU J 389 -49.29 27.64 56.13
N SER J 390 -49.62 27.69 54.82
CA SER J 390 -49.72 28.97 54.11
C SER J 390 -51.00 29.70 54.45
N ALA J 391 -52.05 28.98 54.85
CA ALA J 391 -53.27 29.58 55.37
C ALA J 391 -53.10 30.01 56.82
N LEU J 392 -52.36 29.23 57.62
CA LEU J 392 -51.88 29.72 58.91
C LEU J 392 -50.95 30.91 58.74
N GLU J 393 -50.31 31.05 57.56
CA GLU J 393 -49.37 32.14 57.36
C GLU J 393 -50.07 33.39 56.84
N LEU J 394 -51.14 33.26 56.08
CA LEU J 394 -51.94 34.43 55.73
C LEU J 394 -52.63 34.99 56.97
N LYS J 395 -53.21 34.13 57.82
CA LYS J 395 -54.05 34.60 58.91
C LYS J 395 -53.28 35.47 59.90
N GLU J 396 -52.24 34.93 60.52
CA GLU J 396 -51.48 35.70 61.51
C GLU J 396 -50.70 36.84 60.88
N LEU J 397 -50.62 36.89 59.56
CA LEU J 397 -49.82 37.87 58.83
C LEU J 397 -50.66 38.95 58.15
N TYR J 398 -51.58 38.56 57.25
CA TYR J 398 -52.31 39.50 56.41
C TYR J 398 -53.81 39.51 56.71
N GLY J 399 -54.15 39.22 57.97
CA GLY J 399 -55.50 39.29 58.49
C GLY J 399 -56.50 38.44 57.73
N ILE J 400 -56.05 37.70 56.73
CA ILE J 400 -56.97 37.04 55.81
C ILE J 400 -57.54 35.80 56.52
N PRO J 401 -58.85 35.77 56.74
CA PRO J 401 -59.42 34.75 57.63
C PRO J 401 -59.36 33.35 57.06
N TYR J 402 -58.19 32.72 57.10
CA TYR J 402 -58.03 31.38 56.57
C TYR J 402 -57.84 30.39 57.71
N GLU J 403 -58.57 29.28 57.63
CA GLU J 403 -58.64 28.25 58.65
C GLU J 403 -57.58 27.20 58.34
N GLU J 404 -57.66 26.07 59.03
CA GLU J 404 -56.86 24.89 58.75
C GLU J 404 -57.78 23.69 58.74
N GLU J 405 -57.73 22.92 57.64
CA GLU J 405 -58.60 21.77 57.43
C GLU J 405 -57.68 20.61 57.04
N ASP J 406 -57.39 19.75 58.00
CA ASP J 406 -56.22 18.87 57.92
C ASP J 406 -56.44 17.74 56.92
N LEU J 407 -55.41 16.89 56.84
CA LEU J 407 -55.31 15.86 55.77
C LEU J 407 -55.98 14.51 56.07
N ASP J 408 -57.00 14.42 56.95
CA ASP J 408 -57.57 13.08 57.02
C ASP J 408 -58.91 12.98 56.28
N THR J 409 -59.90 13.80 56.64
CA THR J 409 -61.23 13.65 56.03
C THR J 409 -61.51 14.80 55.06
N ILE J 410 -61.16 14.56 53.79
CA ILE J 410 -61.66 15.35 52.68
C ILE J 410 -63.18 15.20 52.60
N ASN J 422 -68.08 27.19 56.42
CA ASN J 422 -68.34 26.53 55.15
C ASN J 422 -67.84 27.40 53.99
N GLY J 423 -66.59 27.82 54.06
CA GLY J 423 -65.99 28.60 53.00
C GLY J 423 -65.57 27.73 51.83
N ILE J 424 -64.76 28.32 50.96
CA ILE J 424 -64.09 27.50 49.94
C ILE J 424 -63.03 26.65 50.62
N PRO J 425 -62.89 25.39 50.27
CA PRO J 425 -61.82 24.59 50.87
C PRO J 425 -60.45 25.04 50.38
N ASN J 426 -59.50 25.04 51.32
CA ASN J 426 -58.15 25.56 51.10
C ASN J 426 -57.40 24.84 50.00
N VAL J 427 -57.88 23.68 49.57
CA VAL J 427 -57.12 22.78 48.72
C VAL J 427 -58.01 22.28 47.57
N VAL J 428 -57.84 22.84 46.37
CA VAL J 428 -58.70 22.51 45.21
C VAL J 428 -57.98 22.66 43.87
N PRO J 429 -57.88 21.61 43.06
CA PRO J 429 -57.22 21.75 41.75
C PRO J 429 -57.97 22.75 40.89
N GLY J 430 -57.22 23.52 40.12
CA GLY J 430 -57.79 24.44 39.15
C GLY J 430 -57.93 25.87 39.64
N LEU J 431 -57.98 26.08 40.94
CA LEU J 431 -57.93 27.39 41.55
C LEU J 431 -56.55 27.62 42.16
N LEU J 432 -56.11 28.88 42.13
CA LEU J 432 -54.76 29.18 42.57
C LEU J 432 -54.55 28.62 43.97
N PRO J 433 -53.37 28.03 44.24
CA PRO J 433 -53.10 27.42 45.55
C PRO J 433 -52.62 28.47 46.55
N LEU J 434 -53.11 28.33 47.78
CA LEU J 434 -52.88 29.33 48.82
C LEU J 434 -51.40 29.60 49.06
N TRP J 435 -50.51 28.70 48.64
CA TRP J 435 -49.10 29.07 48.66
C TRP J 435 -48.76 30.06 47.56
N GLU J 436 -49.65 30.26 46.59
CA GLU J 436 -49.53 31.39 45.69
C GLU J 436 -50.23 32.66 46.22
N LEU J 437 -51.35 32.49 46.94
CA LEU J 437 -52.08 33.62 47.50
C LEU J 437 -51.31 34.31 48.64
N LEU J 438 -50.33 33.66 49.25
CA LEU J 438 -49.42 34.33 50.17
C LEU J 438 -48.14 34.80 49.48
N ASP J 439 -47.76 34.15 48.38
CA ASP J 439 -46.84 34.77 47.45
C ASP J 439 -47.49 35.87 46.65
N ILE J 440 -48.75 36.21 46.97
CA ILE J 440 -49.37 37.44 46.51
C ILE J 440 -49.46 38.50 47.63
N MET J 441 -49.23 38.16 48.89
CA MET J 441 -49.15 39.18 49.95
C MET J 441 -47.72 39.45 50.44
N GLN J 442 -46.85 38.43 50.56
CA GLN J 442 -45.43 38.70 50.77
C GLN J 442 -44.84 39.30 49.48
N SER J 443 -45.29 38.75 48.35
CA SER J 443 -44.79 39.21 47.03
C SER J 443 -45.18 40.68 46.82
N GLY J 444 -46.12 41.16 47.63
CA GLY J 444 -46.61 42.56 47.51
C GLY J 444 -46.98 42.85 46.07
N LYS J 445 -47.81 41.99 45.47
CA LYS J 445 -48.20 42.14 44.04
C LYS J 445 -49.69 42.42 43.93
N ILE J 446 -50.49 42.18 44.98
CA ILE J 446 -51.91 42.46 44.82
C ILE J 446 -52.13 43.94 44.51
N THR J 447 -51.22 44.83 44.93
CA THR J 447 -51.43 46.27 44.74
C THR J 447 -51.44 46.69 43.28
N ASP J 448 -51.25 45.78 42.33
CA ASP J 448 -51.54 46.15 40.96
C ASP J 448 -53.06 46.30 40.74
N LEU J 449 -53.86 45.61 41.57
CA LEU J 449 -55.31 45.79 41.58
C LEU J 449 -55.73 47.16 42.10
N GLU J 450 -54.88 47.81 42.89
CA GLU J 450 -55.24 49.08 43.53
C GLU J 450 -55.66 50.07 42.46
N GLY J 451 -56.92 50.45 42.50
CA GLY J 451 -57.48 51.30 41.46
C GLY J 451 -58.08 50.68 40.22
N ARG J 452 -57.83 49.39 39.97
CA ARG J 452 -58.49 48.70 38.88
C ARG J 452 -59.73 47.93 39.36
N LEU J 453 -59.54 47.03 40.33
CA LEU J 453 -60.68 46.37 40.94
C LEU J 453 -61.62 47.39 41.54
N PHE J 454 -62.93 47.19 41.33
CA PHE J 454 -63.93 47.97 42.00
C PHE J 454 -64.73 47.07 42.93
N LEU J 455 -65.08 47.62 44.08
CA LEU J 455 -65.87 46.89 45.06
C LEU J 455 -67.18 47.62 45.28
N PHE J 456 -68.22 46.84 45.54
CA PHE J 456 -69.58 47.35 45.67
C PHE J 456 -70.20 46.54 46.80
N GLU J 457 -70.25 47.13 47.99
CA GLU J 457 -70.94 46.53 49.12
C GLU J 457 -72.41 46.88 48.98
N ILE J 458 -73.26 45.86 48.82
CA ILE J 458 -74.61 46.09 48.34
C ILE J 458 -75.42 47.03 49.21
N GLU J 459 -75.07 47.16 50.49
CA GLU J 459 -75.88 47.98 51.39
C GLU J 459 -75.33 49.39 51.58
N THR J 460 -74.16 49.71 51.04
CA THR J 460 -73.56 51.03 51.10
C THR J 460 -74.21 51.95 50.05
N GLU J 461 -73.64 53.15 49.83
CA GLU J 461 -74.20 54.14 48.91
C GLU J 461 -73.81 53.87 47.45
N GLY J 462 -72.85 53.01 47.18
CA GLY J 462 -72.53 52.69 45.81
C GLY J 462 -71.20 51.96 45.67
N ILE J 463 -70.65 52.06 44.48
CA ILE J 463 -69.37 51.43 44.16
C ILE J 463 -68.25 52.24 44.76
N ARG J 464 -67.16 51.56 45.12
CA ARG J 464 -65.95 52.15 45.67
C ARG J 464 -64.74 51.61 44.90
N PRO J 465 -63.79 52.48 44.54
CA PRO J 465 -62.53 51.99 43.94
C PRO J 465 -61.59 51.40 44.98
N LEU J 466 -60.96 50.29 44.62
CA LEU J 466 -60.05 49.60 45.53
C LEU J 466 -58.85 50.48 45.85
N ILE J 467 -58.71 50.82 47.14
CA ILE J 467 -57.79 51.85 47.62
C ILE J 467 -56.49 51.24 48.13
N ASN J 468 -56.60 50.33 49.11
CA ASN J 468 -55.46 49.57 49.60
C ASN J 468 -55.94 48.26 50.22
N PHE J 469 -55.40 47.13 49.74
CA PHE J 469 -55.95 45.84 50.16
C PHE J 469 -55.75 45.61 51.66
N TYR J 470 -54.56 45.92 52.17
CA TYR J 470 -54.16 45.54 53.52
C TYR J 470 -55.04 46.18 54.59
N SER J 471 -55.92 47.10 54.22
CA SER J 471 -56.80 47.78 55.16
C SER J 471 -58.22 47.22 55.17
N GLU J 472 -58.59 46.40 54.20
CA GLU J 472 -59.99 46.07 54.04
C GLU J 472 -60.48 45.11 55.13
N PRO J 473 -61.78 45.11 55.43
CA PRO J 473 -62.32 44.31 56.57
C PRO J 473 -62.11 42.81 56.41
N PRO J 474 -62.21 42.03 57.55
CA PRO J 474 -61.94 40.57 57.52
C PRO J 474 -62.66 39.77 56.42
N ASN J 475 -63.98 39.79 56.41
CA ASN J 475 -64.69 39.05 55.38
C ASN J 475 -64.67 39.78 54.02
N VAL J 476 -63.78 40.76 53.86
CA VAL J 476 -63.60 41.46 52.60
C VAL J 476 -62.27 41.12 51.95
N LYS J 477 -61.19 41.09 52.73
CA LYS J 477 -59.93 40.64 52.17
C LYS J 477 -60.03 39.21 51.65
N LYS J 478 -60.67 38.33 52.42
CA LYS J 478 -60.93 36.97 51.93
C LYS J 478 -61.80 37.01 50.68
N ARG J 479 -62.78 37.92 50.65
CA ARG J 479 -63.72 37.96 49.53
C ARG J 479 -63.01 38.23 48.22
N ILE J 480 -62.16 39.25 48.20
CA ILE J 480 -61.40 39.45 46.98
C ILE J 480 -60.49 38.24 46.75
N CYS J 481 -59.97 37.63 47.81
CA CYS J 481 -59.01 36.55 47.61
C CYS J 481 -59.67 35.25 47.14
N ASP J 482 -60.93 34.98 47.51
CA ASP J 482 -61.65 33.92 46.83
C ASP J 482 -61.75 34.22 45.33
N VAL J 483 -62.03 35.49 44.96
CA VAL J 483 -62.07 35.86 43.55
C VAL J 483 -60.72 35.61 42.92
N ILE J 484 -59.62 35.84 43.66
CA ILE J 484 -58.25 35.64 43.15
C ILE J 484 -58.04 34.21 42.69
N ARG J 485 -58.24 33.24 43.60
CA ARG J 485 -57.80 31.88 43.27
C ARG J 485 -58.59 31.32 42.10
N LEU J 486 -59.85 31.76 41.94
CA LEU J 486 -60.84 31.06 41.15
C LEU J 486 -60.95 31.55 39.69
N PHE J 487 -61.08 32.85 39.48
CA PHE J 487 -60.99 33.40 38.14
C PHE J 487 -59.61 33.99 37.86
N GLY J 488 -58.73 34.00 38.84
CA GLY J 488 -57.39 34.51 38.67
C GLY J 488 -57.23 35.95 39.10
N PHE J 489 -56.09 36.48 38.70
CA PHE J 489 -55.70 37.86 38.93
C PHE J 489 -55.95 38.76 37.71
N GLU J 490 -55.81 38.22 36.51
CA GLU J 490 -55.86 39.02 35.31
C GLU J 490 -57.24 39.59 35.05
N THR J 491 -58.30 38.80 35.25
CA THR J 491 -59.64 39.35 35.05
C THR J 491 -60.18 40.02 36.29
N CYS J 492 -59.69 39.61 37.48
CA CYS J 492 -60.07 40.29 38.72
C CYS J 492 -59.67 41.76 38.70
N MET J 493 -58.68 42.12 37.90
CA MET J 493 -58.36 43.54 37.67
C MET J 493 -59.59 44.30 37.19
N LYS J 494 -60.22 43.83 36.11
CA LYS J 494 -61.38 44.49 35.54
C LYS J 494 -62.69 43.99 36.14
N ALA J 495 -62.65 43.50 37.37
CA ALA J 495 -63.82 43.03 38.10
C ALA J 495 -64.51 44.16 38.88
N VAL J 496 -65.73 43.86 39.33
CA VAL J 496 -66.49 44.68 40.26
C VAL J 496 -67.20 43.67 41.16
N ILE J 497 -66.83 43.62 42.44
CA ILE J 497 -67.20 42.53 43.33
C ILE J 497 -68.30 42.99 44.29
N LEU J 498 -69.42 42.28 44.28
CA LEU J 498 -70.57 42.57 45.12
C LEU J 498 -70.54 41.73 46.39
N TYR J 499 -70.91 42.34 47.52
CA TYR J 499 -70.93 41.58 48.77
C TYR J 499 -71.86 42.24 49.79
N SER J 500 -72.05 41.54 50.91
CA SER J 500 -72.95 41.95 51.97
C SER J 500 -72.30 41.64 53.33
N GLU J 501 -72.74 42.37 54.36
CA GLU J 501 -72.31 42.07 55.72
C GLU J 501 -73.26 42.70 56.73
N SER K 2 -33.71 40.80 6.17
CA SER K 2 -33.36 42.21 6.16
C SER K 2 -33.28 42.71 4.71
N ASP K 3 -33.85 43.89 4.41
CA ASP K 3 -33.86 44.41 3.05
C ASP K 3 -32.45 44.62 2.50
N ARG K 4 -31.41 44.29 3.26
CA ARG K 4 -30.06 44.36 2.71
C ARG K 4 -29.72 43.09 1.98
N PHE K 5 -28.90 43.21 0.94
CA PHE K 5 -28.43 42.09 0.12
C PHE K 5 -26.91 42.05 0.27
N VAL K 6 -26.40 41.24 1.19
CA VAL K 6 -24.98 41.25 1.56
C VAL K 6 -24.29 40.09 0.88
N ILE K 7 -23.42 40.39 -0.11
CA ILE K 7 -22.90 39.36 -1.02
C ILE K 7 -21.44 39.64 -1.35
N TRP K 8 -20.76 38.60 -1.80
CA TRP K 8 -19.45 38.75 -2.39
C TRP K 8 -19.62 38.93 -3.88
N ALA K 9 -18.68 39.60 -4.51
CA ALA K 9 -18.85 39.88 -5.92
C ALA K 9 -18.90 38.55 -6.67
N PRO K 10 -19.71 38.43 -7.70
CA PRO K 10 -19.85 37.14 -8.38
C PRO K 10 -18.54 36.66 -8.99
N SER K 11 -18.51 35.37 -9.29
CA SER K 11 -17.41 34.75 -10.03
C SER K 11 -17.96 33.59 -10.83
N MET K 12 -17.07 32.87 -11.51
CA MET K 12 -17.43 31.60 -12.11
C MET K 12 -16.98 30.45 -11.19
N HIS K 13 -17.51 29.26 -11.45
CA HIS K 13 -17.27 28.13 -10.54
C HIS K 13 -17.30 26.82 -11.32
N ASN K 14 -17.47 25.73 -10.57
CA ASN K 14 -17.45 24.32 -10.98
C ASN K 14 -18.83 23.65 -10.98
N GLU K 15 -19.67 23.93 -9.98
CA GLU K 15 -21.01 23.36 -9.83
C GLU K 15 -21.83 24.14 -8.78
N GLN K 33 -27.22 17.88 -29.17
CA GLN K 33 -26.07 17.39 -28.41
C GLN K 33 -25.88 18.22 -27.11
N LEU K 34 -24.64 18.63 -26.83
CA LEU K 34 -24.22 19.31 -25.61
C LEU K 34 -23.98 20.78 -25.87
N PHE K 35 -24.66 21.31 -26.88
CA PHE K 35 -24.52 22.71 -27.29
C PHE K 35 -25.85 23.40 -27.11
N ALA K 36 -25.83 24.66 -26.71
CA ALA K 36 -27.08 25.40 -26.61
C ALA K 36 -27.71 25.61 -27.97
N LEU K 37 -26.88 25.81 -29.00
CA LEU K 37 -27.39 26.17 -30.31
C LEU K 37 -26.88 25.22 -31.38
N ASP K 38 -27.77 24.89 -32.31
CA ASP K 38 -27.39 24.09 -33.47
C ASP K 38 -26.17 24.69 -34.18
N SER K 39 -26.11 26.02 -34.31
CA SER K 39 -24.98 26.65 -34.98
C SER K 39 -23.65 26.12 -34.48
N TRP K 40 -23.47 26.10 -33.16
CA TRP K 40 -22.19 25.69 -32.60
C TRP K 40 -21.99 24.19 -32.75
N ALA K 41 -23.07 23.41 -32.67
CA ALA K 41 -22.96 21.99 -32.97
C ALA K 41 -22.61 21.76 -34.44
N HIS K 42 -23.41 22.33 -35.37
CA HIS K 42 -23.23 22.14 -36.82
C HIS K 42 -21.98 22.76 -37.33
N ARG K 43 -21.17 23.27 -36.42
CA ARG K 43 -19.85 23.81 -36.72
C ARG K 43 -18.73 23.08 -36.00
N TYR K 44 -18.95 22.64 -34.76
CA TYR K 44 -17.88 22.10 -33.95
C TYR K 44 -18.01 20.60 -33.72
N MET K 45 -18.71 19.87 -34.59
CA MET K 45 -18.66 18.42 -34.48
C MET K 45 -18.28 17.75 -35.80
N ASN K 46 -17.81 18.54 -36.78
CA ASN K 46 -17.02 18.00 -37.89
C ASN K 46 -15.90 17.13 -37.35
N LYS K 47 -15.02 17.73 -36.55
CA LYS K 47 -14.02 17.05 -35.74
C LYS K 47 -14.28 17.53 -34.31
N MET K 48 -15.13 16.80 -33.58
CA MET K 48 -15.56 17.21 -32.25
C MET K 48 -14.48 17.00 -31.19
N ASP K 49 -13.37 16.37 -31.55
CA ASP K 49 -12.33 16.02 -30.59
C ASP K 49 -11.66 17.26 -29.99
N VAL K 50 -12.20 18.43 -30.32
CA VAL K 50 -11.81 19.70 -29.71
C VAL K 50 -12.84 19.97 -28.63
N VAL K 51 -13.36 18.88 -28.06
CA VAL K 51 -14.25 18.92 -26.90
C VAL K 51 -13.63 19.88 -25.89
N LYS K 52 -14.27 21.02 -25.68
CA LYS K 52 -13.79 22.01 -24.72
C LYS K 52 -14.91 22.44 -23.78
N ILE K 53 -16.01 21.71 -23.73
CA ILE K 53 -17.21 22.21 -23.06
C ILE K 53 -17.06 22.10 -21.55
N GLU K 54 -17.67 23.07 -20.86
CA GLU K 54 -17.38 23.49 -19.50
C GLU K 54 -18.54 23.15 -18.57
N ASN K 55 -18.27 23.23 -17.27
CA ASN K 55 -19.34 23.32 -16.27
C ASN K 55 -19.31 24.73 -15.69
N CYS K 56 -20.18 25.60 -16.23
CA CYS K 56 -20.16 27.04 -15.92
C CYS K 56 -21.33 27.38 -15.00
N THR K 57 -21.05 27.50 -13.71
CA THR K 57 -21.93 28.31 -12.88
C THR K 57 -21.46 29.76 -12.87
N ILE K 58 -22.41 30.67 -12.75
CA ILE K 58 -22.15 32.07 -12.43
C ILE K 58 -22.92 32.35 -11.17
N GLY K 59 -22.22 32.80 -10.13
CA GLY K 59 -22.97 33.11 -8.95
C GLY K 59 -22.14 33.83 -7.92
N SER K 60 -22.72 33.96 -6.74
CA SER K 60 -22.22 34.85 -5.72
C SER K 60 -22.55 34.22 -4.36
N PHE K 61 -21.55 34.18 -3.49
CA PHE K 61 -21.75 33.72 -2.13
C PHE K 61 -22.53 34.78 -1.37
N VAL K 62 -23.70 34.40 -0.85
CA VAL K 62 -24.56 35.35 -0.17
C VAL K 62 -24.46 35.19 1.33
N GLU K 63 -24.16 36.29 2.04
CA GLU K 63 -24.15 36.31 3.49
C GLU K 63 -25.52 36.58 4.07
N HIS K 64 -26.27 37.50 3.48
CA HIS K 64 -27.58 37.84 3.97
C HIS K 64 -28.52 38.16 2.83
N MET K 65 -29.78 37.78 3.02
CA MET K 65 -30.80 37.90 2.01
C MET K 65 -32.16 37.66 2.64
N ASP K 66 -33.15 38.50 2.36
CA ASP K 66 -34.47 38.11 2.84
C ASP K 66 -35.16 37.20 1.79
N VAL K 67 -36.16 36.45 2.25
CA VAL K 67 -36.75 35.46 1.33
C VAL K 67 -37.48 36.16 0.19
N ALA K 68 -37.92 37.39 0.40
CA ALA K 68 -38.50 38.15 -0.72
C ALA K 68 -37.48 38.35 -1.84
N THR K 69 -36.29 38.83 -1.50
CA THR K 69 -35.25 38.99 -2.51
C THR K 69 -34.95 37.66 -3.20
N TYR K 70 -34.87 36.56 -2.44
CA TYR K 70 -34.58 35.28 -3.09
C TYR K 70 -35.71 34.87 -4.04
N ASP K 71 -36.95 35.21 -3.70
CA ASP K 71 -38.09 34.96 -4.57
C ASP K 71 -37.92 35.64 -5.92
N ARG K 72 -37.60 36.94 -5.90
CA ARG K 72 -37.26 37.61 -7.15
C ARG K 72 -36.13 36.91 -7.87
N MET K 73 -35.11 36.48 -7.12
CA MET K 73 -33.93 35.85 -7.70
C MET K 73 -34.28 34.57 -8.46
N CYS K 74 -35.20 33.75 -7.93
CA CYS K 74 -35.64 32.59 -8.67
C CYS K 74 -36.35 33.01 -9.95
N ASN K 75 -37.20 34.04 -9.86
CA ASN K 75 -37.91 34.36 -11.10
C ASN K 75 -37.00 35.10 -12.06
N MET K 76 -35.70 35.18 -11.74
CA MET K 76 -34.63 35.53 -12.64
C MET K 76 -33.76 34.33 -13.00
N GLY K 77 -34.14 33.12 -12.58
CA GLY K 77 -33.41 31.94 -12.96
C GLY K 77 -32.31 31.50 -12.01
N PHE K 78 -32.22 32.11 -10.83
CA PHE K 78 -31.21 31.73 -9.86
C PHE K 78 -31.74 30.60 -8.99
N ARG K 79 -30.85 29.69 -8.61
CA ARG K 79 -31.09 28.73 -7.56
C ARG K 79 -29.94 28.80 -6.57
N ARG K 80 -29.96 27.97 -5.54
CA ARG K 80 -28.92 28.08 -4.55
C ARG K 80 -28.48 26.72 -4.02
N SER K 81 -27.18 26.52 -3.99
CA SER K 81 -26.56 25.46 -3.22
C SER K 81 -25.98 26.10 -1.94
N GLY K 82 -26.63 25.81 -0.81
CA GLY K 82 -26.19 26.39 0.45
C GLY K 82 -26.31 27.90 0.45
N LYS K 83 -25.18 28.57 0.69
CA LYS K 83 -25.13 30.02 0.69
C LYS K 83 -24.76 30.60 -0.66
N PHE K 84 -24.62 29.75 -1.69
CA PHE K 84 -24.15 30.15 -3.01
C PHE K 84 -25.35 30.35 -3.93
N LEU K 85 -25.51 31.57 -4.46
CA LEU K 85 -26.65 31.91 -5.30
C LEU K 85 -26.14 32.01 -6.73
N TYR K 86 -26.73 31.24 -7.65
CA TYR K 86 -26.03 31.06 -8.92
C TYR K 86 -27.01 30.69 -10.02
N LYS K 87 -26.47 30.70 -11.25
CA LYS K 87 -27.18 30.28 -12.45
C LYS K 87 -26.15 29.74 -13.43
N VAL K 88 -26.60 28.94 -14.40
CA VAL K 88 -25.68 28.35 -15.36
C VAL K 88 -25.59 29.25 -16.58
N ASP K 89 -24.44 29.26 -17.21
CA ASP K 89 -24.31 29.97 -18.47
C ASP K 89 -25.16 29.22 -19.48
N PRO K 90 -26.32 29.74 -19.90
CA PRO K 90 -27.22 28.95 -20.74
C PRO K 90 -26.78 28.85 -22.19
N LEU K 91 -25.67 29.48 -22.54
CA LEU K 91 -25.13 29.45 -23.88
C LEU K 91 -23.92 28.55 -24.02
N ARG K 92 -23.22 28.29 -22.92
CA ARG K 92 -21.94 27.58 -22.95
C ARG K 92 -21.92 26.27 -22.16
N ASN K 93 -22.67 26.17 -21.07
CA ASN K 93 -22.50 25.12 -20.08
C ASN K 93 -22.85 23.73 -20.60
N CYS K 94 -22.25 22.71 -19.96
CA CYS K 94 -22.47 21.28 -20.23
C CYS K 94 -23.92 20.95 -20.54
N CYS K 95 -24.80 21.32 -19.62
CA CYS K 95 -26.24 21.19 -19.75
C CYS K 95 -26.84 22.58 -19.76
N ARG K 96 -28.08 22.68 -20.25
CA ARG K 96 -28.88 23.87 -20.08
C ARG K 96 -29.95 23.57 -19.05
N LEU K 97 -30.00 24.40 -18.04
CA LEU K 97 -30.95 24.24 -16.94
C LEU K 97 -32.07 25.23 -17.16
N TYR K 98 -33.29 24.74 -17.32
CA TYR K 98 -34.45 25.62 -17.47
C TYR K 98 -35.10 25.88 -16.12
N THR K 99 -35.55 27.10 -15.92
CA THR K 99 -36.27 27.41 -14.70
C THR K 99 -37.75 27.28 -15.00
N ILE K 100 -38.41 26.34 -14.34
CA ILE K 100 -39.78 25.98 -14.66
C ILE K 100 -40.65 26.16 -13.43
N ARG K 101 -41.77 26.83 -13.60
CA ARG K 101 -42.74 26.92 -12.53
C ARG K 101 -44.01 26.18 -12.94
N THR K 102 -44.68 25.60 -11.95
CA THR K 102 -45.98 24.96 -12.16
C THR K 102 -46.90 25.38 -11.04
N ALA K 103 -48.10 25.72 -11.40
CA ALA K 103 -49.14 25.82 -10.40
C ALA K 103 -49.78 24.45 -10.24
N PRO K 104 -50.37 24.13 -9.08
CA PRO K 104 -51.13 22.87 -9.00
C PRO K 104 -52.23 22.81 -10.04
N GLN K 105 -52.77 23.98 -10.39
CA GLN K 105 -53.91 24.10 -11.28
C GLN K 105 -53.60 23.57 -12.66
N GLU K 106 -52.35 23.71 -13.11
CA GLU K 106 -51.99 23.56 -14.51
C GLU K 106 -51.18 22.30 -14.83
N LEU K 107 -50.89 21.46 -13.85
CA LEU K 107 -50.08 20.28 -14.15
C LEU K 107 -50.94 19.20 -14.76
N ASN K 108 -50.59 18.78 -15.97
CA ASN K 108 -51.34 17.77 -16.70
C ASN K 108 -51.05 16.41 -16.09
N MET K 109 -51.99 15.96 -15.26
CA MET K 109 -51.94 14.66 -14.61
C MET K 109 -52.01 13.55 -15.65
N THR K 110 -50.91 12.85 -15.89
CA THR K 110 -50.85 11.86 -16.96
C THR K 110 -51.24 10.48 -16.45
N LYS K 111 -51.02 9.46 -17.30
CA LYS K 111 -51.41 8.10 -16.99
C LYS K 111 -50.47 7.48 -15.95
N GLU K 112 -49.16 7.70 -16.09
CA GLU K 112 -48.23 7.22 -15.07
C GLU K 112 -48.45 7.94 -13.75
N LEU K 113 -48.51 9.28 -13.80
CA LEU K 113 -48.73 10.07 -12.58
C LEU K 113 -50.04 9.72 -11.89
N LYS K 114 -51.08 9.34 -12.66
CA LYS K 114 -52.44 9.51 -12.18
C LYS K 114 -52.68 8.72 -10.90
N LYS K 115 -52.02 7.54 -10.93
CA LYS K 115 -52.06 6.40 -9.98
C LYS K 115 -50.72 6.10 -9.29
N CYS K 116 -49.55 6.67 -9.69
CA CYS K 116 -48.41 6.52 -8.78
C CYS K 116 -48.84 6.82 -7.36
N ILE K 117 -49.79 7.74 -7.23
CA ILE K 117 -50.53 7.98 -6.00
C ILE K 117 -51.12 6.69 -5.43
N SER K 118 -51.74 5.86 -6.28
CA SER K 118 -52.52 4.70 -5.81
C SER K 118 -51.76 3.84 -4.83
N ARG K 119 -50.56 3.41 -5.22
CA ARG K 119 -49.82 2.48 -4.41
C ARG K 119 -49.12 3.18 -3.26
N PHE K 120 -48.92 4.49 -3.35
CA PHE K 120 -48.63 5.26 -2.16
C PHE K 120 -49.89 5.40 -1.30
N ALA K 121 -50.99 5.87 -1.91
CA ALA K 121 -52.23 6.05 -1.17
C ALA K 121 -52.75 4.75 -0.57
N THR K 122 -52.35 3.61 -1.13
CA THR K 122 -52.75 2.31 -0.60
C THR K 122 -51.72 1.69 0.35
N ARG K 123 -50.42 1.99 0.17
CA ARG K 123 -49.42 1.36 1.02
C ARG K 123 -49.44 1.95 2.43
N ILE K 124 -49.90 3.20 2.55
CA ILE K 124 -49.94 3.88 3.83
C ILE K 124 -51.19 3.41 4.58
N THR K 125 -51.79 2.32 4.09
CA THR K 125 -53.01 1.76 4.73
C THR K 125 -52.90 0.23 4.78
N ASP K 128 -58.45 -1.33 6.13
CA ASP K 128 -59.43 -0.39 6.74
C ASP K 128 -60.33 0.25 5.68
N TYR K 129 -60.42 -0.38 4.49
CA TYR K 129 -61.28 0.05 3.35
C TYR K 129 -60.88 1.40 2.73
N CYS K 130 -59.63 1.83 2.95
CA CYS K 130 -59.08 3.09 2.35
C CYS K 130 -59.97 4.32 2.64
N PRO K 131 -60.09 5.27 1.68
CA PRO K 131 -60.87 6.50 1.87
C PRO K 131 -62.29 6.50 1.27
N ALA K 132 -62.70 7.61 0.65
CA ALA K 132 -64.03 7.74 0.09
C ALA K 132 -63.99 8.52 -1.23
N ALA K 133 -65.18 8.75 -1.78
CA ALA K 133 -65.34 9.16 -3.17
C ALA K 133 -64.45 10.34 -3.52
N VAL K 134 -64.09 10.41 -4.80
CA VAL K 134 -63.00 11.23 -5.27
C VAL K 134 -63.51 12.06 -6.44
N ALA K 135 -62.64 12.91 -6.98
CA ALA K 135 -62.73 13.37 -8.36
C ALA K 135 -61.81 12.48 -9.21
N SER K 136 -61.67 12.83 -10.49
CA SER K 136 -60.84 11.99 -11.36
C SER K 136 -59.35 12.26 -11.15
N SER K 137 -58.91 13.48 -11.45
CA SER K 137 -57.50 13.88 -11.37
C SER K 137 -57.26 14.88 -10.25
N ASP K 138 -58.15 14.94 -9.26
CA ASP K 138 -57.93 15.75 -8.06
C ASP K 138 -56.88 15.01 -7.23
N PHE K 139 -55.63 15.12 -7.68
CA PHE K 139 -54.54 14.45 -6.99
C PHE K 139 -54.31 15.04 -5.60
N VAL K 140 -54.48 16.37 -5.45
CA VAL K 140 -54.30 16.96 -4.13
C VAL K 140 -55.25 16.30 -3.14
N GLY K 141 -56.53 16.18 -3.54
CA GLY K 141 -57.55 15.49 -2.75
C GLY K 141 -57.17 14.10 -2.25
N LYS K 142 -56.81 13.19 -3.16
CA LYS K 142 -56.48 11.84 -2.72
C LYS K 142 -55.27 11.82 -1.77
N ILE K 143 -54.30 12.71 -1.98
CA ILE K 143 -53.14 12.75 -1.09
C ILE K 143 -53.56 13.19 0.30
N VAL K 144 -54.32 14.29 0.39
CA VAL K 144 -54.75 14.83 1.69
C VAL K 144 -55.43 13.76 2.52
N ASN K 145 -56.32 12.97 1.90
CA ASN K 145 -57.15 12.06 2.64
C ASN K 145 -56.67 10.63 2.56
N ALA K 146 -55.61 10.36 1.82
CA ALA K 146 -54.80 9.18 2.12
C ALA K 146 -54.08 9.39 3.45
N GLU K 147 -53.23 10.41 3.52
CA GLU K 147 -52.52 10.71 4.76
C GLU K 147 -53.49 11.05 5.88
N MET K 148 -54.74 11.40 5.55
CA MET K 148 -55.78 11.58 6.55
C MET K 148 -55.78 10.42 7.51
N ASN K 149 -56.19 9.26 7.02
CA ASN K 149 -56.30 8.08 7.82
C ASN K 149 -55.09 7.19 7.55
N SER K 150 -53.94 7.65 8.02
CA SER K 150 -52.71 6.87 7.92
C SER K 150 -52.03 6.91 9.28
N LYS K 151 -51.75 5.72 9.86
CA LYS K 151 -50.89 5.65 11.03
C LYS K 151 -49.64 4.80 10.75
N THR K 152 -49.23 4.76 9.48
CA THR K 152 -47.91 4.29 9.11
C THR K 152 -46.97 5.43 8.72
N PHE K 153 -47.50 6.50 8.14
CA PHE K 153 -46.74 7.46 7.36
C PHE K 153 -47.07 8.88 7.77
N TYR K 154 -46.04 9.73 7.82
CA TYR K 154 -46.24 11.14 8.11
C TYR K 154 -44.98 11.91 7.76
N THR K 155 -45.15 13.18 7.38
CA THR K 155 -44.03 14.06 7.03
C THR K 155 -44.06 15.27 7.94
N ARG K 156 -42.93 15.56 8.58
CA ARG K 156 -42.79 16.63 9.55
C ARG K 156 -41.88 17.71 8.99
N PHE K 157 -42.30 18.97 9.13
CA PHE K 157 -41.49 20.10 8.73
C PHE K 157 -40.61 20.54 9.89
N GLU K 158 -39.34 20.83 9.57
CA GLU K 158 -38.25 21.00 10.52
C GLU K 158 -37.39 22.17 10.08
N PRO K 159 -36.82 22.92 11.03
CA PRO K 159 -35.73 23.82 10.68
C PRO K 159 -34.64 23.06 9.96
N ALA K 160 -33.93 23.79 9.10
CA ALA K 160 -32.98 23.17 8.18
C ALA K 160 -31.61 23.09 8.84
N LEU K 161 -31.51 22.24 9.87
CA LEU K 161 -30.30 22.14 10.66
C LEU K 161 -29.84 20.69 10.74
N TYR K 162 -28.53 20.53 10.93
CA TYR K 162 -27.89 19.22 10.89
C TYR K 162 -28.45 18.30 11.97
N SER K 163 -28.78 17.06 11.58
CA SER K 163 -28.89 15.96 12.52
C SER K 163 -28.04 14.82 11.97
N GLU K 164 -27.57 13.94 12.84
CA GLU K 164 -26.84 12.82 12.26
C GLU K 164 -27.75 11.90 11.49
N GLU K 165 -29.05 11.88 11.80
CA GLU K 165 -29.95 10.98 11.09
C GLU K 165 -30.20 11.46 9.67
N LYS K 166 -30.35 12.77 9.48
CA LYS K 166 -30.55 13.27 8.13
C LYS K 166 -29.29 13.08 7.29
N TYR K 167 -28.13 13.44 7.85
CA TYR K 167 -26.85 13.21 7.18
C TYR K 167 -26.69 11.75 6.77
N HIS K 168 -27.12 10.84 7.64
CA HIS K 168 -26.87 9.43 7.39
C HIS K 168 -27.65 8.98 6.17
N LEU K 169 -28.92 9.38 6.10
CA LEU K 169 -29.73 9.05 4.94
C LEU K 169 -29.16 9.73 3.71
N PHE K 170 -28.82 11.01 3.86
CA PHE K 170 -28.11 11.75 2.82
C PHE K 170 -26.98 10.95 2.19
N VAL K 171 -26.13 10.33 3.01
CA VAL K 171 -24.95 9.68 2.43
C VAL K 171 -25.36 8.47 1.60
N LYS K 172 -26.22 7.60 2.13
CA LYS K 172 -26.56 6.43 1.33
C LYS K 172 -27.31 6.82 0.06
N TYR K 173 -28.13 7.85 0.10
CA TYR K 173 -28.68 8.38 -1.16
C TYR K 173 -27.55 8.77 -2.10
N GLN K 174 -26.63 9.62 -1.64
CA GLN K 174 -25.56 10.09 -2.51
C GLN K 174 -24.72 8.95 -3.06
N GLU K 175 -24.38 7.94 -2.23
CA GLU K 175 -23.50 6.87 -2.68
C GLU K 175 -24.21 5.89 -3.61
N LYS K 176 -25.37 5.38 -3.20
CA LYS K 176 -26.04 4.30 -3.92
C LYS K 176 -26.84 4.80 -5.11
N VAL K 177 -27.14 6.08 -5.20
CA VAL K 177 -27.90 6.64 -6.29
C VAL K 177 -27.04 7.49 -7.22
N HIS K 178 -26.26 8.41 -6.67
CA HIS K 178 -25.41 9.26 -7.49
C HIS K 178 -23.95 8.81 -7.55
N GLN K 179 -23.60 7.66 -6.99
CA GLN K 179 -22.20 7.20 -6.99
C GLN K 179 -21.23 8.29 -6.51
N ASP K 180 -21.67 9.16 -5.62
CA ASP K 180 -20.86 10.24 -5.07
C ASP K 180 -20.40 9.88 -3.67
N TYR K 181 -19.09 9.77 -3.48
CA TYR K 181 -18.53 9.36 -2.20
C TYR K 181 -17.81 10.48 -1.48
N ASN K 182 -17.94 11.71 -1.96
CA ASN K 182 -17.25 12.85 -1.39
C ASN K 182 -18.20 13.57 -0.44
N ASN K 183 -18.51 12.91 0.67
CA ASN K 183 -19.46 13.47 1.62
C ASN K 183 -18.87 13.47 3.00
N SER K 184 -18.78 14.62 3.57
CA SER K 184 -18.43 14.98 4.91
C SER K 184 -19.64 15.55 5.61
N PRO K 185 -19.75 15.37 6.91
CA PRO K 185 -20.78 16.09 7.64
C PRO K 185 -20.75 17.58 7.37
N LYS K 186 -19.58 18.19 7.16
CA LYS K 186 -19.66 19.62 6.91
C LYS K 186 -20.01 19.92 5.45
N SER K 187 -19.63 19.05 4.51
CA SER K 187 -20.14 19.19 3.14
C SER K 187 -21.67 19.17 3.11
N PHE K 188 -22.26 18.22 3.85
CA PHE K 188 -23.71 18.16 3.98
C PHE K 188 -24.27 19.39 4.67
N LYS K 189 -23.59 19.88 5.72
CA LYS K 189 -23.94 21.18 6.29
C LYS K 189 -23.90 22.28 5.25
N ARG K 190 -22.74 22.44 4.58
CA ARG K 190 -22.51 23.59 3.69
C ARG K 190 -23.60 23.67 2.63
N PHE K 191 -24.07 22.50 2.15
CA PHE K 191 -25.00 22.31 1.04
C PHE K 191 -26.48 22.43 1.42
N LEU K 192 -26.93 21.82 2.52
CA LEU K 192 -28.36 21.82 2.79
C LEU K 192 -28.73 22.29 4.19
N CYS K 193 -27.80 22.80 4.98
CA CYS K 193 -28.18 23.41 6.25
C CYS K 193 -27.80 24.88 6.30
N ASP K 194 -26.60 25.23 5.87
CA ASP K 194 -26.25 26.64 5.75
C ASP K 194 -27.18 27.30 4.75
N THR K 195 -27.59 28.52 5.04
CA THR K 195 -28.46 29.29 4.18
C THR K 195 -28.09 30.77 4.27
N PRO K 196 -28.40 31.56 3.25
CA PRO K 196 -28.19 33.00 3.34
C PRO K 196 -29.24 33.73 4.15
N PHE K 197 -30.25 33.04 4.67
CA PHE K 197 -31.35 33.68 5.38
C PHE K 197 -31.03 33.86 6.86
N GLY K 198 -31.68 34.86 7.46
CA GLY K 198 -31.39 35.23 8.81
C GLY K 198 -31.93 34.23 9.80
N PRO K 199 -31.72 34.49 11.09
CA PRO K 199 -32.14 33.50 12.08
C PRO K 199 -33.66 33.26 12.08
N GLU K 200 -34.48 34.30 11.90
CA GLU K 200 -35.91 34.06 11.97
C GLU K 200 -36.39 33.19 10.82
N ALA K 201 -35.89 33.46 9.61
CA ALA K 201 -36.30 32.61 8.49
C ALA K 201 -35.92 31.16 8.72
N VAL K 202 -34.88 30.91 9.53
CA VAL K 202 -34.36 29.56 9.73
C VAL K 202 -35.00 28.89 10.93
N LEU K 203 -35.18 29.62 12.01
CA LEU K 203 -35.70 29.06 13.24
C LEU K 203 -37.18 29.35 13.43
N GLY K 204 -37.64 30.52 12.98
CA GLY K 204 -39.06 30.81 13.03
C GLY K 204 -39.63 30.70 14.43
N THR K 205 -40.95 30.66 14.47
CA THR K 205 -41.73 30.56 15.69
C THR K 205 -42.27 29.14 15.82
N GLN K 206 -42.49 28.68 17.06
CA GLN K 206 -43.08 27.34 17.21
C GLN K 206 -44.44 27.28 16.54
N GLU K 207 -45.26 28.30 16.74
CA GLU K 207 -46.59 28.32 16.16
C GLU K 207 -46.54 28.14 14.65
N SER K 208 -45.66 28.89 13.98
CA SER K 208 -45.63 28.85 12.52
C SER K 208 -45.21 27.48 12.01
N TRP K 209 -44.45 26.73 12.81
CA TRP K 209 -44.14 25.37 12.42
C TRP K 209 -45.39 24.51 12.49
N GLU K 210 -46.09 24.54 13.63
CA GLU K 210 -47.34 23.80 13.76
C GLU K 210 -48.36 24.21 12.69
N GLN K 211 -48.36 25.47 12.27
CA GLN K 211 -49.27 25.85 11.20
C GLN K 211 -48.90 25.17 9.90
N LEU K 212 -47.62 25.16 9.55
CA LEU K 212 -47.19 24.49 8.33
C LEU K 212 -47.31 22.97 8.46
N ASN K 213 -47.06 22.44 9.66
CA ASN K 213 -47.27 21.02 9.88
C ASN K 213 -48.74 20.63 9.76
N ASN K 214 -49.65 21.57 10.05
CA ASN K 214 -51.08 21.36 9.83
C ASN K 214 -51.52 21.84 8.45
N TRP K 215 -50.63 21.74 7.46
CA TRP K 215 -50.97 22.20 6.11
C TRP K 215 -52.22 21.51 5.57
N GLN K 216 -52.49 20.30 6.01
CA GLN K 216 -53.51 19.55 5.30
C GLN K 216 -54.93 19.98 5.63
N ARG K 217 -55.16 20.69 6.73
CA ARG K 217 -56.48 21.28 6.92
C ARG K 217 -56.41 22.78 7.13
N MET K 218 -55.54 23.41 6.37
CA MET K 218 -55.62 24.87 6.27
C MET K 218 -56.71 25.11 5.23
N LYS K 219 -57.60 26.07 5.42
CA LYS K 219 -58.61 26.28 4.35
C LYS K 219 -58.43 27.65 3.74
N PRO K 220 -58.91 27.87 2.51
CA PRO K 220 -58.69 29.07 1.70
C PRO K 220 -58.95 30.53 2.04
N GLY K 221 -58.05 31.36 1.50
CA GLY K 221 -57.86 32.78 1.82
C GLY K 221 -57.01 32.89 3.06
N GLU K 222 -56.46 31.78 3.52
CA GLU K 222 -55.62 31.85 4.71
C GLU K 222 -54.21 32.30 4.34
N LYS K 223 -53.45 32.61 5.38
CA LYS K 223 -52.09 33.13 5.25
C LYS K 223 -51.14 32.11 5.85
N LEU K 224 -50.25 31.55 5.04
CA LEU K 224 -49.22 30.67 5.57
C LEU K 224 -48.13 31.54 6.21
N LYS K 225 -47.92 31.35 7.51
CA LYS K 225 -47.09 32.30 8.25
C LYS K 225 -45.62 32.10 7.93
N HIS K 226 -45.14 30.85 8.02
CA HIS K 226 -43.71 30.58 7.94
C HIS K 226 -43.20 30.80 6.52
N MET K 227 -42.13 31.59 6.40
CA MET K 227 -41.44 31.82 5.14
C MET K 227 -39.98 31.50 5.33
N GLY K 228 -39.38 30.82 4.37
CA GLY K 228 -37.98 30.46 4.50
C GLY K 228 -37.68 29.02 4.21
N PRO K 229 -36.45 28.60 4.51
CA PRO K 229 -36.03 27.22 4.20
C PRO K 229 -36.44 26.21 5.26
N VAL K 230 -36.75 25.00 4.79
CA VAL K 230 -37.28 23.94 5.64
C VAL K 230 -36.70 22.61 5.17
N HIS K 231 -36.72 21.65 6.09
CA HIS K 231 -36.51 20.24 5.80
C HIS K 231 -37.81 19.52 6.08
N GLU K 232 -38.36 18.85 5.09
CA GLU K 232 -39.53 18.02 5.32
C GLU K 232 -39.08 16.57 5.35
N CYS K 233 -39.27 15.91 6.50
CA CYS K 233 -38.82 14.54 6.70
C CYS K 233 -39.97 13.56 6.55
N TYR K 234 -39.80 12.56 5.68
CA TYR K 234 -40.80 11.52 5.47
C TYR K 234 -40.52 10.36 6.42
N TYR K 235 -41.51 9.97 7.19
CA TYR K 235 -41.39 8.79 8.05
C TYR K 235 -42.39 7.75 7.59
N TYR K 236 -41.91 6.54 7.32
CA TYR K 236 -42.77 5.41 6.98
C TYR K 236 -42.57 4.33 8.01
N GLU K 237 -43.65 3.94 8.68
CA GLU K 237 -43.57 3.02 9.80
C GLU K 237 -42.47 3.45 10.76
N GLY K 238 -42.41 4.76 11.01
CA GLY K 238 -41.58 5.32 12.05
C GLY K 238 -40.08 5.22 11.86
N LYS K 239 -39.58 5.40 10.64
CA LYS K 239 -38.18 5.77 10.50
C LYS K 239 -37.96 6.43 9.14
N LEU K 240 -36.96 7.31 9.11
CA LEU K 240 -36.78 8.32 8.06
C LEU K 240 -36.52 7.68 6.71
N ILE K 241 -37.35 7.99 5.72
CA ILE K 241 -37.18 7.44 4.38
C ILE K 241 -36.88 8.49 3.33
N ALA K 242 -37.04 9.79 3.63
CA ALA K 242 -36.82 10.80 2.60
C ALA K 242 -36.81 12.20 3.22
N ILE K 243 -36.05 13.09 2.60
CA ILE K 243 -35.97 14.48 3.01
C ILE K 243 -36.08 15.36 1.77
N THR K 244 -36.98 16.33 1.81
CA THR K 244 -37.05 17.33 0.77
C THR K 244 -36.52 18.63 1.36
N VAL K 245 -35.55 19.22 0.69
CA VAL K 245 -34.99 20.52 1.05
C VAL K 245 -35.71 21.51 0.16
N SER K 246 -36.52 22.37 0.78
CA SER K 246 -37.33 23.32 0.03
C SER K 246 -37.16 24.69 0.70
N ASP K 247 -37.39 25.74 -0.08
CA ASP K 247 -37.46 27.12 0.39
C ASP K 247 -38.90 27.58 0.24
N ILE K 248 -39.55 27.95 1.34
CA ILE K 248 -40.94 28.37 1.29
C ILE K 248 -40.94 29.88 1.05
N LEU K 249 -41.38 30.27 -0.14
CA LEU K 249 -41.31 31.61 -0.68
C LEU K 249 -42.68 32.29 -0.69
N PRO K 250 -42.70 33.62 -0.77
CA PRO K 250 -44.00 34.31 -0.90
C PRO K 250 -44.81 33.87 -2.10
N SER K 251 -44.15 33.54 -3.21
CA SER K 251 -44.86 33.12 -4.42
C SER K 251 -45.10 31.61 -4.51
N GLY K 252 -44.62 30.82 -3.55
CA GLY K 252 -44.66 29.36 -3.68
C GLY K 252 -43.46 28.65 -3.08
N ILE K 253 -43.12 27.46 -3.59
CA ILE K 253 -42.03 26.67 -3.02
C ILE K 253 -41.01 26.38 -4.09
N SER K 254 -39.78 26.79 -3.82
CA SER K 254 -38.62 26.39 -4.59
C SER K 254 -38.01 25.14 -3.93
N SER K 255 -37.87 24.06 -4.69
CA SER K 255 -37.20 22.89 -4.16
C SER K 255 -35.69 23.02 -4.34
N VAL K 256 -34.93 22.63 -3.32
CA VAL K 256 -33.47 22.69 -3.35
C VAL K 256 -32.87 21.34 -3.66
N TYR K 257 -33.27 20.31 -2.92
CA TYR K 257 -32.73 18.97 -3.07
C TYR K 257 -33.76 17.99 -2.51
N PHE K 258 -33.69 16.74 -2.99
CA PHE K 258 -34.55 15.69 -2.48
C PHE K 258 -33.73 14.40 -2.34
N ILE K 259 -33.80 13.79 -1.17
CA ILE K 259 -33.00 12.59 -0.89
C ILE K 259 -33.93 11.53 -0.36
N TRP K 260 -33.73 10.29 -0.80
CA TRP K 260 -34.60 9.18 -0.45
C TRP K 260 -33.76 7.93 -0.16
N ASP K 261 -34.29 7.06 0.69
CA ASP K 261 -33.67 5.78 0.94
C ASP K 261 -33.75 4.93 -0.32
N PRO K 262 -32.62 4.43 -0.85
CA PRO K 262 -32.69 3.64 -2.08
C PRO K 262 -33.47 2.35 -1.93
N ASP K 263 -33.70 1.89 -0.70
CA ASP K 263 -34.49 0.68 -0.51
C ASP K 263 -35.92 0.92 -0.98
N TYR K 264 -36.42 2.12 -0.77
CA TYR K 264 -37.76 2.51 -1.18
C TYR K 264 -37.77 2.93 -2.64
N SER K 265 -36.81 2.43 -3.42
CA SER K 265 -36.74 2.64 -4.85
C SER K 265 -38.11 2.55 -5.51
N LYS K 266 -38.86 1.50 -5.17
CA LYS K 266 -40.08 1.16 -5.88
C LYS K 266 -41.24 2.11 -5.59
N TRP K 267 -41.08 3.06 -4.66
CA TRP K 267 -42.14 4.00 -4.31
C TRP K 267 -42.30 5.14 -5.31
N SER K 268 -41.30 5.40 -6.14
CA SER K 268 -41.26 6.59 -6.99
C SER K 268 -41.43 7.84 -6.14
N LEU K 269 -40.61 7.93 -5.09
CA LEU K 269 -40.69 9.06 -4.17
C LEU K 269 -40.32 10.38 -4.82
N GLY K 270 -39.63 10.35 -5.96
CA GLY K 270 -39.26 11.59 -6.61
C GLY K 270 -40.41 12.25 -7.34
N LYS K 271 -41.33 11.45 -7.87
CA LYS K 271 -42.56 12.04 -8.39
C LYS K 271 -43.51 12.32 -7.24
N LEU K 272 -43.52 11.47 -6.22
CA LEU K 272 -44.38 11.69 -5.08
C LEU K 272 -43.95 12.91 -4.29
N SER K 273 -42.63 13.15 -4.20
CA SER K 273 -42.18 14.39 -3.57
C SER K 273 -42.82 15.59 -4.25
N ALA K 274 -42.99 15.54 -5.57
CA ALA K 274 -43.32 16.76 -6.31
C ALA K 274 -44.80 17.08 -6.28
N LEU K 275 -45.65 16.05 -6.34
CA LEU K 275 -47.08 16.31 -6.28
C LEU K 275 -47.57 16.50 -4.86
N ARG K 276 -46.88 15.91 -3.87
CA ARG K 276 -47.15 16.33 -2.49
C ARG K 276 -46.84 17.82 -2.32
N ASP K 277 -45.70 18.29 -2.84
CA ASP K 277 -45.36 19.70 -2.81
C ASP K 277 -46.45 20.54 -3.47
N LEU K 278 -46.87 20.15 -4.69
CA LEU K 278 -47.95 20.83 -5.38
C LEU K 278 -49.24 20.78 -4.57
N ALA K 279 -49.40 19.77 -3.71
CA ALA K 279 -50.55 19.71 -2.81
C ALA K 279 -50.38 20.72 -1.67
N ILE K 280 -49.18 20.76 -1.07
CA ILE K 280 -48.89 21.76 -0.04
C ILE K 280 -49.10 23.15 -0.59
N ILE K 281 -48.72 23.38 -1.84
CA ILE K 281 -48.88 24.69 -2.43
C ILE K 281 -50.36 25.07 -2.44
N GLN K 282 -51.18 24.25 -3.10
CA GLN K 282 -52.59 24.62 -3.23
C GLN K 282 -53.24 24.76 -1.85
N ARG K 283 -53.02 23.81 -0.97
CA ARG K 283 -53.72 23.88 0.31
C ARG K 283 -53.03 24.78 1.32
N THR K 284 -51.95 25.47 0.97
CA THR K 284 -51.48 26.58 1.78
C THR K 284 -51.71 27.93 1.14
N ASN K 285 -52.46 27.97 0.03
CA ASN K 285 -52.77 29.21 -0.68
C ASN K 285 -51.50 30.02 -1.01
N LEU K 286 -50.56 29.34 -1.67
CA LEU K 286 -49.49 29.94 -2.44
C LEU K 286 -49.67 29.54 -3.91
N GLN K 287 -48.84 30.09 -4.80
CA GLN K 287 -49.13 29.93 -6.23
C GLN K 287 -48.30 28.84 -6.89
N TYR K 288 -46.98 28.92 -6.84
CA TYR K 288 -46.15 28.19 -7.78
C TYR K 288 -45.25 27.15 -7.13
N TYR K 289 -44.84 26.18 -7.94
CA TYR K 289 -43.75 25.26 -7.66
C TYR K 289 -42.63 25.56 -8.63
N TYR K 290 -41.41 25.63 -8.14
CA TYR K 290 -40.26 25.94 -8.98
C TYR K 290 -39.28 24.75 -8.95
N LEU K 291 -38.91 24.24 -10.12
CA LEU K 291 -38.04 23.07 -10.23
C LEU K 291 -36.57 23.43 -10.40
N GLY K 292 -36.26 24.10 -11.50
CA GLY K 292 -34.87 24.28 -11.87
C GLY K 292 -34.16 23.02 -12.34
N TYR K 293 -34.62 22.46 -13.46
CA TYR K 293 -33.88 21.56 -14.36
C TYR K 293 -34.84 21.10 -15.46
N ASN K 306 -44.63 16.55 -21.27
CA ASN K 306 -44.69 16.13 -19.88
C ASN K 306 -46.00 16.55 -19.23
N TYR K 307 -46.24 17.86 -19.24
CA TYR K 307 -47.31 18.54 -18.54
C TYR K 307 -47.24 20.01 -18.92
N GLY K 308 -48.35 20.73 -18.72
CA GLY K 308 -48.49 22.10 -19.19
C GLY K 308 -48.07 23.19 -18.23
N ALA K 309 -46.84 23.08 -17.70
CA ALA K 309 -46.27 24.11 -16.86
C ALA K 309 -45.78 25.25 -17.75
N GLU K 310 -44.97 26.16 -17.19
CA GLU K 310 -44.37 27.24 -17.97
C GLU K 310 -42.91 27.40 -17.58
N VAL K 311 -42.09 27.80 -18.55
CA VAL K 311 -40.66 27.95 -18.33
C VAL K 311 -40.26 29.39 -18.59
N LEU K 312 -39.18 29.80 -17.92
CA LEU K 312 -38.74 31.19 -17.89
C LEU K 312 -37.81 31.45 -19.08
N ASP K 313 -38.22 32.39 -19.93
CA ASP K 313 -37.29 33.05 -20.87
C ASP K 313 -36.46 34.08 -20.11
N VAL K 314 -35.19 33.74 -19.81
CA VAL K 314 -34.40 34.64 -18.97
C VAL K 314 -33.88 35.86 -19.71
N CYS K 315 -33.97 35.87 -21.04
CA CYS K 315 -33.56 37.06 -21.76
C CYS K 315 -34.62 38.15 -21.68
N HIS K 316 -35.90 37.75 -21.61
CA HIS K 316 -37.00 38.65 -21.29
C HIS K 316 -37.39 38.66 -19.81
N SER K 317 -36.94 37.70 -19.01
CA SER K 317 -37.35 37.57 -17.62
C SER K 317 -38.86 37.39 -17.47
N LYS K 318 -39.51 36.85 -18.49
CA LYS K 318 -40.91 36.48 -18.49
C LYS K 318 -41.04 34.97 -18.71
N TYR K 319 -42.25 34.43 -18.47
CA TYR K 319 -42.58 33.01 -18.60
C TYR K 319 -43.47 32.73 -19.82
N ILE K 320 -43.09 31.75 -20.63
CA ILE K 320 -43.98 31.22 -21.68
C ILE K 320 -44.53 29.87 -21.24
N PRO K 321 -45.70 29.48 -21.73
CA PRO K 321 -46.23 28.14 -21.42
C PRO K 321 -45.41 27.06 -22.10
N LEU K 322 -45.07 26.00 -21.34
CA LEU K 322 -43.92 25.15 -21.66
C LEU K 322 -44.07 24.44 -23.00
N LYS K 323 -45.12 23.64 -23.16
CA LYS K 323 -45.06 22.82 -24.36
C LYS K 323 -45.20 23.61 -25.66
N PRO K 324 -45.98 24.70 -25.70
CA PRO K 324 -46.09 25.47 -26.95
C PRO K 324 -44.78 25.66 -27.70
N ILE K 325 -43.61 25.58 -27.05
CA ILE K 325 -42.39 25.14 -27.74
C ILE K 325 -41.52 24.18 -26.93
N GLN K 326 -42.12 23.19 -26.24
CA GLN K 326 -41.37 21.95 -26.04
C GLN K 326 -40.87 21.43 -27.38
N ASP K 327 -41.48 21.92 -28.48
CA ASP K 327 -40.89 22.06 -29.80
C ASP K 327 -39.43 22.49 -29.71
N MET K 328 -39.08 23.33 -28.71
CA MET K 328 -37.72 23.85 -28.54
C MET K 328 -37.01 23.38 -27.27
N ILE K 329 -37.70 23.10 -26.16
CA ILE K 329 -37.06 22.34 -25.07
C ILE K 329 -36.61 20.99 -25.57
N SER K 330 -36.92 20.68 -26.83
CA SER K 330 -36.21 19.66 -27.58
C SER K 330 -34.74 19.69 -27.21
N ARG K 331 -34.17 18.50 -27.15
CA ARG K 331 -32.72 18.33 -27.22
C ARG K 331 -32.01 19.27 -26.28
N GLY K 332 -32.73 19.74 -25.24
CA GLY K 332 -32.26 20.80 -24.36
C GLY K 332 -31.56 21.98 -25.02
N LYS K 333 -32.22 22.71 -25.92
CA LYS K 333 -31.61 23.84 -26.60
C LYS K 333 -32.04 25.16 -25.96
N LEU K 334 -31.36 26.24 -26.35
CA LEU K 334 -31.59 27.56 -25.77
C LEU K 334 -32.59 28.34 -26.63
N PHE K 335 -33.57 28.98 -25.99
CA PHE K 335 -34.62 29.67 -26.74
C PHE K 335 -34.74 31.13 -26.30
N VAL K 336 -35.04 32.01 -27.26
CA VAL K 336 -35.27 33.43 -26.99
C VAL K 336 -36.48 33.85 -27.82
N ILE K 337 -37.59 34.12 -27.15
CA ILE K 337 -38.83 34.49 -27.81
C ILE K 337 -38.69 35.86 -28.47
N GLY K 338 -38.83 35.90 -29.79
CA GLY K 338 -38.93 37.16 -30.51
C GLY K 338 -40.18 37.18 -31.38
N GLU K 339 -40.48 38.38 -31.88
CA GLU K 339 -41.60 38.53 -32.81
C GLU K 339 -41.08 38.54 -34.24
N GLU K 340 -41.95 38.13 -35.18
CA GLU K 340 -41.48 37.97 -36.55
C GLU K 340 -41.33 39.30 -37.27
N GLU K 341 -42.08 40.33 -36.90
CA GLU K 341 -42.02 41.60 -37.62
C GLU K 341 -40.82 42.47 -37.21
N THR K 342 -39.91 42.01 -36.36
CA THR K 342 -38.84 42.88 -35.91
C THR K 342 -37.48 42.24 -36.16
N LYS K 343 -36.50 43.05 -36.52
CA LYS K 343 -35.13 42.56 -36.58
C LYS K 343 -34.39 42.97 -35.30
N VAL K 344 -33.63 42.02 -34.72
CA VAL K 344 -32.80 42.38 -33.56
C VAL K 344 -31.38 42.59 -34.04
N THR K 345 -30.68 43.52 -33.38
CA THR K 345 -29.31 43.85 -33.75
C THR K 345 -28.35 43.83 -32.57
N LYS K 346 -28.81 43.44 -31.40
CA LYS K 346 -28.02 43.29 -30.19
C LYS K 346 -28.92 42.58 -29.21
N GLU K 347 -28.32 42.06 -28.14
CA GLU K 347 -29.08 41.39 -27.11
C GLU K 347 -30.23 42.27 -26.62
N LEU K 348 -31.33 41.62 -26.22
CA LEU K 348 -32.50 42.40 -25.83
C LEU K 348 -32.26 43.11 -24.52
N TYR K 349 -32.71 44.34 -24.47
CA TYR K 349 -32.62 45.14 -23.26
C TYR K 349 -33.46 44.49 -22.17
N LEU K 350 -32.89 44.41 -20.97
CA LEU K 350 -33.61 43.93 -19.79
C LEU K 350 -34.14 45.11 -19.00
N VAL K 351 -35.42 45.09 -18.66
CA VAL K 351 -36.03 46.17 -17.89
C VAL K 351 -35.96 45.85 -16.40
N ASP K 352 -35.17 46.63 -15.66
CA ASP K 352 -34.91 46.28 -14.27
C ASP K 352 -36.18 46.18 -13.45
N SER K 353 -37.15 47.06 -13.70
CA SER K 353 -38.29 47.11 -12.81
C SER K 353 -39.16 45.87 -12.95
N GLU K 354 -39.09 45.17 -14.08
CA GLU K 354 -39.92 44.01 -14.35
C GLU K 354 -39.14 42.72 -14.33
N THR K 355 -37.90 42.77 -13.89
CA THR K 355 -36.99 41.67 -14.18
C THR K 355 -37.31 40.44 -13.32
N GLY K 356 -37.42 40.60 -12.01
CA GLY K 356 -37.59 39.36 -11.28
C GLY K 356 -39.02 39.02 -11.00
N ARG K 357 -39.94 39.70 -11.65
CA ARG K 357 -41.35 39.58 -11.37
C ARG K 357 -41.91 38.54 -12.30
N GLY K 358 -42.89 37.78 -11.80
CA GLY K 358 -43.30 36.57 -12.49
C GLY K 358 -44.20 36.86 -13.67
N GLU K 359 -43.84 37.86 -14.45
CA GLU K 359 -44.63 38.18 -15.63
C GLU K 359 -44.60 37.01 -16.60
N GLY K 360 -45.68 36.89 -17.38
CA GLY K 360 -45.74 35.98 -18.51
C GLY K 360 -45.98 36.71 -19.81
N PHE K 361 -45.74 36.05 -20.94
CA PHE K 361 -46.00 36.67 -22.22
C PHE K 361 -47.50 36.80 -22.44
N PRO K 362 -47.93 37.74 -23.28
CA PRO K 362 -49.38 37.83 -23.57
C PRO K 362 -49.88 36.59 -24.30
N THR K 363 -50.75 35.81 -23.65
CA THR K 363 -51.27 34.55 -24.21
C THR K 363 -52.10 34.75 -25.48
N ASP K 364 -52.44 35.98 -25.85
CA ASP K 364 -52.88 36.31 -27.20
C ASP K 364 -51.65 36.48 -28.08
N ASN K 365 -51.55 35.70 -29.14
CA ASN K 365 -50.59 35.93 -30.19
C ASN K 365 -51.29 36.09 -31.52
N VAL K 366 -51.57 37.36 -31.85
CA VAL K 366 -51.75 37.74 -33.25
C VAL K 366 -50.43 37.63 -34.01
N VAL K 367 -49.33 37.38 -33.30
CA VAL K 367 -48.06 36.97 -33.91
C VAL K 367 -47.52 35.83 -33.05
N LYS K 368 -47.85 34.58 -33.42
CA LYS K 368 -47.30 33.43 -32.68
C LYS K 368 -45.79 33.43 -32.86
N TYR K 369 -45.07 33.65 -31.76
CA TYR K 369 -43.69 34.11 -31.77
C TYR K 369 -42.74 33.13 -32.47
N LYS K 370 -41.67 33.68 -33.04
CA LYS K 370 -40.56 32.88 -33.54
C LYS K 370 -39.44 32.89 -32.50
N ASN K 371 -38.58 31.88 -32.62
CA ASN K 371 -37.43 31.70 -31.74
C ASN K 371 -36.23 32.40 -32.37
N ILE K 372 -35.81 33.51 -31.80
CA ILE K 372 -34.68 34.25 -32.33
C ILE K 372 -33.43 34.05 -31.49
N ALA K 373 -33.35 32.96 -30.72
CA ALA K 373 -32.14 32.67 -29.96
C ALA K 373 -30.90 32.65 -30.85
N GLU K 374 -31.03 32.28 -32.11
CA GLU K 374 -29.83 32.11 -32.92
C GLU K 374 -29.38 33.37 -33.66
N GLU K 375 -30.28 34.27 -34.05
CA GLU K 375 -29.74 35.49 -34.67
C GLU K 375 -29.03 36.38 -33.65
N ILE K 376 -29.19 36.10 -32.36
CA ILE K 376 -28.49 36.85 -31.31
C ILE K 376 -27.24 36.10 -30.92
N TYR K 377 -27.38 34.83 -30.53
CA TYR K 377 -26.36 34.11 -29.78
C TYR K 377 -25.66 33.01 -30.56
N GLY K 378 -26.15 32.63 -31.73
CA GLY K 378 -25.47 31.68 -32.58
C GLY K 378 -24.29 32.34 -33.26
N VAL K 379 -23.76 31.65 -34.27
CA VAL K 379 -22.39 31.88 -34.73
C VAL K 379 -22.17 33.33 -35.18
N GLY K 380 -22.95 33.81 -36.14
CA GLY K 380 -22.76 35.17 -36.56
C GLY K 380 -23.69 36.10 -35.81
N GLY K 381 -23.91 35.79 -34.54
CA GLY K 381 -24.95 36.45 -33.78
C GLY K 381 -24.66 37.91 -33.55
N CYS K 382 -25.73 38.70 -33.53
CA CYS K 382 -25.60 40.14 -33.29
C CYS K 382 -25.17 40.47 -31.86
N ALA K 383 -25.08 39.48 -30.98
CA ALA K 383 -24.66 39.73 -29.61
C ALA K 383 -23.22 40.18 -29.51
N PHE K 384 -22.32 39.57 -30.29
CA PHE K 384 -20.89 39.60 -29.97
C PHE K 384 -20.20 40.89 -30.41
N LYS K 385 -20.42 41.30 -31.67
CA LYS K 385 -19.81 42.55 -32.10
C LYS K 385 -20.20 43.69 -31.18
N SER K 386 -21.47 43.74 -30.77
CA SER K 386 -21.91 44.83 -29.92
C SER K 386 -21.35 44.68 -28.51
N ALA K 387 -21.33 43.48 -27.96
CA ALA K 387 -20.72 43.32 -26.63
C ALA K 387 -19.27 43.77 -26.67
N ASN K 388 -18.57 43.42 -27.74
CA ASN K 388 -17.16 43.76 -27.84
C ASN K 388 -16.96 45.27 -27.91
N GLU K 389 -17.65 45.96 -28.83
CA GLU K 389 -17.43 47.40 -28.91
C GLU K 389 -17.86 48.11 -27.64
N SER K 390 -18.83 47.56 -26.89
CA SER K 390 -19.17 48.15 -25.59
C SER K 390 -18.08 47.87 -24.56
N ALA K 391 -17.62 46.63 -24.47
CA ALA K 391 -16.55 46.31 -23.51
C ALA K 391 -15.38 47.26 -23.69
N LEU K 392 -15.07 47.59 -24.93
CA LEU K 392 -14.02 48.55 -25.22
C LEU K 392 -14.37 49.94 -24.72
N GLU K 393 -15.63 50.39 -24.90
CA GLU K 393 -15.99 51.72 -24.40
C GLU K 393 -15.92 51.78 -22.89
N LEU K 394 -16.34 50.70 -22.22
CA LEU K 394 -16.37 50.68 -20.76
C LEU K 394 -14.98 50.83 -20.17
N LYS K 395 -13.97 50.21 -20.80
CA LYS K 395 -12.59 50.36 -20.34
C LYS K 395 -12.04 51.72 -20.73
N GLU K 396 -12.23 52.13 -21.98
CA GLU K 396 -11.56 53.31 -22.51
C GLU K 396 -12.10 54.60 -21.91
N LEU K 397 -13.38 54.65 -21.60
CA LEU K 397 -13.99 55.86 -21.10
C LEU K 397 -14.28 55.85 -19.61
N TYR K 398 -14.42 54.69 -18.97
CA TYR K 398 -14.80 54.63 -17.57
C TYR K 398 -13.81 53.85 -16.74
N GLY K 399 -12.75 53.32 -17.34
CA GLY K 399 -11.80 52.54 -16.59
C GLY K 399 -12.35 51.26 -16.01
N ILE K 400 -13.39 50.70 -16.59
CA ILE K 400 -13.96 49.44 -16.10
C ILE K 400 -13.31 48.32 -16.89
N PRO K 401 -12.53 47.45 -16.24
CA PRO K 401 -11.69 46.50 -17.00
C PRO K 401 -12.49 45.45 -17.75
N TYR K 402 -13.04 45.84 -18.90
CA TYR K 402 -13.65 44.92 -19.85
C TYR K 402 -12.72 44.71 -21.03
N GLU K 403 -12.68 43.47 -21.53
CA GLU K 403 -11.78 43.06 -22.60
C GLU K 403 -12.60 42.48 -23.73
N GLU K 404 -12.09 42.57 -24.95
CA GLU K 404 -12.77 41.94 -26.08
C GLU K 404 -12.66 40.42 -25.96
N GLU K 405 -13.72 39.73 -26.42
CA GLU K 405 -13.78 38.27 -26.32
C GLU K 405 -14.38 37.69 -27.59
N ASP K 406 -14.38 36.35 -27.63
CA ASP K 406 -15.25 35.54 -28.49
C ASP K 406 -15.29 36.04 -29.95
N LEU K 407 -14.12 36.32 -30.50
CA LEU K 407 -14.00 36.56 -31.93
C LEU K 407 -13.64 35.23 -32.60
N ASP K 408 -14.54 34.76 -33.47
CA ASP K 408 -14.56 33.50 -34.20
C ASP K 408 -15.06 32.30 -33.39
N THR K 409 -15.22 32.40 -32.06
CA THR K 409 -15.87 31.33 -31.30
C THR K 409 -16.07 31.63 -29.82
N ILE K 410 -17.11 31.02 -29.24
CA ILE K 410 -17.37 31.04 -27.80
C ILE K 410 -16.80 29.83 -27.10
N TYR K 411 -16.40 28.81 -27.84
CA TYR K 411 -16.07 27.51 -27.29
C TYR K 411 -14.55 27.30 -27.28
N GLY K 423 -12.91 34.96 -16.15
CA GLY K 423 -13.99 35.75 -15.56
C GLY K 423 -15.34 35.60 -16.23
N ILE K 424 -16.31 36.41 -15.81
CA ILE K 424 -17.69 36.33 -16.32
C ILE K 424 -17.72 36.83 -17.77
N PRO K 425 -18.27 36.07 -18.71
CA PRO K 425 -18.11 36.43 -20.12
C PRO K 425 -18.94 37.65 -20.43
N ASN K 426 -18.54 38.35 -21.49
CA ASN K 426 -19.30 39.54 -21.88
C ASN K 426 -20.73 39.20 -22.30
N VAL K 427 -20.92 38.03 -22.92
CA VAL K 427 -22.21 37.64 -23.46
C VAL K 427 -22.65 36.39 -22.72
N VAL K 428 -23.64 36.55 -21.85
CA VAL K 428 -24.28 35.43 -21.18
C VAL K 428 -25.76 35.73 -21.12
N PRO K 429 -26.59 34.92 -21.78
CA PRO K 429 -28.02 35.23 -21.81
C PRO K 429 -28.59 35.22 -20.41
N GLY K 430 -29.36 36.26 -20.11
CA GLY K 430 -29.89 36.47 -18.79
C GLY K 430 -29.19 37.55 -18.02
N LEU K 431 -27.97 37.89 -18.38
CA LEU K 431 -27.28 38.99 -17.74
C LEU K 431 -27.50 40.27 -18.54
N LEU K 432 -27.34 41.41 -17.88
CA LEU K 432 -27.44 42.68 -18.58
C LEU K 432 -26.46 42.73 -19.76
N PRO K 433 -26.93 42.99 -20.98
CA PRO K 433 -26.00 43.19 -22.09
C PRO K 433 -25.06 44.35 -21.78
N LEU K 434 -23.79 44.20 -22.20
CA LEU K 434 -22.83 45.28 -21.96
C LEU K 434 -23.34 46.59 -22.54
N TRP K 435 -24.06 46.55 -23.66
CA TRP K 435 -24.53 47.82 -24.23
C TRP K 435 -25.53 48.51 -23.32
N GLU K 436 -26.34 47.74 -22.59
CA GLU K 436 -27.21 48.36 -21.60
C GLU K 436 -26.38 48.92 -20.43
N LEU K 437 -25.33 48.20 -19.98
CA LEU K 437 -24.43 48.73 -18.95
C LEU K 437 -23.77 50.03 -19.41
N LEU K 438 -23.29 50.06 -20.66
CA LEU K 438 -22.67 51.27 -21.20
C LEU K 438 -23.60 52.47 -21.11
N ASP K 439 -24.89 52.27 -21.39
CA ASP K 439 -25.84 53.39 -21.31
C ASP K 439 -25.92 53.90 -19.88
N ILE K 440 -25.95 52.98 -18.92
CA ILE K 440 -25.95 53.35 -17.51
C ILE K 440 -24.78 54.28 -17.22
N MET K 441 -23.59 53.93 -17.69
CA MET K 441 -22.44 54.82 -17.52
C MET K 441 -22.61 56.10 -18.33
N GLN K 442 -22.92 55.96 -19.62
CA GLN K 442 -23.05 57.14 -20.47
C GLN K 442 -24.08 58.14 -19.98
N SER K 443 -25.05 57.72 -19.18
CA SER K 443 -26.19 58.58 -18.82
C SER K 443 -26.13 59.08 -17.40
N GLY K 444 -25.10 58.69 -16.65
CA GLY K 444 -25.05 59.01 -15.24
C GLY K 444 -25.96 58.21 -14.34
N LYS K 445 -26.83 57.35 -14.89
CA LYS K 445 -27.74 56.58 -14.04
C LYS K 445 -26.96 55.86 -12.94
N ILE K 446 -25.77 55.36 -13.25
CA ILE K 446 -24.88 54.74 -12.29
C ILE K 446 -24.77 55.56 -11.02
N THR K 447 -24.88 56.88 -11.11
CA THR K 447 -24.71 57.62 -9.88
C THR K 447 -25.82 57.35 -8.90
N ASP K 448 -26.91 56.72 -9.31
CA ASP K 448 -27.99 56.48 -8.36
C ASP K 448 -27.61 55.44 -7.32
N LEU K 449 -26.51 54.72 -7.53
CA LEU K 449 -26.00 53.80 -6.51
C LEU K 449 -25.34 54.54 -5.35
N GLU K 450 -24.82 55.74 -5.62
CA GLU K 450 -24.14 56.52 -4.58
C GLU K 450 -25.11 56.77 -3.45
N GLY K 451 -24.65 56.51 -2.23
CA GLY K 451 -25.48 56.71 -1.06
C GLY K 451 -26.47 55.62 -0.81
N ARG K 452 -26.49 54.58 -1.64
CA ARG K 452 -27.37 53.45 -1.39
C ARG K 452 -26.57 52.16 -1.27
N LEU K 453 -25.73 51.84 -2.24
CA LEU K 453 -24.89 50.66 -2.17
C LEU K 453 -23.76 50.88 -1.17
N PHE K 454 -23.44 49.86 -0.40
CA PHE K 454 -22.26 49.94 0.43
C PHE K 454 -21.22 48.91 -0.01
N LEU K 455 -19.97 49.24 0.22
CA LEU K 455 -18.85 48.34 -0.04
C LEU K 455 -18.22 47.93 1.29
N PHE K 456 -17.64 46.75 1.30
CA PHE K 456 -16.92 46.29 2.50
C PHE K 456 -15.67 45.53 2.06
N GLU K 457 -14.51 46.21 2.12
CA GLU K 457 -13.23 45.54 1.90
C GLU K 457 -12.80 44.96 3.24
N ILE K 458 -12.71 43.63 3.31
CA ILE K 458 -12.67 42.96 4.60
C ILE K 458 -11.35 43.14 5.32
N GLU K 459 -10.34 43.68 4.65
CA GLU K 459 -9.09 43.99 5.32
C GLU K 459 -9.01 45.42 5.84
N THR K 460 -9.86 46.33 5.36
CA THR K 460 -9.96 47.68 5.92
C THR K 460 -10.84 47.68 7.18
N GLU K 461 -11.12 48.87 7.71
CA GLU K 461 -11.82 48.99 8.99
C GLU K 461 -13.24 48.44 8.91
N GLY K 462 -13.93 48.64 7.79
CA GLY K 462 -15.24 48.07 7.65
C GLY K 462 -15.99 48.61 6.46
N ILE K 463 -17.31 48.70 6.62
CA ILE K 463 -18.19 49.08 5.53
C ILE K 463 -18.03 50.56 5.25
N ARG K 464 -17.97 50.91 3.98
CA ARG K 464 -18.03 52.31 3.60
C ARG K 464 -19.16 52.53 2.60
N PRO K 465 -19.66 53.77 2.45
CA PRO K 465 -20.62 54.06 1.38
C PRO K 465 -19.94 54.31 0.05
N LEU K 466 -20.63 53.93 -1.01
CA LEU K 466 -20.22 54.30 -2.35
C LEU K 466 -20.49 55.78 -2.56
N ILE K 467 -19.42 56.55 -2.79
CA ILE K 467 -19.57 57.99 -2.93
C ILE K 467 -19.42 58.45 -4.38
N ASN K 468 -18.59 57.81 -5.18
CA ASN K 468 -18.47 58.18 -6.59
C ASN K 468 -18.03 56.93 -7.35
N PHE K 469 -18.94 56.39 -8.17
CA PHE K 469 -18.65 55.14 -8.84
C PHE K 469 -17.41 55.25 -9.73
N TYR K 470 -17.31 56.33 -10.49
CA TYR K 470 -16.26 56.40 -11.50
C TYR K 470 -14.87 56.46 -10.87
N SER K 471 -14.76 57.12 -9.74
CA SER K 471 -13.48 57.28 -9.06
C SER K 471 -13.10 56.10 -8.17
N GLU K 472 -13.91 55.03 -8.10
CA GLU K 472 -13.48 53.79 -7.48
C GLU K 472 -12.34 53.17 -8.29
N PRO K 473 -11.55 52.28 -7.69
CA PRO K 473 -10.54 51.59 -8.47
C PRO K 473 -11.21 50.78 -9.57
N PRO K 474 -10.47 50.51 -10.64
CA PRO K 474 -11.06 49.71 -11.73
C PRO K 474 -11.66 48.38 -11.30
N ASN K 475 -10.96 47.62 -10.46
CA ASN K 475 -11.49 46.36 -9.98
C ASN K 475 -12.75 46.55 -9.17
N VAL K 476 -12.86 47.64 -8.41
CA VAL K 476 -14.08 47.80 -7.63
C VAL K 476 -15.23 48.14 -8.56
N LYS K 477 -14.98 49.01 -9.56
CA LYS K 477 -16.00 49.26 -10.56
C LYS K 477 -16.41 47.97 -11.27
N LYS K 478 -15.44 47.13 -11.61
CA LYS K 478 -15.75 45.83 -12.22
C LYS K 478 -16.71 44.99 -11.36
N ARG K 479 -16.36 44.74 -10.10
CA ARG K 479 -17.23 43.97 -9.22
C ARG K 479 -18.62 44.57 -9.13
N ILE K 480 -18.69 45.91 -8.99
CA ILE K 480 -20.00 46.56 -8.97
C ILE K 480 -20.75 46.25 -10.25
N CYS K 481 -20.05 46.41 -11.38
CA CYS K 481 -20.63 46.16 -12.72
C CYS K 481 -21.19 44.73 -12.79
N ASP K 482 -20.46 43.75 -12.26
CA ASP K 482 -20.91 42.36 -12.29
C ASP K 482 -22.15 42.13 -11.44
N VAL K 483 -22.28 42.85 -10.32
CA VAL K 483 -23.50 42.68 -9.53
C VAL K 483 -24.71 43.18 -10.29
N ILE K 484 -24.58 44.33 -10.96
CA ILE K 484 -25.69 44.85 -11.75
C ILE K 484 -26.02 43.86 -12.85
N ARG K 485 -25.00 43.29 -13.47
CA ARG K 485 -25.21 42.38 -14.59
C ARG K 485 -25.97 41.11 -14.17
N LEU K 486 -25.82 40.67 -12.94
CA LEU K 486 -26.35 39.40 -12.48
C LEU K 486 -27.66 39.55 -11.75
N PHE K 487 -27.71 40.54 -10.86
CA PHE K 487 -28.82 40.73 -9.94
C PHE K 487 -29.61 41.99 -10.23
N GLY K 488 -29.12 42.88 -11.08
CA GLY K 488 -29.90 44.00 -11.53
C GLY K 488 -29.65 45.26 -10.73
N PHE K 489 -30.10 46.37 -11.29
CA PHE K 489 -29.76 47.68 -10.75
C PHE K 489 -30.47 47.93 -9.43
N GLU K 490 -31.75 47.54 -9.35
CA GLU K 490 -32.53 47.74 -8.13
C GLU K 490 -31.90 47.03 -6.95
N THR K 491 -31.63 45.74 -7.12
CA THR K 491 -31.06 44.96 -6.03
C THR K 491 -29.70 45.49 -5.65
N CYS K 492 -28.92 45.94 -6.63
CA CYS K 492 -27.62 46.52 -6.33
C CYS K 492 -27.74 47.72 -5.39
N MET K 493 -28.83 48.48 -5.50
CA MET K 493 -29.07 49.59 -4.58
C MET K 493 -29.31 49.13 -3.15
N LYS K 494 -29.57 47.84 -2.93
CA LYS K 494 -29.78 47.33 -1.58
C LYS K 494 -28.57 46.54 -1.12
N ALA K 495 -27.57 46.41 -1.98
CA ALA K 495 -26.47 45.49 -1.75
C ALA K 495 -25.46 46.07 -0.78
N VAL K 496 -24.68 45.16 -0.22
CA VAL K 496 -23.45 45.45 0.48
C VAL K 496 -22.49 44.45 -0.13
N ILE K 497 -21.59 44.92 -1.00
CA ILE K 497 -20.67 44.01 -1.67
C ILE K 497 -19.43 43.79 -0.82
N LEU K 498 -19.12 42.53 -0.54
CA LEU K 498 -17.87 42.18 0.15
C LEU K 498 -16.77 41.89 -0.86
N TYR K 499 -15.57 42.37 -0.57
CA TYR K 499 -14.44 42.04 -1.42
C TYR K 499 -13.16 42.06 -0.59
N SER K 500 -12.09 41.55 -1.21
CA SER K 500 -10.74 41.58 -0.65
C SER K 500 -9.79 41.91 -1.79
N GLU K 501 -8.98 42.97 -1.65
CA GLU K 501 -8.15 43.41 -2.77
C GLU K 501 -6.76 42.78 -2.72
N GLN K 502 -6.65 41.53 -2.26
CA GLN K 502 -5.46 40.71 -2.48
C GLN K 502 -5.74 39.22 -2.31
N SER L 2 -34.27 37.61 11.48
CA SER L 2 -33.72 38.77 12.21
C SER L 2 -34.69 39.37 13.28
N ASP L 3 -35.34 38.46 14.01
CA ASP L 3 -36.27 38.72 15.11
C ASP L 3 -36.00 37.66 16.19
N ARG L 4 -34.78 37.10 16.22
CA ARG L 4 -34.33 36.17 17.23
C ARG L 4 -33.36 36.89 18.15
N PHE L 5 -33.13 36.33 19.32
CA PHE L 5 -32.26 36.96 20.31
C PHE L 5 -30.99 36.11 20.43
N VAL L 6 -29.97 36.42 19.62
CA VAL L 6 -28.78 35.56 19.58
C VAL L 6 -27.71 36.12 20.49
N ILE L 7 -27.37 35.36 21.53
CA ILE L 7 -26.50 35.84 22.60
C ILE L 7 -25.56 34.75 23.07
N TRP L 8 -24.45 35.18 23.66
CA TRP L 8 -23.61 34.31 24.46
C TRP L 8 -24.13 34.28 25.89
N ALA L 9 -23.84 33.19 26.58
CA ALA L 9 -24.21 33.07 27.98
C ALA L 9 -23.64 34.25 28.75
N PRO L 10 -24.38 34.87 29.67
CA PRO L 10 -23.87 36.03 30.38
C PRO L 10 -23.02 35.62 31.57
N SER L 11 -21.96 36.39 31.81
CA SER L 11 -21.35 36.34 33.13
C SER L 11 -20.65 37.65 33.40
N MET L 12 -20.15 37.77 34.64
CA MET L 12 -19.57 39.01 35.13
C MET L 12 -18.28 39.30 34.37
N HIS L 13 -18.04 40.57 34.08
CA HIS L 13 -16.91 40.94 33.24
C HIS L 13 -16.01 41.90 33.96
N MET L 31 -16.08 58.21 51.61
CA MET L 31 -16.24 56.82 51.22
C MET L 31 -17.69 56.37 51.14
N ASP L 32 -18.66 57.27 51.25
CA ASP L 32 -20.05 56.85 51.17
C ASP L 32 -20.41 56.43 49.75
N GLN L 33 -19.76 57.03 48.75
CA GLN L 33 -20.08 56.82 47.35
C GLN L 33 -20.20 55.33 47.03
N LEU L 34 -19.39 54.50 47.69
CA LEU L 34 -19.21 53.12 47.23
C LEU L 34 -20.48 52.29 47.38
N PHE L 35 -21.22 52.51 48.46
CA PHE L 35 -22.31 51.63 48.80
C PHE L 35 -23.59 52.07 48.11
N ALA L 36 -24.60 51.19 48.14
CA ALA L 36 -25.88 51.44 47.49
C ALA L 36 -26.98 51.70 48.49
N LEU L 37 -26.66 51.58 49.78
CA LEU L 37 -27.51 51.90 50.92
C LEU L 37 -26.57 51.92 52.12
N ASP L 38 -26.70 52.92 52.99
CA ASP L 38 -25.69 52.92 54.05
C ASP L 38 -25.93 51.83 55.08
N SER L 39 -27.00 51.05 54.93
CA SER L 39 -27.16 49.83 55.71
C SER L 39 -25.89 48.99 55.65
N TRP L 40 -25.40 48.72 54.46
CA TRP L 40 -24.12 48.06 54.31
C TRP L 40 -22.94 48.99 54.53
N ALA L 41 -23.14 50.29 54.40
CA ALA L 41 -22.08 51.24 54.69
C ALA L 41 -21.83 51.42 56.18
N HIS L 42 -22.59 50.78 57.07
CA HIS L 42 -22.32 50.98 58.49
C HIS L 42 -21.20 50.08 59.01
N ARG L 43 -20.74 49.13 58.18
CA ARG L 43 -19.55 48.35 58.54
C ARG L 43 -18.48 48.51 57.47
N TYR L 44 -18.18 49.77 57.15
CA TYR L 44 -17.05 50.09 56.27
C TYR L 44 -15.76 49.90 57.07
N MET L 45 -15.23 48.68 57.01
CA MET L 45 -13.86 48.44 57.46
C MET L 45 -12.86 48.96 56.44
N ASN L 46 -13.23 48.93 55.16
CA ASN L 46 -12.35 49.30 54.05
C ASN L 46 -11.00 48.60 54.19
N LYS L 47 -11.08 47.27 54.17
CA LYS L 47 -9.92 46.39 54.39
C LYS L 47 -8.72 46.79 53.56
N LYS L 52 -11.90 46.40 49.42
CA LYS L 52 -12.01 46.45 47.96
C LYS L 52 -13.37 45.92 47.53
N ILE L 53 -13.93 46.50 46.46
CA ILE L 53 -15.31 46.27 46.09
C ILE L 53 -15.39 46.01 44.59
N GLU L 54 -16.25 45.09 44.16
CA GLU L 54 -16.25 44.69 42.72
C GLU L 54 -17.00 45.66 41.79
N ASN L 55 -16.29 46.17 40.77
CA ASN L 55 -16.90 46.96 39.70
C ASN L 55 -16.95 46.13 38.42
N CYS L 56 -17.40 44.89 38.57
CA CYS L 56 -17.70 44.09 37.39
C CYS L 56 -19.14 44.33 36.97
N THR L 57 -19.38 44.14 35.68
CA THR L 57 -20.69 44.32 35.06
C THR L 57 -21.32 42.97 34.76
N ILE L 58 -22.64 42.97 34.58
CA ILE L 58 -23.39 41.77 34.20
C ILE L 58 -23.88 41.95 32.78
N GLY L 59 -23.62 40.97 31.93
CA GLY L 59 -24.00 41.15 30.53
C GLY L 59 -23.62 39.99 29.65
N SER L 60 -24.08 40.10 28.41
CA SER L 60 -23.92 39.09 27.38
C SER L 60 -23.49 39.73 26.07
N PHE L 61 -22.55 39.09 25.41
CA PHE L 61 -22.15 39.52 24.08
C PHE L 61 -23.25 39.15 23.08
N VAL L 62 -23.85 40.15 22.44
CA VAL L 62 -24.99 39.93 21.57
C VAL L 62 -24.58 39.94 20.12
N GLU L 63 -24.96 38.89 19.38
CA GLU L 63 -24.60 38.75 17.98
C GLU L 63 -25.71 39.17 17.04
N HIS L 64 -26.98 38.94 17.41
CA HIS L 64 -28.08 39.54 16.66
C HIS L 64 -29.26 39.81 17.58
N MET L 65 -29.98 40.90 17.27
CA MET L 65 -30.97 41.54 18.13
C MET L 65 -31.68 42.60 17.32
N ASP L 66 -32.99 42.76 17.50
CA ASP L 66 -33.68 43.83 16.79
C ASP L 66 -33.96 45.00 17.71
N VAL L 67 -34.14 46.19 17.12
CA VAL L 67 -34.26 47.39 17.94
C VAL L 67 -35.43 47.25 18.92
N ALA L 68 -36.56 46.70 18.46
CA ALA L 68 -37.69 46.44 19.35
C ALA L 68 -37.24 45.78 20.64
N THR L 69 -36.53 44.66 20.52
CA THR L 69 -36.01 43.99 21.70
C THR L 69 -35.13 44.94 22.49
N TYR L 70 -34.14 45.56 21.85
CA TYR L 70 -33.25 46.45 22.57
C TYR L 70 -34.04 47.52 23.33
N ASP L 71 -35.04 48.11 22.67
CA ASP L 71 -35.96 49.02 23.35
C ASP L 71 -36.47 48.41 24.65
N ARG L 72 -36.81 47.12 24.62
CA ARG L 72 -37.29 46.47 25.83
C ARG L 72 -36.21 46.39 26.90
N MET L 73 -35.02 45.90 26.54
CA MET L 73 -34.03 45.65 27.60
C MET L 73 -33.43 46.94 28.16
N CYS L 74 -33.43 48.04 27.40
CA CYS L 74 -32.94 49.26 28.02
C CYS L 74 -33.99 49.90 28.92
N ASN L 75 -35.26 49.48 28.79
CA ASN L 75 -36.29 49.80 29.76
C ASN L 75 -36.30 48.83 30.93
N MET L 76 -35.43 47.81 30.88
CA MET L 76 -35.14 46.97 32.03
C MET L 76 -33.81 47.33 32.65
N GLY L 77 -33.10 48.32 32.10
CA GLY L 77 -31.87 48.82 32.69
C GLY L 77 -30.58 48.35 32.05
N PHE L 78 -30.62 47.89 30.81
CA PHE L 78 -29.40 47.51 30.10
C PHE L 78 -28.96 48.67 29.22
N ARG L 79 -27.66 48.83 29.12
CA ARG L 79 -27.05 49.70 28.12
C ARG L 79 -26.15 48.82 27.26
N ARG L 80 -25.67 49.38 26.17
CA ARG L 80 -24.77 48.58 25.36
C ARG L 80 -23.52 49.38 25.08
N SER L 81 -22.41 48.68 25.08
CA SER L 81 -21.17 49.16 24.50
C SER L 81 -20.89 48.23 23.34
N GLY L 82 -21.07 48.75 22.13
CA GLY L 82 -20.92 47.91 20.96
C GLY L 82 -21.93 46.81 21.01
N LYS L 83 -21.42 45.58 20.90
CA LYS L 83 -22.21 44.35 20.89
C LYS L 83 -22.48 43.83 22.28
N PHE L 84 -21.97 44.48 23.31
CA PHE L 84 -22.05 43.95 24.68
C PHE L 84 -23.23 44.59 25.41
N LEU L 85 -24.38 43.91 25.40
CA LEU L 85 -25.51 44.37 26.20
C LEU L 85 -25.26 44.03 27.66
N TYR L 86 -25.45 45.03 28.53
CA TYR L 86 -25.00 44.89 29.92
C TYR L 86 -25.76 45.83 30.84
N LYS L 87 -25.75 45.46 32.11
CA LYS L 87 -26.13 46.36 33.19
C LYS L 87 -25.10 46.19 34.28
N VAL L 88 -25.23 46.97 35.33
CA VAL L 88 -24.28 46.84 36.42
C VAL L 88 -25.04 46.54 37.69
N ASP L 89 -24.41 45.79 38.57
CA ASP L 89 -25.03 45.25 39.78
C ASP L 89 -25.35 46.37 40.76
N PRO L 90 -26.62 46.77 40.88
CA PRO L 90 -26.94 48.02 41.58
C PRO L 90 -26.78 47.95 43.09
N LEU L 91 -26.24 46.85 43.62
CA LEU L 91 -25.89 46.78 45.03
C LEU L 91 -24.38 46.67 45.21
N ARG L 92 -23.73 45.67 44.62
CA ARG L 92 -22.37 45.27 44.99
C ARG L 92 -21.27 46.14 44.34
N ASN L 93 -21.64 47.20 43.61
CA ASN L 93 -20.75 47.78 42.62
C ASN L 93 -20.05 49.03 43.13
N CYS L 94 -18.95 49.38 42.45
CA CYS L 94 -18.22 50.60 42.76
C CYS L 94 -19.07 51.83 42.49
N CYS L 95 -19.72 51.87 41.34
CA CYS L 95 -20.64 52.93 40.96
C CYS L 95 -22.02 52.34 40.76
N ARG L 96 -23.00 53.21 40.62
CA ARG L 96 -24.37 52.82 40.27
C ARG L 96 -24.92 54.00 39.50
N LEU L 97 -25.10 53.75 38.18
CA LEU L 97 -25.69 54.66 37.16
C LEU L 97 -27.19 54.34 37.08
N TYR L 98 -28.02 55.31 36.64
CA TYR L 98 -29.45 55.10 36.71
C TYR L 98 -30.04 55.20 35.32
N THR L 99 -30.98 54.33 35.00
CA THR L 99 -31.69 54.53 33.76
C THR L 99 -32.65 55.69 33.95
N ILE L 100 -32.54 56.70 33.09
CA ILE L 100 -33.33 57.91 33.18
C ILE L 100 -34.06 58.13 31.87
N ARG L 101 -35.36 58.39 31.95
CA ARG L 101 -36.12 58.74 30.78
C ARG L 101 -36.70 60.13 30.98
N THR L 102 -36.88 60.87 29.90
CA THR L 102 -37.45 62.20 30.00
C THR L 102 -38.32 62.46 28.79
N ALA L 103 -39.59 62.77 29.02
CA ALA L 103 -40.38 63.37 27.96
C ALA L 103 -39.71 64.68 27.56
N PRO L 104 -39.63 65.01 26.25
CA PRO L 104 -39.11 66.32 25.86
C PRO L 104 -39.76 67.32 26.74
N GLN L 105 -41.06 67.45 26.50
CA GLN L 105 -41.97 68.50 27.04
C GLN L 105 -41.82 68.69 28.56
N GLU L 106 -41.81 67.56 29.29
CA GLU L 106 -41.79 67.51 30.78
C GLU L 106 -40.38 67.50 31.39
N LEU L 107 -39.52 68.42 30.96
CA LEU L 107 -38.21 68.62 31.54
C LEU L 107 -38.23 69.93 32.29
N ASN L 108 -37.86 69.86 33.57
CA ASN L 108 -37.82 71.01 34.47
C ASN L 108 -36.65 71.87 33.99
N MET L 109 -36.92 72.68 32.97
CA MET L 109 -35.83 73.42 32.38
C MET L 109 -35.35 74.43 33.41
N THR L 110 -34.13 74.25 33.89
CA THR L 110 -33.54 75.20 34.87
C THR L 110 -32.95 76.45 34.21
N LYS L 111 -32.18 77.20 34.99
CA LYS L 111 -31.62 78.51 34.57
C LYS L 111 -30.53 78.38 33.50
N GLU L 112 -29.45 77.64 33.77
CA GLU L 112 -28.31 77.55 32.83
C GLU L 112 -28.82 77.19 31.44
N LEU L 113 -29.61 76.12 31.37
CA LEU L 113 -30.20 75.60 30.12
C LEU L 113 -30.72 76.75 29.27
N LYS L 114 -31.61 77.56 29.83
CA LYS L 114 -32.32 78.69 29.18
C LYS L 114 -31.45 79.47 28.20
N LYS L 115 -30.23 79.87 28.55
CA LYS L 115 -29.51 80.82 27.67
C LYS L 115 -28.12 80.27 27.35
N CYS L 116 -27.91 78.99 27.68
CA CYS L 116 -26.91 78.16 26.97
C CYS L 116 -27.34 77.95 25.52
N ILE L 117 -28.63 77.93 25.25
CA ILE L 117 -29.16 77.87 23.86
C ILE L 117 -29.03 79.25 23.21
N SER L 118 -28.89 80.32 23.98
CA SER L 118 -28.82 81.66 23.35
C SER L 118 -27.46 81.87 22.67
N ARG L 119 -26.37 81.60 23.39
CA ARG L 119 -25.02 81.79 22.79
C ARG L 119 -25.03 80.94 21.52
N PHE L 120 -25.67 79.77 21.63
CA PHE L 120 -25.89 78.85 20.52
C PHE L 120 -26.72 79.51 19.42
N ALA L 121 -27.94 79.91 19.74
CA ALA L 121 -28.84 80.51 18.75
C ALA L 121 -28.22 81.76 18.14
N THR L 122 -27.71 82.69 18.98
CA THR L 122 -27.12 83.93 18.44
C THR L 122 -25.83 83.66 17.67
N ARG L 123 -25.09 82.63 18.07
CA ARG L 123 -23.76 82.33 17.47
C ARG L 123 -23.86 81.46 16.21
N ILE L 124 -25.06 81.09 15.73
CA ILE L 124 -25.07 80.26 14.54
C ILE L 124 -25.92 80.95 13.50
N THR L 125 -26.07 82.26 13.62
CA THR L 125 -26.76 83.00 12.60
C THR L 125 -26.10 84.36 12.45
N SER L 126 -26.38 85.03 11.33
CA SER L 126 -25.83 86.36 11.12
C SER L 126 -26.43 87.32 12.15
N GLU L 127 -26.00 88.59 12.09
CA GLU L 127 -26.87 89.56 12.70
C GLU L 127 -28.15 89.78 11.87
N ASP L 128 -28.32 89.04 10.77
CA ASP L 128 -29.60 88.92 10.06
C ASP L 128 -30.41 87.86 10.81
N TYR L 129 -30.58 88.04 12.11
CA TYR L 129 -31.34 87.12 12.92
C TYR L 129 -32.23 87.86 13.93
N CYS L 130 -33.08 88.73 13.44
CA CYS L 130 -34.16 89.09 14.35
C CYS L 130 -34.94 87.81 14.65
N PRO L 131 -34.93 87.33 15.89
CA PRO L 131 -35.63 86.07 16.20
C PRO L 131 -37.13 86.30 16.28
N VAL L 134 -41.26 84.01 19.57
CA VAL L 134 -41.78 82.80 20.20
C VAL L 134 -41.04 82.60 21.51
N ALA L 135 -41.66 81.79 22.38
CA ALA L 135 -41.27 81.67 23.79
C ALA L 135 -39.77 81.49 23.96
N SER L 136 -39.20 82.24 24.92
CA SER L 136 -37.79 82.07 25.28
C SER L 136 -37.51 80.67 25.82
N SER L 137 -38.52 80.00 26.38
CA SER L 137 -38.29 78.77 27.13
C SER L 137 -39.09 77.59 26.61
N ASP L 138 -39.52 77.61 25.36
CA ASP L 138 -39.76 76.36 24.65
C ASP L 138 -38.58 76.23 23.70
N PHE L 139 -37.54 75.58 24.21
CA PHE L 139 -36.27 75.43 23.51
C PHE L 139 -36.45 74.82 22.13
N VAL L 140 -37.22 73.73 22.07
CA VAL L 140 -37.52 73.05 20.82
C VAL L 140 -37.88 74.10 19.77
N GLY L 141 -38.72 75.07 20.16
CA GLY L 141 -39.06 76.19 19.33
C GLY L 141 -37.86 76.87 18.70
N LYS L 142 -37.02 77.52 19.50
CA LYS L 142 -35.99 78.37 18.90
C LYS L 142 -34.75 77.59 18.49
N ILE L 143 -34.50 76.42 19.08
CA ILE L 143 -33.38 75.60 18.60
C ILE L 143 -33.50 75.35 17.11
N VAL L 144 -34.72 75.30 16.58
CA VAL L 144 -34.93 74.94 15.18
C VAL L 144 -34.70 76.13 14.25
N ASN L 145 -35.52 77.18 14.39
CA ASN L 145 -35.30 78.25 13.44
C ASN L 145 -33.97 78.98 13.69
N ALA L 146 -33.30 78.72 14.82
CA ALA L 146 -31.91 79.12 14.92
C ALA L 146 -31.06 78.31 13.96
N GLU L 147 -31.36 77.02 13.84
CA GLU L 147 -30.64 76.19 12.90
C GLU L 147 -31.08 76.42 11.46
N MET L 148 -32.32 76.88 11.24
CA MET L 148 -32.89 76.85 9.90
C MET L 148 -32.13 77.77 8.95
N ASN L 149 -32.19 79.07 9.26
CA ASN L 149 -31.52 80.15 8.50
C ASN L 149 -30.00 80.05 8.71
N SER L 150 -29.55 79.37 9.78
CA SER L 150 -28.13 79.22 9.97
C SER L 150 -27.53 78.57 8.74
N LYS L 151 -26.49 79.18 8.16
CA LYS L 151 -25.59 78.43 7.30
C LYS L 151 -24.17 78.53 7.85
N THR L 152 -24.11 78.66 9.17
CA THR L 152 -22.91 78.53 9.98
C THR L 152 -22.67 77.10 10.43
N PHE L 153 -23.75 76.33 10.59
CA PHE L 153 -23.76 75.16 11.45
C PHE L 153 -24.86 74.23 11.00
N TYR L 154 -24.61 72.94 11.18
CA TYR L 154 -25.61 71.91 10.94
C TYR L 154 -25.11 70.63 11.60
N THR L 155 -26.01 69.69 11.78
CA THR L 155 -25.64 68.33 12.13
C THR L 155 -26.10 67.42 11.01
N ARG L 156 -25.53 66.20 10.97
CA ARG L 156 -25.95 65.24 9.94
C ARG L 156 -25.99 63.84 10.51
N PHE L 157 -27.13 63.19 10.35
CA PHE L 157 -27.27 61.80 10.74
C PHE L 157 -26.72 60.92 9.62
N GLU L 158 -25.85 59.99 10.00
CA GLU L 158 -25.28 59.03 9.06
C GLU L 158 -25.14 57.69 9.77
N PRO L 159 -24.96 56.60 9.01
CA PRO L 159 -24.73 55.29 9.62
C PRO L 159 -23.53 55.28 10.56
N ALA L 160 -23.62 54.41 11.57
CA ALA L 160 -22.62 54.22 12.61
C ALA L 160 -21.41 53.45 12.10
N LEU L 161 -20.61 54.09 11.24
CA LEU L 161 -19.47 53.45 10.60
C LEU L 161 -18.21 54.22 10.92
N TYR L 162 -17.09 53.50 10.93
CA TYR L 162 -15.80 54.13 11.20
C TYR L 162 -15.49 55.15 10.13
N SER L 163 -14.94 56.28 10.54
CA SER L 163 -14.35 57.20 9.59
C SER L 163 -13.09 57.82 10.19
N GLU L 164 -12.18 58.18 9.28
CA GLU L 164 -10.95 58.85 9.68
C GLU L 164 -11.26 60.09 10.51
N GLU L 165 -12.16 60.94 10.01
CA GLU L 165 -12.46 62.22 10.64
C GLU L 165 -13.15 62.05 11.99
N LYS L 166 -13.98 61.01 12.15
CA LYS L 166 -14.65 60.81 13.43
C LYS L 166 -13.71 60.17 14.45
N TYR L 167 -12.90 59.22 14.03
CA TYR L 167 -12.00 58.61 14.99
C TYR L 167 -11.02 59.64 15.57
N HIS L 168 -10.59 60.63 14.79
CA HIS L 168 -9.59 61.53 15.34
C HIS L 168 -10.21 62.53 16.30
N LEU L 169 -11.41 63.05 16.00
CA LEU L 169 -12.12 63.83 17.02
C LEU L 169 -12.30 63.00 18.29
N PHE L 170 -12.68 61.74 18.13
CA PHE L 170 -12.81 60.83 19.28
C PHE L 170 -11.52 60.77 20.10
N VAL L 171 -10.38 60.53 19.46
CA VAL L 171 -9.12 60.47 20.19
C VAL L 171 -8.89 61.77 20.95
N LYS L 172 -9.00 62.89 20.26
CA LYS L 172 -8.84 64.20 20.89
C LYS L 172 -9.71 64.30 22.15
N TYR L 173 -10.98 63.91 22.04
CA TYR L 173 -11.89 64.09 23.16
C TYR L 173 -11.57 63.12 24.28
N GLN L 174 -11.44 61.83 23.94
CA GLN L 174 -10.93 60.84 24.88
C GLN L 174 -9.69 61.35 25.62
N GLU L 175 -8.71 61.88 24.87
CA GLU L 175 -7.44 62.27 25.47
C GLU L 175 -7.62 63.44 26.43
N LYS L 176 -8.04 64.60 25.92
CA LYS L 176 -7.92 65.82 26.72
C LYS L 176 -9.09 66.05 27.68
N VAL L 177 -10.15 65.27 27.60
CA VAL L 177 -11.30 65.42 28.49
C VAL L 177 -11.36 64.32 29.54
N HIS L 178 -11.02 63.07 29.18
CA HIS L 178 -10.92 61.98 30.14
C HIS L 178 -9.49 61.58 30.48
N GLN L 179 -8.49 62.24 29.92
CA GLN L 179 -7.10 61.83 30.08
C GLN L 179 -6.95 60.35 29.75
N ASP L 180 -7.62 59.91 28.69
CA ASP L 180 -7.61 58.52 28.29
C ASP L 180 -6.81 58.39 26.99
N TYR L 181 -5.61 57.80 27.09
CA TYR L 181 -4.72 57.62 25.94
C TYR L 181 -4.71 56.18 25.44
N ASN L 182 -5.78 55.43 25.67
CA ASN L 182 -5.80 53.99 25.41
C ASN L 182 -6.58 53.62 24.16
N ASN L 183 -6.58 54.49 23.17
CA ASN L 183 -7.42 54.40 22.00
C ASN L 183 -6.69 53.78 20.81
N SER L 184 -7.42 53.00 20.04
CA SER L 184 -6.99 52.55 18.73
C SER L 184 -8.24 52.61 17.87
N PRO L 185 -8.08 52.67 16.55
CA PRO L 185 -9.27 52.53 15.69
C PRO L 185 -10.06 51.26 16.01
N LYS L 186 -9.38 50.14 16.30
CA LYS L 186 -10.09 48.93 16.70
C LYS L 186 -10.89 49.14 17.98
N SER L 187 -10.33 49.82 18.97
CA SER L 187 -11.04 50.00 20.22
C SER L 187 -12.25 50.90 20.04
N PHE L 188 -12.17 51.85 19.10
CA PHE L 188 -13.24 52.80 18.82
C PHE L 188 -14.34 52.16 17.97
N LYS L 189 -13.98 51.26 17.07
CA LYS L 189 -14.98 50.52 16.30
C LYS L 189 -15.82 49.62 17.21
N ARG L 190 -15.16 48.82 18.06
CA ARG L 190 -15.90 47.86 18.86
C ARG L 190 -16.86 48.58 19.81
N PHE L 191 -16.63 49.86 20.10
CA PHE L 191 -17.47 50.64 21.02
C PHE L 191 -18.58 51.41 20.31
N LEU L 192 -18.24 52.26 19.34
CA LEU L 192 -19.22 53.18 18.76
C LEU L 192 -19.60 52.87 17.33
N CYS L 193 -19.12 51.77 16.73
CA CYS L 193 -19.57 51.43 15.38
C CYS L 193 -20.19 50.05 15.27
N ASP L 194 -19.53 49.03 15.80
CA ASP L 194 -20.08 47.67 15.84
C ASP L 194 -21.29 47.66 16.74
N THR L 195 -22.35 47.01 16.27
CA THR L 195 -23.64 46.96 16.94
C THR L 195 -24.20 45.55 16.94
N PRO L 196 -25.14 45.26 17.83
CA PRO L 196 -25.79 43.95 17.79
C PRO L 196 -26.87 43.83 16.74
N PHE L 197 -27.01 44.83 15.86
CA PHE L 197 -28.13 44.92 14.96
C PHE L 197 -27.78 44.48 13.55
N GLY L 198 -28.81 44.03 12.82
CA GLY L 198 -28.66 43.58 11.47
C GLY L 198 -28.34 44.73 10.52
N PRO L 199 -28.02 44.37 9.26
CA PRO L 199 -27.60 45.40 8.27
C PRO L 199 -28.62 46.49 8.01
N GLU L 200 -29.92 46.16 7.91
CA GLU L 200 -30.90 47.18 7.60
C GLU L 200 -30.99 48.20 8.73
N ALA L 201 -30.87 47.76 9.98
CA ALA L 201 -30.90 48.68 11.11
C ALA L 201 -29.71 49.64 11.10
N VAL L 202 -28.62 49.25 10.47
CA VAL L 202 -27.43 50.09 10.44
C VAL L 202 -27.36 50.90 9.15
N LEU L 203 -27.61 50.26 8.03
CA LEU L 203 -27.45 50.94 6.76
C LEU L 203 -28.71 51.65 6.31
N GLY L 204 -29.87 51.22 6.76
CA GLY L 204 -31.11 51.87 6.40
C GLY L 204 -31.29 51.96 4.89
N THR L 205 -32.04 52.97 4.48
CA THR L 205 -32.16 53.35 3.07
C THR L 205 -31.89 54.83 2.93
N GLN L 206 -31.56 55.25 1.71
CA GLN L 206 -31.31 56.67 1.49
C GLN L 206 -32.52 57.51 1.86
N GLU L 207 -33.72 57.00 1.59
CA GLU L 207 -34.90 57.78 1.90
C GLU L 207 -35.11 57.90 3.40
N SER L 208 -34.76 56.87 4.18
CA SER L 208 -35.01 56.94 5.62
C SER L 208 -34.04 57.89 6.32
N TRP L 209 -32.78 57.93 5.89
CA TRP L 209 -31.85 58.91 6.42
C TRP L 209 -32.27 60.32 6.02
N GLU L 210 -32.74 60.48 4.79
CA GLU L 210 -33.21 61.77 4.33
C GLU L 210 -34.31 62.29 5.24
N GLN L 211 -35.23 61.41 5.66
CA GLN L 211 -36.32 61.85 6.52
C GLN L 211 -35.80 62.33 7.86
N LEU L 212 -34.86 61.59 8.46
CA LEU L 212 -34.32 61.96 9.76
C LEU L 212 -33.52 63.26 9.68
N ASN L 213 -32.81 63.46 8.56
CA ASN L 213 -32.05 64.70 8.40
C ASN L 213 -32.96 65.92 8.28
N ASN L 214 -34.19 65.74 7.82
CA ASN L 214 -35.19 66.81 7.74
C ASN L 214 -36.16 66.72 8.91
N TRP L 215 -35.65 66.36 10.09
CA TRP L 215 -36.50 66.16 11.24
C TRP L 215 -37.14 67.47 11.68
N GLN L 216 -36.38 68.56 11.59
CA GLN L 216 -36.91 69.87 11.95
C GLN L 216 -38.16 70.21 11.17
N ARG L 217 -38.25 69.77 9.91
CA ARG L 217 -39.37 70.05 9.01
C ARG L 217 -40.42 68.96 9.00
N MET L 218 -40.66 68.29 10.12
CA MET L 218 -41.55 67.13 10.15
C MET L 218 -42.82 67.45 10.92
N LYS L 219 -43.96 67.24 10.27
CA LYS L 219 -45.27 67.46 10.89
C LYS L 219 -45.56 66.39 11.94
N PRO L 220 -46.48 66.65 12.86
CA PRO L 220 -47.00 65.58 13.72
C PRO L 220 -47.86 64.60 12.92
N GLY L 221 -47.90 63.38 13.45
CA GLY L 221 -48.58 62.25 12.80
C GLY L 221 -47.89 61.48 11.70
N GLU L 222 -46.87 62.08 11.11
CA GLU L 222 -45.74 61.56 10.30
C GLU L 222 -44.84 60.74 11.23
N LYS L 223 -44.71 59.43 11.02
CA LYS L 223 -43.86 58.60 11.87
C LYS L 223 -42.50 58.42 11.20
N LEU L 224 -41.44 58.74 11.93
CA LEU L 224 -40.08 58.54 11.44
C LEU L 224 -39.87 57.08 11.08
N LYS L 225 -39.15 56.84 9.99
CA LYS L 225 -38.98 55.47 9.53
C LYS L 225 -37.67 54.82 9.97
N HIS L 226 -36.60 55.57 10.20
CA HIS L 226 -35.34 54.95 10.52
C HIS L 226 -35.30 54.52 11.98
N MET L 227 -35.05 53.25 12.23
CA MET L 227 -34.68 52.77 13.55
C MET L 227 -33.32 52.10 13.48
N GLY L 228 -32.57 52.17 14.57
CA GLY L 228 -31.22 51.65 14.58
C GLY L 228 -30.21 52.62 15.16
N PRO L 229 -28.95 52.22 15.17
CA PRO L 229 -27.91 53.12 15.68
C PRO L 229 -27.59 54.20 14.65
N VAL L 230 -27.29 55.40 15.16
CA VAL L 230 -26.91 56.53 14.30
C VAL L 230 -25.72 57.30 14.89
N HIS L 231 -24.91 57.89 14.00
CA HIS L 231 -23.94 58.92 14.37
C HIS L 231 -24.46 60.27 13.86
N GLU L 232 -24.61 61.23 14.77
CA GLU L 232 -25.00 62.60 14.45
C GLU L 232 -23.77 63.47 14.63
N CYS L 233 -23.27 64.02 13.52
CA CYS L 233 -22.07 64.83 13.49
C CYS L 233 -22.41 66.32 13.49
N TYR L 234 -21.83 67.06 14.43
CA TYR L 234 -21.96 68.52 14.47
C TYR L 234 -20.83 69.14 13.65
N TYR L 235 -21.20 69.87 12.59
CA TYR L 235 -20.25 70.70 11.86
C TYR L 235 -20.65 72.16 12.07
N TYR L 236 -19.69 72.98 12.50
CA TYR L 236 -19.83 74.43 12.55
C TYR L 236 -18.61 75.04 11.90
N GLU L 237 -18.82 76.02 11.03
CA GLU L 237 -17.71 76.65 10.30
C GLU L 237 -17.02 75.65 9.38
N GLY L 238 -17.72 74.60 8.98
CA GLY L 238 -17.15 73.58 8.14
C GLY L 238 -16.40 72.46 8.85
N LYS L 239 -16.18 72.56 10.16
CA LYS L 239 -15.37 71.60 10.91
C LYS L 239 -16.23 70.76 11.85
N LEU L 240 -15.81 69.52 12.06
CA LEU L 240 -16.50 68.56 12.92
C LEU L 240 -16.17 68.84 14.38
N ILE L 241 -17.18 69.21 15.17
CA ILE L 241 -16.94 69.63 16.55
C ILE L 241 -17.61 68.73 17.58
N ALA L 242 -18.47 67.80 17.18
CA ALA L 242 -19.05 66.88 18.14
C ALA L 242 -19.70 65.73 17.39
N ILE L 243 -19.80 64.57 18.05
CA ILE L 243 -20.53 63.41 17.54
C ILE L 243 -21.42 62.87 18.65
N THR L 244 -22.72 62.76 18.38
CA THR L 244 -23.62 62.01 19.25
C THR L 244 -23.83 60.64 18.63
N VAL L 245 -23.55 59.58 19.38
CA VAL L 245 -23.91 58.22 18.98
C VAL L 245 -25.08 57.80 19.84
N SER L 246 -26.10 57.23 19.20
CA SER L 246 -27.34 56.96 19.90
C SER L 246 -28.14 55.97 19.09
N ASP L 247 -28.95 55.18 19.79
CA ASP L 247 -29.88 54.23 19.18
C ASP L 247 -31.26 54.87 19.12
N ILE L 248 -31.79 55.05 17.91
CA ILE L 248 -33.17 55.45 17.76
C ILE L 248 -34.02 54.21 17.92
N LEU L 249 -34.97 54.26 18.85
CA LEU L 249 -35.89 53.17 19.14
C LEU L 249 -37.30 53.60 18.73
N PRO L 250 -38.29 52.70 18.81
CA PRO L 250 -39.67 53.16 18.57
C PRO L 250 -40.22 54.05 19.67
N SER L 251 -39.65 54.01 20.88
CA SER L 251 -40.16 54.84 21.96
C SER L 251 -39.26 56.04 22.25
N GLY L 252 -38.42 56.45 21.31
CA GLY L 252 -37.53 57.57 21.53
C GLY L 252 -36.08 57.32 21.17
N ILE L 253 -35.16 58.00 21.86
CA ILE L 253 -33.75 57.93 21.54
C ILE L 253 -32.96 57.59 22.79
N SER L 254 -32.01 56.68 22.66
CA SER L 254 -31.16 56.30 23.78
C SER L 254 -29.73 56.62 23.43
N SER L 255 -29.05 57.32 24.33
CA SER L 255 -27.74 57.89 24.04
C SER L 255 -26.66 56.96 24.54
N VAL L 256 -25.82 56.51 23.60
CA VAL L 256 -24.70 55.63 23.93
C VAL L 256 -23.50 56.42 24.42
N TYR L 257 -23.21 57.56 23.79
CA TYR L 257 -21.95 58.27 23.98
C TYR L 257 -21.98 59.59 23.25
N PHE L 258 -21.33 60.59 23.85
CA PHE L 258 -21.22 61.92 23.27
C PHE L 258 -19.76 62.36 23.26
N ILE L 259 -19.34 62.89 22.12
CA ILE L 259 -17.96 63.31 21.86
C ILE L 259 -18.02 64.78 21.49
N TRP L 260 -17.05 65.56 21.98
CA TRP L 260 -16.98 66.96 21.56
C TRP L 260 -15.55 67.44 21.58
N ASP L 261 -15.27 68.37 20.68
CA ASP L 261 -13.94 68.94 20.55
C ASP L 261 -13.66 69.85 21.76
N PRO L 262 -12.56 69.63 22.47
CA PRO L 262 -12.28 70.42 23.69
C PRO L 262 -12.17 71.92 23.49
N ASP L 263 -11.86 72.39 22.28
CA ASP L 263 -11.74 73.84 22.03
C ASP L 263 -13.09 74.54 21.92
N TYR L 264 -14.17 73.79 21.78
CA TYR L 264 -15.51 74.35 21.89
C TYR L 264 -16.06 74.14 23.29
N SER L 265 -15.17 74.18 24.28
CA SER L 265 -15.52 73.96 25.67
C SER L 265 -16.62 74.91 26.15
N LYS L 266 -16.53 76.19 25.78
CA LYS L 266 -17.45 77.22 26.27
C LYS L 266 -18.81 77.24 25.54
N TRP L 267 -19.19 76.17 24.84
CA TRP L 267 -20.55 75.99 24.34
C TRP L 267 -21.39 75.14 25.26
N SER L 268 -20.81 74.66 26.36
CA SER L 268 -21.39 73.61 27.20
C SER L 268 -22.03 72.56 26.30
N LEU L 269 -21.21 72.05 25.38
CA LEU L 269 -21.72 71.17 24.34
C LEU L 269 -22.35 69.91 24.91
N GLY L 270 -21.95 69.51 26.12
CA GLY L 270 -22.48 68.29 26.70
C GLY L 270 -23.98 68.29 26.94
N LYS L 271 -24.61 69.46 26.98
CA LYS L 271 -26.04 69.55 27.17
C LYS L 271 -26.79 70.30 26.08
N LEU L 272 -26.11 71.10 25.25
CA LEU L 272 -26.73 71.49 24.01
C LEU L 272 -27.19 70.26 23.25
N SER L 273 -26.35 69.22 23.26
CA SER L 273 -26.70 67.94 22.65
C SER L 273 -28.01 67.40 23.19
N ALA L 274 -28.17 67.43 24.51
CA ALA L 274 -29.32 66.78 25.16
C ALA L 274 -30.61 67.47 24.79
N LEU L 275 -30.66 68.78 24.97
CA LEU L 275 -31.85 69.51 24.54
C LEU L 275 -32.11 69.29 23.06
N ARG L 276 -31.06 69.16 22.25
CA ARG L 276 -31.26 68.88 20.83
C ARG L 276 -31.91 67.50 20.65
N ASP L 277 -31.34 66.48 21.28
CA ASP L 277 -31.97 65.16 21.22
C ASP L 277 -33.44 65.26 21.58
N LEU L 278 -33.77 65.94 22.69
CA LEU L 278 -35.16 66.15 23.05
C LEU L 278 -35.93 66.83 21.93
N ALA L 279 -35.35 67.88 21.33
CA ALA L 279 -36.01 68.52 20.21
C ALA L 279 -36.27 67.53 19.09
N ILE L 280 -35.29 66.64 18.82
CA ILE L 280 -35.50 65.55 17.87
C ILE L 280 -36.62 64.63 18.35
N ILE L 281 -36.53 64.16 19.60
CA ILE L 281 -37.53 63.24 20.14
C ILE L 281 -38.92 63.82 20.00
N GLN L 282 -39.09 65.09 20.36
CA GLN L 282 -40.41 65.70 20.24
C GLN L 282 -40.86 65.77 18.79
N ARG L 283 -40.00 66.31 17.92
CA ARG L 283 -40.48 66.70 16.59
C ARG L 283 -40.76 65.50 15.69
N THR L 284 -40.00 64.42 15.83
CA THR L 284 -40.27 63.24 15.01
C THR L 284 -41.25 62.29 15.68
N ASN L 285 -42.03 62.78 16.63
CA ASN L 285 -43.17 62.08 17.18
C ASN L 285 -42.79 60.85 17.98
N LEU L 286 -41.49 60.65 18.22
CA LEU L 286 -41.09 59.68 19.22
C LEU L 286 -41.40 60.25 20.61
N GLN L 287 -41.13 59.48 21.63
CA GLN L 287 -41.74 59.83 22.90
C GLN L 287 -40.76 60.23 24.00
N TYR L 288 -39.58 59.62 24.09
CA TYR L 288 -38.72 59.86 25.26
C TYR L 288 -37.25 59.95 24.88
N TYR L 289 -36.45 60.40 25.86
CA TYR L 289 -35.00 60.40 25.81
C TYR L 289 -34.49 59.50 26.91
N TYR L 290 -33.73 58.47 26.53
CA TYR L 290 -33.17 57.51 27.48
C TYR L 290 -31.69 57.81 27.60
N LEU L 291 -31.32 58.61 28.58
CA LEU L 291 -29.92 58.80 28.88
C LEU L 291 -29.49 57.71 29.85
N GLY L 292 -28.46 56.96 29.48
CA GLY L 292 -27.90 55.93 30.35
C GLY L 292 -26.68 56.34 31.15
N TYR L 293 -26.83 57.32 32.05
CA TYR L 293 -25.83 57.65 33.08
C TYR L 293 -26.38 58.75 33.98
N TYR L 307 -34.75 69.05 34.69
CA TYR L 307 -34.95 67.73 35.27
C TYR L 307 -36.34 67.55 35.89
N GLY L 308 -37.34 67.35 35.03
CA GLY L 308 -38.73 67.12 35.43
C GLY L 308 -39.23 65.76 34.99
N ALA L 309 -38.29 64.82 34.92
CA ALA L 309 -38.39 63.54 34.25
C ALA L 309 -38.71 62.39 35.21
N GLU L 310 -38.52 61.17 34.74
CA GLU L 310 -38.79 59.95 35.50
C GLU L 310 -37.58 59.03 35.45
N VAL L 311 -37.21 58.44 36.60
CA VAL L 311 -36.17 57.41 36.62
C VAL L 311 -36.84 56.05 36.66
N LEU L 312 -36.20 55.07 36.03
CA LEU L 312 -36.66 53.69 36.12
C LEU L 312 -36.32 53.08 37.49
N ASP L 313 -37.29 52.38 38.06
CA ASP L 313 -37.00 51.37 39.07
C ASP L 313 -36.22 50.26 38.40
N VAL L 314 -35.96 49.17 39.10
CA VAL L 314 -35.62 47.93 38.40
C VAL L 314 -36.45 46.75 38.86
N CYS L 315 -37.14 46.81 39.99
CA CYS L 315 -37.95 45.70 40.47
C CYS L 315 -39.44 45.93 40.21
N HIS L 316 -39.84 47.15 39.90
CA HIS L 316 -41.15 47.44 39.32
C HIS L 316 -41.07 47.68 37.82
N SER L 317 -39.88 47.91 37.27
CA SER L 317 -39.68 48.14 35.85
C SER L 317 -40.67 49.15 35.28
N LYS L 318 -40.99 50.18 36.07
CA LYS L 318 -41.80 51.29 35.59
C LYS L 318 -41.25 52.59 36.18
N TYR L 319 -41.74 53.72 35.65
CA TYR L 319 -41.09 55.03 35.75
C TYR L 319 -41.68 55.85 36.90
N ILE L 320 -40.83 56.31 37.80
CA ILE L 320 -41.23 57.22 38.87
C ILE L 320 -40.84 58.64 38.46
N PRO L 321 -41.81 59.59 38.33
CA PRO L 321 -41.45 61.00 38.10
C PRO L 321 -40.33 61.42 39.04
N LEU L 322 -39.34 62.23 38.73
CA LEU L 322 -38.14 62.27 39.61
C LEU L 322 -37.88 63.59 40.34
N LYS L 323 -38.86 64.49 40.39
CA LYS L 323 -38.69 65.75 41.13
C LYS L 323 -38.31 65.42 42.58
N PRO L 324 -39.03 64.50 43.26
CA PRO L 324 -38.72 64.10 44.64
C PRO L 324 -37.94 62.77 44.68
N ILE L 325 -37.04 62.59 43.70
CA ILE L 325 -36.22 61.36 43.58
C ILE L 325 -34.81 61.70 44.05
N GLN L 326 -34.57 62.97 44.34
CA GLN L 326 -33.22 63.34 44.71
C GLN L 326 -32.92 63.11 46.18
N ASP L 327 -33.94 62.88 47.04
CA ASP L 327 -33.65 62.46 48.41
C ASP L 327 -33.22 60.98 48.48
N MET L 328 -33.29 60.23 47.39
CA MET L 328 -32.79 58.85 47.40
C MET L 328 -31.51 58.64 46.62
N ILE L 329 -31.24 59.39 45.55
CA ILE L 329 -29.96 59.26 44.87
C ILE L 329 -29.13 60.54 45.01
N SER L 330 -29.49 61.39 45.98
CA SER L 330 -28.58 62.42 46.45
C SER L 330 -27.23 61.75 46.57
N ARG L 331 -27.15 60.84 47.53
CA ARG L 331 -26.06 59.87 47.64
C ARG L 331 -26.46 58.71 46.75
N GLY L 332 -26.01 58.71 45.49
CA GLY L 332 -26.56 57.78 44.52
C GLY L 332 -26.51 56.33 44.97
N LYS L 333 -27.67 55.81 45.37
CA LYS L 333 -27.75 54.56 46.12
C LYS L 333 -29.10 53.89 45.87
N LEU L 334 -29.18 52.60 46.24
CA LEU L 334 -30.23 51.70 45.74
C LEU L 334 -31.59 51.99 46.35
N PHE L 335 -32.61 52.16 45.49
CA PHE L 335 -33.95 52.49 45.95
C PHE L 335 -34.99 51.58 45.31
N VAL L 336 -35.91 51.07 46.12
CA VAL L 336 -37.02 50.24 45.65
C VAL L 336 -38.32 50.96 45.99
N ILE L 337 -39.10 51.32 44.97
CA ILE L 337 -40.29 52.12 45.18
C ILE L 337 -41.38 51.29 45.87
N GLY L 338 -42.18 51.96 46.71
CA GLY L 338 -43.30 51.32 47.40
C GLY L 338 -44.01 52.12 48.48
N GLU L 341 -47.02 49.75 52.21
CA GLU L 341 -48.18 49.96 53.06
C GLU L 341 -48.21 48.88 54.15
N THR L 342 -47.21 48.01 54.10
CA THR L 342 -47.10 46.86 54.99
C THR L 342 -45.77 46.17 54.71
N LYS L 343 -45.50 45.11 55.47
CA LYS L 343 -44.41 44.20 55.18
C LYS L 343 -44.42 43.84 53.70
N VAL L 344 -43.26 44.01 53.06
CA VAL L 344 -43.00 43.36 51.78
C VAL L 344 -41.67 42.64 51.94
N THR L 345 -41.73 41.31 51.91
CA THR L 345 -40.54 40.52 52.15
C THR L 345 -40.43 39.42 51.08
N LYS L 346 -40.53 39.84 49.82
CA LYS L 346 -40.07 39.13 48.63
C LYS L 346 -39.37 40.14 47.72
N GLU L 347 -38.54 39.65 46.80
CA GLU L 347 -38.14 40.53 45.71
C GLU L 347 -39.33 40.68 44.77
N LEU L 348 -39.72 41.92 44.51
CA LEU L 348 -41.03 42.23 43.94
C LEU L 348 -41.40 41.36 42.74
N TYR L 349 -42.69 41.03 42.69
CA TYR L 349 -43.34 40.44 41.53
C TYR L 349 -42.89 41.12 40.24
N LEU L 350 -42.62 40.32 39.23
CA LEU L 350 -42.14 40.82 37.94
C LEU L 350 -43.00 40.16 36.88
N VAL L 351 -43.97 40.90 36.37
CA VAL L 351 -44.82 40.44 35.28
C VAL L 351 -44.02 40.52 33.96
N ASP L 352 -43.69 39.35 33.40
CA ASP L 352 -42.91 39.33 32.18
C ASP L 352 -43.65 39.97 31.03
N SER L 353 -44.98 40.12 31.14
CA SER L 353 -45.77 40.73 30.09
C SER L 353 -45.62 42.26 30.07
N GLU L 354 -45.41 42.87 31.23
CA GLU L 354 -45.28 44.31 31.33
C GLU L 354 -43.86 44.77 31.67
N THR L 355 -42.97 43.86 32.04
CA THR L 355 -41.57 44.19 32.25
C THR L 355 -41.00 44.87 31.00
N GLY L 356 -40.10 45.82 31.21
CA GLY L 356 -39.52 46.55 30.11
C GLY L 356 -40.51 47.10 29.11
N ARG L 357 -41.72 47.43 29.57
CA ARG L 357 -42.71 47.97 28.66
C ARG L 357 -42.92 49.46 28.89
N GLY L 358 -42.07 50.09 29.69
CA GLY L 358 -42.12 51.54 29.84
C GLY L 358 -43.41 52.10 30.39
N GLU L 359 -44.25 51.29 31.00
CA GLU L 359 -45.46 51.81 31.63
C GLU L 359 -45.06 52.63 32.86
N GLY L 360 -46.05 53.18 33.56
CA GLY L 360 -45.75 54.04 34.70
C GLY L 360 -46.55 53.73 35.95
N PHE L 361 -46.46 54.66 36.97
CA PHE L 361 -47.10 54.55 38.29
C PHE L 361 -48.37 55.39 38.36
N PRO L 362 -49.47 54.82 38.85
CA PRO L 362 -50.68 55.61 39.09
C PRO L 362 -50.38 56.90 39.84
N THR L 363 -50.88 58.00 39.29
CA THR L 363 -50.62 59.33 39.83
C THR L 363 -51.59 59.68 40.96
N VAL L 367 -52.51 58.05 46.92
CA VAL L 367 -51.34 57.75 46.07
C VAL L 367 -50.02 58.17 46.80
N LYS L 368 -50.04 58.10 48.15
CA LYS L 368 -48.87 58.43 48.95
C LYS L 368 -47.80 57.35 48.81
N TYR L 369 -46.59 57.73 48.37
CA TYR L 369 -45.57 56.78 47.93
C TYR L 369 -44.41 56.75 48.93
N LYS L 370 -44.17 55.56 49.49
CA LYS L 370 -43.10 55.30 50.44
C LYS L 370 -41.93 54.64 49.71
N ASN L 371 -40.76 54.61 50.36
CA ASN L 371 -39.61 53.89 49.81
C ASN L 371 -39.22 52.74 50.74
N ILE L 372 -39.16 51.53 50.18
CA ILE L 372 -38.98 50.30 50.91
C ILE L 372 -37.53 49.83 50.73
N ALA L 373 -36.63 50.75 50.44
CA ALA L 373 -35.34 50.44 49.82
C ALA L 373 -34.64 49.25 50.47
N GLU L 374 -34.53 49.27 51.80
CA GLU L 374 -33.67 48.28 52.44
C GLU L 374 -34.42 47.05 52.96
N GLU L 375 -35.74 47.11 53.14
CA GLU L 375 -36.40 45.93 53.68
C GLU L 375 -36.31 44.75 52.73
N ILE L 376 -35.55 44.90 51.64
CA ILE L 376 -35.36 43.83 50.66
C ILE L 376 -33.89 43.45 50.51
N TYR L 377 -33.06 44.38 50.00
CA TYR L 377 -31.71 44.02 49.55
C TYR L 377 -30.59 44.46 50.48
N GLY L 378 -30.85 45.28 51.49
CA GLY L 378 -29.87 45.51 52.52
C GLY L 378 -29.77 44.31 53.45
N VAL L 379 -28.78 44.36 54.35
CA VAL L 379 -28.60 43.27 55.32
C VAL L 379 -29.76 43.30 56.30
N GLY L 380 -30.53 42.21 56.34
CA GLY L 380 -31.80 42.18 57.01
C GLY L 380 -32.98 42.12 56.06
N GLY L 381 -32.73 42.21 54.76
CA GLY L 381 -33.78 42.06 53.80
C GLY L 381 -34.20 40.61 53.62
N CYS L 382 -35.41 40.43 53.11
CA CYS L 382 -35.95 39.11 52.84
C CYS L 382 -35.66 38.65 51.42
N ALA L 383 -34.59 39.15 50.83
CA ALA L 383 -34.14 38.68 49.53
C ALA L 383 -33.17 37.51 49.66
N PHE L 384 -32.26 37.58 50.64
CA PHE L 384 -31.12 36.68 50.68
C PHE L 384 -31.54 35.26 50.96
N LYS L 385 -32.31 35.06 52.02
CA LYS L 385 -32.81 33.72 52.30
C LYS L 385 -33.86 33.30 51.29
N SER L 386 -34.80 34.19 50.95
CA SER L 386 -35.85 33.87 50.00
C SER L 386 -35.31 33.45 48.63
N ALA L 387 -34.17 34.01 48.22
CA ALA L 387 -33.49 33.52 47.02
C ALA L 387 -32.69 32.24 47.30
N ASN L 388 -32.36 31.99 48.56
CA ASN L 388 -31.67 30.77 48.94
C ASN L 388 -32.63 29.63 49.24
N GLU L 389 -33.78 29.93 49.88
CA GLU L 389 -34.89 28.98 49.96
C GLU L 389 -35.28 28.48 48.58
N SER L 390 -34.90 29.23 47.54
CA SER L 390 -35.01 28.79 46.15
C SER L 390 -33.72 28.15 45.66
N ALA L 391 -32.58 28.55 46.25
CA ALA L 391 -31.27 28.23 45.66
C ALA L 391 -31.02 26.74 45.62
N LEU L 392 -31.32 26.04 46.70
CA LEU L 392 -31.10 24.61 46.71
C LEU L 392 -32.36 23.84 46.30
N GLU L 393 -33.52 24.49 46.29
CA GLU L 393 -34.72 23.92 45.65
C GLU L 393 -34.61 23.97 44.13
N LEU L 394 -33.72 24.81 43.59
CA LEU L 394 -33.41 24.82 42.17
C LEU L 394 -32.19 23.98 41.82
N LYS L 395 -31.46 23.46 42.80
CA LYS L 395 -30.44 22.46 42.50
C LYS L 395 -30.95 21.04 42.65
N GLU L 396 -31.72 20.78 43.71
CA GLU L 396 -32.21 19.43 43.93
C GLU L 396 -33.48 19.14 43.15
N LEU L 397 -34.47 20.03 43.22
CA LEU L 397 -35.79 19.71 42.66
C LEU L 397 -35.81 19.74 41.13
N TYR L 398 -34.85 20.40 40.47
CA TYR L 398 -34.80 20.39 39.00
C TYR L 398 -33.39 20.21 38.43
N GLY L 399 -32.35 20.15 39.27
CA GLY L 399 -31.02 19.75 38.82
C GLY L 399 -30.10 20.85 38.31
N ILE L 400 -30.26 22.08 38.77
CA ILE L 400 -29.59 23.24 38.20
C ILE L 400 -28.54 23.74 39.19
N PRO L 401 -27.28 23.96 38.77
CA PRO L 401 -26.25 24.39 39.74
C PRO L 401 -26.41 25.80 40.24
N TYR L 402 -27.24 25.97 41.26
CA TYR L 402 -27.43 27.24 41.96
C TYR L 402 -27.01 27.04 43.41
N GLU L 403 -26.04 27.85 43.87
CA GLU L 403 -25.52 27.79 45.24
C GLU L 403 -26.27 28.76 46.15
N GLU L 404 -25.88 28.77 47.43
CA GLU L 404 -26.54 29.55 48.48
C GLU L 404 -25.57 30.63 48.95
N GLY L 423 -19.43 33.49 39.58
CA GLY L 423 -20.77 33.44 39.02
C GLY L 423 -21.62 34.65 39.35
N ILE L 424 -22.72 34.79 38.62
CA ILE L 424 -23.68 35.86 38.87
C ILE L 424 -24.38 35.59 40.20
N PRO L 425 -24.57 36.60 41.05
CA PRO L 425 -25.19 36.35 42.35
C PRO L 425 -26.65 35.94 42.23
N ASN L 426 -27.31 35.72 43.37
CA ASN L 426 -28.70 35.30 43.36
C ASN L 426 -29.67 36.45 43.52
N VAL L 427 -29.37 37.42 44.38
CA VAL L 427 -30.10 38.68 44.37
C VAL L 427 -29.18 39.73 43.78
N VAL L 428 -29.60 40.28 42.65
CA VAL L 428 -29.00 41.42 41.98
C VAL L 428 -30.21 42.23 41.53
N PRO L 429 -30.58 43.30 42.23
CA PRO L 429 -31.88 43.95 41.95
C PRO L 429 -32.03 44.34 40.47
N GLY L 430 -33.17 43.95 39.89
CA GLY L 430 -33.41 44.04 38.46
C GLY L 430 -33.32 42.71 37.75
N LEU L 431 -32.79 41.68 38.39
CA LEU L 431 -32.88 40.32 37.89
C LEU L 431 -34.18 39.69 38.37
N LEU L 432 -34.40 38.44 37.98
CA LEU L 432 -35.60 37.75 38.44
C LEU L 432 -35.40 37.25 39.85
N PRO L 433 -36.33 37.52 40.76
CA PRO L 433 -36.31 36.82 42.04
C PRO L 433 -36.32 35.32 41.77
N LEU L 434 -35.55 34.59 42.56
CA LEU L 434 -35.49 33.14 42.40
C LEU L 434 -36.83 32.49 42.76
N TRP L 435 -37.46 32.95 43.85
CA TRP L 435 -38.78 32.45 44.23
C TRP L 435 -39.76 32.50 43.07
N GLU L 436 -39.55 33.44 42.14
CA GLU L 436 -40.34 33.55 40.93
C GLU L 436 -39.82 32.66 39.81
N LEU L 437 -38.49 32.61 39.66
CA LEU L 437 -37.85 31.66 38.73
C LEU L 437 -38.27 30.24 39.05
N LEU L 438 -38.35 29.92 40.35
CA LEU L 438 -38.73 28.59 40.79
C LEU L 438 -40.17 28.27 40.43
N ASP L 439 -41.03 29.30 40.42
CA ASP L 439 -42.46 29.11 40.16
C ASP L 439 -42.71 28.72 38.71
N ILE L 440 -41.94 29.30 37.78
CA ILE L 440 -42.04 28.92 36.38
C ILE L 440 -41.51 27.50 36.13
N MET L 441 -40.80 26.92 37.11
CA MET L 441 -40.29 25.57 36.96
C MET L 441 -41.35 24.52 37.30
N GLN L 442 -41.97 24.61 38.49
CA GLN L 442 -42.97 23.62 38.83
C GLN L 442 -44.34 23.94 38.25
N SER L 443 -44.52 25.10 37.61
CA SER L 443 -45.73 25.35 36.86
C SER L 443 -45.75 24.60 35.52
N GLY L 444 -44.60 24.10 35.06
CA GLY L 444 -44.55 23.60 33.71
C GLY L 444 -44.58 24.68 32.66
N LYS L 445 -44.40 25.95 33.04
CA LYS L 445 -44.17 27.00 32.05
C LYS L 445 -42.78 26.88 31.43
N ILE L 446 -41.84 26.27 32.15
CA ILE L 446 -40.50 25.99 31.63
C ILE L 446 -40.57 25.24 30.31
N THR L 447 -41.53 24.33 30.17
CA THR L 447 -41.71 23.59 28.93
C THR L 447 -42.21 24.45 27.79
N ASP L 448 -42.53 25.73 28.01
CA ASP L 448 -42.75 26.60 26.86
C ASP L 448 -41.46 26.84 26.11
N LEU L 449 -40.30 26.54 26.72
CA LEU L 449 -39.01 26.71 26.05
C LEU L 449 -38.80 25.68 24.95
N GLU L 450 -39.36 24.47 25.10
CA GLU L 450 -39.16 23.38 24.14
C GLU L 450 -39.51 23.82 22.74
N GLY L 451 -38.57 23.64 21.82
CA GLY L 451 -38.81 23.95 20.44
C GLY L 451 -39.24 25.40 20.30
N ARG L 452 -38.80 26.23 21.25
CA ARG L 452 -38.78 27.68 21.07
C ARG L 452 -37.38 28.25 21.25
N LEU L 453 -36.67 27.84 22.30
CA LEU L 453 -35.29 28.24 22.52
C LEU L 453 -34.35 27.28 21.79
N PHE L 454 -33.41 27.82 21.02
CA PHE L 454 -32.38 27.03 20.35
C PHE L 454 -31.03 27.22 21.03
N LEU L 455 -30.26 26.15 21.08
CA LEU L 455 -28.94 26.18 21.71
C LEU L 455 -27.89 25.98 20.63
N PHE L 456 -26.76 26.65 20.79
CA PHE L 456 -25.70 26.70 19.79
C PHE L 456 -24.39 26.44 20.52
N GLU L 457 -23.90 25.22 20.41
CA GLU L 457 -22.58 24.85 20.90
C GLU L 457 -21.58 25.05 19.76
N ILE L 458 -20.48 25.78 20.02
CA ILE L 458 -19.65 26.27 18.90
C ILE L 458 -18.53 25.34 18.47
N GLU L 459 -18.59 24.05 18.87
CA GLU L 459 -17.78 23.02 18.25
C GLU L 459 -18.59 21.81 17.82
N THR L 460 -19.88 21.77 18.09
CA THR L 460 -20.77 20.87 17.36
C THR L 460 -20.82 21.39 15.92
N GLU L 461 -21.67 20.77 15.10
CA GLU L 461 -21.93 21.30 13.78
C GLU L 461 -23.11 22.27 13.78
N GLY L 462 -23.39 22.93 14.91
CA GLY L 462 -24.29 24.06 14.90
C GLY L 462 -25.52 23.80 15.75
N ILE L 463 -26.55 24.59 15.47
CA ILE L 463 -27.71 24.86 16.32
C ILE L 463 -28.51 23.60 16.53
N ARG L 464 -28.83 23.29 17.77
CA ARG L 464 -29.80 22.27 18.09
C ARG L 464 -30.92 22.87 18.93
N PRO L 465 -32.13 22.34 18.80
CA PRO L 465 -33.24 22.82 19.62
C PRO L 465 -33.20 22.20 21.01
N LEU L 466 -33.90 22.85 21.94
CA LEU L 466 -34.03 22.33 23.30
C LEU L 466 -35.04 21.19 23.29
N ILE L 467 -34.54 19.92 23.34
CA ILE L 467 -35.37 18.68 23.33
C ILE L 467 -36.44 18.58 24.41
N ASN L 468 -35.97 18.82 25.64
CA ASN L 468 -36.68 18.82 26.96
C ASN L 468 -35.73 19.56 27.92
N PHE L 469 -36.26 20.24 28.95
CA PHE L 469 -35.40 21.04 29.82
C PHE L 469 -34.36 20.17 30.51
N TYR L 470 -34.82 19.26 31.36
CA TYR L 470 -33.98 18.43 32.22
C TYR L 470 -33.13 17.46 31.43
N SER L 471 -33.36 17.33 30.13
CA SER L 471 -32.40 16.65 29.26
C SER L 471 -31.00 17.18 29.50
N GLU L 472 -30.86 18.50 29.60
CA GLU L 472 -29.56 19.11 29.34
C GLU L 472 -28.57 18.90 30.48
N PRO L 473 -27.26 18.96 30.17
CA PRO L 473 -26.22 18.94 31.23
C PRO L 473 -26.42 20.08 32.21
N PRO L 474 -25.75 20.03 33.38
CA PRO L 474 -26.03 21.05 34.39
C PRO L 474 -25.67 22.46 33.95
N ASN L 475 -24.44 22.65 33.45
CA ASN L 475 -24.01 23.96 32.97
C ASN L 475 -24.89 24.50 31.87
N VAL L 476 -25.51 23.63 31.08
CA VAL L 476 -26.42 24.13 30.06
C VAL L 476 -27.62 24.79 30.71
N LYS L 477 -28.23 24.13 31.69
CA LYS L 477 -29.32 24.78 32.40
C LYS L 477 -28.83 25.88 33.35
N LYS L 478 -27.53 25.93 33.66
CA LYS L 478 -26.95 27.09 34.33
C LYS L 478 -26.70 28.26 33.38
N ARG L 479 -26.91 28.09 32.07
CA ARG L 479 -26.94 29.27 31.21
C ARG L 479 -28.34 29.62 30.75
N ILE L 480 -29.19 28.61 30.50
CA ILE L 480 -30.62 28.87 30.34
C ILE L 480 -31.13 29.61 31.57
N CYS L 481 -30.38 29.52 32.67
CA CYS L 481 -30.78 30.12 33.96
C CYS L 481 -30.26 31.56 34.19
N ASP L 482 -29.69 32.25 33.19
CA ASP L 482 -29.45 33.66 33.41
C ASP L 482 -30.19 34.51 32.40
N VAL L 483 -30.38 33.99 31.20
CA VAL L 483 -30.96 34.84 30.16
C VAL L 483 -32.39 35.24 30.53
N ILE L 484 -33.12 34.35 31.24
CA ILE L 484 -34.52 34.64 31.69
C ILE L 484 -34.36 35.54 32.91
N ARG L 485 -33.35 35.23 33.72
CA ARG L 485 -33.01 36.05 34.87
C ARG L 485 -32.81 37.51 34.48
N LEU L 486 -31.99 37.72 33.46
CA LEU L 486 -31.65 39.07 33.01
C LEU L 486 -32.68 39.64 32.05
N PHE L 487 -33.09 38.89 31.01
CA PHE L 487 -33.81 39.48 29.90
C PHE L 487 -35.25 38.99 29.74
N GLY L 488 -35.69 38.01 30.49
CA GLY L 488 -37.13 37.76 30.52
C GLY L 488 -37.61 36.53 29.77
N PHE L 489 -38.48 35.77 30.42
CA PHE L 489 -38.95 34.53 29.82
C PHE L 489 -39.52 34.80 28.43
N GLU L 490 -40.42 35.78 28.34
CA GLU L 490 -41.00 36.16 27.06
C GLU L 490 -39.94 36.27 25.97
N THR L 491 -38.79 36.89 26.27
CA THR L 491 -37.81 37.07 25.20
C THR L 491 -36.73 35.97 25.16
N CYS L 492 -36.55 35.17 26.21
CA CYS L 492 -35.73 33.96 26.07
C CYS L 492 -36.44 32.92 25.20
N MET L 493 -37.77 32.98 25.11
CA MET L 493 -38.54 32.19 24.14
C MET L 493 -38.00 32.40 22.73
N LYS L 494 -37.37 33.55 22.47
CA LYS L 494 -36.82 33.90 21.18
C LYS L 494 -35.31 33.74 21.12
N ALA L 495 -34.70 33.08 22.09
CA ALA L 495 -33.26 33.15 22.22
C ALA L 495 -32.55 31.97 21.55
N VAL L 496 -31.30 32.23 21.13
CA VAL L 496 -30.32 31.22 20.76
C VAL L 496 -29.10 31.48 21.63
N ILE L 497 -28.76 30.50 22.48
CA ILE L 497 -27.69 30.68 23.47
C ILE L 497 -26.39 30.12 22.89
N LEU L 498 -25.48 30.99 22.49
CA LEU L 498 -24.14 30.55 22.11
C LEU L 498 -23.31 30.25 23.35
N TYR L 499 -22.57 29.15 23.30
CA TYR L 499 -21.82 28.72 24.47
C TYR L 499 -20.72 27.76 24.01
N SER L 500 -19.88 27.31 24.96
CA SER L 500 -18.77 26.42 24.63
C SER L 500 -18.29 25.68 25.87
N GLU L 501 -17.97 24.40 25.72
CA GLU L 501 -17.41 23.57 26.81
C GLU L 501 -16.01 23.05 26.49
S SO4 M . 25.73 54.77 -23.66
O1 SO4 M . 25.69 53.58 -24.51
O2 SO4 M . 27.12 55.10 -23.36
O3 SO4 M . 25.10 54.51 -22.38
O4 SO4 M . 25.01 55.90 -24.28
S SO4 N . 37.71 55.78 -25.48
O1 SO4 N . 36.94 55.92 -26.71
O2 SO4 N . 38.82 54.86 -25.81
O3 SO4 N . 38.16 57.11 -25.04
O4 SO4 N . 36.85 55.17 -24.46
S SO4 O . -10.33 81.90 -9.52
O1 SO4 O . -9.77 81.93 -10.83
O2 SO4 O . -10.70 80.55 -9.20
O3 SO4 O . -11.49 82.74 -9.47
O4 SO4 O . -9.37 82.37 -8.56
S SO4 P . -13.21 68.60 -4.90
O1 SO4 P . -11.86 68.80 -5.42
O2 SO4 P . -13.49 67.17 -4.78
O3 SO4 P . -14.16 69.22 -5.82
O4 SO4 P . -13.31 69.23 -3.58
S SO4 Q . -0.98 69.72 -17.95
O1 SO4 Q . -1.14 68.75 -19.05
O2 SO4 Q . 0.33 70.36 -18.09
O3 SO4 Q . -2.00 70.76 -18.05
O4 SO4 Q . -1.07 69.07 -16.65
S SO4 R . 14.44 38.44 -17.95
O1 SO4 R . 15.40 38.44 -19.05
O2 SO4 R . 14.92 37.56 -16.89
O3 SO4 R . 14.30 39.81 -17.44
O4 SO4 R . 13.13 37.94 -18.38
S SO4 S . 9.42 65.41 7.51
O1 SO4 S . 9.34 65.74 6.09
O2 SO4 S . 10.58 64.54 7.77
O3 SO4 S . 9.53 66.67 8.25
O4 SO4 S . 8.20 64.69 7.88
S SO4 T . 32.46 60.10 -48.30
O1 SO4 T . 33.42 60.34 -49.34
O2 SO4 T . 32.85 58.96 -47.55
O3 SO4 T . 32.39 61.25 -47.46
O4 SO4 T . 31.18 59.87 -48.89
S SO4 U . 26.25 65.00 -14.28
O1 SO4 U . 26.41 63.67 -14.85
O2 SO4 U . 27.43 65.84 -14.54
O3 SO4 U . 26.07 64.87 -12.83
O4 SO4 U . 25.09 65.68 -14.84
S SO4 V . 32.38 46.44 -39.35
O1 SO4 V . 33.70 47.06 -39.55
O2 SO4 V . 32.31 45.22 -40.14
O3 SO4 V . 31.32 47.36 -39.75
O4 SO4 V . 32.24 46.09 -37.95
S SO4 W . 31.06 49.85 -43.14
O1 SO4 W . 31.94 50.08 -44.24
O2 SO4 W . 31.47 48.67 -42.44
O3 SO4 W . 31.09 50.98 -42.26
O4 SO4 W . 29.72 49.67 -43.63
S SO4 X . 21.14 82.32 -24.04
O1 SO4 X . 20.91 80.92 -24.18
O2 SO4 X . 22.00 82.76 -25.11
O3 SO4 X . 21.76 82.59 -22.79
O4 SO4 X . 19.89 83.02 -24.12
S SO4 Y . 28.55 58.61 -11.32
O1 SO4 Y . 27.59 57.73 -11.94
O2 SO4 Y . 29.87 58.23 -11.74
O3 SO4 Y . 28.27 59.96 -11.72
O4 SO4 Y . 28.46 58.50 -9.90
S SO4 Z . 30.34 31.45 -7.30
O1 SO4 Z . 29.60 31.87 -8.49
O2 SO4 Z . 31.69 31.00 -7.66
O3 SO4 Z . 30.43 32.56 -6.35
O4 SO4 Z . 29.60 30.34 -6.70
S SO4 AA . -4.69 47.13 -10.05
O1 SO4 AA . -3.85 48.31 -10.21
O2 SO4 AA . -4.07 45.98 -10.72
O3 SO4 AA . -5.99 47.41 -10.64
O4 SO4 AA . -4.85 46.82 -8.63
S SO4 BA . -0.66 65.80 2.51
O1 SO4 BA . -0.79 64.74 1.52
O2 SO4 BA . 0.74 65.88 2.95
O3 SO4 BA . -1.04 67.08 1.91
O4 SO4 BA . -1.52 65.52 3.66
S SO4 CA . 18.85 46.00 -3.34
O1 SO4 CA . 19.25 47.16 -4.06
O2 SO4 CA . 19.62 44.88 -3.77
O3 SO4 CA . 19.04 46.23 -1.94
O4 SO4 CA . 17.46 45.74 -3.60
S SO4 DA . 13.04 39.64 -6.46
O1 SO4 DA . 12.43 39.07 -7.63
O2 SO4 DA . 13.52 38.60 -5.60
O3 SO4 DA . 14.14 40.48 -6.85
O4 SO4 DA . 12.06 40.43 -5.77
S SO4 EA . 31.45 67.68 -33.27
O1 SO4 EA . 32.15 68.39 -34.34
O2 SO4 EA . 32.42 66.97 -32.42
O3 SO4 EA . 30.73 68.65 -32.45
O4 SO4 EA . 30.51 66.73 -33.86
S SO4 FA . 2.37 62.15 3.65
O1 SO4 FA . 3.76 62.32 3.97
O2 SO4 FA . 2.05 60.76 3.66
O3 SO4 FA . 2.13 62.69 2.35
O4 SO4 FA . 1.56 62.84 4.61
S SO4 GA . 13.74 50.58 -0.24
O1 SO4 GA . 13.00 49.66 -1.10
O2 SO4 GA . 15.17 50.28 -0.32
O3 SO4 GA . 13.29 50.42 1.14
O4 SO4 GA . 13.51 51.95 -0.70
S SO4 HA . 5.25 51.60 -12.98
O1 SO4 HA . 6.00 51.32 -14.20
O2 SO4 HA . 4.17 50.63 -12.84
O3 SO4 HA . 4.67 52.94 -13.09
O4 SO4 HA . 6.13 51.48 -11.82
S SO4 IA . 19.68 84.03 -28.28
O1 SO4 IA . 19.27 82.95 -29.12
O2 SO4 IA . 20.89 84.59 -28.79
O3 SO4 IA . 19.89 83.56 -26.95
O4 SO4 IA . 18.66 85.04 -28.25
C1 GOL JA . 16.46 63.38 -30.53
O1 GOL JA . 16.18 63.62 -31.88
C2 GOL JA . 17.99 63.63 -30.37
O2 GOL JA . 18.37 63.64 -29.05
C3 GOL JA . 18.68 62.49 -31.19
O3 GOL JA . 20.08 62.69 -31.21
C1 GOL KA . 17.10 58.58 -27.03
O1 GOL KA . 17.88 57.41 -26.77
C2 GOL KA . 15.91 58.74 -26.00
O2 GOL KA . 14.73 58.31 -26.56
C3 GOL KA . 15.85 60.30 -25.60
O3 GOL KA . 14.58 60.56 -25.04
C1 GOL LA . 18.78 42.00 -3.58
O1 GOL LA . 18.13 42.39 -4.77
C2 GOL LA . 18.12 40.67 -3.03
O2 GOL LA . 19.11 39.74 -2.66
C3 GOL LA . 17.17 41.10 -1.82
O3 GOL LA . 16.17 40.11 -1.65
C1 GOL MA . -4.64 63.01 4.77
O1 GOL MA . -4.32 63.17 3.43
C2 GOL MA . -3.72 61.90 5.34
O2 GOL MA . -3.69 61.92 6.74
C3 GOL MA . -4.29 60.56 4.77
O3 GOL MA . -3.27 59.59 4.85
C1 GOL NA . 9.42 41.75 -10.84
O1 GOL NA . 8.68 40.55 -10.89
C2 GOL NA . 9.49 42.34 -12.30
O2 GOL NA . 10.04 43.62 -12.31
C3 GOL NA . 10.30 41.28 -13.15
O3 GOL NA . 10.63 41.88 -14.38
C1 GOL OA . 30.40 64.36 -39.44
O1 GOL OA . 29.33 64.77 -40.27
C2 GOL OA . 30.20 64.97 -38.01
O2 GOL OA . 30.45 64.09 -36.96
C3 GOL OA . 31.16 66.13 -37.95
O3 GOL OA . 30.87 66.80 -36.76
C1 GOL PA . 6.23 64.95 -27.68
O1 GOL PA . 5.90 65.63 -26.51
C2 GOL PA . 6.39 66.00 -28.85
O2 GOL PA . 6.99 65.44 -29.97
C3 GOL PA . 4.96 66.53 -29.18
O3 GOL PA . 5.11 67.36 -30.32
C1 GOL QA . 19.52 62.66 0.72
O1 GOL QA . 20.51 61.65 0.85
C2 GOL QA . 19.53 63.60 1.90
O2 GOL QA . 18.67 64.72 1.63
C3 GOL QA . 19.11 62.93 3.20
O3 GOL QA . 19.14 63.85 4.29
S SO4 RA . 33.27 1.26 27.20
O1 SO4 RA . 34.53 1.90 26.85
O2 SO4 RA . 33.14 0.01 26.43
O3 SO4 RA . 32.16 2.15 26.88
O4 SO4 RA . 33.24 1.01 28.65
S SO4 SA . 21.66 -11.24 27.88
O1 SO4 SA . 22.32 -10.86 26.65
O2 SO4 SA . 21.28 -12.66 27.82
O3 SO4 SA . 22.61 -11.04 28.99
O4 SO4 SA . 20.46 -10.41 28.01
S SO4 TA . 29.27 -37.48 12.20
O1 SO4 TA . 28.64 -36.75 11.10
O2 SO4 TA . 30.26 -38.39 11.62
O3 SO4 TA . 29.92 -36.53 13.12
O4 SO4 TA . 28.23 -38.26 12.87
S SO4 UA . 36.15 -30.57 44.09
O1 SO4 UA . 35.98 -29.56 43.05
O2 SO4 UA . 36.80 -31.76 43.56
O3 SO4 UA . 36.96 -30.01 45.17
O4 SO4 UA . 34.83 -30.90 44.63
S SO4 VA . 56.19 -1.63 47.13
O1 SO4 VA . 57.15 -2.40 47.85
O2 SO4 VA . 55.43 -2.49 46.29
O3 SO4 VA . 56.86 -0.64 46.34
O4 SO4 VA . 55.31 -0.98 48.07
S SO4 WA . 37.89 -44.59 9.05
O1 SO4 WA . 37.85 -45.41 7.83
O2 SO4 WA . 38.31 -45.40 10.19
O3 SO4 WA . 38.87 -43.50 8.85
O4 SO4 WA . 36.54 -44.11 9.36
S SO4 XA . 68.28 -38.13 20.60
O1 SO4 XA . 67.37 -38.18 19.45
O2 SO4 XA . 69.43 -38.99 20.29
O3 SO4 XA . 68.75 -36.77 20.85
O4 SO4 XA . 67.56 -38.64 21.76
S SO4 YA . 33.29 -0.69 22.43
O1 SO4 YA . 32.73 -1.91 21.95
O2 SO4 YA . 34.70 -0.77 22.48
O3 SO4 YA . 32.81 -0.43 23.74
O4 SO4 YA . 32.92 0.37 21.55
S SO4 ZA . 30.50 -19.34 17.20
O1 SO4 ZA . 30.42 -20.70 16.70
O2 SO4 ZA . 31.50 -18.61 16.41
O3 SO4 ZA . 30.80 -19.39 18.64
O4 SO4 ZA . 29.21 -18.67 17.04
S SO4 AB . 29.41 1.21 40.81
O1 SO4 AB . 30.66 1.84 40.52
O2 SO4 AB . 29.32 -0.03 40.08
O3 SO4 AB . 29.32 0.95 42.21
O4 SO4 AB . 28.34 2.06 40.42
S SO4 BB . 65.27 -33.03 1.84
O1 SO4 BB . 65.66 -32.73 0.46
O2 SO4 BB . 66.41 -33.53 2.60
O3 SO4 BB . 64.76 -31.81 2.47
O4 SO4 BB . 64.22 -34.05 1.84
S SO4 CB . 43.13 -15.92 27.68
O1 SO4 CB . 42.42 -16.64 26.66
O2 SO4 CB . 44.04 -16.79 28.33
O3 SO4 CB . 43.83 -14.83 27.08
O4 SO4 CB . 42.20 -15.42 28.65
S SO4 DB . 38.38 -21.01 44.37
O1 SO4 DB . 38.45 -21.33 42.95
O2 SO4 DB . 39.28 -21.89 45.11
O3 SO4 DB . 38.77 -19.62 44.57
O4 SO4 DB . 37.01 -21.20 44.86
S SO4 EB . 24.86 -8.67 17.11
O1 SO4 EB . 24.19 -9.60 16.21
O2 SO4 EB . 25.82 -7.83 16.39
O3 SO4 EB . 25.58 -9.40 18.14
O4 SO4 EB . 23.85 -7.85 17.76
S SO4 FB . 29.64 -9.44 13.78
O1 SO4 FB . 29.45 -10.80 14.25
O2 SO4 FB . 31.06 -9.10 13.79
O3 SO4 FB . 28.91 -8.50 14.64
O4 SO4 FB . 29.12 -9.32 12.41
S SO4 GB . 39.31 -30.75 40.37
O1 SO4 GB . 39.88 -30.16 39.19
O2 SO4 GB . 38.87 -32.09 40.06
O3 SO4 GB . 38.19 -29.98 40.82
O4 SO4 GB . 40.30 -30.80 41.40
S SO4 HB . 38.18 -38.06 42.70
O1 SO4 HB . 39.08 -37.84 41.56
O2 SO4 HB . 37.19 -39.07 42.34
O3 SO4 HB . 37.52 -36.81 43.04
O4 SO4 HB . 38.94 -38.52 43.85
S SO4 IB . 38.86 -40.06 32.59
O1 SO4 IB . 38.89 -41.12 31.61
O2 SO4 IB . 39.68 -38.97 32.14
O3 SO4 IB . 39.36 -40.56 33.84
O4 SO4 IB . 37.51 -39.61 32.76
S SO4 JB . 29.79 -2.34 44.48
O1 SO4 JB . 30.19 -2.10 43.10
O2 SO4 JB . 29.31 -3.72 44.62
O3 SO4 JB . 30.93 -2.16 45.36
O4 SO4 JB . 28.72 -1.43 44.88
S SO4 KB . 33.99 -41.98 30.33
O1 SO4 KB . 34.51 -43.28 29.94
O2 SO4 KB . 34.32 -40.98 29.30
O3 SO4 KB . 34.60 -41.59 31.60
O4 SO4 KB . 32.54 -42.03 30.51
S SO4 LB . 48.64 -45.19 12.21
O1 SO4 LB . 48.89 -46.18 11.17
O2 SO4 LB . 49.28 -45.62 13.45
O3 SO4 LB . 49.21 -43.91 11.79
O4 SO4 LB . 47.20 -45.04 12.43
S SO4 MB . 29.19 -5.00 16.56
O1 SO4 MB . 29.94 -5.45 15.42
O2 SO4 MB . 28.13 -5.92 16.83
O3 SO4 MB . 28.65 -3.69 16.30
O4 SO4 MB . 30.06 -4.94 17.70
S SO4 NB . 48.09 -29.38 39.83
O1 SO4 NB . 48.05 -29.32 38.37
O2 SO4 NB . 49.13 -30.33 40.23
O3 SO4 NB . 48.37 -28.07 40.40
O4 SO4 NB . 46.79 -29.86 40.31
S SO4 OB . 57.02 -26.70 15.96
O1 SO4 OB . 56.67 -26.47 14.56
O2 SO4 OB . 57.98 -27.79 16.03
O3 SO4 OB . 57.62 -25.49 16.53
O4 SO4 OB . 55.82 -27.05 16.72
S SO4 PB . 32.21 -35.10 -2.24
O1 SO4 PB . 32.05 -35.36 -3.67
O2 SO4 PB . 33.25 -35.98 -1.71
O3 SO4 PB . 32.62 -33.72 -2.05
O4 SO4 PB . 30.96 -35.36 -1.53
C1 GOL QB . 49.79 -50.38 14.06
O1 GOL QB . 50.60 -49.54 13.27
C2 GOL QB . 49.97 -49.84 15.50
O2 GOL QB . 50.13 -48.47 15.48
C3 GOL QB . 48.69 -50.32 16.32
O3 GOL QB . 48.98 -50.23 17.70
C1 GOL RB . 42.62 -10.17 25.53
O1 GOL RB . 42.14 -9.05 26.24
C2 GOL RB . 44.20 -10.34 25.65
O2 GOL RB . 44.88 -9.27 26.28
C3 GOL RB . 44.42 -11.72 26.36
O3 GOL RB . 45.78 -11.81 26.75
C1 GOL SB . 29.86 -6.36 23.99
O1 GOL SB . 28.49 -6.30 23.74
C2 GOL SB . 30.07 -7.79 24.45
O2 GOL SB . 31.23 -8.28 23.95
C3 GOL SB . 30.12 -7.74 25.99
O3 GOL SB . 29.68 -8.98 26.41
C1 GOL TB . 39.70 -36.78 36.88
O1 GOL TB . 40.97 -36.96 36.29
C2 GOL TB . 39.79 -35.51 37.79
O2 GOL TB . 38.57 -34.87 37.91
C3 GOL TB . 40.35 -36.00 39.20
O3 GOL TB . 40.14 -34.94 40.09
C1 GOL UB . 31.32 -38.63 35.84
O1 GOL UB . 31.28 -39.62 34.85
C2 GOL UB . 31.69 -39.31 37.20
O2 GOL UB . 31.01 -40.51 37.39
C3 GOL UB . 33.25 -39.47 37.22
O3 GOL UB . 33.59 -39.99 38.47
S SO4 VB . 16.02 33.27 0.53
O1 SO4 VB . 17.41 33.58 0.64
O2 SO4 VB . 15.84 32.26 -0.47
O3 SO4 VB . 15.52 32.82 1.79
O4 SO4 VB . 15.29 34.45 0.14
S SO4 WB . 21.92 63.21 25.32
O1 SO4 WB . 21.66 63.23 23.88
O2 SO4 WB . 22.75 62.04 25.63
O3 SO4 WB . 22.63 64.42 25.75
O4 SO4 WB . 20.68 63.07 26.08
S SO4 XB . 5.01 42.81 14.42
O1 SO4 XB . 4.51 41.98 13.33
O2 SO4 XB . 6.45 43.00 14.22
O3 SO4 XB . 4.31 44.08 14.41
O4 SO4 XB . 4.76 42.21 15.73
S SO4 YB . 49.12 17.36 10.81
O1 SO4 YB . 48.44 17.73 9.60
O2 SO4 YB . 49.90 16.17 10.58
O3 SO4 YB . 49.98 18.43 11.23
O4 SO4 YB . 48.14 17.09 11.82
S SO4 ZB . 18.62 33.68 11.06
O1 SO4 ZB . 17.58 34.12 10.13
O2 SO4 ZB . 19.61 32.86 10.37
O3 SO4 ZB . 19.26 34.84 11.64
O4 SO4 ZB . 18.03 32.91 12.17
S SO4 AC . 35.74 40.60 -6.39
O1 SO4 AC . 36.92 40.43 -7.25
O2 SO4 AC . 34.82 39.48 -6.56
O3 SO4 AC . 35.05 41.87 -6.73
O4 SO4 AC . 36.16 40.64 -5.00
S SO4 BC . 18.65 48.87 0.07
O1 SO4 BC . 19.51 47.69 0.06
O2 SO4 BC . 18.12 49.12 -1.26
O3 SO4 BC . 19.40 50.05 0.50
O4 SO4 BC . 17.56 48.60 1.02
S SO4 CC . 13.21 57.37 42.77
O1 SO4 CC . 12.81 57.80 41.43
O2 SO4 CC . 14.67 57.24 42.84
O3 SO4 CC . 12.60 56.06 43.08
O4 SO4 CC . 12.77 58.38 43.73
S SO4 DC . 34.85 29.47 -3.18
O1 SO4 DC . 34.48 29.69 -4.58
O2 SO4 DC . 36.01 28.57 -3.08
O3 SO4 DC . 35.14 30.73 -2.52
O4 SO4 DC . 33.70 28.86 -2.54
S SO4 EC . 31.27 26.54 -6.92
O1 SO4 EC . 30.74 26.53 -8.29
O2 SO4 EC . 32.12 25.36 -6.76
O3 SO4 EC . 32.05 27.76 -6.70
O4 SO4 EC . 30.18 26.48 -5.96
S SO4 FC . 31.38 53.98 17.37
O1 SO4 FC . 30.66 53.99 16.13
O2 SO4 FC . 32.50 53.10 17.29
O3 SO4 FC . 31.82 55.30 17.65
O4 SO4 FC . 30.50 53.53 18.41
S SO4 GC . 24.78 11.70 7.13
O1 SO4 GC . 24.23 10.73 6.19
O2 SO4 GC . 25.90 12.42 6.54
O3 SO4 GC . 25.21 10.99 8.34
O4 SO4 GC . 23.72 12.65 7.45
S SO4 HC . 40.70 25.61 17.83
O1 SO4 HC . 40.36 25.07 16.52
O2 SO4 HC . 40.91 24.49 18.75
O3 SO4 HC . 41.92 26.40 17.76
O4 SO4 HC . 39.61 26.46 18.33
S SO4 IC . 31.28 55.60 37.21
O1 SO4 IC . 31.69 55.77 35.82
O2 SO4 IC . 31.84 54.38 37.79
O3 SO4 IC . 31.75 56.73 37.99
O4 SO4 IC . 29.82 55.52 37.29
S SO4 JC . -4.55 44.74 21.59
O1 SO4 JC . -4.77 44.04 20.32
O2 SO4 JC . -3.36 44.21 22.24
O3 SO4 JC . -4.38 46.18 21.34
O4 SO4 JC . -5.72 44.54 22.44
S SO4 KC . 37.62 56.65 26.40
O1 SO4 KC . 37.67 55.58 25.40
O2 SO4 KC . 38.64 56.39 27.43
O3 SO4 KC . 37.86 57.93 25.75
O4 SO4 KC . 36.30 56.69 27.03
S SO4 LC . 41.68 55.22 22.36
O1 SO4 LC . 41.27 54.28 21.32
O2 SO4 LC . 43.10 55.03 22.67
O3 SO4 LC . 41.48 56.59 21.86
O4 SO4 LC . 40.88 55.01 23.56
S SO4 MC . 33.39 50.12 -0.88
O1 SO4 MC . 34.32 51.20 -0.93
O2 SO4 MC . 34.04 48.91 -1.27
O3 SO4 MC . 32.32 50.39 -1.78
O4 SO4 MC . 32.88 49.98 0.45
S SO4 NC . 26.30 56.70 13.99
O1 SO4 NC . 26.32 56.78 12.55
O2 SO4 NC . 27.65 56.54 14.47
O3 SO4 NC . 25.73 57.90 14.53
O4 SO4 NC . 25.51 55.57 14.39
S SO4 OC . 37.11 55.13 13.78
O1 SO4 OC . 37.14 54.80 12.37
O2 SO4 OC . 38.29 54.57 14.44
O3 SO4 OC . 37.14 56.59 13.92
O4 SO4 OC . 35.91 54.60 14.41
S SO4 PC . 24.50 41.34 26.02
O1 SO4 PC . 23.99 40.40 25.03
O2 SO4 PC . 25.69 40.76 26.67
O3 SO4 PC . 24.88 42.58 25.36
O4 SO4 PC . 23.47 41.63 27.00
S SO4 QC . 51.74 18.86 6.15
O1 SO4 QC . 51.57 17.65 5.36
O2 SO4 QC . 52.68 19.74 5.48
O3 SO4 QC . 52.23 18.53 7.49
O4 SO4 QC . 50.44 19.53 6.28
S SO4 RC . 36.08 15.81 1.27
O1 SO4 RC . 35.66 15.74 -0.13
O2 SO4 RC . 37.23 14.94 1.47
O3 SO4 RC . 36.45 17.18 1.61
O4 SO4 RC . 34.99 15.38 2.14
C1 GOL SC . 27.22 40.29 30.87
O1 GOL SC . 26.40 40.30 29.73
C2 GOL SC . 27.13 41.70 31.58
O2 GOL SC . 27.96 41.78 32.71
C3 GOL SC . 27.48 42.76 30.46
O3 GOL SC . 27.97 43.92 31.10
C1 GOL TC . 47.84 47.32 -1.65
O1 GOL TC . 46.86 47.21 -2.67
C2 GOL TC . 48.35 48.80 -1.64
O2 GOL TC . 47.72 49.57 -0.68
C3 GOL TC . 49.91 48.69 -1.43
O3 GOL TC . 50.31 49.75 -0.60
C1 GOL UC . 26.25 55.70 31.40
O1 GOL UC . 25.16 55.76 30.53
C2 GOL UC . 27.36 56.57 30.76
O2 GOL UC . 27.31 57.90 31.14
C3 GOL UC . 28.65 55.98 31.14
O3 GOL UC . 29.49 56.54 30.21
S SO4 VC . 11.93 -4.45 27.59
O1 SO4 VC . 12.40 -5.45 26.64
O2 SO4 VC . 13.07 -4.01 28.41
O3 SO4 VC . 11.46 -3.28 26.86
O4 SO4 VC . 10.80 -4.95 28.38
S SO4 WC . 4.22 12.48 53.86
O1 SO4 WC . 4.80 12.55 52.53
O2 SO4 WC . 5.08 11.69 54.75
O3 SO4 WC . 4.07 13.82 54.40
O4 SO4 WC . 2.91 11.83 53.79
S SO4 XC . -29.66 1.68 7.61
O1 SO4 XC . -30.55 0.60 7.19
O2 SO4 XC . -28.50 1.69 6.73
O3 SO4 XC . -30.36 2.96 7.49
O4 SO4 XC . -29.26 1.47 9.00
S SO4 YC . 10.97 -8.15 16.85
O1 SO4 YC . 11.19 -8.46 15.44
O2 SO4 YC . 11.65 -9.14 17.67
O3 SO4 YC . 11.51 -6.83 17.17
O4 SO4 YC . 9.54 -8.18 17.15
S SO4 ZC . 9.74 -11.72 15.70
O1 SO4 ZC . 9.33 -13.08 15.38
O2 SO4 ZC . 11.19 -11.67 15.80
O3 SO4 ZC . 9.28 -10.79 14.67
O4 SO4 ZC . 9.14 -11.31 16.98
S SO4 AD . 5.27 -14.08 20.23
O1 SO4 AD . 5.20 -15.52 20.47
O2 SO4 AD . 6.61 -13.69 19.80
O3 SO4 AD . 4.93 -13.38 21.46
O4 SO4 AD . 4.29 -13.73 19.20
S SO4 BD . 12.47 -14.44 43.30
O1 SO4 BD . 11.61 -15.34 42.52
O2 SO4 BD . 13.40 -13.84 42.34
O3 SO4 BD . 13.20 -15.17 44.35
O4 SO4 BD . 11.67 -13.42 43.98
S SO4 CD . 7.04 12.54 8.13
O1 SO4 CD . 7.30 12.64 6.70
O2 SO4 CD . 8.11 11.75 8.74
O3 SO4 CD . 7.04 13.86 8.74
O4 SO4 CD . 5.76 11.88 8.37
S SO4 DD . -13.87 -26.44 22.94
O1 SO4 DD . -14.86 -27.39 22.52
O2 SO4 DD . -12.89 -26.27 21.91
O3 SO4 DD . -13.23 -26.90 24.14
O4 SO4 DD . -14.50 -25.18 23.18
S SO4 ED . 3.87 12.76 17.89
O1 SO4 ED . 5.05 13.32 17.24
O2 SO4 ED . 4.22 11.52 18.58
O3 SO4 ED . 2.86 12.50 16.86
O4 SO4 ED . 3.36 13.72 18.87
S SO4 FD . 24.14 0.14 40.66
O1 SO4 FD . 24.29 -1.04 39.80
O2 SO4 FD . 24.57 1.34 39.92
O3 SO4 FD . 24.99 -0.02 41.84
O4 SO4 FD . 22.74 0.28 41.08
S SO4 GD . 20.51 14.29 6.85
O1 SO4 GD . 20.92 13.07 6.15
O2 SO4 GD . 21.34 15.42 6.40
O3 SO4 GD . 20.65 14.11 8.29
O4 SO4 GD . 19.11 14.56 6.56
S SO4 HD . -0.10 14.51 24.14
O1 SO4 HD . 0.53 14.08 22.92
O2 SO4 HD . 0.88 14.54 25.19
O3 SO4 HD . -0.66 15.82 23.97
O4 SO4 HD . -1.15 13.59 24.49
S SO4 ID . 22.01 -1.35 45.59
O1 SO4 ID . 21.68 -2.23 44.47
O2 SO4 ID . 23.13 -0.49 45.25
O3 SO4 ID . 22.39 -2.19 46.73
O4 SO4 ID . 20.84 -0.55 45.94
S SO4 JD . -13.32 3.64 26.52
O1 SO4 JD . -14.40 2.74 26.31
O2 SO4 JD . -12.07 2.99 26.23
O3 SO4 JD . -13.31 4.07 27.88
O4 SO4 JD . -13.47 4.78 25.66
S SO4 KD . 10.11 14.30 19.84
O1 SO4 KD . 10.87 14.38 18.61
O2 SO4 KD . 9.41 13.02 19.88
O3 SO4 KD . 9.14 15.39 19.84
O4 SO4 KD . 11.01 14.41 20.98
S SO4 LD . -8.64 5.29 30.88
O1 SO4 LD . -8.67 4.68 29.60
O2 SO4 LD . -7.28 5.52 31.27
O3 SO4 LD . -9.34 6.54 30.83
O4 SO4 LD . -9.27 4.45 31.85
S SO4 MD . -11.40 6.37 34.82
O1 SO4 MD . -10.80 6.12 33.50
O2 SO4 MD . -10.49 5.98 35.89
O3 SO4 MD . -11.74 7.79 34.96
O4 SO4 MD . -12.62 5.59 34.92
S SO4 ND . -2.78 -11.43 3.72
O1 SO4 ND . -2.92 -11.01 2.33
O2 SO4 ND . -1.57 -12.26 3.82
O3 SO4 ND . -2.66 -10.29 4.63
O4 SO4 ND . -3.94 -12.21 4.10
S SO4 OD . 5.17 -2.83 3.60
O1 SO4 OD . 4.47 -4.07 3.79
O2 SO4 OD . 6.39 -3.06 2.90
O3 SO4 OD . 5.47 -2.26 4.88
O4 SO4 OD . 4.35 -1.94 2.86
S SO4 PD . -14.68 -7.66 23.86
O1 SO4 PD . -14.44 -7.99 22.45
O2 SO4 PD . -14.43 -8.84 24.67
O3 SO4 PD . -13.77 -6.59 24.27
O4 SO4 PD . -16.06 -7.22 24.03
S SO4 QD . -34.54 -7.58 22.68
O1 SO4 QD . -35.02 -7.95 21.39
O2 SO4 QD . -33.99 -8.74 23.34
O3 SO4 QD . -33.53 -6.59 22.55
O4 SO4 QD . -35.62 -7.07 23.47
C1 GOL RD . 0.07 -4.80 36.37
O1 GOL RD . 0.04 -4.56 35.01
C2 GOL RD . 1.29 -5.72 36.72
O2 GOL RD . 1.00 -6.52 37.84
C3 GOL RD . 1.65 -6.55 35.42
O3 GOL RD . 2.79 -7.32 35.69
C1 GOL SD . 2.45 12.43 13.45
O1 GOL SD . 1.44 11.96 14.32
C2 GOL SD . 1.92 12.39 11.97
O2 GOL SD . 2.96 12.47 11.04
C3 GOL SD . 1.11 11.09 11.84
O3 GOL SD . 0.94 10.82 10.48
C1 GOL TD . 32.10 10.40 38.35
O1 GOL TD . 32.77 10.76 37.17
C2 GOL TD . 32.16 8.82 38.54
O2 GOL TD . 33.46 8.33 38.70
C3 GOL TD . 31.28 8.48 39.78
O3 GOL TD . 29.97 8.85 39.47
C1 GOL UD . 12.79 12.63 28.54
O1 GOL UD . 12.01 12.93 27.42
C2 GOL UD . 13.78 13.81 28.77
O2 GOL UD . 14.64 13.56 29.83
C3 GOL UD . 14.55 14.01 27.43
O3 GOL UD . 15.82 14.51 27.75
S SO4 VD . 14.09 -89.10 26.26
O1 SO4 VD . 15.10 -88.73 25.28
O2 SO4 VD . 14.11 -90.55 26.45
O3 SO4 VD . 14.37 -88.45 27.54
O4 SO4 VD . 12.77 -88.69 25.77
S SO4 WD . 3.93 -44.87 54.66
O1 SO4 WD . 3.97 -46.13 53.94
O2 SO4 WD . 5.03 -44.86 55.62
O3 SO4 WD . 4.06 -43.77 53.71
O4 SO4 WD . 2.66 -44.77 55.36
S SO4 XD . -10.80 -45.05 48.90
O1 SO4 XD . -11.34 -45.93 47.91
O2 SO4 XD . -9.66 -45.67 49.51
O3 SO4 XD . -10.41 -43.81 48.30
O4 SO4 XD . -11.80 -44.80 49.91
S SO4 YD . 18.55 -59.35 14.45
O1 SO4 YD . 19.28 -60.47 13.84
O2 SO4 YD . 18.50 -58.22 13.53
O3 SO4 YD . 19.31 -58.96 15.64
O4 SO4 YD . 17.20 -59.73 14.86
S SO4 ZD . 1.80 -54.76 40.06
O1 SO4 ZD . 2.34 -53.73 39.17
O2 SO4 ZD . 1.69 -56.04 39.36
O3 SO4 ZD . 0.47 -54.36 40.54
O4 SO4 ZD . 2.69 -54.92 41.18
S SO4 AE . 33.65 -60.12 28.27
O1 SO4 AE . 33.69 -60.99 27.09
O2 SO4 AE . 34.75 -59.17 28.18
O3 SO4 AE . 33.83 -60.89 29.49
O4 SO4 AE . 32.38 -59.38 28.33
S SO4 BE . 23.06 -75.22 5.95
O1 SO4 BE . 24.28 -74.81 6.66
O2 SO4 BE . 23.32 -76.51 5.31
O3 SO4 BE . 22.75 -74.25 4.91
O4 SO4 BE . 21.94 -75.33 6.88
S SO4 CE . 5.47 -70.03 5.89
O1 SO4 CE . 4.82 -70.51 4.67
O2 SO4 CE . 6.85 -70.48 5.88
O3 SO4 CE . 5.41 -68.57 6.01
O4 SO4 CE . 4.84 -70.71 7.02
S SO4 DE . 13.30 -30.08 35.92
O1 SO4 DE . 14.24 -29.92 34.80
O2 SO4 DE . 12.48 -31.27 35.76
O3 SO4 DE . 12.44 -28.90 36.01
O4 SO4 DE . 14.03 -30.24 37.17
S SO4 EE . 14.92 -32.53 25.28
O1 SO4 EE . 16.20 -31.99 24.82
O2 SO4 EE . 14.91 -33.99 25.17
O3 SO4 EE . 13.86 -31.95 24.44
O4 SO4 EE . 14.69 -32.13 26.66
S SO4 FE . 35.40 -59.24 0.65
O1 SO4 FE . 36.66 -58.52 0.87
O2 SO4 FE . 35.68 -60.65 0.36
O3 SO4 FE . 34.64 -58.60 -0.42
O4 SO4 FE . 34.55 -59.10 1.82
S SO4 GE . 2.62 -35.05 14.79
O1 SO4 GE . 3.40 -34.86 13.61
O2 SO4 GE . 3.40 -35.72 15.77
O3 SO4 GE . 2.20 -33.77 15.29
O4 SO4 GE . 1.46 -35.85 14.46
S SO4 HE . 8.14 -46.78 57.40
O1 SO4 HE . 7.44 -47.09 56.16
O2 SO4 HE . 9.32 -47.63 57.53
O3 SO4 HE . 8.56 -45.38 57.40
O4 SO4 HE . 7.22 -47.01 58.52
S SO4 IE . 35.03 -47.97 30.59
O1 SO4 IE . 34.52 -47.76 29.24
O2 SO4 IE . 35.72 -49.25 30.69
O3 SO4 IE . 35.98 -46.88 30.89
O4 SO4 IE . 33.91 -47.93 31.53
S SO4 JE . 30.09 -54.55 33.78
O1 SO4 JE . 28.88 -55.07 33.13
O2 SO4 JE . 31.25 -55.06 33.06
O3 SO4 JE . 30.07 -53.08 33.79
O4 SO4 JE . 30.10 -55.01 35.17
S SO4 KE . 15.24 -28.42 22.93
O1 SO4 KE . 14.90 -29.18 21.74
O2 SO4 KE . 16.64 -28.73 23.31
O3 SO4 KE . 15.12 -27.00 22.66
O4 SO4 KE . 14.34 -28.78 24.01
S SO4 LE . 17.27 -45.46 13.67
O1 SO4 LE . 17.70 -45.66 12.29
O2 SO4 LE . 17.76 -46.56 14.51
O3 SO4 LE . 17.81 -44.20 14.16
O4 SO4 LE . 15.81 -45.44 13.76
S SO4 ME . 8.49 -79.95 2.08
O1 SO4 ME . 8.12 -81.33 1.77
O2 SO4 ME . 8.84 -79.28 0.82
O3 SO4 ME . 9.66 -79.92 2.95
O4 SO4 ME . 7.38 -79.25 2.70
S SO4 NE . 7.89 -34.99 12.09
O1 SO4 NE . 7.01 -34.61 10.97
O2 SO4 NE . 9.13 -35.55 11.56
O3 SO4 NE . 8.21 -33.80 12.88
O4 SO4 NE . 7.23 -35.99 12.91
S SO4 OE . 13.14 -43.70 53.05
O1 SO4 OE . 12.48 -45.01 53.13
O2 SO4 OE . 13.29 -43.33 51.66
O3 SO4 OE . 14.46 -43.80 53.67
O4 SO4 OE . 12.33 -42.69 53.71
S SO4 PE . 16.22 -59.26 35.13
O1 SO4 PE . 16.87 -59.13 33.83
O2 SO4 PE . 15.85 -60.66 35.32
O3 SO4 PE . 15.01 -58.43 35.16
O4 SO4 PE . 17.13 -58.81 36.17
S SO4 QE . 20.53 -54.19 37.04
O1 SO4 QE . 20.28 -55.63 36.87
O2 SO4 QE . 21.03 -53.63 35.79
O3 SO4 QE . 21.52 -54.00 38.08
O4 SO4 QE . 19.29 -53.51 37.42
S SO4 RE . 20.56 -82.96 4.99
O1 SO4 RE . 20.18 -83.10 3.59
O2 SO4 RE . 21.72 -83.82 5.27
O3 SO4 RE . 20.91 -81.57 5.24
O4 SO4 RE . 19.45 -83.36 5.85
S SO4 SE . 29.18 -53.65 41.75
O1 SO4 SE . 28.79 -54.94 41.25
O2 SO4 SE . 30.56 -53.66 42.10
O3 SO4 SE . 28.95 -52.66 40.73
O4 SO4 SE . 28.40 -53.33 42.91
S SO4 TE . 11.06 -47.65 14.80
O1 SO4 TE . 10.54 -47.52 13.45
O2 SO4 TE . 12.33 -48.38 14.77
O3 SO4 TE . 11.31 -46.33 15.38
O4 SO4 TE . 10.08 -48.34 15.60
C1 GOL UE . 12.05 -62.02 25.34
O1 GOL UE . 12.29 -60.99 26.29
C2 GOL UE . 11.66 -61.38 23.95
O2 GOL UE . 12.06 -62.21 22.89
C3 GOL UE . 10.08 -61.09 24.02
O3 GOL UE . 9.56 -60.94 22.73
C1 GOL VE . 10.61 -37.32 43.79
O1 GOL VE . 11.61 -36.71 43.02
C2 GOL VE . 10.15 -36.33 44.87
O2 GOL VE . 8.88 -36.63 45.33
C3 GOL VE . 11.22 -36.46 45.98
O3 GOL VE . 11.29 -35.25 46.67
C1 GOL WE . 7.39 -64.88 18.77
O1 GOL WE . 8.42 -65.25 17.88
C2 GOL WE . 7.97 -64.84 20.19
O2 GOL WE . 7.94 -63.56 20.74
C3 GOL WE . 7.09 -65.82 21.01
O3 GOL WE . 7.32 -65.47 22.35
S SO4 XE . 19.30 -58.61 3.09
O1 SO4 XE . 20.32 -57.58 2.96
O2 SO4 XE . 19.80 -59.91 2.61
O3 SO4 XE . 18.10 -58.22 2.34
O4 SO4 XE . 19.04 -58.72 4.53
S SO4 YE . 24.86 -33.25 -44.38
O1 SO4 YE . 25.76 -32.61 -45.34
O2 SO4 YE . 24.71 -34.64 -44.75
O3 SO4 YE . 25.44 -33.17 -43.03
O4 SO4 YE . 23.57 -32.56 -44.38
S SO4 ZE . 12.51 -34.84 -16.47
O1 SO4 ZE . 12.91 -34.07 -17.65
O2 SO4 ZE . 13.28 -36.09 -16.42
O3 SO4 ZE . 12.76 -34.03 -15.28
O4 SO4 ZE . 11.08 -35.11 -16.55
S SO4 AF . 7.81 -66.97 -22.30
O1 SO4 AF . 8.00 -67.14 -23.74
O2 SO4 AF . 8.69 -67.87 -21.56
O3 SO4 AF . 8.13 -65.59 -21.96
O4 SO4 AF . 6.41 -67.22 -21.95
S SO4 BF . 22.52 -47.19 -7.29
O1 SO4 BF . 23.70 -46.61 -7.94
O2 SO4 BF . 22.45 -48.63 -7.56
O3 SO4 BF . 22.59 -47.01 -5.85
O4 SO4 BF . 21.29 -46.59 -7.83
S SO4 CF . 27.98 -76.78 1.48
O1 SO4 CF . 28.36 -76.97 0.08
O2 SO4 CF . 28.57 -77.84 2.29
O3 SO4 CF . 28.47 -75.48 1.95
O4 SO4 CF . 26.51 -76.82 1.61
S SO4 DF . 33.46 -79.41 -13.84
O1 SO4 DF . 32.26 -79.92 -14.51
O2 SO4 DF . 34.70 -79.88 -14.49
O3 SO4 DF . 33.45 -77.97 -13.95
O4 SO4 DF . 33.47 -79.82 -12.43
S SO4 EF . 28.45 -58.21 -1.03
O1 SO4 EF . 29.87 -58.36 -1.33
O2 SO4 EF . 27.70 -59.40 -1.46
O3 SO4 EF . 27.90 -57.06 -1.73
O4 SO4 EF . 28.30 -57.98 0.41
S SO4 FF . 11.72 -42.00 -13.67
O1 SO4 FF . 12.35 -42.37 -12.43
O2 SO4 FF . 12.05 -42.97 -14.67
O3 SO4 FF . 12.19 -40.71 -14.07
O4 SO4 FF . 10.29 -41.97 -13.49
S SO4 GF . -6.70 -63.41 -10.02
O1 SO4 GF . -6.56 -63.33 -11.47
O2 SO4 GF . -5.65 -64.24 -9.44
O3 SO4 GF . -6.62 -62.06 -9.45
O4 SO4 GF . -8.00 -63.99 -9.70
S SO4 HF . 16.54 -48.90 -6.33
O1 SO4 HF . 15.92 -49.92 -7.19
O2 SO4 HF . 17.95 -48.73 -6.69
O3 SO4 HF . 15.81 -47.64 -6.50
O4 SO4 HF . 16.44 -49.32 -4.93
S SO4 IF . 22.62 -41.21 -5.92
O1 SO4 IF . 21.83 -42.03 -6.85
O2 SO4 IF . 24.04 -41.53 -6.07
O3 SO4 IF . 22.39 -39.79 -6.23
O4 SO4 IF . 22.19 -41.49 -4.56
S SO4 JF . 13.91 -51.49 -4.56
O1 SO4 JF . 14.58 -51.90 -5.79
O2 SO4 JF . 13.04 -52.57 -4.10
O3 SO4 JF . 13.12 -50.29 -4.82
O4 SO4 JF . 14.89 -51.20 -3.51
C1 GOL KF . 10.30 -59.92 -30.25
O1 GOL KF . 11.49 -59.28 -30.64
C2 GOL KF . 10.31 -60.07 -28.67
O2 GOL KF . 9.95 -58.89 -27.99
C3 GOL KF . 9.34 -61.28 -28.36
O3 GOL KF . 9.53 -62.26 -29.36
C1 GOL LF . 10.39 -63.29 5.17
O1 GOL LF . 10.35 -62.18 6.05
C2 GOL LF . 10.32 -64.65 5.99
O2 GOL LF . 9.12 -65.32 5.78
C3 GOL LF . 11.62 -65.45 5.53
O3 GOL LF . 11.52 -66.85 5.75
S SO4 MF . -4.24 -15.48 -18.89
O1 SO4 MF . -3.00 -14.87 -19.32
O2 SO4 MF . -4.21 -16.92 -19.19
O3 SO4 MF . -5.33 -14.86 -19.64
O4 SO4 MF . -4.48 -15.20 -17.47
S SO4 NF . 2.70 -12.76 -25.74
O1 SO4 NF . 2.26 -14.14 -25.93
O2 SO4 NF . 4.14 -12.88 -25.48
O3 SO4 NF . 1.98 -12.13 -24.62
O4 SO4 NF . 2.46 -11.96 -26.95
S SO4 OF . 10.48 -11.53 -13.77
O1 SO4 OF . 10.41 -12.96 -14.07
O2 SO4 OF . 11.50 -10.93 -14.63
O3 SO4 OF . 10.82 -11.35 -12.36
O4 SO4 OF . 9.17 -10.93 -14.04
S SO4 PF . 24.15 -0.27 7.01
O1 SO4 PF . 24.24 -0.25 5.55
O2 SO4 PF . 25.20 -1.09 7.58
O3 SO4 PF . 24.28 1.11 7.50
O4 SO4 PF . 22.86 -0.82 7.41
S SO4 QF . 16.53 -7.30 2.82
O1 SO4 QF . 17.84 -7.16 3.45
O2 SO4 QF . 16.38 -8.61 2.20
O3 SO4 QF . 16.37 -6.27 1.79
O4 SO4 QF . 15.50 -7.17 3.84
S SO4 RF . 9.81 13.13 -9.48
O1 SO4 RF . 8.87 13.29 -10.59
O2 SO4 RF . 11.13 12.79 -10.00
O3 SO4 RF . 9.84 14.37 -8.71
O4 SO4 RF . 9.38 12.04 -8.60
S SO4 SF . 31.86 11.20 4.67
O1 SO4 SF . 32.00 10.45 3.45
O2 SO4 SF . 32.34 10.43 5.78
O3 SO4 SF . 32.62 12.41 4.56
O4 SO4 SF . 30.47 11.52 4.87
S SO4 TF . 36.52 19.27 -3.44
O1 SO4 TF . 35.69 18.67 -4.46
O2 SO4 TF . 37.89 18.98 -3.72
O3 SO4 TF . 36.30 20.68 -3.43
O4 SO4 TF . 36.17 18.73 -2.16
S SO4 UF . -11.32 -8.03 -36.37
O1 SO4 UF . -12.01 -7.94 -37.64
O2 SO4 UF . -10.05 -8.73 -36.56
O3 SO4 UF . -11.07 -6.68 -35.87
O4 SO4 UF . -12.13 -8.79 -35.41
S SO4 VF . 43.92 6.64 -17.05
O1 SO4 VF . 44.37 6.05 -18.27
O2 SO4 VF . 43.32 5.63 -16.23
O3 SO4 VF . 42.94 7.65 -17.35
O4 SO4 VF . 45.02 7.23 -16.36
S SO4 WF . 43.13 12.67 -10.85
O1 SO4 WF . 42.78 11.67 -11.85
O2 SO4 WF . 44.21 13.51 -11.36
O3 SO4 WF . 43.56 12.00 -9.62
O4 SO4 WF . 41.98 13.53 -10.58
S SO4 XF . 7.32 6.12 2.53
O1 SO4 XF . 7.50 6.44 1.11
O2 SO4 XF . 7.33 4.68 2.73
O3 SO4 XF . 8.41 6.73 3.29
O4 SO4 XF . 6.06 6.68 3.00
S SO4 YF . 25.11 7.88 4.45
O1 SO4 YF . 24.87 7.66 3.03
O2 SO4 YF . 25.87 6.76 5.00
O3 SO4 YF . 25.90 9.10 4.63
O4 SO4 YF . 23.83 8.03 5.14
S SO4 ZF . 4.82 -10.80 -9.23
O1 SO4 ZF . 6.12 -11.16 -9.81
O2 SO4 ZF . 3.84 -11.83 -9.51
O3 SO4 ZF . 4.36 -9.52 -9.80
O4 SO4 ZF . 4.97 -10.62 -7.78
S SO4 AG . 27.93 4.44 6.26
O1 SO4 AG . 26.55 4.13 6.03
O2 SO4 AG . 28.75 3.61 5.43
O3 SO4 AG . 28.17 5.82 5.95
O4 SO4 AG . 28.26 4.19 7.63
S SO4 BG . 12.76 22.29 -5.39
O1 SO4 BG . 13.80 22.14 -6.41
O2 SO4 BG . 12.08 21.02 -5.14
O3 SO4 BG . 13.38 22.76 -4.14
O4 SO4 BG . 11.81 23.29 -5.85
S SO4 CG . 38.60 -15.88 -10.04
O1 SO4 CG . 38.41 -15.83 -11.46
O2 SO4 CG . 38.75 -17.25 -9.64
O3 SO4 CG . 39.77 -15.14 -9.69
O4 SO4 CG . 37.45 -15.31 -9.39
C1 GOL DG . -12.26 -8.25 -0.68
O1 GOL DG . -10.86 -8.16 -0.75
C2 GOL DG . -12.79 -7.05 0.20
O2 GOL DG . -13.87 -6.37 -0.38
C3 GOL DG . -13.21 -7.74 1.51
O3 GOL DG . -13.81 -8.95 1.16
C1 GOL EG . 28.84 9.60 1.83
O1 GOL EG . 28.45 10.13 3.04
C2 GOL EG . 28.27 8.21 1.79
O2 GOL EG . 28.06 7.78 0.49
C3 GOL EG . 29.30 7.35 2.55
O3 GOL EG . 29.34 6.10 1.94
C1 GOL FG . 1.29 12.63 -7.89
O1 GOL FG . -0.09 12.88 -8.12
C2 GOL FG . 1.81 13.66 -6.80
O2 GOL FG . 1.54 13.22 -5.49
C3 GOL FG . 3.34 13.86 -7.09
O3 GOL FG . 3.52 15.20 -7.51
C1 GOL GG . 31.13 7.88 -19.67
O1 GOL GG . 30.30 6.94 -20.28
C2 GOL GG . 32.58 7.29 -19.57
O2 GOL GG . 32.98 6.53 -20.72
C3 GOL GG . 33.50 8.52 -19.26
O3 GOL GG . 33.46 8.72 -17.87
C1 GOL HG . 9.96 -5.22 -1.38
O1 GOL HG . 9.93 -6.33 -2.21
C2 GOL HG . 10.74 -5.61 -0.08
O2 GOL HG . 9.94 -6.28 0.82
C3 GOL HG . 11.98 -6.43 -0.58
O3 GOL HG . 12.77 -6.76 0.54
C1 GOL IG . 9.96 -2.48 -28.26
O1 GOL IG . 9.09 -3.27 -29.02
C2 GOL IG . 10.23 -1.18 -29.06
O2 GOL IG . 10.72 -0.09 -28.27
C3 GOL IG . 11.17 -1.63 -30.19
O3 GOL IG . 10.90 -0.81 -31.27
S SO4 JG . -32.15 -58.88 5.29
O1 SO4 JG . -32.90 -58.49 4.13
O2 SO4 JG . -31.14 -59.82 4.90
O3 SO4 JG . -31.53 -57.74 5.88
O4 SO4 JG . -33.05 -59.50 6.24
S SO4 KG . -0.75 -30.87 -11.85
O1 SO4 KG . -1.72 -31.18 -12.90
O2 SO4 KG . 0.38 -31.77 -11.97
O3 SO4 KG . -0.31 -29.49 -12.01
O4 SO4 KG . -1.37 -31.06 -10.53
S SO4 LG . -6.75 -30.25 -8.45
O1 SO4 LG . -7.04 -29.96 -9.85
O2 SO4 LG . -6.01 -31.51 -8.37
O3 SO4 LG . -5.93 -29.18 -7.92
O4 SO4 LG . -7.99 -30.36 -7.67
S SO4 MG . -17.07 -57.95 -27.61
O1 SO4 MG . -15.83 -58.04 -28.37
O2 SO4 MG . -18.21 -58.22 -28.49
O3 SO4 MG . -17.18 -56.64 -26.98
O4 SO4 MG . -17.08 -58.97 -26.56
S SO4 NG . -10.11 -25.34 -21.07
O1 SO4 NG . -10.50 -25.54 -22.42
O2 SO4 NG . -8.95 -26.12 -20.80
O3 SO4 NG . -9.80 -23.97 -20.87
O4 SO4 NG . -11.17 -25.72 -20.20
S SO4 OG . -1.92 -56.50 -3.15
O1 SO4 OG . -2.58 -57.23 -4.23
O2 SO4 OG . -0.83 -55.66 -3.70
O3 SO4 OG . -1.32 -57.42 -2.19
O4 SO4 OG . -2.93 -55.70 -2.47
S SO4 PG . 1.98 -13.50 -34.88
O1 SO4 PG . 2.48 -14.70 -35.53
O2 SO4 PG . 2.77 -12.36 -35.33
O3 SO4 PG . 2.13 -13.64 -33.44
O4 SO4 PG . 0.56 -13.32 -35.22
S SO4 QG . -14.64 -11.69 -32.53
O1 SO4 QG . -15.13 -11.14 -33.75
O2 SO4 QG . -13.55 -12.57 -32.81
O3 SO4 QG . -14.17 -10.62 -31.68
O4 SO4 QG . -15.68 -12.39 -31.86
S SO4 RG . -8.13 -39.50 -34.93
O1 SO4 RG . -9.02 -40.65 -35.08
O2 SO4 RG . -6.84 -39.80 -35.56
O3 SO4 RG . -8.70 -38.29 -35.52
O4 SO4 RG . -7.92 -39.31 -33.50
S SO4 SG . -14.54 -47.88 -23.06
O1 SO4 SG . -14.78 -47.91 -24.49
O2 SO4 SG . -13.10 -47.93 -22.81
O3 SO4 SG . -15.10 -46.63 -22.55
O4 SO4 SG . -15.21 -49.01 -22.42
S SO4 TG . -16.39 -48.26 -27.61
O1 SO4 TG . -16.30 -49.31 -26.65
O2 SO4 TG . -15.28 -48.35 -28.52
O3 SO4 TG . -16.36 -46.99 -26.94
O4 SO4 TG . -17.62 -48.39 -28.35
S SO4 UG . 1.06 -41.65 -10.47
O1 SO4 UG . 1.17 -42.33 -11.72
O2 SO4 UG . 1.43 -42.54 -9.40
O3 SO4 UG . -0.28 -41.23 -10.28
O4 SO4 UG . 1.93 -40.51 -10.47
S SO4 VG . 5.65 -20.72 -20.89
O1 SO4 VG . 6.57 -20.32 -21.95
O2 SO4 VG . 5.92 -22.09 -20.47
O3 SO4 VG . 5.81 -19.83 -19.74
O4 SO4 VG . 4.26 -20.62 -21.35
C1 GOL WG . -10.88 -62.01 -6.28
O1 GOL WG . -12.13 -61.35 -6.17
C2 GOL WG . -9.75 -60.90 -6.15
O2 GOL WG . -9.14 -60.93 -4.92
C3 GOL WG . -8.73 -61.09 -7.37
O3 GOL WG . -8.66 -59.87 -8.11
C1 GOL XG . -11.19 -65.14 -10.10
O1 GOL XG . -9.89 -65.45 -10.52
C2 GOL XG . -11.43 -65.78 -8.71
O2 GOL XG . -12.59 -65.31 -8.13
C3 GOL XG . -11.48 -67.31 -8.99
O3 GOL XG . -12.79 -67.60 -9.39
C1 GOL YG . -33.85 -20.67 -19.00
O1 GOL YG . -33.38 -21.38 -20.11
C2 GOL YG . -32.72 -20.72 -17.96
O2 GOL YG . -33.03 -19.95 -16.84
C3 GOL YG . -32.55 -22.25 -17.65
O3 GOL YG . -32.85 -22.45 -16.31
C1 GOL ZG . -18.41 -66.83 -16.95
O1 GOL ZG . -17.04 -66.48 -17.20
C2 GOL ZG . -19.01 -66.00 -15.70
O2 GOL ZG . -20.42 -66.20 -15.49
C3 GOL ZG . -18.07 -66.37 -14.43
O3 GOL ZG . -18.69 -65.97 -13.22
S SO4 AH . 15.61 -50.35 -83.49
O1 SO4 AH . 15.04 -51.49 -84.15
O2 SO4 AH . 16.70 -50.77 -82.65
O3 SO4 AH . 16.10 -49.44 -84.48
O4 SO4 AH . 14.61 -49.70 -82.68
S SO4 BH . -4.85 -53.06 -67.90
O1 SO4 BH . -3.58 -52.44 -68.27
O2 SO4 BH . -4.58 -54.34 -67.25
O3 SO4 BH . -5.66 -53.25 -69.11
O4 SO4 BH . -5.56 -52.22 -66.96
S SO4 CH . 3.80 -42.88 -83.78
O1 SO4 CH . 3.95 -43.39 -85.13
O2 SO4 CH . 4.44 -43.79 -82.84
O3 SO4 CH . 4.44 -41.57 -83.64
O4 SO4 CH . 2.38 -42.79 -83.45
S SO4 DH . 2.08 -28.24 -95.64
O1 SO4 DH . 2.13 -29.64 -95.18
O2 SO4 DH . 3.45 -27.82 -95.91
O3 SO4 DH . 1.51 -27.39 -94.60
O4 SO4 DH . 1.25 -28.12 -96.85
S SO4 EH . -9.70 -56.58 -95.67
O1 SO4 EH . -8.52 -56.47 -96.51
O2 SO4 EH . -10.59 -57.63 -96.19
O3 SO4 EH . -10.41 -55.29 -95.62
O4 SO4 EH . -9.25 -56.90 -94.31
S SO4 FH . -11.81 -39.59 -93.83
O1 SO4 FH . -10.54 -39.67 -94.51
O2 SO4 FH . -12.43 -40.88 -93.83
O3 SO4 FH . -12.63 -38.64 -94.51
O4 SO4 FH . -11.61 -39.18 -92.50
S SO4 GH . 4.02 -59.31 -64.34
O1 SO4 GH . 4.58 -58.44 -65.38
O2 SO4 GH . 4.77 -60.57 -64.35
O3 SO4 GH . 4.14 -58.66 -63.03
O4 SO4 GH . 2.62 -59.58 -64.63
S SO4 HH . 20.35 -52.81 -74.12
O1 SO4 HH . 20.18 -52.22 -75.46
O2 SO4 HH . 20.62 -54.25 -74.23
O3 SO4 HH . 21.47 -52.13 -73.46
O4 SO4 HH . 19.13 -52.61 -73.35
S SO4 IH . -1.78 -42.36 -61.73
O1 SO4 IH . -2.27 -43.65 -62.12
O2 SO4 IH . -0.54 -42.10 -62.39
O3 SO4 IH . -2.75 -41.36 -62.08
O4 SO4 IH . -1.57 -42.35 -60.31
S SO4 JH . -18.93 -21.64 -76.23
O1 SO4 JH . -20.20 -21.86 -76.85
O2 SO4 JH . -18.00 -22.56 -76.78
O3 SO4 JH . -18.50 -20.31 -76.48
O4 SO4 JH . -19.05 -21.86 -74.81
S SO4 KH . -14.52 -28.12 -83.05
O1 SO4 KH . -14.79 -28.67 -84.34
O2 SO4 KH . -13.75 -29.04 -82.28
O3 SO4 KH . -15.76 -27.87 -82.37
O4 SO4 KH . -13.80 -26.89 -83.20
S SO4 LH . 19.85 -30.28 -65.90
O1 SO4 LH . 19.73 -29.53 -67.12
O2 SO4 LH . 20.83 -31.31 -66.08
O3 SO4 LH . 20.26 -29.41 -64.84
O4 SO4 LH . 18.58 -30.87 -65.57
S SO4 MH . 17.14 -43.50 -83.17
O1 SO4 MH . 17.84 -43.23 -84.40
O2 SO4 MH . 17.97 -44.32 -82.33
O3 SO4 MH . 16.83 -42.27 -82.51
O4 SO4 MH . 15.93 -44.21 -83.47
C1 GOL NH . -0.02 -52.03 -63.12
O1 GOL NH . -0.29 -51.01 -64.05
C2 GOL NH . 1.53 -52.11 -62.92
O2 GOL NH . 2.08 -50.93 -62.36
C3 GOL NH . 1.74 -53.34 -62.01
O3 GOL NH . 3.11 -53.43 -61.76
S SO4 OH . -74.59 41.06 17.21
O1 SO4 OH . -73.53 41.23 16.22
O2 SO4 OH . -75.61 40.14 16.71
O3 SO4 OH . -75.18 42.37 17.43
O4 SO4 OH . -74.04 40.53 18.45
S SO4 PH . -72.55 37.84 50.19
O1 SO4 PH . -72.51 37.71 48.78
O2 SO4 PH . -71.25 37.57 50.74
O3 SO4 PH . -73.49 36.90 50.72
O4 SO4 PH . -72.94 39.17 50.55
S SO4 QH . -89.97 7.89 13.72
O1 SO4 QH . -89.65 8.43 12.43
O2 SO4 QH . -88.82 7.27 14.27
O3 SO4 QH . -90.40 8.95 14.58
O4 SO4 QH . -91.03 6.94 13.59
S SO4 RH . -78.71 37.23 43.95
O1 SO4 RH . -79.19 36.06 43.28
O2 SO4 RH . -77.34 37.05 44.32
O3 SO4 RH . -78.84 38.36 43.08
O4 SO4 RH . -79.50 37.45 45.13
S SO4 SH . -80.83 40.51 39.34
O1 SO4 SH . -81.29 39.50 38.43
O2 SO4 SH . -80.06 41.48 38.64
O3 SO4 SH . -81.97 41.16 39.94
O4 SO4 SH . -80.03 39.91 40.37
S SO4 TH . -79.82 29.80 38.72
O1 SO4 TH . -80.53 28.98 37.79
O2 SO4 TH . -78.88 28.99 39.44
O3 SO4 TH . -79.14 30.83 38.03
O4 SO4 TH . -80.74 30.38 39.65
S SO4 UH . -81.60 39.41 32.94
O1 SO4 UH . -80.84 38.31 32.41
O2 SO4 UH . -81.06 40.64 32.46
O3 SO4 UH . -81.54 39.39 34.38
O4 SO4 UH . -82.97 39.28 32.52
S SO4 VH . -97.68 24.28 23.29
O1 SO4 VH . -98.04 23.80 21.96
O2 SO4 VH . -96.24 24.18 23.47
O3 SO4 VH . -98.10 25.68 23.44
O4 SO4 VH . -98.36 23.47 24.30
C1 GOL WH . -91.20 30.26 41.75
O1 GOL WH . -91.97 29.72 40.73
C2 GOL WH . -89.82 29.55 41.74
O2 GOL WH . -88.95 30.20 42.61
C3 GOL WH . -90.09 28.03 42.14
O3 GOL WH . -88.86 27.38 42.44
S SO4 XH . -12.99 38.99 -3.90
O1 SO4 XH . -12.70 39.87 -5.04
O2 SO4 XH . -12.14 37.81 -3.97
O3 SO4 XH . -12.72 39.65 -2.62
O4 SO4 XH . -14.40 38.59 -3.95
S SO4 YH . -26.08 50.02 -32.18
O1 SO4 YH . -24.70 50.30 -31.81
O2 SO4 YH . -26.23 48.60 -32.45
O3 SO4 YH . -26.35 50.79 -33.40
O4 SO4 YH . -26.98 50.46 -31.11
S SO4 ZH . -22.88 49.96 -28.82
O1 SO4 ZH . -22.86 49.01 -29.93
O2 SO4 ZH . -21.78 50.92 -28.95
O3 SO4 ZH . -22.71 49.22 -27.59
O4 SO4 ZH . -24.16 50.66 -28.81
S SO4 AI . -38.59 8.42 -9.10
O1 SO4 AI . -39.13 7.34 -9.93
O2 SO4 AI . -37.81 9.33 -9.92
O3 SO4 AI . -37.75 7.85 -8.03
O4 SO4 AI . -39.72 9.12 -8.50
S SO4 BI . -15.45 38.70 -13.92
O1 SO4 BI . -16.07 37.75 -14.81
O2 SO4 BI . -14.24 39.19 -14.50
O3 SO4 BI . -16.35 39.80 -13.68
O4 SO4 BI . -15.15 38.07 -12.66
S SO4 CI . -21.23 25.15 -1.71
O1 SO4 CI . -21.64 25.66 -3.01
O2 SO4 CI . -19.90 24.58 -1.85
O3 SO4 CI . -21.23 26.23 -0.73
O4 SO4 CI . -22.17 24.10 -1.26
S SO4 DI . -41.70 32.98 10.34
O1 SO4 DI . -41.07 33.09 9.03
O2 SO4 DI . -42.33 31.68 10.46
O3 SO4 DI . -42.70 34.03 10.52
O4 SO4 DI . -40.71 33.11 11.40
S SO4 EI . -26.92 58.42 3.23
O1 SO4 EI . -25.85 58.70 2.28
O2 SO4 EI . -27.43 57.06 3.01
O3 SO4 EI . -26.42 58.52 4.60
O4 SO4 EI . -27.94 59.45 3.02
S SO4 FI . -27.10 29.88 8.79
O1 SO4 FI . -25.90 29.85 7.96
O2 SO4 FI . -28.19 29.18 8.13
O3 SO4 FI . -27.51 31.26 9.02
O4 SO4 FI . -26.81 29.22 10.07
S SO4 GI . -39.12 22.62 16.08
O1 SO4 GI . -39.85 21.79 15.18
O2 SO4 GI . -37.73 22.47 15.86
O3 SO4 GI . -39.51 23.98 15.88
O4 SO4 GI . -39.40 22.25 17.41
C1 GOL HI . -32.83 4.08 15.16
O1 GOL HI . -33.78 3.20 14.67
C2 GOL HI . -31.46 3.89 14.38
O2 GOL HI . -30.68 5.03 14.47
C3 GOL HI . -31.78 3.46 12.87
O3 GOL HI . -30.54 3.18 12.21
C1 GOL II . -13.52 18.45 7.82
O1 GOL II . -12.93 18.16 9.06
C2 GOL II . -14.67 17.40 7.59
O2 GOL II . -14.22 16.24 6.95
C3 GOL II . -15.28 17.11 9.01
O3 GOL II . -16.68 17.18 8.89
C1 GOL JI . -43.32 37.47 -5.36
O1 GOL JI . -42.41 37.96 -4.41
C2 GOL JI . -42.53 37.09 -6.66
O2 GOL JI . -43.38 36.65 -7.67
C3 GOL JI . -41.72 38.40 -7.06
O3 GOL JI . -40.75 38.07 -8.03
S SO4 KI . -11.70 38.34 13.01
O1 SO4 KI . -10.93 38.65 11.83
O2 SO4 KI . -11.07 37.27 13.71
O3 SO4 KI . -11.75 39.49 13.86
O4 SO4 KI . -13.02 37.95 12.63
S SO4 LI . -19.32 30.20 27.01
O1 SO4 LI . -18.98 29.64 25.71
O2 SO4 LI . -19.23 29.14 28.02
O3 SO4 LI . -18.39 31.27 27.33
O4 SO4 LI . -20.69 30.73 26.99
S SO4 MI . -18.30 64.28 30.19
O1 SO4 MI . -18.83 65.03 29.10
O2 SO4 MI . -17.55 63.17 29.69
O3 SO4 MI . -17.46 65.11 30.99
O4 SO4 MI . -19.37 63.78 31.00
S SO4 NI . -37.45 40.24 33.56
O1 SO4 NI . -38.04 39.86 32.31
O2 SO4 NI . -37.18 39.07 34.33
O3 SO4 NI . -38.35 41.09 34.26
O4 SO4 NI . -36.23 40.95 33.32
S SO4 OI . -45.85 35.86 33.89
O1 SO4 OI . -45.32 36.85 32.94
O2 SO4 OI . -46.03 34.58 33.19
O3 SO4 OI . -44.84 35.61 34.93
O4 SO4 OI . -47.12 36.37 34.44
S SO4 PI . -22.73 45.54 12.93
O1 SO4 PI . -22.30 45.62 11.53
O2 SO4 PI . -21.60 45.15 13.77
O3 SO4 PI . -23.22 46.85 13.37
O4 SO4 PI . -23.79 44.54 13.06
S SO4 QI . -21.45 40.90 50.73
O1 SO4 QI . -21.37 41.48 49.39
O2 SO4 QI . -20.34 39.95 50.92
O3 SO4 QI . -21.36 41.96 51.73
O4 SO4 QI . -22.73 40.21 50.90
S SO4 RI . -16.70 35.52 23.15
O1 SO4 RI . -15.42 36.12 23.43
O2 SO4 RI . -16.49 34.24 22.53
O3 SO4 RI . -17.45 36.36 22.28
O4 SO4 RI . -17.41 35.33 24.38
S SO4 SI . -15.85 81.54 16.47
O1 SO4 SI . -15.14 81.26 15.21
O2 SO4 SI . -15.98 80.31 17.24
O3 SO4 SI . -15.09 82.50 17.25
O4 SO4 SI . -17.17 82.10 16.15
S SO4 TI . -13.03 56.68 30.08
O1 SO4 TI . -13.10 57.41 28.85
O2 SO4 TI . -12.30 55.46 29.88
O3 SO4 TI . -14.36 56.38 30.53
O4 SO4 TI . -12.36 57.48 31.07
S SO4 UI . -6.97 69.64 16.71
O1 SO4 UI . -7.39 69.77 15.35
O2 SO4 UI . -6.04 68.56 16.83
O3 SO4 UI . -6.32 70.85 17.14
O4 SO4 UI . -8.12 69.39 17.53
C1 GOL VI . -35.38 50.71 6.88
O1 GOL VI . -34.87 50.73 5.59
C2 GOL VI . -34.55 51.72 7.70
O2 GOL VI . -35.26 52.85 8.03
C3 GOL VI . -34.15 50.92 8.93
O3 GOL VI . -33.32 51.74 9.64
#